data_5AJ3
#
_entry.id   5AJ3
#
_cell.length_a   1.000
_cell.length_b   1.000
_cell.length_c   1.000
_cell.angle_alpha   90.00
_cell.angle_beta   90.00
_cell.angle_gamma   90.00
#
_symmetry.space_group_name_H-M   'P 1'
#
loop_
_entity.id
_entity.type
_entity.pdbx_description
1 polymer 'MITORIBOSOMAL 12S RRNA'
2 polymer 'MITORIBOSOMAL PROTEIN US2M, MRPS2'
3 polymer 'MITORIBOSOMAL PROTEIN US3M, MRPS24'
4 polymer 'MITORIBOSOMAL PROTEIN US5M, MRPS5'
5 polymer 'MITORIBOSOMAL PROTEIN BS6M, MRPS6'
6 polymer 'MITORIBOSOMAL PROTEIN US7M, MRPS7'
7 polymer 'MITORIBOSOMAL PROTEIN US9M, MRPS9'
8 polymer 'MITORIBOSOMAL PROTEIN US10M, MRPS10'
9 polymer 'MITORIBOSOMAL PROTEIN US11M, MRPS11'
10 polymer 'MITORIBOSOMAL PROTEIN US12M, MRPS12'
11 polymer 'MITORIBOSOMAL PROTEIN US14M, MRPS14'
12 polymer 'MITORIBOSOMAL PROTEIN US15M, MRPS15'
13 polymer 'MITORIBOSOMAL PROTEIN BS16M, MRPS16'
14 polymer 'MITORIBOSOMAL PROTEIN US17M, MRPS17'
15 polymer 'MITORIBOSOMAL PROTEIN BS18M, MRPS18C'
16 polymer 'MITORIBOSOMAL PROTEIN BL19M, MRPL19'
17 polymer 'MITORIBOSOMAL PROTEIN BS21M, MRPS21'
18 polymer 'P-SITE AND A-SITE TRNA'
19 polymer MRNA
20 polymer 'MITORIBOSOMAL PROTEIN MS22, MRPS22'
21 polymer 'MITORIBOSOMAL PROTEIN MS23, MRPS23'
22 polymer 'MITORIBOSOMAL PROTEIN MS25, MRPS25'
23 polymer 'MITORIBOSOMAL PROTEIN MS26, MRPS26'
24 polymer 'MITORIBOSOMAL PROTEIN MS27, MRPS27'
25 polymer 'MITORIBOSOMAL PROTEIN MS28, MRPS28'
26 polymer 'MITORIBOSOMAL PROTEIN MS29, MRPS29'
27 polymer 'MITORIBOSOMAL PROTEIN MS31, MRPS31'
28 polymer 'MITORIBOSOMAL PROTEIN MS33, MRPS33'
29 polymer 'MITORIBOSOMAL PROTEIN MS34, MRPS34'
30 polymer 'MITORIBOSOMAL PROTEIN MS35, MRPS35'
31 polymer 'MITORIBOSOMAL PROTEIN MS37, MRPS37'
32 polymer 'MITORIBOSOMAL PROTEIN MS38, MRPS38'
33 polymer 'MITORIBOSOMAL PROTEIN MS39, MRPS39'
34 polymer 'MITORIBOSOMAL PROTEIN MS40, MRPS18B'
35 polymer 'UNASSIGNED HELICES'
36 polymer 'UNASSIGNED HELICES'
37 non-polymer 'MAGNESIUM ION'
38 non-polymer 'ZINC ION'
39 non-polymer "GUANOSINE-5'-DIPHOSPHATE"
40 water water
#
loop_
_entity_poly.entity_id
_entity_poly.type
_entity_poly.pdbx_seq_one_letter_code
_entity_poly.pdbx_strand_id
1 'polyribonucleotide'
;ACACAGGUUUGGUCCUGGCCUUUCUAUUAAUUCUUAAUAAAAUUACACAUGCAAGUAUCCGCGCCCCGGUGAGAAUGCCC
UCCAGAUCUUAAAGAUCAAAAGGAGCAGGUAUCAAGCACACCUAUAACGGUAGCUCAUAACGCCUUGCUCAACCACACCC
CCACGGGAAACAGCAGUGAUAAAAAUUAAGCCAUGAACGAAAGUUUGACUAAGUUAUAUUAAUUAGAGUUGGUAAAUCUC
GUGCCAGCCACCGCGGUCAUACGAUUAACCCAAAUUAAUAGAUCCACGGCGUAAAGAGUGUUUAAGAAAAAAAAUCACAA
UAGAGUUAAAUUAUAACUAAGCUGUAAAAAGCCCUAGUUAAAAUAAAAUAACCCACGAAAGUGACUCUAAUAAUCCUGAC
ACACGAUAGCUAGGACCCAAACUGGGAUUAGAUACCCCACUAUGCCUAGCCCUAAACCCAAAUAGUUACAUAACAAAACU
AUUCGCCAGAGUACUACUCGCAACUGCCUAAAACUCAAAGGACUUGGCGGUGCUUCACAUCCACCUAGAGGAGCCUGUUC
UAUAAUCGAUAAACCCCGAUAGACCUUACCAACCCUUGCCAAUUCAGCCUAUAUACCGCCAUCUUCAGCAAACCCUAAAA
AGGAACAAUAGUAAGCACAAUCAUAGCACAUAAAAACGUUAGGUCAAGGUGUAGCUUAUGGGUUGGAAAGAAAUGGGCUA
CAUUUUCUACAUAAGAAUAUCCACCACACGAAAGUUUUUAUGAAACUAAAAACCAAAGGAGGAUUUAGCAGUAAAUCAAG
AAUAGAGUGCUUGAUUGAAUAAGGCCAUGAAGCACGCACACACCGCCCGUCACCCUCCUCAAGCAUGUAGUAAUAAAAAU
AACCUAUAUUCAAUUACACAACCAUGCAAGAAGAGACAAGUCGUAACAAGGUAAGCAUACUGGAAAGUGUGCUUGGAUUA
CC
;
A
2 'polypeptide(L)'
;MASGPLLPRLLGAGAPRRPLRLHLVPTATPGPAGPTGRTLGSNAAPAAREPELGNDLRDRILSEPLKHADFFNLKELFSV
RSLFDARVHLGHKAGCRHRFMEPYLFGSRLGQDIIDLEQTAAHLQLALNFTAHVAYREGIILFVSRHRQFAHLIETTARD
CGEYAHTRYFKGGLLTNAPLLLGPGVRLPDLIIFLHTLNNVFEPHVAVRDAAKMNIPTVGIVDTNCNPALITYPVPGNDD
SPPAVRLFCRLFQVAISRAKEKRRQVEALYRLQGPAGAERGPAAPPPPE
;
B
3 'polypeptide(L)'
;MAASVCGRGLRPLVLSWSRELPCAWRALHISAVCAKNRAARVRVSKGDKPVTYEEAHAPHYIAHRKGWLSLHTGNLDGED
HAAERTVEDVFLRKFMLGTFPGCLADQLVLKRRANQLEICALVLRQLPPHKFYFLVGYSETLLSHFYKCPVHLHLQTVPS
KVVYKYI
;
C
4 'polypeptide(L)'
;MAAAVRAAGFFPGLFGASAGNLWSRQLYLNTFPAASILTSKTFPSNGPLSPPGTRDNHHFTSLACALQTQCSISSPSNWM
GQQYRSYSFFTKLTADELWKGALAESGAGARKGRGKRTKKKRRKDLNRGQIIGEGRHGFLWPGLNIPLMRNGAVQTIAQR
SKEDQEKVEADMVQQREEWDRRRKMKVKRERGWSGNTWGGVSLGPPDPGPNGETYDDFDTRILEVRNVFNMTAKEGRKRS
VRVLVAVGNGKGAAGFAIGKATERADAFRKAKNRAVHYLHYIERYEDHTIYHDISLKFKRTHIKMKKQPRGYGLHCHRAI
MTICRLIGIKDLYAKVSGSVNMLNLTRGLFLGLSRQETHQQLADKKSLHVVEFREECGPLPIVVASPQGALRKDPEPEDE
VPDITLDWEDVKAAQGMKRSVWSGLKRAAT
;
E
5 'polypeptide(L)'
;MPRYELALILKAMQRPETAAALKRTLEALMDRGAVVRNLENLGERMLPYKISAHNQRHSRGGYFLVDFYAPATTVESMME
HLSRDIDVIRPNIVKHPLTQEVKECEGIVPVPLEEKLYSTKKRK
;
F
6 'polypeptide(L)'
;MAAPAVKAARGWSCSALGVRIAVLRFPGLTQVRWSRYGPEYKDPQIDKEYYRKPLAEQTEEEKYERDFKKTQLIKAAPAT
KTSSVFEDPVISKFTNMMMKGGNKVLARSLMTQTLEAVKRKQFAKYHAASAEEQATIERNPYTIFHQALKNCEPVIGLVP
ILKGGHFYQVPVPLADRRRRFLAMKWMIAECREKKHRRVLMPEKLSQELLEAFHNQGPVIKRKHDMHKMAEANRALAHYR
WW
;
G
7 'polypeptide(L)'
;MAAPCVFCGAAVSYRLFLGCRVSFARGQVLWKAAAPELQAGARCQILRLRHTAVVTTKKNVAASRRETYTVDFIKKQIEE
FNIGKRHLANMMGEDPETFTQEDIDRAIAYLFPSGLFEKRARPIMKHPEEIFPKQRAIQWGEDGRPFHFLFYTGKQSYYS
LMHDTYGKLLDVEKHHNQLRAKDLLAEKTKILKDPIGSRWLIKEELEEMLVEKLSDQDYAQFIRLLERLSALPCGATEED
FVNRFRRSIP(UNK)(UNK)(UNK)(UNK)(UNK)(UNK)(UNK)(UNK)(UNK)(UNK)(UNK)(UNK)(UNK)(UNK)
(UNK)(UNK)GMAFSRGEGKRKTAKAEVVVYGQGSGRIDVNGVDYLLYFPVTQDREQLMFPLHFLDRLGKHDMTCAVSGG
GRSAQAGAVRLAMARALCSFVTEDEVEWMRQAGLLTADPRVRERKKPGQEGARRKFTWKKR
;
I
8 'polypeptide(L)'
;MAARTAFGALARRLWQGSRNFSVSSSRSSTAKNGGFLLSTTMKWVQFSNLHVDVPKDMTKPEITISDEPDTLYKRLSVLV
KGHDKAVLDSYEYFAVLAAKELGISIKVHEPPRKIERFTLLKSVHIFKKHRVQYEMRTLYRCLELEHLTGSTADVYLEYI
QRNLPEGVAMEVTKTKLEQLPEHIRKPIWETMPEEKEESKS
;
J
9 'polypeptide(L)'
;MQVVRNAGSRLLQSWAWPPKTRIVAGLPASTIHRSAPHLQDAAAKLDIEDKEEARTPSHSSFSIYPPIPGQENSLRWAGK
KFEEIPIAHIKASYNNTQIQVVSAAHQPLAHASCGTEGFRNAKKGTGIAAQTAGIAAAAKATGKGVTHVRVVVKGLGPGR
LSAIKGLTMGGLEVISITDNTPIPHNGCRPRKARRL
;
K
10 'polypeptide(L)'
;MSWSGLLRGLGTSLNCGLALVPRPWATRPMATLNQMHRLGPPKHPPGKMGPTAGRPQLKGVVLRTFIRKPKKPNSANRKC
CRVRLSTGREAVCFIPGEGHSLQEHHVVLVQGGRTQDLPGVKLTVVRGKYDCGHVQKKK
;
L
11 'polypeptide(L)'
;MAASMLGFLLRTVRQMVPSSASGQVRSYYVDWKMLRDVKRRKMAYEYADERLRINSLRKNTILPKDLQEVADEEIASLPR
DSCPVRIRNRCVMTSRPRGVKRRWRLSRIVFRHLADHGQLSGVQRAMW
;
N
12 'polypeptide(L)'
;MLRAAWRALSSIRTQAVTQAPVLGLPGGGCARFPSVQRALPSRPAGLILRAARGYAAQKPVQPNQDDPPPSMLLLDYQNV
PGIHKVDDVVKRLLSLEMANQKEKLKIKKMQLMNKVLENPEDTSSLEARIVALTVKIRNYEEHMQKHRKDKAHKRFLLMS
IDQRKKMLKNLRETNYAVFEKICKELGIEYTFPPPYHRKAHRRWVTKKALCTQVFREVQKLKKQKRALRAAAVAAHKQG
;
O
13 'polypeptide(L)'
;MVQLTTVLCRAYRGGHLTIRLALGGCTNRPFYRIVAAHSKCPRDGRFVEQLGSYDPLPNSHGEKLVALNFDRIRHWIGCG
AHLSKPVEKLLGLSGFYPLHPMMITNAERLRRKRAREVLLASQKTDTEATETKAS
;
P
14 'polypeptide(L)'
;MSIARSSVHAKWVVGKVIGTAMQKTAKVRVTRLVLDPYLLKYFNKRKTYFAHDALQQCTVGDIVLLKALPVPRTKHVKHE
LAEIIFKVGQVIDPVTGKPCAGTTYLESPISPESTRLTKNLEALQLSSTQ
;
Q
15 'polypeptide(L)'
;MAAVVSLCSRLGRRKSTDFVNAAVCLTDPGTHAVLWRSCSQYKQVASNEDLPVPMENPYKEPLKKCILCEKHVDYKNVQL
LSQFISPFTGCIYGRHITGLCGKKQKEITKAIKRAQILGFMPVTYKDPAYLKDPKVCNIKYRE
;
R
16 'polypeptide(L)' (UNK)(UNK)(UNK)(UNK)(UNK)(UNK)(UNK)(UNK)(UNK)(UNK)(UNK)(UNK)(UNK)(UNK) T
17 'polypeptide(L)'
;MANHLKFIARTVMVQEGNVEGAYRTLNRILTMDGLIEDIKRRRYYEKPCRRRQRESYETCRRIYNMEMARKINFLMRKNR
ADPWQGC
;
U
18 'polyribonucleotide'
;(Y5P)(Y5P)(Y5P)(Y5P)(Y5P)(Y5P)(Y5P)(Y5P)(Y5P)(Y5P)(Y5P)(Y5P)(Y5P)(Y5P)(Y5P)(Y5P)
(Y5P)(Y5P)(Y5P)(Y5P)(Y5P)(Y5P)(Y5P)(Y5P)(Y5P)(Y5P)(Y5P)(Y5P)(P5P)(P5P)(P5P)(Y5P)
(Y5P)(Y5P)(Y5P)(Y5P)(Y5P)(Y5P)(Y5P)(Y5P)(Y5P)(Y5P)(Y5P)(Y5P)(Y5P)(Y5P)(Y5P)(Y5P)
(Y5P)(Y5P)(Y5P)(Y5P)(Y5P)(Y5P)(Y5P)(Y5P)(Y5P)(Y5P)(Y5P)(Y5P)(Y5P)(Y5P)(Y5P)(Y5P)
;
V,Y
19 'polyribonucleotide' (Y5P)(Y5P)(Y5P)(Y5P)(Y5P)(Y5P)(Y5P)(Y5P)(Y5P)(Y5P)(Y5P)(Y5P)(Y5P) X
20 'polypeptide(L)'
;MATLKASALLRSLQTNSCGTGRVCFPVRARPRPRALLQPLPGACGTGTLCRGLGSESESGNSEIRKPTFMDEEVQNILIK
MTGLDLQKIFKPALQELKPPTYKLMTQAQLEEATKQAVEAAKVRLKMPPVLEERAPINDVLAEDKILEGTETAKYVFTDI
SYSIPHRERFIVVREPSGTLRKASWEERDRMIQVYFPREGRRILTPVIFKEENLQTMYSQDQHVDVLNLCVAQFEPDSAE
YIKIHHHTYEDIDKCGKYDLLRSTRHFGGMAWYFVNKKKIDGLLIDQIQRDLVSDATSLVHLYHILHP(UNK)(UNK)
(UNK)(UNK)(UNK)(UNK)(UNK)(UNK)(UNK)(UNK)(UNK)(UNK)(UNK)(UNK)(UNK)(UNK)(UNK)(UNK)
(UNK)(UNK)(UNK)(UNK)(UNK)(UNK)(UNK)(UNK)(UNK)(UNK)(UNK)(UNK)(UNK)(UNK)(UNK)(UNK)
(UNK)(UNK)(UNK)(UNK)(UNK)(UNK)(UNK)(UNK)(UNK)(UNK)(UNK)(UNK)(UNK)(UNK)(UNK)(UNK)
(UNK)(UNK)
;
a
21 'polypeptide(L)'
;MAGSRLETVGSIFSRTRDLIRAGVLKEKPLWLDIYNAFPPLREPVFRRPRLRYGKAKAAVQDIFYHEDRIRAKFYSAYGS
GPKAFDLFNPNFKSTCQRFVEKYIELQRLGETDEEKLFVEAGKALLAEGVTLRRVGEARTQQEGSPISRKSEPTGIKPQT
AVEENQPWKEVPQDQPLEAPEKESKGLPPP
;
b
22 'polypeptide(L)'
;MPMKGRFPIRRTLQYLGQGDVVFKDSVKVMTVNYNTHGELGEGARKFVFFNIPQIQYKNPWVQITMFKNMTPSPFLRFYL
DSGEQVLVDVESKSNKEIVEHIRKILGKNEETLEKEEQEKKQLSHPAHFGPRKYCLRECMCEVEGQVPCPGLVPLPKEMT
GKYKAALKATAQD
;
c
23 'polypeptide(L)'
;MLRVLGGLGARPAGRLPAPLLLPTRGRKTRHDPPAKSKAGRVATPPAVDPTEFFVLTERYRQYRQTVRALRLEFMSEVRK
KLHEARAGVQAERKAQEDAAEHRELMAWNQAENQRLHELRLARLRQEALEQERRQAEEAVLQAREAQAWAQLKEQEVLQL
QEEAKTFITRENLEARVEEALDSPKSYNWAITREGLVVRPQQKGS
;
d
24 'polypeptide(L)'
;(UNK)(UNK)(UNK)(UNK)(UNK)(UNK)(UNK)(UNK)(UNK)(UNK)(UNK)(UNK)(UNK)(UNK)(UNK)(UNK)
(UNK)(UNK)(UNK)(UNK)(UNK)(UNK)(UNK)(UNK)(UNK)(UNK)(UNK)(UNK)(UNK)(UNK)(UNK)(UNK)
(UNK)(UNK)(UNK)(UNK)(UNK)(UNK)(UNK)(UNK)(UNK)(UNK)(UNK)(UNK)(UNK)(UNK)(UNK)(UNK)
(UNK)(UNK)(UNK)(UNK)(UNK)(UNK)(UNK)(UNK)(UNK)(UNK)(UNK)(UNK)(UNK)(UNK)(UNK)(UNK)
(UNK)(UNK)(UNK)(UNK)(UNK)(UNK)(UNK)(UNK)(UNK)(UNK)(UNK)(UNK)(UNK)(UNK)(UNK)(UNK)
(UNK)(UNK)(UNK)(UNK)(UNK)(UNK)(UNK)(UNK)(UNK)(UNK)(UNK)(UNK)(UNK)(UNK)(UNK)(UNK)
(UNK)(UNK)(UNK)(UNK)(UNK)(UNK)(UNK)(UNK)(UNK)(UNK)(UNK)(UNK)(UNK)(UNK)(UNK)(UNK)
(UNK)(UNK)(UNK)(UNK)(UNK)(UNK)(UNK)(UNK)(UNK)(UNK)(UNK)(UNK)(UNK)(UNK)(UNK)(UNK)
(UNK)(UNK)(UNK)(UNK)(UNK)(UNK)(UNK)(UNK)(UNK)(UNK)(UNK)(UNK)(UNK)(UNK)(UNK)(UNK)
(UNK)(UNK)(UNK)(UNK)(UNK)(UNK)(UNK)(UNK)(UNK)(UNK)(UNK)(UNK)(UNK)(UNK)(UNK)(UNK)
(UNK)(UNK)(UNK)(UNK)(UNK)(UNK)(UNK)(UNK)(UNK)(UNK)(UNK)(UNK)(UNK)(UNK)(UNK)(UNK)
(UNK)(UNK)(UNK)(UNK)(UNK)(UNK)(UNK)(UNK)(UNK)(UNK)(UNK)(UNK)(UNK)(UNK)(UNK)(UNK)
(UNK)(UNK)(UNK)(UNK)(UNK)(UNK)(UNK)(UNK)(UNK)(UNK)(UNK)(UNK)(UNK)(UNK)(UNK)(UNK)
(UNK)(UNK)(UNK)(UNK)(UNK)(UNK)(UNK)(UNK)(UNK)(UNK)(UNK)(UNK)(UNK)(UNK)(UNK)(UNK)
(UNK)(UNK)(UNK)(UNK)(UNK)(UNK)(UNK)(UNK)(UNK)(UNK)(UNK)(UNK)(UNK)(UNK)(UNK)(UNK)
(UNK)(UNK)(UNK)(UNK)(UNK)(UNK)(UNK)(UNK)(UNK)(UNK)(UNK)(UNK)(UNK)(UNK)(UNK)(UNK)
(UNK)(UNK)(UNK)(UNK)(UNK)(UNK)(UNK)(UNK)(UNK)(UNK)(UNK)(UNK)(UNK)(UNK)(UNK)(UNK)
(UNK)(UNK)(UNK)(UNK)(UNK)(UNK)(UNK)(UNK)(UNK)(UNK)(UNK)(UNK)(UNK)(UNK)(UNK)(UNK)
(UNK)(UNK)(UNK)(UNK)(UNK)(UNK)(UNK)(UNK)(UNK)(UNK)(UNK)(UNK)(UNK)(UNK)(UNK)(UNK)
(UNK)(UNK)(UNK)(UNK)(UNK)(UNK)(UNK)(UNK)(UNK)(UNK)(UNK)(UNK)(UNK)(UNK)(UNK)(UNK)
(UNK)(UNK)(UNK)(UNK)(UNK)(UNK)(UNK)(UNK)(UNK)(UNK)(UNK)(UNK)(UNK)(UNK)(UNK)(UNK)
;
e
25 'polypeptide(L)'
;MAALCRTRAVTAKSHFLRVFFFSRPCRGTGTESGSGSESSESTEPKQRPGGFASALERHSELQQKAEFGRMRGSPKNVES
FASMLRHSPLTQMGPAKNKLVIGQIFHIVEDDLYIDFGGKFHCVCKRPEVDGEKYQKGTRVRLRLLDLELTSRFLGATTD
TTILEADAVLLGLQESKDSKSKEERHEK
;
f
26 'polypeptide(L)'
;MLKGVTRLISRVHKLDPGHVLYMGTQAPQSLAAHLDNQVPVKSPRAISRTS(UNK)(UNK)(UNK)(UNK)(UNK)
(UNK)(UNK)(UNK)(UNK)(UNK)(UNK)(UNK)(UNK)(UNK)(UNK)(UNK)(UNK)(UNK)SLQELKTVFPHGLPP
RFAMQVKTFNEACLMVRKPALELLHYLKNTNFAHPAVRYVLYGEKGTGKTLSLCHILHFCAKQNWLILHIPDAHIWVKNC
RDLLQSNYNKQRFDQPLEASTWLKNFKTANEHFLSQIKVQEKYVWNKRESTEKGRPLGEVVEQGIMRVRNATDAVGIVLK
ELKRQSSLGIFHLLVAVDGVNALWGRTTLKREDKSPIAPEELALIHNLRKMVKNDWQGGAIVLTVSQTGSLFKPRNAYLP
QELLGKEGFDALDPFIPILVSNYNPKEFESCIQYYLENNWLQHEKAHTEEGKKELLFLSNRNPGQLERLCAYL
;
g
27 'polypeptide(L)'
;MLPRVSAVIPLRPLSRLPLCSGGPEASAAAILLLDSLRGTVRTENNIQRYFGTNNLVYSKKDEQSGPTCEISKETESKGS
VKENSKKDLLNIIKGMKVELSTVNVQTTKPSNKRQLKNLETAIGRIKKAPEDAPQKRSESLSSELVAAVSAVADSLPFDR
RMTKSELLRQLQKHEEDSKAQKDGEKPKISFSNIISDMKVARSATARVSTRPVHQIQFDEGTDDFADQEKTLNLKKSFRK
NIFKGRRLNIFEPQAVTEEAPETEAVPSLWDIEFAKQLAAVTERPFQNGFEEMIQWTKEGKLWEFPINNEAGFDDDGSEF
HEHIFLDKYLQDFPKQGPIRHFMELVTCGLSKNPYLSVKQKVEHIEWFRNYFNEKRVILKESGIQLN
;
h
28 'polypeptide(L)'
;MSSLSEYAVRMSRLSARLFGEVARPTDSKSMKVVKLFSEQPLAKRKETYDWYPNHNTYFALMGTLRFLGLYRDEHQDFRD
EQLRLKKLRGKGKPRKGEGKRAMKKK
;
i
29 'polypeptide(L)'
;MARKKVRPRLIAELARRVRALREQRERPRDSQRYALDYETMMRPHSGNRLPMRAWADVRHESRLLQLLNRLPLFGLGRLV
TRKSWLWQHDEPCYWRLTRVRPDYAAENLDHGKAWGILTFKGKTESEAREIEQVMYHDWRLVPKHEEEAFT(UNK)
(UNK)(UNK)(UNK)(UNK)(UNK)(UNK)DTPLSVPYPPLLRAMILAQRQKYGDTSTEEPMLNLERARIDPWDYPAKLE
AKTKTKGAAV
;
j
30 'polypeptide(L)'
;MAATSLPAWLILKSRAGTFRAFSTAMSPATRSPRPALRTTERTSKPERALRRKALPPRTEKMAVDQDWPSVYPVAAPFKP
SAVPLPVRMGYPVKRGVPMAKEGNLELLKIPNFLHLTPVAIKRHCEALKDFCTEWPAALDSDEKCEKHFPIEIDTADYVS
AGPSIRNPKARVVTLRVKLSSLNLDDHAKKKLIKLVGDRYCKSTDVLTIKTDRCPLKRQNYDYAVYLLTVLYHESWKTEE
WEKKKTEADMEEYIWENSTSEKNILETLLQIKAAEKNLELSKEELLGTKEVEDYRKSVVSLKNEGDNENTLSQYKESVKR
LLNLA
;
k
31 'polypeptide(L)'
;MATPSLRGRLARLGNPRRPILKPNKPLILANHVGERRREKGEATCITEMSVMMACWKQNEFRDEACRKEIQDFFDCASRA
EAARKMRSIQENLGELGSLPPKKLNKLLHRFPNKPHVS
;
m
32 'polypeptide(L)'
;MFLVRLTSQLLRAVPGAGRSGSPRVSEVLGRHACRPRYSTQPPGPSGIASLPGKHVHPELEEMLVPRKMSISPLESWLTI
RYLLPRLGAGTPGTVSPAQLYQCPPSQVGEGVKQGDKEVWDTPQMQCKNILKIRRRKMNHHKYRKLVKRTRFLRRKVREG
RLRQKQVKFERDLKRIWQKAGLKEAPAGWQTPKIYLKNQ
;
n
33 'polypeptide(L)'
;MAAVASARWLGVRSGLCLPLTGRRVGPCGRTPRSRFYSGSAAHPEVEGANVTGIEEVVIPKKKTWDKVAILQALASTVHR
DSTAAPYVFQDDPYLIPTSSVESHSFLLAKKSGENAAKFIINSYPKYFQKDIAEPHIPCLMPEYFEPQIEDV(UNK)
(UNK)(UNK)(UNK)(UNK)(UNK)(UNK)(UNK)(UNK)(UNK)(UNK)(UNK)(UNK)(UNK)(UNK)(UNK)(UNK)
(UNK)(UNK)(UNK)(UNK)(UNK)(UNK)(UNK)(UNK)(UNK)(UNK)(UNK)(UNK)(UNK)(UNK)(UNK)(UNK)
(UNK)(UNK)(UNK)(UNK)(UNK)(UNK)(UNK)(UNK)(UNK)(UNK)(UNK)(UNK)(UNK)(UNK)(UNK)(UNK)
(UNK)(UNK)(UNK)(UNK)(UNK)(UNK)(UNK)(UNK)(UNK)(UNK)(UNK)(UNK)(UNK)(UNK)(UNK)(UNK)
(UNK)(UNK)(UNK)(UNK)(UNK)(UNK)(UNK)(UNK)(UNK)(UNK)(UNK)(UNK)(UNK)(UNK)(UNK)(UNK)
(UNK)(UNK)(UNK)(UNK)(UNK)(UNK)(UNK)(UNK)(UNK)(UNK)(UNK)(UNK)(UNK)(UNK)(UNK)(UNK)
(UNK)(UNK)(UNK)(UNK)(UNK)(UNK)(UNK)(UNK)(UNK)(UNK)(UNK)(UNK)(UNK)(UNK)(UNK)(UNK)
(UNK)(UNK)(UNK)(UNK)(UNK)(UNK)(UNK)(UNK)(UNK)(UNK)(UNK)(UNK)(UNK)(UNK)(UNK)(UNK)
(UNK)(UNK)(UNK)(UNK)(UNK)(UNK)(UNK)(UNK)(UNK)(UNK)(UNK)(UNK)(UNK)(UNK)(UNK)(UNK)
(UNK)(UNK)(UNK)(UNK)(UNK)(UNK)(UNK)(UNK)(UNK)(UNK)(UNK)(UNK)(UNK)(UNK)(UNK)(UNK)
(UNK)(UNK)(UNK)(UNK)(UNK)(UNK)(UNK)(UNK)(UNK)(UNK)(UNK)(UNK)(UNK)(UNK)(UNK)(UNK)
(UNK)(UNK)(UNK)(UNK)(UNK)(UNK)(UNK)(UNK)(UNK)(UNK)(UNK)(UNK)(UNK)(UNK)(UNK)(UNK)
(UNK)(UNK)(UNK)(UNK)(UNK)(UNK)(UNK)(UNK)(UNK)(UNK)(UNK)(UNK)(UNK)(UNK)(UNK)(UNK)
(UNK)(UNK)(UNK)(UNK)(UNK)(UNK)(UNK)(UNK)(UNK)(UNK)(UNK)(UNK)(UNK)(UNK)(UNK)(UNK)
(UNK)(UNK)(UNK)(UNK)(UNK)(UNK)(UNK)(UNK)(UNK)(UNK)(UNK)(UNK)(UNK)(UNK)(UNK)(UNK)
(UNK)(UNK)(UNK)(UNK)(UNK)(UNK)(UNK)(UNK)(UNK)(UNK)(UNK)(UNK)(UNK)(UNK)(UNK)(UNK)
(UNK)(UNK)(UNK)(UNK)(UNK)(UNK)(UNK)(UNK)(UNK)(UNK)(UNK)(UNK)(UNK)(UNK)(UNK)(UNK)
(UNK)(UNK)(UNK)(UNK)(UNK)(UNK)(UNK)(UNK)(UNK)(UNK)(UNK)(UNK)(UNK)(UNK)(UNK)(UNK)
(UNK)(UNK)(UNK)(UNK)(UNK)(UNK)(UNK)(UNK)(UNK)(UNK)(UNK)(UNK)(UNK)(UNK)(UNK)(UNK)
(UNK)(UNK)(UNK)(UNK)(UNK)(UNK)(UNK)(UNK)(UNK)(UNK)(UNK)(UNK)(UNK)(UNK)(UNK)(UNK)
(UNK)(UNK)(UNK)(UNK)(UNK)(UNK)(UNK)(UNK)(UNK)(UNK)(UNK)(UNK)(UNK)(UNK)(UNK)(UNK)
(UNK)(UNK)(UNK)(UNK)(UNK)(UNK)(UNK)(UNK)(UNK)(UNK)(UNK)(UNK)(UNK)(UNK)(UNK)(UNK)
(UNK)(UNK)(UNK)(UNK)(UNK)(UNK)(UNK)(UNK)(UNK)(UNK)(UNK)(UNK)(UNK)(UNK)(UNK)(UNK)
(UNK)(UNK)(UNK)(UNK)(UNK)(UNK)(UNK)(UNK)(UNK)(UNK)(UNK)(UNK)(UNK)(UNK)(UNK)(UNK)
(UNK)(UNK)(UNK)(UNK)(UNK)(UNK)(UNK)(UNK)(UNK)(UNK)(UNK)(UNK)(UNK)(UNK)(UNK)(UNK)
(UNK)(UNK)(UNK)(UNK)(UNK)(UNK)(UNK)(UNK)(UNK)(UNK)(UNK)(UNK)(UNK)(UNK)(UNK)(UNK)
(UNK)(UNK)(UNK)(UNK)(UNK)(UNK)(UNK)(UNK)(UNK)(UNK)(UNK)(UNK)(UNK)(UNK)(UNK)(UNK)
(UNK)(UNK)(UNK)(UNK)(UNK)(UNK)(UNK)(UNK)(UNK)(UNK)(UNK)(UNK)(UNK)(UNK)(UNK)(UNK)
(UNK)(UNK)(UNK)(UNK)(UNK)(UNK)(UNK)(UNK)(UNK)(UNK)(UNK)(UNK)(UNK)(UNK)(UNK)(UNK)
(UNK)(UNK)(UNK)(UNK)(UNK)(UNK)(UNK)(UNK)(UNK)(UNK)(UNK)(UNK)(UNK)(UNK)(UNK)(UNK)
(UNK)(UNK)(UNK)(UNK)(UNK)(UNK)(UNK)(UNK)(UNK)(UNK)(UNK)(UNK)(UNK)(UNK)(UNK)(UNK)
(UNK)(UNK)(UNK)(UNK)(UNK)(UNK)(UNK)(UNK)(UNK)(UNK)(UNK)(UNK)(UNK)(UNK)(UNK)(UNK)
(UNK)(UNK)(UNK)(UNK)(UNK)(UNK)(UNK)(UNK)(UNK)(UNK)(UNK)(UNK)SDSDSDSDSDISEGK
;
o
34 'polypeptide(L)'
;MAASILNVLLRRLPGVSPFRGAYGVQVLLQTLCTKAPPEDDSLPQVPISPYKDEPWKYLDSEEYQNRYGSRPVWADYRRN
HKGGIPPQRTRKMCIRGNKVAGNPCPICRDQKLHVDFRNVKLLEQFVCAHTGIIFHAPYTGVCMKQHKKLTQAIQKARDH
GLLRYHIPQVEPRDLDFSTTHGAVSSTPPAPTLVSGDPWYPWYSWKQPPERELSRLRRLYQGRLREESGPPPELMPEVPL
TAPAEASSTEPGAPQSAL
;
p
35 'polypeptide(L)' (UNK)(UNK)(UNK)(UNK)(UNK)(UNK)(UNK)(UNK)(UNK)(UNK)(UNK)(UNK)(UNK)(UNK)(UNK)(UNK) s
36 'polypeptide(L)'
;(UNK)(UNK)(UNK)(UNK)(UNK)(UNK)(UNK)(UNK)(UNK)(UNK)(UNK)(UNK)(UNK)(UNK)(UNK)(UNK)
(UNK)
;
z
#
loop_
_chem_comp.id
_chem_comp.type
_chem_comp.name
_chem_comp.formula
A RNA linking ADENOSINE-5'-MONOPHOSPHATE 'C10 H14 N5 O7 P'
C RNA linking CYTIDINE-5'-MONOPHOSPHATE 'C9 H14 N3 O8 P'
G RNA linking GUANOSINE-5'-MONOPHOSPHATE 'C10 H14 N5 O8 P'
GDP RNA linking GUANOSINE-5'-DIPHOSPHATE 'C10 H15 N5 O11 P2'
MG non-polymer 'MAGNESIUM ION' 'Mg 2'
P5P RNA linking 'PURINE RIBOSIDE-5'-MONOPHOSPHATE' 'C10 H13 N4 O7 P'
U RNA linking URIDINE-5'-MONOPHOSPHATE 'C9 H13 N2 O9 P'
Y5P RNA linking 1-(5-O-phosphono-beta-D-ribofuranosyl)-1,4-dihydropyrimidine 'C9 H15 N2 O7 P'
ZN non-polymer 'ZINC ION' 'Zn 2'
#
# COMPACT_ATOMS: atom_id res chain seq x y z
N ASN B 55 -32.42 -3.29 45.25
CA ASN B 55 -32.25 -2.48 44.04
C ASN B 55 -32.66 -1.03 44.25
N ASP B 56 -33.80 -0.81 44.91
CA ASP B 56 -34.35 0.53 45.12
C ASP B 56 -33.42 1.39 45.95
N LEU B 57 -32.99 0.81 47.06
CA LEU B 57 -32.27 1.49 48.11
C LEU B 57 -30.82 1.77 47.72
N ARG B 58 -30.31 0.97 46.79
CA ARG B 58 -28.99 1.21 46.21
C ARG B 58 -29.02 2.45 45.30
N ASP B 59 -30.07 2.54 44.48
CA ASP B 59 -30.33 3.73 43.68
C ASP B 59 -30.43 4.93 44.61
N ARG B 60 -31.13 4.76 45.72
CA ARG B 60 -31.20 5.80 46.74
C ARG B 60 -29.81 6.21 47.26
N ILE B 61 -28.97 5.22 47.55
CA ILE B 61 -27.66 5.47 48.16
C ILE B 61 -26.71 6.19 47.20
N LEU B 62 -26.84 5.91 45.90
CA LEU B 62 -26.00 6.59 44.92
C LEU B 62 -26.52 7.97 44.52
N SER B 63 -27.84 8.10 44.36
CA SER B 63 -28.40 9.37 43.89
C SER B 63 -28.55 10.42 44.97
N GLU B 64 -28.62 10.00 46.23
CA GLU B 64 -28.74 10.96 47.33
C GLU B 64 -27.66 12.07 47.36
N PRO B 65 -26.37 11.70 47.25
CA PRO B 65 -25.32 12.72 47.41
C PRO B 65 -25.25 13.79 46.31
N LEU B 66 -25.88 13.53 45.17
CA LEU B 66 -25.81 14.45 44.05
C LEU B 66 -26.65 15.71 44.26
N LYS B 67 -27.60 15.65 45.18
CA LYS B 67 -28.55 16.74 45.38
C LYS B 67 -27.97 17.83 46.29
N HIS B 68 -26.78 17.58 46.83
CA HIS B 68 -26.18 18.49 47.79
C HIS B 68 -24.79 18.89 47.34
N ALA B 69 -24.63 20.18 47.01
CA ALA B 69 -23.40 20.67 46.40
C ALA B 69 -22.17 20.49 47.30
N ASP B 70 -22.41 20.41 48.61
CA ASP B 70 -21.34 20.33 49.61
C ASP B 70 -21.03 18.95 50.16
N PHE B 71 -21.68 17.90 49.66
CA PHE B 71 -21.95 16.67 50.42
C PHE B 71 -20.78 16.17 51.27
N PHE B 72 -19.56 16.43 50.79
CA PHE B 72 -18.36 16.02 51.51
C PHE B 72 -17.74 17.17 52.30
N ASN B 73 -18.34 18.35 52.17
CA ASN B 73 -17.97 19.49 52.99
C ASN B 73 -16.51 19.92 52.83
N LEU B 74 -16.08 20.12 51.59
CA LEU B 74 -14.66 20.42 51.32
C LEU B 74 -14.35 21.91 51.35
N LYS B 75 -15.38 22.73 51.49
CA LYS B 75 -15.24 24.18 51.49
C LYS B 75 -14.13 24.64 52.43
N GLU B 76 -14.03 23.93 53.55
CA GLU B 76 -13.16 24.33 54.64
C GLU B 76 -11.75 23.77 54.49
N LEU B 77 -11.50 23.08 53.40
CA LEU B 77 -10.22 22.37 53.28
C LEU B 77 -9.10 23.24 52.75
N PHE B 78 -9.45 24.43 52.29
CA PHE B 78 -8.44 25.38 51.84
C PHE B 78 -9.01 26.76 51.77
N SER B 79 -8.12 27.71 51.49
CA SER B 79 -8.49 29.10 51.32
C SER B 79 -7.68 29.70 50.20
N VAL B 80 -7.99 30.94 49.89
CA VAL B 80 -7.21 31.66 48.92
C VAL B 80 -5.92 32.09 49.63
N ARG B 81 -6.02 32.29 50.94
CA ARG B 81 -4.83 32.51 51.74
C ARG B 81 -3.99 31.24 51.76
N SER B 82 -4.65 30.10 51.93
CA SER B 82 -3.98 28.80 51.97
C SER B 82 -3.17 28.55 50.69
N LEU B 83 -3.86 28.63 49.55
CA LEU B 83 -3.22 28.55 48.25
C LEU B 83 -2.14 29.61 48.10
N PHE B 84 -2.31 30.75 48.75
CA PHE B 84 -1.32 31.81 48.62
C PHE B 84 0.00 31.47 49.35
N ASP B 85 -0.11 30.74 50.45
CA ASP B 85 1.09 30.38 51.18
C ASP B 85 1.66 29.06 50.70
N ALA B 86 0.90 28.36 49.88
CA ALA B 86 1.40 27.17 49.18
C ALA B 86 2.00 27.55 47.83
N ARG B 87 2.09 28.86 47.57
CA ARG B 87 2.87 29.41 46.47
C ARG B 87 2.20 29.18 45.11
N VAL B 88 1.01 28.60 45.13
CA VAL B 88 0.26 28.27 43.92
C VAL B 88 0.22 29.40 42.91
N HIS B 89 0.23 30.65 43.38
CA HIS B 89 0.08 31.79 42.48
C HIS B 89 1.29 32.12 41.57
N LEU B 90 2.38 31.36 41.70
CA LEU B 90 3.55 31.57 40.83
C LEU B 90 3.57 30.72 39.58
N GLY B 91 3.80 31.35 38.44
CA GLY B 91 4.03 30.63 37.20
C GLY B 91 5.46 30.72 36.70
N HIS B 92 5.70 30.31 35.46
CA HIS B 92 7.02 30.39 34.86
C HIS B 92 7.26 31.78 34.25
N LYS B 93 8.44 32.01 33.64
CA LYS B 93 8.68 33.30 32.99
C LYS B 93 7.68 33.47 31.86
N ALA B 94 7.45 34.70 31.44
CA ALA B 94 6.45 34.97 30.39
C ALA B 94 6.89 34.35 29.05
N GLY B 95 8.19 34.15 28.92
CA GLY B 95 8.75 33.45 27.78
C GLY B 95 8.16 32.06 27.63
N CYS B 96 8.17 31.29 28.72
CA CYS B 96 7.78 29.89 28.65
C CYS B 96 6.29 29.67 28.72
N ARG B 97 5.52 30.75 28.85
CA ARG B 97 4.08 30.61 28.95
C ARG B 97 3.49 29.91 27.72
N HIS B 98 2.52 29.05 27.97
CA HIS B 98 1.67 28.49 26.93
C HIS B 98 0.68 29.55 26.47
N ARG B 99 0.08 29.32 25.31
CA ARG B 99 -0.91 30.26 24.83
C ARG B 99 -2.28 30.07 25.45
N PHE B 100 -2.55 28.90 26.02
CA PHE B 100 -3.88 28.64 26.54
C PHE B 100 -4.02 28.95 28.02
N MET B 101 -2.97 29.51 28.59
CA MET B 101 -3.05 29.96 29.96
C MET B 101 -3.44 31.42 30.05
N GLU B 102 -3.41 32.09 28.91
CA GLU B 102 -3.67 33.53 28.86
C GLU B 102 -4.93 33.96 29.65
N PRO B 103 -6.02 33.17 29.59
CA PRO B 103 -7.15 33.54 30.47
C PRO B 103 -6.94 33.28 31.97
N TYR B 104 -6.28 32.18 32.33
CA TYR B 104 -6.18 31.78 33.73
C TYR B 104 -5.19 32.65 34.47
N LEU B 105 -4.32 33.30 33.72
CA LEU B 105 -3.34 34.17 34.33
C LEU B 105 -3.97 35.38 34.95
N PHE B 106 -3.21 36.01 35.82
CA PHE B 106 -3.55 37.27 36.45
C PHE B 106 -2.73 38.35 35.74
N GLY B 107 -1.41 38.25 35.83
CA GLY B 107 -0.53 39.17 35.13
C GLY B 107 0.96 38.99 35.35
N SER B 108 1.76 39.69 34.54
CA SER B 108 3.21 39.55 34.63
C SER B 108 3.81 40.48 35.66
N ARG B 109 4.46 39.90 36.65
CA ARG B 109 5.25 40.68 37.56
C ARG B 109 6.70 40.53 37.18
N LEU B 110 7.26 41.57 36.56
CA LEU B 110 8.66 41.58 36.19
C LEU B 110 9.10 40.31 35.47
N GLY B 111 8.30 39.86 34.52
CA GLY B 111 8.68 38.72 33.70
C GLY B 111 8.17 37.38 34.21
N GLN B 112 7.85 37.30 35.50
CA GLN B 112 7.30 36.08 36.04
C GLN B 112 5.78 36.16 36.05
N ASP B 113 5.12 35.12 35.57
CA ASP B 113 3.68 35.13 35.44
C ASP B 113 2.99 34.64 36.73
N ILE B 114 1.82 35.19 37.00
CA ILE B 114 1.08 34.92 38.24
C ILE B 114 -0.34 34.43 38.00
N ILE B 115 -0.68 33.23 38.48
CA ILE B 115 -2.03 32.68 38.29
C ILE B 115 -3.08 33.49 39.05
N ASP B 116 -4.36 33.35 38.67
CA ASP B 116 -5.43 33.97 39.44
C ASP B 116 -5.94 32.99 40.48
N LEU B 117 -5.72 33.34 41.74
CA LEU B 117 -6.02 32.44 42.83
C LEU B 117 -7.51 32.30 43.05
N GLU B 118 -8.27 33.33 42.72
CA GLU B 118 -9.72 33.23 42.79
C GLU B 118 -10.18 32.10 41.86
N GLN B 119 -9.65 32.14 40.64
CA GLN B 119 -9.93 31.08 39.68
C GLN B 119 -9.37 29.75 40.14
N THR B 120 -8.23 29.78 40.82
CA THR B 120 -7.67 28.55 41.36
C THR B 120 -8.64 27.87 42.30
N ALA B 121 -9.24 28.66 43.18
CA ALA B 121 -10.18 28.13 44.15
C ALA B 121 -11.47 27.65 43.50
N ALA B 122 -12.01 28.45 42.60
CA ALA B 122 -13.23 28.06 41.88
C ALA B 122 -13.04 26.71 41.18
N HIS B 123 -11.88 26.57 40.52
CA HIS B 123 -11.55 25.35 39.78
C HIS B 123 -11.29 24.17 40.71
N LEU B 124 -10.36 24.34 41.64
CA LEU B 124 -9.95 23.31 42.58
C LEU B 124 -11.12 22.78 43.38
N GLN B 125 -12.05 23.66 43.71
CA GLN B 125 -13.24 23.23 44.41
C GLN B 125 -13.90 22.16 43.58
N LEU B 126 -14.22 22.52 42.35
CA LEU B 126 -14.91 21.61 41.47
C LEU B 126 -14.13 20.32 41.24
N ALA B 127 -12.81 20.44 41.19
CA ALA B 127 -11.96 19.28 40.98
C ALA B 127 -12.07 18.33 42.15
N LEU B 128 -11.95 18.87 43.36
CA LEU B 128 -11.94 18.06 44.57
C LEU B 128 -13.31 17.42 44.79
N ASN B 129 -14.35 18.21 44.58
CA ASN B 129 -15.70 17.70 44.58
C ASN B 129 -15.81 16.50 43.66
N PHE B 130 -15.31 16.66 42.44
CA PHE B 130 -15.39 15.57 41.48
C PHE B 130 -14.68 14.32 41.98
N THR B 131 -13.43 14.51 42.37
CA THR B 131 -12.59 13.45 42.90
C THR B 131 -13.36 12.66 43.95
N ALA B 132 -13.91 13.40 44.90
CA ALA B 132 -14.65 12.82 45.99
C ALA B 132 -15.82 12.00 45.48
N HIS B 133 -16.68 12.60 44.69
CA HIS B 133 -17.87 11.89 44.21
C HIS B 133 -17.49 10.60 43.48
N VAL B 134 -16.30 10.56 42.89
CA VAL B 134 -15.86 9.30 42.28
C VAL B 134 -15.42 8.29 43.32
N ALA B 135 -14.62 8.74 44.28
CA ALA B 135 -14.17 7.87 45.36
C ALA B 135 -15.36 7.21 46.07
N TYR B 136 -16.33 8.03 46.47
CA TYR B 136 -17.54 7.56 47.15
C TYR B 136 -18.22 6.49 46.32
N ARG B 137 -18.16 6.62 45.01
CA ARG B 137 -18.85 5.69 44.14
C ARG B 137 -17.97 4.48 43.89
N GLU B 138 -16.86 4.41 44.64
CA GLU B 138 -16.01 3.23 44.66
C GLU B 138 -15.44 2.93 43.30
N GLY B 139 -14.47 3.74 42.90
CA GLY B 139 -13.87 3.58 41.59
C GLY B 139 -12.40 3.91 41.66
N ILE B 140 -11.69 3.47 40.64
CA ILE B 140 -10.26 3.60 40.64
C ILE B 140 -9.85 5.05 40.47
N ILE B 141 -8.83 5.44 41.22
CA ILE B 141 -8.19 6.71 40.98
C ILE B 141 -6.68 6.51 40.80
N LEU B 142 -6.15 7.09 39.73
CA LEU B 142 -4.74 6.97 39.42
C LEU B 142 -4.08 8.34 39.40
N PHE B 143 -3.21 8.58 40.37
CA PHE B 143 -2.38 9.78 40.32
C PHE B 143 -1.28 9.54 39.34
N VAL B 144 -0.80 10.60 38.71
CA VAL B 144 0.33 10.50 37.80
C VAL B 144 1.18 11.73 37.88
N SER B 145 2.47 11.50 37.93
CA SER B 145 3.44 12.55 37.69
C SER B 145 4.70 11.93 37.19
N ARG B 146 5.41 12.64 36.34
CA ARG B 146 6.76 12.20 36.04
C ARG B 146 7.79 12.89 36.91
N HIS B 147 7.36 13.93 37.60
CA HIS B 147 8.31 14.84 38.23
C HIS B 147 9.07 14.16 39.37
N ARG B 148 10.39 14.23 39.33
CA ARG B 148 11.21 13.39 40.17
C ARG B 148 11.21 13.82 41.62
N GLN B 149 11.36 15.12 41.85
CA GLN B 149 11.44 15.63 43.20
C GLN B 149 10.36 14.99 44.05
N PHE B 150 9.16 14.90 43.48
CA PHE B 150 7.96 14.55 44.22
C PHE B 150 7.52 13.12 44.12
N ALA B 151 8.28 12.28 43.41
CA ALA B 151 7.82 10.94 43.11
C ALA B 151 7.34 10.28 44.38
N HIS B 152 8.23 10.22 45.36
CA HIS B 152 7.93 9.54 46.61
C HIS B 152 6.62 10.02 47.22
N LEU B 153 6.48 11.33 47.32
CA LEU B 153 5.29 11.94 47.91
C LEU B 153 4.06 11.32 47.33
N ILE B 154 4.00 11.36 46.01
CA ILE B 154 2.78 11.02 45.31
C ILE B 154 2.45 9.54 45.46
N GLU B 155 3.46 8.68 45.62
CA GLU B 155 3.12 7.29 45.86
C GLU B 155 2.68 7.16 47.30
N THR B 156 3.46 7.79 48.18
CA THR B 156 3.21 7.75 49.62
C THR B 156 1.82 8.32 49.92
N THR B 157 1.43 9.34 49.17
CA THR B 157 0.08 9.85 49.24
C THR B 157 -0.89 8.78 48.80
N ALA B 158 -0.71 8.29 47.59
CA ALA B 158 -1.71 7.43 46.97
C ALA B 158 -1.86 6.11 47.72
N ARG B 159 -0.75 5.53 48.14
CA ARG B 159 -0.83 4.26 48.88
C ARG B 159 -1.71 4.41 50.12
N ASP B 160 -1.74 5.61 50.69
CA ASP B 160 -2.47 5.83 51.93
C ASP B 160 -3.94 6.13 51.68
N CYS B 161 -4.28 6.37 50.42
CA CYS B 161 -5.66 6.66 50.05
C CYS B 161 -6.41 5.39 49.65
N GLY B 162 -5.68 4.30 49.51
CA GLY B 162 -6.27 3.14 48.85
C GLY B 162 -6.52 3.51 47.39
N GLU B 163 -5.67 4.41 46.91
CA GLU B 163 -5.67 4.82 45.51
C GLU B 163 -4.33 4.48 44.90
N TYR B 164 -4.27 4.47 43.58
CA TYR B 164 -3.08 3.98 42.91
C TYR B 164 -2.31 5.14 42.31
N ALA B 165 -0.99 5.03 42.28
CA ALA B 165 -0.20 6.03 41.59
C ALA B 165 0.47 5.33 40.45
N HIS B 166 0.77 6.08 39.42
CA HIS B 166 1.77 5.66 38.47
C HIS B 166 2.77 6.77 38.34
N THR B 167 3.90 6.62 39.00
CA THR B 167 4.95 7.59 38.85
C THR B 167 6.14 6.81 38.40
N ARG B 168 6.47 6.88 37.12
CA ARG B 168 7.48 6.02 36.47
C ARG B 168 7.50 6.33 35.03
N TYR B 169 8.37 5.65 34.31
CA TYR B 169 8.21 5.56 32.88
C TYR B 169 6.82 4.98 32.59
N PHE B 170 6.14 5.54 31.58
CA PHE B 170 4.78 5.14 31.22
C PHE B 170 4.83 4.35 29.94
N LYS B 171 4.65 3.05 30.02
CA LYS B 171 4.69 2.23 28.82
C LYS B 171 3.59 2.66 27.86
N GLY B 172 3.85 2.55 26.57
CA GLY B 172 3.09 3.26 25.55
C GLY B 172 1.62 2.96 25.39
N GLY B 173 1.29 1.70 25.14
CA GLY B 173 -0.09 1.34 24.88
C GLY B 173 -0.92 1.12 26.14
N LEU B 174 -0.42 1.61 27.28
CA LEU B 174 -0.92 1.24 28.61
C LEU B 174 -2.44 1.22 28.81
N LEU B 175 -3.09 2.37 28.67
CA LEU B 175 -4.54 2.44 28.81
C LEU B 175 -5.22 2.03 27.50
N THR B 176 -4.62 2.44 26.39
CA THR B 176 -5.16 2.16 25.06
C THR B 176 -5.22 0.69 24.74
N ASN B 177 -4.06 0.05 24.82
CA ASN B 177 -4.02 -1.39 24.83
C ASN B 177 -3.83 -1.81 26.29
N ALA B 178 -4.94 -1.99 26.99
CA ALA B 178 -4.95 -2.51 28.35
C ALA B 178 -4.78 -4.03 28.43
N PRO B 179 -5.64 -4.77 27.71
CA PRO B 179 -5.72 -6.19 28.06
C PRO B 179 -4.48 -6.95 27.67
N LEU B 180 -3.71 -6.37 26.78
CA LEU B 180 -2.50 -7.01 26.36
C LEU B 180 -1.37 -6.72 27.35
N LEU B 181 -1.32 -5.48 27.81
CA LEU B 181 -0.27 -5.03 28.73
C LEU B 181 -0.44 -5.49 30.18
N LEU B 182 -1.62 -5.19 30.74
CA LEU B 182 -1.92 -5.49 32.14
C LEU B 182 -2.41 -6.91 32.41
N GLY B 183 -3.37 -7.38 31.63
CA GLY B 183 -3.93 -8.70 31.87
C GLY B 183 -5.13 -9.02 31.02
N PRO B 184 -5.46 -10.31 30.90
CA PRO B 184 -6.46 -10.88 29.99
C PRO B 184 -7.80 -10.13 29.97
N GLY B 185 -8.28 -9.68 31.13
CA GLY B 185 -9.31 -8.66 31.14
C GLY B 185 -9.13 -7.91 32.43
N VAL B 186 -9.45 -6.62 32.43
CA VAL B 186 -8.93 -5.73 33.46
C VAL B 186 -9.86 -4.55 33.59
N ARG B 187 -9.85 -3.90 34.74
CA ARG B 187 -10.57 -2.65 34.90
C ARG B 187 -9.59 -1.49 34.82
N LEU B 188 -10.08 -0.39 34.28
CA LEU B 188 -9.25 0.75 33.98
C LEU B 188 -9.57 1.85 34.96
N PRO B 189 -8.62 2.76 35.19
CA PRO B 189 -8.88 3.89 36.08
C PRO B 189 -10.16 4.64 35.75
N ASP B 190 -10.94 4.90 36.78
CA ASP B 190 -12.17 5.62 36.62
C ASP B 190 -11.86 7.09 36.48
N LEU B 191 -10.84 7.53 37.18
CA LEU B 191 -10.43 8.92 37.13
C LEU B 191 -8.94 9.02 37.18
N ILE B 192 -8.35 9.85 36.34
CA ILE B 192 -6.91 10.04 36.37
C ILE B 192 -6.58 11.45 36.83
N ILE B 193 -5.61 11.55 37.72
CA ILE B 193 -5.30 12.81 38.36
C ILE B 193 -3.83 13.17 38.26
N PHE B 194 -3.52 14.23 37.52
CA PHE B 194 -2.14 14.64 37.25
C PHE B 194 -1.65 15.68 38.21
N LEU B 195 -0.54 15.42 38.86
CA LEU B 195 0.03 16.47 39.68
C LEU B 195 1.04 17.25 38.88
N HIS B 196 1.36 16.76 37.69
CA HIS B 196 2.10 17.52 36.69
C HIS B 196 1.56 17.08 35.36
N THR B 197 1.51 17.98 34.41
CA THR B 197 0.86 17.63 33.17
C THR B 197 1.87 17.18 32.10
N LEU B 198 3.14 17.07 32.50
CA LEU B 198 4.27 16.99 31.59
C LEU B 198 5.04 15.69 31.71
N ASN B 199 5.94 15.46 30.76
CA ASN B 199 6.95 14.43 30.91
C ASN B 199 8.27 15.18 31.01
N ASN B 200 9.31 14.53 31.51
CA ASN B 200 10.57 15.23 31.75
C ASN B 200 11.25 15.83 30.50
N VAL B 201 10.67 15.53 29.35
CA VAL B 201 11.09 16.11 28.08
C VAL B 201 10.19 17.31 27.69
N PHE B 202 9.29 17.69 28.59
CA PHE B 202 8.45 18.89 28.49
C PHE B 202 7.39 18.88 27.40
N GLU B 203 7.04 17.70 26.93
CA GLU B 203 5.84 17.47 26.13
C GLU B 203 4.71 17.13 27.07
N PRO B 204 3.48 17.16 26.56
CA PRO B 204 2.38 16.61 27.35
C PRO B 204 2.51 15.11 27.54
N HIS B 205 2.35 14.68 28.80
CA HIS B 205 2.34 13.27 29.18
C HIS B 205 1.33 12.54 28.31
N VAL B 206 1.72 11.35 27.86
CA VAL B 206 0.86 10.52 27.05
C VAL B 206 -0.50 10.31 27.67
N ALA B 207 -0.47 10.07 28.97
CA ALA B 207 -1.65 9.70 29.69
C ALA B 207 -2.76 10.70 29.48
N VAL B 208 -2.42 11.94 29.14
CA VAL B 208 -3.45 12.94 28.87
C VAL B 208 -4.25 12.62 27.61
N ARG B 209 -3.50 12.51 26.51
CA ARG B 209 -4.02 12.11 25.22
C ARG B 209 -4.81 10.81 25.35
N ASP B 210 -4.29 9.91 26.18
CA ASP B 210 -4.81 8.55 26.31
C ASP B 210 -6.06 8.42 27.16
N ALA B 211 -6.04 9.08 28.31
CA ALA B 211 -7.21 9.15 29.15
C ALA B 211 -8.32 9.76 28.34
N ALA B 212 -8.04 10.96 27.84
CA ALA B 212 -8.96 11.65 26.96
C ALA B 212 -9.42 10.76 25.78
N LYS B 213 -8.53 9.86 25.36
CA LYS B 213 -8.81 8.96 24.26
C LYS B 213 -9.80 7.89 24.71
N MET B 214 -9.74 7.55 25.99
CA MET B 214 -10.46 6.40 26.51
C MET B 214 -11.79 6.70 27.19
N ASN B 215 -12.16 7.98 27.22
CA ASN B 215 -13.27 8.42 28.03
C ASN B 215 -13.00 8.09 29.48
N ILE B 216 -11.95 8.72 30.00
CA ILE B 216 -11.69 8.75 31.42
C ILE B 216 -11.68 10.22 31.76
N PRO B 217 -12.26 10.61 32.88
CA PRO B 217 -12.11 12.03 33.14
C PRO B 217 -10.75 12.32 33.75
N THR B 218 -10.32 13.56 33.68
CA THR B 218 -8.97 13.93 34.09
C THR B 218 -8.93 15.19 34.91
N VAL B 219 -8.28 15.12 36.06
CA VAL B 219 -8.13 16.26 36.93
C VAL B 219 -6.68 16.55 37.18
N GLY B 220 -6.19 17.69 36.74
CA GLY B 220 -4.77 17.92 36.82
C GLY B 220 -4.40 19.36 36.94
N ILE B 221 -3.19 19.57 37.43
CA ILE B 221 -2.73 20.92 37.68
C ILE B 221 -2.00 21.46 36.46
N VAL B 222 -2.62 22.42 35.76
CA VAL B 222 -1.93 23.08 34.66
C VAL B 222 -1.00 24.11 35.24
N ASP B 223 0.11 24.34 34.56
CA ASP B 223 1.06 25.36 34.96
C ASP B 223 1.12 26.28 33.77
N THR B 224 1.69 27.47 33.95
CA THR B 224 1.78 28.49 32.90
C THR B 224 2.30 28.00 31.53
N ASN B 225 3.21 27.02 31.53
CA ASN B 225 3.65 26.38 30.29
C ASN B 225 2.78 25.24 29.74
N CYS B 226 2.01 24.57 30.62
CA CYS B 226 1.23 23.37 30.24
C CYS B 226 0.01 23.64 29.38
N ASN B 227 -0.45 22.63 28.66
CA ASN B 227 -1.68 22.78 27.87
C ASN B 227 -2.87 22.10 28.53
N PRO B 228 -3.82 22.91 28.99
CA PRO B 228 -5.02 22.53 29.75
C PRO B 228 -6.10 21.82 28.97
N ALA B 229 -6.11 22.00 27.65
CA ALA B 229 -7.33 21.83 26.85
C ALA B 229 -7.93 20.42 26.79
N LEU B 230 -7.10 19.40 26.94
CA LEU B 230 -7.60 18.03 26.95
C LEU B 230 -8.03 17.52 28.33
N ILE B 231 -7.55 18.20 29.37
CA ILE B 231 -7.93 17.89 30.75
C ILE B 231 -9.36 18.25 31.13
N THR B 232 -10.11 17.27 31.62
CA THR B 232 -11.51 17.47 32.00
C THR B 232 -11.65 18.64 32.99
N TYR B 233 -11.19 18.40 34.23
CA TYR B 233 -11.14 19.44 35.24
C TYR B 233 -9.72 19.86 35.51
N PRO B 234 -9.34 21.03 35.01
CA PRO B 234 -8.07 21.66 35.39
C PRO B 234 -8.10 22.34 36.74
N VAL B 235 -6.95 22.43 37.37
CA VAL B 235 -6.66 23.46 38.36
C VAL B 235 -5.42 24.25 37.91
N PRO B 236 -5.60 25.52 37.52
CA PRO B 236 -4.41 26.33 37.26
C PRO B 236 -3.62 26.56 38.53
N GLY B 237 -2.30 26.40 38.49
CA GLY B 237 -1.52 26.53 39.71
C GLY B 237 -0.08 26.06 39.57
N ASN B 238 0.74 26.36 40.57
CA ASN B 238 2.14 26.05 40.48
C ASN B 238 2.42 24.58 40.76
N ASP B 239 2.96 23.85 39.78
CA ASP B 239 3.31 22.44 39.99
C ASP B 239 4.70 22.28 40.62
N ASP B 240 5.57 23.29 40.48
CA ASP B 240 6.98 23.09 40.75
C ASP B 240 7.42 23.18 42.22
N SER B 241 6.89 24.14 42.98
CA SER B 241 7.34 24.33 44.35
C SER B 241 6.80 23.26 45.29
N PRO B 242 7.66 22.67 46.12
CA PRO B 242 7.25 21.54 46.97
C PRO B 242 6.08 21.86 47.94
N PRO B 243 6.03 23.07 48.56
CA PRO B 243 4.79 23.42 49.27
C PRO B 243 3.51 23.23 48.44
N ALA B 244 3.57 23.54 47.15
CA ALA B 244 2.41 23.39 46.29
C ALA B 244 2.06 21.93 46.01
N VAL B 245 3.04 21.12 45.63
CA VAL B 245 2.81 19.70 45.39
C VAL B 245 2.23 19.07 46.64
N ARG B 246 2.91 19.25 47.76
CA ARG B 246 2.44 18.74 49.04
C ARG B 246 1.00 19.15 49.30
N LEU B 247 0.69 20.43 49.12
CA LEU B 247 -0.66 20.91 49.34
C LEU B 247 -1.67 20.14 48.52
N PHE B 248 -1.45 20.08 47.21
CA PHE B 248 -2.40 19.42 46.33
C PHE B 248 -2.53 17.94 46.65
N CYS B 249 -1.40 17.35 47.01
CA CYS B 249 -1.37 15.97 47.41
C CYS B 249 -2.32 15.75 48.57
N ARG B 250 -2.07 16.44 49.67
CA ARG B 250 -2.82 16.18 50.89
C ARG B 250 -4.28 16.51 50.68
N LEU B 251 -4.57 17.46 49.79
CA LEU B 251 -5.96 17.78 49.54
C LEU B 251 -6.69 16.67 48.81
N PHE B 252 -6.12 16.17 47.72
CA PHE B 252 -6.78 15.07 47.04
C PHE B 252 -6.86 13.84 47.96
N GLN B 253 -5.82 13.67 48.77
CA GLN B 253 -5.80 12.65 49.81
C GLN B 253 -7.03 12.73 50.67
N VAL B 254 -7.27 13.91 51.23
CA VAL B 254 -8.37 14.13 52.15
C VAL B 254 -9.71 13.94 51.47
N ALA B 255 -9.92 14.57 50.33
CA ALA B 255 -11.18 14.38 49.60
C ALA B 255 -11.47 12.90 49.44
N ILE B 256 -10.45 12.14 49.04
CA ILE B 256 -10.61 10.70 48.96
C ILE B 256 -11.08 10.10 50.28
N SER B 257 -10.32 10.36 51.35
CA SER B 257 -10.60 9.78 52.67
C SER B 257 -12.03 10.06 53.13
N ARG B 258 -12.46 11.32 53.01
CA ARG B 258 -13.82 11.71 53.37
C ARG B 258 -14.87 11.01 52.55
N ALA B 259 -14.65 10.90 51.24
CA ALA B 259 -15.59 10.16 50.40
C ALA B 259 -15.73 8.72 50.89
N LYS B 260 -14.60 8.11 51.24
CA LYS B 260 -14.61 6.72 51.68
C LYS B 260 -15.33 6.52 53.02
N GLU B 261 -15.03 7.41 53.98
CA GLU B 261 -15.70 7.39 55.26
C GLU B 261 -17.18 7.55 55.11
N LYS B 262 -17.57 8.64 54.45
CA LYS B 262 -18.98 8.89 54.21
C LYS B 262 -19.65 7.68 53.56
N ARG B 263 -18.96 7.04 52.63
CA ARG B 263 -19.48 5.82 52.03
C ARG B 263 -19.79 4.78 53.09
N ARG B 264 -18.79 4.43 53.88
CA ARG B 264 -18.96 3.48 54.96
C ARG B 264 -20.16 3.79 55.85
N GLN B 265 -20.24 5.04 56.27
CA GLN B 265 -21.33 5.49 57.13
C GLN B 265 -22.68 5.24 56.50
N VAL B 266 -22.88 5.74 55.30
CA VAL B 266 -24.18 5.62 54.66
C VAL B 266 -24.51 4.16 54.41
N GLU B 267 -23.48 3.32 54.28
CA GLU B 267 -23.71 1.87 54.23
C GLU B 267 -24.23 1.30 55.55
N ALA B 268 -23.65 1.74 56.66
CA ALA B 268 -24.12 1.31 57.99
C ALA B 268 -25.58 1.73 58.20
N LEU B 269 -25.89 2.98 57.85
CA LEU B 269 -27.27 3.49 57.95
C LEU B 269 -28.24 2.68 57.07
N TYR B 270 -27.77 2.36 55.87
CA TYR B 270 -28.49 1.46 54.98
C TYR B 270 -28.79 0.13 55.67
N ARG B 271 -27.82 -0.36 56.43
CA ARG B 271 -27.96 -1.64 57.13
C ARG B 271 -28.91 -1.58 58.34
N LEU B 272 -28.98 -0.44 59.00
CA LEU B 272 -29.95 -0.25 60.09
C LEU B 272 -31.37 -0.12 59.54
N GLN B 273 -31.51 0.62 58.42
CA GLN B 273 -32.80 0.83 57.77
C GLN B 273 -33.41 -0.48 57.25
N GLY B 274 -32.58 -1.52 57.13
CA GLY B 274 -33.02 -2.82 56.67
C GLY B 274 -33.05 -3.85 57.79
N LYS C 36 21.45 -24.39 3.72
CA LYS C 36 20.29 -24.61 4.56
C LYS C 36 19.84 -26.07 4.52
N ASN C 37 19.95 -26.74 5.67
CA ASN C 37 19.64 -28.16 5.77
C ASN C 37 18.14 -28.38 5.74
N ARG C 38 17.67 -29.15 4.77
CA ARG C 38 16.25 -29.45 4.66
C ARG C 38 15.91 -30.79 5.31
N ALA C 39 16.89 -31.43 5.94
CA ALA C 39 16.74 -32.83 6.33
C ALA C 39 15.67 -33.03 7.39
N ALA C 40 14.66 -33.84 7.05
CA ALA C 40 13.63 -34.31 7.98
C ALA C 40 13.12 -33.22 8.93
N ARG C 41 12.96 -32.01 8.40
CA ARG C 41 12.70 -30.82 9.23
C ARG C 41 11.32 -30.29 8.94
N VAL C 42 10.76 -29.55 9.88
CA VAL C 42 9.47 -28.93 9.65
C VAL C 42 9.59 -27.43 9.77
N ARG C 43 9.25 -26.75 8.69
CA ARG C 43 9.46 -25.31 8.58
C ARG C 43 8.57 -24.51 9.49
N VAL C 44 9.06 -23.32 9.84
CA VAL C 44 8.29 -22.38 10.62
C VAL C 44 7.21 -21.75 9.74
N SER C 45 5.98 -21.85 10.23
CA SER C 45 4.80 -21.37 9.54
C SER C 45 4.50 -19.94 9.96
N LYS C 46 3.29 -19.48 9.65
CA LYS C 46 2.76 -18.26 10.24
C LYS C 46 2.63 -18.43 11.77
N GLY C 47 2.90 -19.63 12.25
CA GLY C 47 2.96 -19.92 13.67
C GLY C 47 1.76 -20.72 14.16
N ASP C 48 0.87 -21.08 13.25
CA ASP C 48 -0.36 -21.79 13.64
C ASP C 48 -0.29 -23.31 13.50
N LYS C 49 0.84 -23.81 12.99
CA LYS C 49 0.93 -25.21 12.59
C LYS C 49 1.23 -26.17 13.74
N PRO C 50 0.32 -27.13 13.97
CA PRO C 50 0.47 -28.13 15.03
C PRO C 50 1.64 -29.07 14.79
N VAL C 51 2.46 -29.33 15.80
CA VAL C 51 3.61 -30.21 15.60
C VAL C 51 3.85 -31.25 16.70
N THR C 52 3.86 -32.51 16.28
CA THR C 52 4.28 -33.66 17.09
C THR C 52 5.68 -33.47 17.69
N TYR C 53 5.90 -33.90 18.93
CA TYR C 53 7.21 -33.78 19.59
C TYR C 53 8.37 -34.29 18.74
N GLU C 54 8.11 -35.33 17.97
CA GLU C 54 9.14 -35.90 17.12
C GLU C 54 9.47 -35.02 15.93
N GLU C 55 8.44 -34.59 15.21
CA GLU C 55 8.61 -33.75 14.05
C GLU C 55 9.10 -32.34 14.39
N ALA C 56 9.14 -32.02 15.68
CA ALA C 56 9.66 -30.72 16.09
C ALA C 56 11.11 -30.81 16.52
N HIS C 57 11.67 -32.00 16.48
CA HIS C 57 13.07 -32.09 16.86
C HIS C 57 13.98 -32.62 15.78
N ALA C 58 14.79 -31.69 15.28
CA ALA C 58 15.57 -31.84 14.05
C ALA C 58 16.72 -32.88 14.15
N PRO C 59 17.15 -33.43 13.00
CA PRO C 59 18.08 -34.56 12.95
C PRO C 59 19.29 -34.49 13.88
N HIS C 60 19.88 -33.32 14.05
CA HIS C 60 21.05 -33.25 14.90
C HIS C 60 20.69 -33.57 16.35
N TYR C 61 19.40 -33.67 16.64
CA TYR C 61 18.95 -33.87 18.01
C TYR C 61 18.85 -35.33 18.44
N ILE C 62 18.93 -36.27 17.50
CA ILE C 62 18.84 -37.69 17.83
C ILE C 62 19.89 -38.02 18.86
N ALA C 63 19.47 -38.79 19.85
CA ALA C 63 20.32 -39.27 20.94
C ALA C 63 20.67 -38.17 21.94
N HIS C 64 20.21 -36.96 21.68
CA HIS C 64 20.41 -35.86 22.61
C HIS C 64 19.12 -35.57 23.35
N ARG C 65 18.06 -35.29 22.59
CA ARG C 65 16.74 -35.16 23.19
C ARG C 65 15.81 -36.27 22.70
N LYS C 66 15.61 -36.30 21.40
CA LYS C 66 14.87 -37.35 20.69
C LYS C 66 15.48 -38.74 20.93
N GLY C 67 14.68 -39.78 20.84
CA GLY C 67 15.20 -41.14 20.93
C GLY C 67 15.21 -41.82 19.56
N TRP C 68 15.53 -43.12 19.52
CA TRP C 68 15.45 -43.89 18.28
C TRP C 68 14.09 -44.55 18.10
N LEU C 69 13.55 -44.44 16.91
CA LEU C 69 12.24 -45.02 16.61
C LEU C 69 12.20 -46.53 16.56
N SER C 70 13.35 -47.13 16.32
CA SER C 70 13.49 -48.59 16.30
C SER C 70 14.56 -49.02 17.28
N LEU C 71 14.55 -50.29 17.64
CA LEU C 71 15.64 -50.86 18.41
C LEU C 71 15.92 -52.26 17.95
N HIS C 72 17.17 -52.53 17.63
CA HIS C 72 17.59 -53.90 17.44
C HIS C 72 19.08 -53.99 17.59
N THR C 73 19.55 -55.22 17.69
CA THR C 73 20.94 -55.49 17.90
C THR C 73 21.83 -55.06 16.72
N GLY C 74 21.29 -55.09 15.52
CA GLY C 74 22.12 -55.11 14.31
C GLY C 74 23.25 -54.12 14.03
N ASN C 75 23.25 -52.94 14.65
CA ASN C 75 24.28 -51.94 14.39
C ASN C 75 25.41 -51.86 15.38
N LEU C 76 25.35 -52.70 16.40
CA LEU C 76 26.42 -52.80 17.37
C LEU C 76 27.68 -53.38 16.72
N ASP C 77 28.82 -53.23 17.40
CA ASP C 77 30.11 -53.54 16.80
C ASP C 77 30.23 -54.88 16.09
N GLY C 78 29.96 -55.97 16.80
CA GLY C 78 30.22 -57.31 16.30
C GLY C 78 29.07 -58.01 15.60
N GLU C 79 28.12 -57.27 15.04
CA GLU C 79 26.83 -57.86 14.73
C GLU C 79 26.46 -57.98 13.25
N ASP C 80 25.53 -58.89 13.00
CA ASP C 80 25.20 -59.36 11.66
C ASP C 80 23.76 -59.04 11.26
N HIS C 81 23.51 -59.03 9.96
CA HIS C 81 22.15 -58.91 9.41
C HIS C 81 21.46 -57.60 9.72
N ALA C 82 22.20 -56.51 9.84
CA ALA C 82 21.57 -55.22 10.13
C ALA C 82 20.60 -54.89 9.02
N ALA C 83 20.99 -55.24 7.80
CA ALA C 83 20.23 -54.85 6.61
C ALA C 83 18.81 -55.39 6.62
N GLU C 84 18.68 -56.63 7.07
CA GLU C 84 17.41 -57.32 7.06
C GLU C 84 16.42 -56.62 7.94
N ARG C 85 16.88 -56.24 9.13
CA ARG C 85 16.01 -55.56 10.09
C ARG C 85 15.64 -54.16 9.58
N THR C 86 16.45 -53.63 8.67
CA THR C 86 16.15 -52.35 8.04
C THR C 86 15.06 -52.45 6.95
N VAL C 87 15.21 -53.41 6.03
CA VAL C 87 14.17 -53.64 5.03
C VAL C 87 12.86 -53.91 5.75
N GLU C 88 12.95 -54.85 6.69
CA GLU C 88 11.86 -55.30 7.54
C GLU C 88 11.14 -54.15 8.21
N ASP C 89 11.90 -53.33 8.93
CA ASP C 89 11.39 -52.11 9.55
C ASP C 89 10.62 -51.25 8.53
N VAL C 90 11.29 -50.88 7.43
CA VAL C 90 10.68 -50.05 6.38
C VAL C 90 9.31 -50.58 5.96
N PHE C 91 9.27 -51.88 5.65
CA PHE C 91 8.05 -52.51 5.22
C PHE C 91 6.96 -52.44 6.29
N LEU C 92 7.34 -52.51 7.57
CA LEU C 92 6.33 -52.42 8.62
C LEU C 92 5.81 -51.00 8.84
N ARG C 93 6.65 -49.99 8.54
CA ARG C 93 6.17 -48.61 8.46
C ARG C 93 5.06 -48.46 7.42
N LYS C 94 5.38 -48.85 6.18
CA LYS C 94 4.39 -48.78 5.10
C LYS C 94 3.13 -49.62 5.33
N PHE C 95 3.33 -50.84 5.79
CA PHE C 95 2.26 -51.77 6.18
C PHE C 95 1.28 -51.20 7.22
N MET C 96 1.79 -50.70 8.35
CA MET C 96 0.94 -50.09 9.35
C MET C 96 0.26 -48.82 8.89
N LEU C 97 0.94 -48.05 8.04
CA LEU C 97 0.30 -46.86 7.50
C LEU C 97 -0.87 -47.25 6.59
N GLY C 98 -0.75 -48.40 5.92
CA GLY C 98 -1.77 -48.82 4.97
C GLY C 98 -2.92 -49.67 5.48
N THR C 99 -2.66 -50.43 6.54
CA THR C 99 -3.67 -51.29 7.15
C THR C 99 -4.57 -50.47 8.07
N PHE C 100 -4.03 -49.37 8.59
CA PHE C 100 -4.73 -48.53 9.56
C PHE C 100 -4.93 -47.10 9.07
N PRO C 101 -5.86 -46.90 8.12
CA PRO C 101 -5.95 -45.62 7.41
C PRO C 101 -6.42 -44.46 8.28
N GLY C 102 -5.72 -43.34 8.19
CA GLY C 102 -6.16 -42.08 8.77
C GLY C 102 -6.16 -42.05 10.28
N CYS C 103 -5.95 -43.22 10.89
CA CYS C 103 -5.98 -43.37 12.33
C CYS C 103 -4.62 -43.38 13.01
N LEU C 104 -3.54 -43.30 12.22
CA LEU C 104 -2.20 -43.37 12.78
C LEU C 104 -1.80 -42.01 13.34
N ALA C 105 -1.32 -41.98 14.58
CA ALA C 105 -0.99 -40.72 15.25
C ALA C 105 0.44 -40.25 14.98
N ASP C 106 1.41 -40.95 15.56
CA ASP C 106 2.83 -40.59 15.38
C ASP C 106 3.59 -41.76 14.82
N GLN C 107 4.82 -41.52 14.38
CA GLN C 107 5.62 -42.55 13.76
C GLN C 107 5.72 -43.79 14.65
N LEU C 108 5.83 -44.95 14.01
CA LEU C 108 5.57 -46.26 14.62
C LEU C 108 6.79 -46.94 15.27
N VAL C 109 6.64 -47.37 16.52
CA VAL C 109 7.82 -47.69 17.32
C VAL C 109 8.11 -49.20 17.34
N LEU C 110 9.16 -49.62 16.64
CA LEU C 110 9.47 -51.04 16.56
C LEU C 110 10.51 -51.44 17.58
N LYS C 111 10.31 -52.59 18.20
CA LYS C 111 11.34 -53.19 19.04
C LYS C 111 11.52 -54.64 18.65
N ARG C 112 12.75 -55.11 18.69
CA ARG C 112 13.00 -56.50 18.41
C ARG C 112 13.58 -57.09 19.67
N ARG C 113 12.94 -58.12 20.19
CA ARG C 113 13.47 -58.76 21.37
C ARG C 113 13.47 -60.28 21.19
N ALA C 114 14.66 -60.86 21.16
CA ALA C 114 14.86 -62.29 21.15
C ALA C 114 13.93 -62.99 20.16
N ASN C 115 13.93 -62.49 18.93
CA ASN C 115 13.22 -63.06 17.78
C ASN C 115 11.75 -62.66 17.66
N GLN C 116 11.19 -62.03 18.67
CA GLN C 116 9.82 -61.55 18.53
C GLN C 116 9.83 -60.04 18.27
N LEU C 117 8.90 -59.55 17.46
CA LEU C 117 8.72 -58.10 17.26
C LEU C 117 7.70 -57.57 18.24
N GLU C 118 8.02 -56.41 18.83
CA GLU C 118 7.04 -55.70 19.62
C GLU C 118 6.78 -54.39 18.89
N ILE C 119 5.60 -54.29 18.28
CA ILE C 119 5.27 -53.11 17.51
C ILE C 119 4.31 -52.22 18.30
N CYS C 120 4.81 -51.09 18.76
CA CYS C 120 3.95 -50.15 19.46
C CYS C 120 3.46 -49.09 18.49
N ALA C 121 2.21 -48.69 18.64
CA ALA C 121 1.69 -47.60 17.85
C ALA C 121 0.94 -46.61 18.71
N LEU C 122 1.13 -45.33 18.43
CA LEU C 122 0.18 -44.34 18.87
C LEU C 122 -0.90 -44.27 17.80
N VAL C 123 -2.13 -44.57 18.19
CA VAL C 123 -3.22 -44.59 17.23
C VAL C 123 -4.34 -43.64 17.69
N LEU C 124 -4.83 -42.83 16.75
CA LEU C 124 -5.91 -41.89 17.00
C LEU C 124 -7.25 -42.63 17.09
N ARG C 125 -8.21 -42.10 17.85
CA ARG C 125 -9.51 -42.79 17.93
C ARG C 125 -10.48 -42.27 16.87
N GLN C 126 -10.72 -43.15 15.89
CA GLN C 126 -11.60 -42.86 14.77
C GLN C 126 -12.55 -44.03 14.66
N LEU C 127 -11.95 -45.19 14.40
CA LEU C 127 -12.66 -46.45 14.31
C LEU C 127 -13.49 -46.82 15.54
N PRO C 128 -14.62 -47.52 15.32
CA PRO C 128 -15.32 -48.25 16.37
C PRO C 128 -14.57 -49.52 16.76
N PRO C 129 -14.37 -49.75 18.06
CA PRO C 129 -13.39 -50.70 18.62
C PRO C 129 -13.35 -52.11 17.95
N HIS C 130 -14.49 -52.61 17.48
CA HIS C 130 -14.56 -53.90 16.81
C HIS C 130 -13.54 -53.97 15.69
N LYS C 131 -13.59 -52.97 14.82
CA LYS C 131 -12.69 -52.85 13.70
C LYS C 131 -11.23 -52.83 14.16
N PHE C 132 -10.96 -52.12 15.26
CA PHE C 132 -9.62 -52.09 15.84
C PHE C 132 -9.12 -53.51 16.15
N TYR C 133 -9.94 -54.32 16.84
CA TYR C 133 -9.50 -55.68 17.18
C TYR C 133 -9.42 -56.60 15.94
N PHE C 134 -10.34 -56.41 14.99
CA PHE C 134 -10.26 -57.10 13.69
C PHE C 134 -8.87 -56.92 13.12
N LEU C 135 -8.41 -55.67 13.10
CA LEU C 135 -7.14 -55.36 12.48
C LEU C 135 -5.96 -55.77 13.33
N VAL C 136 -6.16 -55.84 14.64
CA VAL C 136 -5.13 -56.38 15.52
C VAL C 136 -4.84 -57.84 15.16
N GLY C 137 -5.88 -58.67 15.18
CA GLY C 137 -5.72 -60.07 14.81
C GLY C 137 -5.16 -60.22 13.41
N TYR C 138 -5.74 -59.46 12.49
CA TYR C 138 -5.33 -59.47 11.09
C TYR C 138 -3.84 -59.22 10.92
N SER C 139 -3.38 -58.12 11.49
CA SER C 139 -1.98 -57.74 11.44
C SER C 139 -1.07 -58.79 12.05
N GLU C 140 -1.30 -59.13 13.32
CA GLU C 140 -0.41 -60.06 14.03
C GLU C 140 -0.26 -61.33 13.24
N THR C 141 -1.38 -61.94 12.87
CA THR C 141 -1.34 -63.19 12.13
C THR C 141 -0.54 -63.01 10.84
N LEU C 142 -0.98 -62.06 10.02
CA LEU C 142 -0.39 -61.87 8.70
C LEU C 142 1.12 -61.67 8.74
N LEU C 143 1.57 -60.74 9.58
CA LEU C 143 2.98 -60.45 9.75
C LEU C 143 3.76 -61.66 10.26
N SER C 144 3.26 -62.29 11.34
CA SER C 144 3.89 -63.48 11.90
C SER C 144 4.17 -64.52 10.84
N HIS C 145 3.23 -64.69 9.94
CA HIS C 145 3.42 -65.67 8.88
C HIS C 145 4.27 -65.13 7.74
N PHE C 146 4.38 -63.81 7.64
CA PHE C 146 5.28 -63.24 6.65
C PHE C 146 6.75 -63.27 7.05
N TYR C 147 7.05 -62.80 8.25
CA TYR C 147 8.43 -62.74 8.73
C TYR C 147 8.85 -63.99 9.45
N LYS C 148 7.94 -64.96 9.51
CA LYS C 148 8.20 -66.27 10.11
C LYS C 148 8.75 -66.14 11.53
N CYS C 149 8.30 -65.12 12.25
CA CYS C 149 8.61 -64.95 13.67
C CYS C 149 7.42 -64.27 14.36
N PRO C 150 7.20 -64.61 15.63
CA PRO C 150 6.00 -64.18 16.36
C PRO C 150 5.94 -62.68 16.59
N VAL C 151 4.81 -62.09 16.24
CA VAL C 151 4.64 -60.65 16.35
C VAL C 151 3.68 -60.31 17.47
N HIS C 152 4.02 -59.25 18.17
CA HIS C 152 3.19 -58.75 19.23
C HIS C 152 2.82 -57.31 18.91
N LEU C 153 1.54 -57.00 19.05
CA LEU C 153 1.05 -55.69 18.66
C LEU C 153 0.50 -54.91 19.84
N HIS C 154 0.75 -53.60 19.87
CA HIS C 154 0.17 -52.77 20.93
C HIS C 154 -0.38 -51.46 20.41
N LEU C 155 -1.64 -51.21 20.68
CA LEU C 155 -2.24 -49.94 20.31
C LEU C 155 -2.47 -49.09 21.53
N GLN C 156 -1.83 -47.92 21.57
CA GLN C 156 -2.21 -46.94 22.58
C GLN C 156 -3.03 -45.85 21.90
N THR C 157 -4.27 -45.69 22.35
CA THR C 157 -5.22 -44.82 21.70
C THR C 157 -5.17 -43.42 22.28
N VAL C 158 -5.24 -42.42 21.41
CA VAL C 158 -5.12 -41.04 21.86
C VAL C 158 -6.22 -40.19 21.23
N PRO C 159 -6.85 -39.29 22.02
CA PRO C 159 -7.99 -38.47 21.59
C PRO C 159 -7.68 -37.54 20.43
N SER C 160 -6.50 -36.95 20.45
CA SER C 160 -6.07 -36.06 19.38
C SER C 160 -4.54 -36.04 19.32
N LYS C 161 -3.96 -35.75 18.15
CA LYS C 161 -2.51 -35.72 18.01
C LYS C 161 -1.90 -34.83 19.08
N VAL C 162 -0.90 -35.34 19.79
CA VAL C 162 -0.28 -34.53 20.83
C VAL C 162 0.41 -33.36 20.17
N VAL C 163 0.26 -32.18 20.77
CA VAL C 163 0.91 -30.99 20.22
C VAL C 163 2.07 -30.57 21.10
N TYR C 164 3.26 -30.66 20.55
CA TYR C 164 4.44 -30.20 21.23
C TYR C 164 4.63 -28.70 21.08
N LYS C 165 4.37 -28.19 19.88
CA LYS C 165 4.64 -26.78 19.63
C LYS C 165 3.60 -26.10 18.73
N TYR C 166 3.65 -24.77 18.75
CA TYR C 166 2.69 -23.88 18.12
C TYR C 166 1.29 -24.13 18.66
N ILE C 167 0.30 -24.13 17.77
CA ILE C 167 -1.11 -24.25 18.15
C ILE C 167 -1.53 -23.23 19.22
N SER D 88 8.64 -52.52 -6.01
CA SER D 88 8.03 -51.24 -6.40
C SER D 88 7.04 -50.76 -5.37
N PHE D 89 6.68 -51.65 -4.45
CA PHE D 89 5.96 -51.22 -3.27
C PHE D 89 6.90 -50.35 -2.46
N PHE D 90 8.19 -50.65 -2.56
CA PHE D 90 9.20 -49.90 -1.85
C PHE D 90 9.40 -48.51 -2.41
N THR D 91 9.11 -48.39 -3.69
CA THR D 91 9.33 -47.14 -4.40
C THR D 91 8.24 -46.10 -4.10
N LYS D 92 7.03 -46.56 -3.80
CA LYS D 92 5.89 -45.67 -3.58
C LYS D 92 6.01 -44.86 -2.27
N LEU D 93 5.04 -43.98 -2.03
CA LEU D 93 5.15 -42.94 -0.99
C LEU D 93 3.85 -42.69 -0.21
N THR D 94 3.89 -41.69 0.68
CA THR D 94 2.72 -41.18 1.41
C THR D 94 1.93 -40.18 0.54
N ALA D 95 0.62 -40.03 0.82
CA ALA D 95 -0.24 -39.17 0.01
C ALA D 95 0.18 -37.70 0.06
N ASP D 96 0.35 -37.19 1.28
CA ASP D 96 0.68 -35.79 1.51
C ASP D 96 1.86 -35.31 0.68
N GLU D 97 2.93 -36.10 0.71
CA GLU D 97 4.13 -35.81 -0.06
C GLU D 97 3.77 -35.62 -1.52
N LEU D 98 2.96 -36.54 -2.03
CA LEU D 98 2.54 -36.51 -3.41
C LEU D 98 1.73 -35.27 -3.74
N TRP D 99 0.94 -34.81 -2.79
CA TRP D 99 0.14 -33.61 -3.04
C TRP D 99 0.98 -32.33 -2.95
N LYS D 100 1.98 -32.32 -2.06
CA LYS D 100 2.94 -31.23 -2.03
C LYS D 100 3.57 -31.12 -3.41
N GLY D 101 4.17 -32.22 -3.83
CA GLY D 101 4.84 -32.26 -5.12
C GLY D 101 3.92 -32.36 -6.31
N ALA D 102 2.63 -32.22 -6.09
CA ALA D 102 1.70 -32.09 -7.20
C ALA D 102 1.30 -30.63 -7.32
N LEU D 103 0.70 -30.13 -6.24
CA LEU D 103 0.22 -28.76 -6.14
C LEU D 103 1.23 -27.73 -6.61
N ALA D 104 2.45 -27.90 -6.11
CA ALA D 104 3.55 -26.96 -6.32
C ALA D 104 3.29 -25.56 -5.74
N GLU D 105 3.31 -25.48 -4.41
CA GLU D 105 3.54 -24.21 -3.74
C GLU D 105 4.88 -24.30 -3.01
N SER D 106 5.88 -23.60 -3.53
CA SER D 106 7.25 -23.72 -3.03
C SER D 106 7.59 -22.63 -2.01
N ARG D 122 -5.91 -27.59 -7.33
CA ARG D 122 -6.56 -27.69 -6.02
C ARG D 122 -6.52 -29.13 -5.52
N ARG D 123 -6.47 -29.30 -4.20
CA ARG D 123 -6.22 -30.61 -3.58
C ARG D 123 -7.47 -31.46 -3.40
N LYS D 124 -7.50 -32.63 -4.03
CA LYS D 124 -8.59 -33.57 -3.79
C LYS D 124 -8.09 -34.66 -2.86
N ASP D 125 -8.98 -35.17 -2.00
CA ASP D 125 -8.56 -36.18 -1.03
C ASP D 125 -9.08 -37.56 -1.38
N LEU D 126 -8.21 -38.54 -1.21
CA LEU D 126 -8.56 -39.91 -1.50
C LEU D 126 -9.00 -40.61 -0.23
N ASN D 127 -9.03 -39.87 0.87
CA ASN D 127 -9.50 -40.41 2.14
C ASN D 127 -11.03 -40.38 2.22
N ARG D 128 -11.66 -39.75 1.23
CA ARG D 128 -13.11 -39.58 1.24
C ARG D 128 -13.80 -40.64 0.40
N GLY D 129 -14.77 -41.31 1.01
CA GLY D 129 -15.60 -42.26 0.30
C GLY D 129 -15.26 -43.72 0.50
N GLN D 130 -14.03 -44.01 0.93
CA GLN D 130 -13.65 -45.40 1.10
C GLN D 130 -13.75 -45.84 2.55
N ILE D 131 -14.55 -46.87 2.78
CA ILE D 131 -14.71 -47.43 4.10
C ILE D 131 -13.61 -48.46 4.31
N ILE D 132 -13.56 -49.04 5.50
CA ILE D 132 -12.58 -50.06 5.84
C ILE D 132 -13.02 -51.36 5.19
N GLY D 133 -12.08 -52.14 4.70
CA GLY D 133 -12.41 -53.41 4.08
C GLY D 133 -13.07 -53.26 2.72
N GLU D 134 -13.40 -52.04 2.34
CA GLU D 134 -13.93 -51.77 1.01
C GLU D 134 -12.99 -52.26 -0.08
N GLY D 135 -13.48 -53.08 -1.02
CA GLY D 135 -12.62 -53.64 -2.04
C GLY D 135 -13.30 -53.97 -3.37
N ARG D 136 -12.51 -54.02 -4.43
CA ARG D 136 -13.02 -54.30 -5.77
C ARG D 136 -13.28 -55.81 -5.99
N HIS D 137 -12.55 -56.66 -5.28
CA HIS D 137 -12.77 -58.11 -5.36
C HIS D 137 -13.92 -58.51 -4.47
N GLY D 138 -14.48 -57.52 -3.79
CA GLY D 138 -15.77 -57.66 -3.14
C GLY D 138 -15.89 -58.71 -2.05
N PHE D 139 -15.05 -58.60 -1.02
CA PHE D 139 -15.18 -59.47 0.14
C PHE D 139 -15.89 -58.76 1.29
N LEU D 140 -16.76 -59.49 1.98
CA LEU D 140 -17.43 -58.94 3.14
C LEU D 140 -16.77 -59.46 4.40
N TRP D 141 -15.99 -58.61 5.05
CA TRP D 141 -15.22 -59.05 6.19
C TRP D 141 -16.05 -58.79 7.45
N PRO D 142 -16.20 -59.84 8.29
CA PRO D 142 -17.03 -59.93 9.49
C PRO D 142 -16.98 -58.73 10.43
N GLY D 143 -15.86 -58.01 10.47
CA GLY D 143 -15.76 -56.85 11.34
C GLY D 143 -15.86 -55.48 10.69
N LEU D 144 -15.88 -55.44 9.36
CA LEU D 144 -15.73 -54.18 8.65
C LEU D 144 -16.88 -53.83 7.69
N ASN D 145 -16.98 -54.59 6.59
CA ASN D 145 -18.08 -54.43 5.64
C ASN D 145 -19.45 -54.66 6.28
N ILE D 146 -19.46 -55.59 7.23
CA ILE D 146 -20.69 -56.10 7.82
C ILE D 146 -20.57 -56.09 9.35
N PRO D 147 -21.66 -55.80 10.06
CA PRO D 147 -21.66 -55.95 11.52
C PRO D 147 -21.29 -57.39 11.93
N LEU D 148 -20.67 -57.56 13.09
CA LEU D 148 -20.06 -58.85 13.45
C LEU D 148 -21.03 -60.02 13.53
N MET D 149 -22.29 -59.71 13.77
CA MET D 149 -23.31 -60.73 13.95
C MET D 149 -24.63 -60.37 13.26
N ARG D 150 -25.34 -61.43 12.88
CA ARG D 150 -26.67 -61.37 12.28
C ARG D 150 -27.61 -62.02 13.31
N ASN D 151 -28.84 -62.30 12.93
CA ASN D 151 -29.73 -63.09 13.81
C ASN D 151 -28.98 -64.30 14.36
N GLY D 152 -28.26 -64.99 13.49
CA GLY D 152 -27.27 -65.97 13.90
C GLY D 152 -25.91 -65.33 14.12
N ALA D 153 -25.15 -65.86 15.07
CA ALA D 153 -23.88 -65.27 15.48
C ALA D 153 -22.73 -65.57 14.51
N VAL D 154 -21.72 -64.70 14.53
CA VAL D 154 -20.44 -64.96 13.86
C VAL D 154 -20.59 -65.26 12.37
N GLN D 155 -20.92 -64.25 11.59
CA GLN D 155 -20.97 -64.41 10.14
C GLN D 155 -19.59 -64.82 9.65
N THR D 156 -19.54 -65.59 8.56
CA THR D 156 -18.27 -66.04 8.02
C THR D 156 -17.79 -65.04 6.96
N ILE D 157 -16.67 -65.35 6.33
CA ILE D 157 -16.08 -64.49 5.31
C ILE D 157 -16.77 -64.72 3.97
N ALA D 158 -17.42 -63.68 3.46
CA ALA D 158 -18.30 -63.84 2.32
C ALA D 158 -17.97 -62.89 1.17
N GLN D 159 -18.41 -63.28 -0.02
CA GLN D 159 -18.14 -62.54 -1.25
C GLN D 159 -19.44 -62.16 -1.94
N ARG D 160 -19.61 -60.88 -2.28
CA ARG D 160 -20.82 -60.46 -2.97
C ARG D 160 -20.86 -60.97 -4.40
N SER D 161 -21.93 -60.63 -5.10
CA SER D 161 -22.15 -61.07 -6.48
C SER D 161 -21.29 -60.27 -7.43
N LYS D 162 -21.43 -60.53 -8.73
CA LYS D 162 -20.87 -59.63 -9.72
C LYS D 162 -21.65 -58.33 -9.72
N GLU D 163 -22.98 -58.46 -9.77
CA GLU D 163 -23.86 -57.30 -9.90
C GLU D 163 -23.94 -56.45 -8.62
N ASP D 164 -23.91 -57.08 -7.44
CA ASP D 164 -23.88 -56.30 -6.19
C ASP D 164 -22.65 -55.38 -6.17
N GLN D 165 -21.53 -55.90 -6.67
CA GLN D 165 -20.30 -55.13 -6.79
C GLN D 165 -20.41 -54.05 -7.87
N GLU D 166 -21.00 -54.38 -9.02
CA GLU D 166 -21.22 -53.38 -10.07
C GLU D 166 -22.01 -52.20 -9.50
N LYS D 167 -22.96 -52.52 -8.62
CA LYS D 167 -23.77 -51.51 -7.95
C LYS D 167 -22.96 -50.67 -6.95
N VAL D 168 -22.21 -51.30 -6.04
CA VAL D 168 -21.41 -50.52 -5.07
C VAL D 168 -20.39 -49.61 -5.79
N GLU D 169 -19.81 -50.13 -6.87
CA GLU D 169 -18.88 -49.35 -7.70
C GLU D 169 -19.59 -48.17 -8.36
N ALA D 170 -20.78 -48.42 -8.89
CA ALA D 170 -21.62 -47.34 -9.42
C ALA D 170 -21.86 -46.30 -8.34
N ASP D 171 -22.01 -46.74 -7.09
CA ASP D 171 -22.25 -45.85 -5.96
C ASP D 171 -21.07 -44.93 -5.68
N MET D 172 -19.87 -45.51 -5.66
CA MET D 172 -18.66 -44.72 -5.47
C MET D 172 -18.43 -43.75 -6.64
N VAL D 173 -18.69 -44.20 -7.87
CA VAL D 173 -18.61 -43.35 -9.06
C VAL D 173 -19.53 -42.13 -8.94
N GLN D 174 -20.81 -42.37 -8.65
CA GLN D 174 -21.77 -41.29 -8.44
C GLN D 174 -21.40 -40.39 -7.25
N GLN D 175 -20.71 -40.96 -6.26
CA GLN D 175 -20.17 -40.17 -5.16
C GLN D 175 -19.17 -39.14 -5.69
N ARG D 176 -18.19 -39.62 -6.46
CA ARG D 176 -17.18 -38.71 -7.02
C ARG D 176 -17.85 -37.64 -7.88
N GLU D 177 -18.84 -38.03 -8.68
CA GLU D 177 -19.56 -37.06 -9.51
C GLU D 177 -20.22 -35.99 -8.65
N GLU D 178 -20.91 -36.44 -7.60
CA GLU D 178 -21.52 -35.56 -6.61
C GLU D 178 -20.52 -34.56 -6.02
N TRP D 179 -19.32 -35.03 -5.66
CA TRP D 179 -18.32 -34.15 -5.08
C TRP D 179 -17.80 -33.13 -6.09
N ASP D 180 -17.61 -33.55 -7.33
CA ASP D 180 -17.15 -32.61 -8.38
C ASP D 180 -18.19 -31.50 -8.63
N ARG D 181 -19.45 -31.90 -8.77
CA ARG D 181 -20.54 -30.93 -8.88
C ARG D 181 -20.55 -29.99 -7.66
N ARG D 182 -20.34 -30.54 -6.46
CA ARG D 182 -20.32 -29.73 -5.23
C ARG D 182 -19.15 -28.76 -5.18
N ARG D 183 -18.06 -29.09 -5.86
CA ARG D 183 -16.92 -28.17 -5.95
C ARG D 183 -17.16 -27.09 -7.01
N LYS D 184 -17.90 -27.43 -8.06
CA LYS D 184 -18.17 -26.47 -9.13
C LYS D 184 -19.30 -25.48 -8.78
N MET D 185 -20.25 -25.94 -7.96
CA MET D 185 -21.37 -25.12 -7.51
C MET D 185 -20.93 -24.07 -6.48
N LYS D 186 -19.64 -24.08 -6.15
CA LYS D 186 -19.11 -23.27 -5.04
C LYS D 186 -18.91 -21.81 -5.45
N VAL D 187 -19.31 -21.47 -6.68
CA VAL D 187 -19.21 -20.08 -7.13
C VAL D 187 -20.55 -19.36 -7.01
N LYS D 188 -20.66 -18.50 -6.00
CA LYS D 188 -21.80 -17.62 -5.76
C LYS D 188 -21.33 -16.39 -4.97
N ARG D 189 -21.94 -15.24 -5.21
CA ARG D 189 -21.49 -14.00 -4.57
C ARG D 189 -22.56 -12.90 -4.56
N GLU D 190 -22.39 -11.92 -3.70
CA GLU D 190 -23.17 -10.68 -3.79
C GLU D 190 -22.23 -9.56 -4.18
N ARG D 191 -22.59 -8.76 -5.18
CA ARG D 191 -21.64 -7.78 -5.68
C ARG D 191 -21.81 -6.43 -5.00
N GLY D 192 -20.68 -5.86 -4.59
CA GLY D 192 -20.69 -4.58 -3.93
C GLY D 192 -20.99 -3.37 -4.80
N TRP D 193 -20.11 -3.06 -5.75
CA TRP D 193 -20.37 -1.90 -6.58
C TRP D 193 -20.37 -2.38 -7.98
N SER D 194 -19.20 -2.83 -8.41
CA SER D 194 -19.05 -3.42 -9.72
C SER D 194 -18.22 -4.68 -9.68
N GLY D 195 -18.84 -5.82 -9.98
CA GLY D 195 -18.06 -6.99 -10.31
C GLY D 195 -17.05 -7.28 -9.24
N ASN D 196 -15.79 -7.21 -9.67
CA ASN D 196 -14.64 -7.49 -8.82
C ASN D 196 -14.14 -6.33 -7.95
N THR D 197 -14.83 -5.18 -8.02
CA THR D 197 -14.58 -4.12 -7.04
C THR D 197 -15.15 -4.52 -5.68
N TRP D 198 -14.35 -4.45 -4.63
CA TRP D 198 -14.87 -4.79 -3.32
C TRP D 198 -15.56 -3.64 -2.63
N GLY D 199 -15.65 -2.50 -3.31
CA GLY D 199 -16.32 -1.37 -2.74
C GLY D 199 -17.78 -1.64 -2.44
N GLY D 200 -18.23 -1.28 -1.25
CA GLY D 200 -19.61 -1.47 -0.88
C GLY D 200 -20.01 -2.91 -0.54
N VAL D 201 -19.08 -3.86 -0.63
CA VAL D 201 -19.38 -5.24 -0.24
C VAL D 201 -19.61 -5.32 1.25
N SER D 202 -20.65 -6.04 1.67
CA SER D 202 -20.89 -6.28 3.10
C SER D 202 -19.82 -7.24 3.65
N LEU D 203 -19.13 -6.80 4.69
CA LEU D 203 -18.10 -7.61 5.29
C LEU D 203 -18.62 -8.50 6.43
N GLY D 204 -19.82 -8.19 6.93
CA GLY D 204 -20.44 -8.91 8.02
C GLY D 204 -20.08 -8.33 9.38
N PRO D 205 -21.01 -8.35 10.34
CA PRO D 205 -20.91 -7.62 11.61
C PRO D 205 -19.58 -7.82 12.31
N PRO D 206 -19.09 -6.76 12.98
CA PRO D 206 -17.75 -6.85 13.54
C PRO D 206 -17.70 -7.86 14.64
N ASP D 207 -16.51 -8.07 15.17
CA ASP D 207 -16.30 -9.17 16.10
C ASP D 207 -16.65 -8.73 17.50
N PRO D 208 -17.21 -9.65 18.30
CA PRO D 208 -17.49 -9.35 19.70
C PRO D 208 -16.20 -9.02 20.43
N GLY D 209 -16.18 -7.92 21.16
CA GLY D 209 -14.99 -7.51 21.88
C GLY D 209 -14.69 -8.40 23.06
N PRO D 210 -13.70 -8.00 23.87
CA PRO D 210 -13.26 -8.75 25.05
C PRO D 210 -14.28 -8.75 26.19
N ASN D 211 -15.10 -7.71 26.26
CA ASN D 211 -15.98 -7.48 27.40
C ASN D 211 -17.34 -8.14 27.25
N GLY D 212 -17.49 -8.92 26.19
CA GLY D 212 -18.76 -9.60 25.91
C GLY D 212 -19.65 -8.72 25.06
N GLU D 213 -19.21 -7.48 24.84
CA GLU D 213 -19.91 -6.52 24.00
C GLU D 213 -20.15 -7.11 22.62
N THR D 214 -21.40 -7.11 22.19
CA THR D 214 -21.72 -7.73 20.91
C THR D 214 -22.51 -6.76 20.05
N TYR D 215 -22.10 -6.68 18.79
CA TYR D 215 -22.79 -5.87 17.83
C TYR D 215 -23.36 -6.75 16.76
N ASP D 216 -24.67 -6.96 16.82
CA ASP D 216 -25.33 -7.61 15.71
C ASP D 216 -25.98 -6.52 14.89
N ASP D 217 -25.92 -5.29 15.40
CA ASP D 217 -26.63 -4.18 14.79
C ASP D 217 -25.78 -3.44 13.78
N PHE D 218 -24.48 -3.72 13.80
CA PHE D 218 -23.56 -2.94 13.02
C PHE D 218 -23.29 -3.59 11.67
N ASP D 219 -23.63 -2.89 10.60
CA ASP D 219 -23.25 -3.31 9.25
C ASP D 219 -21.91 -2.74 8.92
N THR D 220 -21.13 -3.48 8.16
CA THR D 220 -19.88 -2.98 7.66
C THR D 220 -19.86 -3.00 6.16
N ARG D 221 -19.25 -1.99 5.55
CA ARG D 221 -19.05 -1.99 4.11
C ARG D 221 -17.61 -1.66 3.78
N ILE D 222 -17.09 -2.32 2.76
CA ILE D 222 -15.75 -2.03 2.34
C ILE D 222 -15.79 -0.87 1.38
N LEU D 223 -15.10 0.19 1.74
CA LEU D 223 -14.99 1.33 0.87
C LEU D 223 -13.87 1.11 -0.14
N GLU D 224 -12.63 0.94 0.31
CA GLU D 224 -11.60 0.76 -0.70
C GLU D 224 -10.60 -0.33 -0.39
N VAL D 225 -10.53 -1.33 -1.24
CA VAL D 225 -9.49 -2.33 -1.14
C VAL D 225 -8.36 -2.01 -2.12
N ARG D 226 -7.12 -2.02 -1.66
CA ARG D 226 -6.05 -1.61 -2.54
C ARG D 226 -4.78 -2.43 -2.33
N ASN D 227 -4.16 -2.85 -3.43
CA ASN D 227 -2.88 -3.53 -3.33
C ASN D 227 -1.71 -2.55 -3.22
N VAL D 228 -1.02 -2.59 -2.09
CA VAL D 228 0.07 -1.65 -1.78
C VAL D 228 1.41 -2.37 -1.72
N PHE D 229 2.47 -1.74 -2.23
CA PHE D 229 3.76 -2.41 -2.26
C PHE D 229 4.82 -1.67 -1.48
N ASN D 230 5.90 -2.39 -1.19
CA ASN D 230 7.04 -1.84 -0.44
C ASN D 230 8.38 -2.36 -1.01
N MET D 231 9.51 -1.78 -0.60
CA MET D 231 10.80 -2.34 -1.00
C MET D 231 11.61 -2.92 0.15
N THR D 232 11.70 -4.24 0.14
CA THR D 232 12.40 -4.97 1.17
C THR D 232 13.71 -5.48 0.63
N ALA D 233 14.81 -5.14 1.29
CA ALA D 233 16.15 -5.57 0.87
C ALA D 233 16.18 -7.06 0.56
N LYS D 234 15.55 -7.84 1.42
CA LYS D 234 15.49 -9.28 1.24
C LYS D 234 14.67 -9.68 0.03
N GLU D 235 13.41 -9.29 0.05
CA GLU D 235 12.41 -9.96 -0.76
C GLU D 235 12.21 -9.31 -2.14
N GLY D 236 12.84 -8.16 -2.36
CA GLY D 236 12.43 -7.27 -3.45
C GLY D 236 11.14 -6.55 -3.09
N ARG D 237 10.15 -6.57 -3.98
CA ARG D 237 8.86 -6.00 -3.63
C ARG D 237 8.24 -6.76 -2.48
N LYS D 238 7.47 -6.07 -1.64
CA LYS D 238 6.67 -6.78 -0.65
C LYS D 238 5.22 -6.28 -0.69
N ARG D 239 4.29 -7.22 -0.86
CA ARG D 239 2.89 -6.91 -1.16
C ARG D 239 2.00 -6.94 0.07
N SER D 240 1.44 -5.80 0.42
CA SER D 240 0.43 -5.70 1.47
C SER D 240 -0.91 -5.34 0.86
N VAL D 241 -1.97 -5.66 1.58
CA VAL D 241 -3.30 -5.25 1.20
C VAL D 241 -3.80 -4.26 2.24
N ARG D 242 -4.38 -3.15 1.79
CA ARG D 242 -5.01 -2.27 2.77
C ARG D 242 -6.45 -1.96 2.37
N VAL D 243 -7.34 -2.19 3.33
CA VAL D 243 -8.75 -1.93 3.15
C VAL D 243 -9.23 -0.84 4.06
N LEU D 244 -10.00 0.07 3.49
CA LEU D 244 -10.65 1.09 4.25
C LEU D 244 -12.11 0.72 4.34
N VAL D 245 -12.59 0.63 5.57
CA VAL D 245 -13.86 0.00 5.89
C VAL D 245 -14.69 0.89 6.81
N ALA D 246 -16.00 0.96 6.58
CA ALA D 246 -16.88 1.70 7.48
C ALA D 246 -17.96 0.81 8.13
N VAL D 247 -18.44 1.25 9.29
CA VAL D 247 -19.39 0.52 10.10
C VAL D 247 -20.44 1.47 10.65
N GLY D 248 -21.69 1.02 10.74
CA GLY D 248 -22.75 1.80 11.34
C GLY D 248 -24.04 1.03 11.57
N ASN D 249 -24.84 1.46 12.54
CA ASN D 249 -26.03 0.72 12.94
C ASN D 249 -27.32 1.22 12.32
N GLY D 250 -27.23 2.32 11.56
CA GLY D 250 -28.40 2.93 10.96
C GLY D 250 -29.07 3.94 11.88
N LYS D 251 -28.68 3.89 13.14
CA LYS D 251 -29.31 4.71 14.16
C LYS D 251 -28.56 6.01 14.41
N GLY D 252 -27.55 6.28 13.59
CA GLY D 252 -26.86 7.56 13.61
C GLY D 252 -25.43 7.55 14.10
N ALA D 253 -25.00 6.46 14.72
CA ALA D 253 -23.59 6.36 15.08
C ALA D 253 -22.86 5.44 14.12
N ALA D 254 -21.71 5.90 13.64
CA ALA D 254 -20.95 5.16 12.64
C ALA D 254 -19.50 5.60 12.66
N GLY D 255 -18.64 4.84 11.99
CA GLY D 255 -17.26 5.23 11.87
C GLY D 255 -16.55 4.41 10.82
N PHE D 256 -15.24 4.54 10.74
CA PHE D 256 -14.46 3.87 9.73
C PHE D 256 -13.09 3.61 10.26
N ALA D 257 -12.39 2.66 9.67
CA ALA D 257 -10.96 2.53 9.93
C ALA D 257 -10.26 1.90 8.77
N ILE D 258 -8.95 2.03 8.80
CA ILE D 258 -8.08 1.39 7.83
C ILE D 258 -7.49 0.14 8.44
N GLY D 259 -7.24 -0.89 7.63
CA GLY D 259 -6.45 -1.99 8.12
C GLY D 259 -5.64 -2.64 7.03
N LYS D 260 -4.52 -3.22 7.43
CA LYS D 260 -3.50 -3.62 6.49
C LYS D 260 -2.84 -4.91 6.90
N ALA D 261 -2.72 -5.84 5.97
CA ALA D 261 -2.08 -7.11 6.30
C ALA D 261 -1.56 -7.76 5.03
N THR D 262 -0.71 -8.78 5.15
CA THR D 262 -0.25 -9.48 3.96
C THR D 262 -1.39 -10.19 3.24
N GLU D 263 -2.16 -10.97 3.99
CA GLU D 263 -3.30 -11.69 3.39
C GLU D 263 -4.56 -10.87 3.54
N ARG D 264 -5.30 -10.72 2.45
CA ARG D 264 -6.35 -9.72 2.44
C ARG D 264 -7.42 -10.07 3.45
N ALA D 265 -7.68 -11.36 3.63
CA ALA D 265 -8.72 -11.78 4.56
C ALA D 265 -8.45 -11.19 5.95
N ASP D 266 -7.20 -11.38 6.36
CA ASP D 266 -6.69 -10.83 7.59
C ASP D 266 -7.02 -9.33 7.70
N ALA D 267 -6.80 -8.61 6.61
CA ALA D 267 -7.00 -7.16 6.63
C ALA D 267 -8.48 -6.75 6.73
N PHE D 268 -9.38 -7.45 6.04
CA PHE D 268 -10.81 -7.23 6.24
C PHE D 268 -11.12 -7.29 7.72
N ARG D 269 -10.65 -8.37 8.35
CA ARG D 269 -10.82 -8.52 9.79
C ARG D 269 -10.33 -7.32 10.61
N LYS D 270 -9.07 -6.99 10.37
CA LYS D 270 -8.43 -5.90 11.07
C LYS D 270 -9.22 -4.59 11.00
N ALA D 271 -9.62 -4.19 9.80
CA ALA D 271 -10.38 -2.95 9.64
C ALA D 271 -11.71 -3.01 10.38
N LYS D 272 -12.42 -4.14 10.30
CA LYS D 272 -13.64 -4.30 11.08
C LYS D 272 -13.44 -3.86 12.52
N ASN D 273 -12.59 -4.63 13.18
CA ASN D 273 -12.46 -4.43 14.59
C ASN D 273 -11.96 -3.05 14.92
N ARG D 274 -10.98 -2.54 14.17
CA ARG D 274 -10.48 -1.21 14.50
C ARG D 274 -11.55 -0.13 14.30
N ALA D 275 -12.50 -0.39 13.42
CA ALA D 275 -13.48 0.63 13.07
C ALA D 275 -14.55 0.72 14.12
N VAL D 276 -14.81 -0.35 14.84
CA VAL D 276 -15.77 -0.12 15.90
C VAL D 276 -15.20 0.82 16.95
N HIS D 277 -13.89 0.91 17.02
CA HIS D 277 -13.25 1.78 18.00
C HIS D 277 -13.36 3.28 17.72
N TYR D 278 -13.58 3.67 16.48
CA TYR D 278 -13.85 5.08 16.24
C TYR D 278 -15.26 5.29 15.73
N LEU D 279 -16.14 5.77 16.59
CA LEU D 279 -17.50 6.01 16.15
C LEU D 279 -17.80 7.49 16.27
N HIS D 280 -18.57 8.02 15.35
CA HIS D 280 -19.08 9.37 15.53
C HIS D 280 -20.57 9.24 15.74
N TYR D 281 -21.16 10.16 16.48
CA TYR D 281 -22.60 10.28 16.46
C TYR D 281 -22.97 11.29 15.41
N ILE D 282 -23.85 10.90 14.50
CA ILE D 282 -24.23 11.79 13.42
C ILE D 282 -25.67 12.24 13.57
N GLU D 283 -25.85 13.53 13.80
CA GLU D 283 -27.17 14.01 14.14
C GLU D 283 -28.01 14.27 12.91
N ARG D 284 -29.17 13.62 12.87
CA ARG D 284 -30.05 13.64 11.72
C ARG D 284 -31.30 14.44 12.04
N TYR D 285 -31.76 15.23 11.07
CA TYR D 285 -33.00 15.99 11.24
C TYR D 285 -34.18 15.14 10.85
N GLU D 286 -35.09 14.96 11.80
CA GLU D 286 -36.28 14.15 11.57
C GLU D 286 -35.85 12.75 11.11
N ASP D 287 -34.63 12.39 11.51
CA ASP D 287 -34.07 11.06 11.29
C ASP D 287 -33.87 10.64 9.83
N HIS D 288 -33.77 11.58 8.89
CA HIS D 288 -33.21 11.22 7.57
C HIS D 288 -32.14 12.19 7.08
N THR D 289 -32.47 13.45 6.84
CA THR D 289 -31.49 14.31 6.21
C THR D 289 -30.41 14.76 7.14
N ILE D 290 -29.60 15.69 6.64
CA ILE D 290 -28.73 16.47 7.49
C ILE D 290 -29.52 17.71 7.91
N TYR D 291 -28.96 18.53 8.80
CA TYR D 291 -29.71 19.64 9.38
C TYR D 291 -29.80 20.85 8.48
N HIS D 292 -28.66 21.17 7.87
CA HIS D 292 -28.50 22.35 7.03
C HIS D 292 -27.43 22.01 6.02
N ASP D 293 -27.33 22.78 4.95
CA ASP D 293 -26.29 22.52 3.95
C ASP D 293 -24.88 22.50 4.54
N ILE D 294 -24.02 21.64 3.99
CA ILE D 294 -22.59 21.62 4.36
C ILE D 294 -21.65 21.76 3.17
N SER D 295 -20.87 22.84 3.17
CA SER D 295 -19.81 23.01 2.19
C SER D 295 -18.49 22.89 2.94
N LEU D 296 -17.74 21.84 2.64
CA LEU D 296 -16.54 21.61 3.41
C LEU D 296 -15.35 21.24 2.55
N LYS D 297 -14.31 22.07 2.60
CA LYS D 297 -13.06 21.73 1.94
C LYS D 297 -12.13 21.01 2.90
N PHE D 298 -11.73 19.82 2.50
CA PHE D 298 -10.79 19.04 3.28
C PHE D 298 -9.66 18.54 2.38
N LYS D 299 -8.44 19.06 2.56
CA LYS D 299 -7.27 18.53 1.85
C LYS D 299 -7.49 18.24 0.35
N ARG D 300 -7.59 19.27 -0.49
CA ARG D 300 -7.71 19.03 -1.94
C ARG D 300 -9.00 18.35 -2.39
N THR D 301 -9.88 18.02 -1.44
CA THR D 301 -11.18 17.50 -1.83
C THR D 301 -12.30 18.36 -1.28
N HIS D 302 -13.23 18.78 -2.14
CA HIS D 302 -14.35 19.55 -1.64
C HIS D 302 -15.58 18.72 -1.61
N ILE D 303 -16.29 18.85 -0.51
CA ILE D 303 -17.48 18.09 -0.33
C ILE D 303 -18.57 19.13 -0.32
N LYS D 304 -19.67 18.88 -1.01
CA LYS D 304 -20.81 19.75 -0.81
C LYS D 304 -22.09 18.96 -0.77
N MET D 305 -22.93 19.26 0.22
CA MET D 305 -24.13 18.49 0.44
C MET D 305 -25.34 19.32 0.84
N LYS D 306 -26.40 19.14 0.08
CA LYS D 306 -27.68 19.82 0.30
C LYS D 306 -28.68 18.93 1.00
N LYS D 307 -29.44 19.57 1.87
CA LYS D 307 -30.45 18.91 2.67
C LYS D 307 -31.75 18.79 1.88
N GLN D 308 -32.13 17.57 1.58
CA GLN D 308 -33.34 17.30 0.83
C GLN D 308 -34.56 17.00 1.69
N PRO D 309 -35.76 17.11 1.11
CA PRO D 309 -37.00 16.55 1.66
C PRO D 309 -37.17 15.06 1.35
N ARG D 310 -38.25 14.48 1.84
CA ARG D 310 -38.32 13.04 2.05
C ARG D 310 -38.31 12.08 0.86
N GLY D 311 -39.05 12.39 -0.20
CA GLY D 311 -39.07 11.48 -1.34
C GLY D 311 -37.74 11.32 -2.08
N TYR D 312 -36.77 12.15 -1.72
CA TYR D 312 -35.55 12.25 -2.50
C TYR D 312 -34.49 11.40 -1.83
N GLY D 313 -34.36 10.15 -2.29
CA GLY D 313 -33.36 9.25 -1.72
C GLY D 313 -31.92 9.41 -2.19
N LEU D 314 -31.01 9.70 -1.27
CA LEU D 314 -29.58 9.42 -1.43
C LEU D 314 -28.98 9.63 -2.82
N HIS D 315 -28.78 10.88 -3.21
CA HIS D 315 -28.07 11.16 -4.44
C HIS D 315 -26.63 11.55 -4.13
N CYS D 316 -25.69 10.61 -4.36
CA CYS D 316 -24.35 10.77 -3.84
C CYS D 316 -23.31 9.99 -4.58
N HIS D 317 -22.06 10.36 -4.33
CA HIS D 317 -20.93 9.55 -4.72
C HIS D 317 -21.12 8.17 -4.14
N ARG D 318 -20.78 7.12 -4.88
CA ARG D 318 -21.17 5.79 -4.47
C ARG D 318 -20.69 5.46 -3.06
N ALA D 319 -19.49 5.92 -2.73
CA ALA D 319 -18.99 5.77 -1.37
C ALA D 319 -19.90 6.44 -0.36
N ILE D 320 -20.18 7.71 -0.60
CA ILE D 320 -21.01 8.48 0.30
C ILE D 320 -22.43 7.89 0.43
N MET D 321 -22.94 7.28 -0.63
CA MET D 321 -24.19 6.55 -0.50
C MET D 321 -24.01 5.45 0.52
N THR D 322 -22.99 4.63 0.30
CA THR D 322 -22.72 3.54 1.23
C THR D 322 -22.64 4.01 2.70
N ILE D 323 -21.81 5.02 2.93
CA ILE D 323 -21.69 5.58 4.26
C ILE D 323 -23.03 6.10 4.79
N CYS D 324 -23.87 6.64 3.91
CA CYS D 324 -25.11 7.22 4.39
C CYS D 324 -26.16 6.17 4.64
N ARG D 325 -26.00 5.00 4.07
CA ARG D 325 -26.88 3.91 4.45
C ARG D 325 -26.43 3.33 5.78
N LEU D 326 -25.13 3.38 6.04
CA LEU D 326 -24.63 2.93 7.34
C LEU D 326 -24.94 3.89 8.47
N ILE D 327 -25.07 5.18 8.16
CA ILE D 327 -25.44 6.15 9.19
C ILE D 327 -26.95 6.12 9.41
N GLY D 328 -27.69 5.88 8.33
CA GLY D 328 -29.14 5.90 8.39
C GLY D 328 -29.71 7.19 7.82
N ILE D 329 -28.89 7.93 7.11
CA ILE D 329 -29.34 9.10 6.39
C ILE D 329 -30.01 8.66 5.11
N LYS D 330 -31.29 8.91 4.95
CA LYS D 330 -31.96 8.41 3.75
C LYS D 330 -32.13 9.40 2.58
N ASP D 331 -31.90 10.71 2.81
CA ASP D 331 -32.12 11.72 1.76
C ASP D 331 -31.00 12.71 1.68
N LEU D 332 -30.25 12.71 0.60
CA LEU D 332 -29.16 13.65 0.59
C LEU D 332 -28.75 14.00 -0.81
N TYR D 333 -28.30 15.24 -1.01
CA TYR D 333 -27.60 15.52 -2.25
C TYR D 333 -26.17 15.78 -1.93
N ALA D 334 -25.28 15.08 -2.59
CA ALA D 334 -23.88 15.37 -2.36
C ALA D 334 -23.05 15.29 -3.64
N LYS D 335 -22.39 16.40 -3.96
CA LYS D 335 -21.45 16.44 -5.06
C LYS D 335 -20.04 16.60 -4.50
N VAL D 336 -19.10 15.90 -5.11
CA VAL D 336 -17.71 15.97 -4.70
C VAL D 336 -16.82 16.56 -5.79
N SER D 337 -15.95 17.49 -5.37
CA SER D 337 -15.05 18.21 -6.26
C SER D 337 -13.61 17.88 -5.90
N GLY D 338 -12.73 18.06 -6.88
CA GLY D 338 -11.32 17.84 -6.67
C GLY D 338 -11.01 16.35 -6.65
N SER D 339 -10.01 15.98 -5.87
CA SER D 339 -9.56 14.61 -5.88
C SER D 339 -10.57 13.72 -5.19
N VAL D 340 -10.83 12.56 -5.79
CA VAL D 340 -11.87 11.71 -5.29
C VAL D 340 -11.39 10.63 -4.37
N ASN D 341 -10.09 10.63 -4.04
CA ASN D 341 -9.52 9.48 -3.35
C ASN D 341 -10.34 9.09 -2.12
N MET D 342 -10.53 7.79 -1.95
CA MET D 342 -11.50 7.31 -1.02
C MET D 342 -11.27 7.86 0.37
N LEU D 343 -10.07 7.68 0.91
CA LEU D 343 -9.82 7.99 2.30
C LEU D 343 -10.12 9.44 2.63
N ASN D 344 -9.51 10.39 1.92
CA ASN D 344 -9.81 11.79 2.13
C ASN D 344 -11.29 12.07 2.08
N LEU D 345 -12.00 11.34 1.22
CA LEU D 345 -13.44 11.53 1.09
C LEU D 345 -14.17 11.10 2.35
N THR D 346 -13.88 9.93 2.88
CA THR D 346 -14.64 9.51 4.04
C THR D 346 -14.23 10.35 5.24
N ARG D 347 -12.95 10.70 5.33
CA ARG D 347 -12.56 11.52 6.45
C ARG D 347 -13.30 12.83 6.37
N GLY D 348 -13.31 13.41 5.17
CA GLY D 348 -13.95 14.69 4.93
C GLY D 348 -15.40 14.65 5.31
N LEU D 349 -16.11 13.67 4.76
CA LEU D 349 -17.52 13.50 5.02
C LEU D 349 -17.83 13.38 6.51
N PHE D 350 -17.01 12.63 7.23
CA PHE D 350 -17.28 12.44 8.63
C PHE D 350 -17.02 13.68 9.47
N LEU D 351 -15.93 14.37 9.16
CA LEU D 351 -15.67 15.68 9.77
C LEU D 351 -16.85 16.60 9.56
N GLY D 352 -17.32 16.66 8.31
CA GLY D 352 -18.41 17.52 7.93
C GLY D 352 -19.74 17.20 8.60
N LEU D 353 -20.08 15.93 8.72
CA LEU D 353 -21.35 15.57 9.34
C LEU D 353 -21.27 15.61 10.86
N SER D 354 -20.06 15.70 11.41
CA SER D 354 -19.91 16.04 12.83
C SER D 354 -19.77 17.55 13.05
N ARG D 355 -19.56 18.27 11.97
CA ARG D 355 -19.47 19.74 11.96
C ARG D 355 -20.83 20.37 12.16
N GLN D 356 -21.85 19.54 12.25
CA GLN D 356 -23.23 19.98 12.23
C GLN D 356 -23.70 20.79 13.43
N GLU D 357 -24.39 21.89 13.14
CA GLU D 357 -25.04 22.71 14.17
C GLU D 357 -26.53 22.40 14.29
N THR D 358 -26.93 21.86 15.45
CA THR D 358 -28.30 21.42 15.65
C THR D 358 -29.25 22.58 16.03
N HIS D 359 -30.52 22.46 15.62
CA HIS D 359 -31.57 23.47 15.86
C HIS D 359 -31.60 23.92 17.31
N GLN D 360 -31.45 22.95 18.20
CA GLN D 360 -31.35 23.26 19.61
C GLN D 360 -30.19 24.21 19.87
N GLN D 361 -29.05 23.93 19.26
CA GLN D 361 -27.84 24.70 19.50
C GLN D 361 -27.93 26.09 18.88
N LEU D 362 -28.53 26.16 17.70
CA LEU D 362 -28.79 27.43 17.05
C LEU D 362 -29.66 28.28 17.95
N ALA D 363 -30.77 27.70 18.39
CA ALA D 363 -31.70 28.35 19.29
C ALA D 363 -30.98 28.88 20.52
N ASP D 364 -30.19 28.02 21.14
CA ASP D 364 -29.47 28.35 22.37
C ASP D 364 -28.50 29.52 22.20
N LYS D 365 -27.70 29.49 21.14
CA LYS D 365 -26.73 30.57 20.96
C LYS D 365 -27.42 31.88 20.57
N LYS D 366 -28.51 31.80 19.81
CA LYS D 366 -29.21 33.03 19.41
C LYS D 366 -30.37 33.41 20.35
N SER D 367 -30.75 32.49 21.25
CA SER D 367 -31.81 32.73 22.22
C SER D 367 -33.16 33.11 21.60
N LEU D 368 -33.44 32.57 20.41
CA LEU D 368 -34.66 32.86 19.66
C LEU D 368 -35.37 31.58 19.29
N HIS D 369 -36.61 31.70 18.84
CA HIS D 369 -37.31 30.54 18.34
C HIS D 369 -36.85 30.21 16.93
N VAL D 370 -36.77 28.92 16.60
CA VAL D 370 -36.52 28.55 15.20
C VAL D 370 -37.74 27.82 14.63
N VAL D 371 -38.11 28.33 13.45
CA VAL D 371 -39.38 28.09 12.81
C VAL D 371 -39.25 27.59 11.37
N GLU D 372 -39.74 26.36 11.15
CA GLU D 372 -39.74 25.72 9.85
C GLU D 372 -40.93 26.17 9.02
N PHE D 373 -40.66 26.71 7.84
CA PHE D 373 -41.75 27.01 6.91
C PHE D 373 -41.74 25.98 5.78
N ARG D 374 -42.70 25.08 5.84
CA ARG D 374 -42.86 24.10 4.80
C ARG D 374 -43.56 24.76 3.61
N GLU D 375 -43.29 24.29 2.41
CA GLU D 375 -43.99 24.78 1.23
C GLU D 375 -45.33 24.09 1.04
N GLU D 376 -45.36 22.79 1.29
CA GLU D 376 -46.57 22.00 1.15
C GLU D 376 -47.64 22.43 2.16
N CYS D 377 -47.19 22.89 3.32
CA CYS D 377 -48.08 23.28 4.41
C CYS D 377 -48.41 24.76 4.37
N GLY D 378 -47.96 25.46 3.32
CA GLY D 378 -48.22 26.87 3.17
C GLY D 378 -47.53 27.69 4.23
N PRO D 379 -48.16 28.80 4.64
CA PRO D 379 -47.67 29.79 5.61
C PRO D 379 -47.54 29.29 7.04
N LEU D 380 -48.10 28.13 7.35
CA LEU D 380 -48.13 27.63 8.72
C LEU D 380 -46.72 27.59 9.32
N PRO D 381 -46.51 28.36 10.39
CA PRO D 381 -45.19 28.61 11.00
C PRO D 381 -44.79 27.61 12.07
N ILE D 382 -44.59 26.35 11.66
CA ILE D 382 -44.20 25.28 12.57
C ILE D 382 -42.97 25.66 13.39
N VAL D 383 -43.04 25.49 14.70
CA VAL D 383 -41.85 25.66 15.52
C VAL D 383 -41.12 24.35 15.56
N VAL D 384 -39.81 24.42 15.39
CA VAL D 384 -38.98 23.28 15.65
C VAL D 384 -38.35 23.48 17.01
N ALA D 385 -37.59 24.56 17.19
CA ALA D 385 -36.82 24.66 18.42
C ALA D 385 -37.07 25.91 19.27
N SER D 386 -36.98 25.72 20.58
CA SER D 386 -37.14 26.79 21.54
C SER D 386 -35.91 26.90 22.42
N PRO D 387 -35.50 28.14 22.72
CA PRO D 387 -34.33 28.44 23.54
C PRO D 387 -34.56 28.24 25.02
N GLN D 388 -34.33 27.02 25.51
CA GLN D 388 -34.33 26.74 26.94
C GLN D 388 -33.49 27.78 27.67
N GLY D 389 -34.06 28.35 28.73
CA GLY D 389 -33.56 29.61 29.25
C GLY D 389 -34.37 30.75 28.68
N ALA D 390 -33.80 31.95 28.64
CA ALA D 390 -34.56 33.15 28.30
C ALA D 390 -34.66 33.42 26.80
N LEU D 391 -35.89 33.48 26.30
CA LEU D 391 -36.16 33.88 24.94
C LEU D 391 -35.98 35.38 24.79
N ARG D 392 -35.11 35.80 23.88
CA ARG D 392 -34.82 37.23 23.71
C ARG D 392 -36.05 38.06 23.34
N LYS D 393 -36.04 39.32 23.79
CA LYS D 393 -37.05 40.31 23.45
C LYS D 393 -36.59 41.14 22.25
N ASP D 394 -35.45 40.76 21.70
CA ASP D 394 -34.78 41.52 20.66
C ASP D 394 -34.99 40.91 19.26
N PRO D 395 -35.59 41.67 18.32
CA PRO D 395 -35.59 41.27 16.91
C PRO D 395 -34.19 41.31 16.32
N GLU D 396 -33.99 40.65 15.18
CA GLU D 396 -32.67 40.56 14.60
C GLU D 396 -32.59 41.29 13.27
N PRO D 397 -31.42 41.87 12.97
CA PRO D 397 -31.27 42.72 11.78
C PRO D 397 -31.63 42.01 10.49
N GLU D 398 -32.51 42.62 9.71
CA GLU D 398 -32.81 42.15 8.37
C GLU D 398 -32.09 43.03 7.36
N ASP D 399 -31.04 42.49 6.75
CA ASP D 399 -30.32 43.23 5.73
C ASP D 399 -30.96 42.98 4.39
N GLU D 400 -31.11 44.05 3.61
CA GLU D 400 -31.47 43.90 2.21
C GLU D 400 -30.35 43.14 1.52
N VAL D 401 -29.15 43.25 2.09
CA VAL D 401 -27.95 42.66 1.50
C VAL D 401 -27.15 41.81 2.51
N PRO D 402 -27.43 40.49 2.55
CA PRO D 402 -26.64 39.54 3.32
C PRO D 402 -25.28 39.31 2.67
N ASP D 403 -24.23 39.12 3.47
CA ASP D 403 -22.93 38.79 2.87
C ASP D 403 -22.55 37.34 3.14
N ILE D 404 -22.61 36.53 2.09
CA ILE D 404 -22.39 35.10 2.21
C ILE D 404 -21.49 34.62 1.09
N THR D 405 -20.66 33.61 1.35
CA THR D 405 -20.01 32.93 0.26
C THR D 405 -21.07 32.24 -0.59
N LEU D 406 -21.07 32.52 -1.88
CA LEU D 406 -22.01 31.85 -2.76
C LEU D 406 -21.26 31.02 -3.78
N ASP D 407 -21.67 29.78 -3.91
CA ASP D 407 -20.97 28.90 -4.81
C ASP D 407 -21.55 29.06 -6.19
N TRP D 408 -20.66 29.33 -7.14
CA TRP D 408 -21.06 29.61 -8.50
C TRP D 408 -21.87 28.46 -9.07
N GLU D 409 -21.66 27.26 -8.54
CA GLU D 409 -22.36 26.10 -9.06
C GLU D 409 -23.83 26.09 -8.69
N ASP D 410 -24.12 26.58 -7.49
CA ASP D 410 -25.49 26.63 -7.01
C ASP D 410 -26.27 27.71 -7.73
N VAL D 411 -25.60 28.83 -7.97
CA VAL D 411 -26.23 29.96 -8.60
C VAL D 411 -26.42 29.69 -10.09
N LYS D 412 -25.47 28.98 -10.68
CA LYS D 412 -25.57 28.51 -12.05
C LYS D 412 -26.74 27.54 -12.19
N ALA D 413 -26.88 26.65 -11.21
CA ALA D 413 -28.03 25.77 -11.12
C ALA D 413 -29.34 26.55 -11.07
N ALA D 414 -29.34 27.56 -10.23
CA ALA D 414 -30.52 28.35 -9.96
C ALA D 414 -31.16 28.97 -11.19
N GLN D 415 -30.34 29.39 -12.14
CA GLN D 415 -30.83 30.12 -13.30
C GLN D 415 -31.06 29.25 -14.55
N GLY D 416 -30.83 27.95 -14.42
CA GLY D 416 -31.09 27.03 -15.51
C GLY D 416 -29.88 26.84 -16.40
N MET D 417 -28.71 27.14 -15.84
CA MET D 417 -27.47 27.14 -16.59
C MET D 417 -26.67 25.83 -16.50
N LYS D 418 -27.22 24.83 -15.81
CA LYS D 418 -26.59 23.51 -15.82
C LYS D 418 -27.23 22.73 -16.94
N ARG D 419 -26.49 22.59 -18.04
CA ARG D 419 -27.02 21.90 -19.19
C ARG D 419 -26.45 20.49 -19.42
N SER D 420 -25.60 20.03 -18.50
CA SER D 420 -24.91 18.74 -18.65
C SER D 420 -25.91 17.61 -18.80
N VAL D 421 -25.73 16.82 -19.85
CA VAL D 421 -26.65 15.73 -20.16
C VAL D 421 -26.56 14.62 -19.16
N TRP D 422 -25.51 14.62 -18.36
CA TRP D 422 -25.38 13.60 -17.35
C TRP D 422 -26.25 13.86 -16.13
N SER D 423 -26.53 15.13 -15.87
CA SER D 423 -27.16 15.50 -14.60
C SER D 423 -28.54 14.89 -14.36
N GLY D 424 -29.49 15.20 -15.23
CA GLY D 424 -30.88 14.91 -14.95
C GLY D 424 -31.25 13.46 -15.17
N LEU D 425 -30.24 12.61 -15.27
CA LEU D 425 -30.44 11.21 -15.57
C LEU D 425 -31.31 10.45 -14.59
N LYS D 426 -32.05 9.48 -15.12
CA LYS D 426 -32.72 8.49 -14.28
C LYS D 426 -31.69 7.42 -13.90
N ARG D 427 -31.68 7.06 -12.63
CA ARG D 427 -30.75 6.06 -12.14
C ARG D 427 -31.56 5.09 -11.34
N ALA D 428 -30.97 3.98 -10.94
CA ALA D 428 -31.75 2.99 -10.22
C ALA D 428 -32.11 3.51 -8.83
N ALA D 429 -32.87 2.73 -8.07
CA ALA D 429 -33.29 3.18 -6.74
C ALA D 429 -32.08 3.37 -5.85
N THR D 430 -32.27 4.19 -4.82
CA THR D 430 -31.24 4.51 -3.81
C THR D 430 -30.25 3.38 -3.52
N PRO E 2 32.78 76.58 11.41
CA PRO E 2 33.71 76.51 10.28
C PRO E 2 33.24 75.55 9.19
N ARG E 3 33.51 75.88 7.92
CA ARG E 3 32.99 75.10 6.79
C ARG E 3 33.99 74.08 6.23
N TYR E 4 35.12 74.55 5.75
CA TYR E 4 36.12 73.64 5.17
C TYR E 4 37.41 73.63 5.96
N GLU E 5 38.14 72.53 5.76
CA GLU E 5 39.36 72.24 6.50
C GLU E 5 40.45 71.84 5.55
N LEU E 6 41.63 72.39 5.75
CA LEU E 6 42.73 72.14 4.84
C LEU E 6 43.86 71.46 5.57
N ALA E 7 44.11 70.20 5.24
CA ALA E 7 45.22 69.46 5.80
C ALA E 7 46.41 69.66 4.90
N LEU E 8 47.38 70.41 5.41
CA LEU E 8 48.59 70.69 4.69
C LEU E 8 49.71 69.86 5.22
N ILE E 9 50.21 68.93 4.42
CA ILE E 9 51.49 68.35 4.77
C ILE E 9 52.55 69.01 3.91
N LEU E 10 53.51 69.64 4.57
CA LEU E 10 54.50 70.48 3.91
C LEU E 10 55.90 69.92 4.05
N LYS E 11 56.75 70.20 3.06
CA LYS E 11 58.15 69.81 3.13
C LYS E 11 58.76 70.48 4.34
N ALA E 12 59.46 69.70 5.17
CA ALA E 12 60.11 70.26 6.36
C ALA E 12 61.27 71.17 5.97
N MET E 13 61.17 72.42 6.41
CA MET E 13 62.15 73.42 6.04
C MET E 13 62.65 74.11 7.29
N GLN E 14 63.35 75.23 7.11
CA GLN E 14 63.61 76.10 8.23
C GLN E 14 62.40 77.02 8.40
N ARG E 15 62.42 77.84 9.43
CA ARG E 15 61.28 78.73 9.74
C ARG E 15 60.89 79.72 8.61
N PRO E 16 61.87 80.44 8.02
CA PRO E 16 61.49 81.49 7.06
C PRO E 16 60.72 80.94 5.88
N GLU E 17 61.27 79.87 5.33
CA GLU E 17 60.74 79.21 4.15
C GLU E 17 59.33 78.68 4.41
N THR E 18 59.18 78.15 5.62
CA THR E 18 57.88 77.69 6.11
C THR E 18 56.87 78.82 6.07
N ALA E 19 57.22 79.90 6.76
CA ALA E 19 56.38 81.08 6.83
C ALA E 19 55.95 81.53 5.44
N ALA E 20 56.92 81.56 4.54
CA ALA E 20 56.66 81.93 3.16
C ALA E 20 55.57 81.05 2.56
N ALA E 21 55.77 79.74 2.68
CA ALA E 21 54.85 78.78 2.09
C ALA E 21 53.43 78.97 2.61
N LEU E 22 53.27 78.98 3.93
CA LEU E 22 51.96 79.20 4.51
C LEU E 22 51.33 80.49 4.01
N LYS E 23 52.12 81.57 4.07
CA LYS E 23 51.63 82.88 3.69
C LYS E 23 51.05 82.86 2.29
N ARG E 24 51.83 82.38 1.33
CA ARG E 24 51.37 82.37 -0.04
C ARG E 24 50.16 81.43 -0.22
N THR E 25 50.09 80.38 0.61
CA THR E 25 48.94 79.48 0.54
C THR E 25 47.67 80.24 0.86
N LEU E 26 47.65 80.86 2.04
CA LEU E 26 46.47 81.59 2.47
C LEU E 26 46.19 82.78 1.57
N GLU E 27 47.22 83.29 0.92
CA GLU E 27 47.03 84.33 -0.08
C GLU E 27 46.17 83.77 -1.21
N ALA E 28 46.60 82.63 -1.76
CA ALA E 28 45.87 81.97 -2.85
C ALA E 28 44.42 81.73 -2.49
N LEU E 29 44.21 81.20 -1.29
CA LEU E 29 42.84 80.98 -0.80
C LEU E 29 42.05 82.28 -0.71
N MET E 30 42.62 83.30 -0.09
CA MET E 30 41.95 84.59 0.06
C MET E 30 41.67 85.23 -1.30
N ASP E 31 42.40 84.79 -2.32
CA ASP E 31 42.17 85.21 -3.70
C ASP E 31 41.03 84.45 -4.39
N ARG E 32 40.85 83.18 -4.05
CA ARG E 32 39.75 82.42 -4.68
C ARG E 32 38.43 82.78 -4.01
N GLY E 33 38.48 83.66 -3.02
CA GLY E 33 37.29 84.07 -2.28
C GLY E 33 37.07 83.53 -0.88
N ALA E 34 38.12 82.99 -0.27
CA ALA E 34 37.99 82.29 1.02
C ALA E 34 38.22 83.17 2.25
N VAL E 35 37.46 82.88 3.30
CA VAL E 35 37.56 83.53 4.60
C VAL E 35 38.30 82.62 5.57
N VAL E 36 39.52 82.98 5.96
CA VAL E 36 40.29 82.10 6.84
C VAL E 36 40.04 82.32 8.32
N ARG E 37 39.58 81.27 8.97
CA ARG E 37 39.31 81.25 10.40
C ARG E 37 40.58 81.16 11.25
N ASN E 38 41.40 80.15 10.98
CA ASN E 38 42.47 79.79 11.91
C ASN E 38 43.60 78.99 11.27
N LEU E 39 44.74 78.96 11.94
CA LEU E 39 45.89 78.20 11.49
C LEU E 39 46.47 77.35 12.62
N GLU E 40 46.45 76.03 12.46
CA GLU E 40 46.89 75.16 13.53
C GLU E 40 48.08 74.32 13.10
N ASN E 41 49.21 74.62 13.70
CA ASN E 41 50.44 73.89 13.42
C ASN E 41 50.47 72.65 14.29
N LEU E 42 50.53 71.48 13.66
CA LEU E 42 50.50 70.22 14.40
C LEU E 42 51.90 69.68 14.62
N GLY E 43 52.88 70.44 14.18
CA GLY E 43 54.28 70.12 14.42
C GLY E 43 54.97 69.59 13.19
N GLU E 44 56.25 69.26 13.36
CA GLU E 44 56.96 68.52 12.33
C GLU E 44 57.10 67.10 12.82
N ARG E 45 56.49 66.17 12.10
CA ARG E 45 56.52 64.76 12.47
C ARG E 45 57.26 64.00 11.40
N MET E 46 57.80 62.85 11.79
CA MET E 46 58.23 61.90 10.79
C MET E 46 56.96 61.23 10.24
N LEU E 47 56.74 61.32 8.93
CA LEU E 47 55.50 60.82 8.33
C LEU E 47 55.31 59.36 8.62
N PRO E 48 54.06 58.88 8.62
CA PRO E 48 53.82 57.48 8.95
C PRO E 48 54.50 56.57 7.95
N TYR E 49 54.57 57.06 6.73
CA TYR E 49 55.26 56.38 5.63
C TYR E 49 55.80 57.44 4.70
N LYS E 50 56.73 57.04 3.84
CA LYS E 50 57.45 57.99 3.01
C LYS E 50 56.68 58.37 1.74
N ILE E 51 56.53 59.68 1.52
CA ILE E 51 55.67 60.19 0.48
C ILE E 51 56.45 60.78 -0.67
N SER E 52 56.16 60.33 -1.89
CA SER E 52 56.83 60.80 -3.08
C SER E 52 55.98 61.80 -3.87
N ALA E 53 56.42 63.05 -3.89
CA ALA E 53 55.77 64.07 -4.71
C ALA E 53 56.78 65.11 -5.18
N HIS E 54 56.58 65.61 -6.41
CA HIS E 54 57.49 66.55 -7.04
C HIS E 54 58.91 66.00 -7.03
N ASN E 55 59.03 64.76 -7.49
CA ASN E 55 60.31 64.10 -7.72
C ASN E 55 61.25 64.22 -6.53
N GLN E 56 60.66 64.14 -5.35
CA GLN E 56 61.39 64.10 -4.10
C GLN E 56 60.65 63.11 -3.21
N ARG E 57 61.38 62.20 -2.57
CA ARG E 57 60.76 61.21 -1.67
C ARG E 57 61.01 61.57 -0.21
N HIS E 58 59.98 62.01 0.50
CA HIS E 58 60.15 62.62 1.83
C HIS E 58 59.87 61.70 2.98
N SER E 59 60.67 61.85 4.03
CA SER E 59 60.53 61.08 5.26
C SER E 59 59.70 61.87 6.27
N ARG E 60 60.16 63.07 6.61
CA ARG E 60 59.45 63.92 7.55
C ARG E 60 58.57 64.97 6.85
N GLY E 61 57.83 65.74 7.64
CA GLY E 61 57.01 66.82 7.12
C GLY E 61 56.40 67.66 8.22
N GLY E 62 56.03 68.88 7.89
CA GLY E 62 55.27 69.72 8.81
C GLY E 62 53.78 69.53 8.56
N TYR E 63 52.97 69.72 9.59
CA TYR E 63 51.51 69.50 9.51
C TYR E 63 50.73 70.75 9.87
N PHE E 64 49.75 71.10 9.02
CA PHE E 64 49.01 72.32 9.23
C PHE E 64 47.53 72.12 8.99
N LEU E 65 46.73 72.95 9.64
CA LEU E 65 45.29 72.86 9.51
C LEU E 65 44.66 74.22 9.30
N VAL E 66 44.01 74.36 8.16
CA VAL E 66 43.43 75.64 7.80
C VAL E 66 41.92 75.60 7.73
N ASP E 67 41.24 76.22 8.69
CA ASP E 67 39.78 76.28 8.61
C ASP E 67 39.38 77.53 7.86
N PHE E 68 38.42 77.41 6.96
CA PHE E 68 37.99 78.54 6.16
C PHE E 68 36.62 78.35 5.54
N TYR E 69 35.96 79.45 5.21
CA TYR E 69 34.71 79.36 4.48
C TYR E 69 35.02 79.64 3.02
N ALA E 70 34.39 78.88 2.14
CA ALA E 70 34.57 79.09 0.72
C ALA E 70 33.30 78.72 -0.02
N PRO E 71 33.09 79.33 -1.20
CA PRO E 71 31.95 78.99 -2.05
C PRO E 71 32.15 77.67 -2.77
N ALA E 72 31.05 76.96 -3.00
CA ALA E 72 31.06 75.59 -3.52
C ALA E 72 31.91 75.44 -4.79
N THR E 73 31.68 76.35 -5.73
CA THR E 73 32.37 76.35 -7.01
C THR E 73 33.90 76.28 -6.88
N THR E 74 34.40 76.79 -5.75
CA THR E 74 35.80 77.11 -5.64
C THR E 74 36.75 75.96 -5.39
N VAL E 75 36.32 75.01 -4.56
CA VAL E 75 37.24 74.03 -3.97
C VAL E 75 38.20 73.40 -4.98
N GLU E 76 37.70 73.10 -6.17
CA GLU E 76 38.52 72.56 -7.24
C GLU E 76 39.72 73.45 -7.52
N SER E 77 39.47 74.75 -7.70
CA SER E 77 40.49 75.73 -8.04
C SER E 77 41.66 75.68 -7.05
N MET E 78 41.33 75.69 -5.77
CA MET E 78 42.33 75.70 -4.72
C MET E 78 43.09 74.39 -4.70
N MET E 79 42.37 73.30 -4.92
CA MET E 79 43.00 71.99 -5.02
C MET E 79 44.04 71.97 -6.13
N GLU E 80 43.68 72.52 -7.29
CA GLU E 80 44.59 72.61 -8.43
C GLU E 80 45.82 73.41 -8.10
N HIS E 81 45.61 74.60 -7.55
CA HIS E 81 46.71 75.48 -7.21
C HIS E 81 47.59 74.91 -6.09
N LEU E 82 47.04 74.00 -5.29
CA LEU E 82 47.82 73.30 -4.25
C LEU E 82 48.66 72.18 -4.82
N SER E 83 48.07 71.44 -5.76
CA SER E 83 48.76 70.36 -6.45
C SER E 83 49.91 70.88 -7.30
N ARG E 84 49.70 72.03 -7.92
CA ARG E 84 50.75 72.69 -8.70
C ARG E 84 51.96 73.03 -7.82
N ASP E 85 51.71 73.44 -6.58
CA ASP E 85 52.75 73.98 -5.69
C ASP E 85 53.91 73.02 -5.47
N ILE E 86 55.12 73.59 -5.43
CA ILE E 86 56.35 72.81 -5.40
C ILE E 86 56.70 72.30 -4.00
N ASP E 87 56.29 73.02 -2.96
CA ASP E 87 56.57 72.58 -1.59
C ASP E 87 55.44 71.90 -0.79
N VAL E 88 54.27 71.71 -1.38
CA VAL E 88 53.20 70.97 -0.70
C VAL E 88 53.45 69.48 -0.82
N ILE E 89 53.64 68.79 0.30
CA ILE E 89 53.99 67.38 0.24
C ILE E 89 52.77 66.45 0.25
N ARG E 90 51.61 67.02 0.60
CA ARG E 90 50.31 66.48 0.24
C ARG E 90 49.22 67.38 0.82
N PRO E 91 48.31 67.84 -0.06
CA PRO E 91 47.13 68.64 0.23
C PRO E 91 45.91 67.81 0.56
N ASN E 92 44.98 68.34 1.34
CA ASN E 92 43.60 67.91 1.22
C ASN E 92 42.58 68.84 1.82
N ILE E 93 41.36 68.74 1.34
CA ILE E 93 40.30 69.60 1.85
C ILE E 93 39.09 68.76 2.21
N VAL E 94 38.70 68.86 3.48
CA VAL E 94 37.61 68.09 4.04
C VAL E 94 36.54 69.03 4.59
N LYS E 95 35.26 68.66 4.48
CA LYS E 95 34.22 69.41 5.18
C LYS E 95 34.57 69.42 6.65
N HIS E 96 34.66 70.61 7.22
CA HIS E 96 35.11 70.77 8.59
C HIS E 96 34.26 69.93 9.53
N PRO E 97 34.94 69.13 10.36
CA PRO E 97 34.33 68.15 11.26
C PRO E 97 33.16 68.71 12.07
N LEU E 98 33.15 70.02 12.30
CA LEU E 98 32.19 70.62 13.20
C LEU E 98 30.89 71.05 12.56
N THR E 99 30.72 70.74 11.28
CA THR E 99 29.40 70.86 10.67
C THR E 99 28.57 69.61 10.95
N GLN E 100 29.24 68.46 10.99
CA GLN E 100 28.63 67.16 11.28
C GLN E 100 28.04 67.13 12.71
N GLU E 101 26.77 66.76 12.83
CA GLU E 101 26.05 66.77 14.11
C GLU E 101 26.34 65.58 15.03
N VAL E 102 26.17 65.77 16.33
CA VAL E 102 26.20 64.64 17.26
C VAL E 102 24.76 64.24 17.62
N LYS E 103 24.32 63.12 17.06
CA LYS E 103 22.99 62.57 17.34
C LYS E 103 23.13 61.53 18.43
N GLU E 104 22.53 61.78 19.60
CA GLU E 104 22.90 61.01 20.78
C GLU E 104 22.71 59.50 20.65
N CYS E 105 23.82 58.76 20.79
CA CYS E 105 23.75 57.31 20.99
C CYS E 105 22.89 57.31 22.22
N GLU E 106 21.72 56.69 22.15
CA GLU E 106 20.92 56.60 23.35
C GLU E 106 21.50 55.44 24.12
N GLY E 107 22.14 54.56 23.36
CA GLY E 107 22.83 53.43 23.93
C GLY E 107 22.67 52.30 22.96
N ILE E 108 22.93 51.10 23.45
CA ILE E 108 22.68 49.91 22.68
C ILE E 108 21.21 49.54 22.80
N VAL E 109 20.53 49.49 21.67
CA VAL E 109 19.20 48.92 21.60
C VAL E 109 19.43 47.42 21.42
N PRO E 110 19.15 46.63 22.45
CA PRO E 110 19.50 45.20 22.45
C PRO E 110 18.66 44.46 21.43
N VAL E 111 19.29 43.61 20.62
CA VAL E 111 18.56 42.87 19.61
C VAL E 111 18.17 41.50 20.14
N PRO E 112 16.85 41.23 20.19
CA PRO E 112 16.30 39.95 20.63
C PRO E 112 16.43 38.87 19.56
N LEU E 113 16.54 37.60 19.94
CA LEU E 113 16.64 36.53 18.96
C LEU E 113 15.39 36.57 18.06
N GLU E 114 15.60 36.30 16.77
CA GLU E 114 14.51 36.33 15.80
C GLU E 114 13.71 35.04 15.82
N GLU E 115 12.39 35.19 15.90
CA GLU E 115 11.49 34.08 16.07
C GLU E 115 10.55 34.04 14.88
N LYS E 116 9.89 32.91 14.70
CA LYS E 116 9.00 32.74 13.55
C LYS E 116 9.78 32.92 12.25
N LEU E 117 10.83 32.10 12.15
CA LEU E 117 11.56 31.90 10.91
C LEU E 117 11.03 30.62 10.28
N TYR E 118 11.10 29.54 11.03
CA TYR E 118 10.63 28.28 10.51
C TYR E 118 9.28 27.88 11.03
N SER E 119 8.52 27.20 10.17
CA SER E 119 7.19 26.76 10.51
C SER E 119 7.21 25.77 11.63
N THR E 120 6.09 25.67 12.33
CA THR E 120 5.94 24.71 13.39
C THR E 120 5.66 23.36 12.74
N LYS E 121 6.57 22.42 12.93
CA LYS E 121 6.42 21.11 12.32
C LYS E 121 6.94 20.05 13.29
N LYS E 122 6.18 18.97 13.46
CA LYS E 122 6.36 18.07 14.59
C LYS E 122 7.44 17.05 14.27
N ARG E 123 8.20 17.37 13.22
CA ARG E 123 9.15 16.46 12.60
C ARG E 123 10.01 15.69 13.58
N LYS E 124 10.03 14.37 13.42
CA LYS E 124 10.93 13.47 14.14
C LYS E 124 10.90 13.69 15.66
N SER F 35 45.28 -21.68 22.49
CA SER F 35 43.90 -21.19 22.44
C SER F 35 42.96 -22.18 23.11
N ARG F 36 43.49 -23.35 23.46
CA ARG F 36 42.84 -24.25 24.41
C ARG F 36 43.03 -23.65 25.81
N TYR F 37 43.82 -22.59 25.86
CA TYR F 37 43.88 -21.66 26.96
C TYR F 37 42.91 -20.53 26.71
N GLY F 38 41.95 -20.34 27.61
CA GLY F 38 41.13 -19.14 27.56
C GLY F 38 41.99 -17.94 27.93
N PRO F 39 41.46 -16.72 27.78
CA PRO F 39 42.20 -15.52 28.18
C PRO F 39 42.48 -15.50 29.69
N GLU F 40 41.82 -16.39 30.42
CA GLU F 40 42.03 -16.55 31.86
C GLU F 40 43.42 -17.03 32.25
N TYR F 41 44.10 -17.72 31.34
CA TYR F 41 45.39 -18.33 31.65
C TYR F 41 46.56 -17.41 31.34
N LYS F 42 47.21 -16.90 32.38
CA LYS F 42 48.40 -16.08 32.22
C LYS F 42 49.68 -16.90 32.05
N ASP F 43 50.69 -16.29 31.44
CA ASP F 43 51.98 -16.94 31.14
C ASP F 43 52.77 -17.33 32.38
N PRO F 44 53.53 -18.44 32.30
CA PRO F 44 54.43 -18.82 33.39
C PRO F 44 55.68 -17.92 33.41
N GLN F 45 56.16 -17.54 34.60
CA GLN F 45 57.49 -16.91 34.72
C GLN F 45 58.46 -17.94 35.23
N ILE F 46 59.43 -18.28 34.40
CA ILE F 46 60.18 -19.50 34.61
C ILE F 46 61.53 -19.32 35.33
N ASP F 47 61.95 -18.08 35.55
CA ASP F 47 63.25 -17.81 36.18
C ASP F 47 63.29 -18.13 37.68
N LYS F 48 64.28 -18.93 38.09
CA LYS F 48 64.35 -19.43 39.45
C LYS F 48 64.87 -18.40 40.46
N GLU F 49 65.83 -17.59 40.01
CA GLU F 49 66.38 -16.51 40.81
C GLU F 49 65.29 -15.58 41.33
N TYR F 50 64.21 -15.45 40.56
CA TYR F 50 63.08 -14.65 41.00
C TYR F 50 62.42 -15.25 42.24
N TYR F 51 62.19 -16.56 42.21
CA TYR F 51 61.45 -17.22 43.29
C TYR F 51 62.28 -17.43 44.56
N ARG F 52 63.55 -17.75 44.40
CA ARG F 52 64.35 -18.09 45.57
C ARG F 52 64.64 -16.88 46.46
N LYS F 53 64.70 -15.67 45.89
CA LYS F 53 65.13 -14.49 46.65
C LYS F 53 64.16 -13.28 46.60
N PRO F 54 62.91 -13.45 47.11
CA PRO F 54 61.91 -12.38 47.13
C PRO F 54 62.06 -11.26 48.19
N LEU F 55 62.68 -11.58 49.31
CA LEU F 55 62.48 -10.83 50.56
C LEU F 55 62.86 -9.35 50.59
N ALA F 56 63.62 -8.88 49.61
CA ALA F 56 64.06 -7.49 49.56
C ALA F 56 63.18 -6.58 48.68
N GLU F 57 62.17 -7.15 48.04
CA GLU F 57 61.38 -6.41 47.05
C GLU F 57 59.91 -6.31 47.46
N GLN F 58 59.44 -5.08 47.72
CA GLN F 58 58.06 -4.88 48.19
C GLN F 58 56.95 -4.93 47.13
N THR F 59 57.14 -4.21 46.03
CA THR F 59 56.10 -4.11 45.00
C THR F 59 55.99 -5.43 44.25
N GLU F 60 57.12 -6.15 44.14
CA GLU F 60 57.14 -7.47 43.52
C GLU F 60 56.56 -8.55 44.44
N GLU F 61 56.76 -8.38 45.75
CA GLU F 61 56.12 -9.26 46.74
C GLU F 61 54.61 -9.10 46.62
N GLU F 62 54.17 -7.85 46.62
CA GLU F 62 52.78 -7.50 46.38
C GLU F 62 52.27 -8.12 45.08
N LYS F 63 53.07 -8.01 44.02
CA LYS F 63 52.70 -8.46 42.68
C LYS F 63 52.54 -9.98 42.54
N TYR F 64 53.49 -10.77 43.03
CA TYR F 64 53.33 -12.21 42.88
C TYR F 64 52.33 -12.74 43.91
N GLU F 65 52.16 -12.01 44.99
CA GLU F 65 51.04 -12.29 45.89
C GLU F 65 49.73 -12.18 45.14
N ARG F 66 49.51 -11.04 44.51
CA ARG F 66 48.37 -10.88 43.60
C ARG F 66 48.28 -12.05 42.63
N ASP F 67 49.43 -12.41 42.07
CA ASP F 67 49.53 -13.47 41.07
C ASP F 67 48.88 -14.77 41.54
N PHE F 68 49.47 -15.47 42.50
CA PHE F 68 48.90 -16.79 42.84
C PHE F 68 47.62 -16.66 43.65
N LYS F 69 47.49 -15.59 44.43
CA LYS F 69 46.31 -15.39 45.26
C LYS F 69 45.08 -15.21 44.38
N LYS F 70 45.29 -14.65 43.18
CA LYS F 70 44.19 -14.38 42.27
C LYS F 70 43.55 -15.69 41.80
N THR F 71 44.13 -16.81 42.23
CA THR F 71 43.67 -18.15 41.85
C THR F 71 43.87 -18.19 40.34
N GLN F 72 44.98 -17.58 39.92
CA GLN F 72 45.24 -17.42 38.50
C GLN F 72 45.56 -18.74 37.85
N LEU F 73 44.76 -19.09 36.86
CA LEU F 73 45.03 -20.25 36.04
C LEU F 73 46.27 -19.92 35.22
N ILE F 74 47.29 -20.76 35.31
CA ILE F 74 48.55 -20.47 34.67
C ILE F 74 48.99 -21.60 33.75
N LYS F 75 49.55 -21.21 32.61
CA LYS F 75 49.89 -22.12 31.53
C LYS F 75 50.90 -23.20 31.90
N ALA F 76 50.69 -24.41 31.39
CA ALA F 76 51.73 -25.42 31.46
C ALA F 76 52.94 -24.89 30.71
N ALA F 77 54.06 -24.80 31.40
CA ALA F 77 55.26 -24.26 30.79
C ALA F 77 55.66 -25.11 29.60
N PRO F 78 56.11 -24.45 28.52
CA PRO F 78 56.51 -25.10 27.27
C PRO F 78 57.66 -26.09 27.49
N ALA F 79 57.86 -26.97 26.51
CA ALA F 79 58.95 -27.95 26.55
C ALA F 79 60.31 -27.37 26.12
N THR F 80 60.30 -26.31 25.31
CA THR F 80 61.56 -25.69 24.87
C THR F 80 62.16 -24.83 25.97
N LYS F 81 61.31 -24.11 26.69
CA LYS F 81 61.76 -23.30 27.82
C LYS F 81 62.09 -24.18 29.03
N THR F 82 63.34 -24.09 29.48
CA THR F 82 63.81 -24.84 30.64
C THR F 82 64.50 -23.87 31.60
N SER F 83 64.69 -24.30 32.83
CA SER F 83 65.33 -23.46 33.83
C SER F 83 66.82 -23.65 33.78
N SER F 84 67.28 -24.41 32.78
CA SER F 84 68.69 -24.70 32.60
C SER F 84 69.47 -23.41 32.66
N VAL F 85 70.61 -23.48 33.32
CA VAL F 85 71.48 -22.35 33.46
C VAL F 85 72.08 -21.97 32.11
N PHE F 86 71.99 -22.90 31.16
CA PHE F 86 72.62 -22.77 29.84
C PHE F 86 71.72 -22.22 28.72
N GLU F 87 70.51 -21.80 29.07
CA GLU F 87 69.51 -21.38 28.07
C GLU F 87 69.65 -19.90 27.65
N ASP F 88 69.95 -19.68 26.38
CA ASP F 88 69.97 -18.33 25.81
C ASP F 88 68.86 -18.18 24.77
N PRO F 89 67.80 -17.44 25.15
CA PRO F 89 66.59 -17.28 24.34
C PRO F 89 66.87 -16.88 22.90
N VAL F 90 67.92 -16.10 22.71
CA VAL F 90 68.30 -15.67 21.38
C VAL F 90 68.73 -16.88 20.54
N ILE F 91 69.51 -17.75 21.15
CA ILE F 91 69.93 -18.97 20.49
C ILE F 91 68.75 -19.85 20.15
N SER F 92 67.76 -19.91 21.05
CA SER F 92 66.54 -20.69 20.81
C SER F 92 65.78 -20.20 19.59
N LYS F 93 65.49 -18.90 19.56
CA LYS F 93 64.84 -18.30 18.40
C LYS F 93 65.60 -18.64 17.12
N PHE F 94 66.89 -18.34 17.12
CA PHE F 94 67.69 -18.59 15.93
C PHE F 94 67.69 -20.07 15.60
N THR F 95 67.48 -20.91 16.61
CA THR F 95 67.48 -22.35 16.41
C THR F 95 66.26 -22.73 15.64
N ASN F 96 65.12 -22.28 16.15
CA ASN F 96 63.83 -22.49 15.53
C ASN F 96 63.88 -22.05 14.07
N MET F 97 64.25 -20.80 13.83
CA MET F 97 64.13 -20.22 12.49
C MET F 97 64.94 -20.98 11.46
N MET F 98 65.81 -21.86 11.93
CA MET F 98 66.56 -22.73 11.05
C MET F 98 65.89 -24.06 10.80
N MET F 99 64.88 -24.38 11.59
CA MET F 99 64.23 -25.69 11.47
C MET F 99 63.26 -25.76 10.31
N LYS F 100 63.52 -26.67 9.40
CA LYS F 100 62.59 -26.94 8.34
C LYS F 100 61.75 -28.15 8.76
N GLY F 101 60.48 -28.14 8.40
CA GLY F 101 59.57 -29.18 8.83
C GLY F 101 59.48 -29.10 10.33
N GLY F 102 59.47 -30.26 10.96
CA GLY F 102 59.36 -30.35 12.41
C GLY F 102 60.63 -30.75 13.13
N ASN F 103 61.81 -30.57 12.52
CA ASN F 103 63.01 -31.16 13.10
C ASN F 103 63.62 -30.24 14.12
N LYS F 104 63.42 -30.57 15.38
CA LYS F 104 64.08 -29.86 16.44
C LYS F 104 65.43 -30.49 16.53
N VAL F 105 65.44 -31.81 16.44
CA VAL F 105 66.65 -32.59 16.56
C VAL F 105 67.71 -32.07 15.64
N LEU F 106 67.34 -31.94 14.37
CA LEU F 106 68.29 -31.55 13.35
C LEU F 106 68.77 -30.11 13.55
N ALA F 107 67.85 -29.20 13.86
CA ALA F 107 68.21 -27.79 14.03
C ALA F 107 69.14 -27.61 15.23
N ARG F 108 68.78 -28.30 16.31
CA ARG F 108 69.58 -28.34 17.51
C ARG F 108 70.98 -28.78 17.17
N SER F 109 71.07 -29.86 16.41
CA SER F 109 72.38 -30.37 16.04
C SER F 109 73.18 -29.36 15.19
N LEU F 110 72.53 -28.74 14.20
CA LEU F 110 73.22 -27.77 13.36
C LEU F 110 73.74 -26.59 14.16
N MET F 111 72.93 -26.13 15.10
CA MET F 111 73.33 -25.04 15.98
C MET F 111 74.52 -25.45 16.83
N THR F 112 74.37 -26.59 17.51
CA THR F 112 75.41 -27.15 18.34
C THR F 112 76.74 -27.22 17.60
N GLN F 113 76.69 -27.72 16.37
CA GLN F 113 77.86 -27.79 15.51
C GLN F 113 78.37 -26.42 15.08
N THR F 114 77.49 -25.42 15.06
CA THR F 114 77.94 -24.07 14.71
C THR F 114 78.69 -23.43 15.87
N LEU F 115 78.10 -23.48 17.06
CA LEU F 115 78.76 -23.00 18.28
C LEU F 115 80.10 -23.70 18.45
N GLU F 116 80.06 -25.02 18.34
CA GLU F 116 81.27 -25.82 18.35
C GLU F 116 82.31 -25.36 17.32
N ALA F 117 81.89 -25.27 16.05
CA ALA F 117 82.78 -24.91 14.95
C ALA F 117 83.49 -23.56 15.21
N VAL F 118 82.71 -22.57 15.62
CA VAL F 118 83.26 -21.28 15.97
C VAL F 118 84.24 -21.43 17.12
N LYS F 119 83.87 -22.23 18.11
CA LYS F 119 84.72 -22.44 19.28
C LYS F 119 86.09 -22.89 18.83
N ARG F 120 86.13 -24.05 18.20
CA ARG F 120 87.40 -24.61 17.76
C ARG F 120 88.18 -23.67 16.82
N LYS F 121 87.48 -23.00 15.91
CA LYS F 121 88.13 -22.04 15.00
C LYS F 121 88.82 -20.90 15.76
N GLN F 122 88.18 -20.42 16.83
CA GLN F 122 88.77 -19.39 17.68
C GLN F 122 89.92 -19.92 18.56
N PHE F 123 89.86 -21.18 18.97
CA PHE F 123 91.02 -21.77 19.66
C PHE F 123 92.22 -21.81 18.69
N ALA F 124 91.98 -22.27 17.46
CA ALA F 124 93.00 -22.28 16.41
C ALA F 124 93.61 -20.90 16.15
N LYS F 125 92.77 -19.86 16.16
CA LYS F 125 93.29 -18.49 16.01
C LYS F 125 94.12 -18.07 17.23
N TYR F 126 93.72 -18.56 18.40
CA TYR F 126 94.41 -18.24 19.65
C TYR F 126 95.83 -18.79 19.74
N HIS F 127 95.99 -20.10 19.57
CA HIS F 127 97.31 -20.72 19.79
C HIS F 127 98.33 -20.33 18.73
N ALA F 128 97.84 -19.88 17.57
CA ALA F 128 98.71 -19.49 16.48
C ALA F 128 99.05 -18.00 16.50
N ALA F 129 98.64 -17.31 17.57
CA ALA F 129 98.79 -15.86 17.67
C ALA F 129 99.90 -15.37 18.61
N SER F 130 99.99 -14.06 18.78
CA SER F 130 100.95 -13.42 19.69
C SER F 130 100.23 -12.97 20.96
N ALA F 131 100.96 -12.92 22.07
CA ALA F 131 100.38 -12.68 23.41
C ALA F 131 99.37 -11.53 23.49
N GLU F 132 99.66 -10.43 22.81
CA GLU F 132 98.75 -9.28 22.74
C GLU F 132 97.37 -9.68 22.22
N GLU F 133 97.38 -10.34 21.05
CA GLU F 133 96.17 -10.83 20.43
C GLU F 133 95.54 -11.96 21.26
N GLN F 134 96.34 -12.63 22.09
CA GLN F 134 95.81 -13.61 23.04
C GLN F 134 94.95 -12.91 24.09
N ALA F 135 95.36 -11.72 24.46
CA ALA F 135 94.52 -10.87 25.31
C ALA F 135 93.29 -10.40 24.53
N THR F 136 93.46 -10.13 23.24
CA THR F 136 92.37 -9.64 22.38
C THR F 136 91.22 -10.64 22.16
N ILE F 137 91.59 -11.81 21.64
CA ILE F 137 90.65 -12.76 21.05
C ILE F 137 89.52 -13.23 21.97
N GLU F 138 88.31 -13.27 21.41
CA GLU F 138 87.14 -13.81 22.09
C GLU F 138 87.05 -15.31 21.90
N ARG F 139 87.13 -16.05 23.00
CA ARG F 139 87.00 -17.49 22.90
C ARG F 139 85.58 -17.97 23.20
N ASN F 140 84.70 -17.06 23.63
CA ASN F 140 83.32 -17.47 23.92
C ASN F 140 82.42 -17.40 22.70
N PRO F 141 81.97 -18.57 22.20
CA PRO F 141 81.10 -18.60 21.02
C PRO F 141 79.79 -17.84 21.26
N TYR F 142 79.37 -17.78 22.53
CA TYR F 142 78.12 -17.11 22.85
C TYR F 142 78.27 -15.59 22.73
N THR F 143 79.31 -15.03 23.35
CA THR F 143 79.52 -13.59 23.27
C THR F 143 79.73 -13.21 21.80
N ILE F 144 80.36 -14.10 21.06
CA ILE F 144 80.59 -13.91 19.64
C ILE F 144 79.26 -13.84 18.89
N PHE F 145 78.32 -14.68 19.31
CA PHE F 145 77.01 -14.71 18.68
C PHE F 145 76.15 -13.45 18.96
N HIS F 146 75.98 -13.10 20.24
CA HIS F 146 75.24 -11.88 20.60
C HIS F 146 75.86 -10.65 19.97
N GLN F 147 77.19 -10.63 19.90
CA GLN F 147 77.88 -9.54 19.23
C GLN F 147 77.60 -9.51 17.72
N ALA F 148 77.81 -10.63 17.03
CA ALA F 148 77.62 -10.71 15.58
C ALA F 148 76.18 -10.45 15.15
N LEU F 149 75.24 -10.63 16.06
CA LEU F 149 73.87 -10.18 15.83
C LEU F 149 73.60 -8.70 16.15
N LYS F 150 74.15 -8.20 17.26
CA LYS F 150 74.05 -6.76 17.58
C LYS F 150 74.58 -5.93 16.42
N ASN F 151 75.65 -6.43 15.81
CA ASN F 151 76.33 -5.72 14.73
C ASN F 151 75.65 -5.86 13.39
N CYS F 152 74.78 -6.84 13.23
CA CYS F 152 74.13 -7.02 11.95
C CYS F 152 72.73 -6.42 11.87
N GLU F 153 72.26 -5.85 12.97
CA GLU F 153 70.88 -5.36 13.01
C GLU F 153 70.77 -3.91 12.48
N PRO F 154 69.90 -3.73 11.47
CA PRO F 154 69.64 -2.41 10.89
C PRO F 154 68.90 -1.48 11.86
N VAL F 155 69.22 -0.19 11.76
CA VAL F 155 68.65 0.86 12.56
C VAL F 155 67.30 1.33 12.09
N ILE F 156 67.20 1.52 10.78
CA ILE F 156 65.96 1.92 10.12
C ILE F 156 65.63 0.94 9.01
N GLY F 157 64.38 0.92 8.58
CA GLY F 157 63.97 -0.01 7.54
C GLY F 157 62.89 0.61 6.72
N LEU F 158 62.58 0.00 5.58
CA LEU F 158 61.63 0.61 4.68
C LEU F 158 60.24 -0.03 4.70
N VAL F 159 59.20 0.80 4.59
CA VAL F 159 57.87 0.29 4.34
C VAL F 159 57.37 0.93 3.06
N PRO F 160 56.70 0.16 2.20
CA PRO F 160 56.06 0.79 1.04
C PRO F 160 54.78 1.54 1.39
N ILE F 161 54.64 2.73 0.79
CA ILE F 161 53.46 3.58 0.92
C ILE F 161 52.88 3.80 -0.47
N LEU F 162 51.57 3.60 -0.60
CA LEU F 162 50.92 3.88 -1.87
C LEU F 162 50.48 5.33 -1.90
N LYS F 163 50.97 6.07 -2.89
CA LYS F 163 50.52 7.43 -3.09
C LYS F 163 50.36 7.73 -4.56
N GLY F 164 49.19 8.22 -4.93
CA GLY F 164 48.92 8.65 -6.29
C GLY F 164 49.27 7.61 -7.34
N GLY F 165 49.19 6.34 -6.97
CA GLY F 165 49.44 5.24 -7.90
C GLY F 165 50.80 4.58 -7.79
N HIS F 166 51.77 5.27 -7.19
CA HIS F 166 53.10 4.70 -7.10
C HIS F 166 53.38 4.22 -5.70
N PHE F 167 54.22 3.21 -5.61
CA PHE F 167 54.70 2.74 -4.33
C PHE F 167 56.06 3.36 -4.01
N TYR F 168 56.10 4.18 -2.97
CA TYR F 168 57.37 4.74 -2.52
C TYR F 168 57.88 3.94 -1.34
N GLN F 169 59.17 3.63 -1.34
CA GLN F 169 59.77 2.95 -0.19
C GLN F 169 60.23 4.00 0.80
N VAL F 170 59.64 4.02 1.98
CA VAL F 170 59.87 5.11 2.90
C VAL F 170 60.54 4.64 4.18
N PRO F 171 61.38 5.50 4.77
CA PRO F 171 62.06 5.28 6.05
C PRO F 171 61.16 5.23 7.29
N VAL F 172 61.25 4.08 7.93
CA VAL F 172 60.52 3.74 9.14
C VAL F 172 61.47 3.36 10.25
N PRO F 173 61.41 4.07 11.37
CA PRO F 173 62.07 3.57 12.58
C PRO F 173 61.48 2.22 12.99
N LEU F 174 62.30 1.32 13.52
CA LEU F 174 61.86 -0.05 13.83
C LEU F 174 61.93 -0.38 15.32
N ALA F 175 60.99 -1.23 15.76
CA ALA F 175 60.99 -1.75 17.13
C ALA F 175 61.93 -2.93 17.24
N ASP F 176 62.59 -3.04 18.40
CA ASP F 176 63.74 -3.90 18.59
C ASP F 176 63.53 -5.32 18.09
N ARG F 177 62.43 -5.94 18.54
CA ARG F 177 62.19 -7.33 18.21
C ARG F 177 62.15 -7.53 16.69
N ARG F 178 61.55 -6.60 15.96
CA ARG F 178 61.53 -6.71 14.51
C ARG F 178 62.94 -6.67 13.96
N ARG F 179 63.78 -5.86 14.58
CA ARG F 179 65.16 -5.72 14.13
C ARG F 179 65.97 -7.01 14.35
N ARG F 180 65.86 -7.56 15.55
CA ARG F 180 66.46 -8.85 15.91
C ARG F 180 66.10 -9.86 14.86
N PHE F 181 64.81 -9.93 14.60
CA PHE F 181 64.28 -10.84 13.62
C PHE F 181 64.95 -10.61 12.29
N LEU F 182 65.12 -9.36 11.90
CA LEU F 182 65.71 -9.08 10.60
C LEU F 182 67.15 -9.56 10.52
N ALA F 183 67.90 -9.37 11.60
CA ALA F 183 69.27 -9.86 11.66
C ALA F 183 69.27 -11.38 11.48
N MET F 184 68.58 -12.10 12.37
CA MET F 184 68.58 -13.55 12.34
C MET F 184 68.12 -14.10 11.01
N LYS F 185 66.97 -13.63 10.56
CA LYS F 185 66.45 -13.98 9.25
C LYS F 185 67.53 -13.81 8.19
N TRP F 186 68.28 -12.71 8.26
CA TRP F 186 69.28 -12.44 7.25
C TRP F 186 70.43 -13.41 7.30
N MET F 187 70.91 -13.72 8.51
CA MET F 187 72.02 -14.65 8.64
C MET F 187 71.64 -15.99 8.06
N ILE F 188 70.49 -16.48 8.50
CA ILE F 188 70.01 -17.77 8.04
C ILE F 188 69.81 -17.81 6.53
N ALA F 189 69.22 -16.76 5.96
CA ALA F 189 68.95 -16.75 4.53
C ALA F 189 70.25 -16.67 3.73
N GLU F 190 71.20 -15.90 4.24
CA GLU F 190 72.50 -15.75 3.62
C GLU F 190 73.32 -17.03 3.62
N CYS F 191 73.49 -17.66 4.78
CA CYS F 191 74.26 -18.89 4.80
C CYS F 191 73.47 -20.12 4.29
N ARG F 192 72.16 -19.95 4.10
CA ARG F 192 71.37 -20.96 3.39
C ARG F 192 71.60 -20.90 1.90
N GLU F 193 71.49 -19.69 1.34
CA GLU F 193 71.46 -19.55 -0.10
C GLU F 193 72.81 -19.74 -0.80
N LYS F 194 73.82 -19.03 -0.34
CA LYS F 194 74.99 -18.73 -1.18
C LYS F 194 76.20 -19.66 -1.04
N LYS F 195 76.09 -20.71 -0.25
CA LYS F 195 77.20 -21.66 -0.14
C LYS F 195 77.31 -22.54 -1.38
N HIS F 196 78.51 -23.07 -1.60
CA HIS F 196 78.70 -24.14 -2.58
C HIS F 196 78.35 -25.47 -1.91
N ARG F 197 77.63 -26.32 -2.64
CA ARG F 197 76.93 -27.45 -2.02
C ARG F 197 77.81 -28.42 -1.22
N ARG F 198 79.11 -28.41 -1.46
CA ARG F 198 79.99 -29.30 -0.71
C ARG F 198 80.19 -28.78 0.70
N VAL F 199 79.74 -27.56 0.94
CA VAL F 199 79.94 -26.90 2.22
C VAL F 199 78.76 -27.09 3.19
N LEU F 200 79.03 -27.67 4.36
CA LEU F 200 78.01 -27.87 5.38
C LEU F 200 77.55 -26.56 6.00
N MET F 201 76.31 -26.55 6.45
CA MET F 201 75.76 -25.36 7.10
C MET F 201 76.53 -24.84 8.32
N PRO F 202 76.92 -25.71 9.29
CA PRO F 202 77.46 -25.15 10.54
C PRO F 202 78.74 -24.35 10.31
N GLU F 203 79.54 -24.83 9.35
CA GLU F 203 80.79 -24.21 8.97
C GLU F 203 80.62 -22.80 8.41
N LYS F 204 79.83 -22.71 7.35
CA LYS F 204 79.58 -21.46 6.67
C LYS F 204 78.98 -20.48 7.65
N LEU F 205 78.00 -20.96 8.41
CA LEU F 205 77.38 -20.17 9.46
C LEU F 205 78.42 -19.62 10.42
N SER F 206 79.38 -20.45 10.79
CA SER F 206 80.44 -20.00 11.68
C SER F 206 81.24 -18.87 11.03
N GLN F 207 81.65 -19.06 9.77
CA GLN F 207 82.35 -18.02 9.02
C GLN F 207 81.61 -16.69 9.01
N GLU F 208 80.32 -16.75 8.66
CA GLU F 208 79.50 -15.54 8.61
C GLU F 208 79.40 -14.90 9.98
N LEU F 209 79.34 -15.72 11.04
CA LEU F 209 79.31 -15.19 12.39
C LEU F 209 80.59 -14.43 12.73
N LEU F 210 81.73 -15.01 12.38
CA LEU F 210 83.01 -14.39 12.72
C LEU F 210 83.35 -13.18 11.85
N GLU F 211 82.85 -13.16 10.63
CA GLU F 211 83.06 -12.00 9.76
C GLU F 211 82.12 -10.86 10.14
N ALA F 212 80.89 -11.20 10.53
CA ALA F 212 79.94 -10.21 11.02
C ALA F 212 80.42 -9.67 12.36
N PHE F 213 81.23 -10.45 13.05
CA PHE F 213 81.85 -9.99 14.28
C PHE F 213 82.74 -8.77 14.00
N HIS F 214 83.52 -8.87 12.92
CA HIS F 214 84.45 -7.82 12.52
C HIS F 214 83.83 -6.88 11.48
N ASN F 215 82.55 -7.05 11.23
CA ASN F 215 81.76 -6.11 10.42
C ASN F 215 82.09 -6.19 8.93
N GLN F 216 83.02 -7.06 8.56
CA GLN F 216 83.42 -7.18 7.16
C GLN F 216 82.52 -8.13 6.36
N GLY F 217 81.56 -8.78 7.02
CA GLY F 217 80.73 -9.80 6.38
C GLY F 217 79.55 -9.31 5.53
N PRO F 218 79.21 -10.07 4.47
CA PRO F 218 78.11 -9.80 3.54
C PRO F 218 76.78 -9.41 4.21
N VAL F 219 76.51 -10.04 5.33
CA VAL F 219 75.35 -9.69 6.16
C VAL F 219 75.28 -8.19 6.46
N ILE F 220 76.45 -7.63 6.76
CA ILE F 220 76.53 -6.23 7.07
C ILE F 220 76.44 -5.42 5.78
N LYS F 221 76.86 -6.00 4.66
CA LYS F 221 76.66 -5.34 3.36
C LYS F 221 75.16 -5.12 3.18
N ARG F 222 74.39 -6.12 3.55
CA ARG F 222 72.93 -6.05 3.48
C ARG F 222 72.35 -4.97 4.39
N LYS F 223 72.71 -5.02 5.67
CA LYS F 223 72.35 -3.94 6.58
C LYS F 223 72.67 -2.56 6.00
N HIS F 224 73.82 -2.45 5.33
CA HIS F 224 74.25 -1.17 4.77
C HIS F 224 73.46 -0.75 3.55
N ASP F 225 72.99 -1.71 2.78
CA ASP F 225 72.18 -1.38 1.61
C ASP F 225 70.80 -0.93 2.05
N MET F 226 70.33 -1.47 3.17
CA MET F 226 69.17 -0.93 3.85
C MET F 226 69.40 0.54 4.18
N HIS F 227 70.48 0.79 4.92
CA HIS F 227 70.77 2.14 5.39
C HIS F 227 70.90 3.15 4.23
N LYS F 228 71.53 2.72 3.15
CA LYS F 228 71.71 3.56 1.97
C LYS F 228 70.39 3.84 1.27
N MET F 229 69.56 2.80 1.14
CA MET F 229 68.27 2.98 0.50
C MET F 229 67.41 3.95 1.31
N ALA F 230 67.54 3.90 2.63
CA ALA F 230 66.83 4.83 3.49
C ALA F 230 67.35 6.26 3.32
N GLU F 231 68.66 6.40 3.14
CA GLU F 231 69.22 7.73 2.97
C GLU F 231 68.86 8.37 1.65
N ALA F 232 68.72 7.56 0.61
CA ALA F 232 68.32 8.09 -0.70
C ALA F 232 66.88 8.58 -0.69
N ASN F 233 66.03 7.89 0.04
CA ASN F 233 64.60 8.19 0.04
C ASN F 233 64.17 9.13 1.18
N ARG F 234 65.14 9.66 1.92
CA ARG F 234 64.85 10.39 3.17
C ARG F 234 63.78 11.48 3.02
N ALA F 235 63.76 12.16 1.88
CA ALA F 235 62.71 13.16 1.61
C ALA F 235 61.31 12.56 1.88
N LEU F 236 61.09 11.40 1.29
CA LEU F 236 59.79 10.71 1.36
C LEU F 236 59.37 10.35 2.79
N ALA F 237 60.26 10.54 3.78
CA ALA F 237 59.90 10.31 5.19
C ALA F 237 58.82 11.29 5.64
N HIS F 238 58.47 12.25 4.78
CA HIS F 238 57.27 13.03 5.04
C HIS F 238 55.99 12.24 4.89
N TYR F 239 55.94 11.39 3.85
CA TYR F 239 54.75 10.61 3.51
C TYR F 239 54.17 9.84 4.68
N ARG F 240 55.03 9.10 5.38
CA ARG F 240 54.63 8.29 6.51
C ARG F 240 53.93 9.15 7.59
N TRP F 241 52.71 8.76 7.96
CA TRP F 241 51.83 9.56 8.84
C TRP F 241 51.78 9.17 10.33
N TRP F 242 52.46 8.09 10.71
CA TRP F 242 52.28 7.50 12.03
C TRP F 242 53.54 7.59 12.89
N THR G 70 -4.82 -21.92 36.96
CA THR G 70 -3.75 -22.90 36.87
C THR G 70 -3.48 -23.51 38.26
N VAL G 71 -4.11 -22.94 39.29
CA VAL G 71 -3.86 -23.35 40.67
C VAL G 71 -4.47 -24.72 40.97
N ASP G 72 -5.64 -24.97 40.39
CA ASP G 72 -6.28 -26.27 40.47
C ASP G 72 -5.35 -27.37 39.97
N PHE G 73 -4.57 -27.03 38.94
CA PHE G 73 -3.57 -27.94 38.42
C PHE G 73 -2.51 -28.22 39.46
N ILE G 74 -2.11 -27.21 40.22
CA ILE G 74 -1.09 -27.45 41.23
C ILE G 74 -1.63 -28.31 42.38
N LYS G 75 -2.87 -28.05 42.83
CA LYS G 75 -3.47 -28.91 43.85
C LYS G 75 -3.51 -30.37 43.37
N LYS G 76 -4.16 -30.58 42.24
CA LYS G 76 -4.27 -31.92 41.66
C LYS G 76 -2.91 -32.59 41.53
N GLN G 77 -1.99 -31.90 40.87
CA GLN G 77 -0.66 -32.46 40.61
C GLN G 77 0.06 -32.84 41.91
N ILE G 78 0.00 -32.00 42.94
CA ILE G 78 0.68 -32.35 44.18
C ILE G 78 0.02 -33.58 44.82
N GLU G 79 -1.31 -33.69 44.71
CA GLU G 79 -1.99 -34.89 45.23
C GLU G 79 -1.51 -36.17 44.52
N GLU G 80 -1.64 -36.17 43.20
CA GLU G 80 -1.25 -37.32 42.40
C GLU G 80 0.21 -37.63 42.56
N PHE G 81 1.01 -36.60 42.83
CA PHE G 81 2.43 -36.76 43.04
C PHE G 81 2.70 -37.59 44.28
N ASN G 82 1.91 -37.37 45.32
CA ASN G 82 2.07 -38.10 46.55
C ASN G 82 1.54 -39.51 46.41
N ILE G 83 0.42 -39.64 45.72
CA ILE G 83 -0.16 -40.98 45.51
C ILE G 83 0.81 -41.84 44.69
N GLY G 84 1.38 -41.23 43.65
CA GLY G 84 2.40 -41.89 42.85
C GLY G 84 3.68 -42.09 43.61
N LYS G 85 3.91 -41.27 44.63
CA LYS G 85 5.07 -41.43 45.50
C LYS G 85 4.97 -42.74 46.28
N ARG G 86 3.82 -42.93 46.94
CA ARG G 86 3.53 -44.22 47.60
C ARG G 86 3.70 -45.34 46.60
N HIS G 87 3.00 -45.20 45.47
CA HIS G 87 3.04 -46.24 44.46
C HIS G 87 4.46 -46.58 44.06
N LEU G 88 5.34 -45.59 44.10
CA LEU G 88 6.74 -45.81 43.74
C LEU G 88 7.45 -46.60 44.83
N ALA G 89 7.25 -46.17 46.07
CA ALA G 89 7.93 -46.81 47.19
C ALA G 89 7.55 -48.29 47.33
N ASN G 90 6.25 -48.58 47.19
CA ASN G 90 5.74 -49.94 47.42
C ASN G 90 6.26 -50.94 46.39
N MET G 91 6.42 -50.49 45.14
CA MET G 91 7.00 -51.36 44.13
C MET G 91 8.52 -51.43 44.27
N MET G 92 9.15 -50.28 44.44
CA MET G 92 10.59 -50.24 44.62
C MET G 92 10.99 -50.85 45.97
N GLY G 93 10.01 -51.07 46.83
CA GLY G 93 10.21 -51.77 48.09
C GLY G 93 11.01 -51.01 49.13
N GLU G 94 10.61 -49.78 49.38
CA GLU G 94 11.25 -48.98 50.43
C GLU G 94 10.20 -48.38 51.35
N ASP G 95 10.65 -47.91 52.51
CA ASP G 95 9.74 -47.26 53.44
C ASP G 95 9.33 -45.93 52.86
N PRO G 96 8.02 -45.73 52.66
CA PRO G 96 7.48 -44.53 52.01
C PRO G 96 7.83 -43.26 52.77
N GLU G 97 8.23 -43.42 54.02
CA GLU G 97 8.52 -42.28 54.89
C GLU G 97 9.85 -41.60 54.62
N THR G 98 10.93 -42.37 54.54
CA THR G 98 12.28 -41.81 54.42
C THR G 98 12.70 -41.68 52.95
N PHE G 99 11.77 -42.00 52.05
CA PHE G 99 11.97 -41.83 50.61
C PHE G 99 12.29 -40.37 50.29
N THR G 100 13.41 -40.15 49.61
CA THR G 100 13.85 -38.79 49.26
C THR G 100 13.84 -38.59 47.75
N GLN G 101 14.13 -37.37 47.32
CA GLN G 101 14.35 -37.10 45.91
C GLN G 101 15.55 -37.92 45.44
N GLU G 102 16.56 -38.04 46.30
CA GLU G 102 17.74 -38.84 45.98
C GLU G 102 17.33 -40.24 45.59
N ASP G 103 16.32 -40.75 46.27
CA ASP G 103 15.81 -42.08 46.02
C ASP G 103 14.89 -42.10 44.81
N ILE G 104 14.09 -41.05 44.66
CA ILE G 104 13.24 -40.89 43.48
C ILE G 104 14.07 -41.04 42.20
N ASP G 105 15.20 -40.33 42.14
CA ASP G 105 16.07 -40.36 40.97
C ASP G 105 16.54 -41.76 40.64
N ARG G 106 17.21 -42.39 41.60
CA ARG G 106 17.68 -43.76 41.44
C ARG G 106 16.56 -44.64 40.93
N ALA G 107 15.39 -44.45 41.51
CA ALA G 107 14.22 -45.23 41.15
C ALA G 107 13.87 -45.12 39.67
N ILE G 108 13.60 -43.90 39.21
CA ILE G 108 13.18 -43.75 37.83
C ILE G 108 14.30 -44.17 36.89
N ALA G 109 15.52 -43.74 37.24
CA ALA G 109 16.70 -44.03 36.45
C ALA G 109 16.85 -45.51 36.22
N TYR G 110 16.49 -46.32 37.22
CA TYR G 110 16.53 -47.76 37.03
C TYR G 110 15.29 -48.27 36.28
N LEU G 111 14.14 -47.61 36.42
CA LEU G 111 12.96 -48.12 35.72
C LEU G 111 12.87 -47.73 34.24
N PHE G 112 13.17 -46.48 33.93
CA PHE G 112 13.13 -45.98 32.55
C PHE G 112 14.49 -45.44 32.09
N PRO G 113 15.42 -46.35 31.79
CA PRO G 113 16.83 -46.05 31.53
C PRO G 113 17.08 -45.43 30.18
N SER G 114 16.92 -44.13 30.09
CA SER G 114 17.19 -43.42 28.83
C SER G 114 18.64 -42.97 28.74
N GLY G 115 19.42 -43.58 27.85
CA GLY G 115 20.67 -42.95 27.45
C GLY G 115 20.24 -41.78 26.58
N LEU G 116 20.49 -40.57 27.05
CA LEU G 116 20.21 -39.36 26.30
C LEU G 116 21.15 -38.33 26.84
N PHE G 117 21.69 -37.51 25.96
CA PHE G 117 22.70 -36.60 26.43
C PHE G 117 22.14 -35.40 27.14
N GLU G 118 21.11 -34.78 26.59
CA GLU G 118 20.48 -33.66 27.28
C GLU G 118 19.72 -34.20 28.49
N LYS G 119 20.01 -33.67 29.66
CA LYS G 119 19.52 -34.30 30.87
C LYS G 119 18.12 -33.86 31.27
N ARG G 120 17.59 -32.84 30.61
CA ARG G 120 16.22 -32.40 30.89
C ARG G 120 15.19 -33.25 30.17
N ALA G 121 15.64 -33.93 29.13
CA ALA G 121 14.75 -34.74 28.32
C ALA G 121 14.74 -36.17 28.82
N ARG G 122 15.42 -36.41 29.93
CA ARG G 122 15.37 -37.72 30.58
C ARG G 122 14.16 -37.75 31.49
N PRO G 123 13.62 -38.94 31.75
CA PRO G 123 12.41 -39.03 32.58
C PRO G 123 12.49 -38.32 33.95
N ILE G 124 11.40 -37.65 34.30
CA ILE G 124 11.28 -36.96 35.58
C ILE G 124 9.97 -37.23 36.30
N MET G 125 10.07 -37.58 37.56
CA MET G 125 8.97 -37.39 38.48
C MET G 125 9.48 -36.45 39.57
N LYS G 126 8.92 -35.24 39.62
CA LYS G 126 9.31 -34.28 40.65
C LYS G 126 8.14 -33.47 41.19
N HIS G 127 8.31 -32.88 42.37
CA HIS G 127 7.29 -32.01 42.96
C HIS G 127 6.99 -30.87 41.99
N PRO G 128 5.70 -30.71 41.61
CA PRO G 128 5.26 -29.82 40.54
C PRO G 128 5.86 -28.44 40.63
N GLU G 129 6.25 -28.01 41.83
CA GLU G 129 6.82 -26.68 42.04
C GLU G 129 8.17 -26.49 41.32
N GLU G 130 8.96 -27.55 41.27
CA GLU G 130 10.23 -27.54 40.56
C GLU G 130 10.00 -27.79 39.07
N ILE G 131 8.93 -28.51 38.76
CA ILE G 131 8.53 -28.77 37.38
C ILE G 131 7.96 -27.55 36.66
N PHE G 132 6.95 -26.94 37.28
CA PHE G 132 6.26 -25.79 36.69
C PHE G 132 6.86 -24.46 37.08
N PRO G 133 6.64 -23.43 36.26
CA PRO G 133 7.13 -22.10 36.62
C PRO G 133 6.24 -21.48 37.68
N LYS G 134 6.75 -20.52 38.44
CA LYS G 134 5.87 -19.80 39.35
C LYS G 134 4.85 -19.03 38.54
N GLN G 135 3.74 -18.68 39.17
CA GLN G 135 2.72 -17.90 38.49
C GLN G 135 2.54 -16.55 39.17
N ARG G 136 2.08 -15.58 38.40
CA ARG G 136 1.68 -14.29 38.97
C ARG G 136 0.25 -14.42 39.47
N ALA G 137 0.05 -14.11 40.75
CA ALA G 137 -1.22 -14.40 41.43
C ALA G 137 -2.33 -13.53 40.87
N ILE G 138 -3.55 -13.68 41.40
CA ILE G 138 -4.64 -12.84 40.91
C ILE G 138 -4.39 -11.41 41.40
N GLN G 139 -4.44 -10.47 40.46
CA GLN G 139 -3.99 -9.11 40.70
C GLN G 139 -5.11 -8.16 41.06
N TRP G 140 -6.33 -8.67 41.06
CA TRP G 140 -7.47 -7.82 41.38
C TRP G 140 -8.60 -8.62 42.03
N GLY G 141 -9.37 -7.96 42.89
CA GLY G 141 -10.54 -8.58 43.50
C GLY G 141 -11.62 -8.86 42.48
N GLU G 142 -12.69 -9.52 42.89
CA GLU G 142 -13.80 -9.89 42.00
C GLU G 142 -14.65 -8.68 41.63
N ASP G 143 -14.33 -7.53 42.20
CA ASP G 143 -14.95 -6.27 41.83
C ASP G 143 -14.24 -5.59 40.64
N GLY G 144 -13.05 -6.09 40.30
CA GLY G 144 -12.24 -5.53 39.24
C GLY G 144 -11.12 -4.71 39.83
N ARG G 145 -11.31 -4.33 41.08
CA ARG G 145 -10.39 -3.46 41.78
C ARG G 145 -9.12 -4.20 42.17
N PRO G 146 -7.95 -3.67 41.74
CA PRO G 146 -6.59 -4.22 41.95
C PRO G 146 -6.04 -4.05 43.36
N PHE G 147 -5.32 -5.03 43.83
CA PHE G 147 -4.84 -5.05 45.21
C PHE G 147 -3.70 -4.08 45.47
N HIS G 148 -2.67 -4.19 44.66
CA HIS G 148 -1.49 -3.37 44.85
C HIS G 148 -1.67 -2.00 44.21
N PHE G 149 -1.14 -0.96 44.86
CA PHE G 149 -1.39 0.40 44.38
C PHE G 149 -0.51 0.76 43.22
N LEU G 150 0.55 0.00 43.02
CA LEU G 150 1.43 0.27 41.92
C LEU G 150 1.07 -0.52 40.68
N PHE G 151 -0.06 -1.23 40.72
CA PHE G 151 -0.45 -2.14 39.64
C PHE G 151 -0.37 -1.57 38.24
N TYR G 152 -0.79 -0.33 38.10
CA TYR G 152 -0.86 0.31 36.81
C TYR G 152 0.50 0.65 36.22
N THR G 153 1.56 0.38 36.97
CA THR G 153 2.90 0.58 36.46
C THR G 153 3.30 -0.57 35.52
N GLY G 154 2.60 -1.69 35.64
CA GLY G 154 2.80 -2.80 34.71
C GLY G 154 3.92 -3.67 35.21
N LYS G 155 4.83 -3.07 35.97
CA LYS G 155 5.68 -3.81 36.89
C LYS G 155 5.38 -3.31 38.28
N GLN G 156 4.59 -4.05 39.03
CA GLN G 156 4.41 -3.68 40.43
C GLN G 156 5.54 -4.29 41.22
N SER G 157 5.90 -5.51 40.83
CA SER G 157 6.89 -6.28 41.55
C SER G 157 8.20 -5.51 41.62
N TYR G 158 8.56 -4.89 40.51
CA TYR G 158 9.80 -4.14 40.49
C TYR G 158 9.66 -2.88 41.34
N TYR G 159 8.66 -2.08 41.04
CA TYR G 159 8.60 -0.75 41.64
C TYR G 159 8.20 -0.78 43.09
N SER G 160 7.80 -1.95 43.59
CA SER G 160 7.52 -2.08 44.99
C SER G 160 8.85 -2.16 45.73
N LEU G 161 9.73 -2.99 45.18
CA LEU G 161 11.11 -3.06 45.66
C LEU G 161 11.72 -1.69 45.62
N MET G 162 11.39 -0.94 44.57
CA MET G 162 11.96 0.38 44.41
C MET G 162 11.42 1.36 45.45
N HIS G 163 10.11 1.33 45.66
CA HIS G 163 9.47 2.23 46.63
C HIS G 163 10.02 1.97 48.03
N ASP G 164 10.13 0.68 48.36
CA ASP G 164 10.63 0.23 49.66
C ASP G 164 12.09 0.61 49.85
N THR G 165 12.88 0.39 48.81
CA THR G 165 14.29 0.68 48.87
C THR G 165 14.48 2.15 49.12
N TYR G 166 13.78 2.96 48.33
CA TYR G 166 13.89 4.39 48.47
C TYR G 166 13.41 4.85 49.84
N GLY G 167 12.40 4.17 50.38
CA GLY G 167 11.85 4.50 51.68
C GLY G 167 12.86 4.24 52.78
N LYS G 168 13.47 3.06 52.72
CA LYS G 168 14.59 2.69 53.56
C LYS G 168 15.65 3.78 53.54
N LEU G 169 16.01 4.22 52.34
CA LEU G 169 17.01 5.26 52.20
C LEU G 169 16.59 6.53 52.93
N LEU G 170 15.40 7.02 52.61
CA LEU G 170 14.88 8.24 53.23
C LEU G 170 14.92 8.17 54.77
N ASP G 171 14.46 7.05 55.32
CA ASP G 171 14.45 6.87 56.77
C ASP G 171 15.86 6.89 57.33
N VAL G 172 16.78 6.25 56.60
CA VAL G 172 18.18 6.28 56.98
C VAL G 172 18.69 7.72 57.06
N GLU G 173 18.29 8.55 56.10
CA GLU G 173 18.75 9.95 56.07
C GLU G 173 18.13 10.83 57.17
N LYS G 174 16.93 10.50 57.62
CA LYS G 174 16.33 11.26 58.74
C LYS G 174 16.91 10.81 60.09
N HIS G 175 17.05 9.50 60.27
CA HIS G 175 17.65 8.89 61.45
C HIS G 175 19.10 9.33 61.66
N HIS G 176 19.90 9.20 60.61
CA HIS G 176 21.32 9.51 60.62
C HIS G 176 21.63 10.95 61.02
N ASN G 177 20.64 11.83 60.88
CA ASN G 177 20.83 13.25 61.13
C ASN G 177 21.86 13.82 60.16
N PRO G 195 34.56 -8.01 50.47
CA PRO G 195 35.26 -9.00 49.63
C PRO G 195 35.22 -10.40 50.25
N ILE G 196 34.17 -10.70 51.01
CA ILE G 196 34.02 -11.98 51.69
C ILE G 196 33.69 -13.10 50.69
N GLY G 197 33.50 -12.73 49.43
CA GLY G 197 33.03 -13.64 48.41
C GLY G 197 31.56 -13.38 48.16
N SER G 198 31.09 -12.25 48.69
CA SER G 198 29.70 -11.86 48.56
C SER G 198 29.46 -11.03 47.30
N ARG G 199 28.43 -11.39 46.54
CA ARG G 199 28.05 -10.64 45.35
C ARG G 199 26.59 -10.21 45.43
N TRP G 200 26.21 -9.26 44.60
CA TRP G 200 24.79 -8.94 44.40
C TRP G 200 24.15 -10.03 43.57
N LEU G 201 22.83 -10.08 43.56
CA LEU G 201 22.12 -11.05 42.73
C LEU G 201 22.50 -10.85 41.27
N ILE G 202 22.38 -11.90 40.46
CA ILE G 202 22.40 -11.68 39.02
C ILE G 202 21.07 -11.09 38.61
N LYS G 203 20.92 -10.76 37.33
CA LYS G 203 19.63 -10.28 36.85
C LYS G 203 18.61 -11.40 36.94
N GLU G 204 19.05 -12.61 36.62
CA GLU G 204 18.18 -13.77 36.66
C GLU G 204 17.67 -14.08 38.06
N GLU G 205 18.47 -13.78 39.08
CA GLU G 205 18.04 -14.07 40.44
C GLU G 205 17.02 -13.06 40.96
N LEU G 206 17.12 -11.80 40.55
CA LEU G 206 16.10 -10.83 40.91
C LEU G 206 14.82 -11.17 40.15
N GLU G 207 14.99 -11.59 38.90
CA GLU G 207 13.85 -12.04 38.11
C GLU G 207 13.14 -13.24 38.76
N GLU G 208 13.91 -14.12 39.40
CA GLU G 208 13.31 -15.23 40.13
C GLU G 208 12.63 -14.77 41.43
N MET G 209 13.30 -13.87 42.16
CA MET G 209 12.79 -13.35 43.44
C MET G 209 11.47 -12.61 43.33
N LEU G 210 11.27 -11.85 42.25
CA LEU G 210 10.04 -11.08 42.08
C LEU G 210 9.01 -11.76 41.17
N VAL G 211 9.38 -12.91 40.62
CA VAL G 211 8.56 -13.62 39.64
C VAL G 211 8.17 -12.68 38.52
N GLU G 212 9.15 -11.92 38.05
CA GLU G 212 8.90 -10.85 37.11
C GLU G 212 10.01 -10.74 36.07
N LYS G 213 9.64 -10.66 34.80
CA LYS G 213 10.62 -10.35 33.76
C LYS G 213 11.23 -8.99 34.07
N LEU G 214 12.51 -8.82 33.75
CA LEU G 214 13.18 -7.55 34.02
C LEU G 214 13.91 -7.02 32.81
N SER G 215 14.33 -5.76 32.89
CA SER G 215 15.23 -5.19 31.91
C SER G 215 16.59 -4.95 32.56
N ASP G 216 17.63 -4.98 31.75
CA ASP G 216 18.98 -4.73 32.24
C ASP G 216 19.04 -3.40 32.96
N GLN G 217 18.57 -2.37 32.29
CA GLN G 217 18.53 -1.03 32.85
C GLN G 217 17.93 -1.04 34.24
N ASP G 218 16.83 -1.79 34.39
CA ASP G 218 16.09 -1.81 35.64
C ASP G 218 16.95 -2.42 36.73
N TYR G 219 17.49 -3.60 36.43
CA TYR G 219 18.40 -4.27 37.33
C TYR G 219 19.50 -3.30 37.78
N ALA G 220 20.15 -2.70 36.80
CA ALA G 220 21.25 -1.78 37.04
C ALA G 220 20.82 -0.66 37.97
N GLN G 221 19.64 -0.13 37.72
CA GLN G 221 19.09 0.94 38.54
C GLN G 221 19.02 0.52 39.98
N PHE G 222 18.45 -0.66 40.18
CA PHE G 222 18.26 -1.16 41.52
C PHE G 222 19.58 -1.34 42.25
N ILE G 223 20.49 -2.10 41.66
CA ILE G 223 21.78 -2.39 42.28
C ILE G 223 22.50 -1.08 42.64
N ARG G 224 22.42 -0.13 41.72
CA ARG G 224 22.88 1.21 41.97
C ARG G 224 22.29 1.74 43.29
N LEU G 225 20.99 1.56 43.45
CA LEU G 225 20.33 2.01 44.67
C LEU G 225 20.85 1.31 45.92
N LEU G 226 21.13 0.02 45.80
CA LEU G 226 21.67 -0.73 46.93
C LEU G 226 23.08 -0.27 47.31
N GLU G 227 23.82 0.22 46.33
CA GLU G 227 25.09 0.86 46.64
C GLU G 227 24.85 2.13 47.44
N ARG G 228 23.85 2.92 47.03
CA ARG G 228 23.49 4.08 47.85
C ARG G 228 23.17 3.70 49.30
N LEU G 229 22.46 2.58 49.47
CA LEU G 229 22.12 2.07 50.80
C LEU G 229 23.34 1.71 51.62
N SER G 230 24.22 0.87 51.07
CA SER G 230 25.46 0.54 51.72
C SER G 230 26.31 1.77 52.04
N ALA G 231 26.13 2.83 51.26
CA ALA G 231 26.94 4.06 51.39
C ALA G 231 26.75 4.80 52.70
N LEU G 232 25.64 4.57 53.39
CA LEU G 232 25.33 5.30 54.61
C LEU G 232 25.56 4.44 55.87
N PRO G 233 25.35 5.02 57.07
CA PRO G 233 25.24 4.23 58.30
C PRO G 233 24.19 3.11 58.21
N CYS G 234 24.61 1.91 58.60
CA CYS G 234 23.84 0.70 58.37
C CYS G 234 23.11 0.26 59.64
N GLY G 235 21.78 0.41 59.65
CA GLY G 235 20.97 -0.02 60.78
C GLY G 235 20.85 -1.54 60.79
N ALA G 236 20.04 -2.07 61.70
CA ALA G 236 19.82 -3.52 61.81
C ALA G 236 18.96 -4.07 60.66
N THR G 237 17.76 -3.52 60.54
CA THR G 237 16.81 -3.91 59.49
C THR G 237 17.33 -3.48 58.12
N GLU G 238 18.15 -2.42 58.12
CA GLU G 238 18.85 -1.96 56.94
C GLU G 238 19.75 -3.06 56.41
N GLU G 239 20.55 -3.64 57.31
CA GLU G 239 21.46 -4.71 56.94
C GLU G 239 20.71 -5.97 56.52
N ASP G 240 19.64 -6.32 57.25
CA ASP G 240 18.83 -7.48 56.85
C ASP G 240 18.30 -7.31 55.42
N PHE G 241 17.77 -6.11 55.17
CA PHE G 241 17.20 -5.73 53.90
C PHE G 241 18.16 -5.99 52.75
N VAL G 242 19.39 -5.51 52.89
CA VAL G 242 20.38 -5.68 51.84
C VAL G 242 20.90 -7.12 51.79
N ASN G 243 20.74 -7.83 52.91
CA ASN G 243 21.11 -9.24 52.95
C ASN G 243 20.20 -10.09 52.06
N ARG G 244 18.94 -9.67 51.91
CA ARG G 244 18.03 -10.37 50.97
C ARG G 244 18.63 -10.52 49.55
N PHE G 245 19.27 -9.44 49.12
CA PHE G 245 19.84 -9.30 47.78
C PHE G 245 21.32 -9.67 47.75
N ARG G 246 21.79 -10.22 48.86
CA ARG G 246 23.15 -10.69 48.95
C ARG G 246 23.25 -12.17 48.60
N ARG G 247 24.35 -12.54 47.96
CA ARG G 247 24.73 -13.94 47.77
C ARG G 247 26.20 -14.11 48.13
N SER G 248 26.63 -15.35 48.24
CA SER G 248 28.02 -15.65 48.61
C SER G 248 28.62 -16.71 47.69
N ILE G 249 29.88 -16.51 47.30
CA ILE G 249 30.52 -17.39 46.32
C ILE G 249 31.81 -18.02 46.87
N PRO G 250 32.05 -19.30 46.53
CA PRO G 250 33.30 -19.98 46.89
C PRO G 250 34.49 -19.68 45.94
N UNK G 251 35.71 -19.72 46.49
CA UNK G 251 36.93 -19.71 45.70
C UNK G 251 37.93 -20.66 46.33
N UNK G 252 38.47 -21.59 45.55
CA UNK G 252 39.41 -22.56 46.07
C UNK G 252 40.67 -22.71 45.20
N UNK G 253 41.82 -22.28 45.73
CA UNK G 253 43.08 -22.58 45.06
C UNK G 253 44.14 -23.15 46.00
N UNK G 254 44.43 -24.43 45.85
CA UNK G 254 45.65 -25.06 46.35
C UNK G 254 45.92 -26.26 45.47
N UNK G 255 47.18 -26.55 45.16
CA UNK G 255 47.46 -27.83 44.53
C UNK G 255 47.29 -28.88 45.63
N UNK G 256 46.42 -29.84 45.40
CA UNK G 256 46.08 -30.82 46.43
C UNK G 256 47.31 -31.61 46.85
N UNK G 257 47.60 -31.60 48.14
CA UNK G 257 48.82 -32.21 48.67
C UNK G 257 48.59 -33.63 49.16
N UNK G 258 49.21 -34.58 48.48
CA UNK G 258 49.18 -35.96 48.94
C UNK G 258 50.07 -36.11 50.16
N UNK G 259 49.57 -36.76 51.20
CA UNK G 259 50.40 -37.18 52.32
C UNK G 259 51.38 -38.21 51.78
N UNK G 260 52.60 -38.25 52.33
CA UNK G 260 53.61 -39.14 51.77
C UNK G 260 53.22 -40.59 52.04
N UNK G 261 54.00 -41.53 51.53
CA UNK G 261 53.77 -42.94 51.83
C UNK G 261 55.09 -43.62 52.18
N UNK G 262 55.21 -44.11 53.42
CA UNK G 262 56.41 -44.80 53.85
C UNK G 262 56.30 -46.30 53.53
N UNK G 263 57.22 -46.80 52.69
CA UNK G 263 57.21 -48.19 52.28
C UNK G 263 57.58 -49.09 53.46
N UNK G 264 57.03 -50.31 53.47
CA UNK G 264 57.30 -51.24 54.55
C UNK G 264 58.65 -51.95 54.40
N UNK G 265 59.06 -52.18 53.16
CA UNK G 265 60.28 -52.95 52.87
C UNK G 265 61.55 -52.34 53.45
N UNK G 266 61.85 -51.10 53.06
CA UNK G 266 63.01 -50.39 53.59
C UNK G 266 62.65 -49.47 54.75
N GLY G 267 61.35 -49.37 55.04
CA GLY G 267 60.87 -48.40 56.01
C GLY G 267 61.01 -46.99 55.47
N MET G 268 61.06 -46.86 54.14
CA MET G 268 61.38 -45.57 53.52
C MET G 268 60.16 -44.92 52.86
N ALA G 269 60.15 -43.59 52.82
CA ALA G 269 59.05 -42.83 52.23
C ALA G 269 59.21 -42.56 50.72
N PHE G 270 58.11 -42.75 50.00
CA PHE G 270 58.04 -42.49 48.56
C PHE G 270 56.78 -41.70 48.22
N SER G 271 56.70 -41.18 46.99
CA SER G 271 55.48 -40.56 46.48
C SER G 271 55.28 -40.92 45.00
N ARG G 272 54.08 -41.37 44.65
CA ARG G 272 53.82 -41.84 43.29
C ARG G 272 52.92 -40.91 42.48
N GLY G 273 53.52 -40.24 41.48
CA GLY G 273 52.80 -39.32 40.60
C GLY G 273 52.31 -39.89 39.27
N GLU G 274 51.26 -39.29 38.73
CA GLU G 274 50.75 -39.62 37.41
C GLU G 274 50.56 -38.37 36.58
N GLY G 275 51.37 -38.24 35.54
CA GLY G 275 51.16 -37.21 34.54
C GLY G 275 50.46 -37.75 33.31
N LYS G 276 49.73 -36.89 32.61
CA LYS G 276 49.16 -37.27 31.34
C LYS G 276 49.27 -36.16 30.33
N ARG G 277 50.00 -36.41 29.25
CA ARG G 277 50.08 -35.47 28.16
C ARG G 277 49.90 -36.15 26.81
N LYS G 278 48.83 -35.79 26.10
CA LYS G 278 48.81 -35.92 24.66
C LYS G 278 49.12 -37.35 24.22
N THR G 279 48.16 -38.25 24.45
CA THR G 279 48.27 -39.66 24.07
C THR G 279 49.27 -40.42 24.94
N ALA G 280 49.97 -39.72 25.84
CA ALA G 280 50.99 -40.37 26.63
C ALA G 280 50.77 -40.20 28.11
N LYS G 281 50.60 -41.30 28.83
CA LYS G 281 50.55 -41.21 30.29
C LYS G 281 51.85 -41.70 30.88
N ALA G 282 52.28 -41.08 31.98
CA ALA G 282 53.41 -41.60 32.72
C ALA G 282 53.11 -41.68 34.21
N GLU G 283 53.73 -42.66 34.87
CA GLU G 283 53.71 -42.80 36.33
C GLU G 283 55.14 -42.78 36.84
N VAL G 284 55.37 -42.02 37.90
CA VAL G 284 56.70 -41.87 38.44
C VAL G 284 56.69 -42.06 39.94
N VAL G 285 57.37 -43.08 40.44
CA VAL G 285 57.53 -43.23 41.88
C VAL G 285 58.84 -42.57 42.29
N VAL G 286 58.77 -41.63 43.23
CA VAL G 286 59.98 -40.93 43.71
C VAL G 286 60.30 -41.32 45.14
N TYR G 287 61.51 -41.86 45.32
CA TYR G 287 62.03 -42.25 46.62
C TYR G 287 62.83 -41.08 47.20
N GLY G 288 62.55 -40.77 48.47
CA GLY G 288 63.06 -39.59 49.13
C GLY G 288 64.54 -39.59 49.45
N GLN G 289 65.13 -40.78 49.55
CA GLN G 289 66.57 -40.87 49.67
C GLN G 289 67.15 -41.53 48.41
N GLY G 290 67.75 -40.71 47.56
CA GLY G 290 68.29 -41.19 46.30
C GLY G 290 69.78 -41.24 46.16
N SER G 291 70.24 -41.93 45.11
CA SER G 291 71.61 -41.84 44.65
C SER G 291 71.69 -40.90 43.46
N GLY G 292 70.53 -40.39 43.04
CA GLY G 292 70.42 -39.65 41.79
C GLY G 292 69.89 -40.55 40.68
N ARG G 293 69.83 -41.85 40.96
CA ARG G 293 69.31 -42.86 40.02
C ARG G 293 67.93 -42.53 39.47
N ILE G 294 67.81 -42.56 38.15
CA ILE G 294 66.53 -42.36 37.50
C ILE G 294 66.33 -43.42 36.41
N ASP G 295 65.34 -44.28 36.63
CA ASP G 295 65.10 -45.44 35.79
C ASP G 295 63.77 -45.31 35.07
N VAL G 296 63.76 -45.64 33.80
CA VAL G 296 62.59 -45.45 32.94
C VAL G 296 62.20 -46.75 32.29
N ASN G 297 61.03 -47.28 32.65
CA ASN G 297 60.55 -48.51 32.01
C ASN G 297 61.55 -49.66 32.16
N GLY G 298 62.42 -49.58 33.17
CA GLY G 298 63.38 -50.62 33.42
C GLY G 298 64.72 -50.41 32.77
N VAL G 299 64.93 -49.25 32.16
CA VAL G 299 66.23 -48.89 31.61
C VAL G 299 66.61 -47.49 32.07
N ASP G 300 67.85 -47.08 31.84
CA ASP G 300 68.31 -45.80 32.36
C ASP G 300 67.83 -44.65 31.50
N TYR G 301 67.63 -43.50 32.14
CA TYR G 301 67.00 -42.36 31.51
C TYR G 301 67.82 -41.75 30.37
N LEU G 302 69.12 -41.99 30.35
CA LEU G 302 69.94 -41.47 29.29
C LEU G 302 69.68 -42.24 28.02
N LEU G 303 69.44 -43.53 28.19
CA LEU G 303 69.29 -44.46 27.09
C LEU G 303 67.89 -44.36 26.50
N TYR G 304 66.94 -43.99 27.34
CA TYR G 304 65.54 -43.90 26.96
C TYR G 304 65.19 -42.52 26.42
N PHE G 305 66.10 -41.57 26.55
CA PHE G 305 65.89 -40.24 26.00
C PHE G 305 67.17 -39.73 25.36
N PRO G 306 67.58 -40.34 24.24
CA PRO G 306 68.85 -39.97 23.60
C PRO G 306 68.81 -38.54 23.10
N VAL G 307 67.62 -38.03 22.91
CA VAL G 307 67.43 -36.62 22.61
C VAL G 307 67.73 -35.79 23.85
N THR G 308 68.69 -34.89 23.73
CA THR G 308 69.13 -34.08 24.85
C THR G 308 67.97 -33.26 25.42
N GLN G 309 67.19 -32.69 24.50
CA GLN G 309 66.08 -31.83 24.88
C GLN G 309 65.22 -32.49 25.94
N ASP G 310 64.93 -33.76 25.72
CA ASP G 310 64.09 -34.51 26.63
C ASP G 310 64.68 -34.56 28.03
N ARG G 311 65.96 -34.91 28.12
CA ARG G 311 66.64 -34.96 29.40
C ARG G 311 66.59 -33.61 30.11
N GLU G 312 66.62 -32.52 29.33
CA GLU G 312 66.46 -31.18 29.90
C GLU G 312 65.09 -30.99 30.53
N GLN G 313 64.06 -31.33 29.75
CA GLN G 313 62.69 -31.31 30.27
C GLN G 313 62.58 -32.06 31.59
N LEU G 314 63.22 -33.23 31.64
CA LEU G 314 63.23 -34.03 32.85
C LEU G 314 63.90 -33.30 33.99
N MET G 315 65.01 -32.66 33.66
CA MET G 315 65.83 -31.93 34.62
C MET G 315 65.08 -30.78 35.23
N PHE G 316 64.05 -30.29 34.54
CA PHE G 316 63.41 -29.06 34.98
C PHE G 316 62.93 -29.04 36.45
N PRO G 317 62.01 -29.95 36.85
CA PRO G 317 61.53 -29.83 38.24
C PRO G 317 62.64 -29.96 39.29
N LEU G 318 63.53 -30.92 39.09
CA LEU G 318 64.59 -31.20 40.05
C LEU G 318 65.59 -30.05 40.14
N HIS G 319 65.97 -29.47 39.00
CA HIS G 319 66.84 -28.29 39.00
C HIS G 319 66.12 -27.09 39.61
N PHE G 320 64.80 -27.09 39.53
CA PHE G 320 64.00 -26.03 40.15
C PHE G 320 64.09 -26.10 41.67
N LEU G 321 63.93 -27.31 42.19
CA LEU G 321 63.87 -27.53 43.63
C LEU G 321 65.25 -27.91 44.25
N ASP G 322 66.29 -27.85 43.42
CA ASP G 322 67.69 -28.02 43.82
C ASP G 322 67.99 -29.39 44.40
N ARG G 323 67.13 -30.34 44.07
CA ARG G 323 67.16 -31.67 44.65
C ARG G 323 67.91 -32.67 43.79
N LEU G 324 68.59 -32.17 42.77
CA LEU G 324 69.03 -32.98 41.63
C LEU G 324 69.65 -34.34 41.96
N GLY G 325 70.50 -34.41 42.98
CA GLY G 325 71.07 -35.69 43.35
C GLY G 325 70.26 -36.44 44.40
N LYS G 326 69.49 -35.69 45.16
CA LYS G 326 68.90 -36.19 46.39
C LYS G 326 67.89 -37.31 46.22
N HIS G 327 67.21 -37.37 45.07
CA HIS G 327 66.06 -38.27 44.95
C HIS G 327 66.22 -39.39 43.90
N ASP G 328 65.54 -40.52 44.13
CA ASP G 328 65.70 -41.72 43.31
C ASP G 328 64.38 -42.15 42.67
N MET G 329 64.26 -42.05 41.34
CA MET G 329 62.95 -42.28 40.72
C MET G 329 62.85 -43.50 39.80
N THR G 330 61.74 -44.21 39.97
CA THR G 330 61.36 -45.32 39.12
C THR G 330 60.24 -44.83 38.20
N CYS G 331 60.22 -45.26 36.95
CA CYS G 331 59.28 -44.69 35.98
C CYS G 331 58.69 -45.66 34.95
N ALA G 332 57.38 -45.50 34.72
CA ALA G 332 56.64 -46.26 33.71
C ALA G 332 55.82 -45.34 32.79
N VAL G 333 56.18 -45.27 31.51
CA VAL G 333 55.49 -44.36 30.58
C VAL G 333 55.05 -45.04 29.29
N SER G 334 53.86 -44.71 28.80
CA SER G 334 53.34 -45.33 27.59
C SER G 334 52.38 -44.43 26.78
N GLY G 335 52.41 -44.63 25.46
CA GLY G 335 51.66 -43.84 24.52
C GLY G 335 52.51 -42.77 23.86
N GLY G 336 52.21 -42.43 22.61
CA GLY G 336 52.83 -41.31 21.94
C GLY G 336 54.33 -41.38 21.64
N GLY G 337 54.85 -40.26 21.16
CA GLY G 337 56.25 -40.14 20.76
C GLY G 337 57.10 -39.43 21.78
N ARG G 338 58.39 -39.32 21.51
CA ARG G 338 59.35 -39.09 22.57
C ARG G 338 59.13 -37.81 23.38
N SER G 339 58.89 -36.68 22.71
CA SER G 339 58.74 -35.43 23.43
C SER G 339 57.53 -35.50 24.33
N ALA G 340 56.45 -36.08 23.81
CA ALA G 340 55.24 -36.27 24.59
C ALA G 340 55.55 -37.05 25.87
N GLN G 341 56.37 -38.08 25.72
CA GLN G 341 56.74 -38.91 26.85
C GLN G 341 57.54 -38.11 27.87
N ALA G 342 58.61 -37.48 27.43
CA ALA G 342 59.44 -36.66 28.32
C ALA G 342 58.59 -35.61 29.09
N GLY G 343 57.56 -35.08 28.43
CA GLY G 343 56.68 -34.10 29.05
C GLY G 343 55.73 -34.71 30.06
N ALA G 344 55.23 -35.90 29.75
CA ALA G 344 54.40 -36.61 30.71
C ALA G 344 55.22 -36.88 31.96
N VAL G 345 56.46 -37.32 31.78
CA VAL G 345 57.31 -37.58 32.93
C VAL G 345 57.55 -36.28 33.69
N ARG G 346 57.66 -35.18 32.96
CA ARG G 346 57.78 -33.86 33.61
C ARG G 346 56.61 -33.63 34.56
N LEU G 347 55.40 -33.72 34.04
CA LEU G 347 54.21 -33.53 34.88
C LEU G 347 54.14 -34.51 36.07
N ALA G 348 54.24 -35.82 35.81
CA ALA G 348 54.17 -36.82 36.86
C ALA G 348 55.20 -36.60 37.95
N MET G 349 56.43 -36.32 37.54
CA MET G 349 57.52 -36.08 38.48
C MET G 349 57.26 -34.85 39.32
N ALA G 350 56.95 -33.74 38.66
CA ALA G 350 56.66 -32.50 39.38
C ALA G 350 55.45 -32.66 40.31
N ARG G 351 54.60 -33.64 40.03
CA ARG G 351 53.49 -33.94 40.93
C ARG G 351 53.95 -34.76 42.13
N ALA G 352 54.82 -35.74 41.87
CA ALA G 352 55.34 -36.60 42.93
C ALA G 352 56.41 -35.88 43.76
N LEU G 353 56.78 -34.67 43.35
CA LEU G 353 57.81 -33.92 44.04
C LEU G 353 57.24 -32.93 45.03
N CYS G 354 55.92 -32.85 45.13
CA CYS G 354 55.32 -31.89 46.03
C CYS G 354 54.97 -32.49 47.41
N SER G 355 55.31 -33.76 47.60
CA SER G 355 55.27 -34.36 48.94
C SER G 355 56.54 -34.00 49.71
N PHE G 356 57.66 -33.99 48.99
CA PHE G 356 58.97 -33.80 49.58
C PHE G 356 59.41 -32.36 49.53
N VAL G 357 58.52 -31.49 49.08
CA VAL G 357 58.88 -30.08 49.03
C VAL G 357 58.14 -29.30 50.14
N THR G 358 58.50 -28.02 50.32
CA THR G 358 57.82 -27.18 51.30
C THR G 358 56.53 -26.62 50.73
N GLU G 359 55.59 -26.32 51.62
CA GLU G 359 54.29 -25.80 51.24
C GLU G 359 54.39 -24.53 50.40
N ASP G 360 55.51 -23.83 50.54
CA ASP G 360 55.74 -22.59 49.80
C ASP G 360 56.20 -22.82 48.36
N GLU G 361 57.11 -23.78 48.18
CA GLU G 361 57.65 -24.05 46.85
C GLU G 361 56.58 -24.55 45.88
N VAL G 362 55.48 -25.05 46.45
CA VAL G 362 54.35 -25.50 45.65
C VAL G 362 53.78 -24.39 44.76
N GLU G 363 53.51 -23.22 45.34
CA GLU G 363 52.97 -22.10 44.56
C GLU G 363 53.94 -21.63 43.51
N TRP G 364 55.22 -21.85 43.78
CA TRP G 364 56.25 -21.57 42.79
C TRP G 364 56.12 -22.53 41.60
N MET G 365 56.03 -23.82 41.88
CA MET G 365 55.89 -24.82 40.81
C MET G 365 54.62 -24.58 40.00
N ARG G 366 53.57 -24.11 40.66
CA ARG G 366 52.40 -23.66 39.92
C ARG G 366 52.77 -22.53 38.99
N GLN G 367 53.36 -21.46 39.53
CA GLN G 367 53.68 -20.30 38.69
C GLN G 367 54.78 -20.59 37.68
N ALA G 368 55.50 -21.69 37.89
CA ALA G 368 56.44 -22.19 36.89
C ALA G 368 55.67 -22.99 35.86
N GLY G 369 54.45 -23.39 36.23
CA GLY G 369 53.57 -24.10 35.32
C GLY G 369 53.91 -25.57 35.19
N LEU G 370 54.45 -26.13 36.25
CA LEU G 370 54.94 -27.51 36.18
C LEU G 370 53.84 -28.54 36.39
N LEU G 371 52.90 -28.21 37.28
CA LEU G 371 51.87 -29.14 37.74
C LEU G 371 50.58 -29.06 36.92
N THR G 372 50.52 -28.09 36.02
CA THR G 372 49.35 -27.93 35.17
C THR G 372 49.54 -28.70 33.89
N ALA G 373 48.50 -29.45 33.53
CA ALA G 373 48.54 -30.32 32.35
C ALA G 373 48.67 -29.49 31.10
N ASP G 374 49.07 -30.11 30.01
CA ASP G 374 49.05 -29.41 28.74
C ASP G 374 47.74 -29.68 28.03
N PRO G 375 46.87 -28.67 27.94
CA PRO G 375 45.58 -28.79 27.27
C PRO G 375 45.73 -28.97 25.76
N ARG G 376 46.93 -28.68 25.27
CA ARG G 376 47.19 -28.75 23.84
C ARG G 376 47.20 -30.18 23.30
N VAL G 377 46.36 -30.42 22.30
CA VAL G 377 46.30 -31.70 21.63
C VAL G 377 45.98 -31.55 20.14
N ARG G 378 46.18 -32.62 19.38
CA ARG G 378 45.84 -32.65 17.96
C ARG G 378 44.39 -32.25 17.70
N GLU G 379 44.17 -31.48 16.64
CA GLU G 379 42.81 -31.13 16.23
C GLU G 379 42.35 -31.92 15.04
N ARG G 380 41.19 -32.56 15.18
CA ARG G 380 40.63 -33.42 14.15
C ARG G 380 40.55 -32.75 12.79
N LYS G 381 40.93 -33.47 11.74
CA LYS G 381 40.71 -32.97 10.37
C LYS G 381 39.23 -32.71 10.21
N LYS G 382 38.85 -31.75 9.38
CA LYS G 382 37.43 -31.53 9.15
C LYS G 382 37.16 -31.92 7.72
N PRO G 383 35.96 -32.47 7.45
CA PRO G 383 35.74 -32.98 6.10
C PRO G 383 35.53 -31.81 5.13
N GLY G 384 36.06 -31.92 3.91
CA GLY G 384 36.01 -30.81 2.96
C GLY G 384 37.16 -29.83 3.11
N GLN G 385 38.08 -30.17 4.02
CA GLN G 385 39.28 -29.37 4.29
C GLN G 385 40.50 -30.24 4.12
N GLU G 386 41.66 -29.71 4.49
CA GLU G 386 42.85 -30.53 4.54
C GLU G 386 43.29 -30.93 5.96
N GLY G 387 43.83 -29.97 6.70
CA GLY G 387 44.52 -30.23 7.96
C GLY G 387 43.85 -29.82 9.27
N ALA G 388 42.52 -29.72 9.28
CA ALA G 388 41.70 -29.13 10.37
C ALA G 388 41.68 -27.62 10.31
N ARG G 389 42.64 -27.06 9.62
CA ARG G 389 42.72 -25.63 9.44
C ARG G 389 42.99 -25.38 7.95
N ARG G 390 44.08 -25.97 7.47
CA ARG G 390 44.39 -25.96 6.05
C ARG G 390 43.18 -26.34 5.21
N LYS G 391 42.91 -25.55 4.18
CA LYS G 391 41.78 -25.81 3.28
C LYS G 391 42.29 -26.16 1.89
N PHE G 392 41.48 -26.88 1.12
CA PHE G 392 41.78 -27.09 -0.29
C PHE G 392 41.94 -25.74 -0.97
N THR G 393 42.89 -25.66 -1.90
CA THR G 393 43.19 -24.40 -2.54
C THR G 393 41.95 -23.79 -3.19
N TRP G 394 41.67 -22.55 -2.85
CA TRP G 394 40.44 -21.87 -3.26
C TRP G 394 40.59 -21.14 -4.58
N LYS G 395 39.58 -21.24 -5.43
CA LYS G 395 39.72 -20.72 -6.78
C LYS G 395 38.72 -19.61 -7.08
N LYS G 396 39.24 -18.43 -7.39
CA LYS G 396 38.44 -17.24 -7.63
C LYS G 396 37.67 -17.33 -8.93
N ARG G 397 38.36 -17.81 -9.96
CA ARG G 397 37.71 -18.05 -11.24
C ARG G 397 36.89 -19.34 -11.16
N PRO H 61 5.85 -76.88 38.57
CA PRO H 61 7.27 -76.98 38.21
C PRO H 61 7.82 -78.39 38.44
N GLU H 62 8.53 -78.93 37.44
CA GLU H 62 9.06 -80.30 37.55
C GLU H 62 10.58 -80.35 37.56
N ILE H 63 11.15 -80.84 38.66
CA ILE H 63 12.58 -81.08 38.74
C ILE H 63 12.86 -82.59 38.65
N THR H 64 13.94 -82.95 37.97
CA THR H 64 14.42 -84.32 37.96
C THR H 64 15.90 -84.33 38.33
N ILE H 65 16.38 -85.45 38.85
CA ILE H 65 17.79 -85.59 39.16
C ILE H 65 18.35 -86.79 38.42
N SER H 66 19.32 -86.56 37.54
CA SER H 66 19.98 -87.66 36.85
C SER H 66 21.34 -87.89 37.51
N ASP H 67 21.77 -89.14 37.53
CA ASP H 67 22.95 -89.54 38.31
C ASP H 67 24.25 -88.84 37.88
N GLU H 68 24.31 -88.47 36.61
CA GLU H 68 25.53 -87.95 36.00
C GLU H 68 26.07 -86.66 36.63
N PRO H 69 27.40 -86.58 36.79
CA PRO H 69 28.21 -85.58 37.52
C PRO H 69 28.28 -84.22 36.83
N ASP H 70 27.32 -83.33 37.13
CA ASP H 70 27.13 -82.07 36.39
C ASP H 70 28.39 -81.21 36.21
N THR H 71 28.42 -80.51 35.08
CA THR H 71 29.53 -79.67 34.63
C THR H 71 29.89 -78.51 35.57
N LEU H 72 31.19 -78.33 35.79
CA LEU H 72 31.70 -77.19 36.55
C LEU H 72 32.21 -76.07 35.63
N TYR H 73 31.99 -74.83 36.04
CA TYR H 73 32.51 -73.68 35.30
C TYR H 73 33.42 -72.85 36.20
N LYS H 74 34.69 -72.72 35.82
CA LYS H 74 35.62 -71.90 36.58
C LYS H 74 35.22 -70.44 36.53
N ARG H 75 34.99 -69.96 35.30
CA ARG H 75 34.64 -68.57 35.06
C ARG H 75 33.61 -68.43 33.93
N LEU H 76 32.53 -67.72 34.22
CA LEU H 76 31.50 -67.45 33.23
C LEU H 76 31.55 -65.97 32.87
N SER H 77 31.95 -65.69 31.64
CA SER H 77 32.16 -64.32 31.20
C SER H 77 31.03 -63.87 30.30
N VAL H 78 30.30 -62.86 30.77
CA VAL H 78 29.11 -62.43 30.07
C VAL H 78 29.28 -60.99 29.63
N LEU H 79 29.37 -60.77 28.33
CA LEU H 79 29.50 -59.42 27.82
C LEU H 79 28.17 -58.92 27.26
N VAL H 80 27.78 -57.70 27.68
CA VAL H 80 26.66 -57.02 27.07
C VAL H 80 27.10 -55.77 26.32
N LYS H 81 26.82 -55.81 25.02
CA LYS H 81 26.95 -54.70 24.09
C LYS H 81 25.68 -53.88 24.14
N GLY H 82 25.80 -52.57 23.94
CA GLY H 82 24.61 -51.73 23.89
C GLY H 82 24.84 -50.38 23.25
N HIS H 83 23.75 -49.62 23.11
CA HIS H 83 23.86 -48.26 22.60
C HIS H 83 23.79 -47.25 23.72
N ASP H 84 22.68 -47.25 24.46
CA ASP H 84 22.50 -46.37 25.61
C ASP H 84 23.17 -46.88 26.90
N LYS H 85 23.91 -45.98 27.56
CA LYS H 85 24.64 -46.35 28.75
C LYS H 85 23.68 -46.63 29.90
N ALA H 86 22.54 -45.95 29.88
CA ALA H 86 21.55 -46.13 30.92
C ALA H 86 21.11 -47.58 30.99
N VAL H 87 20.64 -48.09 29.85
CA VAL H 87 20.11 -49.45 29.80
C VAL H 87 21.09 -50.46 30.33
N LEU H 88 22.36 -50.26 30.01
CA LEU H 88 23.39 -51.15 30.51
C LEU H 88 23.64 -50.95 32.00
N ASP H 89 23.39 -49.75 32.52
CA ASP H 89 23.51 -49.55 33.97
C ASP H 89 22.43 -50.28 34.74
N SER H 90 21.19 -50.08 34.33
CA SER H 90 20.07 -50.72 34.99
C SER H 90 20.16 -52.24 34.86
N TYR H 91 20.63 -52.70 33.70
CA TYR H 91 20.80 -54.12 33.50
C TYR H 91 21.90 -54.71 34.37
N GLU H 92 22.97 -53.94 34.57
CA GLU H 92 23.99 -54.36 35.52
C GLU H 92 23.36 -54.53 36.88
N TYR H 93 22.61 -53.52 37.29
CA TYR H 93 21.95 -53.54 38.59
C TYR H 93 21.11 -54.84 38.71
N PHE H 94 20.33 -55.13 37.67
CA PHE H 94 19.45 -56.30 37.67
C PHE H 94 20.22 -57.60 37.77
N ALA H 95 21.31 -57.69 37.01
CA ALA H 95 22.11 -58.90 36.99
C ALA H 95 22.82 -59.15 38.33
N VAL H 96 23.33 -58.08 38.91
CA VAL H 96 24.01 -58.18 40.20
C VAL H 96 22.99 -58.53 41.26
N LEU H 97 21.79 -58.00 41.17
CA LEU H 97 20.76 -58.28 42.17
C LEU H 97 20.21 -59.70 42.01
N ALA H 98 20.22 -60.22 40.80
CA ALA H 98 19.82 -61.60 40.59
C ALA H 98 20.88 -62.54 41.14
N ALA H 99 22.13 -62.23 40.82
CA ALA H 99 23.25 -63.03 41.25
C ALA H 99 23.44 -63.04 42.77
N LYS H 100 23.17 -61.91 43.44
CA LYS H 100 23.33 -61.82 44.88
C LYS H 100 22.36 -62.74 45.61
N GLU H 101 21.19 -62.91 45.00
CA GLU H 101 20.16 -63.75 45.58
C GLU H 101 20.43 -65.23 45.31
N LEU H 102 21.10 -65.53 44.20
CA LEU H 102 21.38 -66.92 43.86
C LEU H 102 22.77 -67.40 44.34
N GLY H 103 23.45 -66.56 45.11
CA GLY H 103 24.70 -66.93 45.75
C GLY H 103 25.84 -67.18 44.78
N ILE H 104 25.89 -66.37 43.73
CA ILE H 104 26.71 -66.68 42.58
C ILE H 104 28.12 -66.06 42.61
N SER H 105 28.36 -65.10 43.49
CA SER H 105 29.71 -64.52 43.65
C SER H 105 30.30 -63.87 42.38
N ILE H 106 29.80 -62.69 42.02
CA ILE H 106 30.13 -62.05 40.73
C ILE H 106 30.88 -60.72 40.84
N LYS H 107 31.54 -60.36 39.74
CA LYS H 107 32.15 -59.05 39.57
C LYS H 107 31.66 -58.43 38.26
N VAL H 108 31.88 -57.13 38.10
CA VAL H 108 31.45 -56.42 36.92
C VAL H 108 32.52 -55.40 36.52
N HIS H 109 32.69 -55.16 35.22
CA HIS H 109 33.54 -54.05 34.79
C HIS H 109 33.08 -53.40 33.48
N GLU H 110 33.66 -52.24 33.20
CA GLU H 110 33.35 -51.46 32.01
C GLU H 110 34.54 -51.43 31.01
N PRO H 111 34.46 -52.21 29.92
CA PRO H 111 35.50 -52.17 28.88
C PRO H 111 35.34 -50.94 28.00
N PRO H 112 36.44 -50.47 27.42
CA PRO H 112 36.51 -49.23 26.63
C PRO H 112 35.45 -49.15 25.55
N ARG H 113 34.88 -47.95 25.38
CA ARG H 113 33.78 -47.78 24.45
C ARG H 113 34.28 -47.72 23.03
N LYS H 114 33.53 -48.29 22.10
CA LYS H 114 33.90 -48.19 20.69
C LYS H 114 33.05 -47.14 20.03
N ILE H 115 33.66 -46.32 19.19
CA ILE H 115 32.87 -45.36 18.43
C ILE H 115 33.24 -45.42 16.97
N GLU H 116 32.29 -45.87 16.16
CA GLU H 116 32.55 -46.02 14.74
C GLU H 116 31.88 -44.90 13.96
N ARG H 117 32.69 -44.08 13.32
CA ARG H 117 32.17 -42.98 12.56
C ARG H 117 32.38 -43.20 11.08
N PHE H 118 31.54 -42.61 10.24
CA PHE H 118 31.76 -42.65 8.79
C PHE H 118 31.08 -41.50 8.09
N THR H 119 31.40 -41.31 6.81
CA THR H 119 31.04 -40.09 6.09
C THR H 119 30.24 -40.20 4.79
N LEU H 120 29.18 -39.43 4.69
CA LEU H 120 28.39 -39.42 3.48
C LEU H 120 28.37 -38.03 2.90
N LEU H 121 27.95 -37.91 1.64
CA LEU H 121 27.84 -36.60 1.03
C LEU H 121 26.58 -35.89 1.53
N LYS H 122 26.60 -34.56 1.60
CA LYS H 122 25.50 -33.80 2.20
C LYS H 122 24.37 -33.48 1.24
N SER H 123 24.62 -33.60 -0.05
CA SER H 123 23.59 -33.30 -1.06
C SER H 123 23.32 -34.44 -2.00
N VAL H 124 22.21 -34.34 -2.71
CA VAL H 124 21.89 -35.31 -3.73
C VAL H 124 22.86 -35.28 -4.88
N HIS H 125 23.17 -34.09 -5.39
CA HIS H 125 23.99 -34.05 -6.59
C HIS H 125 25.45 -33.71 -6.36
N ILE H 126 25.84 -32.45 -6.31
CA ILE H 126 27.27 -32.20 -6.16
C ILE H 126 27.67 -31.06 -5.30
N PHE H 127 28.03 -31.32 -4.07
CA PHE H 127 28.92 -30.39 -3.41
C PHE H 127 29.78 -31.29 -2.59
N LYS H 128 31.01 -31.51 -3.01
CA LYS H 128 31.76 -32.52 -2.31
C LYS H 128 32.60 -31.85 -1.25
N LYS H 129 32.44 -30.53 -1.16
CA LYS H 129 33.02 -29.82 -0.05
C LYS H 129 32.22 -30.21 1.16
N HIS H 130 31.01 -30.66 0.91
CA HIS H 130 30.05 -30.76 1.99
C HIS H 130 29.64 -32.16 2.33
N ARG H 131 29.93 -32.58 3.56
CA ARG H 131 29.61 -33.92 4.01
C ARG H 131 28.83 -33.93 5.29
N VAL H 132 28.28 -35.10 5.59
CA VAL H 132 27.70 -35.35 6.89
C VAL H 132 28.45 -36.51 7.50
N GLN H 133 28.56 -36.54 8.82
CA GLN H 133 29.20 -37.70 9.40
C GLN H 133 28.30 -38.34 10.41
N TYR H 134 28.32 -39.67 10.48
CA TYR H 134 27.46 -40.37 11.40
C TYR H 134 28.27 -41.22 12.35
N GLU H 135 27.67 -41.53 13.48
CA GLU H 135 28.30 -42.33 14.51
C GLU H 135 27.46 -43.54 14.88
N MET H 136 28.13 -44.54 15.43
CA MET H 136 27.46 -45.55 16.26
C MET H 136 28.38 -45.82 17.42
N ARG H 137 27.84 -45.72 18.62
CA ARG H 137 28.62 -46.03 19.79
C ARG H 137 28.22 -47.40 20.31
N THR H 138 29.20 -48.16 20.78
CA THR H 138 28.95 -49.46 21.34
C THR H 138 29.61 -49.48 22.70
N LEU H 139 28.76 -49.62 23.70
CA LEU H 139 29.16 -49.59 25.09
C LEU H 139 29.11 -50.99 25.71
N TYR H 140 30.00 -51.24 26.65
CA TYR H 140 30.20 -52.59 27.17
C TYR H 140 30.03 -52.71 28.67
N ARG H 141 29.42 -53.81 29.11
CA ARG H 141 29.52 -54.20 30.52
C ARG H 141 29.84 -55.66 30.56
N CYS H 142 30.73 -56.07 31.44
CA CYS H 142 30.94 -57.50 31.54
C CYS H 142 30.79 -58.00 32.95
N LEU H 143 29.92 -59.00 33.07
CA LEU H 143 29.67 -59.71 34.30
C LEU H 143 30.54 -60.93 34.32
N GLU H 144 31.47 -60.96 35.26
CA GLU H 144 32.40 -62.06 35.37
C GLU H 144 32.07 -62.87 36.62
N LEU H 145 31.55 -64.08 36.44
CA LEU H 145 31.12 -64.89 37.57
C LEU H 145 32.10 -66.00 37.83
N GLU H 146 32.30 -66.35 39.09
CA GLU H 146 33.26 -67.39 39.42
C GLU H 146 32.65 -68.57 40.16
N HIS H 147 33.17 -69.76 39.88
CA HIS H 147 32.81 -71.00 40.58
C HIS H 147 31.32 -71.32 40.51
N LEU H 148 30.86 -71.68 39.31
CA LEU H 148 29.46 -72.00 39.06
C LEU H 148 29.26 -73.46 38.71
N THR H 149 28.08 -74.00 39.04
CA THR H 149 27.76 -75.35 38.62
C THR H 149 27.13 -75.32 37.23
N GLY H 150 26.83 -76.49 36.68
CA GLY H 150 26.21 -76.54 35.37
C GLY H 150 24.82 -75.94 35.44
N SER H 151 24.00 -76.52 36.30
CA SER H 151 22.61 -76.11 36.41
C SER H 151 22.53 -74.65 36.84
N THR H 152 23.39 -74.26 37.77
CA THR H 152 23.40 -72.89 38.26
C THR H 152 23.53 -71.92 37.10
N ALA H 153 24.49 -72.21 36.23
CA ALA H 153 24.72 -71.41 35.05
C ALA H 153 23.49 -71.41 34.16
N ASP H 154 22.94 -72.59 33.91
CA ASP H 154 21.80 -72.69 32.99
C ASP H 154 20.64 -71.83 33.43
N VAL H 155 20.30 -71.91 34.71
CA VAL H 155 19.21 -71.10 35.26
C VAL H 155 19.52 -69.62 35.26
N TYR H 156 20.63 -69.25 35.90
CA TYR H 156 20.99 -67.84 36.01
C TYR H 156 21.00 -67.15 34.66
N LEU H 157 21.69 -67.78 33.71
CA LEU H 157 21.76 -67.29 32.34
C LEU H 157 20.41 -67.28 31.67
N GLU H 158 19.60 -68.30 31.88
CA GLU H 158 18.23 -68.29 31.39
C GLU H 158 17.48 -67.03 31.84
N TYR H 159 17.61 -66.70 33.12
CA TYR H 159 16.95 -65.55 33.72
C TYR H 159 17.47 -64.21 33.16
N ILE H 160 18.79 -64.15 33.03
CA ILE H 160 19.45 -63.05 32.34
C ILE H 160 18.87 -62.87 30.93
N GLN H 161 19.18 -63.80 30.02
CA GLN H 161 18.79 -63.75 28.62
C GLN H 161 17.31 -63.48 28.37
N ARG H 162 16.42 -64.14 29.13
CA ARG H 162 14.97 -63.91 28.96
C ARG H 162 14.61 -62.44 29.08
N ASN H 163 15.29 -61.75 29.99
CA ASN H 163 15.01 -60.35 30.28
C ASN H 163 15.87 -59.36 29.52
N LEU H 164 16.66 -59.85 28.58
CA LEU H 164 17.50 -59.00 27.76
C LEU H 164 16.69 -57.92 27.02
N PRO H 165 17.03 -56.62 27.24
CA PRO H 165 16.36 -55.52 26.52
C PRO H 165 16.63 -55.56 25.02
N GLU H 166 15.82 -54.81 24.29
CA GLU H 166 15.76 -54.87 22.83
C GLU H 166 16.95 -54.19 22.16
N GLY H 167 17.59 -53.26 22.87
CA GLY H 167 18.68 -52.50 22.29
C GLY H 167 20.03 -53.15 22.46
N VAL H 168 20.07 -54.27 23.19
CA VAL H 168 21.35 -54.84 23.57
C VAL H 168 21.57 -56.27 23.08
N ALA H 169 22.85 -56.63 23.02
CA ALA H 169 23.28 -57.96 22.63
C ALA H 169 24.10 -58.55 23.78
N MET H 170 24.23 -59.87 23.80
CA MET H 170 25.03 -60.49 24.85
C MET H 170 25.92 -61.62 24.36
N GLU H 171 27.17 -61.57 24.78
CA GLU H 171 28.17 -62.51 24.33
C GLU H 171 28.72 -63.30 25.51
N VAL H 172 28.43 -64.59 25.54
CA VAL H 172 28.83 -65.43 26.67
C VAL H 172 30.03 -66.29 26.38
N THR H 173 31.00 -66.26 27.29
CA THR H 173 32.06 -67.26 27.26
C THR H 173 32.12 -68.02 28.56
N LYS H 174 32.03 -69.35 28.46
CA LYS H 174 32.19 -70.20 29.60
C LYS H 174 33.59 -70.79 29.58
N THR H 175 34.26 -70.87 30.73
CA THR H 175 35.45 -71.70 30.76
C THR H 175 35.19 -72.89 31.70
N LYS H 176 35.12 -74.05 31.06
CA LYS H 176 34.63 -75.29 31.64
C LYS H 176 35.79 -76.12 32.21
N LEU H 177 35.53 -76.80 33.32
CA LEU H 177 36.56 -77.59 33.97
C LEU H 177 36.42 -79.08 33.66
N GLU H 178 37.43 -79.64 33.02
CA GLU H 178 37.49 -81.07 32.78
C GLU H 178 38.84 -81.57 33.23
N GLN H 179 38.84 -82.66 33.99
CA GLN H 179 40.09 -83.16 34.55
C GLN H 179 41.10 -83.56 33.48
N LEU H 180 40.93 -84.76 32.92
CA LEU H 180 41.78 -85.25 31.86
C LEU H 180 41.00 -86.21 31.00
N PRO H 181 41.32 -86.26 29.69
CA PRO H 181 40.73 -87.25 28.80
C PRO H 181 41.21 -88.67 29.15
N GLU H 182 40.49 -89.68 28.67
CA GLU H 182 40.66 -91.05 29.16
C GLU H 182 41.90 -91.76 28.60
N HIS H 183 42.23 -91.47 27.36
CA HIS H 183 43.32 -92.17 26.68
C HIS H 183 44.68 -91.61 27.06
N ILE H 184 44.68 -90.46 27.72
CA ILE H 184 45.91 -89.82 28.13
C ILE H 184 46.31 -90.01 29.61
N ARG H 185 45.43 -90.58 30.43
CA ARG H 185 45.52 -90.36 31.89
C ARG H 185 46.86 -90.77 32.50
N LYS H 186 47.09 -92.07 32.69
CA LYS H 186 48.45 -92.58 32.61
C LYS H 186 48.57 -93.93 31.88
N PRO H 187 47.96 -94.10 30.69
CA PRO H 187 48.56 -95.02 29.71
C PRO H 187 49.62 -94.31 28.86
N ILE H 188 50.55 -95.06 28.28
CA ILE H 188 51.37 -94.53 27.19
C ILE H 188 51.30 -95.48 26.01
N TRP H 189 50.64 -95.02 24.94
CA TRP H 189 50.17 -95.86 23.84
C TRP H 189 49.58 -97.19 24.34
N SER I 61 57.78 43.99 32.87
CA SER I 61 57.63 44.00 31.41
C SER I 61 58.93 43.61 30.73
N PHE I 62 59.06 42.33 30.40
CA PHE I 62 60.28 41.81 29.79
C PHE I 62 60.03 41.29 28.39
N SER I 63 60.94 41.66 27.49
CA SER I 63 60.86 41.31 26.08
C SER I 63 59.56 41.78 25.46
N ILE I 64 59.41 43.10 25.34
CA ILE I 64 58.46 43.65 24.37
C ILE I 64 59.14 43.50 23.03
N TYR I 65 58.47 42.82 22.10
CA TYR I 65 59.09 42.38 20.86
C TYR I 65 59.61 43.50 19.94
N PRO I 66 58.77 44.48 19.57
CA PRO I 66 59.18 45.35 18.45
C PRO I 66 60.11 46.53 18.80
N PRO I 67 61.44 46.32 18.82
CA PRO I 67 62.28 47.43 19.27
C PRO I 67 62.28 48.64 18.32
N ILE I 68 62.04 49.83 18.87
CA ILE I 68 61.82 51.04 18.06
C ILE I 68 63.10 51.48 17.34
N PRO I 69 62.95 52.08 16.14
CA PRO I 69 64.09 52.69 15.43
C PRO I 69 64.67 53.95 16.10
N GLY I 70 63.95 54.56 17.04
CA GLY I 70 64.52 55.61 17.88
C GLY I 70 65.60 54.97 18.75
N GLN I 71 66.42 55.77 19.42
CA GLN I 71 67.55 55.21 20.16
C GLN I 71 67.23 54.98 21.66
N GLU I 72 65.97 55.21 22.04
CA GLU I 72 65.53 55.01 23.42
C GLU I 72 65.79 53.60 23.95
N ASN I 73 65.95 52.63 23.04
CA ASN I 73 66.19 51.25 23.43
C ASN I 73 67.65 50.85 23.31
N SER I 74 68.29 50.59 24.44
CA SER I 74 69.63 50.03 24.38
C SER I 74 69.53 48.56 24.69
N LEU I 75 69.65 47.75 23.66
CA LEU I 75 69.83 46.34 23.84
C LEU I 75 70.80 45.89 22.76
N ARG I 76 71.90 45.29 23.16
CA ARG I 76 72.94 44.94 22.18
C ARG I 76 73.13 43.43 22.08
N TRP I 77 73.32 42.97 20.85
CA TRP I 77 73.77 41.61 20.58
C TRP I 77 75.13 41.73 19.91
N ALA I 78 76.14 41.07 20.47
CA ALA I 78 77.51 41.24 20.00
C ALA I 78 77.85 42.73 19.92
N GLY I 79 77.31 43.48 20.89
CA GLY I 79 77.52 44.92 20.96
C GLY I 79 77.03 45.71 19.76
N LYS I 80 75.99 45.19 19.09
CA LYS I 80 75.47 45.88 17.91
C LYS I 80 74.04 46.34 18.14
N LYS I 81 73.63 47.41 17.46
CA LYS I 81 72.23 47.85 17.51
C LYS I 81 71.37 46.87 16.71
N PHE I 82 70.08 46.82 17.03
CA PHE I 82 69.18 45.91 16.33
C PHE I 82 69.12 46.23 14.84
N GLU I 83 69.39 47.49 14.49
CA GLU I 83 69.45 47.91 13.09
C GLU I 83 70.64 47.28 12.35
N GLU I 84 71.69 46.94 13.09
CA GLU I 84 72.93 46.46 12.49
C GLU I 84 73.03 44.95 12.37
N ILE I 85 72.07 44.26 12.98
CA ILE I 85 72.06 42.81 12.92
C ILE I 85 71.55 42.33 11.58
N PRO I 86 72.26 41.37 10.99
CA PRO I 86 71.98 40.71 9.71
C PRO I 86 70.55 40.17 9.51
N ILE I 87 70.01 40.44 8.32
CA ILE I 87 68.69 39.98 7.90
C ILE I 87 68.73 38.70 7.09
N ALA I 88 68.14 37.63 7.61
CA ALA I 88 68.02 36.42 6.81
C ALA I 88 66.65 36.36 6.16
N HIS I 89 66.62 36.50 4.84
CA HIS I 89 65.40 36.32 4.07
C HIS I 89 65.17 34.86 3.84
N ILE I 90 64.00 34.40 4.24
CA ILE I 90 63.60 33.06 3.93
C ILE I 90 62.43 33.18 3.00
N LYS I 91 62.43 32.44 1.90
CA LYS I 91 61.28 32.43 1.00
C LYS I 91 60.75 31.03 0.89
N ALA I 92 59.57 30.81 1.46
CA ALA I 92 58.98 29.47 1.40
C ALA I 92 57.88 29.42 0.34
N SER I 93 58.16 28.74 -0.77
CA SER I 93 57.20 28.59 -1.85
C SER I 93 56.81 27.14 -1.85
N TYR I 94 55.64 26.84 -2.37
CA TYR I 94 55.12 25.48 -2.26
C TYR I 94 56.09 24.44 -2.86
N ASN I 95 56.80 24.82 -3.90
CA ASN I 95 57.74 23.90 -4.52
C ASN I 95 59.18 24.12 -4.13
N ASN I 96 59.41 25.09 -3.26
CA ASN I 96 60.78 25.53 -3.05
C ASN I 96 61.02 26.21 -1.70
N THR I 97 62.28 26.39 -1.34
CA THR I 97 62.63 27.27 -0.24
C THR I 97 63.92 27.93 -0.63
N GLN I 98 64.11 29.20 -0.30
CA GLN I 98 65.46 29.73 -0.39
C GLN I 98 65.78 30.74 0.70
N ILE I 99 66.96 30.58 1.29
CA ILE I 99 67.43 31.54 2.27
C ILE I 99 68.53 32.38 1.68
N GLN I 100 68.51 33.66 2.01
CA GLN I 100 69.60 34.56 1.67
C GLN I 100 69.91 35.43 2.87
N VAL I 101 71.12 35.31 3.39
CA VAL I 101 71.51 36.07 4.57
C VAL I 101 72.28 37.32 4.17
N VAL I 102 71.75 38.48 4.55
CA VAL I 102 72.26 39.74 4.07
C VAL I 102 72.66 40.67 5.21
N SER I 103 73.67 41.50 4.97
CA SER I 103 74.13 42.49 5.93
C SER I 103 73.06 43.53 6.18
N ALA I 104 73.13 44.21 7.31
CA ALA I 104 72.32 45.40 7.52
C ALA I 104 72.63 46.40 6.40
N ALA I 105 73.82 46.25 5.82
CA ALA I 105 74.30 47.07 4.71
C ALA I 105 73.80 46.57 3.35
N HIS I 106 73.08 45.45 3.36
CA HIS I 106 72.54 44.79 2.16
C HIS I 106 73.61 44.22 1.23
N GLN I 107 74.61 43.55 1.80
CA GLN I 107 75.60 42.83 1.01
C GLN I 107 75.45 41.36 1.30
N PRO I 108 74.97 40.60 0.33
CA PRO I 108 74.63 39.19 0.59
C PRO I 108 75.82 38.34 1.03
N LEU I 109 75.69 37.73 2.21
CA LEU I 109 76.74 36.88 2.74
C LEU I 109 76.53 35.37 2.57
N ALA I 110 75.30 34.96 2.31
CA ALA I 110 74.98 33.54 2.21
C ALA I 110 73.76 33.31 1.34
N HIS I 111 73.78 32.25 0.53
CA HIS I 111 72.61 31.85 -0.22
C HIS I 111 72.47 30.35 -0.29
N ALA I 112 71.31 29.83 0.09
CA ALA I 112 71.06 28.41 -0.05
C ALA I 112 69.66 28.16 -0.55
N SER I 113 69.53 27.29 -1.52
CA SER I 113 68.24 26.94 -2.06
C SER I 113 68.04 25.46 -1.84
N CYS I 114 66.80 24.99 -1.85
CA CYS I 114 66.56 23.56 -1.71
C CYS I 114 67.12 22.81 -2.91
N GLY I 115 67.16 23.47 -4.06
CA GLY I 115 67.77 22.94 -5.27
C GLY I 115 69.29 23.02 -5.27
N THR I 116 69.82 24.15 -4.81
CA THR I 116 71.27 24.36 -4.71
C THR I 116 71.87 23.33 -3.74
N GLU I 117 71.02 22.80 -2.88
CA GLU I 117 71.42 21.78 -1.92
C GLU I 117 71.34 20.38 -2.51
N GLY I 118 70.99 20.30 -3.79
CA GLY I 118 70.95 19.02 -4.45
C GLY I 118 69.75 18.14 -4.13
N PHE I 119 68.57 18.76 -4.16
CA PHE I 119 67.35 17.99 -4.19
C PHE I 119 66.77 18.26 -5.56
N ARG I 120 65.67 17.58 -5.90
CA ARG I 120 65.17 17.68 -7.25
C ARG I 120 63.71 18.06 -7.26
N ASN I 121 63.12 18.02 -8.45
CA ASN I 121 61.88 18.73 -8.75
C ASN I 121 60.71 18.63 -7.72
N ALA I 122 60.42 17.45 -7.18
CA ALA I 122 59.38 17.33 -6.14
C ALA I 122 59.98 17.44 -4.77
N LYS I 123 60.87 16.49 -4.47
CA LYS I 123 61.41 16.29 -3.15
C LYS I 123 61.92 17.59 -2.53
N LYS I 124 62.35 18.53 -3.36
CA LYS I 124 62.84 19.80 -2.85
C LYS I 124 61.73 20.62 -2.18
N GLY I 125 60.51 20.14 -2.24
CA GLY I 125 59.42 20.81 -1.54
C GLY I 125 59.52 20.68 -0.03
N THR I 126 59.91 19.50 0.44
CA THR I 126 59.74 19.10 1.83
C THR I 126 60.47 19.97 2.86
N GLY I 127 60.00 19.88 4.11
CA GLY I 127 60.67 20.48 5.25
C GLY I 127 62.05 19.91 5.52
N ILE I 128 62.26 18.65 5.18
CA ILE I 128 63.58 18.05 5.25
C ILE I 128 64.56 18.92 4.48
N ALA I 129 64.20 19.14 3.23
CA ALA I 129 65.02 19.92 2.33
C ALA I 129 65.21 21.33 2.87
N ALA I 130 64.15 21.87 3.46
CA ALA I 130 64.24 23.20 4.01
C ALA I 130 65.33 23.30 5.07
N GLN I 131 65.27 22.43 6.08
CA GLN I 131 66.27 22.48 7.14
C GLN I 131 67.63 22.21 6.55
N THR I 132 67.66 21.38 5.51
CA THR I 132 68.91 21.04 4.85
C THR I 132 69.56 22.29 4.26
N ALA I 133 68.78 23.08 3.53
CA ALA I 133 69.27 24.31 2.93
C ALA I 133 69.68 25.28 4.02
N GLY I 134 68.89 25.32 5.09
CA GLY I 134 69.12 26.22 6.21
C GLY I 134 70.47 26.03 6.87
N ILE I 135 70.80 24.77 7.11
CA ILE I 135 72.08 24.41 7.71
C ILE I 135 73.27 24.97 6.92
N ALA I 136 73.35 24.60 5.65
CA ALA I 136 74.49 24.97 4.82
C ALA I 136 74.53 26.46 4.58
N ALA I 137 73.36 27.09 4.51
CA ALA I 137 73.28 28.53 4.41
C ALA I 137 73.96 29.17 5.61
N ALA I 138 73.58 28.72 6.81
CA ALA I 138 74.17 29.25 8.03
C ALA I 138 75.64 28.87 8.13
N ALA I 139 76.07 27.85 7.38
CA ALA I 139 77.47 27.48 7.28
C ALA I 139 78.24 28.56 6.52
N LYS I 140 77.76 28.88 5.32
CA LYS I 140 78.37 29.93 4.48
C LYS I 140 78.38 31.26 5.20
N ALA I 141 77.30 31.53 5.94
CA ALA I 141 77.19 32.79 6.66
C ALA I 141 78.13 32.86 7.87
N THR I 142 78.15 31.78 8.66
CA THR I 142 79.06 31.63 9.81
C THR I 142 80.52 31.80 9.35
N GLY I 143 80.83 31.31 8.15
CA GLY I 143 82.14 31.50 7.53
C GLY I 143 82.56 32.96 7.42
N LYS I 144 81.60 33.83 7.18
CA LYS I 144 81.87 35.26 7.10
C LYS I 144 81.64 35.94 8.44
N GLY I 145 81.39 35.12 9.46
CA GLY I 145 81.34 35.61 10.82
C GLY I 145 80.13 36.44 11.21
N VAL I 146 78.94 35.88 11.02
CA VAL I 146 77.72 36.46 11.58
C VAL I 146 77.20 35.62 12.74
N THR I 147 77.11 36.23 13.92
CA THR I 147 76.58 35.54 15.08
C THR I 147 75.08 35.47 15.08
N HIS I 148 74.47 36.64 14.92
CA HIS I 148 73.05 36.83 15.14
C HIS I 148 72.31 37.16 13.86
N VAL I 149 71.05 36.75 13.82
CA VAL I 149 70.22 36.94 12.65
C VAL I 149 68.79 37.32 13.03
N ARG I 150 68.30 38.41 12.44
CA ARG I 150 66.87 38.68 12.44
C ARG I 150 66.30 38.15 11.13
N VAL I 151 65.26 37.32 11.24
CA VAL I 151 64.75 36.56 10.11
C VAL I 151 63.44 37.14 9.60
N VAL I 152 63.21 37.05 8.30
CA VAL I 152 61.90 37.38 7.74
C VAL I 152 61.44 36.26 6.81
N VAL I 153 60.24 35.75 7.06
CA VAL I 153 59.69 34.73 6.17
C VAL I 153 58.79 35.37 5.15
N LYS I 154 59.00 35.01 3.91
CA LYS I 154 58.19 35.51 2.82
C LYS I 154 57.44 34.31 2.25
N GLY I 155 56.16 34.49 1.99
CA GLY I 155 55.34 33.40 1.51
C GLY I 155 54.94 32.43 2.60
N LEU I 156 53.98 31.58 2.27
CA LEU I 156 53.50 30.57 3.19
C LEU I 156 53.58 29.22 2.51
N GLY I 157 54.48 28.38 2.99
CA GLY I 157 54.79 27.15 2.30
C GLY I 157 55.30 26.16 3.31
N PRO I 158 55.75 24.99 2.84
CA PRO I 158 56.10 23.85 3.70
C PRO I 158 57.35 24.10 4.54
N GLY I 159 58.29 24.84 3.99
CA GLY I 159 59.60 24.98 4.60
C GLY I 159 59.79 26.24 5.43
N ARG I 160 58.69 26.84 5.88
CA ARG I 160 58.78 27.98 6.76
C ARG I 160 59.54 27.62 8.03
N LEU I 161 58.86 26.84 8.85
CA LEU I 161 59.36 26.46 10.15
C LEU I 161 60.65 25.68 10.03
N SER I 162 60.66 24.73 9.11
CA SER I 162 61.80 23.86 8.95
C SER I 162 63.08 24.64 8.72
N ALA I 163 63.02 25.64 7.84
CA ALA I 163 64.20 26.42 7.52
C ALA I 163 64.60 27.30 8.68
N ILE I 164 63.60 27.91 9.34
CA ILE I 164 63.94 28.72 10.50
C ILE I 164 64.71 27.90 11.54
N LYS I 165 64.18 26.72 11.84
CA LYS I 165 64.88 25.78 12.72
C LYS I 165 66.25 25.46 12.16
N GLY I 166 66.34 25.36 10.84
CA GLY I 166 67.56 25.03 10.12
C GLY I 166 68.69 26.02 10.34
N LEU I 167 68.33 27.30 10.52
CA LEU I 167 69.33 28.30 10.84
C LEU I 167 69.91 28.13 12.24
N THR I 168 69.05 27.83 13.22
CA THR I 168 69.48 27.57 14.60
C THR I 168 70.35 26.31 14.74
N MET I 169 69.78 25.18 14.33
CA MET I 169 70.44 23.88 14.34
C MET I 169 71.71 23.93 13.52
N GLY I 170 71.71 24.76 12.47
CA GLY I 170 72.89 24.96 11.66
C GLY I 170 73.91 25.87 12.33
N GLY I 171 73.72 26.17 13.61
CA GLY I 171 74.65 27.03 14.32
C GLY I 171 74.62 28.46 13.80
N LEU I 172 73.45 29.07 13.85
CA LEU I 172 73.29 30.51 13.62
C LEU I 172 72.22 31.04 14.61
N GLU I 173 72.54 32.10 15.35
CA GLU I 173 71.69 32.53 16.48
C GLU I 173 70.56 33.51 16.08
N VAL I 174 69.32 33.16 16.39
CA VAL I 174 68.18 33.96 15.94
C VAL I 174 67.56 34.86 17.01
N ILE I 175 67.45 36.15 16.68
CA ILE I 175 66.84 37.14 17.57
C ILE I 175 65.34 37.30 17.28
N SER I 176 65.03 37.65 16.03
CA SER I 176 63.68 38.03 15.61
C SER I 176 63.13 37.28 14.41
N ILE I 177 61.83 36.97 14.48
CA ILE I 177 61.08 36.60 13.29
C ILE I 177 60.06 37.68 13.01
N THR I 178 60.02 38.09 11.76
CA THR I 178 58.97 38.98 11.32
C THR I 178 58.43 38.40 10.02
N ASP I 179 57.12 38.43 9.83
CA ASP I 179 56.59 37.90 8.59
C ASP I 179 56.25 39.03 7.61
N ASN I 180 57.03 39.11 6.55
CA ASN I 180 56.60 39.88 5.40
C ASN I 180 56.15 38.88 4.37
N THR I 181 54.85 38.65 4.30
CA THR I 181 54.29 37.86 3.22
C THR I 181 53.40 38.80 2.49
N PRO I 182 53.64 38.96 1.20
CA PRO I 182 52.87 39.95 0.46
C PRO I 182 51.38 39.66 0.58
N ILE I 183 50.65 40.68 1.00
CA ILE I 183 49.20 40.58 1.13
C ILE I 183 48.58 41.68 0.33
N PRO I 184 48.14 41.35 -0.87
CA PRO I 184 47.43 42.28 -1.73
C PRO I 184 46.23 42.87 -0.99
N HIS I 185 46.08 44.19 -1.11
CA HIS I 185 44.93 44.95 -0.60
C HIS I 185 43.89 45.08 -1.74
N ASN I 186 43.93 44.04 -2.57
CA ASN I 186 43.26 43.85 -3.85
C ASN I 186 43.85 44.67 -4.98
N GLY I 187 45.07 44.28 -5.28
CA GLY I 187 45.82 44.59 -6.47
C GLY I 187 45.67 43.39 -7.37
N CYS I 188 46.75 43.03 -8.07
CA CYS I 188 46.69 42.11 -9.20
C CYS I 188 45.93 40.81 -8.97
N ARG I 189 44.98 40.54 -9.87
CA ARG I 189 44.15 39.35 -9.84
C ARG I 189 44.96 38.07 -9.91
N PRO I 190 44.67 37.10 -9.04
CA PRO I 190 45.33 35.79 -9.03
C PRO I 190 44.96 34.94 -10.23
N ARG I 191 45.69 33.87 -10.52
CA ARG I 191 45.34 32.94 -11.59
C ARG I 191 44.15 32.07 -11.19
N LYS I 192 43.39 31.55 -12.16
CA LYS I 192 42.11 30.89 -11.85
C LYS I 192 42.24 29.62 -11.01
N ALA I 193 41.17 29.26 -10.31
CA ALA I 193 41.23 28.12 -9.40
C ALA I 193 41.25 26.82 -10.17
N ARG I 194 41.70 25.71 -9.57
CA ARG I 194 41.72 24.52 -10.39
C ARG I 194 40.99 23.25 -9.96
N ARG I 195 39.84 23.05 -10.58
CA ARG I 195 39.51 21.85 -11.35
C ARG I 195 38.75 22.33 -12.61
N LEU I 196 37.53 22.84 -12.41
CA LEU I 196 36.82 23.69 -13.39
C LEU I 196 36.64 23.08 -14.77
N ALA J 31 -9.86 34.66 -13.44
CA ALA J 31 -9.03 35.64 -12.78
C ALA J 31 -9.89 36.68 -12.09
N THR J 32 -9.66 37.97 -12.38
CA THR J 32 -10.54 39.03 -11.87
C THR J 32 -11.70 39.19 -12.80
N LEU J 33 -12.64 40.05 -12.42
CA LEU J 33 -13.89 40.15 -13.16
C LEU J 33 -13.74 40.94 -14.43
N ASN J 34 -12.94 42.00 -14.37
CA ASN J 34 -12.69 42.80 -15.56
C ASN J 34 -11.96 41.96 -16.59
N GLN J 35 -11.10 41.07 -16.11
CA GLN J 35 -10.38 40.20 -17.02
C GLN J 35 -11.35 39.20 -17.64
N MET J 36 -12.19 38.59 -16.81
CA MET J 36 -13.14 37.62 -17.34
C MET J 36 -14.13 38.28 -18.26
N HIS J 37 -14.28 39.59 -18.13
CA HIS J 37 -15.16 40.35 -19.03
C HIS J 37 -14.50 40.60 -20.37
N ARG J 38 -13.28 41.12 -20.31
CA ARG J 38 -12.51 41.46 -21.51
C ARG J 38 -12.20 40.25 -22.36
N LEU J 39 -12.10 39.08 -21.73
CA LEU J 39 -11.76 37.86 -22.45
C LEU J 39 -12.96 37.01 -22.81
N GLY J 40 -14.14 37.44 -22.36
CA GLY J 40 -15.34 36.68 -22.58
C GLY J 40 -15.35 35.37 -21.82
N PRO J 41 -16.44 34.59 -21.94
CA PRO J 41 -16.43 33.26 -21.37
C PRO J 41 -15.66 32.35 -22.29
N PRO J 42 -15.15 31.22 -21.79
CA PRO J 42 -14.36 30.32 -22.63
C PRO J 42 -15.22 29.59 -23.64
N LYS J 43 -14.74 29.47 -24.88
CA LYS J 43 -15.49 28.75 -25.91
C LYS J 43 -14.88 27.38 -26.04
N HIS J 44 -15.70 26.38 -26.34
CA HIS J 44 -15.15 25.07 -26.52
C HIS J 44 -14.69 24.89 -27.97
N PRO J 45 -13.37 24.75 -28.15
CA PRO J 45 -12.76 24.74 -29.49
C PRO J 45 -13.29 23.63 -30.37
N PRO J 46 -13.68 23.98 -31.61
CA PRO J 46 -14.14 23.05 -32.64
C PRO J 46 -13.17 21.88 -32.84
N GLY J 47 -13.72 20.68 -33.06
CA GLY J 47 -12.90 19.48 -33.16
C GLY J 47 -12.09 19.37 -34.43
N LYS J 48 -10.85 18.90 -34.30
CA LYS J 48 -9.96 18.72 -35.45
C LYS J 48 -10.35 17.44 -36.16
N MET J 49 -10.73 17.56 -37.42
CA MET J 49 -11.18 16.40 -38.19
C MET J 49 -10.02 15.43 -38.41
N GLY J 50 -10.31 14.12 -38.31
CA GLY J 50 -9.28 13.10 -38.38
C GLY J 50 -8.99 12.61 -39.78
N PRO J 51 -8.53 11.36 -39.90
CA PRO J 51 -8.11 10.74 -41.16
C PRO J 51 -9.22 10.65 -42.20
N THR J 52 -10.45 10.47 -41.74
CA THR J 52 -11.54 10.29 -42.66
C THR J 52 -12.11 11.64 -43.07
N ALA J 53 -11.51 12.69 -42.53
CA ALA J 53 -11.91 14.06 -42.80
C ALA J 53 -13.40 14.22 -42.65
N GLY J 54 -13.92 13.71 -41.53
CA GLY J 54 -15.28 13.98 -41.14
C GLY J 54 -16.34 13.02 -41.67
N ARG J 55 -16.06 12.32 -42.75
CA ARG J 55 -17.04 11.41 -43.31
C ARG J 55 -16.96 10.09 -42.57
N PRO J 56 -18.07 9.36 -42.47
CA PRO J 56 -18.08 8.06 -41.81
C PRO J 56 -17.13 7.04 -42.45
N GLN J 57 -17.18 6.93 -43.77
CA GLN J 57 -16.28 6.00 -44.46
C GLN J 57 -15.73 6.59 -45.75
N LEU J 58 -14.85 5.85 -46.43
CA LEU J 58 -14.27 6.33 -47.67
C LEU J 58 -14.11 5.20 -48.68
N LYS J 59 -14.32 5.49 -49.95
CA LYS J 59 -14.03 4.49 -50.96
C LYS J 59 -12.58 4.64 -51.37
N GLY J 60 -11.93 3.52 -51.67
CA GLY J 60 -10.51 3.53 -51.89
C GLY J 60 -9.96 2.52 -52.87
N VAL J 61 -8.76 2.80 -53.39
CA VAL J 61 -8.18 1.89 -54.35
C VAL J 61 -6.78 1.48 -53.97
N VAL J 62 -6.54 0.18 -54.12
CA VAL J 62 -5.34 -0.42 -53.59
C VAL J 62 -4.12 -0.09 -54.42
N LEU J 63 -3.01 0.15 -53.74
CA LEU J 63 -1.73 0.35 -54.40
C LEU J 63 -0.85 -0.86 -54.17
N ARG J 64 -0.32 -1.00 -52.96
CA ARG J 64 0.52 -2.14 -52.62
C ARG J 64 0.18 -2.74 -51.26
N THR J 65 -0.25 -3.99 -51.29
CA THR J 65 -0.40 -4.79 -50.09
C THR J 65 0.97 -5.00 -49.47
N PHE J 66 1.11 -4.80 -48.16
CA PHE J 66 2.39 -5.14 -47.50
C PHE J 66 2.24 -5.40 -46.00
N ILE J 67 3.37 -5.37 -45.29
CA ILE J 67 3.44 -5.73 -43.89
C ILE J 67 4.16 -4.69 -43.00
N ARG J 68 3.62 -4.43 -41.80
CA ARG J 68 4.32 -3.55 -40.84
C ARG J 68 4.58 -4.24 -39.49
N LYS J 69 5.68 -3.83 -38.85
CA LYS J 69 6.00 -4.30 -37.49
C LYS J 69 5.46 -3.35 -36.41
N PRO J 70 4.86 -3.92 -35.34
CA PRO J 70 4.28 -3.21 -34.19
C PRO J 70 5.26 -2.42 -33.31
N LYS J 71 4.68 -1.61 -32.43
CA LYS J 71 5.46 -0.91 -31.41
C LYS J 71 6.01 -1.90 -30.40
N LYS J 72 6.74 -1.43 -29.40
CA LYS J 72 7.69 -2.29 -28.69
C LYS J 72 7.15 -3.48 -27.87
N PRO J 73 6.32 -3.23 -26.85
CA PRO J 73 6.13 -4.30 -25.85
C PRO J 73 5.49 -5.55 -26.44
N ASN J 74 4.85 -5.39 -27.58
CA ASN J 74 4.26 -6.52 -28.28
C ASN J 74 4.82 -6.58 -29.70
N SER J 75 4.92 -7.78 -30.26
CA SER J 75 5.47 -7.95 -31.61
C SER J 75 4.60 -8.86 -32.47
N ALA J 76 4.51 -8.52 -33.75
CA ALA J 76 3.74 -9.26 -34.73
C ALA J 76 4.19 -8.81 -36.10
N ASN J 77 3.46 -9.21 -37.15
CA ASN J 77 3.53 -8.47 -38.40
C ASN J 77 2.13 -8.33 -39.01
N ARG J 78 1.71 -7.09 -39.21
CA ARG J 78 0.34 -6.76 -39.59
C ARG J 78 0.20 -6.54 -41.08
N LYS J 79 -0.87 -7.09 -41.66
CA LYS J 79 -1.12 -6.87 -43.07
C LYS J 79 -1.78 -5.51 -43.26
N CYS J 80 -1.08 -4.65 -44.00
CA CYS J 80 -1.50 -3.28 -44.26
C CYS J 80 -1.72 -3.13 -45.75
N CYS J 81 -2.44 -2.08 -46.11
CA CYS J 81 -2.46 -1.64 -47.48
C CYS J 81 -2.08 -0.18 -47.56
N ARG J 82 -1.77 0.23 -48.76
CA ARG J 82 -1.72 1.61 -49.13
C ARG J 82 -2.92 1.82 -50.02
N VAL J 83 -3.68 2.88 -49.80
CA VAL J 83 -4.89 3.10 -50.61
C VAL J 83 -5.02 4.55 -51.05
N ARG J 84 -5.83 4.79 -52.06
CA ARG J 84 -6.21 6.15 -52.40
C ARG J 84 -7.65 6.31 -51.99
N LEU J 85 -8.02 7.53 -51.63
CA LEU J 85 -9.37 7.84 -51.18
C LEU J 85 -10.04 8.75 -52.20
N SER J 86 -11.37 8.76 -52.23
CA SER J 86 -12.11 9.61 -53.18
C SER J 86 -11.76 11.08 -52.96
N THR J 87 -11.09 11.34 -51.85
CA THR J 87 -10.55 12.65 -51.53
C THR J 87 -9.20 12.83 -52.22
N GLY J 88 -8.82 11.87 -53.05
CA GLY J 88 -7.63 12.00 -53.86
C GLY J 88 -6.35 12.02 -53.04
N ARG J 89 -6.47 11.59 -51.79
CA ARG J 89 -5.34 11.51 -50.90
C ARG J 89 -4.93 10.04 -50.76
N GLU J 90 -3.63 9.80 -50.63
CA GLU J 90 -3.16 8.45 -50.42
C GLU J 90 -2.98 8.25 -48.92
N ALA J 91 -3.35 7.08 -48.43
CA ALA J 91 -3.37 6.79 -47.00
C ALA J 91 -3.07 5.33 -46.69
N VAL J 92 -2.33 5.11 -45.61
CA VAL J 92 -2.00 3.75 -45.19
C VAL J 92 -3.07 3.19 -44.26
N CYS J 93 -3.59 2.02 -44.60
CA CYS J 93 -4.71 1.48 -43.86
C CYS J 93 -4.47 0.03 -43.46
N PHE J 94 -5.35 -0.50 -42.63
CA PHE J 94 -5.15 -1.80 -41.97
C PHE J 94 -6.25 -2.81 -42.32
N ILE J 95 -5.87 -4.05 -42.58
CA ILE J 95 -6.85 -5.09 -42.84
C ILE J 95 -6.97 -6.04 -41.66
N PRO J 96 -8.14 -6.08 -41.03
CA PRO J 96 -8.52 -6.96 -39.93
C PRO J 96 -8.89 -8.38 -40.38
N GLY J 97 -8.70 -9.34 -39.45
CA GLY J 97 -8.99 -10.73 -39.72
C GLY J 97 -7.74 -11.49 -40.15
N GLU J 98 -7.80 -12.82 -40.11
CA GLU J 98 -6.71 -13.61 -40.68
C GLU J 98 -7.10 -14.10 -42.07
N GLY J 99 -6.24 -13.77 -43.03
CA GLY J 99 -6.46 -14.15 -44.42
C GLY J 99 -7.26 -13.13 -45.21
N HIS J 100 -6.92 -13.02 -46.49
CA HIS J 100 -7.50 -12.03 -47.39
C HIS J 100 -6.98 -12.17 -48.82
N SER J 101 -7.72 -11.60 -49.75
CA SER J 101 -7.22 -11.38 -51.09
C SER J 101 -7.24 -9.90 -51.37
N LEU J 102 -6.07 -9.28 -51.47
CA LEU J 102 -6.03 -7.90 -51.87
C LEU J 102 -5.05 -7.67 -53.01
N GLN J 103 -5.62 -7.39 -54.18
CA GLN J 103 -4.86 -7.23 -55.41
C GLN J 103 -4.84 -5.75 -55.73
N GLU J 104 -3.79 -5.28 -56.39
CA GLU J 104 -3.77 -3.89 -56.83
C GLU J 104 -5.00 -3.58 -57.66
N HIS J 105 -5.48 -2.34 -57.53
CA HIS J 105 -6.58 -1.80 -58.32
C HIS J 105 -7.93 -2.32 -57.83
N HIS J 106 -7.91 -3.17 -56.81
CA HIS J 106 -9.13 -3.52 -56.09
C HIS J 106 -9.72 -2.28 -55.42
N VAL J 107 -11.06 -2.25 -55.30
CA VAL J 107 -11.74 -1.17 -54.57
C VAL J 107 -12.21 -1.62 -53.19
N VAL J 108 -12.05 -0.73 -52.22
CA VAL J 108 -12.37 -1.03 -50.84
C VAL J 108 -13.18 0.07 -50.20
N LEU J 109 -13.70 -0.24 -49.02
CA LEU J 109 -14.33 0.74 -48.19
C LEU J 109 -13.49 0.87 -46.93
N VAL J 110 -13.39 2.06 -46.37
CA VAL J 110 -12.58 2.19 -45.18
C VAL J 110 -13.30 3.01 -44.12
N GLN J 111 -12.87 2.82 -42.87
CA GLN J 111 -13.46 3.49 -41.71
C GLN J 111 -12.37 3.91 -40.77
N GLY J 112 -12.74 4.70 -39.77
CA GLY J 112 -11.77 5.39 -38.93
C GLY J 112 -11.25 4.73 -37.67
N GLY J 113 -11.33 3.41 -37.57
CA GLY J 113 -10.69 2.77 -36.44
C GLY J 113 -9.16 2.90 -36.46
N ARG J 114 -8.60 3.52 -35.42
CA ARG J 114 -7.16 3.61 -35.27
C ARG J 114 -6.60 2.29 -34.70
N THR J 115 -5.45 1.82 -35.20
CA THR J 115 -4.87 0.57 -34.73
C THR J 115 -3.80 0.77 -33.66
N GLN J 116 -4.02 0.16 -32.49
CA GLN J 116 -3.28 0.49 -31.28
C GLN J 116 -1.84 -0.05 -31.27
N ASP J 117 -1.55 -0.98 -32.17
CA ASP J 117 -0.22 -1.61 -32.24
C ASP J 117 0.80 -0.71 -32.94
N LEU J 118 0.37 -0.05 -34.00
CA LEU J 118 1.29 0.50 -34.98
C LEU J 118 1.31 1.99 -34.93
N PRO J 119 2.45 2.56 -35.28
CA PRO J 119 2.50 4.02 -35.50
C PRO J 119 1.67 4.41 -36.73
N GLY J 120 0.91 5.49 -36.60
CA GLY J 120 0.33 6.16 -37.75
C GLY J 120 -0.60 5.43 -38.71
N VAL J 121 -1.14 4.28 -38.33
CA VAL J 121 -2.15 3.70 -39.19
C VAL J 121 -3.51 3.98 -38.58
N LYS J 122 -4.22 4.95 -39.16
CA LYS J 122 -5.48 5.39 -38.60
C LYS J 122 -6.71 4.84 -39.30
N LEU J 123 -6.51 4.12 -40.40
CA LEU J 123 -7.63 3.72 -41.23
C LEU J 123 -7.82 2.21 -41.34
N THR J 124 -8.94 1.69 -40.86
CA THR J 124 -9.27 0.27 -41.07
C THR J 124 -9.96 0.08 -42.42
N VAL J 125 -9.82 -1.10 -43.02
CA VAL J 125 -10.69 -1.52 -44.11
C VAL J 125 -11.95 -2.20 -43.61
N VAL J 126 -13.12 -1.76 -44.08
CA VAL J 126 -14.35 -2.49 -43.79
C VAL J 126 -14.30 -3.85 -44.44
N ARG J 127 -14.49 -4.90 -43.65
CA ARG J 127 -14.54 -6.22 -44.26
C ARG J 127 -15.98 -6.60 -44.63
N GLY J 128 -16.12 -7.21 -45.79
CA GLY J 128 -17.42 -7.60 -46.28
C GLY J 128 -17.92 -6.81 -47.48
N LYS J 129 -17.29 -5.69 -47.79
CA LYS J 129 -17.79 -4.90 -48.92
C LYS J 129 -16.81 -4.79 -50.07
N TYR J 130 -17.37 -4.73 -51.27
CA TYR J 130 -16.62 -4.63 -52.53
C TYR J 130 -15.64 -5.78 -52.71
N ASP J 131 -14.37 -5.43 -52.75
CA ASP J 131 -13.32 -6.38 -53.07
C ASP J 131 -12.73 -7.07 -51.85
N CYS J 132 -13.29 -6.82 -50.67
CA CYS J 132 -12.95 -7.64 -49.50
C CYS J 132 -14.18 -8.31 -48.92
N GLY J 133 -14.27 -9.63 -49.06
CA GLY J 133 -15.38 -10.40 -48.56
C GLY J 133 -15.12 -10.84 -47.14
N HIS J 134 -16.18 -11.19 -46.42
CA HIS J 134 -16.10 -11.53 -45.01
C HIS J 134 -15.05 -12.58 -44.77
N VAL J 135 -14.15 -12.31 -43.82
CA VAL J 135 -13.01 -13.18 -43.59
C VAL J 135 -13.54 -14.59 -43.40
N GLN J 136 -12.98 -15.54 -44.16
CA GLN J 136 -13.62 -16.84 -44.36
C GLN J 136 -13.67 -17.66 -43.09
N LYS J 137 -14.65 -18.54 -43.03
CA LYS J 137 -14.81 -19.41 -41.89
C LYS J 137 -14.18 -20.76 -42.18
N LYS J 138 -13.53 -21.33 -41.17
CA LYS J 138 -13.09 -22.70 -41.25
C LYS J 138 -13.99 -23.52 -40.32
N LYS J 139 -14.86 -24.32 -40.93
CA LYS J 139 -15.91 -25.02 -40.20
C LYS J 139 -15.62 -26.52 -40.09
N TYR K 28 7.16 -56.09 -8.73
CA TYR K 28 8.13 -55.39 -9.57
C TYR K 28 9.38 -55.01 -8.79
N TYR K 29 10.54 -55.36 -9.31
CA TYR K 29 11.77 -54.77 -8.81
C TYR K 29 11.78 -53.34 -9.32
N VAL K 30 12.48 -52.44 -8.67
CA VAL K 30 12.27 -51.02 -8.95
C VAL K 30 12.77 -50.60 -10.32
N ASP K 31 13.82 -51.23 -10.82
CA ASP K 31 14.33 -50.93 -12.14
C ASP K 31 14.51 -52.18 -12.98
N TRP K 32 14.84 -51.99 -14.25
CA TRP K 32 15.11 -53.11 -15.13
C TRP K 32 16.50 -53.62 -14.84
N LYS K 33 17.35 -52.68 -14.44
CA LYS K 33 18.73 -52.97 -14.05
C LYS K 33 18.75 -53.95 -12.89
N MET K 34 17.76 -53.77 -12.02
CA MET K 34 17.62 -54.64 -10.87
C MET K 34 17.27 -56.08 -11.30
N LEU K 35 16.26 -56.23 -12.16
CA LEU K 35 15.89 -57.53 -12.73
C LEU K 35 17.13 -58.23 -13.26
N ARG K 36 17.87 -57.49 -14.08
CA ARG K 36 19.10 -58.02 -14.63
C ARG K 36 19.99 -58.53 -13.52
N ASP K 37 20.20 -57.73 -12.48
CA ASP K 37 21.16 -58.17 -11.46
C ASP K 37 20.59 -59.23 -10.49
N VAL K 38 19.28 -59.20 -10.24
CA VAL K 38 18.63 -60.30 -9.52
C VAL K 38 18.99 -61.61 -10.23
N LYS K 39 18.79 -61.60 -11.54
CA LYS K 39 19.04 -62.80 -12.34
C LYS K 39 20.50 -63.21 -12.29
N ARG K 40 21.41 -62.24 -12.33
CA ARG K 40 22.83 -62.57 -12.22
C ARG K 40 23.19 -63.17 -10.88
N ARG K 41 22.50 -62.75 -9.82
CA ARG K 41 22.65 -63.41 -8.52
C ARG K 41 22.19 -64.86 -8.59
N LYS K 42 20.99 -65.10 -9.13
CA LYS K 42 20.46 -66.46 -9.21
C LYS K 42 21.34 -67.39 -10.05
N MET K 43 21.75 -66.90 -11.21
CA MET K 43 22.75 -67.59 -12.02
C MET K 43 23.97 -67.93 -11.21
N ALA K 44 24.58 -66.91 -10.61
CA ALA K 44 25.83 -67.10 -9.91
C ALA K 44 25.69 -68.09 -8.77
N TYR K 45 24.49 -68.20 -8.18
CA TYR K 45 24.31 -69.23 -7.16
C TYR K 45 24.17 -70.59 -7.82
N GLU K 46 23.58 -70.60 -9.02
CA GLU K 46 23.37 -71.84 -9.73
C GLU K 46 24.67 -72.59 -10.00
N TYR K 47 25.58 -71.92 -10.69
CA TYR K 47 26.74 -72.59 -11.24
C TYR K 47 27.94 -72.59 -10.29
N ALA K 48 27.74 -72.13 -9.06
CA ALA K 48 28.84 -71.84 -8.14
C ALA K 48 29.89 -72.95 -8.07
N ASP K 49 29.41 -74.18 -7.96
CA ASP K 49 30.31 -75.30 -7.75
C ASP K 49 31.01 -75.76 -9.04
N GLU K 50 30.34 -75.63 -10.18
CA GLU K 50 31.00 -75.90 -11.45
C GLU K 50 32.23 -74.99 -11.55
N ARG K 51 31.96 -73.71 -11.39
CA ARG K 51 32.98 -72.68 -11.34
C ARG K 51 34.12 -73.05 -10.41
N LEU K 52 33.79 -73.23 -9.13
CA LEU K 52 34.77 -73.57 -8.11
C LEU K 52 35.63 -74.74 -8.52
N ARG K 53 34.98 -75.85 -8.84
CA ARG K 53 35.66 -77.10 -9.16
C ARG K 53 36.62 -76.91 -10.34
N ILE K 54 36.09 -76.37 -11.43
CA ILE K 54 36.88 -76.22 -12.66
C ILE K 54 38.06 -75.30 -12.43
N ASN K 55 37.80 -74.17 -11.79
CA ASN K 55 38.83 -73.17 -11.54
C ASN K 55 39.96 -73.71 -10.66
N SER K 56 39.67 -74.76 -9.89
CA SER K 56 40.66 -75.33 -8.99
C SER K 56 41.84 -75.89 -9.77
N LEU K 57 41.52 -76.70 -10.78
CA LEU K 57 42.53 -77.26 -11.65
C LEU K 57 43.29 -76.12 -12.32
N ARG K 58 42.50 -75.17 -12.80
CA ARG K 58 42.97 -74.06 -13.59
C ARG K 58 44.00 -73.21 -12.83
N LYS K 59 43.85 -73.13 -11.52
CA LYS K 59 44.72 -72.31 -10.67
C LYS K 59 45.90 -73.09 -10.07
N ASN K 60 46.06 -74.33 -10.49
CA ASN K 60 47.10 -75.19 -9.92
C ASN K 60 48.38 -75.30 -10.77
N THR K 61 49.54 -75.23 -10.12
CA THR K 61 50.84 -75.39 -10.78
C THR K 61 51.34 -76.84 -10.72
N ILE K 62 50.63 -77.65 -9.96
CA ILE K 62 50.98 -79.06 -9.77
C ILE K 62 50.46 -79.93 -10.90
N LEU K 63 49.27 -79.62 -11.39
CA LEU K 63 48.65 -80.34 -12.50
C LEU K 63 49.40 -80.13 -13.81
N PRO K 64 49.09 -80.96 -14.83
CA PRO K 64 49.65 -80.70 -16.16
C PRO K 64 49.00 -79.52 -16.86
N LYS K 65 49.78 -78.78 -17.65
CA LYS K 65 49.22 -77.66 -18.41
C LYS K 65 48.10 -78.12 -19.33
N ASP K 66 48.24 -79.34 -19.86
CA ASP K 66 47.27 -79.89 -20.82
C ASP K 66 45.87 -79.90 -20.26
N LEU K 67 45.74 -80.32 -19.00
CA LEU K 67 44.45 -80.31 -18.33
C LEU K 67 43.91 -78.89 -18.27
N GLN K 68 44.81 -77.97 -17.96
CA GLN K 68 44.43 -76.61 -17.66
C GLN K 68 43.91 -75.85 -18.87
N GLU K 69 44.35 -76.23 -20.06
CA GLU K 69 43.88 -75.56 -21.28
C GLU K 69 42.44 -75.96 -21.55
N VAL K 70 42.18 -77.26 -21.43
CA VAL K 70 40.84 -77.76 -21.68
C VAL K 70 39.87 -77.17 -20.65
N ALA K 71 40.26 -77.22 -19.38
CA ALA K 71 39.47 -76.62 -18.32
C ALA K 71 39.23 -75.13 -18.58
N ASP K 72 40.26 -74.47 -19.09
CA ASP K 72 40.19 -73.07 -19.49
C ASP K 72 39.02 -72.85 -20.46
N GLU K 73 39.00 -73.66 -21.52
CA GLU K 73 37.89 -73.64 -22.46
C GLU K 73 36.56 -73.97 -21.76
N GLU K 74 36.64 -74.73 -20.67
CA GLU K 74 35.43 -75.14 -19.97
C GLU K 74 34.76 -74.04 -19.12
N ILE K 75 35.53 -73.29 -18.35
CA ILE K 75 34.93 -72.14 -17.64
C ILE K 75 34.61 -71.05 -18.64
N ALA K 76 35.38 -70.96 -19.71
CA ALA K 76 35.03 -70.03 -20.77
C ALA K 76 33.70 -70.45 -21.41
N SER K 77 33.37 -71.74 -21.31
CA SER K 77 32.15 -72.28 -21.90
C SER K 77 30.89 -71.80 -21.20
N LEU K 78 30.83 -72.01 -19.89
CA LEU K 78 29.64 -71.75 -19.10
C LEU K 78 29.20 -70.30 -19.16
N PRO K 79 27.88 -70.05 -19.17
CA PRO K 79 27.30 -68.72 -19.42
C PRO K 79 27.94 -67.66 -18.52
N ARG K 80 28.31 -66.53 -19.10
CA ARG K 80 29.13 -65.56 -18.38
C ARG K 80 28.28 -64.51 -17.66
N ASP K 81 26.96 -64.67 -17.73
CA ASP K 81 26.06 -63.93 -16.86
C ASP K 81 26.03 -64.65 -15.53
N SER K 82 26.64 -65.83 -15.51
CA SER K 82 26.76 -66.63 -14.31
C SER K 82 28.10 -66.45 -13.60
N CYS K 83 28.94 -65.55 -14.09
CA CYS K 83 30.23 -65.27 -13.44
C CYS K 83 30.10 -64.29 -12.28
N PRO K 84 30.92 -64.48 -11.22
CA PRO K 84 30.77 -63.64 -10.03
C PRO K 84 31.00 -62.14 -10.26
N VAL K 85 32.07 -61.74 -10.94
CA VAL K 85 32.45 -60.31 -10.98
C VAL K 85 31.46 -59.48 -11.77
N ARG K 86 30.54 -60.16 -12.43
CA ARG K 86 29.54 -59.49 -13.24
C ARG K 86 28.40 -59.01 -12.34
N ILE K 87 28.54 -59.21 -11.03
CA ILE K 87 27.53 -58.78 -10.05
C ILE K 87 27.79 -57.39 -9.49
N ARG K 88 26.72 -56.60 -9.36
CA ARG K 88 26.81 -55.24 -8.87
C ARG K 88 25.88 -54.98 -7.71
N ASN K 89 26.44 -54.76 -6.53
CA ASN K 89 25.64 -54.36 -5.39
C ASN K 89 24.93 -53.08 -5.71
N ARG K 90 23.65 -53.01 -5.38
CA ARG K 90 22.89 -51.79 -5.60
C ARG K 90 22.22 -51.44 -4.29
N CYS K 91 21.65 -50.25 -4.24
CA CYS K 91 20.73 -49.91 -3.17
C CYS K 91 19.46 -50.70 -3.37
N VAL K 92 19.05 -51.45 -2.36
CA VAL K 92 17.97 -52.37 -2.57
C VAL K 92 16.64 -51.65 -2.78
N MET K 93 16.38 -50.61 -2.01
CA MET K 93 15.17 -49.82 -2.23
C MET K 93 15.24 -48.98 -3.51
N THR K 94 16.31 -48.19 -3.62
CA THR K 94 16.39 -47.15 -4.62
C THR K 94 17.14 -47.54 -5.92
N SER K 95 17.81 -48.70 -5.93
CA SER K 95 18.53 -49.25 -7.11
C SER K 95 19.83 -48.57 -7.53
N ARG K 96 20.19 -47.47 -6.88
CA ARG K 96 21.38 -46.70 -7.24
C ARG K 96 22.69 -47.51 -7.18
N PRO K 97 23.39 -47.62 -8.31
CA PRO K 97 24.57 -48.48 -8.51
C PRO K 97 25.81 -48.08 -7.74
N ARG K 98 25.92 -46.80 -7.39
CA ARG K 98 27.04 -46.36 -6.55
C ARG K 98 26.55 -45.59 -5.35
N GLY K 99 27.32 -45.65 -4.27
CA GLY K 99 27.05 -44.86 -3.08
C GLY K 99 26.48 -45.71 -1.97
N VAL K 100 26.41 -47.01 -2.24
CA VAL K 100 25.83 -47.94 -1.30
C VAL K 100 26.78 -48.24 -0.17
N LYS K 101 26.24 -48.30 1.03
CA LYS K 101 27.02 -48.70 2.19
C LYS K 101 26.79 -50.17 2.48
N ARG K 102 27.86 -50.96 2.44
CA ARG K 102 27.75 -52.40 2.41
C ARG K 102 26.84 -52.97 3.50
N ARG K 103 26.95 -52.41 4.70
CA ARG K 103 26.24 -52.95 5.85
C ARG K 103 24.72 -52.86 5.73
N TRP K 104 24.21 -51.73 5.24
CA TRP K 104 22.77 -51.56 5.09
C TRP K 104 22.20 -51.81 3.71
N ARG K 105 23.08 -52.07 2.76
CA ARG K 105 22.68 -52.31 1.38
C ARG K 105 21.71 -51.22 0.94
N LEU K 106 22.14 -49.98 1.17
CA LEU K 106 21.35 -48.78 0.95
C LEU K 106 22.16 -47.68 0.26
N SER K 107 21.51 -46.88 -0.57
CA SER K 107 22.15 -45.70 -1.13
C SER K 107 22.30 -44.64 -0.07
N ARG K 108 23.34 -43.83 -0.20
CA ARG K 108 23.60 -42.76 0.73
C ARG K 108 22.36 -41.93 1.02
N ILE K 109 21.58 -41.64 -0.02
CA ILE K 109 20.43 -40.75 0.11
C ILE K 109 19.33 -41.38 0.94
N VAL K 110 19.07 -42.65 0.64
CA VAL K 110 18.08 -43.39 1.37
C VAL K 110 18.53 -43.60 2.81
N PHE K 111 19.77 -44.04 2.98
CA PHE K 111 20.33 -44.23 4.30
C PHE K 111 20.15 -42.99 5.14
N ARG K 112 20.66 -41.86 4.65
CA ARG K 112 20.54 -40.62 5.37
C ARG K 112 19.10 -40.34 5.68
N HIS K 113 18.25 -40.51 4.69
CA HIS K 113 16.82 -40.25 4.83
C HIS K 113 16.21 -40.96 6.03
N LEU K 114 16.53 -42.25 6.14
CA LEU K 114 16.12 -43.04 7.28
C LEU K 114 16.77 -42.56 8.57
N ALA K 115 18.08 -42.50 8.57
CA ALA K 115 18.80 -42.21 9.79
C ALA K 115 18.37 -40.89 10.36
N ASP K 116 17.84 -40.00 9.52
CA ASP K 116 17.53 -38.64 9.98
C ASP K 116 16.10 -38.45 10.45
N HIS K 117 15.24 -39.44 10.25
CA HIS K 117 13.97 -39.49 10.97
C HIS K 117 14.21 -40.19 12.29
N GLY K 118 15.33 -40.89 12.37
CA GLY K 118 15.67 -41.64 13.54
C GLY K 118 15.22 -43.08 13.42
N GLN K 119 14.88 -43.49 12.20
CA GLN K 119 14.30 -44.80 11.98
C GLN K 119 15.36 -45.88 11.95
N LEU K 120 16.60 -45.45 11.71
CA LEU K 120 17.74 -46.34 11.83
C LEU K 120 18.22 -46.40 13.27
N SER K 121 18.30 -47.59 13.86
CA SER K 121 18.71 -47.67 15.25
C SER K 121 20.18 -47.35 15.44
N GLY K 122 20.49 -46.75 16.58
CA GLY K 122 21.88 -46.60 16.98
C GLY K 122 22.75 -45.72 16.12
N VAL K 123 22.16 -45.10 15.10
CA VAL K 123 22.91 -44.15 14.31
C VAL K 123 22.58 -42.74 14.75
N GLN K 124 23.59 -42.05 15.25
CA GLN K 124 23.44 -40.64 15.57
C GLN K 124 24.36 -39.78 14.71
N ARG K 125 23.93 -38.55 14.42
CA ARG K 125 24.80 -37.57 13.82
C ARG K 125 26.07 -37.42 14.66
N ALA K 126 27.21 -37.60 14.04
CA ALA K 126 28.46 -37.63 14.78
C ALA K 126 29.00 -36.23 15.10
N MET K 127 29.18 -35.97 16.38
CA MET K 127 30.02 -34.85 16.79
C MET K 127 31.26 -35.39 17.47
N TRP K 128 32.35 -34.67 17.28
CA TRP K 128 33.55 -34.82 18.11
C TRP K 128 34.51 -33.72 17.65
N GLN L 65 16.46 82.85 -18.31
CA GLN L 65 16.91 82.25 -17.06
C GLN L 65 16.88 83.28 -15.93
N ASP L 66 16.46 82.85 -14.74
CA ASP L 66 16.54 83.73 -13.57
C ASP L 66 17.83 83.49 -12.79
N ASP L 67 18.12 84.40 -11.86
CA ASP L 67 19.44 84.47 -11.23
C ASP L 67 19.40 84.98 -9.78
N PRO L 68 19.29 84.07 -8.79
CA PRO L 68 19.16 84.47 -7.37
C PRO L 68 20.46 85.10 -6.86
N PRO L 69 20.58 86.44 -6.96
CA PRO L 69 21.83 87.22 -6.89
C PRO L 69 22.74 86.84 -5.71
N PRO L 70 24.07 86.89 -5.93
CA PRO L 70 25.13 86.39 -5.03
C PRO L 70 25.01 86.86 -3.58
N SER L 71 24.41 88.04 -3.40
CA SER L 71 24.34 88.71 -2.11
C SER L 71 23.04 88.45 -1.32
N MET L 72 22.22 87.55 -1.83
CA MET L 72 20.81 87.50 -1.46
C MET L 72 20.45 87.07 -0.04
N LEU L 73 21.44 86.75 0.80
CA LEU L 73 21.15 86.51 2.21
C LEU L 73 20.26 85.30 2.48
N LEU L 74 20.85 84.12 2.59
CA LEU L 74 20.10 82.86 2.59
C LEU L 74 18.84 82.88 3.43
N LEU L 75 17.82 82.24 2.88
CA LEU L 75 16.43 82.43 3.25
C LEU L 75 16.18 82.49 4.74
N ASP L 76 16.82 81.60 5.48
CA ASP L 76 16.54 81.42 6.90
C ASP L 76 17.10 82.58 7.73
N TYR L 77 17.98 83.36 7.11
CA TYR L 77 18.51 84.57 7.70
C TYR L 77 17.85 85.87 7.22
N GLN L 78 16.86 85.75 6.36
CA GLN L 78 16.33 86.92 5.68
C GLN L 78 15.64 87.89 6.64
N ASN L 79 14.73 87.36 7.44
CA ASN L 79 13.83 88.17 8.24
C ASN L 79 14.25 88.40 9.71
N VAL L 80 15.45 87.96 10.08
CA VAL L 80 15.91 88.16 11.45
C VAL L 80 16.38 89.61 11.72
N PRO L 81 16.24 90.08 12.97
CA PRO L 81 16.51 91.48 13.37
C PRO L 81 17.97 91.92 13.32
N GLY L 82 18.21 93.14 12.85
CA GLY L 82 19.50 93.80 12.98
C GLY L 82 20.58 93.33 12.00
N ILE L 83 20.14 92.94 10.82
CA ILE L 83 21.05 92.34 9.86
C ILE L 83 21.93 93.35 9.12
N HIS L 84 21.35 94.43 8.63
CA HIS L 84 22.06 95.30 7.69
C HIS L 84 23.17 96.11 8.34
N LYS L 85 23.12 96.28 9.65
CA LYS L 85 24.17 97.01 10.36
C LYS L 85 25.45 96.18 10.45
N VAL L 86 25.25 94.86 10.45
CA VAL L 86 26.34 93.90 10.59
C VAL L 86 27.41 94.07 9.51
N ASP L 87 28.68 93.89 9.90
CA ASP L 87 29.83 94.16 9.05
C ASP L 87 29.90 93.22 7.86
N ASP L 88 30.66 93.63 6.85
CA ASP L 88 30.63 92.99 5.54
C ASP L 88 31.16 91.56 5.51
N VAL L 89 32.01 91.22 6.47
CA VAL L 89 32.54 89.87 6.58
C VAL L 89 31.44 88.85 6.79
N VAL L 90 30.67 89.05 7.86
CA VAL L 90 29.62 88.12 8.23
C VAL L 90 28.53 88.09 7.17
N LYS L 91 28.25 89.25 6.60
CA LYS L 91 27.30 89.33 5.49
C LYS L 91 27.77 88.43 4.37
N ARG L 92 29.06 88.48 4.10
CA ARG L 92 29.67 87.61 3.10
C ARG L 92 29.49 86.12 3.49
N LEU L 93 29.56 85.81 4.78
CA LEU L 93 29.39 84.41 5.23
C LEU L 93 27.97 83.89 5.10
N LEU L 94 27.00 84.77 5.30
CA LEU L 94 25.60 84.39 5.19
C LEU L 94 25.01 84.70 3.80
N SER L 95 25.87 85.12 2.87
CA SER L 95 25.44 85.37 1.49
C SER L 95 25.26 84.07 0.72
N LEU L 96 24.50 84.14 -0.37
CA LEU L 96 24.42 83.05 -1.33
C LEU L 96 25.78 82.69 -1.89
N GLU L 97 26.72 83.63 -1.76
CA GLU L 97 28.09 83.43 -2.18
C GLU L 97 28.70 82.16 -1.58
N MET L 98 28.62 82.03 -0.26
CA MET L 98 29.21 80.91 0.45
C MET L 98 28.26 79.72 0.58
N ALA L 99 27.11 79.82 -0.07
CA ALA L 99 26.06 78.84 0.12
C ALA L 99 26.32 77.53 -0.59
N ASN L 100 25.63 76.50 -0.11
CA ASN L 100 25.45 75.28 -0.88
C ASN L 100 24.48 75.58 -2.01
N GLN L 101 24.21 74.62 -2.90
CA GLN L 101 23.24 74.88 -3.95
C GLN L 101 21.80 74.73 -3.41
N LYS L 102 21.64 73.86 -2.43
CA LYS L 102 20.35 73.65 -1.79
C LYS L 102 19.71 74.98 -1.34
N GLU L 103 20.55 75.88 -0.84
CA GLU L 103 20.09 77.19 -0.38
C GLU L 103 19.52 78.00 -1.52
N LYS L 104 20.29 78.11 -2.59
CA LYS L 104 19.84 78.80 -3.79
C LYS L 104 18.50 78.22 -4.24
N LEU L 105 18.30 76.92 -4.04
CA LEU L 105 17.04 76.29 -4.43
C LEU L 105 15.87 76.61 -3.47
N LYS L 106 16.21 76.85 -2.20
CA LYS L 106 15.21 77.37 -1.26
C LYS L 106 14.75 78.76 -1.71
N ILE L 107 15.71 79.58 -2.11
CA ILE L 107 15.40 80.92 -2.62
C ILE L 107 14.51 80.87 -3.86
N LYS L 108 14.96 80.17 -4.90
CA LYS L 108 14.18 80.01 -6.12
C LYS L 108 12.77 79.55 -5.77
N LYS L 109 12.68 78.59 -4.84
CA LYS L 109 11.38 78.11 -4.40
C LYS L 109 10.55 79.28 -3.87
N MET L 110 11.09 80.03 -2.91
CA MET L 110 10.39 81.18 -2.35
C MET L 110 9.89 82.12 -3.43
N GLN L 111 10.80 82.57 -4.29
CA GLN L 111 10.49 83.59 -5.28
C GLN L 111 9.40 83.13 -6.23
N LEU L 112 9.50 81.89 -6.67
CA LEU L 112 8.53 81.35 -7.60
C LEU L 112 7.15 81.27 -6.96
N MET L 113 7.11 80.83 -5.71
CA MET L 113 5.83 80.67 -5.03
C MET L 113 5.21 82.03 -4.66
N ASN L 114 6.04 83.06 -4.58
CA ASN L 114 5.51 84.41 -4.41
C ASN L 114 4.92 84.95 -5.70
N LYS L 115 5.67 84.86 -6.79
CA LYS L 115 5.19 85.37 -8.08
C LYS L 115 3.91 84.68 -8.53
N VAL L 116 3.91 83.36 -8.43
CA VAL L 116 2.86 82.58 -9.05
C VAL L 116 1.58 82.43 -8.24
N LEU L 117 1.71 82.17 -6.94
CA LEU L 117 0.60 81.67 -6.16
C LEU L 117 -0.40 82.71 -5.67
N GLU L 118 -1.24 82.26 -4.77
CA GLU L 118 -2.20 83.10 -4.07
C GLU L 118 -1.82 83.18 -2.59
N ASN L 119 -1.80 82.00 -1.95
CA ASN L 119 -1.63 81.87 -0.50
C ASN L 119 -0.36 81.11 -0.19
N PRO L 120 0.75 81.83 0.03
CA PRO L 120 2.09 81.27 0.20
C PRO L 120 2.15 80.16 1.24
N GLU L 121 1.19 80.19 2.17
CA GLU L 121 1.18 79.27 3.29
C GLU L 121 0.83 77.82 2.92
N ASP L 122 -0.08 77.62 1.96
CA ASP L 122 -0.59 76.27 1.71
C ASP L 122 0.43 75.42 1.00
N THR L 123 0.83 74.33 1.65
CA THR L 123 1.68 73.38 1.00
C THR L 123 0.82 72.46 0.16
N SER L 124 -0.27 72.01 0.75
CA SER L 124 -1.11 70.96 0.16
C SER L 124 -1.84 71.42 -1.09
N SER L 125 -1.89 72.72 -1.29
CA SER L 125 -2.53 73.29 -2.48
C SER L 125 -1.96 72.67 -3.72
N LEU L 126 -2.82 72.20 -4.61
CA LEU L 126 -2.38 71.59 -5.85
C LEU L 126 -1.39 72.51 -6.56
N GLU L 127 -1.72 73.80 -6.56
CA GLU L 127 -0.88 74.79 -7.17
C GLU L 127 0.51 74.77 -6.56
N ALA L 128 0.57 74.84 -5.23
CA ALA L 128 1.84 74.87 -4.53
C ALA L 128 2.77 73.75 -4.99
N ARG L 129 2.24 72.53 -5.01
CA ARG L 129 3.07 71.39 -5.35
C ARG L 129 3.51 71.49 -6.78
N ILE L 130 2.64 71.99 -7.66
CA ILE L 130 3.08 72.16 -9.05
C ILE L 130 4.27 73.12 -9.13
N VAL L 131 4.22 74.21 -8.37
CA VAL L 131 5.29 75.19 -8.43
C VAL L 131 6.59 74.58 -7.89
N ALA L 132 6.51 73.96 -6.71
CA ALA L 132 7.67 73.33 -6.09
C ALA L 132 8.32 72.31 -7.03
N LEU L 133 7.52 71.33 -7.47
CA LEU L 133 7.99 70.34 -8.44
C LEU L 133 8.68 70.99 -9.63
N THR L 134 8.08 72.06 -10.15
CA THR L 134 8.67 72.76 -11.29
C THR L 134 10.05 73.30 -10.95
N VAL L 135 10.22 73.86 -9.76
CA VAL L 135 11.55 74.30 -9.35
C VAL L 135 12.55 73.14 -9.43
N LYS L 136 12.20 72.01 -8.82
CA LYS L 136 13.15 70.89 -8.82
C LYS L 136 13.46 70.39 -10.22
N ILE L 137 12.45 70.38 -11.10
CA ILE L 137 12.67 70.00 -12.48
C ILE L 137 13.69 70.90 -13.15
N ARG L 138 13.47 72.21 -13.05
CA ARG L 138 14.39 73.17 -13.62
C ARG L 138 15.81 72.87 -13.13
N ASN L 139 15.94 72.44 -11.88
CA ASN L 139 17.27 72.06 -11.38
C ASN L 139 17.84 70.79 -12.05
N TYR L 140 17.03 69.75 -12.11
CA TYR L 140 17.43 68.52 -12.80
C TYR L 140 17.84 68.77 -14.24
N GLU L 141 17.37 69.86 -14.82
CA GLU L 141 17.69 70.16 -16.20
C GLU L 141 19.10 70.69 -16.39
N GLU L 142 19.56 71.45 -15.40
CA GLU L 142 20.93 71.96 -15.39
C GLU L 142 21.86 70.82 -15.07
N HIS L 143 21.49 70.07 -14.04
CA HIS L 143 22.25 68.87 -13.69
C HIS L 143 22.30 67.91 -14.88
N MET L 144 21.28 67.99 -15.75
CA MET L 144 21.24 67.19 -16.97
C MET L 144 22.18 67.73 -18.03
N GLN L 145 22.24 69.05 -18.12
CA GLN L 145 23.17 69.67 -19.04
C GLN L 145 24.57 69.22 -18.72
N LYS L 146 25.00 69.42 -17.48
CA LYS L 146 26.38 69.11 -17.14
C LYS L 146 26.72 67.61 -17.16
N HIS L 147 25.80 66.75 -16.71
CA HIS L 147 26.02 65.31 -16.84
C HIS L 147 25.05 64.70 -17.85
N ARG L 148 25.54 64.35 -19.03
CA ARG L 148 24.66 63.81 -20.05
C ARG L 148 24.59 62.30 -19.97
N LYS L 149 25.56 61.72 -19.25
CA LYS L 149 25.72 60.27 -19.20
C LYS L 149 25.05 59.67 -17.97
N ASP L 150 24.46 60.53 -17.16
CA ASP L 150 23.95 60.12 -15.86
C ASP L 150 22.51 59.63 -16.07
N LYS L 151 22.33 58.33 -15.92
CA LYS L 151 21.05 57.71 -16.22
C LYS L 151 20.09 57.86 -15.05
N ALA L 152 20.62 57.71 -13.84
CA ALA L 152 19.86 57.92 -12.62
C ALA L 152 19.04 59.22 -12.67
N HIS L 153 19.77 60.33 -12.78
CA HIS L 153 19.11 61.60 -12.68
C HIS L 153 18.22 61.88 -13.86
N LYS L 154 18.52 61.28 -15.00
CA LYS L 154 17.59 61.36 -16.11
C LYS L 154 16.28 60.72 -15.71
N ARG L 155 16.36 59.61 -14.99
CA ARG L 155 15.15 58.98 -14.51
C ARG L 155 14.36 59.94 -13.64
N PHE L 156 14.98 60.47 -12.60
CA PHE L 156 14.26 61.43 -11.74
C PHE L 156 13.55 62.53 -12.51
N LEU L 157 14.32 63.18 -13.39
CA LEU L 157 13.75 64.26 -14.17
C LEU L 157 12.51 63.77 -14.87
N LEU L 158 12.62 62.68 -15.60
CA LEU L 158 11.50 62.30 -16.44
C LEU L 158 10.30 61.77 -15.68
N MET L 159 10.50 61.22 -14.48
CA MET L 159 9.35 60.87 -13.64
C MET L 159 8.63 62.15 -13.26
N SER L 160 9.45 63.12 -12.84
CA SER L 160 8.95 64.35 -12.26
C SER L 160 8.22 65.26 -13.25
N ILE L 161 8.78 65.40 -14.46
CA ILE L 161 8.12 66.12 -15.53
C ILE L 161 6.74 65.55 -15.72
N ASP L 162 6.65 64.23 -15.61
CA ASP L 162 5.35 63.58 -15.71
C ASP L 162 4.41 63.90 -14.54
N GLN L 163 4.84 63.67 -13.32
CA GLN L 163 3.97 63.93 -12.18
C GLN L 163 3.39 65.34 -12.24
N ARG L 164 4.23 66.29 -12.67
CA ARG L 164 3.73 67.64 -12.84
C ARG L 164 2.62 67.63 -13.87
N LYS L 165 2.74 66.83 -14.91
CA LYS L 165 1.66 66.81 -15.87
C LYS L 165 0.40 66.24 -15.20
N LYS L 166 0.58 65.30 -14.27
CA LYS L 166 -0.56 64.66 -13.60
C LYS L 166 -1.40 65.66 -12.83
N MET L 167 -0.69 66.42 -12.01
CA MET L 167 -1.38 67.39 -11.20
C MET L 167 -1.92 68.53 -12.07
N LEU L 168 -1.28 68.80 -13.19
CA LEU L 168 -1.86 69.75 -14.12
C LEU L 168 -3.18 69.24 -14.68
N LYS L 169 -3.29 67.94 -14.95
CA LYS L 169 -4.56 67.40 -15.42
C LYS L 169 -5.61 67.55 -14.35
N ASN L 170 -5.18 67.42 -13.09
CA ASN L 170 -6.09 67.69 -11.98
C ASN L 170 -6.62 69.13 -11.92
N LEU L 171 -5.74 70.11 -12.07
CA LEU L 171 -6.18 71.50 -12.13
C LEU L 171 -7.11 71.75 -13.29
N ARG L 172 -6.73 71.29 -14.46
CA ARG L 172 -7.55 71.47 -15.65
C ARG L 172 -8.92 70.83 -15.53
N GLU L 173 -9.06 69.77 -14.75
CA GLU L 173 -10.39 69.21 -14.50
C GLU L 173 -11.16 69.97 -13.43
N THR L 174 -10.45 70.41 -12.38
CA THR L 174 -11.09 70.98 -11.20
C THR L 174 -11.24 72.50 -11.19
N ASN L 175 -10.15 73.23 -11.00
CA ASN L 175 -10.23 74.69 -11.00
C ASN L 175 -9.60 75.27 -12.26
N TYR L 176 -10.41 75.74 -13.21
CA TYR L 176 -9.84 76.07 -14.51
C TYR L 176 -8.98 77.32 -14.51
N ALA L 177 -9.55 78.41 -14.04
CA ALA L 177 -8.89 79.71 -14.12
C ALA L 177 -7.49 79.65 -13.52
N VAL L 178 -7.40 79.00 -12.36
CA VAL L 178 -6.14 78.88 -11.65
C VAL L 178 -5.12 78.13 -12.48
N PHE L 179 -5.53 76.97 -12.97
CA PHE L 179 -4.71 76.16 -13.89
C PHE L 179 -4.17 77.03 -15.02
N GLU L 180 -5.05 77.80 -15.62
CA GLU L 180 -4.72 78.69 -16.73
C GLU L 180 -3.59 79.62 -16.36
N LYS L 181 -3.80 80.35 -15.28
CA LYS L 181 -2.82 81.32 -14.82
C LYS L 181 -1.47 80.65 -14.48
N ILE L 182 -1.47 79.43 -13.94
CA ILE L 182 -0.21 78.74 -13.65
C ILE L 182 0.53 78.40 -14.95
N CYS L 183 -0.21 77.90 -15.93
CA CYS L 183 0.37 77.61 -17.26
C CYS L 183 0.99 78.85 -17.88
N LYS L 184 0.36 79.99 -17.64
CA LYS L 184 0.87 81.27 -18.08
C LYS L 184 2.20 81.63 -17.39
N GLU L 185 2.18 81.62 -16.06
CA GLU L 185 3.34 81.97 -15.25
C GLU L 185 4.57 81.10 -15.50
N LEU L 186 4.39 79.80 -15.31
CA LEU L 186 5.50 78.86 -15.26
C LEU L 186 5.94 78.33 -16.61
N GLY L 187 5.30 78.84 -17.66
CA GLY L 187 5.70 78.52 -19.01
C GLY L 187 5.42 77.08 -19.36
N ILE L 188 4.65 76.42 -18.51
CA ILE L 188 4.26 75.06 -18.75
C ILE L 188 3.10 75.02 -19.71
N GLU L 189 3.16 74.09 -20.65
CA GLU L 189 2.08 73.95 -21.62
C GLU L 189 1.43 72.59 -21.45
N TYR L 190 0.11 72.55 -21.61
CA TYR L 190 -0.60 71.29 -21.47
C TYR L 190 -0.98 70.72 -22.82
N THR L 191 -0.31 69.65 -23.20
CA THR L 191 -0.65 68.92 -24.42
C THR L 191 -1.42 67.66 -24.04
N PHE L 192 -2.66 67.56 -24.48
CA PHE L 192 -3.50 66.44 -24.07
C PHE L 192 -2.87 65.14 -24.51
N PRO L 193 -2.89 64.12 -23.63
CA PRO L 193 -2.23 62.86 -24.01
C PRO L 193 -2.93 62.28 -25.22
N PRO L 194 -2.16 62.01 -26.28
CA PRO L 194 -2.77 61.59 -27.55
C PRO L 194 -3.22 60.15 -27.45
N PRO L 195 -4.38 59.82 -28.03
CA PRO L 195 -4.90 58.45 -27.91
C PRO L 195 -3.99 57.52 -28.66
N TYR L 196 -4.07 56.23 -28.37
CA TYR L 196 -3.33 55.24 -29.15
C TYR L 196 -1.84 55.43 -29.16
N HIS L 197 -1.17 55.06 -28.07
CA HIS L 197 0.27 55.14 -28.15
C HIS L 197 0.76 53.95 -28.94
N ARG L 198 1.32 54.25 -30.11
CA ARG L 198 1.90 53.25 -30.99
C ARG L 198 3.25 53.76 -31.41
N LYS L 199 4.24 52.88 -31.38
CA LYS L 199 5.56 53.28 -31.82
C LYS L 199 5.44 53.48 -33.32
N ALA L 200 5.75 54.68 -33.78
CA ALA L 200 5.77 54.92 -35.20
C ALA L 200 7.05 54.31 -35.74
N HIS L 201 6.94 53.40 -36.70
CA HIS L 201 8.14 52.79 -37.25
C HIS L 201 8.34 53.24 -38.68
N ARG L 202 9.45 52.82 -39.30
CA ARG L 202 9.78 53.31 -40.64
C ARG L 202 8.68 53.04 -41.66
N ARG L 203 8.21 51.78 -41.71
CA ARG L 203 7.21 51.42 -42.70
C ARG L 203 5.96 52.29 -42.61
N TRP L 204 5.47 52.50 -41.39
CA TRP L 204 4.26 53.29 -41.20
C TRP L 204 4.46 54.77 -41.48
N VAL L 205 5.57 55.33 -40.99
CA VAL L 205 5.81 56.75 -41.18
C VAL L 205 5.91 57.02 -42.68
N THR L 206 6.52 56.08 -43.39
CA THR L 206 6.68 56.25 -44.83
C THR L 206 5.32 56.15 -45.52
N LYS L 207 4.57 55.08 -45.27
CA LYS L 207 3.31 54.91 -45.94
C LYS L 207 2.35 56.07 -45.64
N LYS L 208 2.40 56.59 -44.42
CA LYS L 208 1.56 57.74 -44.12
C LYS L 208 2.03 58.96 -44.89
N ALA L 209 3.34 59.23 -44.88
CA ALA L 209 3.87 60.36 -45.64
C ALA L 209 3.36 60.32 -47.08
N LEU L 210 3.50 59.16 -47.73
CA LEU L 210 3.00 59.00 -49.08
C LEU L 210 1.53 59.34 -49.15
N CYS L 211 0.74 58.73 -48.29
CA CYS L 211 -0.69 58.91 -48.38
C CYS L 211 -1.06 60.38 -48.29
N THR L 212 -0.47 61.06 -47.31
CA THR L 212 -0.65 62.49 -47.12
C THR L 212 -0.38 63.27 -48.42
N GLN L 213 0.70 62.90 -49.11
CA GLN L 213 1.01 63.60 -50.35
C GLN L 213 0.06 63.25 -51.51
N VAL L 214 -0.39 61.99 -51.56
CA VAL L 214 -1.42 61.60 -52.53
C VAL L 214 -2.69 62.44 -52.35
N PHE L 215 -3.12 62.62 -51.10
CA PHE L 215 -4.27 63.48 -50.78
C PHE L 215 -4.07 64.90 -51.27
N ARG L 216 -2.97 65.47 -50.81
CA ARG L 216 -2.57 66.80 -51.18
C ARG L 216 -2.57 67.00 -52.70
N GLU L 217 -2.32 65.93 -53.45
CA GLU L 217 -2.43 65.98 -54.92
C GLU L 217 -3.82 65.86 -55.51
N VAL L 218 -4.59 64.89 -55.04
CA VAL L 218 -5.91 64.63 -55.63
C VAL L 218 -6.84 65.82 -55.40
N GLN L 219 -6.69 66.51 -54.26
CA GLN L 219 -7.49 67.72 -54.08
C GLN L 219 -7.05 68.86 -55.07
N LYS L 220 -5.76 68.92 -55.39
CA LYS L 220 -5.26 69.84 -56.43
C LYS L 220 -5.86 69.55 -57.81
N LEU L 221 -5.78 68.28 -58.23
CA LEU L 221 -6.34 67.86 -59.51
C LEU L 221 -7.83 68.13 -59.61
N LYS L 222 -8.57 67.73 -58.58
CA LYS L 222 -10.01 68.01 -58.51
C LYS L 222 -10.26 69.52 -58.67
N LYS L 223 -9.44 70.31 -57.97
CA LYS L 223 -9.49 71.77 -58.06
C LYS L 223 -9.36 72.29 -59.50
N GLN L 224 -8.34 71.84 -60.23
CA GLN L 224 -8.16 72.31 -61.61
C GLN L 224 -9.25 71.82 -62.57
N LYS L 225 -9.58 70.53 -62.52
CA LYS L 225 -10.61 69.97 -63.40
C LYS L 225 -11.97 70.65 -63.19
N ARG L 226 -12.26 71.10 -61.96
CA ARG L 226 -13.46 71.91 -61.75
C ARG L 226 -13.25 73.39 -62.13
N ALA L 227 -12.01 73.86 -62.06
CA ALA L 227 -11.67 75.26 -62.39
C ALA L 227 -11.77 75.56 -63.90
N LEU L 228 -11.46 74.58 -64.74
CA LEU L 228 -11.63 74.72 -66.18
C LEU L 228 -13.12 74.66 -66.56
N ARG L 229 -13.92 74.00 -65.73
CA ARG L 229 -15.38 73.99 -65.90
C ARG L 229 -16.00 75.32 -65.49
N ALA L 230 -15.44 75.90 -64.42
CA ALA L 230 -15.83 77.24 -63.99
C ALA L 230 -15.50 78.26 -65.09
N ALA L 231 -14.26 78.18 -65.61
CA ALA L 231 -13.81 79.06 -66.69
C ALA L 231 -14.60 78.88 -68.00
N ALA L 232 -14.89 77.63 -68.36
CA ALA L 232 -15.65 77.32 -69.59
C ALA L 232 -17.11 77.77 -69.50
N VAL L 233 -17.80 77.40 -68.42
CA VAL L 233 -19.22 77.78 -68.26
C VAL L 233 -19.38 79.30 -68.06
N ALA L 234 -18.43 79.94 -67.37
CA ALA L 234 -18.46 81.41 -67.24
C ALA L 234 -18.17 82.12 -68.58
N ALA L 235 -17.20 81.60 -69.34
CA ALA L 235 -16.86 82.16 -70.67
C ALA L 235 -17.95 81.91 -71.72
N HIS L 236 -18.79 80.90 -71.49
CA HIS L 236 -19.98 80.68 -72.33
C HIS L 236 -21.16 81.58 -71.90
N LYS L 237 -21.31 81.83 -70.60
CA LYS L 237 -22.36 82.74 -70.10
C LYS L 237 -22.11 84.21 -70.45
N GLN L 238 -20.84 84.64 -70.43
CA GLN L 238 -20.48 86.03 -70.74
C GLN L 238 -20.67 86.40 -72.23
N GLY L 239 -20.06 85.61 -73.11
CA GLY L 239 -20.16 85.84 -74.55
C GLY L 239 -18.90 85.48 -75.31
N ARG M 10 -42.97 37.66 -45.62
CA ARG M 10 -41.99 38.49 -46.29
C ARG M 10 -42.68 39.65 -47.00
N ALA M 11 -41.93 40.49 -47.70
CA ALA M 11 -42.52 41.60 -48.45
C ALA M 11 -43.11 41.06 -49.74
N TYR M 12 -44.36 41.42 -50.02
CA TYR M 12 -45.01 40.95 -51.23
C TYR M 12 -45.36 42.09 -52.16
N ARG M 13 -45.89 41.77 -53.33
CA ARG M 13 -46.33 42.78 -54.27
C ARG M 13 -47.68 43.34 -53.86
N GLY M 14 -48.57 42.48 -53.40
CA GLY M 14 -49.93 42.89 -53.12
C GLY M 14 -50.72 41.77 -52.46
N GLY M 15 -52.04 41.83 -52.59
CA GLY M 15 -52.87 40.85 -51.93
C GLY M 15 -53.57 41.51 -50.76
N HIS M 16 -54.54 40.79 -50.21
CA HIS M 16 -55.43 41.37 -49.22
C HIS M 16 -55.40 40.58 -47.93
N LEU M 17 -55.85 41.20 -46.85
CA LEU M 17 -56.05 40.44 -45.63
C LEU M 17 -57.22 39.48 -45.85
N THR M 18 -57.02 38.23 -45.47
CA THR M 18 -57.95 37.14 -45.79
C THR M 18 -58.16 36.21 -44.60
N ILE M 19 -59.43 35.90 -44.32
CA ILE M 19 -59.75 34.98 -43.25
C ILE M 19 -60.05 33.62 -43.83
N ARG M 20 -59.38 32.60 -43.33
CA ARG M 20 -59.48 31.29 -43.96
C ARG M 20 -59.14 30.11 -43.05
N LEU M 21 -59.01 28.94 -43.66
CA LEU M 21 -58.73 27.72 -42.92
C LEU M 21 -57.32 27.15 -43.17
N ALA M 22 -56.45 27.28 -42.18
CA ALA M 22 -55.15 26.63 -42.28
C ALA M 22 -55.38 25.18 -41.87
N LEU M 23 -54.62 24.26 -42.46
CA LEU M 23 -54.83 22.87 -42.10
C LEU M 23 -53.64 22.28 -41.35
N GLY M 24 -53.77 22.22 -40.03
CA GLY M 24 -53.01 21.28 -39.22
C GLY M 24 -53.68 19.92 -39.22
N GLY M 25 -52.95 18.86 -39.47
CA GLY M 25 -53.54 17.55 -39.37
C GLY M 25 -52.52 16.45 -39.37
N CYS M 26 -52.90 15.36 -38.73
CA CYS M 26 -52.06 14.19 -38.56
C CYS M 26 -52.35 13.21 -39.72
N THR M 27 -53.03 13.67 -40.80
CA THR M 27 -53.27 12.85 -42.02
C THR M 27 -54.28 11.69 -41.98
N ASN M 28 -55.50 12.01 -42.44
CA ASN M 28 -56.74 11.21 -42.38
C ASN M 28 -57.50 11.67 -41.18
N ARG M 29 -56.86 12.53 -40.44
CA ARG M 29 -57.55 13.21 -39.39
C ARG M 29 -57.24 14.69 -39.61
N PRO M 30 -58.04 15.33 -40.48
CA PRO M 30 -57.86 16.76 -40.72
C PRO M 30 -58.40 17.56 -39.56
N PHE M 31 -57.92 18.79 -39.46
CA PHE M 31 -58.43 19.74 -38.49
C PHE M 31 -58.02 21.12 -38.99
N TYR M 32 -58.70 22.19 -38.57
CA TYR M 32 -58.40 23.49 -39.17
C TYR M 32 -58.23 24.60 -38.16
N ARG M 33 -57.42 25.57 -38.51
CA ARG M 33 -57.28 26.74 -37.69
C ARG M 33 -57.71 27.96 -38.50
N ILE M 34 -58.84 28.53 -38.10
CA ILE M 34 -59.34 29.78 -38.67
C ILE M 34 -58.34 30.89 -38.44
N VAL M 35 -57.95 31.56 -39.51
CA VAL M 35 -56.80 32.40 -39.41
C VAL M 35 -56.94 33.67 -40.24
N ALA M 36 -56.53 34.77 -39.63
CA ALA M 36 -56.45 36.06 -40.31
C ALA M 36 -55.04 36.24 -40.85
N ALA M 37 -54.93 36.24 -42.18
CA ALA M 37 -53.64 36.13 -42.85
C ALA M 37 -53.51 37.04 -44.06
N HIS M 38 -52.40 36.90 -44.78
CA HIS M 38 -52.23 37.55 -46.06
C HIS M 38 -52.56 36.54 -47.15
N SER M 39 -53.14 36.99 -48.25
CA SER M 39 -53.48 36.04 -49.28
C SER M 39 -52.22 35.41 -49.83
N LYS M 40 -51.14 36.19 -49.82
CA LYS M 40 -49.94 35.81 -50.54
C LYS M 40 -48.94 35.07 -49.70
N CYS M 41 -49.30 34.78 -48.46
CA CYS M 41 -48.52 33.87 -47.64
C CYS M 41 -49.03 32.42 -47.80
N PRO M 42 -48.21 31.41 -47.43
CA PRO M 42 -48.65 30.01 -47.57
C PRO M 42 -49.81 29.63 -46.66
N ARG M 43 -50.44 28.50 -46.93
CA ARG M 43 -51.59 28.03 -46.16
C ARG M 43 -51.29 27.91 -44.66
N ASP M 44 -50.23 27.17 -44.34
CA ASP M 44 -49.89 26.86 -42.95
C ASP M 44 -48.84 27.81 -42.37
N GLY M 45 -48.45 28.78 -43.17
CA GLY M 45 -47.39 29.68 -42.78
C GLY M 45 -47.92 30.80 -41.92
N ARG M 46 -47.28 31.95 -42.07
CA ARG M 46 -47.48 33.14 -41.24
C ARG M 46 -48.93 33.62 -41.27
N PHE M 47 -49.35 34.32 -40.23
CA PHE M 47 -50.65 35.00 -40.25
C PHE M 47 -50.62 36.21 -39.36
N VAL M 48 -51.69 37.00 -39.37
CA VAL M 48 -51.74 38.13 -38.48
C VAL M 48 -52.18 37.73 -37.10
N GLU M 49 -53.28 37.02 -37.07
CA GLU M 49 -53.88 36.68 -35.80
C GLU M 49 -54.70 35.43 -36.02
N GLN M 50 -54.78 34.60 -35.00
CA GLN M 50 -55.64 33.44 -35.05
C GLN M 50 -57.00 33.84 -34.54
N LEU M 51 -58.05 33.28 -35.14
CA LEU M 51 -59.42 33.68 -34.85
C LEU M 51 -60.18 32.57 -34.17
N GLY M 52 -60.19 31.41 -34.79
CA GLY M 52 -60.89 30.27 -34.24
C GLY M 52 -60.27 29.00 -34.73
N SER M 53 -60.95 27.90 -34.47
CA SER M 53 -60.56 26.63 -35.03
C SER M 53 -61.80 25.93 -35.54
N TYR M 54 -61.60 24.86 -36.29
CA TYR M 54 -62.71 24.06 -36.72
C TYR M 54 -62.28 22.61 -36.68
N ASP M 55 -63.14 21.74 -36.18
CA ASP M 55 -62.85 20.32 -36.20
C ASP M 55 -63.89 19.59 -37.04
N PRO M 56 -63.48 19.10 -38.19
CA PRO M 56 -64.39 18.45 -39.13
C PRO M 56 -64.89 17.13 -38.61
N LEU M 57 -63.99 16.36 -38.01
CA LEU M 57 -64.36 15.00 -37.66
C LEU M 57 -65.23 14.99 -36.41
N PRO M 58 -66.42 14.37 -36.51
CA PRO M 58 -67.42 14.39 -35.44
C PRO M 58 -66.94 13.59 -34.23
N ASN M 59 -67.10 14.17 -33.05
CA ASN M 59 -66.49 13.65 -31.83
C ASN M 59 -67.29 12.54 -31.15
N SER M 60 -66.90 12.20 -29.93
CA SER M 60 -67.58 11.17 -29.13
C SER M 60 -69.08 11.41 -28.98
N HIS M 61 -69.47 12.68 -28.93
CA HIS M 61 -70.87 13.05 -28.74
C HIS M 61 -71.59 13.19 -30.08
N GLY M 62 -70.85 13.05 -31.17
CA GLY M 62 -71.40 13.20 -32.51
C GLY M 62 -71.47 14.65 -33.00
N GLU M 63 -70.51 15.46 -32.56
CA GLU M 63 -70.53 16.89 -32.87
C GLU M 63 -69.27 17.37 -33.58
N LYS M 64 -69.45 18.36 -34.46
CA LYS M 64 -68.36 19.02 -35.15
C LYS M 64 -68.09 20.36 -34.50
N LEU M 65 -66.98 20.47 -33.79
CA LEU M 65 -66.70 21.66 -33.00
C LEU M 65 -66.19 22.82 -33.84
N VAL M 66 -66.72 24.01 -33.60
CA VAL M 66 -66.22 25.19 -34.25
C VAL M 66 -66.08 26.32 -33.25
N ALA M 67 -64.87 26.80 -33.03
CA ALA M 67 -64.74 27.99 -32.20
C ALA M 67 -64.46 29.20 -33.07
N LEU M 68 -65.03 30.34 -32.69
CA LEU M 68 -64.84 31.58 -33.42
C LEU M 68 -64.75 32.72 -32.43
N ASN M 69 -63.90 33.69 -32.70
CA ASN M 69 -63.92 34.88 -31.89
C ASN M 69 -64.72 35.91 -32.66
N PHE M 70 -65.96 36.15 -32.23
CA PHE M 70 -66.86 36.91 -33.10
C PHE M 70 -66.47 38.36 -33.09
N ASP M 71 -66.05 38.81 -31.91
CA ASP M 71 -65.55 40.15 -31.71
C ASP M 71 -64.38 40.48 -32.65
N ARG M 72 -63.40 39.59 -32.70
CA ARG M 72 -62.24 39.84 -33.52
C ARG M 72 -62.53 39.60 -35.00
N ILE M 73 -63.30 38.54 -35.31
CA ILE M 73 -63.68 38.28 -36.70
C ILE M 73 -64.28 39.54 -37.30
N ARG M 74 -65.26 40.10 -36.60
CA ARG M 74 -65.88 41.30 -37.09
C ARG M 74 -64.95 42.51 -37.01
N HIS M 75 -63.99 42.52 -36.08
CA HIS M 75 -62.99 43.59 -36.08
C HIS M 75 -62.22 43.61 -37.39
N TRP M 76 -61.92 42.43 -37.93
CA TRP M 76 -61.18 42.40 -39.17
C TRP M 76 -62.07 42.62 -40.39
N ILE M 77 -63.29 42.09 -40.40
CA ILE M 77 -64.15 42.34 -41.58
C ILE M 77 -64.37 43.82 -41.68
N GLY M 78 -64.52 44.46 -40.53
CA GLY M 78 -64.61 45.90 -40.45
C GLY M 78 -63.35 46.58 -40.94
N CYS M 79 -62.26 45.82 -41.03
CA CYS M 79 -61.04 46.35 -41.65
C CYS M 79 -60.94 45.91 -43.10
N GLY M 80 -61.94 45.15 -43.54
CA GLY M 80 -62.02 44.74 -44.94
C GLY M 80 -61.32 43.45 -45.32
N ALA M 81 -61.25 42.49 -44.41
CA ALA M 81 -60.73 41.17 -44.76
C ALA M 81 -61.73 40.42 -45.63
N HIS M 82 -61.20 39.57 -46.50
CA HIS M 82 -62.00 38.72 -47.38
C HIS M 82 -62.24 37.36 -46.71
N LEU M 83 -63.37 36.74 -46.98
CA LEU M 83 -63.63 35.42 -46.44
C LEU M 83 -63.52 34.36 -47.52
N SER M 84 -62.85 33.26 -47.20
CA SER M 84 -62.85 32.08 -48.06
C SER M 84 -64.23 31.45 -48.01
N LYS M 85 -64.57 30.68 -49.04
CA LYS M 85 -65.92 30.13 -49.12
C LYS M 85 -66.28 29.18 -47.98
N PRO M 86 -65.34 28.32 -47.55
CA PRO M 86 -65.69 27.50 -46.38
C PRO M 86 -65.84 28.30 -45.06
N VAL M 87 -65.09 29.38 -44.87
CA VAL M 87 -65.30 30.24 -43.68
C VAL M 87 -66.68 30.89 -43.73
N GLU M 88 -67.20 31.09 -44.94
CA GLU M 88 -68.54 31.61 -45.13
C GLU M 88 -69.64 30.56 -44.94
N LYS M 89 -69.33 29.32 -45.28
CA LYS M 89 -70.24 28.22 -44.94
C LYS M 89 -70.36 28.17 -43.44
N LEU M 90 -69.21 28.24 -42.77
CA LEU M 90 -69.19 28.23 -41.32
C LEU M 90 -69.97 29.40 -40.71
N LEU M 91 -69.60 30.62 -41.09
CA LEU M 91 -70.29 31.79 -40.56
C LEU M 91 -71.77 31.79 -40.92
N GLY M 92 -72.12 31.07 -41.99
CA GLY M 92 -73.50 30.95 -42.38
C GLY M 92 -74.28 30.18 -41.33
N LEU M 93 -73.82 28.96 -41.06
CA LEU M 93 -74.54 28.06 -40.16
C LEU M 93 -74.79 28.68 -38.80
N SER M 94 -73.75 29.32 -38.27
CA SER M 94 -73.83 29.95 -36.97
C SER M 94 -74.94 30.98 -36.89
N GLY M 95 -75.19 31.67 -38.00
CA GLY M 95 -76.14 32.75 -38.00
C GLY M 95 -75.48 34.08 -37.67
N PHE M 96 -74.16 34.07 -37.62
CA PHE M 96 -73.42 35.32 -37.54
C PHE M 96 -73.53 35.98 -38.90
N TYR M 97 -73.73 35.16 -39.92
CA TYR M 97 -73.89 35.63 -41.30
C TYR M 97 -75.10 34.98 -41.93
N PRO M 98 -75.73 35.65 -42.91
CA PRO M 98 -76.84 34.99 -43.61
C PRO M 98 -76.34 33.73 -44.27
N LEU M 99 -77.18 32.71 -44.34
CA LEU M 99 -76.80 31.46 -44.98
C LEU M 99 -76.26 31.73 -46.40
N HIS M 100 -75.19 31.03 -46.80
CA HIS M 100 -74.55 31.24 -48.11
C HIS M 100 -75.35 30.59 -49.25
N PRO M 101 -75.53 31.34 -50.34
CA PRO M 101 -76.35 30.94 -51.49
C PRO M 101 -76.02 29.56 -52.00
N MET M 102 -74.73 29.23 -52.03
CA MET M 102 -74.36 27.93 -52.57
C MET M 102 -74.82 26.80 -51.65
N MET M 103 -74.97 27.08 -50.36
CA MET M 103 -75.52 26.09 -49.45
C MET M 103 -76.89 25.66 -49.95
N ILE M 104 -77.78 26.63 -50.07
CA ILE M 104 -79.15 26.44 -50.49
C ILE M 104 -79.25 25.70 -51.82
N THR M 105 -78.33 26.02 -52.73
CA THR M 105 -78.31 25.39 -54.03
C THR M 105 -77.91 23.93 -53.93
N ASN M 106 -76.96 23.64 -53.06
CA ASN M 106 -76.58 22.26 -52.81
C ASN M 106 -77.72 21.50 -52.17
N ALA M 107 -78.51 22.21 -51.37
CA ALA M 107 -79.73 21.66 -50.81
C ALA M 107 -80.64 21.22 -51.93
N GLU M 108 -81.11 22.18 -52.73
CA GLU M 108 -82.00 21.89 -53.86
C GLU M 108 -81.50 20.77 -54.76
N ARG M 109 -80.21 20.84 -55.12
CA ARG M 109 -79.58 19.79 -55.91
C ARG M 109 -79.73 18.42 -55.25
N LEU M 110 -79.33 18.33 -53.99
CA LEU M 110 -79.39 17.07 -53.24
C LEU M 110 -80.83 16.53 -53.14
N ARG M 111 -81.79 17.42 -52.87
CA ARG M 111 -83.21 17.05 -52.77
C ARG M 111 -83.72 16.49 -54.10
N ARG M 112 -83.38 17.17 -55.19
CA ARG M 112 -83.78 16.72 -56.52
C ARG M 112 -83.18 15.36 -56.84
N LYS M 113 -81.92 15.15 -56.47
CA LYS M 113 -81.30 13.86 -56.76
C LYS M 113 -81.94 12.78 -55.88
N ARG M 114 -82.35 13.13 -54.65
CA ARG M 114 -82.99 12.15 -53.77
C ARG M 114 -84.39 11.76 -54.29
N ALA M 115 -85.12 12.72 -54.85
CA ALA M 115 -86.40 12.43 -55.47
C ALA M 115 -86.23 11.56 -56.72
N ARG M 116 -85.27 11.94 -57.58
CA ARG M 116 -84.97 11.14 -58.78
C ARG M 116 -84.56 9.72 -58.43
N GLU M 117 -83.85 9.56 -57.32
CA GLU M 117 -83.40 8.24 -56.86
C GLU M 117 -84.52 7.44 -56.16
N VAL M 118 -85.51 8.14 -55.59
CA VAL M 118 -86.74 7.48 -55.12
C VAL M 118 -87.46 6.88 -56.32
N LEU M 119 -87.63 7.68 -57.38
CA LEU M 119 -88.26 7.21 -58.61
C LEU M 119 -87.46 6.09 -59.30
N LEU M 120 -86.13 6.16 -59.23
CA LEU M 120 -85.30 5.07 -59.75
C LEU M 120 -85.52 3.81 -58.93
N ALA M 121 -85.64 3.98 -57.61
CA ALA M 121 -85.88 2.87 -56.69
C ALA M 121 -87.21 2.14 -56.97
N SER M 122 -88.27 2.92 -57.16
CA SER M 122 -89.60 2.35 -57.43
C SER M 122 -89.78 1.90 -58.89
N GLN M 123 -88.91 2.37 -59.80
CA GLN M 123 -88.88 1.86 -61.18
C GLN M 123 -88.07 0.55 -61.30
N LYS M 124 -87.09 0.35 -60.41
CA LYS M 124 -86.36 -0.92 -60.34
C LYS M 124 -87.14 -1.99 -59.57
N THR M 125 -87.86 -1.57 -58.52
CA THR M 125 -88.71 -2.47 -57.75
C THR M 125 -89.82 -3.10 -58.60
N ASP M 126 -90.47 -2.29 -59.44
CA ASP M 126 -91.59 -2.72 -60.29
C ASP M 126 -91.26 -3.96 -61.14
N SER N 2 -49.03 67.07 -33.67
CA SER N 2 -47.73 67.69 -33.44
C SER N 2 -46.59 66.76 -33.88
N ILE N 3 -46.06 66.99 -35.08
CA ILE N 3 -44.98 66.15 -35.58
C ILE N 3 -43.64 66.88 -35.75
N ALA N 4 -42.72 66.62 -34.82
CA ALA N 4 -41.29 66.78 -35.05
C ALA N 4 -40.63 65.58 -34.36
N ARG N 5 -39.97 64.72 -35.13
CA ARG N 5 -39.47 63.48 -34.56
C ARG N 5 -38.07 63.14 -35.04
N SER N 6 -37.47 62.17 -34.37
CA SER N 6 -36.22 61.55 -34.81
C SER N 6 -36.38 60.05 -34.62
N SER N 7 -36.07 59.27 -35.64
CA SER N 7 -36.29 57.83 -35.55
C SER N 7 -35.30 57.15 -34.61
N VAL N 8 -34.34 57.93 -34.13
CA VAL N 8 -33.22 57.42 -33.33
C VAL N 8 -33.53 57.34 -31.82
N HIS N 9 -33.22 56.20 -31.17
CA HIS N 9 -33.50 56.03 -29.74
C HIS N 9 -32.69 56.94 -28.84
N ALA N 10 -31.75 57.67 -29.44
CA ALA N 10 -30.76 58.43 -28.70
C ALA N 10 -31.35 59.62 -27.96
N LYS N 11 -32.67 59.76 -28.02
CA LYS N 11 -33.35 61.05 -27.91
C LYS N 11 -32.74 62.07 -26.95
N TRP N 12 -32.30 61.61 -25.79
CA TRP N 12 -31.55 62.48 -24.89
C TRP N 12 -30.39 61.71 -24.28
N VAL N 13 -29.20 62.26 -24.31
CA VAL N 13 -28.07 61.58 -23.68
C VAL N 13 -27.19 62.53 -22.90
N VAL N 14 -26.28 61.99 -22.12
CA VAL N 14 -25.23 62.83 -21.57
C VAL N 14 -23.88 62.15 -21.79
N GLY N 15 -22.89 62.93 -22.20
CA GLY N 15 -21.57 62.40 -22.44
C GLY N 15 -20.45 63.39 -22.16
N LYS N 16 -19.22 62.91 -22.14
CA LYS N 16 -18.05 63.76 -21.99
C LYS N 16 -17.71 64.38 -23.35
N VAL N 17 -17.00 65.50 -23.36
CA VAL N 17 -16.60 66.08 -24.63
C VAL N 17 -15.17 65.71 -24.94
N ILE N 18 -15.05 64.84 -25.93
CA ILE N 18 -13.78 64.26 -26.31
C ILE N 18 -12.92 65.15 -27.20
N GLY N 19 -13.45 65.71 -28.27
CA GLY N 19 -12.63 66.54 -29.12
C GLY N 19 -13.29 67.65 -29.91
N THR N 20 -12.51 68.69 -30.13
CA THR N 20 -12.96 69.95 -30.71
C THR N 20 -12.62 70.14 -32.19
N ALA N 21 -12.06 69.11 -32.80
CA ALA N 21 -11.29 69.20 -34.04
C ALA N 21 -12.02 69.73 -35.28
N MET N 22 -13.33 69.93 -35.18
CA MET N 22 -14.10 70.33 -36.33
C MET N 22 -14.76 71.67 -36.04
N GLN N 23 -15.19 72.35 -37.09
CA GLN N 23 -15.89 73.62 -36.93
C GLN N 23 -17.26 73.37 -36.33
N LYS N 24 -17.53 74.01 -35.20
CA LYS N 24 -18.88 74.05 -34.64
C LYS N 24 -19.51 72.66 -34.52
N THR N 25 -18.68 71.66 -34.26
CA THR N 25 -19.14 70.28 -34.09
C THR N 25 -18.36 69.59 -32.96
N ALA N 26 -19.07 69.03 -31.98
CA ALA N 26 -18.41 68.47 -30.82
C ALA N 26 -18.40 66.96 -30.82
N LYS N 27 -17.25 66.38 -30.50
CA LYS N 27 -17.11 64.94 -30.44
C LYS N 27 -17.39 64.55 -29.01
N VAL N 28 -18.52 63.88 -28.77
CA VAL N 28 -18.93 63.58 -27.41
C VAL N 28 -19.09 62.09 -27.13
N ARG N 29 -18.38 61.60 -26.14
CA ARG N 29 -18.45 60.20 -25.80
C ARG N 29 -19.54 59.93 -24.75
N VAL N 30 -20.40 58.99 -25.07
CA VAL N 30 -21.50 58.57 -24.23
C VAL N 30 -21.14 57.27 -23.55
N THR N 31 -21.58 57.08 -22.31
CA THR N 31 -21.38 55.79 -21.69
C THR N 31 -22.59 55.24 -20.93
N ARG N 32 -23.05 54.07 -21.36
CA ARG N 32 -24.22 53.46 -20.77
C ARG N 32 -23.79 52.21 -20.05
N LEU N 33 -24.57 51.79 -19.08
CA LEU N 33 -24.28 50.53 -18.41
C LEU N 33 -24.83 49.37 -19.20
N VAL N 34 -24.05 48.31 -19.30
CA VAL N 34 -24.51 47.10 -19.96
C VAL N 34 -24.29 45.91 -19.05
N LEU N 35 -25.28 45.03 -19.04
CA LEU N 35 -25.20 43.84 -18.23
C LEU N 35 -24.56 42.72 -19.02
N ASP N 36 -23.32 42.41 -18.66
CA ASP N 36 -22.63 41.24 -19.15
C ASP N 36 -23.26 40.01 -18.53
N PRO N 37 -23.87 39.17 -19.40
CA PRO N 37 -24.76 38.04 -19.14
C PRO N 37 -24.04 36.89 -18.51
N TYR N 38 -22.78 36.71 -18.82
CA TYR N 38 -22.07 35.66 -18.15
C TYR N 38 -21.90 36.02 -16.69
N LEU N 39 -21.26 37.15 -16.47
CA LEU N 39 -20.82 37.52 -15.13
C LEU N 39 -21.98 38.00 -14.30
N LEU N 40 -23.00 38.47 -15.01
CA LEU N 40 -24.10 39.27 -14.47
C LEU N 40 -23.54 40.50 -13.79
N LYS N 41 -22.83 41.32 -14.56
CA LYS N 41 -22.31 42.55 -13.97
C LYS N 41 -22.52 43.73 -14.90
N TYR N 42 -22.45 44.94 -14.38
CA TYR N 42 -22.62 46.11 -15.24
C TYR N 42 -21.33 46.83 -15.54
N PHE N 43 -21.03 46.97 -16.82
CA PHE N 43 -19.78 47.59 -17.27
C PHE N 43 -20.10 48.80 -18.11
N ASN N 44 -19.10 49.62 -18.35
CA ASN N 44 -19.33 50.84 -19.10
C ASN N 44 -19.06 50.69 -20.56
N LYS N 45 -20.10 50.66 -21.36
CA LYS N 45 -19.89 50.61 -22.80
C LYS N 45 -19.96 52.02 -23.31
N ARG N 46 -18.99 52.38 -24.13
CA ARG N 46 -18.93 53.73 -24.63
C ARG N 46 -19.26 53.77 -26.11
N LYS N 47 -19.79 54.91 -26.53
CA LYS N 47 -20.14 55.13 -27.92
C LYS N 47 -19.96 56.63 -28.23
N THR N 48 -19.40 56.98 -29.39
CA THR N 48 -19.20 58.40 -29.65
C THR N 48 -20.31 58.95 -30.52
N TYR N 49 -20.70 60.18 -30.24
CA TYR N 49 -21.67 60.92 -31.04
C TYR N 49 -21.11 62.29 -31.41
N PHE N 50 -21.17 62.65 -32.68
CA PHE N 50 -20.91 64.02 -33.05
C PHE N 50 -22.15 64.80 -32.75
N ALA N 51 -21.96 66.07 -32.46
CA ALA N 51 -23.09 66.92 -32.20
C ALA N 51 -22.82 68.26 -32.82
N HIS N 52 -23.87 69.06 -32.96
CA HIS N 52 -23.71 70.34 -33.60
C HIS N 52 -23.72 71.43 -32.54
N ASP N 53 -22.97 72.50 -32.80
CA ASP N 53 -22.81 73.60 -31.86
C ASP N 53 -22.87 74.97 -32.56
N ALA N 54 -23.78 75.85 -32.13
CA ALA N 54 -23.85 77.19 -32.69
C ALA N 54 -22.66 78.04 -32.23
N LEU N 55 -22.47 78.09 -30.92
CA LEU N 55 -21.47 78.94 -30.30
C LEU N 55 -20.06 78.36 -30.42
N GLN N 56 -19.96 77.08 -30.80
CA GLN N 56 -18.69 76.36 -30.73
C GLN N 56 -18.10 76.54 -29.32
N GLN N 57 -18.92 76.20 -28.33
CA GLN N 57 -18.67 76.53 -26.93
C GLN N 57 -18.03 75.40 -26.09
N CYS N 58 -17.80 74.24 -26.70
CA CYS N 58 -17.38 73.08 -25.90
C CYS N 58 -15.87 72.87 -25.86
N THR N 59 -15.31 73.07 -24.67
CA THR N 59 -13.94 72.68 -24.38
C THR N 59 -13.89 71.16 -24.26
N VAL N 60 -12.70 70.59 -24.35
CA VAL N 60 -12.55 69.14 -24.18
C VAL N 60 -12.65 68.76 -22.70
N GLY N 61 -13.45 67.74 -22.41
CA GLY N 61 -13.58 67.24 -21.06
C GLY N 61 -14.89 67.66 -20.42
N ASP N 62 -15.74 68.33 -21.20
CA ASP N 62 -17.00 68.86 -20.70
C ASP N 62 -18.07 67.79 -20.54
N ILE N 63 -18.87 67.92 -19.50
CA ILE N 63 -20.01 67.03 -19.34
C ILE N 63 -21.23 67.68 -19.95
N VAL N 64 -21.72 67.08 -21.03
CA VAL N 64 -22.59 67.75 -21.94
C VAL N 64 -23.86 66.98 -22.18
N LEU N 65 -24.94 67.73 -22.31
CA LEU N 65 -26.24 67.17 -22.55
C LEU N 65 -26.62 67.24 -24.02
N LEU N 66 -26.75 66.09 -24.66
CA LEU N 66 -27.13 66.08 -26.06
C LEU N 66 -28.61 65.77 -26.24
N LYS N 67 -29.20 66.51 -27.15
CA LYS N 67 -30.60 66.37 -27.51
C LYS N 67 -30.66 65.83 -28.93
N ALA N 68 -31.55 64.88 -29.19
CA ALA N 68 -31.66 64.38 -30.54
C ALA N 68 -32.15 65.47 -31.47
N LEU N 69 -31.61 65.47 -32.68
CA LEU N 69 -32.00 66.44 -33.70
C LEU N 69 -33.16 65.86 -34.53
N PRO N 70 -34.20 66.68 -34.81
CA PRO N 70 -35.36 66.18 -35.55
C PRO N 70 -35.03 65.66 -36.96
N VAL N 71 -34.29 66.46 -37.72
CA VAL N 71 -33.79 66.03 -39.03
C VAL N 71 -32.26 65.95 -39.03
N PRO N 72 -31.72 64.78 -39.39
CA PRO N 72 -30.26 64.58 -39.31
C PRO N 72 -29.49 65.49 -40.28
N ARG N 73 -28.40 66.09 -39.81
CA ARG N 73 -27.56 66.93 -40.66
C ARG N 73 -26.77 66.07 -41.63
N THR N 74 -25.90 65.22 -41.10
CA THR N 74 -25.11 64.32 -41.93
C THR N 74 -25.31 62.89 -41.48
N LYS N 75 -24.67 61.96 -42.17
CA LYS N 75 -24.60 60.57 -41.76
C LYS N 75 -24.17 60.49 -40.30
N HIS N 76 -23.15 61.28 -39.96
CA HIS N 76 -22.57 61.22 -38.64
C HIS N 76 -23.00 62.30 -37.67
N VAL N 77 -23.81 63.26 -38.09
CA VAL N 77 -24.33 64.18 -37.09
C VAL N 77 -25.83 64.03 -36.97
N LYS N 78 -26.26 63.40 -35.89
CA LYS N 78 -27.67 63.38 -35.55
C LYS N 78 -28.07 64.23 -34.33
N HIS N 79 -27.13 64.97 -33.75
CA HIS N 79 -27.44 65.68 -32.50
C HIS N 79 -27.09 67.14 -32.46
N GLU N 80 -27.64 67.81 -31.45
CA GLU N 80 -27.35 69.20 -31.16
C GLU N 80 -26.98 69.32 -29.69
N LEU N 81 -25.89 69.99 -29.37
CA LEU N 81 -25.61 70.23 -27.96
C LEU N 81 -26.76 71.05 -27.39
N ALA N 82 -27.37 70.57 -26.31
CA ALA N 82 -28.43 71.35 -25.69
C ALA N 82 -27.82 72.25 -24.63
N GLU N 83 -27.45 71.67 -23.49
CA GLU N 83 -26.89 72.43 -22.40
C GLU N 83 -25.59 71.82 -21.95
N ILE N 84 -24.71 72.66 -21.42
CA ILE N 84 -23.49 72.17 -20.81
C ILE N 84 -23.79 71.86 -19.35
N ILE N 85 -23.67 70.60 -18.96
CA ILE N 85 -24.02 70.19 -17.61
C ILE N 85 -22.95 70.56 -16.60
N PHE N 86 -21.71 70.21 -16.92
CA PHE N 86 -20.58 70.74 -16.18
C PHE N 86 -19.55 71.27 -17.16
N LYS N 87 -19.33 72.57 -17.18
CA LYS N 87 -18.20 73.03 -17.96
C LYS N 87 -16.97 72.59 -17.18
N VAL N 88 -15.92 72.22 -17.90
CA VAL N 88 -14.78 71.63 -17.23
C VAL N 88 -13.97 72.68 -16.49
N GLY N 89 -13.54 72.34 -15.28
CA GLY N 89 -12.65 73.20 -14.52
C GLY N 89 -13.35 74.39 -13.90
N GLN N 90 -14.59 74.63 -14.35
CA GLN N 90 -15.47 75.56 -13.68
C GLN N 90 -16.81 74.87 -13.48
N VAL N 91 -17.12 74.53 -12.25
CA VAL N 91 -18.32 73.74 -11.97
C VAL N 91 -19.11 74.39 -10.87
N ILE N 92 -20.35 74.75 -11.18
CA ILE N 92 -21.20 75.41 -10.20
C ILE N 92 -22.29 74.46 -9.71
N ASP N 93 -22.22 74.17 -8.41
CA ASP N 93 -23.04 73.15 -7.75
C ASP N 93 -24.54 73.40 -7.95
N PRO N 94 -25.23 72.47 -8.62
CA PRO N 94 -26.67 72.54 -8.89
C PRO N 94 -27.48 72.81 -7.64
N VAL N 95 -27.08 72.19 -6.54
CA VAL N 95 -27.73 72.47 -5.28
C VAL N 95 -27.64 73.94 -4.90
N THR N 96 -26.46 74.36 -4.48
CA THR N 96 -26.32 75.63 -3.79
C THR N 96 -26.01 76.80 -4.73
N GLY N 97 -25.69 76.51 -5.99
CA GLY N 97 -25.44 77.55 -6.98
C GLY N 97 -24.16 78.33 -6.73
N LYS N 98 -23.16 77.66 -6.17
CA LYS N 98 -21.88 78.31 -5.88
C LYS N 98 -20.74 77.65 -6.66
N PRO N 99 -19.68 78.42 -6.95
CA PRO N 99 -18.47 77.92 -7.61
C PRO N 99 -17.69 76.94 -6.74
N CYS N 100 -17.16 75.87 -7.34
CA CYS N 100 -16.52 74.81 -6.56
C CYS N 100 -15.40 74.07 -7.31
N ALA N 101 -14.48 73.49 -6.55
CA ALA N 101 -13.51 72.54 -7.10
C ALA N 101 -13.50 71.28 -6.25
N GLY N 102 -13.96 70.17 -6.83
CA GLY N 102 -13.92 68.89 -6.14
C GLY N 102 -14.81 68.81 -4.91
N THR N 103 -14.17 68.54 -3.78
CA THR N 103 -14.84 68.51 -2.49
C THR N 103 -15.04 69.92 -1.91
N THR N 104 -14.34 70.90 -2.45
CA THR N 104 -14.32 72.21 -1.81
C THR N 104 -15.06 73.32 -2.56
N TYR N 105 -15.88 74.07 -1.82
CA TYR N 105 -16.49 75.31 -2.32
C TYR N 105 -15.41 76.38 -2.44
N LEU N 106 -15.46 77.18 -3.49
CA LEU N 106 -14.58 78.34 -3.56
C LEU N 106 -15.14 79.51 -2.77
N GLU N 107 -16.45 79.74 -2.91
CA GLU N 107 -17.15 80.72 -2.08
C GLU N 107 -18.29 80.04 -1.33
N SER N 108 -18.17 79.98 0.00
CA SER N 108 -19.11 79.22 0.82
C SER N 108 -20.36 80.04 1.15
N PRO N 109 -21.41 79.37 1.68
CA PRO N 109 -22.52 80.12 2.27
C PRO N 109 -22.05 81.04 3.39
N ILE N 110 -22.87 82.03 3.72
CA ILE N 110 -22.59 83.15 4.63
C ILE N 110 -21.79 84.23 3.89
N SER O 47 -14.38 49.33 41.20
CA SER O 47 -14.24 49.96 42.51
C SER O 47 -13.18 49.25 43.38
N ASN O 48 -12.28 48.53 42.72
CA ASN O 48 -11.23 47.81 43.45
C ASN O 48 -9.95 48.61 43.39
N GLU O 49 -9.55 49.16 44.54
CA GLU O 49 -8.45 50.11 44.56
C GLU O 49 -7.11 49.40 44.76
N ASP O 50 -7.19 48.10 45.00
CA ASP O 50 -6.00 47.27 45.15
C ASP O 50 -5.61 46.53 43.85
N LEU O 51 -6.30 46.79 42.74
CA LEU O 51 -5.89 46.21 41.45
C LEU O 51 -4.55 46.80 41.00
N PRO O 52 -3.97 46.28 39.92
CA PRO O 52 -2.73 46.90 39.42
C PRO O 52 -2.92 48.19 38.62
N VAL O 53 -1.84 48.97 38.56
CA VAL O 53 -1.78 50.20 37.80
C VAL O 53 -1.20 49.96 36.39
N PRO O 54 -1.74 50.64 35.36
CA PRO O 54 -1.12 50.53 34.04
C PRO O 54 0.02 51.52 33.77
N MET O 55 0.96 51.64 34.71
CA MET O 55 2.17 52.45 34.52
C MET O 55 3.34 51.75 33.81
N GLU O 56 4.25 52.55 33.26
CA GLU O 56 5.51 52.07 32.69
C GLU O 56 6.44 51.47 33.74
N ASN O 57 7.42 50.69 33.29
CA ASN O 57 8.34 50.00 34.20
C ASN O 57 9.35 50.98 34.83
N PRO O 58 9.25 51.16 36.16
CA PRO O 58 10.12 51.98 36.99
C PRO O 58 11.46 51.34 37.26
N TYR O 59 11.50 50.02 37.23
CA TYR O 59 12.73 49.30 37.52
C TYR O 59 13.60 49.17 36.30
N LYS O 60 13.16 49.76 35.20
CA LYS O 60 13.85 49.65 33.93
C LYS O 60 15.31 50.08 34.01
N GLU O 61 16.20 49.18 33.58
CA GLU O 61 17.63 49.42 33.64
C GLU O 61 18.07 50.36 32.54
N PRO O 62 18.91 51.35 32.87
CA PRO O 62 19.45 52.28 31.88
C PRO O 62 20.19 51.53 30.77
N LEU O 63 20.05 51.96 29.52
CA LEU O 63 20.66 51.25 28.41
C LEU O 63 22.18 51.38 28.41
N LYS O 64 22.85 50.31 27.99
CA LYS O 64 24.31 50.27 27.99
C LYS O 64 24.88 51.26 26.99
N LYS O 65 26.18 51.56 27.11
CA LYS O 65 26.80 52.55 26.25
C LYS O 65 28.11 52.07 25.59
N CYS O 66 28.23 52.27 24.27
CA CYS O 66 29.50 52.06 23.55
C CYS O 66 30.51 52.95 24.26
N ILE O 67 31.75 52.52 24.30
CA ILE O 67 32.79 53.26 25.03
C ILE O 67 32.91 54.72 24.55
N LEU O 68 32.45 54.97 23.34
CA LEU O 68 32.40 56.30 22.74
C LEU O 68 31.04 57.04 22.73
N CYS O 69 29.99 56.48 23.35
CA CYS O 69 28.62 57.02 23.16
C CYS O 69 28.69 58.52 23.44
N GLU O 70 28.27 59.31 22.46
CA GLU O 70 28.33 60.76 22.52
C GLU O 70 29.74 61.28 22.77
N LYS O 71 30.74 60.50 22.38
CA LYS O 71 32.08 61.05 22.26
C LYS O 71 32.19 61.69 20.89
N HIS O 72 33.39 62.14 20.52
CA HIS O 72 33.58 62.66 19.17
C HIS O 72 34.77 62.03 18.50
N VAL O 73 34.52 61.26 17.44
CA VAL O 73 35.61 60.66 16.72
C VAL O 73 36.01 61.58 15.58
N ASP O 74 37.27 62.00 15.63
CA ASP O 74 37.90 62.83 14.61
C ASP O 74 38.97 62.03 13.90
N TYR O 75 39.25 62.34 12.65
CA TYR O 75 40.35 61.62 12.04
C TYR O 75 41.66 62.23 12.53
N LYS O 76 41.57 63.29 13.33
CA LYS O 76 42.78 63.96 13.74
C LYS O 76 43.52 63.29 14.90
N ASN O 77 42.81 62.66 15.85
CA ASN O 77 43.54 62.03 16.96
C ASN O 77 43.86 60.59 16.59
N VAL O 78 45.12 60.39 16.28
CA VAL O 78 45.54 59.13 15.73
C VAL O 78 45.73 58.19 16.88
N GLN O 79 45.90 58.75 18.07
CA GLN O 79 46.02 57.90 19.25
C GLN O 79 44.73 57.10 19.37
N LEU O 80 43.61 57.80 19.32
CA LEU O 80 42.31 57.15 19.48
C LEU O 80 42.15 56.04 18.45
N LEU O 81 42.43 56.36 17.20
CA LEU O 81 42.22 55.41 16.13
C LEU O 81 43.20 54.25 16.24
N SER O 82 44.33 54.53 16.88
CA SER O 82 45.35 53.52 17.07
C SER O 82 44.84 52.53 18.09
N GLN O 83 44.03 53.02 19.01
CA GLN O 83 43.46 52.16 20.04
C GLN O 83 42.62 51.01 19.47
N PHE O 84 42.00 51.20 18.31
CA PHE O 84 41.16 50.16 17.73
C PHE O 84 41.79 49.31 16.63
N ILE O 85 43.08 49.50 16.39
CA ILE O 85 43.80 48.77 15.34
C ILE O 85 44.73 47.68 15.86
N SER O 86 44.76 46.54 15.20
CA SER O 86 45.70 45.51 15.62
C SER O 86 47.13 45.97 15.45
N PRO O 87 47.93 45.85 16.52
CA PRO O 87 49.30 46.37 16.59
C PRO O 87 50.23 45.80 15.53
N PHE O 88 50.17 44.48 15.32
CA PHE O 88 51.05 43.81 14.38
C PHE O 88 50.61 43.90 12.95
N THR O 89 49.32 43.89 12.74
CA THR O 89 48.78 43.90 11.39
C THR O 89 48.57 45.32 10.90
N GLY O 90 47.78 46.09 11.62
CA GLY O 90 47.33 47.34 11.08
C GLY O 90 45.89 47.08 10.68
N CYS O 91 45.41 45.93 11.12
CA CYS O 91 44.03 45.52 10.94
C CYS O 91 43.11 46.48 11.66
N ILE O 92 41.85 46.51 11.25
CA ILE O 92 40.86 47.17 12.06
C ILE O 92 40.00 46.13 12.79
N TYR O 93 39.98 46.16 14.12
CA TYR O 93 39.21 45.18 14.89
C TYR O 93 37.73 45.29 14.54
N GLY O 94 37.00 44.17 14.54
CA GLY O 94 35.55 44.20 14.33
C GLY O 94 34.76 44.55 15.59
N ARG O 95 33.45 44.76 15.49
CA ARG O 95 32.63 45.06 16.66
C ARG O 95 32.85 44.05 17.76
N HIS O 96 32.91 42.78 17.37
CA HIS O 96 32.96 41.68 18.33
C HIS O 96 34.23 41.71 19.17
N ILE O 97 35.13 42.61 18.82
CA ILE O 97 36.34 42.85 19.58
C ILE O 97 36.25 44.20 20.27
N THR O 98 36.18 45.25 19.45
CA THR O 98 36.04 46.62 19.93
C THR O 98 34.84 46.80 20.82
N GLY O 99 33.72 46.18 20.46
CA GLY O 99 32.52 46.36 21.24
C GLY O 99 31.97 47.76 21.16
N LEU O 100 31.61 48.22 19.96
CA LEU O 100 31.08 49.57 19.79
C LEU O 100 29.65 49.54 19.25
N CYS O 101 28.94 50.67 19.28
CA CYS O 101 27.60 50.71 18.70
C CYS O 101 27.80 50.52 17.21
N GLY O 102 26.73 50.48 16.45
CA GLY O 102 26.89 50.41 15.01
C GLY O 102 27.54 51.69 14.50
N LYS O 103 26.91 52.81 14.83
CA LYS O 103 27.32 54.12 14.35
C LYS O 103 28.73 54.46 14.77
N LYS O 104 29.15 54.02 15.95
CA LYS O 104 30.50 54.37 16.38
C LYS O 104 31.55 53.50 15.72
N GLN O 105 31.24 52.24 15.46
CA GLN O 105 32.12 51.42 14.66
C GLN O 105 32.33 52.03 13.31
N LYS O 106 31.22 52.26 12.61
CA LYS O 106 31.31 52.83 11.28
C LYS O 106 32.11 54.11 11.32
N GLU O 107 31.87 54.92 12.33
CA GLU O 107 32.53 56.21 12.47
C GLU O 107 34.02 56.04 12.57
N ILE O 108 34.42 55.17 13.49
CA ILE O 108 35.81 54.82 13.65
C ILE O 108 36.47 54.33 12.37
N THR O 109 35.80 53.43 11.66
CA THR O 109 36.36 52.84 10.44
C THR O 109 36.66 53.92 9.41
N LYS O 110 35.63 54.68 9.05
CA LYS O 110 35.81 55.72 8.09
C LYS O 110 36.95 56.63 8.57
N ALA O 111 36.89 57.04 9.84
CA ALA O 111 37.92 57.92 10.39
C ALA O 111 39.32 57.38 10.13
N ILE O 112 39.50 56.09 10.40
CA ILE O 112 40.78 55.45 10.20
C ILE O 112 41.22 55.57 8.75
N LYS O 113 40.39 55.07 7.84
CA LYS O 113 40.73 55.12 6.42
C LYS O 113 41.17 56.53 5.98
N ARG O 114 40.42 57.55 6.42
CA ARG O 114 40.80 58.94 6.18
C ARG O 114 42.20 59.23 6.72
N ALA O 115 42.44 58.81 7.96
CA ALA O 115 43.73 59.04 8.61
C ALA O 115 44.88 58.34 7.87
N GLN O 116 44.53 57.29 7.13
CA GLN O 116 45.52 56.55 6.35
C GLN O 116 45.84 57.21 5.01
N ILE O 117 44.82 57.68 4.30
CA ILE O 117 45.12 58.28 3.01
C ILE O 117 45.73 59.65 3.16
N LEU O 118 45.30 60.37 4.18
CA LEU O 118 45.84 61.69 4.42
C LEU O 118 47.19 61.56 5.07
N GLY O 119 47.44 60.38 5.64
CA GLY O 119 48.75 60.07 6.15
C GLY O 119 49.04 60.75 7.47
N PHE O 120 48.10 60.68 8.39
CA PHE O 120 48.43 61.04 9.74
C PHE O 120 48.78 59.75 10.48
N MET O 121 48.44 58.63 9.87
CA MET O 121 48.53 57.35 10.55
C MET O 121 48.92 56.27 9.58
N PRO O 122 49.77 55.32 10.01
CA PRO O 122 50.19 54.39 8.96
C PRO O 122 49.28 53.19 8.84
N VAL O 123 49.46 52.45 7.75
CA VAL O 123 48.52 51.39 7.43
C VAL O 123 48.86 50.01 8.02
N THR O 124 50.12 49.65 7.91
CA THR O 124 50.46 48.26 8.13
C THR O 124 51.02 47.99 9.52
N TYR O 125 51.10 49.00 10.35
CA TYR O 125 51.43 48.72 11.75
C TYR O 125 50.97 49.83 12.66
N LYS O 126 50.76 49.47 13.93
CA LYS O 126 50.38 50.45 14.94
C LYS O 126 51.60 51.27 15.25
N ASP O 127 51.49 52.59 15.14
CA ASP O 127 52.61 53.46 15.43
C ASP O 127 53.16 53.16 16.83
N PRO O 128 54.47 52.84 16.91
CA PRO O 128 55.13 52.38 18.13
C PRO O 128 54.89 53.27 19.34
N ALA O 129 54.84 54.57 19.10
CA ALA O 129 54.58 55.55 20.15
C ALA O 129 53.36 55.15 20.94
N TYR O 130 52.36 54.65 20.23
CA TYR O 130 51.08 54.39 20.85
C TYR O 130 50.91 52.94 21.31
N LEU O 131 51.94 52.12 21.20
CA LEU O 131 51.81 50.73 21.66
C LEU O 131 51.67 50.67 23.18
N LYS O 132 52.22 51.66 23.90
CA LYS O 132 52.28 51.63 25.36
C LYS O 132 51.07 52.29 26.04
N ASP O 133 50.06 52.63 25.25
CA ASP O 133 48.90 53.37 25.72
C ASP O 133 47.80 52.42 26.23
N PRO O 134 46.68 52.96 26.76
CA PRO O 134 45.74 52.00 27.38
C PRO O 134 45.08 51.12 26.34
N LYS O 135 44.87 49.85 26.64
CA LYS O 135 44.28 48.98 25.64
C LYS O 135 42.81 48.70 25.96
N VAL O 136 42.00 49.01 24.96
CA VAL O 136 40.55 48.92 25.03
C VAL O 136 40.00 47.53 24.72
N CYS O 137 40.53 46.92 23.68
CA CYS O 137 39.94 45.73 23.09
C CYS O 137 40.19 44.41 23.83
N ASN O 138 39.36 43.44 23.48
CA ASN O 138 39.27 42.15 24.18
C ASN O 138 40.17 41.04 23.66
N ILE O 139 41.08 41.35 22.74
CA ILE O 139 41.92 40.30 22.16
C ILE O 139 43.03 39.82 23.09
N LYS O 140 43.22 38.49 23.16
CA LYS O 140 44.42 37.93 23.78
C LYS O 140 45.29 37.21 22.76
N TYR O 141 46.42 37.84 22.41
CA TYR O 141 47.35 37.23 21.47
C TYR O 141 48.29 36.27 22.15
N ARG O 142 48.81 36.70 23.30
CA ARG O 142 49.94 36.02 23.89
C ARG O 142 49.53 35.28 25.16
N GLU O 143 49.59 33.96 25.10
CA GLU O 143 49.11 33.10 26.17
C GLU O 143 50.18 32.09 26.60
N UNK P 1 -61.53 46.17 -100.69
CA UNK P 1 -60.18 46.66 -100.44
C UNK P 1 -59.77 47.76 -101.43
N UNK P 2 -59.15 48.83 -100.92
CA UNK P 2 -58.69 49.96 -101.74
C UNK P 2 -57.20 50.22 -101.59
N UNK P 3 -56.44 50.03 -102.67
CA UNK P 3 -55.00 50.24 -102.64
C UNK P 3 -54.64 51.65 -103.05
N UNK P 4 -54.17 52.45 -102.09
CA UNK P 4 -53.85 53.85 -102.35
C UNK P 4 -52.63 53.96 -103.25
N UNK P 5 -52.54 55.05 -104.01
CA UNK P 5 -51.38 55.31 -104.85
C UNK P 5 -50.68 56.60 -104.41
N UNK P 6 -49.41 56.73 -104.74
CA UNK P 6 -48.66 57.93 -104.40
C UNK P 6 -47.74 58.34 -105.54
N UNK P 7 -47.70 59.64 -105.82
CA UNK P 7 -46.71 60.16 -106.74
C UNK P 7 -45.59 60.78 -105.91
N UNK P 8 -44.44 60.12 -105.90
CA UNK P 8 -43.28 60.58 -105.14
C UNK P 8 -42.52 61.66 -105.92
N UNK P 9 -42.72 61.71 -107.23
CA UNK P 9 -42.08 62.71 -108.09
C UNK P 9 -43.10 63.60 -108.81
N UNK P 10 -42.95 64.90 -108.61
CA UNK P 10 -43.74 65.92 -109.31
C UNK P 10 -42.83 67.10 -109.69
N UNK P 11 -42.87 67.51 -110.96
CA UNK P 11 -41.95 68.53 -111.48
C UNK P 11 -42.44 69.98 -111.26
N UNK P 12 -41.53 70.85 -110.83
CA UNK P 12 -41.85 72.24 -110.49
C UNK P 12 -41.61 73.22 -111.63
N UNK P 13 -41.24 72.69 -112.80
CA UNK P 13 -40.83 73.49 -113.96
C UNK P 13 -39.54 74.26 -113.65
N UNK P 14 -38.63 73.58 -112.95
CA UNK P 14 -37.32 74.14 -112.61
C UNK P 14 -36.21 73.12 -112.83
N ALA Q 2 55.89 48.86 1.89
CA ALA Q 2 57.06 49.21 1.09
C ALA Q 2 57.47 50.65 1.34
N ASN Q 3 56.52 51.54 1.59
CA ASN Q 3 56.89 52.88 2.00
C ASN Q 3 57.00 53.02 3.50
N HIS Q 4 56.49 52.02 4.22
CA HIS Q 4 56.51 52.02 5.68
C HIS Q 4 57.87 51.62 6.21
N LEU Q 5 58.20 52.09 7.41
CA LEU Q 5 59.46 51.71 8.05
C LEU Q 5 59.47 50.20 8.22
N LYS Q 6 60.60 49.56 7.93
CA LYS Q 6 60.66 48.11 8.04
C LYS Q 6 60.79 47.59 9.46
N PHE Q 7 60.40 46.33 9.63
CA PHE Q 7 60.64 45.53 10.84
C PHE Q 7 59.76 45.89 12.02
N ILE Q 8 58.90 46.88 11.82
CA ILE Q 8 57.93 47.18 12.85
C ILE Q 8 56.70 46.26 12.75
N ALA Q 9 56.42 45.75 11.55
CA ALA Q 9 55.18 45.03 11.30
C ALA Q 9 55.33 43.52 11.29
N ARG Q 10 54.46 42.85 12.04
CA ARG Q 10 54.40 41.40 12.10
C ARG Q 10 55.66 40.80 12.68
N THR Q 11 56.26 41.53 13.61
CA THR Q 11 57.55 41.13 14.18
C THR Q 11 57.46 40.70 15.63
N VAL Q 12 57.89 39.48 15.88
CA VAL Q 12 58.09 39.01 17.24
C VAL Q 12 59.58 38.95 17.48
N MET Q 13 60.02 39.18 18.71
CA MET Q 13 61.42 38.98 19.00
C MET Q 13 61.59 37.89 20.06
N VAL Q 14 62.29 36.82 19.68
CA VAL Q 14 62.36 35.62 20.51
C VAL Q 14 63.02 35.94 21.84
N GLN Q 15 62.47 35.37 22.90
CA GLN Q 15 62.88 35.65 24.26
C GLN Q 15 63.50 34.38 24.84
N GLU Q 16 64.62 34.54 25.54
CA GLU Q 16 65.37 33.43 26.12
C GLU Q 16 65.77 32.40 25.05
N GLY Q 17 65.93 32.88 23.82
CA GLY Q 17 66.50 32.08 22.76
C GLY Q 17 65.71 30.89 22.26
N ASN Q 18 64.44 30.76 22.66
CA ASN Q 18 63.64 29.67 22.12
C ASN Q 18 62.90 30.15 20.88
N VAL Q 19 63.27 29.56 19.76
CA VAL Q 19 62.79 29.98 18.47
C VAL Q 19 61.40 29.46 18.21
N GLU Q 20 61.22 28.15 18.42
CA GLU Q 20 59.97 27.50 18.09
C GLU Q 20 58.81 28.18 18.80
N GLY Q 21 58.98 28.55 20.06
CA GLY Q 21 57.96 29.25 20.81
C GLY Q 21 57.55 30.58 20.18
N ALA Q 22 58.54 31.36 19.78
CA ALA Q 22 58.32 32.65 19.17
C ALA Q 22 57.63 32.53 17.81
N TYR Q 23 57.99 31.49 17.06
CA TYR Q 23 57.32 31.27 15.79
C TYR Q 23 55.86 30.89 16.00
N ARG Q 24 55.60 30.03 16.98
CA ARG Q 24 54.22 29.70 17.30
C ARG Q 24 53.47 30.98 17.59
N THR Q 25 54.09 31.84 18.40
CA THR Q 25 53.52 33.14 18.72
C THR Q 25 53.13 33.97 17.49
N LEU Q 26 54.08 34.20 16.59
CA LEU Q 26 53.78 34.96 15.36
C LEU Q 26 52.64 34.30 14.59
N ASN Q 27 52.67 32.98 14.52
CA ASN Q 27 51.63 32.26 13.80
C ASN Q 27 50.26 32.54 14.38
N ARG Q 28 50.19 32.49 15.70
CA ARG Q 28 49.00 32.84 16.45
C ARG Q 28 48.54 34.28 16.15
N ILE Q 29 49.48 35.19 15.98
CA ILE Q 29 49.14 36.54 15.53
C ILE Q 29 48.36 36.52 14.21
N LEU Q 30 49.05 36.08 13.16
CA LEU Q 30 48.47 36.12 11.81
C LEU Q 30 47.13 35.41 11.74
N THR Q 31 47.07 34.23 12.36
CA THR Q 31 45.87 33.42 12.33
C THR Q 31 44.74 34.05 13.17
N MET Q 32 45.11 34.83 14.19
CA MET Q 32 44.12 35.57 14.96
C MET Q 32 43.51 36.69 14.14
N ASP Q 33 44.32 37.32 13.28
CA ASP Q 33 43.83 38.45 12.46
C ASP Q 33 43.18 38.04 11.14
N GLY Q 34 43.35 36.78 10.75
CA GLY Q 34 42.74 36.24 9.55
C GLY Q 34 43.62 36.29 8.31
N LEU Q 35 44.91 36.51 8.51
CA LEU Q 35 45.83 36.68 7.40
C LEU Q 35 46.21 35.36 6.76
N ILE Q 36 46.19 34.30 7.54
CA ILE Q 36 46.57 33.00 6.99
C ILE Q 36 45.46 32.51 6.08
N GLU Q 37 44.23 32.70 6.54
CA GLU Q 37 43.06 32.32 5.74
C GLU Q 37 42.98 33.15 4.48
N ASP Q 38 43.55 34.36 4.54
CA ASP Q 38 43.57 35.23 3.38
C ASP Q 38 44.68 34.87 2.39
N ILE Q 39 45.87 34.54 2.88
CA ILE Q 39 46.92 34.08 1.98
C ILE Q 39 46.42 32.87 1.23
N LYS Q 40 46.02 31.88 2.03
CA LYS Q 40 45.52 30.64 1.48
C LYS Q 40 44.34 30.87 0.53
N ARG Q 41 43.47 31.82 0.87
CA ARG Q 41 42.35 32.18 0.01
C ARG Q 41 42.85 32.68 -1.34
N ARG Q 42 43.88 33.51 -1.26
CA ARG Q 42 44.38 34.29 -2.40
C ARG Q 42 45.48 33.61 -3.21
N ARG Q 43 45.78 32.36 -2.91
CA ARG Q 43 46.65 31.62 -3.80
C ARG Q 43 46.07 31.55 -5.20
N TYR Q 44 44.81 31.17 -5.29
CA TYR Q 44 44.06 31.23 -6.55
C TYR Q 44 43.01 32.30 -6.45
N TYR Q 45 42.23 32.48 -7.51
CA TYR Q 45 41.17 33.46 -7.44
C TYR Q 45 39.93 32.81 -6.86
N GLU Q 46 38.95 33.61 -6.49
CA GLU Q 46 37.63 33.08 -6.20
C GLU Q 46 36.61 34.10 -6.68
N LYS Q 47 35.69 33.63 -7.49
CA LYS Q 47 34.79 34.53 -8.20
C LYS Q 47 33.77 35.10 -7.24
N PRO Q 48 33.28 36.32 -7.51
CA PRO Q 48 32.38 37.02 -6.58
C PRO Q 48 31.22 36.18 -6.07
N CYS Q 49 30.47 35.51 -6.95
CA CYS Q 49 29.38 34.66 -6.50
C CYS Q 49 29.87 33.62 -5.54
N ARG Q 50 30.84 32.85 -6.02
CA ARG Q 50 31.44 31.76 -5.27
C ARG Q 50 31.99 32.28 -3.94
N ARG Q 51 32.20 33.60 -3.86
CA ARG Q 51 32.59 34.24 -2.62
C ARG Q 51 31.41 34.53 -1.69
N ARG Q 52 30.30 35.05 -2.20
CA ARG Q 52 29.18 35.30 -1.28
C ARG Q 52 28.67 33.99 -0.74
N GLN Q 53 28.76 32.92 -1.53
CA GLN Q 53 28.37 31.62 -1.01
C GLN Q 53 29.19 31.28 0.22
N ARG Q 54 30.50 31.40 0.09
CA ARG Q 54 31.41 31.18 1.21
C ARG Q 54 30.97 32.03 2.38
N GLU Q 55 30.85 33.33 2.17
CA GLU Q 55 30.49 34.25 3.23
C GLU Q 55 29.27 33.77 3.97
N SER Q 56 28.21 33.48 3.22
CA SER Q 56 26.95 33.12 3.83
C SER Q 56 27.02 31.80 4.56
N TYR Q 57 27.75 30.83 4.01
CA TYR Q 57 27.86 29.54 4.68
C TYR Q 57 28.64 29.70 5.98
N GLU Q 58 29.69 30.48 5.92
CA GLU Q 58 30.47 30.80 7.08
C GLU Q 58 29.62 31.46 8.15
N THR Q 59 28.80 32.42 7.74
CA THR Q 59 28.10 33.22 8.73
C THR Q 59 26.93 32.46 9.32
N CYS Q 60 26.24 31.68 8.51
CA CYS Q 60 25.26 30.76 9.05
C CYS Q 60 25.92 29.89 10.09
N ARG Q 61 26.95 29.17 9.67
CA ARG Q 61 27.66 28.25 10.56
C ARG Q 61 28.15 28.94 11.84
N ARG Q 62 28.49 30.21 11.75
CA ARG Q 62 28.96 30.92 12.92
C ARG Q 62 27.80 31.15 13.84
N ILE Q 63 26.66 31.49 13.27
CA ILE Q 63 25.45 31.65 14.09
C ILE Q 63 25.07 30.38 14.79
N TYR Q 64 25.01 29.28 14.06
CA TYR Q 64 24.69 28.00 14.66
C TYR Q 64 25.67 27.72 15.80
N ASN Q 65 26.96 27.78 15.54
CA ASN Q 65 27.90 27.39 16.58
C ASN Q 65 27.86 28.28 17.80
N MET Q 66 27.60 29.56 17.58
CA MET Q 66 27.44 30.50 18.67
C MET Q 66 26.29 30.06 19.57
N GLU Q 67 25.12 29.89 18.95
CA GLU Q 67 23.93 29.50 19.69
C GLU Q 67 24.13 28.20 20.44
N MET Q 68 24.49 27.14 19.71
CA MET Q 68 24.73 25.84 20.30
C MET Q 68 25.74 25.89 21.45
N ALA Q 69 26.75 26.74 21.31
CA ALA Q 69 27.72 26.94 22.38
C ALA Q 69 27.03 27.45 23.61
N ARG Q 70 26.31 28.55 23.42
CA ARG Q 70 25.57 29.18 24.50
C ARG Q 70 24.70 28.14 25.20
N LYS Q 71 23.83 27.47 24.44
CA LYS Q 71 22.98 26.44 25.00
C LYS Q 71 23.74 25.41 25.80
N ILE Q 72 24.87 24.96 25.28
CA ILE Q 72 25.67 23.99 26.03
C ILE Q 72 26.11 24.58 27.39
N ASN Q 73 26.67 25.78 27.37
CA ASN Q 73 27.23 26.39 28.58
C ASN Q 73 26.16 26.84 29.58
N PHE Q 74 24.95 26.95 29.09
CA PHE Q 74 23.79 27.26 29.92
C PHE Q 74 23.32 26.01 30.65
N LEU Q 75 23.22 24.90 29.91
CA LEU Q 75 22.85 23.61 30.49
C LEU Q 75 23.99 22.97 31.27
N MET Q 76 25.15 23.60 31.27
CA MET Q 76 26.30 23.07 31.98
C MET Q 76 26.05 22.69 33.45
N ARG Q 77 25.37 23.57 34.20
CA ARG Q 77 25.07 23.36 35.62
C ARG Q 77 24.53 21.98 35.88
N LYS Q 78 23.58 21.58 35.04
CA LYS Q 78 22.78 20.42 35.32
C LYS Q 78 23.55 19.18 34.94
N ASN Q 79 24.80 19.35 34.53
CA ASN Q 79 25.67 18.19 34.39
C ASN Q 79 25.95 17.55 35.74
N ARG Q 80 25.78 18.34 36.81
CA ARG Q 80 26.06 17.90 38.19
C ARG Q 80 25.37 16.57 38.50
N ALA Q 81 26.04 15.71 39.28
CA ALA Q 81 25.51 14.40 39.62
C ALA Q 81 24.11 14.53 40.25
N ASP Q 82 23.21 13.64 39.85
CA ASP Q 82 21.78 13.85 40.07
C ASP Q 82 21.26 13.40 41.44
N PRO Q 83 20.41 14.22 42.06
CA PRO Q 83 19.88 14.04 43.42
C PRO Q 83 18.88 12.89 43.58
N TRP Q 84 18.03 12.72 42.59
CA TRP Q 84 16.78 11.98 42.77
C TRP Q 84 16.86 10.52 42.38
N GLN Q 85 18.07 10.07 42.11
CA GLN Q 85 18.26 8.81 41.42
C GLN Q 85 17.55 7.61 42.02
N GLY Q 86 16.96 6.84 41.10
CA GLY Q 86 16.30 5.59 41.41
C GLY Q 86 15.07 5.81 42.25
N CYS Q 87 14.29 6.84 41.92
CA CYS Q 87 13.14 7.25 42.74
C CYS Q 87 12.14 6.12 43.01
C5' Y5P R 1 55.05 -1.11 -75.78
O5' Y5P R 1 54.63 -0.84 -74.45
C4' Y5P R 1 55.52 0.14 -76.49
O4' Y5P R 1 54.41 1.06 -76.66
C3' Y5P R 1 56.58 0.97 -75.77
O3' Y5P R 1 57.88 0.46 -75.97
C2' Y5P R 1 56.37 2.37 -76.35
O2' Y5P R 1 57.04 2.51 -77.60
C1' Y5P R 1 54.86 2.40 -76.60
N1 Y5P R 1 54.05 3.17 -75.49
C2 Y5P R 1 54.35 4.49 -75.22
N3 Y5P R 1 53.58 5.09 -74.24
C4 Y5P R 1 52.55 4.50 -73.54
C6 Y5P R 1 53.04 2.51 -74.82
C5 Y5P R 1 52.31 3.12 -73.88
P Y5P R 2 58.98 0.45 -74.77
C5' Y5P R 2 60.63 2.29 -73.94
O5' Y5P R 2 59.68 1.88 -74.90
C4' Y5P R 2 60.91 3.77 -74.03
O4' Y5P R 2 59.69 4.50 -74.32
C3' Y5P R 2 61.42 4.41 -72.75
O3' Y5P R 2 62.82 4.20 -72.54
C2' Y5P R 2 61.02 5.87 -72.93
O2' Y5P R 2 61.90 6.54 -73.83
C1' Y5P R 2 59.66 5.71 -73.61
N1 Y5P R 2 58.54 5.67 -72.64
C2 Y5P R 2 58.08 6.84 -72.03
N3 Y5P R 2 57.06 6.75 -71.15
C4 Y5P R 2 56.49 5.57 -70.87
C6 Y5P R 2 57.96 4.47 -72.34
OP1 Y5P R 2 59.98 -0.59 -75.08
OP2 Y5P R 2 58.26 0.41 -73.47
C5 Y5P R 2 56.95 4.37 -71.47
P Y5P R 3 63.33 3.33 -71.29
C5' Y5P R 3 64.31 5.65 -70.59
O5' Y5P R 3 63.68 4.44 -70.19
C4' Y5P R 3 63.95 6.78 -69.65
O4' Y5P R 3 62.60 7.24 -69.92
C3' Y5P R 3 63.95 6.43 -68.17
O3' Y5P R 3 65.25 6.38 -67.61
C2' Y5P R 3 63.04 7.51 -67.58
O2' Y5P R 3 63.74 8.74 -67.44
C1' Y5P R 3 62.01 7.67 -68.71
N1 Y5P R 3 60.77 6.88 -68.46
C2 Y5P R 3 59.69 7.49 -67.80
N3 Y5P R 3 58.57 6.75 -67.59
C4 Y5P R 3 58.50 5.49 -67.98
C6 Y5P R 3 60.68 5.57 -68.87
OP1 Y5P R 3 64.59 2.66 -71.67
OP2 Y5P R 3 62.19 2.54 -70.76
C5 Y5P R 3 59.57 4.84 -68.65
P Y5P R 4 65.49 5.78 -66.14
C5' Y5P R 4 65.05 6.88 -63.80
O5' Y5P R 4 65.23 7.04 -65.20
C4' Y5P R 4 63.94 7.75 -63.27
O4' Y5P R 4 62.82 7.74 -64.19
C3' Y5P R 4 63.34 7.29 -61.95
O3' Y5P R 4 64.13 7.68 -60.84
C2' Y5P R 4 61.94 7.90 -61.98
O2' Y5P R 4 61.96 9.27 -61.62
C1' Y5P R 4 61.60 7.79 -63.47
N1 Y5P R 4 60.79 6.59 -63.82
C2 Y5P R 4 59.49 6.42 -63.32
N3 Y5P R 4 58.77 5.33 -63.69
C4 Y5P R 4 59.29 4.42 -64.52
C6 Y5P R 4 61.30 5.66 -64.69
OP1 Y5P R 4 66.93 5.41 -66.02
OP2 Y5P R 4 64.45 4.75 -65.88
C5 Y5P R 4 60.60 4.58 -65.06
P Y5P R 5 65.02 6.60 -60.05
C5' Y5P R 5 63.46 7.26 -58.06
O5' Y5P R 5 64.13 6.24 -58.78
C4' Y5P R 5 62.08 6.83 -57.63
O4' Y5P R 5 61.22 6.63 -58.78
C3' Y5P R 5 61.98 5.51 -56.89
O3' Y5P R 5 62.39 5.59 -55.52
C2' Y5P R 5 60.51 5.13 -57.08
O2' Y5P R 5 59.68 5.87 -56.18
C1' Y5P R 5 60.27 5.64 -58.51
N1 Y5P R 5 60.36 4.49 -59.59
C2 Y5P R 5 59.33 3.56 -59.61
N3 Y5P R 5 59.45 2.57 -60.56
C4 Y5P R 5 60.49 2.43 -61.47
C6 Y5P R 5 61.42 4.42 -60.45
OP1 Y5P R 5 66.26 7.25 -59.58
OP2 Y5P R 5 65.13 5.37 -60.88
C5 Y5P R 5 61.51 3.44 -61.37
P Y5P R 6 63.64 4.74 -54.99
C5' Y5P R 6 62.71 2.87 -53.39
O5' Y5P R 6 63.04 3.29 -54.72
C4' Y5P R 6 61.21 2.80 -53.19
O4' Y5P R 6 60.53 3.04 -54.45
C3' Y5P R 6 60.68 1.45 -52.73
O3' Y5P R 6 60.81 1.27 -51.32
C2' Y5P R 6 59.23 1.49 -53.21
O2' Y5P R 6 58.42 2.25 -52.33
C1' Y5P R 6 59.36 2.26 -54.53
N1 Y5P R 6 59.49 1.33 -55.78
C2 Y5P R 6 58.45 0.50 -56.15
N3 Y5P R 6 58.68 -0.27 -57.28
C4 Y5P R 6 59.82 -0.28 -58.05
C6 Y5P R 6 60.67 1.38 -56.49
OP1 Y5P R 6 64.06 5.30 -53.68
OP2 Y5P R 6 64.63 4.61 -56.08
C5 Y5P R 6 60.85 0.62 -57.58
P Y5P R 7 61.70 0.07 -50.72
C5' Y5P R 7 59.48 -0.81 -49.64
O5' Y5P R 7 60.65 -1.08 -50.42
C4' Y5P R 7 58.26 -1.53 -50.19
O4' Y5P R 7 58.33 -1.53 -51.65
C3' Y5P R 7 58.11 -2.99 -49.78
O3' Y5P R 7 56.72 -3.31 -49.65
C2' Y5P R 7 58.70 -3.74 -50.97
O2' Y5P R 7 58.25 -5.06 -51.14
C1' Y5P R 7 58.28 -2.85 -52.13
N1 Y5P R 7 59.19 -2.97 -53.39
C2 Y5P R 7 58.66 -3.64 -54.47
N3 Y5P R 7 59.48 -3.73 -55.58
C4 Y5P R 7 60.75 -3.22 -55.70
C6 Y5P R 7 60.45 -2.43 -53.42
OP1 Y5P R 7 62.22 0.53 -49.40
OP2 Y5P R 7 62.65 -0.43 -51.75
C5 Y5P R 7 61.23 -2.53 -54.52
P Y5P R 8 56.25 -4.56 -48.75
C5' Y5P R 8 57.79 -6.66 -48.61
O5' Y5P R 8 57.61 -5.27 -48.36
C4' Y5P R 8 58.50 -7.29 -47.44
O4' Y5P R 8 59.75 -6.60 -47.23
C3' Y5P R 8 57.74 -7.15 -46.12
O3' Y5P R 8 56.80 -8.20 -45.95
C2' Y5P R 8 58.86 -7.12 -45.08
O2' Y5P R 8 59.29 -8.44 -44.76
C1' Y5P R 8 59.99 -6.42 -45.85
N1 Y5P R 8 60.10 -4.97 -45.59
C2 Y5P R 8 60.76 -4.55 -44.44
N3 Y5P R 8 60.86 -3.19 -44.30
C4 Y5P R 8 60.39 -2.22 -45.16
C6 Y5P R 8 59.63 -4.04 -46.50
OP1 Y5P R 8 55.50 -5.50 -49.62
OP2 Y5P R 8 55.62 -4.04 -47.50
C5 Y5P R 8 59.73 -2.73 -46.33
P Y5P R 9 55.50 -8.00 -45.05
C5' Y5P R 9 56.78 -9.77 -43.61
O5' Y5P R 9 55.94 -8.61 -43.66
C4' Y5P R 9 56.28 -10.76 -42.60
O4' Y5P R 9 57.11 -10.71 -41.42
C3' Y5P R 9 54.85 -10.49 -42.13
O3' Y5P R 9 54.15 -11.72 -41.93
C2' Y5P R 9 55.05 -9.78 -40.79
O2' Y5P R 9 53.97 -9.90 -39.89
C1' Y5P R 9 56.32 -10.45 -40.27
N1 Y5P R 9 57.13 -9.57 -39.27
C2 Y5P R 9 58.42 -9.92 -38.93
N3 Y5P R 9 59.05 -9.07 -38.04
C4 Y5P R 9 58.52 -7.94 -37.47
C6 Y5P R 9 56.53 -8.45 -38.76
OP1 Y5P R 9 54.40 -8.84 -45.60
OP2 Y5P R 9 55.27 -6.54 -44.87
C5 Y5P R 9 57.17 -7.65 -37.88
P Y5P R 10 53.23 -12.33 -43.10
C5' Y5P R 10 50.81 -11.77 -43.92
O5' Y5P R 10 51.88 -11.51 -43.01
C4' Y5P R 10 49.52 -11.16 -43.45
O4' Y5P R 10 49.24 -11.58 -42.09
C3' Y5P R 10 49.48 -9.64 -43.41
O3' Y5P R 10 49.19 -9.05 -44.68
C2' Y5P R 10 48.44 -9.36 -42.34
O2' Y5P R 10 47.12 -9.54 -42.85
C1' Y5P R 10 48.72 -10.50 -41.35
N1 Y5P R 10 49.79 -10.10 -40.27
C2 Y5P R 10 49.61 -8.98 -39.48
N3 Y5P R 10 50.62 -8.74 -38.57
C4 Y5P R 10 51.75 -9.50 -38.38
C6 Y5P R 10 50.89 -10.91 -40.14
OP1 Y5P R 10 52.92 -13.73 -42.74
OP2 Y5P R 10 53.86 -12.02 -44.41
C5 Y5P R 10 51.85 -10.64 -39.24
P Y5P R 11 50.23 -8.02 -45.37
C5' Y5P R 11 48.70 -6.04 -44.60
O5' Y5P R 11 49.98 -6.65 -44.59
C4' Y5P R 11 48.64 -4.85 -43.66
O4' Y5P R 11 48.68 -5.28 -42.27
C3' Y5P R 11 49.78 -3.84 -43.75
O3' Y5P R 11 49.71 -2.99 -44.89
C2' Y5P R 11 49.66 -3.12 -42.41
O2' Y5P R 11 48.55 -2.23 -42.42
C1' Y5P R 11 49.31 -4.29 -41.48
N1 Y5P R 11 50.52 -4.85 -40.83
C2 Y5P R 11 50.95 -4.33 -39.60
N3 Y5P R 11 52.06 -4.85 -39.02
C4 Y5P R 11 52.74 -5.83 -39.62
C6 Y5P R 11 51.23 -5.86 -41.43
OP1 Y5P R 11 49.78 -7.80 -46.78
OP2 Y5P R 11 51.61 -8.46 -45.10
C5 Y5P R 11 52.33 -6.38 -40.87
P Y5P R 12 51.04 -2.55 -45.68
C5' Y5P R 12 50.82 -0.27 -44.40
O5' Y5P R 12 51.64 -1.36 -44.81
C4' Y5P R 12 51.39 0.44 -43.20
O4' Y5P R 12 51.46 -0.46 -42.06
C3' Y5P R 12 52.82 0.96 -43.36
O3' Y5P R 12 52.88 2.19 -44.06
C2' Y5P R 12 53.31 1.03 -41.91
O2' Y5P R 12 52.84 2.21 -41.27
C1' Y5P R 12 52.60 -0.17 -41.28
N1 Y5P R 12 53.46 -1.38 -41.26
C2 Y5P R 12 54.45 -1.49 -40.31
N3 Y5P R 12 55.19 -2.65 -40.36
C4 Y5P R 12 55.04 -3.69 -41.27
C6 Y5P R 12 53.27 -2.39 -42.20
OP1 Y5P R 12 50.63 -1.99 -47.00
OP2 Y5P R 12 52.02 -3.67 -45.66
C5 Y5P R 12 54.01 -3.50 -42.23
P Y5P R 13 54.05 2.48 -45.13
C5' Y5P R 13 56.37 3.45 -44.41
O5' Y5P R 13 54.96 3.55 -44.37
C4' Y5P R 13 56.95 3.32 -43.02
O4' Y5P R 13 56.25 2.28 -42.29
C3' Y5P R 13 58.41 2.90 -42.96
O3' Y5P R 13 59.32 3.97 -43.17
C2' Y5P R 13 58.51 2.23 -41.59
O2' Y5P R 13 58.58 3.20 -40.56
C1' Y5P R 13 57.15 1.53 -41.51
N1 Y5P R 13 57.19 0.15 -42.07
C2 Y5P R 13 57.71 -0.89 -41.31
N3 Y5P R 13 57.73 -2.14 -41.86
C4 Y5P R 13 57.25 -2.38 -43.09
C6 Y5P R 13 56.69 -0.10 -43.33
OP1 Y5P R 13 53.44 3.15 -46.29
OP2 Y5P R 13 54.82 1.24 -45.33
C5 Y5P R 13 56.70 -1.33 -43.88
P Y5P R 14 60.43 3.87 -44.32
C5' Y5P R 14 62.77 3.41 -43.24
O5' Y5P R 14 61.52 2.91 -43.69
C4' Y5P R 14 62.97 3.20 -41.75
O4' Y5P R 14 62.10 2.15 -41.26
C3' Y5P R 14 64.37 2.74 -41.34
O3' Y5P R 14 65.30 3.81 -41.26
C2' Y5P R 14 64.11 2.04 -40.01
O2' Y5P R 14 63.93 2.98 -38.97
C1' Y5P R 14 62.77 1.37 -40.29
N1 Y5P R 14 62.90 -0.10 -40.87
C2 Y5P R 14 63.83 -1.01 -40.38
N3 Y5P R 14 63.82 -2.24 -40.99
C4 Y5P R 14 63.00 -2.64 -42.03
C6 Y5P R 14 62.05 -0.41 -41.90
OP1 Y5P R 14 61.02 5.22 -44.50
OP2 Y5P R 14 59.83 3.18 -45.50
C5 Y5P R 14 62.08 -1.63 -42.48
P Y5P R 15 66.41 4.04 -42.41
C5' Y5P R 15 68.14 2.65 -41.00
O5' Y5P R 15 67.44 2.84 -42.22
C4' Y5P R 15 68.79 1.29 -40.91
O4' Y5P R 15 67.77 0.27 -41.09
C3' Y5P R 15 69.83 0.97 -41.97
O3' Y5P R 15 71.11 1.51 -41.67
C2' Y5P R 15 69.81 -0.55 -42.01
O2' Y5P R 15 70.53 -1.11 -40.92
C1' Y5P R 15 68.31 -0.83 -41.80
N1 Y5P R 15 67.57 -0.99 -43.16
C2 Y5P R 15 67.49 -2.27 -43.66
N3 Y5P R 15 66.82 -2.39 -44.86
C4 Y5P R 15 66.25 -1.38 -45.60
C6 Y5P R 15 67.02 0.09 -43.82
OP1 Y5P R 15 67.10 5.31 -42.08
OP2 Y5P R 15 65.76 3.91 -43.75
C5 Y5P R 15 66.39 -0.07 -44.99
P Y5P R 16 69.96 -12.96 -39.47
C5' Y5P R 16 69.38 -10.40 -39.39
O5' Y5P R 16 68.95 -11.74 -39.25
C4' Y5P R 16 68.21 -9.45 -39.56
O4' Y5P R 16 67.56 -9.66 -40.84
C3' Y5P R 16 67.07 -9.56 -38.56
O3' Y5P R 16 67.37 -8.99 -37.29
C2' Y5P R 16 65.93 -8.85 -39.29
O2' Y5P R 16 66.05 -7.44 -39.14
C1' Y5P R 16 66.22 -9.20 -40.76
N1 Y5P R 16 65.18 -10.21 -41.44
C2 Y5P R 16 63.85 -9.84 -41.51
N3 Y5P R 16 63.02 -10.76 -42.14
C4 Y5P R 16 63.40 -11.96 -42.69
C6 Y5P R 16 65.64 -11.39 -41.97
OP1 Y5P R 16 69.86 -13.38 -40.89
OP2 Y5P R 16 69.70 -13.94 -38.39
C5 Y5P R 16 64.80 -12.25 -42.57
P Y5P R 17 66.89 -9.71 -35.95
C5' Y5P R 17 64.70 -8.25 -36.05
O5' Y5P R 17 65.83 -8.70 -35.32
C4' Y5P R 17 64.67 -6.74 -36.15
O4' Y5P R 17 64.52 -6.34 -37.53
C3' Y5P R 17 63.51 -6.04 -35.43
O3' Y5P R 17 63.79 -5.85 -34.05
C2' Y5P R 17 63.36 -4.73 -36.19
O2' Y5P R 17 64.27 -3.75 -35.70
C1' Y5P R 17 63.80 -5.12 -37.61
N1 Y5P R 17 62.61 -5.32 -38.64
C2 Y5P R 17 61.81 -4.24 -38.99
N3 Y5P R 17 60.82 -4.52 -39.90
C4 Y5P R 17 60.56 -5.73 -40.49
C6 Y5P R 17 62.43 -6.56 -39.17
OP1 Y5P R 17 68.04 -9.81 -35.02
OP2 Y5P R 17 66.17 -10.96 -36.34
C5 Y5P R 17 61.43 -6.80 -40.07
P Y5P R 18 62.65 -6.04 -32.93
C5' Y5P R 18 61.47 -4.17 -31.54
O5' Y5P R 18 62.65 -4.66 -32.15
C4' Y5P R 18 61.07 -2.83 -32.10
O4' Y5P R 18 61.34 -2.80 -33.54
C3' Y5P R 18 59.59 -2.48 -32.00
O3' Y5P R 18 59.23 -2.00 -30.72
C2' Y5P R 18 59.41 -1.47 -33.13
O2' Y5P R 18 59.88 -0.19 -32.75
C1' Y5P R 18 60.36 -2.02 -34.20
N1 Y5P R 18 59.61 -2.95 -35.23
C2 Y5P R 18 58.70 -2.41 -36.09
N3 Y5P R 18 58.10 -3.30 -36.96
C4 Y5P R 18 58.32 -4.66 -37.02
C6 Y5P R 18 59.90 -4.29 -35.21
OP1 Y5P R 18 63.12 -7.09 -31.99
OP2 Y5P R 18 61.34 -6.21 -33.60
C5 Y5P R 18 59.29 -5.14 -36.07
P Y5P R 19 58.40 -2.93 -29.69
C5' Y5P R 19 56.36 -1.28 -29.64
O5' Y5P R 19 56.87 -2.57 -29.97
C4' Y5P R 19 55.39 -0.80 -30.70
O4' Y5P R 19 55.99 -0.94 -32.01
C3' Y5P R 19 54.07 -1.55 -30.81
O3' Y5P R 19 53.13 -1.16 -29.83
C2' Y5P R 19 53.64 -1.23 -32.24
O2' Y5P R 19 53.10 0.08 -32.31
C1' Y5P R 19 54.98 -1.23 -32.97
N1 Y5P R 19 55.29 -2.61 -33.65
C2 Y5P R 19 54.68 -2.92 -34.84
N3 Y5P R 19 55.02 -4.15 -35.37
C4 Y5P R 19 55.89 -5.07 -34.83
C6 Y5P R 19 56.17 -3.47 -33.02
OP1 Y5P R 19 58.74 -2.51 -28.31
OP2 Y5P R 19 58.61 -4.34 -30.10
C5 Y5P R 19 56.47 -4.66 -33.58
P Y5P R 20 52.19 -2.27 -29.14
C5' Y5P R 20 50.05 -1.81 -30.58
O5' Y5P R 20 51.14 -2.67 -30.27
C4' Y5P R 20 49.53 -2.04 -31.97
O4' Y5P R 20 50.62 -2.17 -32.92
C3' Y5P R 20 48.71 -3.30 -32.18
O3' Y5P R 20 47.38 -3.19 -31.68
C2' Y5P R 20 48.80 -3.50 -33.69
O2' Y5P R 20 47.91 -2.62 -34.36
C1' Y5P R 20 50.23 -3.06 -33.97
N1 Y5P R 20 51.19 -4.18 -34.00
C2 Y5P R 20 51.23 -5.05 -35.10
N3 Y5P R 20 52.12 -6.07 -35.09
C4 Y5P R 20 52.95 -6.25 -34.06
C6 Y5P R 20 52.06 -4.37 -32.95
OP1 Y5P R 20 51.42 -1.63 -28.04
OP2 Y5P R 20 53.02 -3.47 -28.86
C5 Y5P R 20 52.94 -5.38 -32.94
P Y5P R 21 46.77 -4.35 -30.76
C5' Y5P R 21 45.47 -5.06 -32.93
O5' Y5P R 21 46.26 -5.44 -31.81
C4' Y5P R 21 45.66 -6.00 -34.11
O4' Y5P R 21 47.02 -5.88 -34.62
C3' Y5P R 21 45.50 -7.48 -33.82
O3' Y5P R 21 44.14 -7.90 -33.80
C2' Y5P R 21 46.33 -8.13 -34.93
O2' Y5P R 21 45.59 -8.16 -36.15
C1' Y5P R 21 47.47 -7.13 -35.09
N1 Y5P R 21 48.78 -7.54 -34.30
C2 Y5P R 21 49.50 -8.66 -34.67
N3 Y5P R 21 50.63 -8.90 -33.92
C4 Y5P R 21 51.09 -8.16 -32.86
C6 Y5P R 21 49.17 -6.74 -33.25
OP1 Y5P R 21 45.58 -3.78 -30.06
OP2 Y5P R 21 47.88 -4.92 -29.96
C5 Y5P R 21 50.28 -7.01 -32.55
P Y5P R 22 43.59 -8.86 -32.63
C5' Y5P R 22 44.30 -10.90 -34.17
O5' Y5P R 22 44.35 -10.25 -32.89
C4' Y5P R 22 45.37 -11.96 -34.31
O4' Y5P R 22 46.70 -11.36 -34.36
C3' Y5P R 22 45.47 -12.97 -33.17
O3' Y5P R 22 44.48 -13.98 -33.29
C2' Y5P R 22 46.89 -13.49 -33.30
O2' Y5P R 22 46.98 -14.49 -34.31
C1' Y5P R 22 47.64 -12.25 -33.79
N1 Y5P R 22 48.41 -11.49 -32.65
C2 Y5P R 22 49.46 -12.12 -31.99
N3 Y5P R 22 50.07 -11.35 -31.02
C4 Y5P R 22 49.75 -10.07 -30.65
C6 Y5P R 22 48.03 -10.22 -32.35
OP1 Y5P R 22 42.14 -9.09 -32.88
OP2 Y5P R 22 44.03 -8.32 -31.33
C5 Y5P R 22 48.65 -9.50 -31.39
P Y5P R 23 43.49 -14.32 -32.07
C5' Y5P R 23 44.68 -16.64 -32.08
O5' Y5P R 23 44.21 -15.53 -31.34
C4' Y5P R 23 45.88 -17.28 -31.43
O4' Y5P R 23 47.05 -16.43 -31.56
C3' Y5P R 23 45.78 -17.52 -29.93
O3' Y5P R 23 44.99 -18.66 -29.59
C2' Y5P R 23 47.23 -17.63 -29.52
O2' Y5P R 23 47.77 -18.89 -29.93
C1' Y5P R 23 47.86 -16.56 -30.41
N1 Y5P R 23 47.92 -15.16 -29.69
C2 Y5P R 23 48.95 -14.89 -28.81
N3 Y5P R 23 48.93 -13.63 -28.25
C4 Y5P R 23 48.00 -12.64 -28.47
C6 Y5P R 23 46.95 -14.23 -29.98
OP1 Y5P R 23 42.21 -14.81 -32.65
OP2 Y5P R 23 43.47 -13.17 -31.13
C5 Y5P R 23 46.95 -13.02 -29.39
P Y5P R 24 44.04 -18.61 -28.30
C5' Y5P R 24 45.95 -19.83 -27.00
O5' Y5P R 24 45.07 -18.72 -27.09
C4' Y5P R 24 46.91 -19.73 -25.85
O4' Y5P R 24 48.01 -18.85 -26.17
C3' Y5P R 24 46.38 -19.17 -24.53
O3' Y5P R 24 45.56 -20.06 -23.82
C2' Y5P R 24 47.67 -18.79 -23.82
O2' Y5P R 24 48.35 -19.95 -23.36
C1' Y5P R 24 48.46 -18.20 -24.99
N1 Y5P R 24 48.12 -16.70 -25.09
C2 Y5P R 24 48.88 -15.85 -24.33
N3 Y5P R 24 48.55 -14.51 -24.41
C4 Y5P R 24 47.53 -13.97 -25.18
C6 Y5P R 24 47.09 -16.25 -25.88
OP1 Y5P R 24 43.19 -19.83 -28.28
OP2 Y5P R 24 43.39 -17.27 -28.24
C5 Y5P R 24 46.78 -14.94 -25.93
P Y5P R 25 44.34 -19.48 -22.95
C5' Y5P R 25 44.92 -18.45 -20.64
O5' Y5P R 25 44.85 -19.59 -21.46
C4' Y5P R 25 46.27 -18.30 -20.01
O4' Y5P R 25 47.20 -17.68 -20.93
C3' Y5P R 25 46.29 -17.40 -18.79
O3' Y5P R 25 45.89 -18.07 -17.62
C2' Y5P R 25 47.72 -16.87 -18.78
O2' Y5P R 25 48.63 -17.83 -18.26
C1' Y5P R 25 47.97 -16.71 -20.27
N1 Y5P R 25 47.48 -15.31 -20.79
C2 Y5P R 25 47.97 -14.14 -20.25
N3 Y5P R 25 47.45 -12.99 -20.79
C4 Y5P R 25 46.50 -12.89 -21.79
C6 Y5P R 25 46.53 -15.32 -21.78
OP1 Y5P R 25 43.17 -20.38 -23.15
OP2 Y5P R 25 44.20 -18.03 -23.25
C5 Y5P R 25 46.04 -14.17 -22.28
P Y5P R 26 44.48 -17.71 -16.93
C5' Y5P R 26 46.20 -16.64 -15.32
O5' Y5P R 26 44.91 -16.58 -15.90
C4' Y5P R 26 46.62 -15.29 -14.82
O4' Y5P R 26 47.19 -14.51 -15.90
C3' Y5P R 26 45.50 -14.42 -14.29
O3' Y5P R 26 45.09 -14.80 -12.98
C2' Y5P R 26 46.11 -13.02 -14.40
O2' Y5P R 26 47.02 -12.79 -13.33
C1' Y5P R 26 46.91 -13.14 -15.70
N1 Y5P R 26 46.14 -12.60 -16.94
C2 Y5P R 26 46.15 -11.24 -17.16
N3 Y5P R 26 45.47 -10.82 -18.28
C4 Y5P R 26 44.80 -11.61 -19.19
C6 Y5P R 26 45.50 -13.48 -17.79
OP1 Y5P R 26 44.02 -18.88 -16.14
OP2 Y5P R 26 43.59 -17.09 -17.94
C5 Y5P R 26 44.83 -13.02 -18.88
P Y5P R 27 43.84 -14.12 -12.27
C5' Y5P R 27 43.75 -11.78 -11.10
O5' Y5P R 27 44.35 -12.64 -12.04
C4' Y5P R 27 43.82 -10.37 -11.58
O4' Y5P R 27 44.34 -10.32 -12.93
C3' Y5P R 27 42.48 -9.66 -11.67
O3' Y5P R 27 42.06 -9.17 -10.41
C2' Y5P R 27 42.76 -8.56 -12.69
O2' Y5P R 27 43.42 -7.47 -12.08
C1' Y5P R 27 43.75 -9.25 -13.64
N1 Y5P R 27 43.11 -9.79 -14.86
C2 Y5P R 27 42.60 -8.92 -15.80
N3 Y5P R 27 42.04 -9.53 -16.91
C4 Y5P R 27 41.96 -10.88 -17.18
C6 Y5P R 27 43.07 -11.14 -15.08
OP1 Y5P R 27 43.64 -14.73 -10.93
OP2 Y5P R 27 42.70 -14.13 -13.23
C5 Y5P R 27 42.53 -11.69 -16.16
P Y5P R 28 40.87 -9.90 -9.63
C5' Y5P R 28 39.31 -8.16 -10.77
O5' Y5P R 28 39.59 -9.51 -10.48
C4' Y5P R 28 38.23 -8.05 -11.82
O4' Y5P R 28 38.78 -8.30 -13.14
C3' Y5P R 28 37.10 -9.06 -11.71
O3' Y5P R 28 36.17 -8.76 -10.68
C2' Y5P R 28 36.50 -9.02 -13.11
O2' Y5P R 28 35.66 -7.88 -13.26
C1' Y5P R 28 37.77 -8.82 -13.97
N1 Y5P R 28 38.25 -10.08 -14.60
C2 Y5P R 28 37.65 -10.48 -15.79
N3 Y5P R 28 38.11 -11.61 -16.36
C4 Y5P R 28 39.10 -12.41 -15.88
C6 Y5P R 28 39.25 -10.82 -14.07
OP1 Y5P R 28 40.74 -9.24 -8.30
OP2 Y5P R 28 41.04 -11.38 -9.72
C5 Y5P R 28 39.67 -11.95 -14.65
N1 P5P R 29 30.25 -6.69 -14.45
C2 P5P R 29 29.88 -7.99 -14.73
N3 P5P R 29 30.23 -9.04 -14.00
C4 P5P R 29 30.99 -8.66 -12.95
C5 P5P R 29 31.43 -7.39 -12.59
C6 P5P R 29 31.04 -6.27 -13.37
N7 P5P R 29 32.20 -7.42 -11.44
C8 P5P R 29 32.24 -8.70 -11.15
N9 P5P R 29 31.54 -9.50 -12.02
C1' P5P R 29 31.39 -10.96 -11.92
C2' P5P R 29 31.93 -11.71 -13.14
O2' P5P R 29 31.11 -12.85 -13.36
C3' P5P R 29 33.32 -12.10 -12.68
O3' P5P R 29 33.82 -13.26 -13.32
C4' P5P R 29 33.13 -12.34 -11.19
O4' P5P R 29 32.12 -11.37 -10.79
C5' P5P R 29 34.36 -12.16 -10.35
O5' P5P R 29 35.11 -11.03 -10.78
P P5P R 29 35.62 -9.94 -9.74
OP1 P5P R 29 34.41 -9.46 -9.00
OP2 P5P R 29 36.78 -10.50 -9.01
N1 P5P R 30 32.39 -5.61 -17.43
C2 P5P R 30 31.75 -6.47 -18.24
N3 P5P R 30 31.74 -7.80 -18.24
C4 P5P R 30 32.52 -8.25 -17.24
C5 P5P R 30 33.23 -7.51 -16.32
C6 P5P R 30 33.16 -6.13 -16.44
N7 P5P R 30 33.91 -8.32 -15.43
C8 P5P R 30 33.60 -9.53 -15.82
N9 P5P R 30 32.76 -9.56 -16.90
C1' P5P R 30 32.27 -10.74 -17.58
C2' P5P R 30 33.13 -11.06 -18.79
O2' P5P R 30 32.33 -11.70 -19.76
C3' P5P R 30 34.13 -12.03 -18.19
O3' P5P R 30 34.77 -12.87 -19.13
C4' P5P R 30 33.25 -12.82 -17.24
O4' P5P R 30 32.36 -11.83 -16.69
C5' P5P R 30 33.95 -13.61 -16.17
O5' P5P R 30 34.95 -12.88 -15.50
P P5P R 30 35.28 -13.24 -13.99
OP1 P5P R 30 35.84 -14.62 -13.95
OP2 P5P R 30 36.07 -12.15 -13.37
N1 P5P R 31 35.22 -3.63 -18.87
C2 P5P R 31 34.50 -3.82 -19.98
N3 P5P R 31 34.25 -4.95 -20.66
C4 P5P R 31 34.84 -5.99 -20.06
C5 P5P R 31 35.60 -5.96 -18.91
C6 P5P R 31 35.80 -4.72 -18.30
N7 P5P R 31 36.06 -7.22 -18.56
C8 P5P R 31 35.56 -7.98 -19.49
N9 P5P R 31 34.81 -7.31 -20.42
C1' P5P R 31 34.14 -7.93 -21.57
C2' P5P R 31 34.76 -7.48 -22.89
O2' P5P R 31 33.79 -7.65 -23.92
C3' P5P R 31 35.88 -8.51 -23.01
O3' P5P R 31 36.41 -8.67 -24.32
C4' P5P R 31 35.24 -9.78 -22.50
O4' P5P R 31 34.33 -9.32 -21.45
C5' P5P R 31 36.21 -10.81 -21.95
O5' P5P R 31 35.56 -11.88 -21.27
P P5P R 31 36.11 -12.38 -19.86
OP1 P5P R 31 36.99 -13.56 -20.07
OP2 P5P R 31 36.63 -11.21 -19.11
P Y5P R 32 38.00 -8.82 -24.52
C5' Y5P R 32 39.12 -6.50 -24.81
O5' Y5P R 32 38.55 -7.45 -23.93
C4' Y5P R 32 38.52 -5.13 -24.62
O4' Y5P R 32 37.54 -5.14 -23.54
C3' Y5P R 32 39.50 -4.04 -24.22
O3' Y5P R 32 40.34 -3.61 -25.27
C2' Y5P R 32 38.55 -2.98 -23.65
O2' Y5P R 32 37.85 -2.33 -24.69
C1' Y5P R 32 37.57 -3.87 -22.89
N1 Y5P R 32 37.99 -4.07 -21.39
C2 Y5P R 32 38.20 -2.95 -20.62
N3 Y5P R 32 38.59 -3.18 -19.32
C4 Y5P R 32 38.79 -4.41 -18.73
C6 Y5P R 32 38.17 -5.34 -20.88
OP1 Y5P R 32 38.23 -8.80 -25.99
OP2 Y5P R 32 38.55 -9.94 -23.71
C5 Y5P R 32 38.55 -5.53 -19.61
P Y5P R 33 41.88 -4.09 -25.33
C5' Y5P R 33 42.35 -1.64 -24.64
O5' Y5P R 33 42.64 -3.01 -24.46
C4' Y5P R 33 42.45 -0.90 -23.35
O4' Y5P R 33 41.43 -1.35 -22.43
C3' Y5P R 33 43.73 -1.12 -22.56
O3' Y5P R 33 44.87 -0.44 -23.08
C2' Y5P R 33 43.33 -0.69 -21.16
O2' Y5P R 33 43.25 0.72 -21.06
C1' Y5P R 33 41.91 -1.26 -21.10
N1 Y5P R 33 41.94 -2.70 -20.47
C2 Y5P R 33 42.15 -2.79 -19.11
N3 Y5P R 33 42.19 -4.07 -18.61
C4 Y5P R 33 42.07 -5.24 -19.31
C6 Y5P R 33 41.80 -3.81 -21.26
OP1 Y5P R 33 42.35 -3.92 -26.73
OP2 Y5P R 33 42.07 -5.40 -24.65
C5 Y5P R 33 41.86 -5.05 -20.73
P Y5P R 34 46.24 -1.24 -23.36
C5' Y5P R 34 47.06 -0.56 -21.00
O5' Y5P R 34 46.80 -1.59 -21.92
C4' Y5P R 34 47.25 -1.12 -19.61
O4' Y5P R 34 46.07 -1.88 -19.23
C3' Y5P R 34 48.38 -2.10 -19.47
O3' Y5P R 34 49.65 -1.49 -19.36
C2' Y5P R 34 47.97 -2.91 -18.24
O2' Y5P R 34 48.22 -2.18 -17.05
C1' Y5P R 34 46.45 -2.99 -18.45
N1 Y5P R 34 45.99 -4.22 -19.12
C2 Y5P R 34 46.12 -5.51 -18.59
N3 Y5P R 34 45.61 -6.52 -19.36
C4 Y5P R 34 44.97 -6.40 -20.58
C6 Y5P R 34 45.35 -4.06 -20.33
OP1 Y5P R 34 47.22 -0.30 -23.95
OP2 Y5P R 34 45.89 -2.50 -24.08
C5 Y5P R 34 44.87 -5.06 -21.06
P Y5P R 35 50.91 -2.06 -20.16
C5' Y5P R 35 51.45 -3.17 -17.82
O5' Y5P R 35 51.43 -3.27 -19.25
C4' Y5P R 35 51.59 -4.53 -17.18
O4' Y5P R 35 50.30 -5.22 -17.11
C3' Y5P R 35 52.46 -5.53 -17.91
O3' Y5P R 35 53.85 -5.29 -17.77
C2' Y5P R 35 51.98 -6.85 -17.33
O2' Y5P R 35 52.45 -6.99 -16.00
C1' Y5P R 35 50.49 -6.61 -17.28
N1 Y5P R 35 49.81 -7.05 -18.52
C2 Y5P R 35 49.47 -8.39 -18.68
N3 Y5P R 35 48.85 -8.81 -19.81
C4 Y5P R 35 48.55 -7.95 -20.78
C6 Y5P R 35 49.50 -6.18 -19.52
OP1 Y5P R 35 51.97 -1.02 -20.20
OP2 Y5P R 35 50.43 -2.65 -21.44
C5 Y5P R 35 48.89 -6.57 -20.65
P Y5P R 36 54.89 -6.05 -18.73
C5' Y5P R 36 55.93 -8.45 -18.45
O5' Y5P R 36 55.30 -7.32 -17.86
C4' Y5P R 36 55.24 -9.73 -18.06
O4' Y5P R 36 53.82 -9.64 -18.32
C3' Y5P R 36 55.69 -10.95 -18.84
O3' Y5P R 36 56.88 -11.50 -18.34
C2' Y5P R 36 54.50 -11.88 -18.72
O2' Y5P R 36 54.52 -12.55 -17.47
C1' Y5P R 36 53.32 -10.90 -18.71
N1 Y5P R 36 52.65 -10.77 -20.02
C2 Y5P R 36 52.04 -11.89 -20.60
N3 Y5P R 36 51.40 -11.78 -21.78
C4 Y5P R 36 51.34 -10.61 -22.39
C6 Y5P R 36 52.57 -9.58 -20.64
OP1 Y5P R 36 56.08 -5.18 -18.88
OP2 Y5P R 36 54.18 -6.49 -19.96
C5 Y5P R 36 51.94 -9.45 -21.82
P Y5P R 37 58.24 -11.44 -19.20
C5' Y5P R 37 57.38 -12.84 -21.22
O5' Y5P R 37 58.19 -12.78 -20.06
C4' Y5P R 37 56.73 -14.18 -21.37
O4' Y5P R 37 55.30 -13.99 -21.42
C3' Y5P R 37 57.07 -14.90 -22.67
O3' Y5P R 37 58.27 -15.65 -22.58
C2' Y5P R 37 55.83 -15.75 -22.93
O2' Y5P R 37 55.88 -16.94 -22.15
C1' Y5P R 37 54.72 -14.85 -22.39
N1 Y5P R 37 54.07 -14.01 -23.41
C2 Y5P R 37 53.24 -14.56 -24.40
N3 Y5P R 37 52.62 -13.76 -25.30
C4 Y5P R 37 52.79 -12.45 -25.24
C6 Y5P R 37 54.22 -12.65 -23.35
OP1 Y5P R 37 59.40 -11.52 -18.26
OP2 Y5P R 37 58.14 -10.30 -20.15
C5 Y5P R 37 53.61 -11.86 -24.24
P Y5P R 38 59.35 -15.62 -23.78
C5' Y5P R 38 58.80 -16.60 -26.12
O5' Y5P R 38 58.90 -16.81 -24.73
C4' Y5P R 38 57.56 -17.22 -26.68
O4' Y5P R 38 56.37 -16.51 -26.20
C3' Y5P R 38 57.43 -17.18 -28.18
O3' Y5P R 38 58.23 -18.14 -28.85
C2' Y5P R 38 55.92 -17.35 -28.38
O2' Y5P R 38 55.54 -18.70 -28.18
C1' Y5P R 38 55.39 -16.51 -27.21
N1 Y5P R 38 55.08 -15.10 -27.61
C2 Y5P R 38 54.06 -14.81 -28.56
N3 Y5P R 38 53.82 -13.51 -28.89
C4 Y5P R 38 54.53 -12.52 -28.33
C6 Y5P R 38 55.79 -14.07 -27.05
OP1 Y5P R 38 60.69 -15.93 -23.24
OP2 Y5P R 38 59.14 -14.37 -24.57
C5 Y5P R 38 55.56 -12.78 -27.38
P Y5P R 39 59.37 -17.68 -29.89
C5' Y5P R 39 58.02 -19.15 -31.60
O5' Y5P R 39 58.69 -17.93 -31.32
C4' Y5P R 39 56.82 -18.93 -32.50
O4' Y5P R 39 55.77 -18.23 -31.79
C3' Y5P R 39 57.06 -18.09 -33.74
O3' Y5P R 39 57.72 -18.79 -34.79
C2' Y5P R 39 55.64 -17.64 -34.09
O2' Y5P R 39 54.93 -18.70 -34.71
C1' Y5P R 39 55.05 -17.41 -32.70
N1 Y5P R 39 55.18 -15.88 -32.24
C2 Y5P R 39 54.56 -14.89 -32.98
N3 Y5P R 39 54.74 -13.61 -32.49
C4 Y5P R 39 55.46 -13.24 -31.37
C6 Y5P R 39 55.92 -15.61 -31.12
OP1 Y5P R 39 60.51 -18.62 -29.77
OP2 Y5P R 39 59.60 -16.23 -29.72
C5 Y5P R 39 56.07 -14.35 -30.67
P Y5P R 40 59.08 -18.19 -35.43
C5' Y5P R 40 57.91 -17.80 -37.75
O5' Y5P R 40 58.57 -17.25 -36.62
C4' Y5P R 40 57.13 -16.74 -38.50
O4' Y5P R 40 56.34 -15.96 -37.56
C3' Y5P R 40 57.95 -15.71 -39.26
O3' Y5P R 40 58.41 -16.18 -40.51
C2' Y5P R 40 56.97 -14.54 -39.38
O2' Y5P R 40 56.05 -14.78 -40.44
C1' Y5P R 40 56.21 -14.63 -38.05
N1 Y5P R 40 56.71 -13.67 -37.02
C2 Y5P R 40 56.00 -12.50 -36.83
N3 Y5P R 40 56.50 -11.64 -35.86
C4 Y5P R 40 57.62 -11.84 -35.08
C6 Y5P R 40 57.84 -13.92 -36.26
OP1 Y5P R 40 59.83 -19.32 -36.03
OP2 Y5P R 40 59.73 -17.33 -34.42
C5 Y5P R 40 58.30 -13.07 -35.33
P Y5P R 41 64.69 -11.84 -46.53
C5' Y5P R 41 63.02 -10.62 -48.12
O5' Y5P R 41 63.34 -11.05 -46.81
C4' Y5P R 41 62.60 -9.18 -48.17
O4' Y5P R 41 62.69 -8.59 -46.84
C3' Y5P R 41 63.43 -8.28 -49.09
O3' Y5P R 41 62.56 -7.32 -49.69
C2' Y5P R 41 64.35 -7.55 -48.11
O2' Y5P R 41 64.83 -6.30 -48.59
C1' Y5P R 41 63.42 -7.38 -46.91
N1 Y5P R 41 64.08 -7.15 -45.61
C2 Y5P R 41 64.01 -5.89 -44.97
N3 Y5P R 41 64.62 -5.72 -43.77
C4 Y5P R 41 65.26 -6.74 -43.19
C6 Y5P R 41 64.73 -8.17 -45.00
OP1 Y5P R 41 65.44 -11.12 -45.48
OP2 Y5P R 41 65.34 -12.11 -47.84
C5 Y5P R 41 65.34 -8.02 -43.82
P Y5P R 42 62.52 -7.13 -51.28
C5' Y5P R 42 60.38 -8.63 -51.08
O5' Y5P R 42 61.56 -8.28 -51.79
C4' Y5P R 42 59.32 -9.18 -52.00
O4' Y5P R 42 58.86 -8.13 -52.90
C3' Y5P R 42 59.80 -10.28 -52.94
O3' Y5P R 42 59.86 -11.56 -52.32
C2' Y5P R 42 58.83 -10.16 -54.11
O2' Y5P R 42 57.57 -10.73 -53.79
C1' Y5P R 42 58.67 -8.65 -54.20
N1 Y5P R 42 59.69 -8.03 -55.09
C2 Y5P R 42 59.49 -8.04 -56.48
N3 Y5P R 42 60.44 -7.48 -57.28
C4 Y5P R 42 61.53 -6.92 -56.76
C6 Y5P R 42 60.82 -7.45 -54.59
OP1 Y5P R 42 63.89 -7.35 -51.84
OP2 Y5P R 42 61.86 -5.82 -51.55
C5 Y5P R 42 61.76 -6.89 -55.36
P Y5P R 43 61.23 -12.41 -52.36
C5' Y5P R 43 60.20 -13.99 -54.19
O5' Y5P R 43 61.22 -13.07 -53.82
C4' Y5P R 43 60.07 -14.15 -55.69
O4' Y5P R 43 59.78 -12.86 -56.31
C3' Y5P R 43 61.31 -14.64 -56.44
O3' Y5P R 43 61.53 -16.05 -56.33
C2' Y5P R 43 61.03 -14.16 -57.85
O2' Y5P R 43 60.07 -14.99 -58.49
C1' Y5P R 43 60.39 -12.80 -57.59
N1 Y5P R 43 61.40 -11.70 -57.56
C2 Y5P R 43 61.97 -11.29 -58.77
N3 Y5P R 43 62.89 -10.27 -58.68
C4 Y5P R 43 63.31 -9.64 -57.52
C6 Y5P R 43 61.79 -11.10 -56.39
OP1 Y5P R 43 61.14 -13.50 -51.37
OP2 Y5P R 43 62.36 -11.43 -52.30
C5 Y5P R 43 62.69 -10.11 -56.31
P Y5P R 44 63.02 -16.62 -56.16
C5' Y5P R 44 63.53 -16.44 -58.74
O5' Y5P R 44 63.82 -16.03 -57.41
C4' Y5P R 44 64.27 -15.59 -59.75
O4' Y5P R 44 63.99 -14.19 -59.50
C3' Y5P R 44 65.78 -15.69 -59.72
O3' Y5P R 44 66.29 -16.85 -60.37
C2' Y5P R 44 66.22 -14.37 -60.35
O2' Y5P R 44 66.08 -14.43 -61.77
C1' Y5P R 44 65.14 -13.42 -59.81
N1 Y5P R 44 65.58 -12.67 -58.60
C2 Y5P R 44 66.50 -11.64 -58.75
N3 Y5P R 44 66.86 -10.96 -57.60
C4 Y5P R 44 66.41 -11.21 -56.32
C6 Y5P R 44 65.10 -12.94 -57.33
OP1 Y5P R 44 62.96 -18.10 -56.32
OP2 Y5P R 44 63.63 -16.05 -54.93
C5 Y5P R 44 65.46 -12.26 -56.22
P Y5P R 45 66.91 -18.06 -59.52
C5' Y5P R 45 69.44 -18.32 -60.14
O5' Y5P R 45 68.08 -18.61 -60.44
C4' Y5P R 45 70.06 -17.38 -61.15
O4' Y5P R 45 69.26 -16.18 -61.26
C3' Y5P R 45 71.45 -16.87 -60.81
O3' Y5P R 45 72.49 -17.80 -61.06
C2' Y5P R 45 71.52 -15.59 -61.64
O2' Y5P R 45 71.70 -15.88 -63.02
C1' Y5P R 45 70.10 -15.06 -61.44
N1 Y5P R 45 70.01 -14.17 -60.14
C2 Y5P R 45 70.67 -12.95 -60.10
N3 Y5P R 45 70.54 -12.26 -58.92
C4 Y5P R 45 69.83 -12.65 -57.81
C6 Y5P R 45 69.29 -14.64 -59.07
OP1 Y5P R 45 65.88 -19.13 -59.40
OP2 Y5P R 45 67.54 -17.50 -58.29
C5 Y5P R 45 69.19 -13.92 -57.93
P Y5P R 46 73.60 -18.09 -59.94
C5' Y5P R 46 75.18 -16.49 -61.28
O5' Y5P R 46 74.58 -16.84 -60.05
C4' Y5P R 46 75.74 -15.09 -61.25
O4' Y5P R 46 74.70 -14.13 -60.93
C3' Y5P R 46 76.81 -14.82 -60.19
O3' Y5P R 46 78.09 -15.32 -60.55
C2' Y5P R 46 76.75 -13.31 -60.05
O2' Y5P R 46 77.41 -12.67 -61.13
C1' Y5P R 46 75.25 -13.06 -60.18
N1 Y5P R 46 74.52 -12.97 -58.78
C2 Y5P R 46 74.60 -11.77 -58.09
N3 Y5P R 46 73.94 -11.74 -56.87
C4 Y5P R 46 73.24 -12.77 -56.30
C6 Y5P R 46 73.83 -14.04 -58.28
OP1 Y5P R 46 74.36 -19.30 -60.35
OP2 Y5P R 46 72.95 -18.03 -58.61
C5 Y5P R 46 73.21 -13.98 -57.08
P Y5P R 47 79.13 -15.78 -59.41
C5' Y5P R 47 80.36 -13.48 -59.73
O5' Y5P R 47 79.73 -14.41 -58.86
C4' Y5P R 47 80.57 -12.14 -59.06
O4' Y5P R 47 79.28 -11.52 -58.80
C3' Y5P R 47 81.25 -12.17 -57.71
O3' Y5P R 47 82.66 -12.30 -57.78
C2' Y5P R 47 80.79 -10.85 -57.09
O2' Y5P R 47 81.53 -9.76 -57.62
C1' Y5P R 47 79.35 -10.76 -57.60
N1 Y5P R 47 78.37 -11.29 -56.63
C2 Y5P R 47 77.96 -10.46 -55.60
N3 Y5P R 47 77.05 -11.01 -54.73
C4 Y5P R 47 76.51 -12.29 -54.76
C6 Y5P R 47 77.87 -12.58 -56.71
OP1 Y5P R 47 80.22 -16.54 -60.07
OP2 Y5P R 47 78.36 -16.40 -58.30
C5 Y5P R 47 76.98 -13.09 -55.85
P Y5P R 48 83.42 -13.38 -56.85
C5' Y5P R 48 83.72 -11.60 -54.94
O5' Y5P R 48 83.18 -12.84 -55.36
C4' Y5P R 48 83.21 -11.19 -53.57
O4' Y5P R 48 81.77 -10.99 -53.61
C3' Y5P R 48 83.40 -12.19 -52.43
O3' Y5P R 48 84.74 -12.23 -51.93
C2' Y5P R 48 82.37 -11.72 -51.42
O2' Y5P R 48 82.84 -10.59 -50.69
C1' Y5P R 48 81.23 -11.27 -52.32
N1 Y5P R 48 80.16 -12.29 -52.45
C2 Y5P R 48 79.02 -12.10 -51.67
N3 Y5P R 48 78.05 -13.08 -51.80
C4 Y5P R 48 78.11 -14.21 -52.59
C6 Y5P R 48 80.27 -13.40 -53.25
OP1 Y5P R 48 84.87 -13.30 -57.15
OP2 Y5P R 48 82.72 -14.68 -56.98
C5 Y5P R 48 79.32 -14.35 -53.36
P Y5P R 49 85.54 -13.63 -51.84
C5' Y5P R 49 85.04 -15.84 -50.50
O5' Y5P R 49 84.72 -14.47 -50.76
C4' Y5P R 49 84.53 -16.30 -49.16
O4' Y5P R 49 85.21 -15.57 -48.09
C3' Y5P R 49 83.05 -16.06 -48.88
O3' Y5P R 49 82.22 -17.07 -49.46
C2' Y5P R 49 82.98 -16.01 -47.36
O2' Y5P R 49 82.94 -17.32 -46.80
C1' Y5P R 49 84.33 -15.38 -47.00
N1 Y5P R 49 84.25 -13.92 -46.72
C2 Y5P R 49 83.74 -13.46 -45.49
N3 Y5P R 49 83.68 -12.12 -45.25
C4 Y5P R 49 84.12 -11.24 -46.17
C6 Y5P R 49 84.70 -13.00 -47.63
OP1 Y5P R 49 86.88 -13.33 -51.27
OP2 Y5P R 49 85.44 -14.30 -53.15
C5 Y5P R 49 84.65 -11.67 -47.40
P Y5P R 50 80.75 -16.70 -50.00
C5' Y5P R 50 78.72 -15.62 -48.74
O5' Y5P R 50 79.93 -16.35 -48.69
C4' Y5P R 50 78.44 -14.91 -47.44
O4' Y5P R 50 79.63 -14.22 -46.97
C3' Y5P R 50 77.38 -13.81 -47.50
O3' Y5P R 50 76.06 -14.32 -47.45
C2' Y5P R 50 77.75 -12.93 -46.32
O2' Y5P R 50 77.29 -13.49 -45.09
C1' Y5P R 50 79.28 -13.00 -46.33
N1 Y5P R 50 79.95 -11.81 -47.12
C2 Y5P R 50 79.86 -10.53 -46.63
N3 Y5P R 50 80.49 -9.56 -47.40
C4 Y5P R 50 81.17 -9.76 -48.57
C6 Y5P R 50 80.61 -12.11 -48.29
OP1 Y5P R 50 80.15 -17.92 -50.61
OP2 Y5P R 50 80.86 -15.47 -50.82
C5 Y5P R 50 81.20 -11.13 -49.01
P Y5P R 51 75.04 -14.01 -48.66
C5' Y5P R 51 74.38 -11.73 -47.57
O5' Y5P R 51 74.93 -12.43 -48.67
C4' Y5P R 51 73.38 -10.69 -48.02
O4' Y5P R 51 74.07 -9.61 -48.70
C3' Y5P R 51 72.31 -11.20 -48.99
O3' Y5P R 51 71.06 -10.57 -48.72
C2' Y5P R 51 72.86 -10.79 -50.36
O2' Y5P R 51 71.89 -10.60 -51.36
C1' Y5P R 51 73.61 -9.50 -50.03
N1 Y5P R 51 74.88 -9.27 -50.93
C2 Y5P R 51 75.46 -8.02 -51.03
N3 Y5P R 51 76.58 -7.96 -51.82
C4 Y5P R 51 77.16 -8.99 -52.52
C6 Y5P R 51 75.40 -10.36 -51.57
OP1 Y5P R 51 73.71 -14.57 -48.30
OP2 Y5P R 51 75.68 -14.45 -49.93
C5 Y5P R 51 76.50 -10.26 -52.36
P Y5P R 52 70.05 -11.20 -47.63
C5' Y5P R 52 68.13 -9.90 -48.86
O5' Y5P R 52 68.79 -10.24 -47.65
C4' Y5P R 52 67.66 -8.47 -48.85
O4' Y5P R 52 67.60 -8.00 -47.47
C3' Y5P R 52 68.57 -7.46 -49.54
O3' Y5P R 52 68.33 -7.40 -50.94
C2' Y5P R 52 68.26 -6.16 -48.81
O2' Y5P R 52 67.08 -5.55 -49.31
C1' Y5P R 52 68.00 -6.65 -47.39
N1 Y5P R 52 69.16 -6.55 -46.47
C2 Y5P R 52 69.74 -5.32 -46.17
N3 Y5P R 52 70.79 -5.37 -45.28
C4 Y5P R 52 71.34 -6.47 -44.66
C6 Y5P R 52 69.67 -7.69 -45.86
OP1 Y5P R 52 70.68 -11.09 -46.29
OP2 Y5P R 52 69.60 -12.53 -48.13
C5 Y5P R 52 70.70 -7.70 -45.00
P Y5P R 53 69.57 -7.25 -51.96
C5' Y5P R 53 69.49 -4.63 -51.70
O5' Y5P R 53 70.22 -5.85 -51.58
C4' Y5P R 53 70.17 -3.45 -51.03
O4' Y5P R 53 70.59 -3.83 -49.68
C3' Y5P R 53 71.42 -2.91 -51.74
O3' Y5P R 53 71.43 -1.49 -51.68
C2' Y5P R 53 72.57 -3.47 -50.88
O2' Y5P R 53 73.77 -2.72 -50.93
C1' Y5P R 53 71.94 -3.43 -49.49
N1 Y5P R 53 72.62 -4.31 -48.53
C2 Y5P R 53 73.12 -3.74 -47.36
N3 Y5P R 53 73.78 -4.62 -46.52
C4 Y5P R 53 74.01 -5.97 -46.72
C6 Y5P R 53 72.84 -5.65 -48.80
OP1 Y5P R 53 69.05 -7.17 -53.36
OP2 Y5P R 53 70.54 -8.33 -51.63
C5 Y5P R 53 73.50 -6.47 -47.96
P Y5P R 54 71.68 -0.63 -53.02
C5' Y5P R 54 74.25 -0.91 -53.47
O5' Y5P R 54 72.92 -1.34 -53.73
C4' Y5P R 54 75.28 -1.65 -54.30
O4' Y5P R 54 75.53 -2.97 -53.76
C3' Y5P R 54 74.90 -1.93 -55.75
O3' Y5P R 54 75.07 -0.80 -56.60
C2' Y5P R 54 75.80 -3.11 -56.12
O2' Y5P R 54 77.12 -2.65 -56.42
C1' Y5P R 54 75.86 -3.87 -54.79
N1 Y5P R 54 74.93 -5.02 -54.75
C2 Y5P R 54 75.31 -6.21 -55.37
N3 Y5P R 54 74.47 -7.28 -55.34
C4 Y5P R 54 73.29 -7.19 -54.72
C6 Y5P R 54 73.72 -4.96 -54.11
OP1 Y5P R 54 72.13 0.73 -52.63
OP2 Y5P R 54 70.47 -0.79 -53.89
C5 Y5P R 54 72.88 -6.00 -54.07
P Y5P R 55 74.07 -0.55 -57.84
C5' Y5P R 55 73.91 -1.81 -60.13
O5' Y5P R 55 74.71 -1.41 -59.02
C4' Y5P R 55 74.54 -2.97 -60.86
O4' Y5P R 55 74.93 -4.01 -59.92
C3' Y5P R 55 73.65 -3.69 -61.85
O3' Y5P R 55 73.53 -3.01 -63.09
C2' Y5P R 55 74.29 -5.07 -61.95
O2' Y5P R 55 75.45 -5.02 -62.77
C1' Y5P R 55 74.75 -5.29 -60.50
N1 Y5P R 55 73.74 -6.04 -59.70
C2 Y5P R 55 73.61 -7.44 -59.82
N3 Y5P R 55 72.68 -8.06 -59.04
C4 Y5P R 55 71.91 -7.38 -58.18
C6 Y5P R 55 72.95 -5.35 -58.80
OP1 Y5P R 55 74.13 0.88 -58.22
OP2 Y5P R 55 72.75 -1.16 -57.49
C5 Y5P R 55 72.03 -5.96 -58.04
P Y5P R 56 72.08 -2.49 -63.60
C5' Y5P R 56 72.30 -4.32 -65.45
O5' Y5P R 56 71.52 -3.72 -64.43
C4' Y5P R 56 71.85 -5.73 -65.75
O4' Y5P R 56 72.28 -6.63 -64.69
C3' Y5P R 56 70.35 -5.96 -65.82
O3' Y5P R 56 69.75 -5.50 -67.02
C2' Y5P R 56 70.25 -7.46 -65.59
O2' Y5P R 56 70.68 -8.17 -66.74
C1' Y5P R 56 71.30 -7.64 -64.50
N1 Y5P R 56 70.65 -7.44 -63.08
C2 Y5P R 56 69.96 -8.49 -62.52
N3 Y5P R 56 69.40 -8.26 -61.28
C4 Y5P R 56 69.49 -7.08 -60.56
C6 Y5P R 56 70.78 -6.24 -62.43
OP1 Y5P R 56 72.30 -1.36 -64.53
OP2 Y5P R 56 71.20 -2.29 -62.42
C5 Y5P R 56 70.22 -6.04 -61.22
P Y5P R 57 68.26 -4.90 -66.97
C5' Y5P R 57 67.50 -7.14 -68.11
O5' Y5P R 57 67.32 -6.19 -67.06
C4' Y5P R 57 66.78 -8.44 -67.84
O4' Y5P R 57 67.40 -9.13 -66.71
C3' Y5P R 57 65.32 -8.34 -67.43
O3' Y5P R 57 64.45 -8.08 -68.52
C2' Y5P R 57 65.08 -9.68 -66.74
O2' Y5P R 57 64.94 -10.72 -67.70
C1' Y5P R 57 66.40 -9.86 -66.00
N1 Y5P R 57 66.33 -9.30 -64.53
C2 Y5P R 57 65.60 -10.02 -63.60
N3 Y5P R 57 65.57 -9.46 -62.34
C4 Y5P R 57 66.16 -8.29 -61.93
C6 Y5P R 57 66.95 -8.11 -64.22
OP1 Y5P R 57 68.05 -4.08 -68.20
OP2 Y5P R 57 68.05 -4.29 -65.64
C5 Y5P R 57 66.88 -7.61 -62.98
P Y5P R 58 63.23 -7.05 -68.37
C5' Y5P R 58 61.60 -9.07 -67.96
O5' Y5P R 58 62.15 -7.84 -67.50
C4' Y5P R 58 60.89 -9.81 -66.86
O4' Y5P R 58 61.83 -10.11 -65.77
C3' Y5P R 58 59.75 -9.09 -66.15
O3' Y5P R 58 58.54 -9.06 -66.89
C2' Y5P R 58 59.67 -9.84 -64.83
O2' Y5P R 58 59.07 -11.11 -65.02
C1' Y5P R 58 61.14 -10.04 -64.53
N1 Y5P R 58 61.72 -8.82 -63.71
C2 Y5P R 58 61.32 -8.68 -62.39
N3 Y5P R 58 61.86 -7.58 -61.73
C4 Y5P R 58 62.71 -6.64 -62.26
C6 Y5P R 58 62.58 -7.94 -64.31
OP1 Y5P R 58 62.66 -6.79 -69.72
OP2 Y5P R 58 63.72 -5.89 -67.56
C5 Y5P R 58 63.06 -6.88 -63.64
P Y5P R 59 57.51 -7.85 -66.66
C5' Y5P R 59 56.14 -9.42 -65.07
O5' Y5P R 59 56.81 -8.18 -65.26
C4' Y5P R 59 55.58 -9.57 -63.66
O4' Y5P R 59 56.65 -9.66 -62.69
C3' Y5P R 59 54.71 -8.43 -63.13
O3' Y5P R 59 53.41 -8.36 -63.70
C2' Y5P R 59 54.73 -8.72 -61.64
O2' Y5P R 59 53.92 -9.85 -61.32
C1' Y5P R 59 56.19 -9.12 -61.45
N1 Y5P R 59 57.03 -7.94 -61.09
C2 Y5P R 59 57.04 -7.53 -59.76
N3 Y5P R 59 57.81 -6.42 -59.50
C4 Y5P R 59 58.56 -5.68 -60.40
C6 Y5P R 59 57.74 -7.23 -62.04
OP1 Y5P R 59 56.48 -7.91 -67.73
OP2 Y5P R 59 58.28 -6.58 -66.49
C5 Y5P R 59 58.48 -6.15 -61.76
P Y5P R 60 52.75 -6.92 -64.02
C5' Y5P R 60 51.59 -7.16 -61.68
O5' Y5P R 60 52.33 -6.36 -62.59
C4' Y5P R 60 51.70 -6.66 -60.26
O4' Y5P R 60 53.10 -6.67 -59.84
C3' Y5P R 60 51.28 -5.22 -60.03
O3' Y5P R 60 49.86 -5.06 -59.94
C2' Y5P R 60 52.03 -4.85 -58.76
O2' Y5P R 60 51.40 -5.42 -57.61
C1' Y5P R 60 53.36 -5.58 -58.98
N1 Y5P R 60 54.37 -4.70 -59.62
C2 Y5P R 60 55.13 -3.82 -58.83
N3 Y5P R 60 56.06 -3.03 -59.46
C4 Y5P R 60 56.23 -3.08 -60.78
C6 Y5P R 60 54.57 -4.73 -60.98
OP1 Y5P R 60 51.53 -7.13 -64.83
OP2 Y5P R 60 53.83 -6.03 -64.53
C5 Y5P R 60 55.46 -3.95 -61.60
P Y5P R 61 49.09 -4.05 -60.94
C5' Y5P R 61 48.64 -2.55 -58.84
O5' Y5P R 61 49.13 -2.66 -60.17
C4' Y5P R 61 49.38 -1.50 -58.05
O4' Y5P R 61 50.80 -1.77 -58.05
C3' Y5P R 61 49.30 -0.07 -58.60
O3' Y5P R 61 48.07 0.57 -58.34
C2' Y5P R 61 50.50 0.58 -57.92
O2' Y5P R 61 50.22 0.85 -56.55
C1' Y5P R 61 51.53 -0.55 -57.98
N1 Y5P R 61 52.43 -0.44 -59.16
C2 Y5P R 61 53.73 0.04 -58.93
N3 Y5P R 61 54.59 0.17 -59.97
C4 Y5P R 61 54.21 -0.13 -61.22
C6 Y5P R 61 52.05 -0.74 -60.45
OP1 Y5P R 61 47.68 -4.49 -61.03
OP2 Y5P R 61 49.91 -3.90 -62.18
C5 Y5P R 61 52.90 -0.61 -61.49
P Y5P R 62 47.53 1.71 -59.35
C5' Y5P R 62 48.96 3.92 -59.50
O5' Y5P R 62 48.12 3.06 -58.73
C4' Y5P R 62 50.05 4.52 -58.65
O4' Y5P R 62 51.19 3.63 -58.63
C3' Y5P R 62 50.61 5.84 -59.14
O3' Y5P R 62 49.82 6.95 -58.77
C2' Y5P R 62 52.02 5.85 -58.55
O2' Y5P R 62 51.98 6.21 -57.18
C1' Y5P R 62 52.40 4.37 -58.65
N1 Y5P R 62 53.15 4.02 -59.99
C2 Y5P R 62 54.41 4.55 -60.20
N3 Y5P R 62 55.02 4.18 -61.38
C4 Y5P R 62 54.49 3.36 -62.35
C6 Y5P R 62 52.54 3.19 -60.90
OP1 Y5P R 62 46.05 1.78 -59.23
OP2 Y5P R 62 48.14 1.49 -60.69
C5 Y5P R 62 53.16 2.86 -62.05
P Y5P R 63 48.93 7.72 -59.88
C5' Y5P R 63 50.14 9.77 -61.03
O5' Y5P R 63 49.52 9.21 -59.88
C4' Y5P R 63 51.54 10.22 -60.74
O4' Y5P R 63 52.41 9.06 -60.57
C3' Y5P R 63 52.24 11.02 -61.84
O3' Y5P R 63 51.86 12.39 -61.85
C2' Y5P R 63 53.71 10.79 -61.54
O2' Y5P R 63 54.15 11.58 -60.45
C1' Y5P R 63 53.69 9.32 -61.11
N1 Y5P R 63 53.93 8.34 -62.31
C2 Y5P R 63 55.10 8.44 -63.03
N3 Y5P R 63 55.23 7.53 -64.06
C4 Y5P R 63 54.32 6.58 -64.45
C6 Y5P R 63 52.96 7.42 -62.63
OP1 Y5P R 63 47.53 7.77 -59.41
OP2 Y5P R 63 49.24 7.12 -61.21
C5 Y5P R 63 53.12 6.56 -63.66
P Y5P R 64 51.45 13.12 -63.23
C5' Y5P R 64 53.93 13.94 -63.60
O5' Y5P R 64 52.82 13.17 -64.06
C4' Y5P R 64 55.14 13.78 -64.50
O4' Y5P R 64 55.51 12.37 -64.55
C3' Y5P R 64 54.96 14.17 -65.95
O3' Y5P R 64 55.06 15.57 -66.17
C2' Y5P R 64 56.04 13.36 -66.65
O2' Y5P R 64 57.32 13.98 -66.49
C1' Y5P R 64 56.02 12.06 -65.83
N1 Y5P R 64 55.10 10.96 -66.49
C2 Y5P R 64 55.61 10.21 -67.52
N3 Y5P R 64 54.74 9.27 -68.04
C4 Y5P R 64 53.44 9.04 -67.64
C6 Y5P R 64 53.83 10.81 -66.03
OP1 Y5P R 64 51.04 14.51 -62.91
OP2 Y5P R 64 50.51 12.22 -63.96
C5 Y5P R 64 53.00 9.89 -66.56
C5' Y5P S 1 47.57 13.25 -3.08
O5' Y5P S 1 47.66 14.10 -1.93
C4' Y5P S 1 46.14 12.88 -3.40
O4' Y5P S 1 45.25 13.92 -2.90
C3' Y5P S 1 45.82 12.73 -4.88
O3' Y5P S 1 44.74 11.79 -5.04
C2' Y5P S 1 45.32 14.14 -5.24
O2' Y5P S 1 44.49 14.20 -6.38
C1' Y5P S 1 44.56 14.51 -3.97
N1 Y5P S 1 44.49 15.96 -3.70
C2 Y5P S 1 43.78 16.80 -4.54
N3 Y5P S 1 43.80 18.13 -4.15
C4 Y5P S 1 44.42 18.67 -3.05
C6 Y5P S 1 45.13 16.44 -2.57
C5 Y5P S 1 45.12 17.74 -2.22
P Y5P S 2 45.04 10.32 -5.60
C5' Y5P S 2 44.89 11.25 -8.07
O5' Y5P S 2 45.64 10.58 -7.06
C4' Y5P S 2 45.63 11.23 -9.38
O4' Y5P S 2 46.80 10.37 -9.27
C3' Y5P S 2 44.87 10.65 -10.57
O3' Y5P S 2 43.98 11.59 -11.18
C2' Y5P S 2 45.99 10.17 -11.48
O2' Y5P S 2 46.58 11.27 -12.18
C1' Y5P S 2 47.01 9.65 -10.47
N1 Y5P S 2 46.85 8.19 -10.20
C2 Y5P S 2 47.28 7.28 -11.17
N3 Y5P S 2 47.10 5.95 -10.84
C4 Y5P S 2 46.57 5.44 -9.67
C6 Y5P S 2 46.31 7.73 -9.01
OP1 Y5P S 2 43.74 9.60 -5.76
OP2 Y5P S 2 46.11 9.71 -4.77
C5 Y5P S 2 46.15 6.43 -8.72
P Y5P S 3 42.48 11.15 -11.59
C5' Y5P S 3 43.33 10.00 -13.81
O5' Y5P S 3 42.69 9.87 -12.54
C4' Y5P S 3 43.61 8.65 -14.43
O4' Y5P S 3 44.43 7.85 -13.55
C3' Y5P S 3 42.40 7.77 -14.70
O3' Y5P S 3 41.70 8.14 -15.88
C2' Y5P S 3 42.99 6.37 -14.75
O2' Y5P S 3 43.60 6.11 -16.00
C1' Y5P S 3 44.10 6.47 -13.69
N1 Y5P S 3 43.71 5.92 -12.36
C2 Y5P S 3 43.69 4.54 -12.15
N3 Y5P S 3 43.33 4.14 -10.89
C4 Y5P S 3 42.98 4.93 -9.81
C6 Y5P S 3 43.37 6.77 -11.31
OP1 Y5P S 3 41.87 12.23 -12.40
OP2 Y5P S 3 41.79 10.68 -10.36
C5 Y5P S 3 43.02 6.35 -10.08
P Y5P S 4 40.37 9.06 -15.83
C5' Y5P S 4 38.64 7.19 -15.19
O5' Y5P S 4 39.20 8.04 -16.17
C4' Y5P S 4 39.06 5.76 -15.37
O4' Y5P S 4 40.14 5.43 -14.46
C3' Y5P S 4 38.00 4.71 -15.03
O3' Y5P S 4 36.99 4.55 -16.01
C2' Y5P S 4 38.84 3.49 -14.75
O2' Y5P S 4 39.36 2.96 -15.96
C1' Y5P S 4 39.99 4.12 -13.96
N1 Y5P S 4 39.67 4.19 -12.50
C2 Y5P S 4 39.68 3.02 -11.75
N3 Y5P S 4 39.39 3.16 -10.41
C4 Y5P S 4 39.07 4.33 -9.73
C6 Y5P S 4 39.36 5.38 -11.87
OP1 Y5P S 4 40.46 10.05 -16.93
OP2 Y5P S 4 40.16 9.57 -14.44
C5 Y5P S 4 39.06 5.51 -10.55
P Y5P S 5 35.46 4.70 -15.54
C5' Y5P S 5 34.88 5.34 -18.00
O5' Y5P S 5 34.64 4.51 -16.88
C4' Y5P S 5 34.57 4.61 -19.28
O4' Y5P S 5 35.65 3.70 -19.60
C3' Y5P S 5 33.34 3.71 -19.23
O3' Y5P S 5 32.11 4.40 -19.32
C2' Y5P S 5 33.63 2.76 -20.39
O2' Y5P S 5 33.41 3.39 -21.64
C1' Y5P S 5 35.13 2.54 -20.22
N1 Y5P S 5 35.42 1.38 -19.34
C2 Y5P S 5 35.03 0.09 -19.70
N3 Y5P S 5 35.34 -0.88 -18.80
C4 Y5P S 5 36.00 -0.68 -17.62
C6 Y5P S 5 36.10 1.63 -18.18
OP1 Y5P S 5 35.28 6.11 -15.07
OP2 Y5P S 5 35.14 3.58 -14.61
C5 Y5P S 5 36.39 0.66 -17.34
P Y5P S 6 30.85 3.92 -18.43
C5' Y5P S 6 30.07 2.75 -20.61
O5' Y5P S 6 30.31 2.66 -19.22
C4' Y5P S 6 30.11 1.41 -21.26
O4' Y5P S 6 31.34 0.72 -20.94
C3' Y5P S 6 29.02 0.44 -20.83
O3' Y5P S 6 27.82 0.71 -21.53
C2' Y5P S 6 29.64 -0.92 -21.16
O2' Y5P S 6 29.48 -1.22 -22.53
C1' Y5P S 6 31.12 -0.67 -20.88
N1 Y5P S 6 31.58 -1.17 -19.56
C2 Y5P S 6 31.55 -2.50 -19.22
N3 Y5P S 6 32.02 -2.80 -17.98
C4 Y5P S 6 32.52 -1.93 -17.05
C6 Y5P S 6 32.07 -0.27 -18.67
OP1 Y5P S 6 29.79 4.94 -18.54
OP2 Y5P S 6 31.32 3.55 -17.07
C5 Y5P S 6 32.53 -0.58 -17.46
P Y5P S 7 26.38 0.61 -20.80
C5' Y5P S 7 26.34 -1.84 -21.74
O5' Y5P S 7 26.17 -0.96 -20.64
C4' Y5P S 7 26.29 -3.30 -21.33
O4' Y5P S 7 27.43 -3.62 -20.49
C3' Y5P S 7 25.04 -3.71 -20.56
O3' Y5P S 7 24.51 -4.93 -21.08
C2' Y5P S 7 25.55 -3.93 -19.15
O2' Y5P S 7 24.84 -4.91 -18.42
C1' Y5P S 7 26.99 -4.35 -19.37
N1 Y5P S 7 27.87 -4.06 -18.22
C2 Y5P S 7 28.49 -5.13 -17.54
N3 Y5P S 7 29.28 -4.88 -16.47
C4 Y5P S 7 29.44 -3.61 -16.06
C6 Y5P S 7 28.02 -2.78 -17.79
OP1 Y5P S 7 25.39 1.10 -21.81
OP2 Y5P S 7 26.44 1.23 -19.45
C5 Y5P S 7 28.80 -2.51 -16.73
P Y5P S 8 22.90 -5.11 -21.14
C5' Y5P S 8 22.64 -4.38 -23.65
O5' Y5P S 8 22.59 -5.41 -22.68
C4' Y5P S 8 21.92 -4.75 -24.92
O4' Y5P S 8 22.41 -6.02 -25.43
C3' Y5P S 8 20.42 -4.96 -24.80
O3' Y5P S 8 19.69 -3.74 -24.76
C2' Y5P S 8 20.12 -5.84 -26.01
O2' Y5P S 8 20.06 -5.04 -27.20
C1' Y5P S 8 21.37 -6.71 -26.09
N1 Y5P S 8 21.21 -8.05 -25.47
C2 Y5P S 8 20.13 -8.89 -25.77
N3 Y5P S 8 20.12 -10.09 -25.12
C4 Y5P S 8 21.05 -10.56 -24.22
C6 Y5P S 8 22.16 -8.49 -24.59
OP1 Y5P S 8 22.28 -3.81 -20.79
OP2 Y5P S 8 22.56 -6.32 -20.33
C5 Y5P S 8 22.13 -9.67 -23.97
P Y5P S 9 18.44 -3.52 -23.75
C5' Y5P S 9 16.74 -4.04 -25.67
O5' Y5P S 9 17.24 -4.35 -24.39
C4' Y5P S 9 15.61 -4.94 -26.07
O4' Y5P S 9 16.11 -6.27 -26.40
C3' Y5P S 9 14.55 -5.20 -25.01
O3' Y5P S 9 13.64 -4.12 -24.87
C2' Y5P S 9 13.91 -6.50 -25.48
O2' Y5P S 9 12.95 -6.25 -26.49
C1' Y5P S 9 15.09 -7.23 -26.12
N1 Y5P S 9 15.65 -8.31 -25.26
C2 Y5P S 9 14.88 -9.44 -25.03
N3 Y5P S 9 15.47 -10.39 -24.23
C4 Y5P S 9 16.72 -10.34 -23.66
C6 Y5P S 9 16.91 -8.20 -24.72
OP1 Y5P S 9 18.07 -2.08 -23.82
OP2 Y5P S 9 18.76 -4.11 -22.43
C5 Y5P S 9 17.45 -9.15 -23.95
P Y5P S 10 12.95 -3.83 -23.45
C5' Y5P S 10 10.91 -5.31 -24.16
O5' Y5P S 10 11.97 -5.07 -23.23
C4' Y5P S 10 10.20 -6.61 -23.89
O4' Y5P S 10 11.01 -7.75 -24.29
C3' Y5P S 10 9.82 -6.92 -22.46
O3' Y5P S 10 8.72 -6.16 -22.01
C2' Y5P S 10 9.57 -8.43 -22.53
O2' Y5P S 10 8.29 -8.70 -23.09
C1' Y5P S 10 10.65 -8.87 -23.52
N1 Y5P S 10 11.84 -9.40 -22.83
C2 Y5P S 10 12.01 -10.78 -22.72
N3 Y5P S 10 13.09 -11.29 -22.11
C4 Y5P S 10 14.00 -10.47 -21.61
C6 Y5P S 10 12.78 -8.57 -22.32
OP1 Y5P S 10 12.09 -2.62 -23.60
OP2 Y5P S 10 14.01 -3.84 -22.42
C5 Y5P S 10 13.86 -9.06 -21.70
P Y5P S 11 8.80 -5.35 -20.62
C5' Y5P S 11 6.80 -7.00 -20.27
O5' Y5P S 11 7.78 -6.15 -19.69
C4' Y5P S 11 6.56 -8.24 -19.41
O4' Y5P S 11 7.32 -9.36 -19.93
C3' Y5P S 11 6.99 -8.15 -17.96
O3' Y5P S 11 6.12 -7.38 -17.14
C2' Y5P S 11 7.09 -9.63 -17.57
O2' Y5P S 11 5.80 -10.18 -17.34
C1' Y5P S 11 7.66 -10.24 -18.86
N1 Y5P S 11 9.14 -10.39 -18.78
C2 Y5P S 11 9.64 -11.67 -18.54
N3 Y5P S 11 11.02 -11.74 -18.47
C4 Y5P S 11 11.93 -10.70 -18.60
C6 Y5P S 11 10.01 -9.32 -18.91
OP1 Y5P S 11 8.26 -3.98 -20.84
OP2 Y5P S 11 10.16 -5.52 -20.03
C5 Y5P S 11 11.34 -9.43 -18.84
P Y5P S 12 6.71 -6.48 -15.95
C5' Y5P S 12 4.63 -7.18 -14.53
O5' Y5P S 12 6.04 -7.10 -14.65
C4' Y5P S 12 4.21 -8.26 -13.57
O4' Y5P S 12 5.36 -8.95 -13.06
C3' Y5P S 12 3.49 -7.77 -12.32
O3' Y5P S 12 2.12 -7.49 -12.57
C2' Y5P S 12 3.72 -8.91 -11.34
O2' Y5P S 12 2.82 -9.97 -11.58
C1' Y5P S 12 5.14 -9.36 -11.72
N1 Y5P S 12 6.19 -8.78 -10.86
C2 Y5P S 12 6.40 -9.36 -9.61
N3 Y5P S 12 7.41 -8.77 -8.87
C4 Y5P S 12 8.21 -7.70 -9.25
C6 Y5P S 12 6.96 -7.72 -11.29
OP1 Y5P S 12 6.18 -5.11 -16.11
OP2 Y5P S 12 8.19 -6.69 -15.87
C5 Y5P S 12 7.94 -7.18 -10.55
P Y5P S 13 1.14 -7.00 -11.39
C5' Y5P S 13 -0.81 -8.57 -10.63
O5' Y5P S 13 0.58 -8.35 -10.77
C4' Y5P S 13 -1.18 -8.87 -9.20
O4' Y5P S 13 -0.28 -9.89 -8.67
C3' Y5P S 13 -1.04 -7.72 -8.22
O3' Y5P S 13 -2.14 -6.82 -8.27
C2' Y5P S 13 -0.87 -8.42 -6.89
O2' Y5P S 13 -2.12 -8.89 -6.39
C1' Y5P S 13 -0.03 -9.65 -7.30
N1 Y5P S 13 1.43 -9.45 -7.09
C2 Y5P S 13 1.99 -9.94 -5.90
N3 Y5P S 13 3.35 -9.72 -5.77
C4 Y5P S 13 4.21 -9.07 -6.65
C6 Y5P S 13 2.23 -8.79 -8.00
OP1 Y5P S 13 0.00 -6.27 -12.01
OP2 Y5P S 13 1.97 -6.32 -10.35
C5 Y5P S 13 3.56 -8.59 -7.83
C5' Y5P T 1 28.81 -0.71 -83.44
O5' Y5P T 1 27.52 -0.46 -83.99
C4' Y5P T 1 29.90 -0.03 -84.25
O4' Y5P T 1 29.71 1.40 -84.23
C3' Y5P T 1 31.33 -0.23 -83.74
O3' Y5P T 1 31.90 -1.46 -84.15
C2' Y5P T 1 32.05 0.99 -84.32
O2' Y5P T 1 32.38 0.80 -85.69
C1' Y5P T 1 30.96 2.07 -84.23
N1 Y5P T 1 31.06 2.94 -82.93
C2 Y5P T 1 32.14 3.79 -82.76
N3 Y5P T 1 32.13 4.52 -81.58
C4 Y5P T 1 31.18 4.48 -80.60
C6 Y5P T 1 30.06 2.83 -82.00
C5 Y5P T 1 30.09 3.55 -80.86
P Y5P T 2 32.17 -2.64 -83.08
C5' Y5P T 2 34.74 -3.24 -83.19
O5' Y5P T 2 33.42 -3.42 -83.69
C4' Y5P T 2 35.57 -2.35 -84.09
O4' Y5P T 2 35.02 -1.01 -84.10
C3' Y5P T 2 37.03 -2.17 -83.68
O3' Y5P T 2 37.86 -3.24 -84.12
C2' Y5P T 2 37.38 -0.83 -84.32
O2' Y5P T 2 37.68 -0.97 -85.70
C1' Y5P T 2 36.07 -0.05 -84.18
N1 Y5P T 2 36.02 0.79 -82.96
C2 Y5P T 2 36.71 2.02 -82.94
N3 Y5P T 2 36.64 2.79 -81.83
C4 Y5P T 2 35.93 2.39 -80.77
C6 Y5P T 2 35.29 0.40 -81.87
OP1 Y5P T 2 31.02 -3.56 -83.09
OP2 Y5P T 2 32.61 -2.02 -81.80
C5 Y5P T 2 35.21 1.15 -80.76
P Y5P T 3 38.96 -3.87 -83.13
C5' Y5P T 3 41.21 -2.48 -83.02
O5' Y5P T 3 39.84 -2.61 -82.68
C4' Y5P T 3 42.00 -1.86 -81.91
O4' Y5P T 3 41.36 -0.63 -81.48
C3' Y5P T 3 42.11 -2.69 -80.63
O3' Y5P T 3 43.10 -3.70 -80.70
C2' Y5P T 3 42.35 -1.63 -79.56
O2' Y5P T 3 43.71 -1.20 -79.57
C1' Y5P T 3 41.49 -0.48 -80.07
N1 Y5P T 3 40.12 -0.48 -79.48
C2 Y5P T 3 39.94 0.08 -78.21
N3 Y5P T 3 38.69 0.08 -77.66
C4 Y5P T 3 37.65 -0.43 -78.31
C6 Y5P T 3 39.04 -1.00 -80.14
OP1 Y5P T 3 39.85 -4.75 -83.94
OP2 Y5P T 3 38.27 -4.42 -81.94
C5 Y5P T 3 37.80 -1.01 -79.61
P Y5P T 4 42.93 -5.08 -79.89
C5' Y5P T 4 43.58 -5.54 -77.38
O5' Y5P T 4 43.87 -4.90 -78.61
C4' Y5P T 4 43.86 -4.64 -76.20
O4' Y5P T 4 43.17 -3.37 -76.40
C3' Y5P T 4 43.36 -5.11 -74.85
O3' Y5P T 4 44.22 -6.07 -74.24
C2' Y5P T 4 43.24 -3.81 -74.06
O2' Y5P T 4 44.52 -3.35 -73.66
C1' Y5P T 4 42.72 -2.87 -75.15
N1 Y5P T 4 41.22 -2.84 -75.18
C2 Y5P T 4 40.51 -2.15 -74.17
N3 Y5P T 4 39.16 -2.14 -74.21
C4 Y5P T 4 38.50 -2.75 -75.20
C6 Y5P T 4 40.53 -3.46 -76.18
OP1 Y5P T 4 43.50 -6.18 -80.72
OP2 Y5P T 4 41.52 -5.19 -79.42
C5 Y5P T 4 39.19 -3.44 -76.24
P Y5P T 5 43.58 -7.32 -73.45
C5' Y5P T 5 43.47 -5.96 -71.20
O5' Y5P T 5 42.78 -6.66 -72.24
C4' Y5P T 5 42.52 -5.24 -70.26
O4' Y5P T 5 41.60 -4.41 -71.03
C3' Y5P T 5 41.61 -6.10 -69.41
O3' Y5P T 5 42.26 -6.63 -68.26
C2' Y5P T 5 40.46 -5.15 -69.07
O2' Y5P T 5 40.82 -4.28 -68.01
C1' Y5P T 5 40.36 -4.33 -70.35
N1 Y5P T 5 39.21 -4.84 -71.31
C2 Y5P T 5 37.90 -4.55 -70.99
N3 Y5P T 5 36.96 -5.03 -71.87
C4 Y5P T 5 37.19 -5.73 -73.04
C6 Y5P T 5 39.54 -5.53 -72.46
OP1 Y5P T 5 44.70 -8.14 -72.90
OP2 Y5P T 5 42.60 -7.97 -74.35
C5 Y5P T 5 38.59 -5.98 -73.30
P Y5P T 6 42.22 -8.21 -67.94
C5' Y5P T 6 41.12 -7.95 -65.56
O5' Y5P T 6 41.00 -8.37 -66.93
C4' Y5P T 6 39.77 -7.62 -64.97
O4' Y5P T 6 39.09 -6.65 -65.81
C3' Y5P T 6 38.77 -8.76 -64.86
O3' Y5P T 6 38.99 -9.59 -63.72
C2' Y5P T 6 37.43 -8.03 -64.84
O2' Y5P T 6 37.18 -7.48 -63.55
C1' Y5P T 6 37.70 -6.88 -65.81
N1 Y5P T 6 37.23 -7.21 -67.29
C2 Y5P T 6 35.92 -6.94 -67.65
N3 Y5P T 6 35.60 -7.25 -68.95
C4 Y5P T 6 36.43 -7.78 -69.90
C6 Y5P T 6 38.13 -7.74 -68.17
OP1 Y5P T 6 43.48 -8.56 -67.22
OP2 Y5P T 6 41.86 -8.93 -69.19
C5 Y5P T 6 37.77 -8.04 -69.44
P Y5P T 7 38.73 -11.18 -63.79
C5' Y5P T 7 36.47 -10.74 -62.54
O5' Y5P T 7 37.15 -11.34 -63.62
C4' Y5P T 7 34.99 -10.55 -62.83
O4' Y5P T 7 34.83 -10.01 -64.17
C3' Y5P T 7 34.14 -11.82 -62.78
O3' Y5P T 7 32.84 -11.51 -62.27
C2' Y5P T 7 34.03 -12.22 -64.25
O2' Y5P T 7 32.90 -13.00 -64.57
C1' Y5P T 7 33.99 -10.86 -64.93
N1 Y5P T 7 34.50 -10.87 -66.41
C2 Y5P T 7 33.60 -10.54 -67.41
N3 Y5P T 7 34.12 -10.56 -68.69
C4 Y5P T 7 35.41 -10.87 -69.05
C6 Y5P T 7 35.81 -11.19 -66.68
OP1 Y5P T 7 39.38 -11.80 -62.61
OP2 Y5P T 7 39.09 -11.66 -65.15
C5 Y5P T 7 36.27 -11.20 -67.94
P Y5P T 8 29.43 -11.84 -60.83
C5' Y5P T 8 30.10 -14.27 -61.55
O5' Y5P T 8 30.40 -13.10 -60.81
C4' Y5P T 8 30.78 -15.49 -61.00
O4' Y5P T 8 32.22 -15.27 -60.94
C3' Y5P T 8 30.41 -15.87 -59.57
O3' Y5P T 8 29.23 -16.66 -59.52
C2' Y5P T 8 31.65 -16.62 -59.06
O2' Y5P T 8 31.57 -18.00 -59.37
C1' Y5P T 8 32.78 -15.99 -59.87
N1 Y5P T 8 33.66 -15.08 -59.08
C2 Y5P T 8 34.67 -15.65 -58.31
N3 Y5P T 8 35.44 -14.75 -57.62
C4 Y5P T 8 35.32 -13.38 -57.62
C6 Y5P T 8 33.49 -13.71 -59.13
OP1 Y5P T 8 29.69 -11.04 -59.61
OP2 Y5P T 8 28.06 -12.32 -61.12
C5 Y5P T 8 34.26 -12.87 -58.44
P Y5P T 9 27.76 -15.98 -59.56
C5' Y5P T 9 26.75 -18.29 -58.77
O5' Y5P T 9 26.89 -16.88 -58.57
C4' Y5P T 9 25.96 -18.94 -57.65
O4' Y5P T 9 26.88 -19.61 -56.74
C3' Y5P T 9 25.13 -17.99 -56.80
O3' Y5P T 9 23.89 -18.61 -56.43
C2' Y5P T 9 26.00 -17.77 -55.55
O2' Y5P T 9 25.29 -17.42 -54.39
C1' Y5P T 9 26.68 -19.13 -55.41
N1 Y5P T 9 28.09 -19.08 -54.70
C2 Y5P T 9 28.20 -19.42 -53.36
N3 Y5P T 9 29.48 -19.35 -52.84
C4 Y5P T 9 30.63 -19.00 -53.51
C6 Y5P T 9 29.18 -18.72 -55.44
OP1 Y5P T 9 27.20 -16.13 -60.92
OP2 Y5P T 9 27.87 -14.62 -58.98
C5 Y5P T 9 30.41 -18.66 -54.90
P Y5P T 10 22.52 -18.25 -57.21
C5' Y5P T 10 20.55 -16.60 -56.62
O5' Y5P T 10 21.82 -17.15 -56.29
C4' Y5P T 10 20.10 -15.56 -55.63
O4' Y5P T 10 19.91 -16.18 -54.32
C3' Y5P T 10 21.08 -14.42 -55.36
O3' Y5P T 10 21.02 -13.39 -56.35
C2' Y5P T 10 20.69 -13.96 -53.96
O2' Y5P T 10 19.52 -13.15 -54.00
C1' Y5P T 10 20.33 -15.29 -53.30
N1 Y5P T 10 21.55 -15.95 -52.57
C2 Y5P T 10 22.21 -15.27 -51.56
N3 Y5P T 10 23.27 -15.96 -50.99
C4 Y5P T 10 23.71 -17.22 -51.32
C6 Y5P T 10 21.92 -17.22 -52.96
OP1 Y5P T 10 21.65 -19.45 -57.19
OP2 Y5P T 10 22.87 -17.61 -58.51
C5 Y5P T 10 22.95 -17.85 -52.37
P Y5P T 11 22.29 -13.03 -57.27
C5' Y5P T 11 22.35 -10.60 -56.29
O5' Y5P T 11 23.01 -11.83 -56.49
C4' Y5P T 11 22.96 -9.83 -55.14
O4' Y5P T 11 22.75 -10.57 -53.90
C3' Y5P T 11 24.47 -9.64 -55.19
O3' Y5P T 11 24.90 -8.62 -56.06
C2' Y5P T 11 24.81 -9.41 -53.72
O2' Y5P T 11 24.43 -8.10 -53.32
C1' Y5P T 11 23.88 -10.41 -53.04
N1 Y5P T 11 24.53 -11.74 -52.86
C2 Y5P T 11 25.29 -11.96 -51.70
N3 Y5P T 11 25.91 -13.14 -51.52
C4 Y5P T 11 25.81 -14.11 -52.44
C6 Y5P T 11 24.45 -12.73 -53.80
OP1 Y5P T 11 21.78 -12.48 -58.55
OP2 Y5P T 11 23.23 -14.18 -57.29
C5 Y5P T 11 25.07 -13.91 -53.64
P Y5P T 12 26.24 -8.82 -56.92
C5' Y5P T 12 27.45 -7.14 -55.30
O5' Y5P T 12 27.41 -8.44 -55.89
C4' Y5P T 12 28.40 -7.10 -54.13
O4' Y5P T 12 27.99 -8.05 -53.11
C3' Y5P T 12 29.85 -7.45 -54.42
O3' Y5P T 12 30.57 -6.37 -54.98
C2' Y5P T 12 30.38 -7.89 -53.05
O2' Y5P T 12 30.72 -6.76 -52.26
C1' Y5P T 12 29.13 -8.54 -52.43
N1 Y5P T 12 29.14 -10.02 -52.52
C2 Y5P T 12 30.01 -10.73 -51.71
N3 Y5P T 12 29.96 -12.10 -51.84
C4 Y5P T 12 29.13 -12.81 -52.69
C6 Y5P T 12 28.30 -10.68 -53.38
OP1 Y5P T 12 26.25 -7.80 -58.01
OP2 Y5P T 12 26.39 -10.26 -57.25
C5 Y5P T 12 28.26 -12.02 -53.49
P Y5P T 13 31.99 -6.62 -55.68
C5' Y5P T 13 34.33 -7.28 -54.69
O5' Y5P T 13 32.99 -6.89 -54.46
C4' Y5P T 13 34.82 -8.22 -53.63
O4' Y5P T 13 33.72 -9.02 -53.12
C3' Y5P T 13 35.85 -9.24 -54.07
O3' Y5P T 13 37.17 -8.71 -54.13
C2' Y5P T 13 35.68 -10.37 -53.08
O2' Y5P T 13 36.33 -10.09 -51.85
C1' Y5P T 13 34.17 -10.34 -52.85
N1 Y5P T 13 33.44 -11.27 -53.74
C2 Y5P T 13 33.48 -12.64 -53.50
N3 Y5P T 13 32.81 -13.48 -54.32
C4 Y5P T 13 32.11 -13.00 -55.35
C6 Y5P T 13 32.71 -10.78 -54.80
OP1 Y5P T 13 32.42 -5.34 -56.31
OP2 Y5P T 13 31.90 -7.85 -56.50
C5 Y5P T 13 32.04 -11.60 -55.63
P Y5P T 14 38.26 -9.31 -55.14
C5' Y5P T 14 40.26 -10.95 -54.70
O5' Y5P T 14 39.24 -10.12 -54.18
C4' Y5P T 14 40.54 -12.12 -53.79
O4' Y5P T 14 39.34 -12.93 -53.67
C3' Y5P T 14 41.61 -13.10 -54.27
O3' Y5P T 14 42.91 -12.66 -53.95
C2' Y5P T 14 41.22 -14.40 -53.56
O2' Y5P T 14 41.70 -14.42 -52.22
C1' Y5P T 14 39.69 -14.30 -53.53
N1 Y5P T 14 38.99 -15.13 -54.67
C2 Y5P T 14 38.93 -16.51 -54.57
N3 Y5P T 14 38.29 -17.16 -55.60
C4 Y5P T 14 37.70 -16.58 -56.70
C6 Y5P T 14 38.43 -14.46 -55.74
OP1 Y5P T 14 39.02 -8.16 -55.72
OP2 Y5P T 14 37.59 -10.27 -56.04
C5 Y5P T 14 37.81 -15.14 -56.74
P Y5P T 15 44.16 -12.97 -54.92
C5' Y5P T 15 45.66 -15.10 -55.21
O5' Y5P T 15 44.53 -14.49 -54.60
C4' Y5P T 15 45.55 -16.61 -55.26
O4' Y5P T 15 44.19 -17.01 -54.99
C3' Y5P T 15 45.88 -17.25 -56.60
O3' Y5P T 15 47.26 -17.44 -56.81
C2' Y5P T 15 45.06 -18.53 -56.58
O2' Y5P T 15 45.74 -19.55 -55.83
C1' Y5P T 15 43.81 -18.10 -55.80
N1 Y5P T 15 42.65 -17.63 -56.75
C2 Y5P T 15 42.20 -18.42 -57.78
N3 Y5P T 15 41.18 -17.88 -58.54
C4 Y5P T 15 40.58 -16.65 -58.36
C6 Y5P T 15 42.13 -16.39 -56.50
OP1 Y5P T 15 45.30 -12.11 -54.51
OP2 Y5P T 15 43.66 -12.90 -56.32
C5 Y5P T 15 41.13 -15.89 -57.26
P Y5P T 16 37.24 -29.35 -56.41
C5' Y5P T 16 36.78 -26.77 -56.54
O5' Y5P T 16 37.27 -27.88 -55.79
C4' Y5P T 16 37.05 -25.45 -55.86
O4' Y5P T 16 36.83 -24.38 -56.83
C3' Y5P T 16 36.15 -25.09 -54.69
O3' Y5P T 16 36.59 -25.65 -53.45
C2' Y5P T 16 36.15 -23.56 -54.72
O2' Y5P T 16 37.33 -23.04 -54.11
C1' Y5P T 16 36.21 -23.27 -56.21
N1 Y5P T 16 34.77 -23.09 -56.87
C2 Y5P T 16 34.17 -21.85 -56.86
N3 Y5P T 16 32.94 -21.78 -57.48
C4 Y5P T 16 32.26 -22.82 -58.07
C6 Y5P T 16 34.18 -24.19 -57.44
OP1 Y5P T 16 36.28 -30.17 -55.62
OP2 Y5P T 16 37.06 -29.24 -57.88
C5 Y5P T 16 32.96 -24.08 -58.02
P Y5P T 17 35.78 -25.37 -52.08
C5' Y5P T 17 35.87 -23.32 -50.40
O5' Y5P T 17 36.43 -24.01 -51.52
C4' Y5P T 17 36.57 -22.01 -50.14
O4' Y5P T 17 36.71 -21.26 -51.37
C3' Y5P T 17 35.85 -21.04 -49.19
O3' Y5P T 17 36.07 -21.35 -47.82
C2' Y5P T 17 36.40 -19.68 -49.62
O2' Y5P T 17 37.67 -19.44 -49.03
C1' Y5P T 17 36.59 -19.87 -51.12
N1 Y5P T 17 35.37 -19.33 -51.95
C2 Y5P T 17 35.31 -17.99 -52.27
N3 Y5P T 17 34.21 -17.61 -53.01
C4 Y5P T 17 33.18 -18.42 -53.44
C6 Y5P T 17 34.39 -20.22 -52.35
OP1 Y5P T 17 36.10 -26.47 -51.13
OP2 Y5P T 17 34.36 -25.11 -52.42
C5 Y5P T 17 33.33 -19.81 -53.05
P Y5P T 18 34.83 -21.76 -46.88
C5' Y5P T 18 33.89 -20.03 -45.14
O5' Y5P T 18 34.97 -20.82 -45.61
C4' Y5P T 18 34.29 -18.59 -44.94
O4' Y5P T 18 34.82 -18.06 -46.18
C3' Y5P T 18 33.17 -17.62 -44.57
O3' Y5P T 18 32.83 -17.64 -43.20
C2' Y5P T 18 33.74 -16.29 -45.04
O2' Y5P T 18 34.67 -15.78 -44.10
C1' Y5P T 18 34.49 -16.69 -46.31
N1 Y5P T 18 33.64 -16.50 -47.62
C2 Y5P T 18 33.43 -15.21 -48.08
N3 Y5P T 18 32.68 -15.11 -49.24
C4 Y5P T 18 32.13 -16.15 -49.95
C6 Y5P T 18 33.12 -17.60 -48.27
OP1 Y5P T 18 35.04 -23.18 -46.46
OP2 Y5P T 18 33.58 -21.39 -47.59
C5 Y5P T 18 32.39 -17.45 -49.39
P Y5P T 19 31.30 -17.45 -42.74
C5' Y5P T 19 31.51 -14.82 -42.55
O5' Y5P T 19 30.94 -15.96 -43.19
C4' Y5P T 19 31.17 -13.54 -43.27
O4' Y5P T 19 31.65 -13.62 -44.63
C3' Y5P T 19 29.68 -13.23 -43.40
O3' Y5P T 19 29.19 -12.56 -42.26
C2' Y5P T 19 29.63 -12.37 -44.66
O2' Y5P T 19 29.95 -11.02 -44.37
C1' Y5P T 19 30.76 -12.96 -45.50
N1 Y5P T 19 30.26 -14.00 -46.56
C2 Y5P T 19 29.47 -13.59 -47.61
N3 Y5P T 19 29.10 -14.60 -48.50
C4 Y5P T 19 29.44 -15.93 -48.42
C6 Y5P T 19 30.64 -15.31 -46.39
OP1 Y5P T 19 31.24 -17.49 -41.25
OP2 Y5P T 19 30.46 -18.39 -43.52
C5 Y5P T 19 30.26 -16.26 -47.28
P Y5P T 20 28.12 -13.28 -41.30
C5' Y5P T 20 26.30 -11.53 -42.01
O5' Y5P T 20 26.71 -12.89 -41.92
C4' Y5P T 20 25.53 -11.27 -43.28
O4' Y5P T 20 26.33 -11.66 -44.44
C3' Y5P T 20 24.24 -12.05 -43.45
O3' Y5P T 20 23.15 -11.50 -42.73
C2' Y5P T 20 24.04 -12.03 -44.97
O2' Y5P T 20 23.53 -10.77 -45.39
C1' Y5P T 20 25.48 -12.15 -45.46
N1 Y5P T 20 25.86 -13.55 -45.76
C2 Y5P T 20 25.53 -14.06 -47.02
N3 Y5P T 20 25.85 -15.34 -47.33
C4 Y5P T 20 26.49 -16.11 -46.44
C6 Y5P T 20 26.50 -14.36 -44.86
OP1 Y5P T 20 28.23 -12.64 -39.96
OP2 Y5P T 20 28.29 -14.75 -41.43
C5 Y5P T 20 26.83 -15.62 -45.15
P Y5P T 21 22.21 -12.46 -41.83
C5' Y5P T 21 20.20 -12.32 -43.50
O5' Y5P T 21 21.21 -13.12 -42.88
C4' Y5P T 21 19.73 -12.93 -44.80
O4' Y5P T 21 20.84 -13.11 -45.71
C3' Y5P T 21 19.10 -14.32 -44.72
O3' Y5P T 21 17.76 -14.30 -44.25
C2' Y5P T 21 19.24 -14.82 -46.15
O2' Y5P T 21 18.25 -14.24 -46.99
C1' Y5P T 21 20.60 -14.24 -46.53
N1 Y5P T 21 21.77 -15.30 -46.35
C2 Y5P T 21 21.72 -16.46 -47.08
N3 Y5P T 21 22.78 -17.33 -46.86
C4 Y5P T 21 23.83 -17.14 -46.01
C6 Y5P T 21 22.79 -15.02 -45.47
OP1 Y5P T 21 21.42 -11.60 -40.91
OP2 Y5P T 21 23.06 -13.54 -41.27
C5 Y5P T 21 23.80 -15.90 -45.28
P Y5P T 22 17.22 -15.43 -43.23
C5' Y5P T 22 16.91 -17.20 -45.17
O5' Y5P T 22 17.56 -16.81 -43.97
C4' Y5P T 22 17.39 -18.56 -45.62
O4' Y5P T 22 18.76 -18.45 -46.10
C3' Y5P T 22 17.45 -19.62 -44.52
O3' Y5P T 22 16.21 -20.27 -44.31
C2' Y5P T 22 18.58 -20.53 -44.99
O2' Y5P T 22 18.14 -21.43 -46.00
C1' Y5P T 22 19.54 -19.52 -45.62
N1 Y5P T 22 20.55 -18.91 -44.58
C2 Y5P T 22 21.74 -19.51 -44.19
N3 Y5P T 22 22.48 -18.79 -43.27
C4 Y5P T 22 22.16 -17.58 -42.72
C6 Y5P T 22 20.16 -17.69 -44.08
OP1 Y5P T 22 15.75 -15.32 -43.15
OP2 Y5P T 22 18.04 -15.37 -41.99
C5 Y5P T 22 20.91 -17.03 -43.18
P Y5P T 23 15.11 -19.65 -43.31
C5' Y5P T 23 13.98 -21.96 -42.88
O5' Y5P T 23 14.72 -20.87 -42.37
C4' Y5P T 23 14.82 -23.21 -42.97
O4' Y5P T 23 16.12 -22.91 -43.55
C3' Y5P T 23 15.17 -23.88 -41.65
O3' Y5P T 23 14.12 -24.62 -41.10
C2' Y5P T 23 16.39 -24.71 -42.04
O2' Y5P T 23 16.00 -25.87 -42.77
C1' Y5P T 23 17.10 -23.76 -42.99
N1 Y5P T 23 18.17 -22.87 -42.23
C2 Y5P T 23 19.46 -23.35 -42.06
N3 Y5P T 23 20.31 -22.50 -41.38
C4 Y5P T 23 20.00 -21.27 -40.85
C6 Y5P T 23 17.77 -21.64 -41.75
OP1 Y5P T 23 13.91 -19.30 -44.11
OP2 Y5P T 23 15.77 -18.61 -42.47
C5 Y5P T 23 18.64 -20.86 -41.07
P Y5P T 24 13.89 -24.63 -39.50
C5' Y5P T 24 15.11 -26.96 -39.49
O5' Y5P T 24 15.01 -25.64 -38.97
C4' Y5P T 24 16.38 -27.64 -39.04
O4' Y5P T 24 17.53 -27.03 -39.67
C3' Y5P T 24 16.69 -27.55 -37.56
O3' Y5P T 24 15.93 -28.45 -36.75
C2' Y5P T 24 18.19 -27.80 -37.52
O2' Y5P T 24 18.47 -29.19 -37.71
C1' Y5P T 24 18.63 -27.06 -38.78
N1 Y5P T 24 19.09 -25.57 -38.48
C2 Y5P T 24 20.41 -25.31 -38.17
N3 Y5P T 24 20.71 -23.99 -37.93
C4 Y5P T 24 19.83 -22.93 -37.98
C6 Y5P T 24 18.15 -24.57 -38.56
OP1 Y5P T 24 12.56 -25.22 -39.21
OP2 Y5P T 24 14.23 -23.27 -39.00
C5 Y5P T 24 18.48 -23.29 -38.32
P Y5P T 25 15.37 -27.97 -35.32
C5' Y5P T 25 17.07 -27.70 -33.35
O5' Y5P T 25 16.61 -27.27 -34.63
C4' Y5P T 25 18.48 -28.25 -33.44
O4' Y5P T 25 19.16 -27.68 -34.57
C3' Y5P T 25 19.38 -27.96 -32.26
O3' Y5P T 25 19.20 -28.87 -31.18
C2' Y5P T 25 20.77 -28.00 -32.86
O2' Y5P T 25 21.21 -29.34 -33.02
C1' Y5P T 25 20.50 -27.41 -34.25
N1 Y5P T 25 20.69 -25.85 -34.30
C2 Y5P T 25 21.88 -25.26 -33.96
N3 Y5P T 25 21.91 -23.88 -34.05
C4 Y5P T 25 20.86 -23.06 -34.44
C6 Y5P T 25 19.59 -25.12 -34.69
OP1 Y5P T 25 15.02 -29.19 -34.54
OP2 Y5P T 25 14.32 -26.93 -35.55
C5 Y5P T 25 19.64 -23.77 -34.75
P Y5P T 26 18.84 -28.33 -29.72
C5' Y5P T 26 21.36 -28.60 -29.03
O5' Y5P T 26 20.22 -27.75 -29.16
C4' Y5P T 26 22.63 -27.81 -28.75
O4' Y5P T 26 23.03 -27.08 -29.95
C3' Y5P T 26 22.53 -26.74 -27.67
O3' Y5P T 26 22.62 -27.25 -26.35
C2' Y5P T 26 23.66 -25.79 -28.05
O2' Y5P T 26 24.93 -26.31 -27.65
C1' Y5P T 26 23.59 -25.83 -29.58
N1 Y5P T 26 22.66 -24.68 -30.16
C2 Y5P T 26 23.14 -23.40 -30.22
N3 Y5P T 26 22.25 -22.47 -30.73
C4 Y5P T 26 20.97 -22.71 -31.17
C6 Y5P T 26 21.40 -25.02 -30.57
OP1 Y5P T 26 18.45 -29.50 -28.89
OP2 Y5P T 26 17.88 -27.20 -29.85
C5 Y5P T 26 20.56 -24.09 -31.06
P Y5P T 27 21.54 -26.83 -25.22
C5' Y5P T 27 23.09 -24.80 -24.63
O5' Y5P T 27 21.80 -25.28 -25.00
C4' Y5P T 27 23.13 -23.29 -24.71
O4' Y5P T 27 23.07 -22.86 -26.10
C3' Y5P T 27 21.97 -22.57 -24.05
O3' Y5P T 27 22.15 -22.44 -22.64
C2' Y5P T 27 21.94 -21.23 -24.78
O2' Y5P T 27 22.93 -20.34 -24.27
C1' Y5P T 27 22.36 -21.66 -26.20
N1 Y5P T 27 21.21 -21.84 -27.11
C2 Y5P T 27 20.66 -20.74 -27.75
N3 Y5P T 27 19.61 -21.00 -28.58
C4 Y5P T 27 19.05 -22.23 -28.86
C6 Y5P T 27 20.69 -23.10 -27.35
OP1 Y5P T 27 21.93 -27.54 -23.95
OP2 Y5P T 27 20.17 -26.99 -25.76
C5 Y5P T 27 19.66 -23.33 -28.18
P Y5P T 28 21.10 -23.11 -21.63
C5' Y5P T 28 20.14 -20.74 -21.10
O5' Y5P T 28 19.90 -22.06 -21.56
C4' Y5P T 28 19.20 -19.73 -21.73
O4' Y5P T 28 19.31 -19.74 -23.18
C3' Y5P T 28 17.71 -19.92 -21.48
O3' Y5P T 28 17.30 -19.53 -20.18
C2' Y5P T 28 17.11 -19.05 -22.59
O2' Y5P T 28 17.21 -17.67 -22.25
C1' Y5P T 28 18.08 -19.32 -23.74
N1 Y5P T 28 17.58 -20.38 -24.64
C2 Y5P T 28 16.52 -20.04 -25.47
N3 Y5P T 28 16.05 -21.02 -26.31
C4 Y5P T 28 16.52 -22.31 -26.40
C6 Y5P T 28 18.09 -21.65 -24.68
OP1 Y5P T 28 21.73 -23.17 -20.28
OP2 Y5P T 28 20.59 -24.37 -22.25
C5 Y5P T 28 17.61 -22.59 -25.52
N1 P5P T 29 12.79 -13.99 -20.59
C2 P5P T 29 11.67 -14.80 -20.68
N3 P5P T 29 11.69 -16.08 -20.36
C4 P5P T 29 12.91 -16.47 -19.93
C5 P5P T 29 14.08 -15.75 -19.80
C6 P5P T 29 14.06 -14.38 -20.15
N7 P5P T 29 15.12 -16.53 -19.34
C8 P5P T 29 14.56 -17.71 -19.19
N9 P5P T 29 13.22 -17.73 -19.53
C1' P5P T 29 12.29 -18.88 -19.52
C2' P5P T 29 11.95 -19.32 -20.93
O2' P5P T 29 10.65 -19.90 -20.93
C3' P5P T 29 13.01 -20.38 -21.18
O3' P5P T 29 12.65 -21.32 -22.17
C4' P5P T 29 13.19 -21.03 -19.81
O4' P5P T 29 12.92 -19.96 -18.86
C5' P5P T 29 14.55 -21.58 -19.54
O5' P5P T 29 15.37 -20.60 -18.93
P P5P T 29 16.96 -20.63 -19.05
OP1 P5P T 29 17.52 -20.13 -17.77
OP2 P5P T 29 17.36 -21.97 -19.57
N1 P5P T 30 14.51 -13.06 -23.98
C2 P5P T 30 13.36 -13.15 -24.68
N3 P5P T 30 12.60 -14.22 -24.95
C4 P5P T 30 13.12 -15.33 -24.40
C5 P5P T 30 14.29 -15.40 -23.66
C6 P5P T 30 15.02 -14.20 -23.44
N7 P5P T 30 14.54 -16.70 -23.25
C8 P5P T 30 13.54 -17.38 -23.74
N9 P5P T 30 12.63 -16.63 -24.45
C1' P5P T 30 11.43 -17.16 -25.11
C2' P5P T 30 11.62 -17.33 -26.61
O2' P5P T 30 10.33 -17.22 -27.23
C3' P5P T 30 12.12 -18.76 -26.69
O3' P5P T 30 11.99 -19.35 -27.97
C4' P5P T 30 11.28 -19.44 -25.62
O4' P5P T 30 11.16 -18.44 -24.57
C5' P5P T 30 11.81 -20.73 -25.07
O5' P5P T 30 13.12 -20.59 -24.52
P P5P T 30 13.64 -21.60 -23.40
OP1 P5P T 30 13.36 -22.97 -23.89
OP2 P5P T 30 15.01 -21.24 -22.99
N1 P5P T 31 18.10 -12.42 -25.56
C2 P5P T 31 17.27 -11.80 -26.42
N3 P5P T 31 16.31 -12.33 -27.19
C4 P5P T 31 16.23 -13.68 -27.03
C5 P5P T 31 17.02 -14.44 -26.19
C6 P5P T 31 18.00 -13.76 -25.43
N7 P5P T 31 16.66 -15.78 -26.29
C8 P5P T 31 15.69 -15.79 -27.17
N9 P5P T 31 15.37 -14.55 -27.66
C1' P5P T 31 14.35 -14.20 -28.66
C2' P5P T 31 14.95 -14.07 -30.05
O2' P5P T 31 14.17 -13.14 -30.78
C3' P5P T 31 14.73 -15.48 -30.58
O3' P5P T 31 14.81 -15.57 -32.00
C4' P5P T 31 13.35 -15.79 -30.04
O4' P5P T 31 13.37 -15.23 -28.71
C5' P5P T 31 12.89 -17.25 -30.03
O5' P5P T 31 13.75 -18.08 -29.27
P P5P T 31 13.28 -19.57 -28.91
OP1 P5P T 31 12.80 -20.20 -30.17
OP2 P5P T 31 14.35 -20.24 -28.13
P Y5P T 32 16.24 -15.46 -32.73
C5' Y5P T 32 17.70 -13.37 -33.25
O5' Y5P T 32 16.45 -13.88 -32.86
C4' Y5P T 32 18.06 -12.11 -32.49
O4' Y5P T 32 17.68 -12.22 -31.09
C3' Y5P T 32 19.54 -11.79 -32.44
O3' Y5P T 32 20.04 -11.27 -33.65
C2' Y5P T 32 19.61 -10.85 -31.24
O2' Y5P T 32 19.09 -9.56 -31.58
C1' Y5P T 32 18.60 -11.51 -30.29
N1 Y5P T 32 19.28 -12.53 -29.25
C2 Y5P T 32 20.29 -12.12 -28.41
N3 Y5P T 32 20.79 -13.09 -27.57
C4 Y5P T 32 20.38 -14.40 -27.49
C6 Y5P T 32 18.80 -13.82 -29.25
OP1 Y5P T 32 16.07 -15.98 -34.12
OP2 Y5P T 32 17.31 -16.03 -31.87
C5 Y5P T 32 19.32 -14.74 -28.41
P Y5P T 33 21.09 -12.13 -34.54
C5' Y5P T 33 22.89 -10.64 -33.37
O5' Y5P T 33 22.46 -11.94 -33.75
C4' Y5P T 33 23.85 -10.70 -32.20
O4' Y5P T 33 23.14 -11.02 -30.97
C3' Y5P T 33 24.92 -11.77 -32.28
O3' Y5P T 33 25.98 -11.49 -33.18
C2' Y5P T 33 25.32 -11.92 -30.82
O2' Y5P T 33 26.06 -10.78 -30.39
C1' Y5P T 33 23.95 -11.85 -30.16
N1 Y5P T 33 23.27 -13.30 -30.12
C2 Y5P T 33 23.74 -14.22 -29.20
N3 Y5P T 33 23.10 -15.45 -29.24
C4 Y5P T 33 22.08 -15.83 -30.07
C6 Y5P T 33 22.26 -13.58 -30.99
OP1 Y5P T 33 21.24 -11.45 -35.86
OP2 Y5P T 33 20.70 -13.56 -34.49
C5 Y5P T 33 21.66 -14.79 -31.00
P Y5P T 34 26.32 -12.50 -34.37
C5' Y5P T 34 28.14 -13.42 -32.73
O5' Y5P T 34 27.10 -13.70 -33.66
C4' Y5P T 34 28.33 -14.55 -31.75
O4' Y5P T 34 27.07 -14.86 -31.09
C3' Y5P T 34 28.77 -15.87 -32.32
O3' Y5P T 34 30.16 -15.90 -32.62
C2' Y5P T 34 28.35 -16.87 -31.24
O2' Y5P T 34 29.26 -16.86 -30.16
C1' Y5P T 34 27.03 -16.24 -30.76
N1 Y5P T 34 25.83 -16.86 -31.36
C2 Y5P T 34 25.43 -18.12 -30.92
N3 Y5P T 34 24.31 -18.61 -31.54
C4 Y5P T 34 23.57 -17.99 -32.53
C6 Y5P T 34 25.12 -16.20 -32.34
OP1 Y5P T 34 27.26 -11.84 -35.32
OP2 Y5P T 34 25.04 -13.07 -34.89
C5 Y5P T 34 24.03 -16.70 -32.93
P Y5P T 35 30.69 -16.37 -34.06
C5' Y5P T 35 31.50 -18.40 -32.62
O5' Y5P T 35 31.00 -17.91 -33.86
C4' Y5P T 35 31.14 -19.84 -32.42
O4' Y5P T 35 29.79 -19.96 -31.91
C3' Y5P T 35 31.14 -20.69 -33.67
O3' Y5P T 35 32.44 -21.08 -34.06
C2' Y5P T 35 30.22 -21.85 -33.28
O2' Y5P T 35 30.92 -22.80 -32.49
C1' Y5P T 35 29.20 -21.15 -32.39
N1 Y5P T 35 27.96 -20.80 -33.13
C2 Y5P T 35 26.93 -21.74 -33.16
N3 Y5P T 35 25.78 -21.45 -33.82
C4 Y5P T 35 25.65 -20.28 -34.44
C6 Y5P T 35 27.81 -19.60 -33.76
OP1 Y5P T 35 31.99 -15.68 -34.31
OP2 Y5P T 35 29.59 -16.24 -35.05
C5 Y5P T 35 26.69 -19.31 -34.42
P Y5P T 36 32.65 -21.92 -35.40
C5' Y5P T 36 32.34 -24.48 -35.89
O5' Y5P T 36 32.37 -23.42 -34.94
C4' Y5P T 36 31.36 -25.56 -35.53
O4' Y5P T 36 30.20 -25.01 -34.85
C3' Y5P T 36 30.77 -26.32 -36.70
O3' Y5P T 36 31.65 -27.32 -37.22
C2' Y5P T 36 29.47 -26.88 -36.13
O2' Y5P T 36 29.71 -28.06 -35.37
C1' Y5P T 36 29.05 -25.76 -35.17
N1 Y5P T 36 28.03 -24.85 -35.76
C2 Y5P T 36 26.72 -25.32 -35.96
N3 Y5P T 36 25.79 -24.48 -36.49
C4 Y5P T 36 26.12 -23.23 -36.79
C6 Y5P T 36 28.35 -23.56 -36.07
OP1 Y5P T 36 34.08 -21.81 -35.79
OP2 Y5P T 36 31.59 -21.51 -36.36
C5 Y5P T 36 27.44 -22.72 -36.59
P Y5P T 37 32.42 -27.09 -38.62
C5' Y5P T 37 30.22 -27.03 -40.03
O5' Y5P T 37 31.42 -27.70 -39.70
C4' Y5P T 37 29.03 -27.94 -39.91
O4' Y5P T 37 28.05 -27.33 -39.01
C3' Y5P T 37 28.26 -28.20 -41.20
O3' Y5P T 37 28.86 -29.20 -42.00
C2' Y5P T 37 26.86 -28.54 -40.68
O2' Y5P T 37 26.82 -29.86 -40.17
C1' Y5P T 37 26.74 -27.56 -39.50
N1 Y5P T 37 26.17 -26.25 -39.89
C2 Y5P T 37 24.84 -26.11 -40.35
N3 Y5P T 37 24.38 -24.88 -40.67
C4 Y5P T 37 25.15 -23.80 -40.54
C6 Y5P T 37 26.94 -25.13 -39.76
OP1 Y5P T 37 33.65 -27.92 -38.62
OP2 Y5P T 37 32.52 -25.64 -38.89
C5 Y5P T 37 26.50 -23.91 -40.07
P Y5P T 38 28.20 -29.71 -43.40
C5' Y5P T 38 26.91 -27.51 -44.17
O5' Y5P T 38 28.01 -28.40 -44.31
C4' Y5P T 38 25.57 -28.17 -44.41
O4' Y5P T 38 24.53 -27.39 -43.78
C3' Y5P T 38 25.12 -28.30 -45.86
O3' Y5P T 38 25.71 -29.40 -46.55
C2' Y5P T 38 23.61 -28.43 -45.72
O2' Y5P T 38 23.25 -29.73 -45.29
C1' Y5P T 38 23.34 -27.46 -44.56
N1 Y5P T 38 23.01 -26.09 -45.04
C2 Y5P T 38 21.68 -25.78 -45.31
N3 Y5P T 38 21.36 -24.52 -45.76
C4 Y5P T 38 22.31 -23.62 -45.92
C6 Y5P T 38 23.98 -25.14 -45.21
OP1 Y5P T 38 26.93 -30.43 -43.10
OP2 Y5P T 38 29.28 -30.48 -44.06
C5 Y5P T 38 23.68 -23.92 -45.65
P Y5P T 39 26.30 -29.21 -48.04
C5' Y5P T 39 23.99 -29.23 -49.33
O5' Y5P T 39 25.12 -28.51 -48.86
C4' Y5P T 39 22.85 -28.32 -49.74
O4' Y5P T 39 22.64 -27.31 -48.72
C3' Y5P T 39 23.06 -27.51 -51.03
O3' Y5P T 39 22.77 -28.25 -52.20
C2' Y5P T 39 22.15 -26.30 -50.81
O2' Y5P T 39 20.79 -26.64 -51.07
C1' Y5P T 39 22.32 -26.07 -49.32
N1 Y5P T 39 23.47 -25.04 -49.00
C2 Y5P T 39 23.30 -23.71 -49.29
N3 Y5P T 39 24.37 -22.89 -48.98
C4 Y5P T 39 25.57 -23.29 -48.42
C6 Y5P T 39 24.63 -25.52 -48.44
OP1 Y5P T 39 26.51 -30.56 -48.63
OP2 Y5P T 39 27.44 -28.28 -47.98
C5 Y5P T 39 25.66 -24.70 -48.15
P Y5P T 40 23.91 -28.50 -53.32
C5' Y5P T 40 22.83 -26.73 -54.94
O5' Y5P T 40 23.94 -27.14 -54.16
C4' Y5P T 40 22.79 -25.23 -55.13
O4' Y5P T 40 22.98 -24.57 -53.85
C3' Y5P T 40 23.86 -24.64 -56.02
O3' Y5P T 40 23.57 -24.75 -57.40
C2' Y5P T 40 23.92 -23.19 -55.54
O2' Y5P T 40 22.88 -22.41 -56.09
C1' Y5P T 40 23.66 -23.35 -54.04
N1 Y5P T 40 24.91 -23.35 -53.24
C2 Y5P T 40 25.28 -22.16 -52.67
N3 Y5P T 40 26.44 -22.21 -51.94
C4 Y5P T 40 27.28 -23.27 -51.73
C6 Y5P T 40 25.70 -24.48 -53.07
OP1 Y5P T 40 23.43 -29.58 -54.22
OP2 Y5P T 40 25.21 -28.67 -52.62
C5 Y5P T 40 26.84 -24.48 -52.36
P Y5P T 41 32.34 -22.50 -62.58
C5' Y5P T 41 32.38 -20.00 -61.79
O5' Y5P T 41 32.98 -21.29 -61.76
C4' Y5P T 41 33.41 -18.90 -61.82
O4' Y5P T 41 34.41 -19.16 -60.81
C3' Y5P T 41 34.15 -18.71 -63.14
O3' Y5P T 41 34.41 -17.32 -63.35
C2' Y5P T 41 35.47 -19.45 -62.89
O2' Y5P T 41 36.56 -18.98 -63.66
C1' Y5P T 41 35.69 -19.21 -61.40
N1 Y5P T 41 36.47 -20.27 -60.74
C2 Y5P T 41 37.86 -20.18 -60.71
N3 Y5P T 41 38.59 -21.15 -60.11
C4 Y5P T 41 37.97 -22.18 -59.54
C6 Y5P T 41 35.84 -21.33 -60.15
OP1 Y5P T 41 33.43 -23.44 -62.93
OP2 Y5P T 41 31.54 -21.90 -63.67
C5 Y5P T 41 36.54 -22.30 -59.55
P Y5P T 42 34.41 -16.69 -64.83
C5' Y5P T 42 31.84 -16.27 -64.42
O5' Y5P T 42 32.88 -16.71 -65.29
C4' Y5P T 42 30.62 -15.81 -65.18
O4' Y5P T 42 30.86 -14.52 -65.78
C3' Y5P T 42 30.19 -16.68 -66.35
O3' Y5P T 42 29.47 -17.84 -65.95
C2' Y5P T 42 29.37 -15.71 -67.21
O2' Y5P T 42 28.07 -15.55 -66.69
C1' Y5P T 42 30.13 -14.40 -66.99
N1 Y5P T 42 31.09 -14.11 -68.09
C2 Y5P T 42 30.64 -13.39 -69.21
N3 Y5P T 42 31.52 -13.12 -70.21
C4 Y5P T 42 32.78 -13.56 -70.13
C6 Y5P T 42 32.39 -14.55 -68.03
OP1 Y5P T 42 35.17 -17.59 -65.75
OP2 Y5P T 42 34.83 -15.27 -64.72
C5 Y5P T 42 33.26 -14.30 -69.01
P Y5P T 43 29.68 -19.25 -66.70
C5' Y5P T 43 27.44 -18.80 -68.00
O5' Y5P T 43 28.84 -19.11 -68.04
C4' Y5P T 43 26.86 -18.57 -69.38
O4' Y5P T 43 27.30 -17.28 -69.90
C3' Y5P T 43 27.25 -19.56 -70.47
O3' Y5P T 43 26.54 -20.78 -70.40
C2' Y5P T 43 27.00 -18.76 -71.74
O2' Y5P T 43 25.61 -18.72 -72.05
C1' Y5P T 43 27.44 -17.36 -71.31
N1 Y5P T 43 28.86 -17.08 -71.65
C2 Y5P T 43 29.19 -16.83 -72.97
N3 Y5P T 43 30.53 -16.59 -73.18
C4 Y5P T 43 31.55 -16.58 -72.24
C6 Y5P T 43 29.83 -17.09 -70.67
OP1 Y5P T 43 29.06 -20.31 -65.86
OP2 Y5P T 43 31.11 -19.38 -67.07
C5 Y5P T 43 31.12 -16.85 -70.91
P Y5P T 44 27.10 -22.09 -71.13
C5' Y5P T 44 27.18 -22.73 -73.67
O5' Y5P T 44 26.66 -21.89 -72.65
C4' Y5P T 44 27.25 -22.02 -75.01
O4' Y5P T 44 27.81 -20.69 -74.85
C3' Y5P T 44 28.12 -22.68 -76.05
O3' Y5P T 44 27.49 -23.76 -76.72
C2' Y5P T 44 28.50 -21.52 -76.97
O2' Y5P T 44 27.43 -21.21 -77.86
C1' Y5P T 44 28.64 -20.39 -75.95
N1 Y5P T 44 30.03 -20.25 -75.45
C2 Y5P T 44 31.03 -19.84 -76.31
N3 Y5P T 44 32.27 -19.75 -75.72
C4 Y5P T 44 32.62 -20.03 -74.40
C6 Y5P T 44 30.31 -20.55 -74.13
OP1 Y5P T 44 26.38 -23.27 -70.58
OP2 Y5P T 44 28.59 -22.05 -71.08
C5 Y5P T 44 31.53 -20.46 -73.59
P Y5P T 45 27.82 -25.28 -76.29
C5' Y5P T 45 29.95 -25.96 -77.67
O5' Y5P T 45 28.54 -25.89 -77.59
C4' Y5P T 45 30.49 -25.13 -78.82
O4' Y5P T 45 30.59 -23.74 -78.42
C3' Y5P T 45 31.90 -25.50 -79.27
O3' Y5P T 45 31.93 -26.62 -80.13
C2' Y5P T 45 32.40 -24.20 -79.88
O2' Y5P T 45 31.83 -24.00 -81.17
C1' Y5P T 45 31.79 -23.18 -78.93
N1 Y5P T 45 32.73 -22.91 -77.69
C2 Y5P T 45 34.04 -22.52 -77.87
N3 Y5P T 45 34.75 -22.32 -76.69
C4 Y5P T 45 34.29 -22.48 -75.42
C6 Y5P T 45 32.18 -23.10 -76.44
OP1 Y5P T 45 26.53 -26.00 -76.10
OP2 Y5P T 45 28.81 -25.25 -75.19
C5 Y5P T 45 32.91 -22.91 -75.33
P Y5P T 46 32.42 -28.06 -79.59
C5' Y5P T 46 34.92 -28.58 -80.17
O5' Y5P T 46 33.57 -28.48 -80.60
C4' Y5P T 46 35.78 -27.47 -80.72
O4' Y5P T 46 35.38 -26.20 -80.12
C3' Y5P T 46 37.27 -27.56 -80.42
O3' Y5P T 46 37.96 -28.44 -81.31
C2' Y5P T 46 37.72 -26.11 -80.47
O2' Y5P T 46 37.86 -25.68 -81.82
C1' Y5P T 46 36.51 -25.41 -79.86
N1 Y5P T 46 36.63 -25.25 -78.29
C2 Y5P T 46 37.79 -24.77 -77.71
N3 Y5P T 46 37.76 -24.67 -76.33
C4 Y5P T 46 36.70 -24.99 -75.51
C6 Y5P T 46 35.53 -25.58 -77.55
OP1 Y5P T 46 31.29 -29.02 -79.75
OP2 Y5P T 46 33.02 -27.86 -78.24
C5 Y5P T 46 35.54 -25.47 -76.21
P Y5P T 47 38.68 -29.76 -80.75
C5' Y5P T 47 41.00 -28.52 -80.80
O5' Y5P T 47 40.00 -29.21 -80.05
C4' Y5P T 47 42.17 -28.10 -79.93
O4' Y5P T 47 41.78 -26.98 -79.09
C3' Y5P T 47 42.66 -29.15 -78.93
O3' Y5P T 47 43.51 -30.13 -79.51
C2' Y5P T 47 43.33 -28.28 -77.87
O2' Y5P T 47 44.61 -27.84 -78.31
C1' Y5P T 47 42.39 -27.07 -77.83
N1 Y5P T 47 41.33 -27.25 -76.80
C2 Y5P T 47 41.64 -26.97 -75.48
N3 Y5P T 47 40.60 -27.16 -74.59
C4 Y5P T 47 39.31 -27.56 -74.88
C6 Y5P T 47 40.06 -27.66 -77.15
OP1 Y5P T 47 39.07 -30.59 -81.91
OP2 Y5P T 47 37.82 -30.36 -79.70
C5 Y5P T 47 39.07 -27.83 -76.27
P Y5P T 48 43.18 -31.69 -79.36
C5' Y5P T 48 44.80 -31.85 -77.28
O5' Y5P T 48 43.49 -32.01 -77.83
C4' Y5P T 48 44.81 -32.01 -75.79
O4' Y5P T 48 44.02 -30.98 -75.16
C3' Y5P T 48 44.21 -33.31 -75.25
O3' Y5P T 48 45.10 -34.42 -75.34
C2' Y5P T 48 43.83 -32.94 -73.81
O2' Y5P T 48 44.95 -33.04 -72.95
C1' Y5P T 48 43.45 -31.46 -73.95
N1 Y5P T 48 41.99 -31.20 -73.93
C2 Y5P T 48 41.12 -31.65 -74.92
N3 Y5P T 48 39.78 -31.33 -74.75
C4 Y5P T 48 39.23 -30.62 -73.70
C6 Y5P T 48 41.48 -30.49 -72.86
OP1 Y5P T 48 44.15 -32.45 -80.20
OP2 Y5P T 48 41.72 -31.89 -79.58
C5 Y5P T 48 40.17 -30.19 -72.72
P Y5P T 49 44.67 -35.76 -76.13
C5' Y5P T 49 44.04 -37.07 -73.93
O5' Y5P T 49 43.62 -36.47 -75.15
C4' Y5P T 49 42.86 -37.50 -73.09
O4' Y5P T 49 43.34 -38.27 -71.95
C3' Y5P T 49 42.02 -36.35 -72.52
O3' Y5P T 49 40.64 -36.73 -72.47
C2' Y5P T 49 42.57 -36.23 -71.09
O2' Y5P T 49 41.67 -35.66 -70.16
C1' Y5P T 49 42.87 -37.69 -70.75
N1 Y5P T 49 43.88 -37.87 -69.70
C2 Y5P T 49 43.58 -38.71 -68.61
N3 Y5P T 49 44.51 -38.88 -67.64
C4 Y5P T 49 45.68 -38.24 -67.71
C6 Y5P T 49 45.08 -37.21 -69.76
OP1 Y5P T 49 45.86 -36.64 -76.26
OP2 Y5P T 49 43.93 -35.35 -77.36
C5 Y5P T 49 46.00 -37.37 -68.79
P Y5P T 50 39.49 -35.67 -72.87
C5' Y5P T 50 38.73 -33.84 -71.14
O5' Y5P T 50 38.87 -35.21 -71.47
C4' Y5P T 50 38.90 -33.62 -69.66
O4' Y5P T 50 40.18 -34.15 -69.23
C3' Y5P T 50 38.94 -32.16 -69.19
O3' Y5P T 50 37.65 -31.59 -69.05
C2' Y5P T 50 39.71 -32.26 -67.87
O2' Y5P T 50 38.86 -32.71 -66.83
C1' Y5P T 50 40.71 -33.36 -68.19
N1 Y5P T 50 42.11 -32.78 -68.65
C2 Y5P T 50 43.20 -33.03 -67.85
N3 Y5P T 50 44.40 -32.52 -68.30
C4 Y5P T 50 44.60 -31.80 -69.46
C6 Y5P T 50 42.21 -32.08 -69.82
OP1 Y5P T 50 38.44 -36.40 -73.63
OP2 Y5P T 50 40.14 -34.49 -73.50
C5 Y5P T 50 43.40 -31.59 -70.24
P Y5P T 51 37.38 -30.06 -69.48
C5' Y5P T 51 38.86 -28.88 -67.64
O5' Y5P T 51 38.68 -29.27 -69.01
C4' Y5P T 51 39.05 -27.39 -67.52
O4' Y5P T 51 40.36 -27.01 -68.04
C3' Y5P T 51 38.02 -26.53 -68.25
O3' Y5P T 51 37.64 -25.42 -67.43
C2' Y5P T 51 38.78 -26.06 -69.50
O2' Y5P T 51 38.33 -24.84 -70.04
C1' Y5P T 51 40.22 -25.99 -69.02
N1 Y5P T 51 41.28 -26.25 -70.14
C2 Y5P T 51 42.49 -25.59 -70.13
N3 Y5P T 51 43.35 -25.89 -71.17
C4 Y5P T 51 43.10 -26.78 -72.20
C6 Y5P T 51 40.96 -27.15 -71.13
OP1 Y5P T 51 36.23 -29.55 -68.68
OP2 Y5P T 51 37.32 -30.00 -70.97
C5 Y5P T 51 41.82 -27.42 -72.13
P Y5P T 52 36.39 -25.56 -66.42
C5' Y5P T 52 36.06 -22.96 -66.24
O5' Y5P T 52 36.39 -24.20 -65.61
C4' Y5P T 52 36.86 -21.83 -65.64
O4' Y5P T 52 37.19 -22.13 -64.26
C3' Y5P T 52 38.21 -21.54 -66.30
O3' Y5P T 52 38.07 -20.69 -67.43
C2' Y5P T 52 39.03 -20.92 -65.18
O2' Y5P T 52 38.79 -19.52 -65.08
C1' Y5P T 52 38.46 -21.61 -63.93
N1 Y5P T 52 39.31 -22.70 -63.39
C2 Y5P T 52 40.41 -22.37 -62.62
N3 Y5P T 52 41.15 -23.43 -62.14
C4 Y5P T 52 40.89 -24.78 -62.33
C6 Y5P T 52 39.00 -24.03 -63.60
OP1 Y5P T 52 36.69 -26.65 -65.46
OP2 Y5P T 52 35.15 -25.62 -67.23
C5 Y5P T 52 39.73 -25.05 -63.12
P Y5P T 53 38.76 -21.06 -68.85
C5' Y5P T 53 40.61 -19.35 -68.13
O5' Y5P T 53 40.28 -20.63 -68.66
C4' Y5P T 53 42.07 -19.26 -67.74
O4' Y5P T 53 42.34 -20.20 -66.66
C3' Y5P T 53 43.08 -19.58 -68.84
O3' Y5P T 53 44.21 -18.72 -68.72
C2' Y5P T 53 43.49 -21.02 -68.52
O2' Y5P T 53 44.76 -21.40 -69.01
C1' Y5P T 53 43.44 -21.01 -67.00
N1 Y5P T 53 43.26 -22.35 -66.39
C2 Y5P T 53 44.17 -22.75 -65.42
N3 Y5P T 53 43.96 -24.01 -64.90
C4 Y5P T 53 42.95 -24.90 -65.24
C6 Y5P T 53 42.24 -23.19 -66.78
OP1 Y5P T 53 38.16 -20.17 -69.88
OP2 Y5P T 53 38.71 -22.53 -69.04
C5 Y5P T 53 42.06 -24.42 -66.26
P Y5P T 54 44.57 -17.68 -69.90
C5' Y5P T 54 46.20 -19.31 -71.15
O5' Y5P T 54 44.97 -18.62 -71.13
C4' Y5P T 54 46.36 -20.09 -72.44
O4' Y5P T 54 45.78 -21.41 -72.28
C3' Y5P T 54 45.68 -19.51 -73.65
O3' Y5P T 54 46.41 -18.45 -74.26
C2' Y5P T 54 45.49 -20.73 -74.55
O2' Y5P T 54 46.69 -21.03 -75.26
C1' Y5P T 54 45.24 -21.84 -73.52
N1 Y5P T 54 43.81 -22.17 -73.33
C2 Y5P T 54 43.16 -23.00 -74.26
N3 Y5P T 54 41.86 -23.30 -74.08
C4 Y5P T 54 41.19 -22.83 -73.02
C6 Y5P T 54 43.11 -21.70 -72.25
OP1 Y5P T 54 45.78 -16.93 -69.50
OP2 Y5P T 54 43.34 -16.93 -70.27
C5 Y5P T 54 41.82 -21.99 -72.06
P Y5P T 55 45.66 -17.13 -74.80
C5' Y5P T 55 43.98 -17.16 -76.78
O5' Y5P T 55 45.24 -17.52 -76.28
C4' Y5P T 55 43.45 -18.18 -77.76
O4' Y5P T 55 43.17 -19.43 -77.08
C3' Y5P T 55 42.15 -17.82 -78.45
O3' Y5P T 55 42.33 -16.93 -79.54
C2' Y5P T 55 41.59 -19.17 -78.84
O2' Y5P T 55 42.23 -19.67 -80.02
C1' Y5P T 55 42.03 -20.04 -77.65
N1 Y5P T 55 40.98 -20.17 -76.61
C2 Y5P T 55 39.72 -20.74 -76.86
N3 Y5P T 55 38.83 -20.83 -75.84
C4 Y5P T 55 39.13 -20.40 -74.62
C6 Y5P T 55 41.29 -19.73 -75.35
OP1 Y5P T 55 46.67 -16.03 -74.90
OP2 Y5P T 55 44.42 -16.93 -74.02
C5 Y5P T 55 40.41 -19.82 -74.33
P Y5P T 56 41.90 -15.39 -79.41
C5' Y5P T 56 40.72 -15.82 -81.71
O5' Y5P T 56 40.66 -15.26 -80.41
C4' Y5P T 56 39.37 -16.31 -82.16
O4' Y5P T 56 39.11 -17.64 -81.62
C3' Y5P T 56 38.17 -15.50 -81.69
O3' Y5P T 56 37.97 -14.30 -82.43
C2' Y5P T 56 37.03 -16.51 -81.81
O2' Y5P T 56 36.65 -16.69 -83.16
C1' Y5P T 56 37.73 -17.78 -81.32
N1 Y5P T 56 37.56 -17.99 -79.78
C2 Y5P T 56 36.35 -18.42 -79.28
N3 Y5P T 56 36.29 -18.57 -77.90
C4 Y5P T 56 37.32 -18.32 -77.02
C6 Y5P T 56 38.63 -17.73 -78.95
OP1 Y5P T 56 43.00 -14.55 -79.94
OP2 Y5P T 56 41.41 -15.15 -78.03
C5 Y5P T 56 38.54 -17.87 -77.63
P Y5P T 57 37.78 -12.91 -81.65
C5' Y5P T 57 35.38 -12.59 -82.65
O5' Y5P T 57 36.20 -12.76 -81.51
C4' Y5P T 57 33.97 -13.06 -82.43
O4' Y5P T 57 33.96 -14.45 -82.01
C3' Y5P T 57 33.17 -12.36 -81.34
O3' Y5P T 57 32.69 -11.07 -81.72
C2' Y5P T 57 32.07 -13.37 -81.05
O2' Y5P T 57 31.11 -13.39 -82.10
C1' Y5P T 57 32.87 -14.67 -81.12
N1 Y5P T 57 33.44 -15.01 -79.70
C2 Y5P T 57 32.60 -15.63 -78.80
N3 Y5P T 57 33.15 -15.88 -77.55
C4 Y5P T 57 34.42 -15.58 -77.14
C6 Y5P T 57 34.74 -14.67 -79.37
OP1 Y5P T 57 38.26 -11.82 -82.55
OP2 Y5P T 57 38.36 -13.02 -80.29
C5 Y5P T 57 35.23 -14.93 -78.15
P Y5P T 58 32.67 -9.87 -80.64
C5' Y5P T 58 30.04 -9.99 -80.73
O5' Y5P T 58 31.23 -9.99 -79.95
C4' Y5P T 58 28.94 -10.78 -80.07
O4' Y5P T 58 29.43 -12.08 -79.65
C3' Y5P T 58 28.36 -10.18 -78.80
O3' Y5P T 58 27.43 -9.13 -79.02
C2' Y5P T 58 27.75 -11.40 -78.11
O2' Y5P T 58 26.52 -11.75 -78.73
C1' Y5P T 58 28.78 -12.48 -78.46
N1 Y5P T 58 29.86 -12.63 -77.32
C2 Y5P T 58 29.47 -13.05 -76.08
N3 Y5P T 58 30.49 -13.16 -75.14
C4 Y5P T 58 31.82 -12.88 -75.34
C6 Y5P T 58 31.17 -12.31 -77.61
OP1 Y5P T 58 32.70 -8.59 -81.40
OP2 Y5P T 58 33.71 -10.13 -79.61
C5 Y5P T 58 32.13 -12.42 -76.67
P Y5P T 59 27.52 -7.78 -78.14
C5' Y5P T 59 26.21 -8.90 -76.14
O5' Y5P T 59 27.41 -8.30 -76.63
C4' Y5P T 59 26.36 -9.36 -74.70
O4' Y5P T 59 27.46 -10.30 -74.57
C3' Y5P T 59 26.67 -8.28 -73.67
O3' Y5P T 59 25.53 -7.53 -73.28
C2' Y5P T 59 27.30 -9.08 -72.53
O2' Y5P T 59 26.29 -9.70 -71.73
C1' Y5P T 59 28.06 -10.17 -73.29
N1 Y5P T 59 29.51 -9.86 -73.45
C2 Y5P T 59 30.33 -10.11 -72.35
N3 Y5P T 59 31.66 -9.81 -72.55
C4 Y5P T 59 32.24 -9.31 -73.69
C6 Y5P T 59 30.03 -9.36 -74.61
OP1 Y5P T 59 26.32 -6.96 -78.45
OP2 Y5P T 59 28.86 -7.20 -78.33
C5 Y5P T 59 31.34 -9.08 -74.77
P Y5P T 60 25.43 -5.96 -73.64
C5' Y5P T 60 24.99 -5.45 -71.10
O5' Y5P T 60 25.76 -5.22 -72.28
C4' Y5P T 60 25.88 -5.54 -69.88
O4' Y5P T 60 26.84 -6.61 -70.08
C3' Y5P T 60 26.72 -4.33 -69.57
O3' Y5P T 60 26.01 -3.29 -68.90
C2' Y5P T 60 27.86 -4.92 -68.74
O2' Y5P T 60 27.46 -5.13 -67.39
C1' Y5P T 60 28.05 -6.28 -69.41
N1 Y5P T 60 29.18 -6.31 -70.39
C2 Y5P T 60 30.44 -6.73 -69.94
N3 Y5P T 60 31.48 -6.75 -70.81
C4 Y5P T 60 31.32 -6.36 -72.08
C6 Y5P T 60 29.03 -5.90 -71.70
OP1 Y5P T 60 24.00 -5.67 -73.97
OP2 Y5P T 60 26.50 -5.60 -74.61
C5 Y5P T 60 30.06 -5.92 -72.57
P Y5P T 61 25.97 -1.79 -69.51
C5' Y5P T 61 27.38 -0.52 -67.68
O5' Y5P T 61 27.32 -1.10 -68.97
C4' Y5P T 61 28.65 -0.91 -66.95
O4' Y5P T 61 29.07 -2.23 -67.38
C3' Y5P T 61 29.88 -0.05 -67.18
O3' Y5P T 61 29.89 1.16 -66.43
C2' Y5P T 61 31.01 -1.00 -66.83
O2' Y5P T 61 31.14 -1.14 -65.43
C1' Y5P T 61 30.48 -2.32 -67.40
N1 Y5P T 61 30.94 -2.54 -68.79
C2 Y5P T 61 32.17 -3.18 -69.00
N3 Y5P T 61 32.61 -3.39 -70.26
C4 Y5P T 61 31.88 -2.99 -71.31
C6 Y5P T 61 30.20 -2.13 -69.88
OP1 Y5P T 61 24.81 -1.08 -68.91
OP2 Y5P T 61 26.08 -1.88 -70.99
C5 Y5P T 61 30.63 -2.33 -71.14
P Y5P T 62 30.66 2.47 -67.01
C5' Y5P T 62 33.03 1.91 -65.99
O5' Y5P T 62 32.19 2.02 -67.14
C4' Y5P T 62 34.45 1.50 -66.34
O4' Y5P T 62 34.47 0.16 -66.90
C3' Y5P T 62 35.18 2.33 -67.38
O3' Y5P T 62 35.65 3.58 -66.89
C2' Y5P T 62 36.27 1.39 -67.83
O2' Y5P T 62 37.30 1.28 -66.85
C1' Y5P T 62 35.51 0.07 -67.87
N1 Y5P T 62 34.86 -0.16 -69.29
C2 Y5P T 62 35.70 -0.36 -70.37
N3 Y5P T 62 35.06 -0.53 -71.58
C4 Y5P T 62 33.70 -0.52 -71.80
C6 Y5P T 62 33.49 -0.14 -69.41
OP1 Y5P T 62 30.57 3.54 -65.99
OP2 Y5P T 62 30.14 2.73 -68.38
C5 Y5P T 62 32.91 -0.30 -70.61
P Y5P T 63 35.84 4.82 -67.93
C5' Y5P T 63 38.03 6.04 -68.72
O5' Y5P T 63 37.36 5.26 -67.73
C4' Y5P T 63 39.47 5.64 -68.85
O4' Y5P T 63 39.57 4.19 -68.98
C3' Y5P T 63 40.23 6.16 -70.06
O3' Y5P T 63 40.70 7.50 -69.90
C2' Y5P T 63 41.34 5.14 -70.24
O2' Y5P T 63 42.38 5.34 -69.30
C1' Y5P T 63 40.61 3.84 -69.85
N1 Y5P T 63 39.97 3.14 -71.11
C2 Y5P T 63 40.79 2.40 -71.94
N3 Y5P T 63 40.16 1.81 -73.01
C4 Y5P T 63 38.82 1.90 -73.34
C6 Y5P T 63 38.62 3.28 -71.35
OP1 Y5P T 63 34.96 5.92 -67.48
OP2 Y5P T 63 35.70 4.29 -69.31
C5 Y5P T 63 38.04 2.69 -72.42
P Y5P T 64 41.60 8.23 -71.01
C5' Y5P T 64 41.12 8.57 -73.57
O5' Y5P T 64 41.06 7.73 -72.41
C4' Y5P T 64 42.01 8.00 -74.64
O4' Y5P T 64 42.03 6.55 -74.56
C3' Y5P T 64 41.59 8.29 -76.09
O3' Y5P T 64 42.02 9.56 -76.55
C2' Y5P T 64 42.19 7.13 -76.86
O2' Y5P T 64 43.58 7.33 -77.07
C1' Y5P T 64 42.03 5.98 -75.86
N1 Y5P T 64 40.65 5.22 -76.02
C2 Y5P T 64 40.29 4.63 -77.22
N3 Y5P T 64 39.07 3.99 -77.21
C4 Y5P T 64 38.20 3.87 -76.14
C6 Y5P T 64 39.86 5.15 -74.90
OP1 Y5P T 64 43.01 7.77 -70.85
OP2 Y5P T 64 41.32 9.69 -70.92
C5 Y5P T 64 38.67 4.51 -74.93
N ARG U 65 -89.73 37.28 4.46
CA ARG U 65 -88.35 37.11 4.91
C ARG U 65 -87.40 36.77 3.77
N LYS U 66 -86.10 36.89 4.02
CA LYS U 66 -85.09 36.58 3.02
C LYS U 66 -83.78 35.96 3.57
N PRO U 67 -83.84 34.72 4.11
CA PRO U 67 -82.58 34.07 4.48
C PRO U 67 -81.84 33.43 3.29
N THR U 68 -80.51 33.51 3.28
CA THR U 68 -79.66 32.88 2.25
C THR U 68 -78.24 32.75 2.80
N PHE U 69 -77.43 31.88 2.18
CA PHE U 69 -76.07 31.60 2.62
C PHE U 69 -75.21 32.86 2.77
N MET U 70 -75.42 33.83 1.89
CA MET U 70 -74.53 34.98 1.80
C MET U 70 -74.94 36.14 2.70
N ASP U 71 -75.96 35.91 3.53
CA ASP U 71 -76.36 36.87 4.56
C ASP U 71 -75.31 36.91 5.68
N GLU U 72 -75.09 38.09 6.26
CA GLU U 72 -74.06 38.25 7.28
C GLU U 72 -74.28 37.39 8.52
N GLU U 73 -75.53 37.28 8.96
CA GLU U 73 -75.85 36.41 10.11
C GLU U 73 -75.39 34.99 9.85
N VAL U 74 -75.96 34.39 8.79
CA VAL U 74 -75.65 33.03 8.38
C VAL U 74 -74.14 32.85 8.19
N GLN U 75 -73.50 33.85 7.59
CA GLN U 75 -72.06 33.79 7.35
C GLN U 75 -71.25 33.74 8.65
N ASN U 76 -71.39 34.74 9.51
CA ASN U 76 -70.59 34.82 10.74
C ASN U 76 -70.84 33.65 11.67
N ILE U 77 -72.10 33.21 11.70
CA ILE U 77 -72.47 32.01 12.45
C ILE U 77 -71.84 30.73 11.86
N LEU U 78 -71.74 30.65 10.53
CA LEU U 78 -71.16 29.46 9.90
C LEU U 78 -69.62 29.46 9.93
N ILE U 79 -69.02 30.64 10.02
CA ILE U 79 -67.57 30.76 10.20
C ILE U 79 -67.21 30.35 11.62
N LYS U 80 -67.97 30.85 12.58
CA LYS U 80 -67.76 30.46 13.97
C LYS U 80 -68.03 28.96 14.17
N MET U 81 -69.05 28.43 13.50
CA MET U 81 -69.38 27.01 13.60
C MET U 81 -68.27 26.14 13.06
N THR U 82 -67.67 26.59 11.96
CA THR U 82 -66.65 25.83 11.25
C THR U 82 -65.41 25.56 12.11
N GLY U 83 -64.75 26.64 12.53
CA GLY U 83 -63.58 26.53 13.38
C GLY U 83 -62.25 26.56 12.65
N LEU U 84 -61.24 27.10 13.33
CA LEU U 84 -59.89 27.19 12.79
C LEU U 84 -58.97 26.12 13.39
N ASP U 85 -58.64 25.11 12.59
CA ASP U 85 -57.62 24.15 12.98
C ASP U 85 -56.44 24.29 12.03
N LEU U 86 -55.35 24.89 12.49
CA LEU U 86 -54.24 25.22 11.60
C LEU U 86 -53.49 23.97 11.16
N GLN U 87 -53.74 22.86 11.85
CA GLN U 87 -53.15 21.58 11.49
C GLN U 87 -53.91 20.91 10.35
N LYS U 88 -55.23 20.94 10.41
CA LYS U 88 -56.02 20.37 9.33
C LYS U 88 -56.16 21.35 8.16
N ILE U 89 -56.12 22.64 8.46
CA ILE U 89 -56.18 23.66 7.43
C ILE U 89 -54.94 23.58 6.56
N PHE U 90 -53.79 23.67 7.21
CA PHE U 90 -52.51 23.50 6.52
C PHE U 90 -51.95 22.14 6.86
N LYS U 91 -51.99 21.24 5.90
CA LYS U 91 -51.63 19.86 6.12
C LYS U 91 -50.68 19.46 5.01
N PRO U 92 -49.79 18.51 5.28
CA PRO U 92 -48.93 17.99 4.21
C PRO U 92 -49.73 17.60 2.97
N ALA U 93 -49.22 17.99 1.81
CA ALA U 93 -49.86 17.73 0.54
C ALA U 93 -48.93 16.82 -0.28
N LEU U 94 -49.47 16.14 -1.29
CA LEU U 94 -48.69 15.14 -2.01
C LEU U 94 -47.74 15.71 -3.07
N GLN U 95 -47.76 17.02 -3.27
CA GLN U 95 -46.96 17.63 -4.33
C GLN U 95 -45.48 17.42 -4.08
N GLU U 96 -44.71 17.51 -5.15
CA GLU U 96 -43.26 17.40 -5.06
C GLU U 96 -42.76 18.42 -4.04
N LEU U 97 -42.02 17.91 -3.07
CA LEU U 97 -41.58 18.73 -1.95
C LEU U 97 -40.38 19.57 -2.32
N LYS U 98 -40.18 20.63 -1.55
CA LYS U 98 -38.96 21.40 -1.63
C LYS U 98 -38.30 21.38 -0.25
N PRO U 99 -37.00 21.70 -0.19
CA PRO U 99 -36.36 21.77 1.13
C PRO U 99 -36.96 22.91 1.97
N PRO U 100 -37.14 22.69 3.29
CA PRO U 100 -37.83 23.64 4.17
C PRO U 100 -36.99 24.88 4.47
N THR U 101 -37.64 26.05 4.58
CA THR U 101 -36.92 27.28 4.90
C THR U 101 -36.91 27.59 6.40
N TYR U 102 -35.78 28.03 6.94
CA TYR U 102 -35.65 28.29 8.37
C TYR U 102 -35.29 29.75 8.67
N LYS U 103 -35.87 30.29 9.74
CA LYS U 103 -35.52 31.60 10.27
C LYS U 103 -35.77 31.68 11.77
N LEU U 104 -34.95 32.48 12.45
CA LEU U 104 -35.04 32.68 13.89
C LEU U 104 -35.91 33.88 14.22
N MET U 105 -36.85 33.70 15.14
CA MET U 105 -37.83 34.74 15.39
C MET U 105 -37.97 35.08 16.88
N THR U 106 -38.51 36.26 17.15
CA THR U 106 -38.79 36.69 18.51
C THR U 106 -40.12 36.07 18.92
N GLN U 107 -40.53 36.31 20.16
CA GLN U 107 -41.87 35.93 20.58
C GLN U 107 -42.85 36.74 19.76
N ALA U 108 -42.55 38.03 19.64
CA ALA U 108 -43.31 38.98 18.83
C ALA U 108 -43.45 38.53 17.37
N GLN U 109 -42.32 38.23 16.76
CA GLN U 109 -42.30 37.83 15.35
C GLN U 109 -43.07 36.54 15.14
N LEU U 110 -43.01 35.64 16.11
CA LEU U 110 -43.75 34.38 16.03
C LEU U 110 -45.25 34.62 16.19
N GLU U 111 -45.62 35.61 17.00
CA GLU U 111 -47.03 35.93 17.18
C GLU U 111 -47.60 36.56 15.92
N GLU U 112 -46.89 37.55 15.38
CA GLU U 112 -47.28 38.19 14.13
C GLU U 112 -47.35 37.17 12.99
N ALA U 113 -46.41 36.24 12.99
CA ALA U 113 -46.39 35.18 12.00
C ALA U 113 -47.63 34.30 12.15
N THR U 114 -47.98 34.02 13.41
CA THR U 114 -49.14 33.20 13.71
C THR U 114 -50.43 33.84 13.22
N LYS U 115 -50.57 35.15 13.47
CA LYS U 115 -51.74 35.89 13.00
C LYS U 115 -51.76 35.91 11.47
N GLN U 116 -50.59 36.07 10.87
CA GLN U 116 -50.45 36.05 9.41
C GLN U 116 -50.99 34.73 8.86
N ALA U 117 -50.60 33.66 9.54
CA ALA U 117 -51.09 32.33 9.24
C ALA U 117 -52.59 32.29 9.28
N VAL U 118 -53.17 32.69 10.42
CA VAL U 118 -54.61 32.65 10.60
C VAL U 118 -55.37 33.45 9.53
N GLU U 119 -54.84 34.62 9.18
CA GLU U 119 -55.40 35.46 8.13
C GLU U 119 -55.43 34.71 6.81
N ALA U 120 -54.29 34.11 6.46
CA ALA U 120 -54.19 33.41 5.19
C ALA U 120 -55.06 32.15 5.15
N ALA U 121 -55.29 31.58 6.33
CA ALA U 121 -56.07 30.35 6.46
C ALA U 121 -57.53 30.59 6.19
N LYS U 122 -57.99 31.76 6.63
CA LYS U 122 -59.34 32.19 6.35
C LYS U 122 -59.65 32.16 4.85
N VAL U 123 -58.69 32.61 4.05
CA VAL U 123 -58.88 32.66 2.61
C VAL U 123 -58.96 31.26 2.06
N ARG U 124 -58.19 30.35 2.66
CA ARG U 124 -58.27 28.95 2.31
C ARG U 124 -59.63 28.38 2.69
N LEU U 125 -60.22 28.99 3.71
CA LEU U 125 -61.38 28.43 4.37
C LEU U 125 -62.69 28.93 3.78
N LYS U 126 -62.59 29.89 2.86
CA LYS U 126 -63.76 30.53 2.28
C LYS U 126 -64.73 29.52 1.70
N MET U 127 -66.00 29.73 1.97
CA MET U 127 -67.03 28.76 1.61
C MET U 127 -67.30 28.76 0.11
N PRO U 128 -67.42 27.54 -0.47
CA PRO U 128 -67.86 27.38 -1.86
C PRO U 128 -69.32 27.80 -1.96
N PRO U 129 -69.64 28.65 -2.93
CA PRO U 129 -71.01 29.16 -3.04
C PRO U 129 -72.04 28.04 -3.20
N VAL U 130 -73.08 28.09 -2.37
CA VAL U 130 -74.22 27.21 -2.54
C VAL U 130 -75.25 27.99 -3.33
N LEU U 131 -75.95 27.27 -4.20
CA LEU U 131 -76.95 27.90 -5.05
C LEU U 131 -78.04 26.91 -5.40
N GLU U 132 -79.16 27.46 -5.83
CA GLU U 132 -80.27 26.64 -6.24
C GLU U 132 -79.97 26.04 -7.60
N GLU U 133 -80.87 25.18 -8.08
CA GLU U 133 -80.64 24.54 -9.35
C GLU U 133 -80.99 25.46 -10.51
N ARG U 134 -80.35 25.21 -11.64
CA ARG U 134 -80.66 25.86 -12.91
C ARG U 134 -81.73 25.06 -13.67
N ALA U 135 -82.62 25.77 -14.36
CA ALA U 135 -83.58 25.11 -15.21
C ALA U 135 -82.98 24.86 -16.57
N PRO U 136 -83.45 23.80 -17.26
CA PRO U 136 -82.99 23.61 -18.64
C PRO U 136 -83.37 24.79 -19.54
N ILE U 137 -82.42 25.30 -20.32
CA ILE U 137 -82.74 26.36 -21.27
C ILE U 137 -82.89 25.79 -22.67
N ASN U 138 -84.14 25.80 -23.15
CA ASN U 138 -84.46 25.39 -24.51
C ASN U 138 -85.02 26.57 -25.31
N ASP U 139 -84.24 27.13 -26.21
CA ASP U 139 -84.79 28.13 -27.15
C ASP U 139 -84.12 28.00 -28.51
N VAL U 140 -84.95 28.07 -29.54
CA VAL U 140 -84.50 27.98 -30.92
C VAL U 140 -84.37 29.39 -31.52
N LEU U 141 -83.22 29.70 -32.10
CA LEU U 141 -83.04 31.04 -32.65
C LEU U 141 -83.52 31.17 -34.10
N ALA U 142 -83.69 30.05 -34.80
CA ALA U 142 -84.15 30.05 -36.20
C ALA U 142 -84.31 28.66 -36.77
N GLU U 143 -85.09 28.57 -37.84
CA GLU U 143 -85.35 27.30 -38.52
C GLU U 143 -85.35 27.47 -40.04
N ASP U 144 -84.52 26.71 -40.74
CA ASP U 144 -84.66 26.57 -42.18
C ASP U 144 -84.66 25.08 -42.51
N LYS U 145 -85.78 24.60 -43.01
CA LYS U 145 -85.95 23.19 -43.26
C LYS U 145 -85.11 22.74 -44.46
N ILE U 146 -84.68 23.73 -45.26
CA ILE U 146 -83.91 23.46 -46.47
C ILE U 146 -82.56 22.84 -46.15
N LEU U 147 -81.99 23.21 -45.01
CA LEU U 147 -80.70 22.72 -44.61
C LEU U 147 -80.78 21.29 -44.10
N GLU U 148 -81.95 20.93 -43.56
CA GLU U 148 -82.17 19.63 -42.92
C GLU U 148 -81.74 18.43 -43.74
N GLY U 149 -81.93 18.53 -45.06
CA GLY U 149 -81.63 17.43 -45.95
C GLY U 149 -80.15 17.16 -46.14
N THR U 150 -79.29 17.95 -45.50
CA THR U 150 -77.85 17.78 -45.59
C THR U 150 -77.40 16.51 -44.86
N GLU U 151 -78.18 16.13 -43.85
CA GLU U 151 -77.99 14.90 -43.07
C GLU U 151 -76.56 14.77 -42.55
N THR U 152 -76.04 15.87 -42.04
CA THR U 152 -74.73 15.90 -41.42
C THR U 152 -74.91 15.89 -39.90
N ALA U 153 -73.99 15.27 -39.18
CA ALA U 153 -74.04 15.25 -37.71
C ALA U 153 -73.82 16.66 -37.12
N LYS U 154 -74.21 16.82 -35.87
CA LYS U 154 -74.34 18.13 -35.19
C LYS U 154 -73.15 19.09 -35.27
N TYR U 155 -73.42 20.40 -35.48
CA TYR U 155 -72.37 21.43 -35.45
C TYR U 155 -72.45 22.29 -34.19
N VAL U 156 -71.31 22.53 -33.54
CA VAL U 156 -71.29 23.30 -32.27
C VAL U 156 -70.46 24.58 -32.35
N PHE U 157 -71.13 25.74 -32.30
CA PHE U 157 -70.43 27.02 -32.47
C PHE U 157 -70.27 27.74 -31.16
N THR U 158 -69.02 27.91 -30.77
CA THR U 158 -68.71 28.56 -29.51
C THR U 158 -68.16 29.95 -29.80
N ASP U 159 -68.40 30.90 -28.90
CA ASP U 159 -67.69 32.15 -28.99
C ASP U 159 -66.52 32.10 -28.01
N ILE U 160 -65.31 32.34 -28.49
CA ILE U 160 -64.22 32.59 -27.57
C ILE U 160 -63.73 34.03 -27.71
N SER U 161 -64.04 34.83 -26.71
CA SER U 161 -63.63 36.22 -26.68
C SER U 161 -63.21 36.49 -25.25
N TYR U 162 -62.00 37.00 -25.07
CA TYR U 162 -61.41 36.95 -23.76
C TYR U 162 -62.08 37.84 -22.70
N SER U 163 -62.86 38.82 -23.13
CA SER U 163 -63.47 39.76 -22.18
C SER U 163 -64.68 39.21 -21.42
N ILE U 164 -65.27 38.15 -21.96
CA ILE U 164 -66.64 37.76 -21.57
C ILE U 164 -66.73 36.84 -20.35
N PRO U 165 -67.67 37.14 -19.43
CA PRO U 165 -68.09 36.23 -18.35
C PRO U 165 -68.75 34.99 -18.93
N HIS U 166 -68.36 33.82 -18.44
CA HIS U 166 -68.72 32.57 -19.10
C HIS U 166 -70.21 32.21 -19.05
N ARG U 167 -70.99 32.99 -18.30
CA ARG U 167 -72.43 32.87 -18.41
C ARG U 167 -72.95 33.83 -19.47
N GLU U 168 -72.09 34.75 -19.90
CA GLU U 168 -72.43 35.69 -20.95
C GLU U 168 -71.89 35.27 -22.33
N ARG U 169 -71.27 34.09 -22.40
CA ARG U 169 -70.81 33.56 -23.67
C ARG U 169 -71.96 33.04 -24.52
N PHE U 170 -71.78 33.06 -25.83
CA PHE U 170 -72.79 32.53 -26.73
C PHE U 170 -72.41 31.19 -27.29
N ILE U 171 -73.20 30.18 -26.96
CA ILE U 171 -72.92 28.83 -27.41
C ILE U 171 -74.14 28.27 -28.12
N VAL U 172 -73.93 27.88 -29.37
CA VAL U 172 -75.02 27.58 -30.28
C VAL U 172 -74.78 26.24 -30.98
N VAL U 173 -75.82 25.72 -31.62
CA VAL U 173 -75.77 24.43 -32.30
C VAL U 173 -76.66 24.44 -33.54
N ARG U 174 -76.24 23.72 -34.57
CA ARG U 174 -77.13 23.38 -35.68
C ARG U 174 -77.22 21.88 -35.79
N GLU U 175 -78.42 21.33 -35.66
CA GLU U 175 -78.55 19.89 -35.74
C GLU U 175 -78.78 19.50 -37.19
N PRO U 176 -78.81 18.19 -37.47
CA PRO U 176 -79.25 17.73 -38.79
C PRO U 176 -80.70 18.13 -39.10
N SER U 177 -81.43 18.61 -38.09
CA SER U 177 -82.85 18.98 -38.23
C SER U 177 -83.03 20.38 -38.80
N GLY U 178 -81.92 21.01 -39.17
CA GLY U 178 -81.97 22.29 -39.86
C GLY U 178 -82.55 23.37 -38.99
N THR U 179 -82.16 23.37 -37.73
CA THR U 179 -82.64 24.38 -36.82
C THR U 179 -81.48 24.94 -36.02
N LEU U 180 -81.62 26.19 -35.58
CA LEU U 180 -80.57 26.81 -34.76
C LEU U 180 -80.97 26.82 -33.30
N ARG U 181 -80.34 25.95 -32.53
CA ARG U 181 -80.73 25.74 -31.15
C ARG U 181 -79.62 26.26 -30.24
N LYS U 182 -79.97 26.79 -29.08
CA LYS U 182 -78.92 27.15 -28.13
C LYS U 182 -78.41 25.91 -27.39
N ALA U 183 -77.17 25.98 -26.93
CA ALA U 183 -76.53 24.86 -26.23
C ALA U 183 -77.23 24.55 -24.91
N SER U 184 -77.33 23.28 -24.54
CA SER U 184 -77.84 22.90 -23.22
C SER U 184 -76.78 23.23 -22.18
N TRP U 185 -77.09 23.05 -20.89
CA TRP U 185 -76.19 23.52 -19.86
C TRP U 185 -74.93 22.69 -19.76
N GLU U 186 -75.10 21.38 -19.68
CA GLU U 186 -73.96 20.47 -19.67
C GLU U 186 -73.09 20.69 -20.91
N GLU U 187 -73.76 20.71 -22.06
CA GLU U 187 -73.13 20.94 -23.36
C GLU U 187 -72.32 22.22 -23.32
N ARG U 188 -72.98 23.29 -22.93
CA ARG U 188 -72.38 24.60 -22.82
C ARG U 188 -71.11 24.55 -21.98
N ASP U 189 -71.19 23.88 -20.85
CA ASP U 189 -70.03 23.82 -19.97
C ASP U 189 -68.87 23.02 -20.60
N ARG U 190 -69.14 21.84 -21.15
CA ARG U 190 -68.04 21.06 -21.73
C ARG U 190 -67.40 21.80 -22.91
N MET U 191 -68.20 22.60 -23.62
CA MET U 191 -67.63 23.50 -24.63
C MET U 191 -66.65 24.47 -24.01
N ILE U 192 -67.08 25.22 -23.00
CA ILE U 192 -66.16 26.21 -22.44
C ILE U 192 -64.93 25.52 -21.89
N GLN U 193 -65.12 24.32 -21.37
CA GLN U 193 -64.00 23.54 -20.85
C GLN U 193 -63.01 23.17 -21.97
N VAL U 194 -63.52 22.93 -23.19
CA VAL U 194 -62.61 22.67 -24.31
C VAL U 194 -61.73 23.87 -24.61
N TYR U 195 -62.36 25.00 -24.93
CA TYR U 195 -61.63 26.16 -25.40
C TYR U 195 -61.07 27.01 -24.28
N PHE U 196 -61.61 26.87 -23.08
CA PHE U 196 -60.97 27.53 -21.95
C PHE U 196 -60.61 26.50 -20.92
N PRO U 197 -59.59 25.68 -21.21
CA PRO U 197 -59.29 24.55 -20.34
C PRO U 197 -58.91 25.03 -18.95
N ARG U 198 -59.57 24.47 -17.97
CA ARG U 198 -59.36 24.84 -16.59
C ARG U 198 -59.02 23.56 -15.86
N GLU U 199 -58.05 23.65 -14.95
CA GLU U 199 -57.47 22.44 -14.37
C GLU U 199 -58.43 21.67 -13.47
N GLY U 200 -58.23 20.36 -13.44
CA GLY U 200 -59.03 19.47 -12.62
C GLY U 200 -60.23 18.98 -13.37
N ARG U 201 -60.66 19.75 -14.37
CA ARG U 201 -61.87 19.39 -15.09
C ARG U 201 -61.55 18.40 -16.21
N ARG U 202 -62.28 17.30 -16.20
CA ARG U 202 -62.34 16.45 -17.38
C ARG U 202 -63.41 17.03 -18.29
N ILE U 203 -63.21 16.92 -19.59
CA ILE U 203 -64.21 17.37 -20.54
C ILE U 203 -65.26 16.30 -20.76
N LEU U 204 -64.88 15.06 -20.53
CA LEU U 204 -65.87 14.01 -20.42
C LEU U 204 -65.93 13.58 -18.95
N THR U 205 -67.16 13.45 -18.42
CA THR U 205 -67.40 13.22 -16.98
C THR U 205 -66.64 12.03 -16.36
N PRO U 206 -65.88 12.28 -15.27
CA PRO U 206 -65.01 11.29 -14.64
C PRO U 206 -65.78 10.14 -14.01
N VAL U 207 -65.25 8.93 -14.13
CA VAL U 207 -65.94 7.73 -13.71
C VAL U 207 -66.34 7.75 -12.24
N ILE U 208 -65.50 8.34 -11.40
CA ILE U 208 -65.59 8.16 -9.94
C ILE U 208 -66.95 8.53 -9.33
N PHE U 209 -67.80 9.19 -10.12
CA PHE U 209 -69.07 9.64 -9.60
C PHE U 209 -70.19 8.61 -9.74
N LYS U 210 -69.85 7.41 -10.21
CA LYS U 210 -70.78 6.27 -10.11
C LYS U 210 -70.90 5.84 -8.66
N GLU U 211 -72.06 5.28 -8.31
CA GLU U 211 -72.38 4.92 -6.92
C GLU U 211 -71.37 4.00 -6.25
N GLU U 212 -70.83 3.06 -7.02
CA GLU U 212 -69.83 2.13 -6.50
C GLU U 212 -68.59 2.88 -6.03
N ASN U 213 -68.06 3.70 -6.93
CA ASN U 213 -66.87 4.48 -6.63
C ASN U 213 -67.12 5.44 -5.50
N LEU U 214 -68.34 5.98 -5.46
CA LEU U 214 -68.75 6.82 -4.35
C LEU U 214 -68.61 6.08 -3.03
N GLN U 215 -69.29 4.94 -2.90
CA GLN U 215 -69.24 4.18 -1.67
C GLN U 215 -67.81 3.80 -1.29
N THR U 216 -67.01 3.48 -2.31
CA THR U 216 -65.62 3.12 -2.10
C THR U 216 -64.86 4.27 -1.48
N MET U 217 -65.10 5.48 -1.96
CA MET U 217 -64.41 6.67 -1.46
C MET U 217 -64.93 7.09 -0.07
N TYR U 218 -66.18 6.77 0.21
CA TYR U 218 -66.75 7.06 1.51
C TYR U 218 -66.13 6.15 2.57
N SER U 219 -66.03 4.86 2.24
CA SER U 219 -65.41 3.86 3.12
C SER U 219 -64.07 4.34 3.62
N GLN U 220 -63.32 4.95 2.71
CA GLN U 220 -61.96 5.35 2.98
C GLN U 220 -61.96 6.69 3.69
N ASP U 221 -63.17 7.18 4.00
CA ASP U 221 -63.31 8.36 4.85
C ASP U 221 -62.73 9.59 4.16
N GLN U 222 -62.82 9.60 2.84
CA GLN U 222 -62.17 10.62 2.02
C GLN U 222 -63.10 11.80 1.68
N HIS U 223 -64.25 11.86 2.34
CA HIS U 223 -65.34 12.74 1.90
C HIS U 223 -64.94 14.17 1.54
N VAL U 224 -63.96 14.74 2.24
CA VAL U 224 -63.46 16.06 1.87
C VAL U 224 -63.01 16.08 0.42
N ASP U 225 -62.44 14.95 -0.01
CA ASP U 225 -61.89 14.86 -1.35
C ASP U 225 -62.97 14.90 -2.40
N VAL U 226 -64.07 14.18 -2.16
CA VAL U 226 -65.16 14.12 -3.11
C VAL U 226 -65.75 15.50 -3.30
N LEU U 227 -66.04 16.12 -2.16
CA LEU U 227 -66.58 17.47 -2.17
C LEU U 227 -65.60 18.48 -2.74
N ASN U 228 -64.30 18.17 -2.69
CA ASN U 228 -63.34 19.04 -3.35
C ASN U 228 -63.32 18.75 -4.85
N LEU U 229 -63.73 17.54 -5.23
CA LEU U 229 -63.71 17.12 -6.63
C LEU U 229 -64.85 17.77 -7.40
N CYS U 230 -66.01 17.83 -6.77
CA CYS U 230 -67.16 18.42 -7.45
C CYS U 230 -67.02 19.93 -7.63
N VAL U 231 -66.36 20.60 -6.67
CA VAL U 231 -66.19 22.05 -6.76
C VAL U 231 -65.48 22.38 -8.05
N ALA U 232 -64.43 21.62 -8.32
CA ALA U 232 -63.65 21.83 -9.53
C ALA U 232 -64.34 21.32 -10.79
N GLN U 233 -64.82 20.08 -10.76
CA GLN U 233 -65.33 19.45 -11.98
C GLN U 233 -66.65 20.05 -12.50
N PHE U 234 -67.66 20.14 -11.65
CA PHE U 234 -68.96 20.66 -12.08
C PHE U 234 -69.16 22.12 -11.73
N GLU U 235 -70.38 22.61 -11.93
CA GLU U 235 -70.69 24.01 -11.66
C GLU U 235 -71.67 24.09 -10.50
N PRO U 236 -71.57 25.13 -9.67
CA PRO U 236 -72.28 25.16 -8.38
C PRO U 236 -73.80 25.12 -8.51
N ASP U 237 -74.31 25.56 -9.66
CA ASP U 237 -75.74 25.56 -9.88
C ASP U 237 -76.21 24.33 -10.65
N SER U 238 -75.29 23.40 -10.93
CA SER U 238 -75.62 22.25 -11.78
C SER U 238 -76.53 21.25 -11.08
N ALA U 239 -76.92 20.22 -11.83
CA ALA U 239 -77.68 19.13 -11.27
C ALA U 239 -76.76 18.23 -10.46
N GLU U 240 -75.65 17.84 -11.09
CA GLU U 240 -74.75 16.84 -10.51
C GLU U 240 -74.09 17.34 -9.24
N TYR U 241 -73.70 18.61 -9.26
CA TYR U 241 -73.15 19.30 -8.09
C TYR U 241 -74.03 19.00 -6.89
N ILE U 242 -75.28 19.41 -7.00
CA ILE U 242 -76.28 19.19 -5.96
C ILE U 242 -76.47 17.72 -5.59
N LYS U 243 -76.66 16.84 -6.59
CA LYS U 243 -76.79 15.40 -6.32
C LYS U 243 -75.68 14.85 -5.43
N ILE U 244 -74.44 15.17 -5.80
CA ILE U 244 -73.27 14.64 -5.13
C ILE U 244 -73.02 15.28 -3.77
N HIS U 245 -73.07 16.61 -3.70
CA HIS U 245 -72.94 17.30 -2.42
C HIS U 245 -73.95 16.77 -1.40
N HIS U 246 -75.21 16.77 -1.79
CA HIS U 246 -76.29 16.38 -0.90
C HIS U 246 -76.21 14.89 -0.52
N HIS U 247 -76.02 14.01 -1.50
CA HIS U 247 -75.86 12.59 -1.20
C HIS U 247 -74.71 12.36 -0.22
N THR U 248 -73.62 13.10 -0.43
CA THR U 248 -72.46 13.02 0.45
C THR U 248 -72.77 13.48 1.87
N TYR U 249 -73.59 14.52 2.00
CA TYR U 249 -74.07 14.92 3.32
C TYR U 249 -74.85 13.81 4.00
N GLU U 250 -75.75 13.17 3.24
CA GLU U 250 -76.49 12.01 3.74
C GLU U 250 -75.57 10.94 4.32
N ASP U 251 -74.42 10.73 3.66
CA ASP U 251 -73.46 9.74 4.14
C ASP U 251 -72.80 10.08 5.48
N ILE U 252 -72.31 11.32 5.60
CA ILE U 252 -71.72 11.76 6.86
C ILE U 252 -72.75 11.77 7.99
N ASP U 253 -74.02 11.93 7.63
CA ASP U 253 -75.11 11.90 8.60
C ASP U 253 -75.38 10.48 9.11
N LYS U 254 -75.54 9.53 8.20
CA LYS U 254 -75.81 8.15 8.58
C LYS U 254 -74.61 7.47 9.22
N CYS U 255 -73.43 8.01 8.96
CA CYS U 255 -72.21 7.49 9.57
C CYS U 255 -71.76 8.30 10.80
N GLY U 256 -72.47 9.40 11.08
CA GLY U 256 -72.14 10.27 12.20
C GLY U 256 -70.74 10.87 12.15
N LYS U 257 -70.23 11.07 10.95
CA LYS U 257 -68.83 11.43 10.71
C LYS U 257 -68.59 12.93 10.69
N TYR U 258 -69.59 13.68 11.14
CA TYR U 258 -69.66 15.13 10.95
C TYR U 258 -68.36 15.88 11.22
N ASP U 259 -67.55 15.39 12.17
CA ASP U 259 -66.36 16.13 12.56
C ASP U 259 -65.26 16.14 11.48
N LEU U 260 -65.48 15.36 10.43
CA LEU U 260 -64.57 15.36 9.31
C LEU U 260 -64.39 16.76 8.74
N LEU U 261 -65.51 17.31 8.28
CA LEU U 261 -65.51 18.53 7.47
C LEU U 261 -65.42 19.74 8.36
N ARG U 262 -65.19 19.49 9.65
CA ARG U 262 -65.18 20.53 10.68
C ARG U 262 -64.33 21.75 10.34
N SER U 263 -63.01 21.60 10.21
CA SER U 263 -62.19 22.76 9.92
C SER U 263 -62.16 23.03 8.43
N THR U 264 -62.89 22.23 7.66
CA THR U 264 -62.96 22.37 6.20
C THR U 264 -63.77 23.60 5.79
N ARG U 265 -63.57 24.07 4.55
CA ARG U 265 -64.43 25.10 3.98
C ARG U 265 -65.79 24.54 3.60
N HIS U 266 -65.94 23.22 3.69
CA HIS U 266 -67.18 22.55 3.32
C HIS U 266 -68.25 22.60 4.40
N PHE U 267 -67.87 23.02 5.61
CA PHE U 267 -68.77 23.02 6.75
C PHE U 267 -70.09 23.76 6.47
N GLY U 268 -70.02 24.89 5.80
CA GLY U 268 -71.19 25.68 5.46
C GLY U 268 -72.26 24.87 4.74
N GLY U 269 -71.83 23.96 3.89
CA GLY U 269 -72.76 23.12 3.16
C GLY U 269 -73.39 22.09 4.06
N MET U 270 -72.62 21.59 5.02
CA MET U 270 -73.15 20.69 6.05
C MET U 270 -74.31 21.32 6.80
N ALA U 271 -74.03 22.49 7.37
CA ALA U 271 -75.00 23.22 8.15
C ALA U 271 -76.26 23.48 7.34
N TRP U 272 -76.10 24.07 6.17
CA TRP U 272 -77.26 24.45 5.38
C TRP U 272 -78.14 23.30 4.98
N TYR U 273 -77.58 22.33 4.25
CA TYR U 273 -78.38 21.22 3.74
C TYR U 273 -79.19 20.57 4.85
N PHE U 274 -78.62 20.54 6.05
CA PHE U 274 -79.30 19.93 7.18
C PHE U 274 -80.39 20.81 7.82
N VAL U 275 -80.12 22.11 7.97
CA VAL U 275 -81.12 23.01 8.50
C VAL U 275 -82.34 22.96 7.58
N ASN U 276 -82.08 22.89 6.27
CA ASN U 276 -83.14 22.82 5.27
C ASN U 276 -83.66 21.40 5.05
N LYS U 277 -82.97 20.40 5.59
CA LYS U 277 -83.52 19.05 5.61
C LYS U 277 -84.16 18.84 6.98
N LYS U 278 -83.98 19.84 7.83
CA LYS U 278 -84.51 19.83 9.19
C LYS U 278 -84.09 18.61 10.01
N LYS U 279 -82.93 18.03 9.71
CA LYS U 279 -82.34 17.04 10.62
C LYS U 279 -81.09 17.64 11.21
N ILE U 280 -81.17 18.08 12.46
CA ILE U 280 -80.01 18.72 13.09
C ILE U 280 -79.33 17.72 14.02
N ASP U 281 -79.88 16.52 14.03
CA ASP U 281 -79.56 15.50 15.01
C ASP U 281 -78.07 15.31 15.29
N GLY U 282 -77.39 14.75 14.30
CA GLY U 282 -76.04 14.27 14.51
C GLY U 282 -75.10 15.40 14.86
N LEU U 283 -75.38 16.57 14.30
CA LEU U 283 -74.51 17.71 14.52
C LEU U 283 -74.64 18.24 15.94
N LEU U 284 -75.85 18.24 16.47
CA LEU U 284 -76.09 18.66 17.85
C LEU U 284 -75.52 17.65 18.84
N ILE U 285 -75.87 16.38 18.64
CA ILE U 285 -75.32 15.28 19.44
C ILE U 285 -73.80 15.41 19.51
N ASP U 286 -73.16 15.36 18.35
CA ASP U 286 -71.72 15.52 18.22
C ASP U 286 -71.17 16.75 18.93
N GLN U 287 -71.78 17.92 18.69
CA GLN U 287 -71.34 19.17 19.31
C GLN U 287 -71.34 19.09 20.83
N ILE U 288 -72.38 18.50 21.39
CA ILE U 288 -72.46 18.35 22.84
C ILE U 288 -71.45 17.31 23.33
N GLN U 289 -71.21 16.28 22.52
CA GLN U 289 -70.23 15.24 22.88
C GLN U 289 -68.78 15.73 22.72
N ARG U 290 -68.59 16.69 21.82
CA ARG U 290 -67.28 17.28 21.57
C ARG U 290 -66.96 18.36 22.60
N ASP U 291 -67.92 18.58 23.49
CA ASP U 291 -67.84 19.62 24.50
C ASP U 291 -67.83 21.01 23.87
N LEU U 292 -68.63 21.20 22.82
CA LEU U 292 -68.85 22.52 22.27
C LEU U 292 -70.31 22.93 22.44
N VAL U 293 -70.54 23.84 23.37
CA VAL U 293 -71.88 24.33 23.63
C VAL U 293 -72.27 25.46 22.67
N SER U 294 -71.35 26.40 22.49
CA SER U 294 -71.60 27.62 21.72
C SER U 294 -72.03 27.34 20.28
N ASP U 295 -71.54 26.23 19.74
CA ASP U 295 -71.83 25.84 18.37
C ASP U 295 -73.25 25.30 18.23
N ALA U 296 -73.66 24.46 19.18
CA ALA U 296 -75.04 23.98 19.22
C ALA U 296 -75.99 25.17 19.42
N THR U 297 -75.53 26.14 20.22
CA THR U 297 -76.25 27.38 20.45
C THR U 297 -76.53 28.14 19.17
N SER U 298 -75.45 28.48 18.46
CA SER U 298 -75.58 29.22 17.20
C SER U 298 -76.30 28.40 16.12
N LEU U 299 -76.30 27.08 16.30
CA LEU U 299 -76.96 26.18 15.35
C LEU U 299 -78.49 26.18 15.51
N VAL U 300 -78.94 26.07 16.76
CA VAL U 300 -80.36 26.22 17.03
C VAL U 300 -80.79 27.63 16.61
N HIS U 301 -79.94 28.60 16.93
CA HIS U 301 -80.08 29.99 16.50
C HIS U 301 -80.39 30.03 15.00
N LEU U 302 -79.61 29.25 14.25
CA LEU U 302 -79.77 29.12 12.81
C LEU U 302 -81.09 28.48 12.39
N TYR U 303 -81.50 27.42 13.08
CA TYR U 303 -82.75 26.78 12.73
C TYR U 303 -83.90 27.75 12.99
N HIS U 304 -83.68 28.67 13.93
CA HIS U 304 -84.65 29.72 14.21
C HIS U 304 -84.62 30.81 13.13
N ILE U 305 -83.46 31.04 12.52
CA ILE U 305 -83.38 32.04 11.45
C ILE U 305 -83.94 31.52 10.12
N LEU U 306 -83.79 30.22 9.87
CA LEU U 306 -84.31 29.62 8.65
C LEU U 306 -85.70 29.01 8.86
N HIS U 307 -86.18 29.06 10.10
CA HIS U 307 -87.56 28.71 10.41
C HIS U 307 -88.19 29.68 11.43
N PRO U 308 -88.39 30.96 11.06
CA PRO U 308 -88.89 31.99 11.98
C PRO U 308 -90.28 31.70 12.58
N UNK U 309 -91.24 31.30 11.75
CA UNK U 309 -92.56 30.95 12.25
C UNK U 309 -92.76 29.45 12.28
N UNK U 310 -92.70 28.90 13.49
CA UNK U 310 -93.02 27.51 13.78
C UNK U 310 -93.28 27.49 15.28
N UNK U 311 -93.87 26.42 15.80
CA UNK U 311 -94.11 26.33 17.24
C UNK U 311 -92.79 26.50 17.99
N UNK U 312 -91.85 25.60 17.70
CA UNK U 312 -90.52 25.58 18.32
C UNK U 312 -89.83 26.94 18.32
N UNK U 313 -89.77 27.57 17.14
CA UNK U 313 -89.09 28.86 16.98
C UNK U 313 -89.67 29.96 17.88
N UNK U 314 -90.87 30.44 17.55
CA UNK U 314 -91.46 31.58 18.24
C UNK U 314 -91.70 31.30 19.73
N UNK U 315 -92.02 30.05 20.09
CA UNK U 315 -92.26 29.70 21.50
C UNK U 315 -90.97 29.64 22.31
N UNK U 316 -90.03 28.77 21.92
CA UNK U 316 -88.77 28.64 22.66
C UNK U 316 -87.88 29.90 22.54
N UNK U 317 -88.27 30.83 21.67
CA UNK U 317 -87.62 32.15 21.60
C UNK U 317 -88.26 33.15 22.56
N UNK U 318 -89.53 33.46 22.33
CA UNK U 318 -90.21 34.52 23.09
C UNK U 318 -90.45 34.18 24.57
N UNK U 319 -90.59 32.90 24.90
CA UNK U 319 -90.65 32.46 26.30
C UNK U 319 -89.38 32.92 27.05
N UNK U 320 -88.24 32.32 26.69
CA UNK U 320 -86.90 32.80 27.05
C UNK U 320 -85.85 31.92 26.35
N UNK U 321 -84.62 32.43 26.20
CA UNK U 321 -83.59 31.66 25.51
C UNK U 321 -82.13 31.98 25.91
N UNK U 322 -81.34 30.92 26.00
CA UNK U 322 -79.91 30.95 26.31
C UNK U 322 -79.40 29.53 26.03
N UNK U 323 -78.16 29.23 26.42
CA UNK U 323 -77.59 27.88 26.25
C UNK U 323 -78.54 26.77 26.71
N UNK U 324 -78.73 26.65 28.03
CA UNK U 324 -79.56 25.60 28.64
C UNK U 324 -81.00 25.60 28.11
N UNK U 325 -81.67 26.74 28.24
CA UNK U 325 -83.09 26.85 27.87
C UNK U 325 -83.38 26.66 26.38
N UNK U 326 -82.60 27.31 25.50
CA UNK U 326 -82.85 27.21 24.05
C UNK U 326 -82.37 25.87 23.47
N UNK U 327 -81.23 25.37 23.93
CA UNK U 327 -80.77 24.07 23.45
C UNK U 327 -81.67 22.92 23.94
N UNK U 328 -82.18 23.02 25.18
CA UNK U 328 -83.08 21.96 25.71
C UNK U 328 -84.54 22.09 25.22
N UNK U 329 -84.99 23.30 24.95
CA UNK U 329 -86.34 23.51 24.41
C UNK U 329 -86.38 23.15 22.92
N UNK U 330 -85.27 23.35 22.23
CA UNK U 330 -85.15 22.90 20.85
C UNK U 330 -84.76 21.42 20.81
N UNK U 331 -84.33 20.88 21.95
CA UNK U 331 -84.13 19.43 22.09
C UNK U 331 -85.46 18.72 22.36
N UNK U 332 -86.40 19.43 22.99
CA UNK U 332 -87.76 18.91 23.18
C UNK U 332 -88.67 19.14 21.95
N UNK U 333 -88.45 20.25 21.24
CA UNK U 333 -89.31 20.62 20.10
C UNK U 333 -88.81 20.12 18.73
N UNK U 334 -87.60 19.55 18.69
CA UNK U 334 -87.16 18.78 17.52
C UNK U 334 -87.05 17.30 17.91
N UNK U 335 -88.00 16.51 17.41
CA UNK U 335 -88.29 15.18 17.96
C UNK U 335 -87.66 13.99 17.23
N UNK U 336 -86.80 14.26 16.25
CA UNK U 336 -86.20 13.20 15.44
C UNK U 336 -85.69 12.05 16.33
N UNK U 337 -84.63 12.29 17.10
CA UNK U 337 -84.54 11.61 18.39
C UNK U 337 -84.20 12.62 19.47
N UNK U 338 -85.21 13.04 20.21
CA UNK U 338 -85.06 14.04 21.24
C UNK U 338 -84.43 13.36 22.44
N UNK U 339 -84.62 12.05 22.49
CA UNK U 339 -84.01 11.20 23.48
C UNK U 339 -82.49 11.24 23.35
N UNK U 340 -81.97 11.43 22.13
CA UNK U 340 -80.52 11.50 21.99
C UNK U 340 -80.00 12.81 22.60
N UNK U 341 -80.55 13.93 22.12
CA UNK U 341 -80.20 15.26 22.63
C UNK U 341 -80.29 15.29 24.15
N UNK U 342 -81.49 15.06 24.67
CA UNK U 342 -81.74 15.03 26.11
C UNK U 342 -80.74 14.15 26.88
N UNK U 343 -80.29 13.05 26.26
CA UNK U 343 -79.28 12.22 26.92
C UNK U 343 -77.96 12.98 27.01
N UNK U 344 -77.46 13.40 25.85
CA UNK U 344 -76.15 14.02 25.78
C UNK U 344 -76.15 15.39 26.46
N UNK U 345 -77.27 16.12 26.32
CA UNK U 345 -77.40 17.43 26.96
C UNK U 345 -77.43 17.29 28.47
N UNK U 346 -77.70 16.08 28.96
CA UNK U 346 -77.53 15.79 30.39
C UNK U 346 -76.04 15.55 30.68
N UNK U 347 -75.42 14.71 29.86
CA UNK U 347 -74.05 14.27 30.09
C UNK U 347 -73.09 15.45 30.18
N UNK U 348 -73.03 16.30 29.14
CA UNK U 348 -72.24 17.53 29.19
C UNK U 348 -72.52 18.31 30.46
N UNK U 349 -73.81 18.48 30.76
CA UNK U 349 -74.21 19.25 31.94
C UNK U 349 -73.56 18.61 33.17
N UNK U 350 -73.71 17.29 33.31
CA UNK U 350 -73.09 16.58 34.43
C UNK U 350 -71.58 16.78 34.43
N UNK U 351 -70.94 16.69 33.26
CA UNK U 351 -69.49 16.81 33.17
C UNK U 351 -69.00 18.22 33.50
N UNK U 352 -69.93 19.17 33.63
CA UNK U 352 -69.57 20.50 34.12
C UNK U 352 -69.45 20.50 35.65
N UNK U 353 -70.44 19.90 36.32
CA UNK U 353 -70.51 19.96 37.78
C UNK U 353 -69.33 19.22 38.44
N UNK U 354 -68.75 18.28 37.70
CA UNK U 354 -67.54 17.58 38.13
C UNK U 354 -66.26 18.39 37.88
N UNK U 355 -66.22 19.14 36.76
CA UNK U 355 -65.03 19.91 36.39
C UNK U 355 -64.92 21.26 37.12
N UNK U 356 -66.06 21.84 37.48
CA UNK U 356 -66.10 23.13 38.17
C UNK U 356 -66.02 22.98 39.68
N ALA V 2 -17.67 -1.18 21.72
CA ALA V 2 -16.53 -0.33 21.98
C ALA V 2 -16.98 1.10 22.34
N GLY V 3 -16.49 2.08 21.58
CA GLY V 3 -16.60 3.46 21.98
C GLY V 3 -16.03 4.36 20.90
N SER V 4 -15.60 5.55 21.29
CA SER V 4 -14.99 6.43 20.32
C SER V 4 -13.72 7.06 20.85
N ARG V 5 -12.63 6.70 20.19
CA ARG V 5 -11.32 7.02 20.67
C ARG V 5 -10.84 8.35 20.12
N LEU V 6 -11.71 9.07 19.41
CA LEU V 6 -11.28 10.27 18.71
C LEU V 6 -11.11 11.43 19.68
N GLU V 7 -9.87 11.87 19.82
CA GLU V 7 -9.50 12.83 20.84
C GLU V 7 -9.82 14.25 20.40
N THR V 8 -9.91 14.43 19.09
CA THR V 8 -10.19 15.74 18.52
C THR V 8 -11.69 16.08 18.47
N VAL V 9 -12.52 15.07 18.24
CA VAL V 9 -13.91 15.32 17.84
C VAL V 9 -14.68 16.26 18.78
N GLY V 10 -14.67 15.97 20.07
CA GLY V 10 -15.34 16.83 21.02
C GLY V 10 -15.00 16.39 22.41
N SER V 11 -15.62 17.01 23.42
CA SER V 11 -15.39 16.65 24.81
C SER V 11 -15.84 15.21 25.11
N ILE V 12 -15.23 14.59 26.12
CA ILE V 12 -15.58 13.22 26.49
C ILE V 12 -17.05 13.13 26.81
N PHE V 13 -17.57 14.19 27.41
CA PHE V 13 -18.99 14.32 27.71
C PHE V 13 -19.81 14.16 26.44
N SER V 14 -19.42 14.88 25.40
CA SER V 14 -20.12 14.83 24.13
C SER V 14 -20.21 13.39 23.65
N ARG V 15 -19.04 12.86 23.31
CA ARG V 15 -18.91 11.52 22.77
C ARG V 15 -19.68 10.46 23.56
N THR V 16 -19.53 10.50 24.88
CA THR V 16 -20.12 9.48 25.75
C THR V 16 -21.64 9.59 25.75
N ARG V 17 -22.13 10.79 26.06
CA ARG V 17 -23.57 11.08 26.05
C ARG V 17 -24.19 10.64 24.73
N ASP V 18 -23.48 10.92 23.64
CA ASP V 18 -24.06 10.71 22.32
C ASP V 18 -23.98 9.25 21.90
N LEU V 19 -22.92 8.57 22.31
CA LEU V 19 -22.80 7.16 21.99
C LEU V 19 -23.84 6.36 22.78
N ILE V 20 -24.13 6.80 23.99
CA ILE V 20 -25.23 6.22 24.75
C ILE V 20 -26.56 6.53 24.06
N ARG V 21 -26.66 7.75 23.53
CA ARG V 21 -27.84 8.22 22.81
C ARG V 21 -28.13 7.33 21.60
N ALA V 22 -27.07 6.81 20.98
CA ALA V 22 -27.21 5.87 19.89
C ALA V 22 -27.30 4.45 20.42
N GLY V 23 -27.34 4.32 21.74
CA GLY V 23 -27.52 3.03 22.37
C GLY V 23 -26.48 1.99 22.00
N VAL V 24 -25.28 2.48 21.67
CA VAL V 24 -24.16 1.59 21.44
C VAL V 24 -23.52 1.21 22.73
N LEU V 25 -23.38 2.21 23.58
CA LEU V 25 -22.83 1.98 24.90
C LEU V 25 -23.99 1.65 25.82
N LYS V 26 -24.04 0.41 26.30
CA LYS V 26 -25.20 -0.08 27.02
C LYS V 26 -25.10 0.18 28.52
N GLU V 27 -23.90 0.55 28.96
CA GLU V 27 -23.68 0.86 30.36
C GLU V 27 -23.27 2.31 30.57
N LYS V 28 -24.14 3.07 31.22
CA LYS V 28 -23.79 4.40 31.65
C LYS V 28 -22.58 4.29 32.61
N PRO V 29 -21.47 4.99 32.31
CA PRO V 29 -20.27 5.06 33.17
C PRO V 29 -20.43 6.04 34.33
N LEU V 30 -19.66 5.83 35.40
CA LEU V 30 -19.81 6.59 36.64
C LEU V 30 -19.62 8.10 36.55
N TRP V 31 -18.41 8.45 36.17
CA TRP V 31 -17.97 9.82 36.05
C TRP V 31 -18.96 10.61 35.23
N LEU V 32 -19.69 9.91 34.35
CA LEU V 32 -20.71 10.51 33.52
C LEU V 32 -21.82 11.16 34.35
N ASP V 33 -22.42 10.38 35.23
CA ASP V 33 -23.49 10.90 36.06
C ASP V 33 -22.97 12.01 36.97
N ILE V 34 -21.81 11.75 37.59
CA ILE V 34 -21.23 12.80 38.45
C ILE V 34 -21.01 14.11 37.70
N TYR V 35 -20.57 13.97 36.46
CA TYR V 35 -20.31 15.08 35.56
C TYR V 35 -21.59 15.87 35.32
N ASN V 36 -22.64 15.17 34.88
CA ASN V 36 -23.94 15.80 34.67
C ASN V 36 -24.32 16.62 35.87
N ALA V 37 -24.09 16.05 37.05
CA ALA V 37 -24.39 16.76 38.29
C ALA V 37 -23.57 18.04 38.45
N PHE V 38 -22.25 17.92 38.46
CA PHE V 38 -21.39 19.10 38.56
C PHE V 38 -20.50 19.20 37.34
N PRO V 39 -20.96 19.89 36.29
CA PRO V 39 -20.04 20.08 35.18
C PRO V 39 -18.99 21.13 35.52
N PRO V 40 -17.79 21.02 34.91
CA PRO V 40 -16.68 21.97 34.91
C PRO V 40 -16.97 23.22 34.07
N LEU V 41 -16.16 24.25 34.23
CA LEU V 41 -16.40 25.53 33.59
C LEU V 41 -16.53 25.44 32.09
N ARG V 42 -15.48 24.94 31.47
CA ARG V 42 -15.45 24.78 30.02
C ARG V 42 -15.45 23.30 29.69
N GLU V 43 -16.15 22.92 28.61
CA GLU V 43 -16.05 21.55 28.13
C GLU V 43 -14.63 21.27 27.76
N PRO V 44 -14.14 20.08 28.09
CA PRO V 44 -12.77 19.70 27.77
C PRO V 44 -12.57 19.43 26.28
N VAL V 45 -12.73 20.42 25.40
CA VAL V 45 -12.64 20.17 23.97
C VAL V 45 -11.26 20.45 23.42
N PHE V 46 -10.87 19.66 22.42
CA PHE V 46 -9.53 19.76 21.85
C PHE V 46 -9.31 20.98 20.96
N ARG V 47 -8.19 21.67 21.19
CA ARG V 47 -7.79 22.82 20.38
C ARG V 47 -6.34 22.73 19.94
N ARG V 48 -6.13 22.86 18.64
CA ARG V 48 -4.79 23.06 18.12
C ARG V 48 -4.17 24.27 18.79
N PRO V 49 -2.95 24.12 19.33
CA PRO V 49 -2.23 25.27 19.89
C PRO V 49 -1.53 26.12 18.82
N ARG V 50 -2.29 26.97 18.13
CA ARG V 50 -1.74 27.79 17.04
C ARG V 50 -0.75 28.79 17.54
N LEU V 51 0.28 29.05 16.74
CA LEU V 51 1.21 30.14 17.02
C LEU V 51 0.55 31.50 16.70
N ARG V 52 1.08 32.59 17.23
CA ARG V 52 0.59 33.93 16.88
C ARG V 52 1.49 34.59 15.83
N TYR V 53 0.90 35.10 14.74
CA TYR V 53 1.66 35.90 13.75
C TYR V 53 1.34 37.39 13.76
N GLY V 54 2.06 38.14 12.94
CA GLY V 54 1.72 39.53 12.69
C GLY V 54 1.69 40.44 13.90
N LYS V 55 0.54 41.11 14.09
CA LYS V 55 0.40 42.12 15.13
C LYS V 55 -0.20 41.60 16.43
N ALA V 56 -0.55 40.32 16.49
CA ALA V 56 -1.24 39.78 17.66
C ALA V 56 -0.31 39.55 18.86
N LYS V 57 -0.63 40.20 19.98
CA LYS V 57 0.10 40.08 21.25
C LYS V 57 -0.79 39.36 22.24
N ALA V 58 -0.32 39.22 23.48
CA ALA V 58 -1.15 38.58 24.47
C ALA V 58 -2.03 39.57 25.23
N ALA V 59 -2.93 39.02 26.04
CA ALA V 59 -3.91 39.80 26.78
C ALA V 59 -3.45 40.04 28.20
N VAL V 60 -2.26 39.55 28.54
CA VAL V 60 -1.77 39.67 29.91
C VAL V 60 -1.49 41.12 30.24
N GLN V 61 -1.90 41.49 31.44
CA GLN V 61 -1.63 42.82 31.95
C GLN V 61 -0.44 42.73 32.88
N ASP V 62 0.60 43.48 32.58
CA ASP V 62 1.76 43.51 33.46
C ASP V 62 1.35 44.07 34.82
N ILE V 63 2.12 43.77 35.85
CA ILE V 63 1.73 44.11 37.20
C ILE V 63 2.63 45.15 37.88
N PHE V 64 2.07 46.35 38.08
CA PHE V 64 2.80 47.46 38.70
C PHE V 64 1.96 48.31 39.67
N TYR V 65 2.59 48.80 40.74
CA TYR V 65 1.95 49.71 41.70
C TYR V 65 2.75 50.99 41.80
N HIS V 66 2.19 52.04 42.39
CA HIS V 66 2.94 53.27 42.56
C HIS V 66 4.02 53.09 43.62
N GLU V 67 3.73 52.16 44.52
CA GLU V 67 4.69 51.70 45.49
C GLU V 67 6.00 51.34 44.79
N ASP V 68 5.88 50.71 43.62
CA ASP V 68 7.03 50.30 42.84
C ASP V 68 7.80 51.50 42.27
N ARG V 69 7.07 52.55 41.88
CA ARG V 69 7.71 53.76 41.37
C ARG V 69 8.56 54.43 42.44
N ILE V 70 8.13 54.26 43.69
CA ILE V 70 8.99 54.65 44.81
C ILE V 70 10.19 53.72 45.00
N ARG V 71 9.89 52.42 45.11
CA ARG V 71 10.91 51.40 45.38
C ARG V 71 12.07 51.52 44.41
N ALA V 72 11.74 51.88 43.17
CA ALA V 72 12.74 52.13 42.15
C ALA V 72 13.78 53.10 42.65
N LYS V 73 13.30 54.17 43.27
CA LYS V 73 14.17 55.22 43.76
C LYS V 73 14.90 54.76 45.00
N PHE V 74 14.22 53.95 45.81
CA PHE V 74 14.88 53.42 46.99
C PHE V 74 16.10 52.57 46.63
N TYR V 75 15.91 51.63 45.70
CA TYR V 75 16.98 50.78 45.23
C TYR V 75 17.99 51.57 44.43
N SER V 76 17.51 52.68 43.88
CA SER V 76 18.39 53.61 43.19
C SER V 76 19.36 54.26 44.18
N ALA V 77 18.92 54.45 45.42
CA ALA V 77 19.80 55.04 46.44
C ALA V 77 20.58 53.99 47.24
N TYR V 78 19.89 53.30 48.12
CA TYR V 78 20.53 52.41 49.08
C TYR V 78 20.85 50.99 48.58
N GLY V 79 20.05 50.48 47.63
CA GLY V 79 20.17 49.11 47.18
C GLY V 79 19.13 48.24 47.87
N SER V 80 19.34 46.93 47.88
CA SER V 80 18.47 46.04 48.66
C SER V 80 18.76 46.24 50.14
N GLY V 81 17.71 46.13 50.95
CA GLY V 81 17.79 46.41 52.39
C GLY V 81 18.89 45.65 53.12
N PRO V 82 19.47 46.27 54.16
CA PRO V 82 20.51 45.66 55.01
C PRO V 82 20.01 44.47 55.86
N LYS V 83 18.69 44.34 55.97
CA LYS V 83 18.02 43.32 56.78
C LYS V 83 17.83 42.00 56.01
N ALA V 84 18.30 41.98 54.77
CA ALA V 84 18.00 40.93 53.79
C ALA V 84 16.48 40.73 53.63
N PHE V 85 16.06 39.49 53.44
CA PHE V 85 14.70 39.17 53.00
C PHE V 85 14.31 37.79 53.48
N ASP V 86 13.01 37.56 53.62
CA ASP V 86 12.50 36.21 53.82
C ASP V 86 11.22 36.02 53.05
N LEU V 87 11.18 34.95 52.25
CA LEU V 87 9.97 34.62 51.50
C LEU V 87 9.14 33.54 52.21
N PHE V 88 9.66 33.05 53.34
CA PHE V 88 8.92 32.10 54.19
C PHE V 88 7.93 32.81 55.12
N ASN V 89 8.30 34.01 55.55
CA ASN V 89 7.52 34.77 56.52
C ASN V 89 6.52 35.69 55.83
N PRO V 90 5.22 35.33 55.89
CA PRO V 90 4.14 35.99 55.13
C PRO V 90 3.99 37.48 55.44
N ASN V 91 4.38 37.88 56.65
CA ASN V 91 4.22 39.24 57.11
C ASN V 91 5.47 40.10 57.01
N PHE V 92 6.54 39.54 56.45
CA PHE V 92 7.81 40.25 56.44
C PHE V 92 7.71 41.63 55.80
N LYS V 93 8.18 42.64 56.53
CA LYS V 93 8.34 43.98 56.00
C LYS V 93 9.82 44.25 55.82
N SER V 94 10.21 44.71 54.62
CA SER V 94 11.61 45.03 54.41
C SER V 94 11.87 46.49 54.64
N THR V 95 13.15 46.86 54.55
CA THR V 95 13.58 48.24 54.68
C THR V 95 12.82 49.07 53.65
N CYS V 96 12.74 48.49 52.46
CA CYS V 96 12.01 49.07 51.35
C CYS V 96 10.58 49.40 51.74
N GLN V 97 9.87 48.43 52.31
CA GLN V 97 8.45 48.62 52.58
C GLN V 97 8.23 49.75 53.59
N ARG V 98 9.03 49.77 54.65
CA ARG V 98 9.02 50.88 55.62
C ARG V 98 9.16 52.21 54.91
N PHE V 99 10.18 52.30 54.06
CA PHE V 99 10.41 53.50 53.28
C PHE V 99 9.17 53.91 52.52
N VAL V 100 8.52 52.93 51.90
CA VAL V 100 7.31 53.22 51.13
C VAL V 100 6.23 53.79 52.04
N GLU V 101 6.09 53.23 53.23
CA GLU V 101 5.06 53.70 54.17
C GLU V 101 5.31 55.14 54.64
N LYS V 102 6.52 55.40 55.12
CA LYS V 102 6.94 56.75 55.48
C LYS V 102 6.65 57.72 54.34
N TYR V 103 7.00 57.34 53.12
CA TYR V 103 6.78 58.18 51.95
C TYR V 103 5.28 58.41 51.68
N ILE V 104 4.47 57.40 51.94
CA ILE V 104 3.02 57.54 51.79
C ILE V 104 2.46 58.53 52.81
N GLU V 105 2.97 58.48 54.04
CA GLU V 105 2.48 59.39 55.07
C GLU V 105 2.97 60.84 54.84
N LEU V 106 4.18 61.01 54.32
CA LEU V 106 4.67 62.34 53.93
C LEU V 106 4.02 62.84 52.63
N GLN V 107 3.38 61.93 51.90
CA GLN V 107 2.53 62.29 50.77
C GLN V 107 1.19 62.79 51.29
N ARG V 108 0.68 62.15 52.34
CA ARG V 108 -0.53 62.61 53.02
C ARG V 108 -0.26 63.86 53.88
N LEU V 109 1.01 64.23 53.99
CA LEU V 109 1.41 65.49 54.63
C LEU V 109 1.49 66.63 53.59
N GLY V 110 1.17 66.32 52.34
CA GLY V 110 1.03 67.32 51.30
C GLY V 110 2.31 67.98 50.82
N GLU V 111 3.35 67.20 50.61
CA GLU V 111 4.60 67.71 50.05
C GLU V 111 4.79 67.17 48.63
N THR V 112 4.81 68.07 47.66
CA THR V 112 4.88 67.67 46.26
C THR V 112 6.32 67.51 45.76
N ASP V 113 7.29 68.03 46.52
CA ASP V 113 8.67 67.98 46.05
C ASP V 113 9.35 66.67 46.46
N GLU V 114 9.98 66.03 45.47
CA GLU V 114 10.63 64.74 45.64
C GLU V 114 11.74 64.76 46.68
N GLU V 115 12.59 65.79 46.61
CA GLU V 115 13.72 65.93 47.50
C GLU V 115 13.26 65.89 48.96
N LYS V 116 12.25 66.69 49.27
CA LYS V 116 11.68 66.76 50.61
C LYS V 116 11.09 65.41 51.04
N LEU V 117 10.25 64.83 50.18
CA LEU V 117 9.60 63.54 50.46
C LEU V 117 10.60 62.43 50.78
N PHE V 118 11.48 62.22 49.81
CA PHE V 118 12.55 61.24 49.87
C PHE V 118 13.46 61.42 51.10
N VAL V 119 14.06 62.61 51.24
CA VAL V 119 15.02 62.86 52.32
C VAL V 119 14.37 62.78 53.71
N GLU V 120 13.21 63.41 53.88
CA GLU V 120 12.52 63.38 55.17
C GLU V 120 12.06 61.97 55.54
N ALA V 121 11.61 61.19 54.54
CA ALA V 121 11.29 59.78 54.79
C ALA V 121 12.54 59.06 55.28
N GLY V 122 13.67 59.38 54.64
CA GLY V 122 14.97 58.88 55.05
C GLY V 122 15.31 59.26 56.48
N LYS V 123 14.83 60.43 56.91
CA LYS V 123 15.05 60.88 58.28
C LYS V 123 14.17 60.10 59.25
N ALA V 124 12.97 59.74 58.79
CA ALA V 124 12.06 58.93 59.58
C ALA V 124 12.64 57.55 59.85
N LEU V 125 13.22 56.96 58.80
CA LEU V 125 13.90 55.67 58.94
C LEU V 125 15.24 55.77 59.69
N LEU V 126 15.88 56.94 59.65
CA LEU V 126 17.05 57.18 60.49
C LEU V 126 16.64 57.19 61.96
N ALA V 127 15.48 57.78 62.24
CA ALA V 127 14.92 57.83 63.58
C ALA V 127 14.43 56.45 64.03
N GLU V 128 14.16 55.58 63.06
CA GLU V 128 13.81 54.20 63.39
C GLU V 128 15.03 53.30 63.58
N GLY V 129 16.23 53.85 63.41
CA GLY V 129 17.45 53.14 63.70
C GLY V 129 17.92 52.15 62.64
N VAL V 130 17.35 52.25 61.44
CA VAL V 130 17.82 51.43 60.33
C VAL V 130 19.06 52.07 59.70
N THR V 131 19.95 51.23 59.17
CA THR V 131 21.18 51.72 58.56
C THR V 131 21.00 51.92 57.07
N LEU V 132 21.03 53.18 56.64
CA LEU V 132 20.91 53.52 55.23
C LEU V 132 22.32 53.73 54.66
N ARG V 133 22.72 52.83 53.77
CA ARG V 133 24.10 52.74 53.30
C ARG V 133 24.53 53.94 52.46
N ARG V 134 23.57 54.55 51.75
CA ARG V 134 23.83 55.71 50.90
C ARG V 134 24.89 55.41 49.84
N VAL V 135 24.53 54.58 48.85
CA VAL V 135 25.40 54.36 47.70
C VAL V 135 25.00 55.30 46.56
N GLY V 136 25.98 55.88 45.87
CA GLY V 136 25.75 56.85 44.83
C GLY V 136 24.94 56.32 43.65
N PRO W 2 -21.97 33.10 -7.35
CA PRO W 2 -20.59 33.44 -7.73
C PRO W 2 -19.66 33.63 -6.55
N MET W 3 -18.38 33.40 -6.76
CA MET W 3 -17.41 33.50 -5.68
C MET W 3 -16.80 34.88 -5.61
N LYS W 4 -16.13 35.30 -6.69
CA LYS W 4 -15.46 36.60 -6.64
C LYS W 4 -16.47 37.74 -6.62
N GLY W 5 -16.01 38.91 -6.17
CA GLY W 5 -16.88 40.04 -5.89
C GLY W 5 -17.00 40.07 -4.38
N ARG W 6 -17.20 41.23 -3.77
CA ARG W 6 -17.33 41.24 -2.32
C ARG W 6 -18.77 41.24 -1.80
N PHE W 7 -19.75 41.41 -2.67
CA PHE W 7 -21.15 41.25 -2.25
C PHE W 7 -21.89 40.51 -3.33
N PRO W 8 -21.45 39.30 -3.59
CA PRO W 8 -21.72 38.50 -4.78
C PRO W 8 -23.20 38.30 -4.97
N ILE W 9 -23.95 38.49 -3.90
CA ILE W 9 -25.37 38.30 -3.98
C ILE W 9 -25.95 39.28 -4.98
N ARG W 10 -25.22 40.36 -5.28
CA ARG W 10 -25.75 41.36 -6.21
C ARG W 10 -25.35 41.10 -7.66
N ARG W 11 -24.64 40.01 -7.89
CA ARG W 11 -24.40 39.52 -9.25
C ARG W 11 -25.35 38.38 -9.59
N THR W 12 -26.33 38.15 -8.73
CA THR W 12 -27.44 37.21 -8.99
C THR W 12 -28.46 37.72 -9.99
N LEU W 13 -29.28 36.81 -10.51
CA LEU W 13 -30.49 37.18 -11.22
C LEU W 13 -31.64 37.51 -10.25
N GLN W 14 -31.72 36.74 -9.17
CA GLN W 14 -32.73 36.96 -8.17
C GLN W 14 -32.65 38.36 -7.56
N TYR W 15 -31.43 38.82 -7.32
CA TYR W 15 -31.23 40.15 -6.74
C TYR W 15 -31.62 41.24 -7.72
N LEU W 16 -31.51 40.91 -9.00
CA LEU W 16 -31.83 41.87 -10.03
C LEU W 16 -33.32 42.02 -10.20
N GLY W 17 -34.03 40.90 -10.33
CA GLY W 17 -35.47 40.96 -10.47
C GLY W 17 -36.17 41.61 -9.27
N GLN W 18 -35.57 41.43 -8.09
CA GLN W 18 -36.21 41.79 -6.83
C GLN W 18 -36.20 43.28 -6.53
N GLY W 19 -35.21 43.99 -7.06
CA GLY W 19 -35.15 45.42 -6.83
C GLY W 19 -36.39 46.03 -7.43
N ASP W 20 -37.09 46.89 -6.68
CA ASP W 20 -38.22 47.55 -7.30
C ASP W 20 -38.15 49.06 -7.36
N VAL W 21 -37.89 49.52 -8.58
CA VAL W 21 -38.23 50.83 -9.08
C VAL W 21 -38.49 50.60 -10.55
N VAL W 22 -39.59 51.09 -11.10
CA VAL W 22 -39.71 51.13 -12.54
C VAL W 22 -39.84 52.60 -12.84
N PHE W 23 -39.40 53.03 -14.00
CA PHE W 23 -39.38 54.45 -14.26
C PHE W 23 -40.54 54.84 -15.14
N LYS W 24 -40.98 56.09 -15.02
CA LYS W 24 -42.06 56.57 -15.86
C LYS W 24 -41.54 56.67 -17.29
N ASP W 25 -42.41 56.99 -18.21
CA ASP W 25 -42.05 56.94 -19.61
C ASP W 25 -41.27 58.21 -19.98
N SER W 26 -41.29 59.17 -19.07
CA SER W 26 -40.61 60.43 -19.33
C SER W 26 -39.10 60.32 -19.10
N VAL W 27 -38.68 59.55 -18.10
CA VAL W 27 -37.26 59.46 -17.77
C VAL W 27 -36.46 58.89 -18.93
N LYS W 28 -35.31 59.49 -19.22
CA LYS W 28 -34.47 59.04 -20.31
C LYS W 28 -33.04 58.84 -19.82
N VAL W 29 -32.50 59.93 -19.31
CA VAL W 29 -31.20 59.93 -18.70
C VAL W 29 -31.34 60.01 -17.19
N MET W 30 -30.43 59.38 -16.47
CA MET W 30 -30.29 59.60 -15.05
C MET W 30 -28.83 59.81 -14.75
N THR W 31 -28.54 60.82 -13.96
CA THR W 31 -27.17 61.18 -13.67
C THR W 31 -26.90 61.12 -12.17
N VAL W 32 -26.10 60.16 -11.75
CA VAL W 32 -25.71 60.09 -10.35
C VAL W 32 -24.42 60.80 -10.12
N ASN W 33 -24.44 61.87 -9.36
CA ASN W 33 -23.19 62.45 -8.93
C ASN W 33 -22.93 62.07 -7.49
N TYR W 34 -21.90 61.25 -7.23
CA TYR W 34 -21.65 60.92 -5.84
C TYR W 34 -20.25 61.24 -5.39
N ASN W 35 -20.08 61.23 -4.07
CA ASN W 35 -18.83 61.61 -3.44
C ASN W 35 -18.17 60.49 -2.66
N THR W 36 -16.85 60.38 -2.81
CA THR W 36 -16.08 59.35 -2.15
C THR W 36 -15.85 59.58 -0.67
N HIS W 37 -15.32 60.75 -0.33
CA HIS W 37 -14.86 61.03 1.02
C HIS W 37 -15.73 62.02 1.81
N GLY W 38 -16.46 61.48 2.77
CA GLY W 38 -17.18 62.27 3.75
C GLY W 38 -18.10 61.31 4.46
N GLU W 39 -18.59 61.67 5.63
CA GLU W 39 -19.55 60.79 6.30
C GLU W 39 -20.89 61.02 5.64
N LEU W 40 -21.14 62.27 5.28
CA LEU W 40 -22.42 62.69 4.72
C LEU W 40 -22.64 62.19 3.30
N GLY W 41 -21.65 61.52 2.74
CA GLY W 41 -21.82 60.91 1.44
C GLY W 41 -22.37 59.52 1.60
N GLU W 42 -22.19 58.95 2.79
CA GLU W 42 -22.24 57.51 3.00
C GLU W 42 -23.42 56.79 2.36
N GLY W 43 -24.62 57.33 2.55
CA GLY W 43 -25.81 56.72 1.98
C GLY W 43 -25.71 56.59 0.47
N ALA W 44 -25.42 57.70 -0.20
CA ALA W 44 -25.36 57.78 -1.66
C ALA W 44 -24.55 56.63 -2.23
N ARG W 45 -23.37 56.43 -1.67
CA ARG W 45 -22.48 55.37 -2.11
C ARG W 45 -23.19 54.03 -2.16
N LYS W 46 -23.81 53.64 -1.05
CA LYS W 46 -24.54 52.39 -0.98
C LYS W 46 -25.50 52.26 -2.16
N PHE W 47 -26.18 53.36 -2.46
CA PHE W 47 -27.18 53.40 -3.53
C PHE W 47 -26.58 52.99 -4.88
N VAL W 48 -25.38 53.49 -5.15
CA VAL W 48 -24.64 53.13 -6.33
C VAL W 48 -24.25 51.66 -6.29
N PHE W 49 -23.82 51.20 -5.12
CA PHE W 49 -23.22 49.89 -4.96
C PHE W 49 -24.23 48.75 -4.93
N PHE W 50 -25.45 49.03 -4.47
CA PHE W 50 -26.51 48.03 -4.45
C PHE W 50 -27.56 48.34 -5.48
N ASN W 51 -28.17 49.51 -5.32
CA ASN W 51 -29.42 49.77 -6.02
C ASN W 51 -29.29 50.15 -7.49
N ILE W 52 -28.20 50.83 -7.85
CA ILE W 52 -28.02 51.19 -9.27
C ILE W 52 -28.16 49.97 -10.17
N PRO W 53 -27.48 48.85 -9.84
CA PRO W 53 -27.68 47.68 -10.71
C PRO W 53 -29.08 47.07 -10.64
N GLN W 54 -29.86 47.36 -9.61
CA GLN W 54 -31.24 46.92 -9.64
C GLN W 54 -32.00 47.78 -10.61
N ILE W 55 -31.92 49.09 -10.39
CA ILE W 55 -32.64 50.08 -11.19
C ILE W 55 -32.51 49.75 -12.66
N GLN W 56 -31.27 49.85 -13.14
CA GLN W 56 -30.97 49.69 -14.54
C GLN W 56 -31.63 48.47 -15.14
N TYR W 57 -31.60 47.36 -14.41
CA TYR W 57 -32.06 46.09 -14.98
C TYR W 57 -33.49 46.22 -15.41
N LYS W 58 -34.28 46.82 -14.53
CA LYS W 58 -35.68 46.99 -14.78
C LYS W 58 -35.95 48.07 -15.83
N ASN W 59 -34.96 48.93 -16.07
CA ASN W 59 -35.12 49.97 -17.09
C ASN W 59 -33.93 50.04 -18.05
N PRO W 60 -33.82 49.05 -18.94
CA PRO W 60 -32.65 48.81 -19.80
C PRO W 60 -32.45 49.90 -20.84
N TRP W 61 -33.47 50.73 -21.05
CA TRP W 61 -33.38 51.77 -22.07
C TRP W 61 -33.02 53.14 -21.50
N VAL W 62 -32.85 53.22 -20.19
CA VAL W 62 -32.54 54.50 -19.58
C VAL W 62 -31.05 54.60 -19.33
N GLN W 63 -30.39 55.58 -19.94
CA GLN W 63 -28.95 55.71 -19.68
C GLN W 63 -28.74 56.09 -18.23
N ILE W 64 -27.88 55.36 -17.52
CA ILE W 64 -27.51 55.76 -16.16
C ILE W 64 -26.02 56.03 -16.04
N THR W 65 -25.67 57.28 -15.78
CA THR W 65 -24.28 57.69 -15.78
C THR W 65 -23.87 58.02 -14.36
N MET W 66 -22.60 57.90 -14.03
CA MET W 66 -22.16 58.26 -12.69
C MET W 66 -20.87 59.07 -12.67
N PHE W 67 -20.90 60.25 -12.04
CA PHE W 67 -19.69 61.04 -11.89
C PHE W 67 -19.23 61.08 -10.45
N LYS W 68 -17.90 61.10 -10.29
CA LYS W 68 -17.30 61.10 -8.96
C LYS W 68 -16.67 62.44 -8.66
N ASN W 69 -16.91 62.93 -7.45
CA ASN W 69 -16.16 64.03 -6.87
C ASN W 69 -16.10 65.31 -7.71
N MET W 70 -17.11 65.55 -8.53
CA MET W 70 -17.21 66.83 -9.26
C MET W 70 -17.68 67.91 -8.31
N THR W 71 -18.88 67.66 -7.78
CA THR W 71 -19.57 68.52 -6.83
C THR W 71 -19.40 68.06 -5.36
N PRO W 72 -19.05 68.98 -4.46
CA PRO W 72 -18.87 68.74 -3.01
C PRO W 72 -20.10 68.22 -2.28
N SER W 73 -21.28 68.26 -2.90
CA SER W 73 -22.42 67.58 -2.30
C SER W 73 -23.19 66.71 -3.29
N PRO W 74 -23.56 65.49 -2.85
CA PRO W 74 -24.11 64.41 -3.66
C PRO W 74 -25.55 64.64 -4.07
N PHE W 75 -25.86 64.25 -5.30
CA PHE W 75 -27.19 64.44 -5.86
C PHE W 75 -27.47 63.54 -7.04
N LEU W 76 -28.75 63.42 -7.36
CA LEU W 76 -29.17 62.80 -8.59
C LEU W 76 -29.71 63.86 -9.53
N ARG W 77 -29.56 63.61 -10.83
CA ARG W 77 -30.27 64.39 -11.82
C ARG W 77 -31.11 63.50 -12.71
N PHE W 78 -32.15 64.08 -13.27
CA PHE W 78 -33.02 63.33 -14.14
C PHE W 78 -33.39 64.17 -15.33
N TYR W 79 -33.30 63.55 -16.51
CA TYR W 79 -33.60 64.24 -17.73
C TYR W 79 -34.78 63.53 -18.39
N LEU W 80 -35.90 64.24 -18.42
CA LEU W 80 -37.15 63.72 -18.90
C LEU W 80 -37.33 64.08 -20.36
N ASP W 81 -38.42 63.61 -20.96
CA ASP W 81 -38.60 63.74 -22.39
C ASP W 81 -38.87 65.18 -22.79
N SER W 82 -39.56 65.89 -21.91
CA SER W 82 -39.97 67.26 -22.15
C SER W 82 -38.80 68.24 -22.21
N GLY W 83 -37.73 67.89 -21.51
CA GLY W 83 -36.69 68.85 -21.23
C GLY W 83 -36.87 69.31 -19.80
N GLU W 84 -37.67 68.56 -19.06
CA GLU W 84 -37.80 68.75 -17.62
C GLU W 84 -36.57 68.20 -16.91
N GLN W 85 -35.91 69.03 -16.12
CA GLN W 85 -34.76 68.57 -15.37
C GLN W 85 -35.09 68.45 -13.88
N VAL W 86 -35.16 67.20 -13.42
CA VAL W 86 -35.41 66.89 -12.02
C VAL W 86 -34.10 66.89 -11.25
N LEU W 87 -34.09 67.42 -10.04
CA LEU W 87 -32.89 67.37 -9.24
C LEU W 87 -33.18 66.84 -7.85
N VAL W 88 -32.61 65.68 -7.54
CA VAL W 88 -32.88 65.04 -6.26
C VAL W 88 -31.69 65.12 -5.33
N ASP W 89 -31.77 65.95 -4.30
CA ASP W 89 -30.66 66.03 -3.37
C ASP W 89 -30.68 64.85 -2.40
N VAL W 90 -29.61 64.05 -2.45
CA VAL W 90 -29.39 62.94 -1.53
C VAL W 90 -28.18 63.30 -0.67
N GLU W 91 -28.38 63.59 0.61
CA GLU W 91 -27.17 63.86 1.36
C GLU W 91 -26.98 62.97 2.56
N SER W 92 -27.67 63.27 3.65
CA SER W 92 -27.52 62.45 4.84
C SER W 92 -28.54 61.32 4.76
N LYS W 93 -29.22 61.27 3.61
CA LYS W 93 -30.22 60.27 3.33
C LYS W 93 -29.68 58.84 3.52
N SER W 94 -30.56 57.95 3.95
CA SER W 94 -30.27 56.52 3.92
C SER W 94 -30.41 56.01 2.50
N ASN W 95 -29.69 54.95 2.20
CA ASN W 95 -29.78 54.28 0.93
C ASN W 95 -31.25 53.98 0.61
N LYS W 96 -31.93 53.34 1.56
CA LYS W 96 -33.35 53.02 1.42
C LYS W 96 -34.21 54.26 1.11
N GLU W 97 -33.90 55.36 1.80
CA GLU W 97 -34.62 56.62 1.62
C GLU W 97 -34.53 57.16 0.19
N ILE W 98 -33.32 57.12 -0.37
CA ILE W 98 -33.11 57.48 -1.77
C ILE W 98 -33.98 56.64 -2.68
N VAL W 99 -33.90 55.33 -2.49
CA VAL W 99 -34.71 54.44 -3.32
C VAL W 99 -36.18 54.84 -3.30
N GLU W 100 -36.74 54.97 -2.10
CA GLU W 100 -38.17 55.22 -2.00
C GLU W 100 -38.57 56.60 -2.50
N HIS W 101 -37.68 57.56 -2.30
CA HIS W 101 -37.89 58.92 -2.78
C HIS W 101 -37.96 58.98 -4.32
N ILE W 102 -37.01 58.31 -4.97
CA ILE W 102 -37.03 58.16 -6.42
C ILE W 102 -38.33 57.50 -6.89
N ARG W 103 -38.69 56.40 -6.22
CA ARG W 103 -39.92 55.70 -6.55
C ARG W 103 -41.10 56.64 -6.49
N LYS W 104 -41.16 57.48 -5.46
CA LYS W 104 -42.22 58.48 -5.35
C LYS W 104 -42.25 59.38 -6.57
N ILE W 105 -41.13 60.04 -6.82
CA ILE W 105 -41.12 61.11 -7.81
C ILE W 105 -41.40 60.69 -9.25
N LEU W 106 -40.54 59.87 -9.85
CA LEU W 106 -40.93 59.23 -11.10
C LEU W 106 -40.98 57.74 -10.91
N GLY W 107 -42.18 57.27 -10.63
CA GLY W 107 -42.41 55.87 -10.39
C GLY W 107 -43.31 55.28 -11.44
N LYS W 108 -43.97 54.21 -11.06
CA LYS W 108 -45.20 53.80 -11.70
C LYS W 108 -46.10 53.28 -10.58
N ASN W 109 -47.35 53.74 -10.56
CA ASN W 109 -48.31 53.24 -9.59
C ASN W 109 -48.40 51.73 -9.71
N GLU W 110 -48.53 51.03 -8.59
CA GLU W 110 -48.60 49.58 -8.62
C GLU W 110 -49.66 49.11 -9.60
N GLU W 111 -50.81 49.78 -9.54
CA GLU W 111 -51.93 49.51 -10.42
C GLU W 111 -51.53 49.60 -11.89
N THR W 112 -50.67 50.56 -12.21
CA THR W 112 -50.19 50.74 -13.58
C THR W 112 -49.50 49.47 -14.08
N LEU W 113 -48.49 49.05 -13.35
CA LEU W 113 -47.77 47.82 -13.64
C LEU W 113 -48.68 46.61 -13.78
N GLU W 114 -49.53 46.40 -12.77
CA GLU W 114 -50.45 45.26 -12.76
C GLU W 114 -51.34 45.26 -14.00
N LYS W 115 -51.87 46.44 -14.33
CA LYS W 115 -52.64 46.64 -15.55
C LYS W 115 -51.86 46.16 -16.76
N GLU W 116 -50.66 46.70 -16.94
CA GLU W 116 -49.85 46.40 -18.11
C GLU W 116 -49.52 44.92 -18.26
N GLU W 117 -49.08 44.30 -17.16
CA GLU W 117 -48.78 42.88 -17.22
C GLU W 117 -50.03 42.09 -17.57
N GLN W 118 -51.20 42.55 -17.12
CA GLN W 118 -52.43 41.85 -17.47
C GLN W 118 -52.75 42.01 -18.97
N GLU W 119 -52.49 43.21 -19.49
CA GLU W 119 -52.71 43.52 -20.91
C GLU W 119 -51.79 42.72 -21.85
N LYS W 120 -50.62 42.35 -21.34
CA LYS W 120 -49.74 41.42 -22.07
C LYS W 120 -50.11 39.95 -21.87
N LYS W 121 -50.65 39.61 -20.70
CA LYS W 121 -51.05 38.23 -20.39
C LYS W 121 -52.33 37.82 -21.13
N GLN W 122 -53.12 38.82 -21.53
CA GLN W 122 -54.34 38.56 -22.32
C GLN W 122 -54.03 38.22 -23.78
N LEU W 123 -52.77 38.45 -24.17
CA LEU W 123 -52.33 38.24 -25.55
C LEU W 123 -52.20 36.77 -25.92
N SER W 124 -51.93 35.93 -24.92
CA SER W 124 -51.86 34.50 -25.16
C SER W 124 -53.16 33.84 -24.72
N HIS W 125 -53.93 33.42 -25.71
CA HIS W 125 -55.29 32.97 -25.47
C HIS W 125 -55.36 31.46 -25.41
N PRO W 126 -56.01 30.94 -24.36
CA PRO W 126 -56.16 29.51 -24.09
C PRO W 126 -56.65 28.69 -25.26
N ALA W 127 -57.60 29.23 -26.00
CA ALA W 127 -58.35 28.43 -26.96
C ALA W 127 -57.67 28.19 -28.29
N HIS W 128 -56.60 28.94 -28.58
CA HIS W 128 -55.95 28.76 -29.87
C HIS W 128 -55.18 27.45 -29.92
N PHE W 129 -54.63 27.15 -31.08
CA PHE W 129 -53.87 25.93 -31.28
C PHE W 129 -52.61 26.33 -32.02
N GLY W 130 -51.45 25.91 -31.51
CA GLY W 130 -50.20 26.24 -32.15
C GLY W 130 -49.09 25.34 -31.67
N PRO W 131 -47.85 25.68 -32.04
CA PRO W 131 -46.65 25.03 -31.51
C PRO W 131 -46.54 25.28 -30.01
N ARG W 132 -45.94 24.34 -29.30
CA ARG W 132 -45.89 24.36 -27.85
C ARG W 132 -45.33 25.64 -27.26
N LYS W 133 -44.58 26.38 -28.09
CA LYS W 133 -44.00 27.64 -27.65
C LYS W 133 -45.08 28.66 -27.28
N TYR W 134 -45.90 29.00 -28.25
CA TYR W 134 -46.89 30.06 -28.07
C TYR W 134 -48.20 29.60 -27.42
N CYS W 135 -48.62 28.37 -27.68
CA CYS W 135 -49.92 27.89 -27.21
C CYS W 135 -49.77 26.78 -26.16
N LEU W 136 -50.90 26.22 -25.76
CA LEU W 136 -50.90 25.10 -24.83
C LEU W 136 -51.13 23.81 -25.58
N ARG W 137 -52.39 23.62 -25.94
CA ARG W 137 -52.86 22.51 -26.73
C ARG W 137 -52.27 22.63 -28.12
N GLU W 138 -52.21 21.56 -28.90
CA GLU W 138 -51.66 21.73 -30.24
C GLU W 138 -52.53 21.29 -31.41
N CYS W 139 -52.63 19.99 -31.66
CA CYS W 139 -53.32 19.50 -32.87
C CYS W 139 -54.81 19.40 -32.66
N MET W 140 -55.23 19.30 -31.41
CA MET W 140 -56.51 18.72 -31.06
C MET W 140 -56.49 17.22 -31.43
N CYS W 141 -55.29 16.65 -31.44
CA CYS W 141 -55.17 15.21 -31.23
C CYS W 141 -55.78 15.00 -29.86
N GLU W 142 -55.41 15.94 -29.00
CA GLU W 142 -55.34 15.77 -27.55
C GLU W 142 -56.67 15.81 -26.81
N VAL W 143 -57.49 16.82 -27.10
CA VAL W 143 -58.69 17.08 -26.30
C VAL W 143 -59.66 15.91 -26.35
N GLU W 144 -60.25 15.60 -25.19
CA GLU W 144 -60.81 14.29 -24.87
C GLU W 144 -61.78 13.68 -25.88
N GLY W 145 -62.86 14.38 -26.16
CA GLY W 145 -63.95 13.81 -26.93
C GLY W 145 -63.61 13.67 -28.40
N GLN W 146 -62.57 14.38 -28.82
CA GLN W 146 -62.22 14.45 -30.23
C GLN W 146 -61.66 13.13 -30.70
N VAL W 147 -61.28 13.09 -31.97
CA VAL W 147 -60.65 11.91 -32.54
C VAL W 147 -59.21 11.79 -32.06
N PRO W 148 -58.78 10.58 -31.69
CA PRO W 148 -57.38 10.31 -31.40
C PRO W 148 -56.53 10.36 -32.68
N CYS W 149 -55.37 11.01 -32.66
CA CYS W 149 -54.61 11.17 -33.91
C CYS W 149 -53.69 10.00 -34.17
N PRO W 150 -53.76 9.46 -35.39
CA PRO W 150 -53.42 8.08 -35.77
C PRO W 150 -52.07 7.60 -35.27
N GLY W 151 -51.18 8.53 -34.94
CA GLY W 151 -49.91 8.17 -34.34
C GLY W 151 -50.10 7.30 -33.09
N LEU W 152 -50.97 7.76 -32.21
CA LEU W 152 -51.26 7.01 -31.00
C LEU W 152 -52.23 5.85 -31.26
N VAL W 153 -53.35 6.16 -31.89
CA VAL W 153 -54.44 5.18 -32.04
C VAL W 153 -54.88 5.05 -33.48
N PRO W 154 -54.35 4.03 -34.18
CA PRO W 154 -54.68 3.75 -35.58
C PRO W 154 -56.19 3.75 -35.83
N LEU W 155 -56.57 4.21 -37.02
CA LEU W 155 -57.97 4.48 -37.37
C LEU W 155 -58.75 3.32 -37.98
N PRO W 156 -60.10 3.40 -37.91
CA PRO W 156 -61.01 2.45 -38.57
C PRO W 156 -60.67 2.23 -40.03
N LYS W 157 -60.75 0.98 -40.49
CA LYS W 157 -60.53 0.66 -41.89
C LYS W 157 -61.38 1.58 -42.76
N GLU W 158 -62.58 1.87 -42.28
CA GLU W 158 -63.54 2.70 -43.02
C GLU W 158 -63.04 4.09 -43.36
N MET W 159 -62.38 4.73 -42.39
CA MET W 159 -62.06 6.15 -42.49
C MET W 159 -60.76 6.43 -43.23
N THR W 160 -60.03 5.37 -43.56
CA THR W 160 -58.80 5.47 -44.36
C THR W 160 -59.12 5.92 -45.77
N GLY W 161 -58.23 6.69 -46.37
CA GLY W 161 -58.40 7.08 -47.74
C GLY W 161 -58.48 5.87 -48.65
N LYS W 162 -57.50 4.96 -48.54
CA LYS W 162 -57.36 3.88 -49.52
C LYS W 162 -58.51 2.90 -49.46
N TYR W 163 -59.20 2.86 -48.31
CA TYR W 163 -60.41 2.09 -48.20
C TYR W 163 -61.52 2.69 -49.06
N LYS W 164 -61.71 4.00 -48.94
CA LYS W 164 -62.66 4.71 -49.78
C LYS W 164 -62.32 4.57 -51.27
N ALA W 165 -61.03 4.66 -51.60
CA ALA W 165 -60.58 4.60 -52.98
C ALA W 165 -60.84 3.23 -53.60
N ALA W 166 -60.39 2.19 -52.90
CA ALA W 166 -60.60 0.83 -53.36
C ALA W 166 -62.08 0.41 -53.36
N LEU W 167 -62.90 1.08 -52.53
CA LEU W 167 -64.36 0.83 -52.52
C LEU W 167 -65.09 1.55 -53.67
N LYS W 168 -64.61 2.74 -54.03
CA LYS W 168 -65.19 3.52 -55.12
C LYS W 168 -64.76 2.99 -56.48
N ALA W 169 -63.59 2.34 -56.52
CA ALA W 169 -63.10 1.70 -57.74
C ALA W 169 -63.94 0.47 -58.10
N THR W 170 -64.16 -0.40 -57.13
CA THR W 170 -64.98 -1.60 -57.31
C THR W 170 -66.46 -1.26 -57.39
N ARG X 27 -45.05 25.98 -58.46
CA ARG X 27 -45.83 26.43 -59.61
C ARG X 27 -44.94 26.95 -60.74
N LYS X 28 -45.56 27.20 -61.89
CA LYS X 28 -44.85 27.69 -63.06
C LYS X 28 -44.49 29.15 -62.91
N THR X 29 -43.81 29.69 -63.91
CA THR X 29 -43.35 31.07 -63.85
C THR X 29 -43.77 31.79 -65.11
N ARG X 30 -43.61 33.11 -65.10
CA ARG X 30 -43.81 33.91 -66.30
C ARG X 30 -43.01 33.37 -67.48
N HIS X 31 -41.74 33.09 -67.25
CA HIS X 31 -40.80 32.84 -68.33
C HIS X 31 -40.63 31.36 -68.65
N ASP X 32 -41.41 30.52 -67.98
CA ASP X 32 -41.46 29.12 -68.37
C ASP X 32 -42.39 28.98 -69.55
N PRO X 33 -42.03 28.10 -70.49
CA PRO X 33 -42.87 27.89 -71.68
C PRO X 33 -44.11 27.08 -71.35
N PRO X 34 -45.19 27.26 -72.12
CA PRO X 34 -46.40 26.43 -72.00
C PRO X 34 -46.22 25.07 -72.68
N ALA X 35 -46.92 24.05 -72.17
CA ALA X 35 -46.81 22.71 -72.72
C ALA X 35 -47.49 22.63 -74.09
N LYS X 36 -47.06 21.69 -74.91
CA LYS X 36 -47.64 21.50 -76.23
C LYS X 36 -49.11 21.05 -76.15
N SER X 37 -49.36 20.00 -75.37
CA SER X 37 -50.70 19.45 -75.20
C SER X 37 -51.67 20.48 -74.62
N LYS X 38 -51.11 21.53 -74.02
CA LYS X 38 -51.88 22.63 -73.47
C LYS X 38 -52.30 23.68 -74.52
N ALA X 39 -51.44 23.90 -75.52
CA ALA X 39 -51.58 25.04 -76.43
C ALA X 39 -52.93 25.12 -77.14
N GLY X 40 -53.28 24.05 -77.87
CA GLY X 40 -54.50 24.02 -78.64
C GLY X 40 -55.75 23.83 -77.80
N ARG X 41 -55.56 23.53 -76.53
CA ARG X 41 -56.67 23.28 -75.62
C ARG X 41 -57.13 24.59 -74.99
N VAL X 42 -58.34 24.99 -75.34
CA VAL X 42 -58.94 26.19 -74.77
C VAL X 42 -60.14 25.75 -73.94
N ALA X 43 -60.42 26.48 -72.86
CA ALA X 43 -61.48 26.08 -71.93
C ALA X 43 -62.82 25.92 -72.63
N THR X 44 -63.44 24.74 -72.47
CA THR X 44 -64.81 24.50 -72.95
C THR X 44 -65.78 24.71 -71.80
N PRO X 45 -66.68 25.71 -71.96
CA PRO X 45 -67.52 26.20 -70.86
C PRO X 45 -68.45 25.14 -70.31
N PRO X 46 -68.87 25.31 -69.06
CA PRO X 46 -69.87 24.43 -68.47
C PRO X 46 -71.29 24.78 -68.95
N ALA X 47 -72.20 23.81 -68.89
CA ALA X 47 -73.59 24.00 -69.32
C ALA X 47 -74.41 24.72 -68.26
N VAL X 48 -75.45 25.42 -68.70
CA VAL X 48 -76.24 26.27 -67.83
C VAL X 48 -77.68 25.76 -67.70
N ASP X 49 -78.33 26.07 -66.57
CA ASP X 49 -79.74 25.75 -66.36
C ASP X 49 -80.45 27.07 -66.05
N PRO X 50 -81.62 27.32 -66.67
CA PRO X 50 -82.33 28.61 -66.49
C PRO X 50 -82.82 28.90 -65.08
N THR X 51 -83.52 27.91 -64.51
CA THR X 51 -84.08 28.00 -63.17
C THR X 51 -82.94 28.27 -62.20
N GLU X 52 -82.07 27.27 -62.10
CA GLU X 52 -80.90 27.30 -61.23
C GLU X 52 -80.17 28.61 -61.36
N PHE X 53 -79.96 29.02 -62.61
CA PHE X 53 -79.15 30.19 -62.81
C PHE X 53 -79.82 31.45 -62.27
N PHE X 54 -81.04 31.76 -62.72
CA PHE X 54 -81.63 33.03 -62.32
C PHE X 54 -81.84 33.05 -60.82
N VAL X 55 -82.23 31.91 -60.30
CA VAL X 55 -82.34 31.72 -58.87
C VAL X 55 -81.03 32.18 -58.22
N LEU X 56 -79.91 31.61 -58.66
CA LEU X 56 -78.61 31.90 -58.07
C LEU X 56 -78.20 33.36 -58.17
N THR X 57 -78.42 33.95 -59.34
CA THR X 57 -78.08 35.36 -59.54
C THR X 57 -78.80 36.18 -58.48
N GLU X 58 -80.07 35.88 -58.26
CA GLU X 58 -80.83 36.63 -57.27
C GLU X 58 -80.29 36.37 -55.87
N ARG X 59 -80.15 35.09 -55.52
CA ARG X 59 -79.64 34.68 -54.21
C ARG X 59 -78.38 35.46 -53.86
N TYR X 60 -77.42 35.47 -54.79
CA TYR X 60 -76.15 36.15 -54.58
C TYR X 60 -76.32 37.64 -54.50
N ARG X 61 -77.19 38.19 -55.33
CA ARG X 61 -77.45 39.63 -55.33
C ARG X 61 -77.89 40.11 -53.94
N GLN X 62 -78.88 39.42 -53.39
CA GLN X 62 -79.45 39.75 -52.09
C GLN X 62 -78.45 39.48 -50.98
N TYR X 63 -77.78 38.34 -51.10
CA TYR X 63 -76.75 37.93 -50.16
C TYR X 63 -75.70 39.02 -50.01
N ARG X 64 -75.08 39.35 -51.14
CA ARG X 64 -73.99 40.31 -51.19
C ARG X 64 -74.46 41.67 -50.75
N GLN X 65 -75.71 41.96 -51.07
CA GLN X 65 -76.33 43.17 -50.59
C GLN X 65 -76.22 43.21 -49.08
N THR X 66 -76.73 42.16 -48.47
CA THR X 66 -76.84 42.09 -47.02
C THR X 66 -75.48 42.17 -46.37
N VAL X 67 -74.57 41.35 -46.86
CA VAL X 67 -73.24 41.29 -46.31
C VAL X 67 -72.56 42.64 -46.47
N ARG X 68 -72.81 43.31 -47.59
CA ARG X 68 -72.19 44.62 -47.82
C ARG X 68 -72.72 45.64 -46.83
N ALA X 69 -73.98 45.47 -46.42
CA ALA X 69 -74.52 46.31 -45.36
C ALA X 69 -73.80 46.05 -44.03
N LEU X 70 -73.75 44.78 -43.65
CA LEU X 70 -73.06 44.35 -42.44
C LEU X 70 -71.67 44.93 -42.33
N ARG X 71 -70.94 44.86 -43.45
CA ARG X 71 -69.57 45.32 -43.47
C ARG X 71 -69.48 46.75 -42.98
N LEU X 72 -70.37 47.59 -43.50
CA LEU X 72 -70.38 48.99 -43.12
C LEU X 72 -70.70 49.14 -41.63
N GLU X 73 -71.45 48.18 -41.09
CA GLU X 73 -71.78 48.17 -39.67
C GLU X 73 -70.52 47.93 -38.87
N PHE X 74 -69.77 46.91 -39.26
CA PHE X 74 -68.51 46.59 -38.61
C PHE X 74 -67.50 47.72 -38.77
N MET X 75 -67.44 48.32 -39.96
CA MET X 75 -66.58 49.48 -40.21
C MET X 75 -66.87 50.57 -39.21
N SER X 76 -68.16 50.89 -39.09
CA SER X 76 -68.60 51.88 -38.13
C SER X 76 -68.17 51.47 -36.73
N GLU X 77 -68.29 50.19 -36.43
CA GLU X 77 -67.91 49.65 -35.12
C GLU X 77 -66.48 50.03 -34.82
N VAL X 78 -65.58 49.67 -35.72
CA VAL X 78 -64.16 49.87 -35.50
C VAL X 78 -63.83 51.38 -35.47
N ARG X 79 -64.55 52.15 -36.28
CA ARG X 79 -64.48 53.61 -36.21
C ARG X 79 -64.71 54.11 -34.81
N LYS X 80 -65.85 53.70 -34.26
CA LYS X 80 -66.25 54.07 -32.92
C LYS X 80 -65.18 53.66 -31.92
N LYS X 81 -64.87 52.37 -31.85
CA LYS X 81 -63.89 51.85 -30.89
C LYS X 81 -62.61 52.67 -30.93
N LEU X 82 -62.13 52.92 -32.14
CA LEU X 82 -60.90 53.66 -32.35
C LEU X 82 -60.95 55.10 -31.84
N HIS X 83 -61.88 55.89 -32.36
CA HIS X 83 -61.88 57.31 -32.07
C HIS X 83 -62.36 57.57 -30.65
N GLU X 84 -63.10 56.61 -30.11
CA GLU X 84 -63.52 56.65 -28.71
C GLU X 84 -62.40 56.20 -27.78
N ALA X 85 -61.44 55.44 -28.32
CA ALA X 85 -60.26 55.06 -27.54
C ALA X 85 -59.22 56.19 -27.50
N ARG X 86 -58.99 56.83 -28.65
CA ARG X 86 -58.05 57.94 -28.73
C ARG X 86 -58.58 59.20 -28.07
N ALA X 87 -59.77 59.61 -28.52
CA ALA X 87 -60.35 60.91 -28.18
C ALA X 87 -61.34 60.84 -27.01
N GLY X 88 -61.53 59.64 -26.47
CA GLY X 88 -62.49 59.43 -25.41
C GLY X 88 -62.18 60.25 -24.17
N VAL X 89 -63.22 60.57 -23.40
CA VAL X 89 -63.06 61.43 -22.24
C VAL X 89 -62.09 60.83 -21.22
N GLN X 90 -62.03 59.50 -21.14
CA GLN X 90 -61.11 58.80 -20.22
C GLN X 90 -59.64 59.03 -20.59
N ALA X 91 -59.35 59.10 -21.89
CA ALA X 91 -57.99 59.30 -22.37
C ALA X 91 -57.44 60.66 -21.95
N GLU X 92 -58.25 61.70 -22.19
CA GLU X 92 -57.89 63.05 -21.80
C GLU X 92 -57.89 63.19 -20.28
N ARG X 93 -58.80 62.48 -19.61
CA ARG X 93 -58.82 62.36 -18.15
C ARG X 93 -57.46 61.90 -17.63
N LYS X 94 -56.98 60.77 -18.15
CA LYS X 94 -55.65 60.27 -17.82
C LYS X 94 -54.61 61.35 -18.05
N ALA X 95 -54.59 61.90 -19.27
CA ALA X 95 -53.60 62.92 -19.63
C ALA X 95 -53.50 64.03 -18.58
N GLN X 96 -54.64 64.65 -18.30
CA GLN X 96 -54.72 65.75 -17.32
C GLN X 96 -54.35 65.33 -15.90
N GLU X 97 -54.93 64.22 -15.44
CA GLU X 97 -54.64 63.67 -14.13
C GLU X 97 -53.15 63.49 -13.93
N ASP X 98 -52.52 62.82 -14.89
CA ASP X 98 -51.11 62.49 -14.83
C ASP X 98 -50.25 63.74 -14.84
N ALA X 99 -50.63 64.70 -15.69
CA ALA X 99 -49.95 65.99 -15.71
C ALA X 99 -49.94 66.61 -14.31
N ALA X 100 -51.13 66.74 -13.72
CA ALA X 100 -51.24 67.34 -12.40
C ALA X 100 -50.41 66.57 -11.36
N GLU X 101 -50.51 65.24 -11.40
CA GLU X 101 -49.74 64.36 -10.52
C GLU X 101 -48.28 64.74 -10.57
N HIS X 102 -47.77 64.74 -11.80
CA HIS X 102 -46.41 65.10 -12.09
C HIS X 102 -46.03 66.42 -11.40
N ARG X 103 -46.87 67.44 -11.59
CA ARG X 103 -46.60 68.75 -10.99
C ARG X 103 -46.53 68.71 -9.45
N GLU X 104 -47.59 68.22 -8.82
CA GLU X 104 -47.65 68.12 -7.35
C GLU X 104 -46.38 67.48 -6.83
N LEU X 105 -46.02 66.37 -7.48
CA LEU X 105 -44.80 65.67 -7.12
C LEU X 105 -43.58 66.57 -7.18
N MET X 106 -43.41 67.25 -8.31
CA MET X 106 -42.23 68.09 -8.48
C MET X 106 -42.13 69.15 -7.40
N ALA X 107 -43.26 69.73 -7.03
CA ALA X 107 -43.27 70.72 -5.96
C ALA X 107 -42.88 70.08 -4.62
N TRP X 108 -43.35 68.86 -4.37
CA TRP X 108 -42.98 68.15 -3.13
C TRP X 108 -41.46 68.00 -3.08
N ASN X 109 -40.89 67.58 -4.21
CA ASN X 109 -39.44 67.48 -4.35
C ASN X 109 -38.76 68.80 -4.01
N GLN X 110 -39.25 69.86 -4.63
CA GLN X 110 -38.78 71.21 -4.36
C GLN X 110 -38.72 71.51 -2.86
N ALA X 111 -39.79 71.17 -2.16
CA ALA X 111 -39.88 71.38 -0.71
C ALA X 111 -38.78 70.63 0.03
N GLU X 112 -38.64 69.35 -0.30
CA GLU X 112 -37.59 68.54 0.31
C GLU X 112 -36.23 69.21 0.15
N ASN X 113 -35.91 69.59 -1.09
CA ASN X 113 -34.65 70.24 -1.37
C ASN X 113 -34.46 71.51 -0.54
N GLN X 114 -35.53 72.28 -0.36
CA GLN X 114 -35.48 73.49 0.45
C GLN X 114 -35.08 73.21 1.89
N ARG X 115 -35.86 72.36 2.54
CA ARG X 115 -35.61 71.98 3.92
C ARG X 115 -34.18 71.45 4.15
N LEU X 116 -33.77 70.55 3.26
CA LEU X 116 -32.44 69.94 3.34
C LEU X 116 -31.35 70.99 3.18
N HIS X 117 -31.54 71.85 2.18
CA HIS X 117 -30.69 73.00 1.96
C HIS X 117 -30.48 73.76 3.25
N GLU X 118 -31.57 74.02 3.97
CA GLU X 118 -31.48 74.73 5.24
C GLU X 118 -30.62 73.99 6.25
N LEU X 119 -30.93 72.70 6.47
CA LEU X 119 -30.13 71.86 7.38
C LEU X 119 -28.64 71.99 7.09
N ARG X 120 -28.32 71.93 5.80
CA ARG X 120 -26.96 72.14 5.33
C ARG X 120 -26.38 73.46 5.80
N LEU X 121 -27.09 74.54 5.50
CA LEU X 121 -26.63 75.88 5.88
C LEU X 121 -26.26 75.94 7.37
N ALA X 122 -27.16 75.45 8.21
CA ALA X 122 -26.90 75.39 9.66
C ALA X 122 -25.60 74.63 9.98
N ARG X 123 -25.48 73.43 9.40
CA ARG X 123 -24.26 72.65 9.55
C ARG X 123 -23.00 73.44 9.21
N LEU X 124 -23.00 74.03 8.01
CA LEU X 124 -21.84 74.74 7.49
C LEU X 124 -21.45 75.91 8.39
N ARG X 125 -22.45 76.59 8.95
CA ARG X 125 -22.17 77.62 9.95
C ARG X 125 -21.42 77.02 11.15
N GLN X 126 -21.94 75.89 11.64
CA GLN X 126 -21.27 75.19 12.73
C GLN X 126 -19.79 74.91 12.43
N GLU X 127 -19.55 74.41 11.23
CA GLU X 127 -18.19 74.13 10.80
C GLU X 127 -17.31 75.38 10.76
N ALA X 128 -17.91 76.53 10.47
CA ALA X 128 -17.18 77.80 10.44
C ALA X 128 -16.70 78.18 11.84
N LEU X 129 -17.58 78.05 12.84
CA LEU X 129 -17.14 78.31 14.22
C LEU X 129 -15.98 77.37 14.61
N GLU X 130 -16.15 76.09 14.31
CA GLU X 130 -15.08 75.10 14.55
C GLU X 130 -13.75 75.52 13.89
N GLN X 131 -13.85 75.99 12.65
CA GLN X 131 -12.68 76.45 11.89
C GLN X 131 -11.97 77.64 12.53
N GLU X 132 -12.74 78.57 13.09
CA GLU X 132 -12.12 79.70 13.80
C GLU X 132 -11.37 79.24 15.05
N ARG X 133 -11.97 78.36 15.86
CA ARG X 133 -11.25 77.76 17.00
C ARG X 133 -9.93 77.13 16.59
N ARG X 134 -10.00 76.26 15.59
CA ARG X 134 -8.81 75.63 15.01
C ARG X 134 -7.77 76.67 14.62
N GLN X 135 -8.18 77.65 13.79
CA GLN X 135 -7.30 78.73 13.33
C GLN X 135 -6.55 79.40 14.47
N ALA X 136 -7.25 79.60 15.59
CA ALA X 136 -6.60 80.09 16.80
C ALA X 136 -5.48 79.15 17.27
N GLU X 137 -5.82 77.87 17.42
CA GLU X 137 -4.81 76.89 17.86
C GLU X 137 -3.57 76.85 16.96
N GLU X 138 -3.82 76.77 15.66
CA GLU X 138 -2.79 76.82 14.62
C GLU X 138 -1.89 78.03 14.79
N ALA X 139 -2.50 79.22 14.78
CA ALA X 139 -1.77 80.48 14.88
C ALA X 139 -0.89 80.54 16.13
N VAL X 140 -1.40 80.00 17.25
CA VAL X 140 -0.63 79.96 18.49
C VAL X 140 0.63 79.07 18.35
N LEU X 141 0.45 77.84 17.86
CA LEU X 141 1.60 76.95 17.68
C LEU X 141 2.65 77.47 16.67
N GLN X 142 2.16 77.95 15.53
CA GLN X 142 2.99 78.61 14.51
C GLN X 142 3.80 79.77 15.09
N ALA X 143 3.11 80.62 15.85
CA ALA X 143 3.77 81.75 16.50
C ALA X 143 4.89 81.26 17.43
N ARG X 144 4.60 80.24 18.25
CA ARG X 144 5.62 79.66 19.15
C ARG X 144 6.88 79.19 18.40
N GLU X 145 6.68 78.38 17.37
CA GLU X 145 7.82 77.89 16.60
C GLU X 145 8.56 79.04 15.88
N ALA X 146 7.81 80.09 15.50
CA ALA X 146 8.40 81.30 14.95
C ALA X 146 9.36 81.94 15.96
N GLN X 147 8.90 82.02 17.22
CA GLN X 147 9.75 82.48 18.33
C GLN X 147 11.05 81.68 18.37
N ALA X 148 10.91 80.35 18.47
CA ALA X 148 12.08 79.47 18.59
C ALA X 148 13.09 79.68 17.47
N TRP X 149 12.60 79.63 16.23
CA TRP X 149 13.44 79.78 15.05
C TRP X 149 14.17 81.13 15.06
N ALA X 150 13.42 82.20 15.34
CA ALA X 150 14.01 83.54 15.43
C ALA X 150 15.15 83.58 16.45
N GLN X 151 14.91 83.02 17.64
CA GLN X 151 15.92 82.96 18.69
C GLN X 151 17.20 82.33 18.15
N LEU X 152 17.06 81.09 17.67
CA LEU X 152 18.21 80.33 17.19
C LEU X 152 19.02 81.13 16.17
N LYS X 153 18.33 81.66 15.16
CA LYS X 153 18.98 82.42 14.11
C LYS X 153 19.76 83.63 14.63
N GLU X 154 19.14 84.42 15.49
CA GLU X 154 19.81 85.58 16.02
C GLU X 154 21.07 85.17 16.80
N GLN X 155 20.94 84.15 17.64
CA GLN X 155 22.08 83.63 18.39
C GLN X 155 23.24 83.24 17.46
N GLU X 156 22.93 82.52 16.38
CA GLU X 156 23.93 82.16 15.38
C GLU X 156 24.65 83.40 14.84
N VAL X 157 23.84 84.32 14.32
CA VAL X 157 24.35 85.55 13.74
C VAL X 157 25.29 86.28 14.71
N LEU X 158 24.97 86.24 15.99
CA LEU X 158 25.81 86.90 16.97
C LEU X 158 27.10 86.13 17.27
N GLN X 159 27.04 84.80 17.24
CA GLN X 159 28.26 84.00 17.33
C GLN X 159 29.24 84.39 16.24
N LEU X 160 28.74 84.42 15.00
CA LEU X 160 29.59 84.79 13.87
C LEU X 160 30.09 86.22 13.99
N GLN X 161 29.22 87.10 14.47
CA GLN X 161 29.59 88.47 14.78
C GLN X 161 30.77 88.54 15.74
N GLU X 162 30.81 87.58 16.67
CA GLU X 162 31.88 87.49 17.64
C GLU X 162 33.17 86.95 17.05
N GLU X 163 33.03 86.00 16.14
CA GLU X 163 34.20 85.39 15.53
C GLU X 163 34.81 86.29 14.44
N ALA X 164 34.02 87.24 13.96
CA ALA X 164 34.47 88.19 12.93
C ALA X 164 35.62 89.06 13.43
N LYS X 165 35.75 89.18 14.74
CA LYS X 165 36.85 89.92 15.33
C LYS X 165 38.11 89.04 15.34
N THR X 166 37.91 87.73 15.36
CA THR X 166 39.01 86.79 15.53
C THR X 166 39.54 86.19 14.21
N PHE X 167 38.90 86.54 13.09
CA PHE X 167 39.29 85.98 11.81
C PHE X 167 40.64 86.43 11.33
N ILE X 168 41.17 85.69 10.37
CA ILE X 168 42.42 86.07 9.74
C ILE X 168 42.15 86.90 8.50
N THR X 169 42.74 88.09 8.49
CA THR X 169 42.58 89.06 7.42
C THR X 169 43.96 89.39 6.86
N ARG X 170 44.01 90.07 5.72
CA ARG X 170 45.22 90.28 4.97
C ARG X 170 46.45 90.71 5.80
N GLU X 171 46.24 91.59 6.78
CA GLU X 171 47.34 92.06 7.63
C GLU X 171 47.81 91.00 8.64
N ASN X 172 46.85 90.48 9.40
CA ASN X 172 47.13 89.60 10.53
C ASN X 172 47.88 88.33 10.13
N LEU X 173 47.97 88.07 8.82
CA LEU X 173 48.80 87.00 8.28
C LEU X 173 50.16 87.04 8.93
N GLU X 174 50.76 88.22 8.93
CA GLU X 174 52.10 88.41 9.45
C GLU X 174 52.15 88.02 10.92
N ALA X 175 51.08 88.34 11.64
CA ALA X 175 50.97 87.96 13.04
C ALA X 175 50.71 86.46 13.12
N ARG X 176 49.56 86.06 12.60
CA ARG X 176 49.05 84.70 12.75
C ARG X 176 50.07 83.63 12.41
N VAL X 177 50.69 83.74 11.24
CA VAL X 177 51.66 82.76 10.81
C VAL X 177 52.80 82.68 11.80
N GLU X 178 53.29 83.84 12.22
CA GLU X 178 54.37 83.89 13.19
C GLU X 178 53.93 83.25 14.50
N GLU X 179 52.64 83.32 14.79
CA GLU X 179 52.10 82.73 16.01
C GLU X 179 51.89 81.23 15.89
N ALA X 180 51.41 80.81 14.71
CA ALA X 180 51.16 79.40 14.47
C ALA X 180 52.40 78.55 14.71
N LEU X 181 53.56 79.06 14.30
CA LEU X 181 54.82 78.34 14.47
C LEU X 181 55.24 78.36 15.92
N ASP X 182 54.85 79.40 16.63
CA ASP X 182 55.23 79.55 18.04
C ASP X 182 54.52 78.53 18.92
N SER X 183 53.23 78.32 18.67
CA SER X 183 52.42 77.48 19.55
C SER X 183 51.80 76.26 18.85
N PRO X 184 52.59 75.19 18.70
CA PRO X 184 52.03 73.93 18.22
C PRO X 184 50.90 73.45 19.11
N LYS X 185 49.84 72.95 18.49
CA LYS X 185 48.68 72.43 19.20
C LYS X 185 48.41 70.98 18.81
N SER X 186 48.04 70.16 19.78
CA SER X 186 47.71 68.78 19.50
C SER X 186 46.22 68.53 19.58
N TYR X 187 45.75 67.64 18.74
CA TYR X 187 44.46 67.04 18.95
C TYR X 187 44.57 65.69 19.60
N ASN X 188 45.80 65.19 19.75
CA ASN X 188 45.95 63.77 20.08
C ASN X 188 45.37 63.48 21.46
N TRP X 189 44.56 62.43 21.48
CA TRP X 189 43.53 62.28 22.47
C TRP X 189 43.25 60.80 22.68
N ALA X 190 42.94 60.36 23.90
CA ALA X 190 42.82 58.91 24.13
C ALA X 190 41.53 58.50 24.80
N ILE X 191 41.42 57.23 25.18
CA ILE X 191 40.21 56.71 25.82
C ILE X 191 40.52 55.71 26.96
N THR X 192 39.65 55.65 27.95
CA THR X 192 39.73 54.61 28.99
C THR X 192 38.45 53.77 29.00
N ARG X 193 38.58 52.50 29.41
CA ARG X 193 37.49 51.53 29.34
C ARG X 193 36.25 51.96 30.10
N GLU X 194 36.40 52.99 30.93
CA GLU X 194 35.26 53.53 31.67
C GLU X 194 34.60 54.68 30.91
N GLY X 195 35.14 54.98 29.73
CA GLY X 195 34.65 56.07 28.92
C GLY X 195 35.44 57.34 29.13
N LEU X 196 36.29 57.30 30.16
CA LEU X 196 37.08 58.46 30.55
C LEU X 196 38.15 58.73 29.51
N VAL X 197 38.54 59.98 29.41
CA VAL X 197 39.62 60.33 28.50
C VAL X 197 40.87 60.62 29.31
N VAL X 198 42.00 60.22 28.75
CA VAL X 198 43.27 60.69 29.25
C VAL X 198 43.95 61.46 28.12
N ARG X 199 44.06 62.78 28.29
CA ARG X 199 44.70 63.62 27.29
C ARG X 199 46.22 63.51 27.48
N PRO X 200 47.03 64.13 26.60
CA PRO X 200 48.48 63.86 26.73
C PRO X 200 49.05 64.29 28.07
N GLN X 201 50.01 63.53 28.56
CA GLN X 201 50.58 63.76 29.88
C GLN X 201 51.27 65.12 29.93
N GLN X 202 51.11 65.81 31.06
CA GLN X 202 51.58 67.19 31.21
C GLN X 202 53.09 67.35 31.00
N LYS X 203 53.46 68.36 30.24
CA LYS X 203 54.87 68.64 29.93
C LYS X 203 55.28 70.01 30.43
N UNK Y 1 -81.74 75.83 -109.19
CA UNK Y 1 -80.94 75.78 -107.97
C UNK Y 1 -79.58 75.13 -108.23
N UNK Y 2 -79.41 74.54 -109.41
CA UNK Y 2 -78.11 74.05 -109.85
C UNK Y 2 -77.28 75.22 -110.37
N UNK Y 3 -77.98 76.12 -111.07
CA UNK Y 3 -77.40 77.34 -111.64
C UNK Y 3 -76.89 78.31 -110.56
N UNK Y 4 -77.69 78.47 -109.51
CA UNK Y 4 -77.32 79.34 -108.40
C UNK Y 4 -76.13 78.78 -107.59
N UNK Y 5 -76.11 77.46 -107.38
CA UNK Y 5 -75.01 76.82 -106.63
C UNK Y 5 -73.70 76.78 -107.45
N UNK Y 6 -73.82 76.67 -108.78
CA UNK Y 6 -72.64 76.71 -109.67
C UNK Y 6 -72.05 78.14 -109.84
N UNK Y 7 -72.93 79.13 -109.99
CA UNK Y 7 -72.49 80.53 -110.04
C UNK Y 7 -71.91 81.01 -108.70
N UNK Y 8 -72.51 80.57 -107.60
CA UNK Y 8 -71.98 80.86 -106.26
C UNK Y 8 -70.69 80.09 -105.97
N UNK Y 9 -70.50 78.92 -106.59
CA UNK Y 9 -69.23 78.19 -106.48
C UNK Y 9 -68.13 78.88 -107.32
N UNK Y 10 -68.52 79.54 -108.41
CA UNK Y 10 -67.57 80.38 -109.15
C UNK Y 10 -67.19 81.63 -108.34
N UNK Y 11 -68.16 82.23 -107.65
CA UNK Y 11 -67.89 83.38 -106.77
C UNK Y 11 -67.01 83.02 -105.55
N UNK Y 12 -67.26 81.86 -104.94
CA UNK Y 12 -66.49 81.42 -103.76
C UNK Y 12 -65.14 80.75 -104.11
N UNK Y 13 -64.98 80.30 -105.36
CA UNK Y 13 -63.65 79.88 -105.84
C UNK Y 13 -62.88 81.09 -106.35
N UNK Y 14 -63.59 82.20 -106.56
CA UNK Y 14 -62.94 83.49 -106.79
C UNK Y 14 -62.50 84.16 -105.48
N UNK Y 15 -63.26 83.95 -104.40
CA UNK Y 15 -63.02 84.61 -103.11
C UNK Y 15 -62.00 83.92 -102.19
N UNK Y 16 -61.65 82.66 -102.49
CA UNK Y 16 -60.71 81.92 -101.65
C UNK Y 16 -59.30 82.49 -101.76
N UNK Y 17 -58.63 82.61 -100.63
CA UNK Y 17 -57.28 83.18 -100.58
C UNK Y 17 -56.25 82.23 -101.21
N UNK Y 18 -55.49 82.74 -102.17
CA UNK Y 18 -54.49 81.94 -102.86
C UNK Y 18 -53.31 81.63 -101.94
N UNK Y 19 -53.02 80.35 -101.79
CA UNK Y 19 -51.85 79.91 -101.03
C UNK Y 19 -50.60 79.97 -101.91
N UNK Y 20 -49.47 80.31 -101.29
CA UNK Y 20 -48.20 80.43 -101.99
C UNK Y 20 -47.67 79.09 -102.48
N UNK Y 21 -48.34 78.02 -102.05
CA UNK Y 21 -47.89 76.65 -102.28
C UNK Y 21 -47.85 76.24 -103.76
N UNK Y 22 -46.73 75.63 -104.14
CA UNK Y 22 -46.59 74.98 -105.44
C UNK Y 22 -46.62 73.47 -105.18
N UNK Y 23 -47.08 72.71 -106.17
CA UNK Y 23 -47.25 71.25 -106.04
C UNK Y 23 -46.05 70.55 -105.37
N UNK Y 24 -44.88 70.62 -106.00
CA UNK Y 24 -43.66 69.97 -105.49
C UNK Y 24 -43.23 70.42 -104.08
N UNK Y 25 -43.49 71.67 -103.71
CA UNK Y 25 -43.09 72.21 -102.40
C UNK Y 25 -43.97 71.68 -101.26
N UNK Y 26 -45.29 71.68 -101.46
CA UNK Y 26 -46.24 71.12 -100.50
C UNK Y 26 -46.15 69.60 -100.43
N UNK Y 27 -45.80 68.97 -101.56
CA UNK Y 27 -45.65 67.51 -101.61
C UNK Y 27 -44.32 67.06 -100.95
N UNK Y 28 -43.28 67.87 -101.08
CA UNK Y 28 -42.00 67.60 -100.40
C UNK Y 28 -42.12 67.86 -98.90
N UNK Y 29 -42.78 68.95 -98.55
CA UNK Y 29 -43.07 69.27 -97.16
C UNK Y 29 -43.90 68.18 -96.48
N UNK Y 30 -45.00 67.78 -97.12
CA UNK Y 30 -45.87 66.72 -96.59
C UNK Y 30 -45.17 65.35 -96.56
N UNK Y 31 -44.35 65.07 -97.57
CA UNK Y 31 -43.59 63.81 -97.61
C UNK Y 31 -42.61 63.73 -96.44
N UNK Y 32 -41.78 64.76 -96.28
CA UNK Y 32 -40.79 64.79 -95.21
C UNK Y 32 -41.43 64.88 -93.82
N UNK Y 33 -42.66 65.40 -93.76
CA UNK Y 33 -43.40 65.49 -92.49
C UNK Y 33 -44.04 64.16 -92.08
N UNK Y 34 -44.63 63.45 -93.03
CA UNK Y 34 -45.21 62.14 -92.75
C UNK Y 34 -44.12 61.08 -92.53
N UNK Y 35 -42.99 61.23 -93.23
CA UNK Y 35 -41.91 60.23 -93.20
C UNK Y 35 -41.01 60.32 -91.96
N UNK Y 36 -41.07 61.45 -91.26
CA UNK Y 36 -40.24 61.66 -90.07
C UNK Y 36 -40.76 60.89 -88.84
N UNK Y 37 -41.90 60.20 -89.00
CA UNK Y 37 -42.61 59.55 -87.90
C UNK Y 37 -42.85 60.57 -86.79
N UNK Y 38 -43.36 61.73 -87.21
CA UNK Y 38 -43.81 62.77 -86.31
C UNK Y 38 -45.13 63.31 -86.85
N UNK Y 39 -45.64 64.36 -86.23
CA UNK Y 39 -46.97 64.87 -86.56
C UNK Y 39 -47.02 65.80 -87.79
N UNK Y 40 -47.85 65.43 -88.76
CA UNK Y 40 -48.12 66.27 -89.95
C UNK Y 40 -49.33 67.17 -89.67
N UNK Y 41 -49.69 68.04 -90.61
CA UNK Y 41 -50.64 69.12 -90.30
C UNK Y 41 -51.93 69.13 -91.12
N UNK Y 42 -52.97 69.72 -90.55
CA UNK Y 42 -54.22 69.99 -91.25
C UNK Y 42 -54.12 71.27 -92.09
N UNK Y 43 -53.31 72.21 -91.62
CA UNK Y 43 -53.10 73.49 -92.31
C UNK Y 43 -52.41 73.31 -93.66
N UNK Y 44 -51.28 72.63 -93.64
CA UNK Y 44 -50.52 72.34 -94.85
C UNK Y 44 -51.28 71.38 -95.78
N UNK Y 45 -52.24 70.65 -95.21
CA UNK Y 45 -53.09 69.78 -96.01
C UNK Y 45 -54.15 70.61 -96.74
N UNK Y 46 -54.66 71.64 -96.07
CA UNK Y 46 -55.57 72.59 -96.70
C UNK Y 46 -54.87 73.32 -97.84
N UNK Y 47 -53.64 73.77 -97.56
CA UNK Y 47 -52.87 74.46 -98.60
C UNK Y 47 -52.37 73.49 -99.68
N UNK Y 48 -52.31 72.19 -99.38
CA UNK Y 48 -51.98 71.19 -100.40
C UNK Y 48 -53.21 70.84 -101.23
N UNK Y 49 -54.39 71.12 -100.68
CA UNK Y 49 -55.65 70.99 -101.41
C UNK Y 49 -55.86 72.18 -102.35
N UNK Y 50 -55.49 73.38 -101.88
CA UNK Y 50 -55.51 74.56 -102.75
C UNK Y 50 -54.31 74.58 -103.72
N UNK Y 51 -53.28 73.78 -103.44
CA UNK Y 51 -52.17 73.57 -104.38
C UNK Y 51 -52.52 72.56 -105.48
N UNK Y 52 -53.15 71.47 -105.08
CA UNK Y 52 -53.56 70.41 -106.02
C UNK Y 52 -54.88 70.74 -106.72
N UNK Y 53 -55.51 71.85 -106.32
CA UNK Y 53 -56.74 72.33 -106.95
C UNK Y 53 -56.56 72.80 -108.40
N UNK Y 54 -55.30 72.83 -108.88
CA UNK Y 54 -54.97 73.35 -110.22
C UNK Y 54 -55.60 72.59 -111.42
N UNK Y 55 -56.14 71.39 -111.16
CA UNK Y 55 -56.79 70.52 -112.16
C UNK Y 55 -55.86 70.07 -113.30
N UNK Y 56 -54.60 69.79 -112.96
CA UNK Y 56 -53.68 69.15 -113.89
C UNK Y 56 -53.96 67.65 -113.95
N UNK Y 57 -54.22 67.07 -112.78
CA UNK Y 57 -54.63 65.67 -112.64
C UNK Y 57 -54.99 65.39 -111.17
N UNK Y 58 -55.74 64.32 -110.95
CA UNK Y 58 -56.22 63.95 -109.62
C UNK Y 58 -55.14 63.24 -108.82
N UNK Y 59 -54.23 62.60 -109.53
CA UNK Y 59 -53.15 61.81 -108.94
C UNK Y 59 -52.36 62.60 -107.89
N UNK Y 60 -52.21 63.91 -108.14
CA UNK Y 60 -51.49 64.79 -107.23
C UNK Y 60 -52.18 64.92 -105.87
N UNK Y 61 -53.51 65.02 -105.88
CA UNK Y 61 -54.27 65.29 -104.66
C UNK Y 61 -54.51 64.05 -103.81
N UNK Y 62 -54.54 62.88 -104.45
CA UNK Y 62 -54.92 61.64 -103.78
C UNK Y 62 -53.93 61.23 -102.69
N UNK Y 63 -52.65 61.13 -103.05
CA UNK Y 63 -51.62 60.65 -102.13
C UNK Y 63 -51.67 61.38 -100.80
N UNK Y 64 -51.54 62.71 -100.88
CA UNK Y 64 -51.61 63.58 -99.72
C UNK Y 64 -52.81 63.22 -98.85
N UNK Y 65 -53.98 63.08 -99.48
CA UNK Y 65 -55.22 62.78 -98.75
C UNK Y 65 -55.03 61.59 -97.82
N UNK Y 66 -54.54 60.47 -98.37
CA UNK Y 66 -54.40 59.25 -97.57
C UNK Y 66 -53.55 59.53 -96.34
N UNK Y 67 -52.42 60.22 -96.53
CA UNK Y 67 -51.53 60.51 -95.39
C UNK Y 67 -52.30 61.34 -94.36
N UNK Y 68 -52.96 62.40 -94.84
CA UNK Y 68 -53.69 63.29 -93.95
C UNK Y 68 -54.86 62.56 -93.26
N UNK Y 69 -55.29 61.43 -93.82
CA UNK Y 69 -56.34 60.64 -93.19
C UNK Y 69 -55.75 59.80 -92.08
N UNK Y 70 -54.58 59.20 -92.34
CA UNK Y 70 -54.01 58.22 -91.41
C UNK Y 70 -52.98 58.84 -90.47
N UNK Y 71 -52.81 60.16 -90.52
CA UNK Y 71 -51.97 60.86 -89.55
C UNK Y 71 -52.66 61.02 -88.20
N UNK Y 72 -51.88 61.30 -87.17
CA UNK Y 72 -52.39 61.51 -85.82
C UNK Y 72 -53.20 62.81 -85.72
N UNK Y 73 -53.01 63.69 -86.69
CA UNK Y 73 -53.56 65.04 -86.72
C UNK Y 73 -54.92 65.12 -87.41
N UNK Y 74 -55.55 63.96 -87.63
CA UNK Y 74 -56.46 63.75 -88.75
C UNK Y 74 -57.81 64.46 -88.65
N UNK Y 75 -57.95 65.38 -87.71
CA UNK Y 75 -59.12 66.25 -87.69
C UNK Y 75 -59.04 67.18 -88.92
N UNK Y 76 -60.06 68.00 -89.15
CA UNK Y 76 -60.21 68.65 -90.45
C UNK Y 76 -61.07 69.92 -90.45
N UNK Y 77 -60.99 70.66 -91.55
CA UNK Y 77 -61.80 71.86 -91.72
C UNK Y 77 -62.83 71.70 -92.85
N UNK Y 78 -63.96 72.38 -92.71
CA UNK Y 78 -65.06 72.32 -93.70
C UNK Y 78 -64.70 73.04 -94.98
N UNK Y 79 -64.03 74.19 -94.85
CA UNK Y 79 -63.59 74.99 -95.98
C UNK Y 79 -62.73 74.16 -96.94
N UNK Y 80 -61.67 73.55 -96.41
CA UNK Y 80 -60.75 72.75 -97.21
C UNK Y 80 -61.40 71.48 -97.76
N UNK Y 81 -62.32 70.89 -97.00
CA UNK Y 81 -63.05 69.70 -97.44
C UNK Y 81 -63.91 70.01 -98.66
N UNK Y 82 -64.78 71.01 -98.52
CA UNK Y 82 -65.71 71.38 -99.58
C UNK Y 82 -65.00 72.03 -100.77
N UNK Y 83 -63.82 72.59 -100.55
CA UNK Y 83 -63.03 73.13 -101.67
C UNK Y 83 -62.28 72.01 -102.41
N UNK Y 84 -61.87 70.98 -101.67
CA UNK Y 84 -61.23 69.82 -102.29
C UNK Y 84 -62.24 69.07 -103.13
N UNK Y 85 -63.47 68.97 -102.62
CA UNK Y 85 -64.54 68.33 -103.37
C UNK Y 85 -65.09 69.23 -104.48
N UNK Y 86 -65.02 70.56 -104.32
CA UNK Y 86 -65.49 71.48 -105.37
C UNK Y 86 -64.46 71.61 -106.49
N UNK Y 87 -63.19 71.32 -106.18
CA UNK Y 87 -62.15 71.23 -107.20
C UNK Y 87 -62.19 69.86 -107.90
N UNK Y 88 -62.44 68.80 -107.13
CA UNK Y 88 -62.61 67.46 -107.73
C UNK Y 88 -63.89 67.41 -108.58
N UNK Y 89 -64.84 68.30 -108.27
CA UNK Y 89 -66.06 68.47 -109.06
C UNK Y 89 -65.86 69.36 -110.29
N UNK Y 90 -65.14 70.47 -110.12
CA UNK Y 90 -64.95 71.45 -111.19
C UNK Y 90 -63.99 70.96 -112.27
N UNK Y 91 -63.04 70.11 -111.89
CA UNK Y 91 -62.18 69.47 -112.89
C UNK Y 91 -62.99 68.41 -113.65
N UNK Y 92 -64.20 68.16 -113.15
CA UNK Y 92 -65.22 67.31 -113.79
C UNK Y 92 -64.84 65.83 -113.94
N UNK Y 93 -64.17 65.29 -112.94
CA UNK Y 93 -63.86 63.87 -112.92
C UNK Y 93 -64.83 63.13 -112.01
N UNK Y 94 -65.69 62.31 -112.61
CA UNK Y 94 -66.71 61.58 -111.87
C UNK Y 94 -66.18 60.32 -111.18
N UNK Y 95 -65.36 59.56 -111.90
CA UNK Y 95 -64.87 58.27 -111.41
C UNK Y 95 -63.99 58.42 -110.15
N UNK Y 96 -63.03 59.33 -110.24
CA UNK Y 96 -62.14 59.61 -109.12
C UNK Y 96 -62.91 60.14 -107.92
N UNK Y 97 -63.82 61.07 -108.14
CA UNK Y 97 -64.59 61.68 -107.05
C UNK Y 97 -65.57 60.69 -106.41
N UNK Y 98 -66.08 59.72 -107.17
CA UNK Y 98 -66.98 58.70 -106.63
C UNK Y 98 -66.23 57.60 -105.86
N UNK Y 99 -65.14 57.08 -106.45
CA UNK Y 99 -64.33 56.06 -105.77
C UNK Y 99 -63.63 56.67 -104.55
N UNK Y 100 -63.46 57.99 -104.58
CA UNK Y 100 -62.94 58.73 -103.43
C UNK Y 100 -64.05 59.24 -102.51
N UNK Y 101 -65.32 59.08 -102.92
CA UNK Y 101 -66.43 59.26 -101.99
C UNK Y 101 -66.53 58.00 -101.13
N UNK Y 102 -66.40 56.84 -101.78
CA UNK Y 102 -66.34 55.58 -101.05
C UNK Y 102 -65.05 55.48 -100.20
N UNK Y 103 -63.91 55.81 -100.79
CA UNK Y 103 -62.62 55.75 -100.07
C UNK Y 103 -62.42 56.87 -99.03
N UNK Y 104 -63.12 58.00 -99.18
CA UNK Y 104 -63.12 59.00 -98.09
C UNK Y 104 -64.24 58.69 -97.10
N UNK Y 105 -65.13 57.74 -97.44
CA UNK Y 105 -66.02 57.17 -96.44
C UNK Y 105 -65.25 56.13 -95.62
N UNK Y 106 -64.18 55.59 -96.22
CA UNK Y 106 -63.21 54.76 -95.49
C UNK Y 106 -62.21 55.58 -94.68
N UNK Y 107 -61.80 56.73 -95.22
CA UNK Y 107 -60.76 57.58 -94.64
C UNK Y 107 -61.35 58.58 -93.64
N UNK Y 108 -62.66 58.44 -93.41
CA UNK Y 108 -63.49 59.35 -92.59
C UNK Y 108 -63.58 60.79 -93.12
N UNK Y 109 -64.16 60.95 -94.31
CA UNK Y 109 -64.54 62.26 -94.85
C UNK Y 109 -65.93 62.18 -95.50
N UNK Y 110 -66.89 62.93 -94.96
CA UNK Y 110 -68.22 62.96 -95.54
C UNK Y 110 -68.72 64.39 -95.77
N UNK Y 111 -69.52 64.56 -96.82
CA UNK Y 111 -69.96 65.88 -97.28
C UNK Y 111 -71.11 66.46 -96.47
N UNK Y 112 -71.11 67.79 -96.33
CA UNK Y 112 -72.19 68.51 -95.65
C UNK Y 112 -73.36 68.74 -96.61
N UNK Y 113 -74.31 69.58 -96.22
CA UNK Y 113 -75.54 69.78 -97.01
C UNK Y 113 -75.32 70.45 -98.38
N UNK Y 114 -74.53 71.51 -98.42
CA UNK Y 114 -74.27 72.23 -99.67
C UNK Y 114 -73.33 71.44 -100.59
N UNK Y 115 -72.48 70.63 -99.97
CA UNK Y 115 -71.55 69.76 -100.70
C UNK Y 115 -72.28 68.54 -101.30
N UNK Y 116 -73.27 68.03 -100.58
CA UNK Y 116 -74.11 66.94 -101.08
C UNK Y 116 -75.10 67.46 -102.12
N UNK Y 117 -75.48 68.73 -102.00
CA UNK Y 117 -76.36 69.38 -102.96
C UNK Y 117 -75.63 69.71 -104.27
N UNK Y 118 -74.35 70.10 -104.18
CA UNK Y 118 -73.52 70.35 -105.37
C UNK Y 118 -73.03 69.04 -106.02
N UNK Y 119 -72.82 68.00 -105.21
CA UNK Y 119 -72.51 66.67 -105.74
C UNK Y 119 -73.76 66.06 -106.38
N UNK Y 120 -74.93 66.45 -105.86
CA UNK Y 120 -76.21 66.08 -106.45
C UNK Y 120 -76.44 66.83 -107.78
N UNK Y 121 -76.02 68.09 -107.85
CA UNK Y 121 -76.11 68.87 -109.08
C UNK Y 121 -75.16 68.31 -110.14
N UNK Y 122 -73.98 67.84 -109.72
CA UNK Y 122 -73.01 67.26 -110.64
C UNK Y 122 -73.39 65.82 -111.05
N UNK Y 123 -74.17 65.12 -110.21
CA UNK Y 123 -74.67 63.79 -110.55
C UNK Y 123 -75.91 63.84 -111.47
N UNK Y 124 -76.70 64.91 -111.32
CA UNK Y 124 -77.88 65.14 -112.15
C UNK Y 124 -77.56 65.79 -113.51
N UNK Y 125 -76.59 66.70 -113.52
CA UNK Y 125 -76.17 67.38 -114.76
C UNK Y 125 -75.28 66.46 -115.60
N UNK Y 126 -74.67 65.46 -114.97
CA UNK Y 126 -73.96 64.40 -115.68
C UNK Y 126 -74.98 63.46 -116.35
N UNK Y 127 -76.24 63.60 -115.96
CA UNK Y 127 -77.34 62.76 -116.43
C UNK Y 127 -77.00 61.27 -116.31
N UNK Y 128 -76.35 60.92 -115.19
CA UNK Y 128 -75.98 59.53 -114.91
C UNK Y 128 -76.86 58.95 -113.81
N UNK Y 129 -77.37 57.75 -114.03
CA UNK Y 129 -78.21 57.05 -113.07
C UNK Y 129 -77.39 56.40 -111.95
N UNK Y 130 -76.28 55.77 -112.32
CA UNK Y 130 -75.39 55.12 -111.36
C UNK Y 130 -74.69 56.14 -110.46
N UNK Y 131 -74.50 57.37 -110.98
CA UNK Y 131 -73.86 58.45 -110.23
C UNK Y 131 -74.77 59.01 -109.13
N UNK Y 132 -76.02 59.31 -109.46
CA UNK Y 132 -76.97 59.82 -108.47
C UNK Y 132 -77.42 58.67 -107.54
N UNK Y 133 -77.34 57.44 -108.03
CA UNK Y 133 -77.58 56.26 -107.19
C UNK Y 133 -76.49 56.12 -106.13
N UNK Y 134 -75.24 56.28 -106.57
CA UNK Y 134 -74.10 56.29 -105.67
C UNK Y 134 -74.23 57.43 -104.66
N UNK Y 135 -74.64 58.61 -105.14
CA UNK Y 135 -74.86 59.77 -104.29
C UNK Y 135 -75.96 59.50 -103.25
N UNK Y 136 -76.95 58.68 -103.64
CA UNK Y 136 -78.08 58.35 -102.77
C UNK Y 136 -77.74 57.33 -101.68
N UNK Y 137 -77.02 56.27 -102.04
CA UNK Y 137 -76.57 55.32 -101.03
C UNK Y 137 -75.44 55.92 -100.20
N UNK Y 138 -74.85 57.01 -100.67
CA UNK Y 138 -73.87 57.79 -99.87
C UNK Y 138 -74.57 58.70 -98.86
N UNK Y 139 -75.65 59.35 -99.28
CA UNK Y 139 -76.47 60.15 -98.38
C UNK Y 139 -77.21 59.26 -97.37
N UNK Y 140 -77.42 58.00 -97.74
CA UNK Y 140 -78.00 57.01 -96.83
C UNK Y 140 -76.97 56.48 -95.84
N UNK Y 141 -75.79 56.13 -96.34
CA UNK Y 141 -74.72 55.59 -95.50
C UNK Y 141 -74.19 56.62 -94.49
N UNK Y 142 -73.89 57.83 -94.97
CA UNK Y 142 -73.37 58.89 -94.11
C UNK Y 142 -74.45 59.44 -93.18
N UNK Y 143 -75.67 58.92 -93.33
CA UNK Y 143 -76.84 59.29 -92.52
C UNK Y 143 -77.16 60.79 -92.62
N UNK Y 144 -77.36 61.26 -93.85
CA UNK Y 144 -77.69 62.66 -94.13
C UNK Y 144 -78.98 63.10 -93.45
N UNK Y 145 -78.90 64.16 -92.65
CA UNK Y 145 -80.08 64.79 -92.09
C UNK Y 145 -80.90 65.29 -93.25
N UNK Y 146 -82.22 65.26 -93.14
CA UNK Y 146 -83.00 65.70 -94.28
C UNK Y 146 -83.35 67.18 -94.17
N UNK Y 147 -82.60 67.98 -94.93
CA UNK Y 147 -82.94 69.36 -95.27
C UNK Y 147 -83.91 69.31 -96.44
N UNK Y 148 -84.61 70.41 -96.68
CA UNK Y 148 -85.45 70.54 -97.88
C UNK Y 148 -84.68 70.10 -99.14
N UNK Y 149 -83.43 70.55 -99.26
CA UNK Y 149 -82.58 70.22 -100.41
C UNK Y 149 -82.34 68.72 -100.59
N UNK Y 150 -81.91 68.05 -99.52
CA UNK Y 150 -81.61 66.63 -99.58
C UNK Y 150 -82.86 65.76 -99.70
N UNK Y 151 -83.94 66.18 -99.03
CA UNK Y 151 -85.22 65.47 -99.13
C UNK Y 151 -85.76 65.55 -100.56
N UNK Y 152 -85.52 66.69 -101.20
CA UNK Y 152 -85.88 66.87 -102.62
C UNK Y 152 -85.05 65.98 -103.54
N UNK Y 153 -83.72 66.09 -103.42
CA UNK Y 153 -82.80 65.29 -104.22
C UNK Y 153 -83.12 63.80 -104.09
N UNK Y 154 -83.42 63.38 -102.87
CA UNK Y 154 -83.71 61.98 -102.57
C UNK Y 154 -85.06 61.56 -103.14
N UNK Y 155 -86.06 62.43 -103.01
CA UNK Y 155 -87.37 62.18 -103.62
C UNK Y 155 -87.19 61.93 -105.11
N UNK Y 156 -86.42 62.80 -105.75
CA UNK Y 156 -86.17 62.71 -107.20
C UNK Y 156 -85.46 61.41 -107.56
N UNK Y 157 -84.30 61.17 -106.95
CA UNK Y 157 -83.48 60.02 -107.31
C UNK Y 157 -84.17 58.69 -107.00
N UNK Y 158 -84.84 58.62 -105.85
CA UNK Y 158 -85.49 57.39 -105.40
C UNK Y 158 -86.75 57.09 -106.21
N UNK Y 159 -87.56 58.11 -106.42
CA UNK Y 159 -88.78 57.92 -107.22
C UNK Y 159 -88.45 57.75 -108.72
N UNK Y 160 -87.24 58.14 -109.14
CA UNK Y 160 -86.76 57.87 -110.51
C UNK Y 160 -86.18 56.46 -110.64
N UNK Y 161 -85.57 55.96 -109.56
CA UNK Y 161 -85.04 54.60 -109.54
C UNK Y 161 -86.16 53.58 -109.34
N UNK Y 162 -87.31 54.04 -108.86
CA UNK Y 162 -88.52 53.22 -108.83
C UNK Y 162 -88.91 52.78 -110.24
N UNK Y 163 -88.83 53.73 -111.18
CA UNK Y 163 -89.16 53.47 -112.59
C UNK Y 163 -88.00 52.80 -113.34
N UNK Y 164 -86.79 53.28 -113.11
CA UNK Y 164 -85.63 52.77 -113.83
C UNK Y 164 -85.29 51.32 -113.46
N UNK Y 165 -85.52 50.93 -112.21
CA UNK Y 165 -85.27 49.54 -111.80
C UNK Y 165 -86.56 48.81 -111.41
N UNK Y 166 -86.99 47.90 -112.28
CA UNK Y 166 -88.07 46.96 -111.96
C UNK Y 166 -87.58 45.55 -111.59
N UNK Y 167 -86.26 45.31 -111.64
CA UNK Y 167 -85.69 44.00 -111.30
C UNK Y 167 -85.01 44.04 -109.91
N UNK Y 168 -85.13 42.94 -109.16
CA UNK Y 168 -84.69 42.91 -107.75
C UNK Y 168 -83.87 41.69 -107.33
N UNK Y 169 -82.99 41.90 -106.34
CA UNK Y 169 -82.26 40.83 -105.64
C UNK Y 169 -82.19 41.19 -104.13
N UNK Y 170 -81.75 40.25 -103.29
CA UNK Y 170 -81.78 40.43 -101.82
C UNK Y 170 -80.99 41.64 -101.29
N UNK Y 171 -79.73 41.76 -101.70
CA UNK Y 171 -78.88 42.86 -101.27
C UNK Y 171 -79.14 44.15 -102.08
N UNK Y 172 -79.81 44.02 -103.23
CA UNK Y 172 -80.26 45.19 -103.99
C UNK Y 172 -81.53 45.79 -103.39
N UNK Y 173 -82.34 44.93 -102.77
CA UNK Y 173 -83.47 45.37 -101.96
C UNK Y 173 -82.96 45.92 -100.64
N UNK Y 174 -81.79 45.43 -100.21
CA UNK Y 174 -81.05 46.07 -99.11
C UNK Y 174 -80.63 47.49 -99.53
N UNK Y 175 -80.17 47.64 -100.77
CA UNK Y 175 -79.76 48.95 -101.33
C UNK Y 175 -80.91 49.95 -101.47
N UNK Y 176 -82.03 49.49 -102.02
CA UNK Y 176 -83.21 50.34 -102.24
C UNK Y 176 -84.00 50.62 -100.95
N UNK Y 177 -84.04 49.66 -100.03
CA UNK Y 177 -84.62 49.89 -98.71
C UNK Y 177 -83.76 50.88 -97.92
N UNK Y 178 -82.45 50.82 -98.16
CA UNK Y 178 -81.53 51.82 -97.61
C UNK Y 178 -81.88 53.22 -98.12
N UNK Y 179 -81.95 53.35 -99.45
CA UNK Y 179 -82.26 54.63 -100.08
C UNK Y 179 -83.68 55.15 -99.73
N UNK Y 180 -84.58 54.26 -99.36
CA UNK Y 180 -85.98 54.61 -99.22
C UNK Y 180 -86.33 55.50 -98.01
N UNK Y 181 -85.97 55.06 -96.81
CA UNK Y 181 -86.44 55.72 -95.59
C UNK Y 181 -85.62 56.95 -95.26
N UNK Y 182 -84.60 57.22 -96.08
CA UNK Y 182 -83.67 58.32 -95.87
C UNK Y 182 -84.36 59.68 -95.65
N UNK Y 183 -85.45 59.91 -96.36
CA UNK Y 183 -86.16 61.19 -96.29
C UNK Y 183 -87.34 61.24 -95.30
N UNK Y 184 -87.76 60.09 -94.77
CA UNK Y 184 -88.95 60.01 -93.93
C UNK Y 184 -88.85 60.87 -92.67
N UNK Y 185 -96.27 62.87 -97.47
CA UNK Y 185 -95.42 62.13 -98.39
C UNK Y 185 -94.32 61.36 -97.65
N UNK Y 186 -94.24 61.58 -96.33
CA UNK Y 186 -93.27 60.87 -95.47
C UNK Y 186 -93.73 59.46 -95.05
N UNK Y 187 -95.05 59.31 -94.88
CA UNK Y 187 -95.66 58.04 -94.51
C UNK Y 187 -95.49 56.98 -95.61
N UNK Y 188 -95.54 57.42 -96.86
CA UNK Y 188 -95.31 56.55 -98.02
C UNK Y 188 -93.83 56.13 -98.11
N UNK Y 189 -92.94 56.97 -97.60
CA UNK Y 189 -91.51 56.68 -97.53
C UNK Y 189 -91.24 55.62 -96.47
N UNK Y 190 -91.80 55.82 -95.27
CA UNK Y 190 -91.69 54.82 -94.21
C UNK Y 190 -92.36 53.49 -94.59
N UNK Y 191 -93.42 53.55 -95.41
CA UNK Y 191 -94.15 52.36 -95.84
C UNK Y 191 -93.44 51.58 -96.96
N UNK Y 192 -92.89 52.30 -97.94
CA UNK Y 192 -92.13 51.67 -99.03
C UNK Y 192 -90.79 51.13 -98.52
N UNK Y 193 -90.19 51.84 -97.56
CA UNK Y 193 -88.99 51.32 -96.90
C UNK Y 193 -89.34 50.11 -96.06
N UNK Y 194 -90.55 50.12 -95.50
CA UNK Y 194 -91.03 48.97 -94.74
C UNK Y 194 -91.23 47.74 -95.62
N UNK Y 195 -91.72 47.93 -96.85
CA UNK Y 195 -91.97 46.80 -97.75
C UNK Y 195 -90.68 46.28 -98.39
N UNK Y 196 -89.79 47.19 -98.74
CA UNK Y 196 -88.48 46.81 -99.22
C UNK Y 196 -87.64 46.20 -98.09
N UNK Y 197 -87.98 46.51 -96.84
CA UNK Y 197 -87.36 45.85 -95.67
C UNK Y 197 -88.06 44.54 -95.30
N UNK Y 198 -89.30 44.37 -95.77
CA UNK Y 198 -90.01 43.10 -95.58
C UNK Y 198 -89.49 42.08 -96.57
N UNK Y 199 -89.16 42.54 -97.78
CA UNK Y 199 -88.50 41.67 -98.75
C UNK Y 199 -87.15 41.17 -98.18
N UNK Y 200 -86.49 42.03 -97.40
CA UNK Y 200 -85.21 41.68 -96.78
C UNK Y 200 -85.33 40.81 -95.51
N UNK Y 201 -86.36 41.04 -94.68
CA UNK Y 201 -86.54 40.24 -93.47
C UNK Y 201 -87.16 38.87 -93.82
N UNK Y 202 -87.83 38.81 -94.97
CA UNK Y 202 -88.31 37.55 -95.52
C UNK Y 202 -87.31 36.97 -96.53
N UNK Y 203 -86.17 37.66 -96.69
CA UNK Y 203 -85.03 37.15 -97.45
C UNK Y 203 -84.19 36.29 -96.49
N UNK Y 204 -84.78 36.08 -95.32
CA UNK Y 204 -84.26 35.25 -94.22
C UNK Y 204 -83.04 35.82 -93.52
N UNK Y 205 -82.91 37.15 -93.49
CA UNK Y 205 -81.99 37.79 -92.55
C UNK Y 205 -82.64 39.00 -91.85
N UNK Y 206 -82.87 38.86 -90.55
CA UNK Y 206 -83.21 39.99 -89.71
C UNK Y 206 -81.91 40.67 -89.26
N UNK Y 207 -80.87 39.84 -89.15
CA UNK Y 207 -79.55 40.29 -88.69
C UNK Y 207 -78.85 41.21 -89.70
N UNK Y 208 -79.19 41.06 -90.97
CA UNK Y 208 -78.63 41.93 -92.02
C UNK Y 208 -79.24 43.32 -91.95
N UNK Y 209 -80.56 43.36 -91.83
CA UNK Y 209 -81.29 44.62 -91.70
C UNK Y 209 -80.98 45.30 -90.36
N UNK Y 210 -80.55 44.53 -89.35
CA UNK Y 210 -80.10 45.13 -88.09
C UNK Y 210 -78.59 45.41 -88.09
N UNK Y 211 -77.90 45.04 -89.17
CA UNK Y 211 -76.46 45.32 -89.32
C UNK Y 211 -76.12 46.53 -90.22
N UNK Y 212 -77.15 47.15 -90.81
CA UNK Y 212 -76.96 48.30 -91.69
C UNK Y 212 -76.98 49.61 -90.90
N UNK Y 213 -77.12 50.73 -91.59
CA UNK Y 213 -77.17 52.04 -90.96
C UNK Y 213 -78.56 52.46 -90.44
N UNK Y 214 -79.59 51.66 -90.73
CA UNK Y 214 -80.98 51.96 -90.35
C UNK Y 214 -81.47 51.29 -89.08
N UNK Y 215 -80.65 50.42 -88.50
CA UNK Y 215 -81.10 49.42 -87.52
C UNK Y 215 -81.58 49.96 -86.17
N UNK Y 216 -82.79 49.61 -85.78
CA UNK Y 216 -83.29 49.91 -84.45
C UNK Y 216 -83.01 48.74 -83.50
N UNK Y 217 -82.51 47.65 -84.09
CA UNK Y 217 -82.41 46.33 -83.43
C UNK Y 217 -83.74 45.95 -82.76
N UNK Y 218 -84.85 46.08 -83.51
CA UNK Y 218 -86.19 45.71 -83.06
C UNK Y 218 -86.82 44.71 -84.02
N UNK Y 219 -87.87 44.03 -83.58
CA UNK Y 219 -88.49 42.97 -84.36
C UNK Y 219 -89.44 43.47 -85.44
N UNK Y 220 -89.15 43.10 -86.69
CA UNK Y 220 -90.01 43.36 -87.86
C UNK Y 220 -90.58 44.78 -87.91
N UNK Y 221 -89.72 45.74 -88.22
CA UNK Y 221 -90.17 47.11 -88.49
C UNK Y 221 -90.94 47.17 -89.81
N UNK Y 222 -90.89 46.08 -90.57
CA UNK Y 222 -91.54 45.95 -91.87
C UNK Y 222 -93.08 45.91 -91.81
N UNK Y 223 -93.62 45.08 -90.93
CA UNK Y 223 -95.07 45.00 -90.74
C UNK Y 223 -95.56 46.15 -89.86
N UNK Y 224 -94.71 46.59 -88.94
CA UNK Y 224 -95.07 47.62 -87.97
C UNK Y 224 -95.10 49.02 -88.59
N UNK Y 225 -94.16 49.32 -89.48
CA UNK Y 225 -94.11 50.63 -90.16
C UNK Y 225 -95.22 50.77 -91.19
N UNK Y 226 -95.63 49.64 -91.78
CA UNK Y 226 -96.73 49.63 -92.76
C UNK Y 226 -98.10 49.69 -92.07
N UNK Y 227 -98.26 48.95 -90.97
CA UNK Y 227 -99.49 49.03 -90.18
C UNK Y 227 -99.62 50.40 -89.51
N UNK Y 228 -98.50 51.03 -89.16
CA UNK Y 228 -98.50 52.39 -88.56
C UNK Y 228 -98.65 53.53 -89.59
N UNK Y 229 -98.16 53.33 -90.82
CA UNK Y 229 -98.43 54.31 -91.88
C UNK Y 229 -99.89 54.21 -92.33
N UNK Y 230 -100.43 52.99 -92.35
CA UNK Y 230 -101.84 52.77 -92.70
C UNK Y 230 -102.80 53.27 -91.60
N UNK Y 231 -102.42 53.08 -90.34
CA UNK Y 231 -103.25 53.56 -89.22
C UNK Y 231 -103.05 55.07 -88.92
N UNK Y 232 -101.92 55.64 -89.35
CA UNK Y 232 -101.74 57.10 -89.26
C UNK Y 232 -102.42 57.80 -90.44
N UNK Y 233 -102.58 57.10 -91.56
CA UNK Y 233 -103.30 57.63 -92.72
C UNK Y 233 -104.83 57.52 -92.60
N UNK Y 234 -105.33 56.38 -92.11
CA UNK Y 234 -106.78 56.17 -91.99
C UNK Y 234 -107.40 57.02 -90.86
N UNK Y 235 -106.56 57.75 -90.15
CA UNK Y 235 -107.00 58.76 -89.18
C UNK Y 235 -106.88 60.17 -89.78
N UNK Y 236 -77.35 31.86 -82.82
CA UNK Y 236 -77.43 32.89 -83.86
C UNK Y 236 -78.87 33.37 -84.06
N UNK Y 237 -79.73 33.18 -83.05
CA UNK Y 237 -81.13 33.61 -83.09
C UNK Y 237 -81.47 34.68 -82.04
N UNK Y 238 -81.90 35.84 -82.51
CA UNK Y 238 -82.25 36.95 -81.63
C UNK Y 238 -83.70 36.86 -81.16
N UNK Y 239 -84.45 35.89 -81.67
CA UNK Y 239 -85.85 35.70 -81.26
C UNK Y 239 -85.91 34.86 -79.98
N UNK Y 240 -86.82 35.23 -79.08
CA UNK Y 240 -86.99 34.53 -77.81
C UNK Y 240 -88.35 33.82 -77.77
N UNK Y 241 -88.48 32.76 -76.98
CA UNK Y 241 -89.73 31.99 -76.93
C UNK Y 241 -90.82 32.68 -76.08
N UNK Y 242 -90.46 33.76 -75.39
CA UNK Y 242 -91.44 34.59 -74.69
C UNK Y 242 -91.88 35.78 -75.57
N UNK Y 243 -91.19 35.98 -76.69
CA UNK Y 243 -91.58 36.99 -77.68
C UNK Y 243 -92.18 36.27 -78.91
N UNK Y 244 -93.43 36.60 -79.21
CA UNK Y 244 -94.26 35.78 -80.10
C UNK Y 244 -94.14 36.07 -81.59
N UNK Y 245 -93.27 37.02 -81.97
CA UNK Y 245 -93.25 37.50 -83.36
C UNK Y 245 -92.28 36.75 -84.26
N UNK Y 246 -92.85 36.03 -85.22
CA UNK Y 246 -92.11 35.45 -86.33
C UNK Y 246 -92.93 35.74 -87.58
N UNK Y 247 -92.30 35.67 -88.75
CA UNK Y 247 -92.98 35.92 -90.02
C UNK Y 247 -94.18 34.99 -90.20
N UNK Y 248 -93.90 33.69 -90.07
CA UNK Y 248 -94.88 32.64 -90.29
C UNK Y 248 -96.11 32.71 -89.38
N UNK Y 249 -95.92 33.16 -88.13
CA UNK Y 249 -97.03 33.24 -87.19
C UNK Y 249 -97.89 34.50 -87.35
N UNK Y 250 -97.24 35.62 -87.69
CA UNK Y 250 -97.94 36.92 -87.78
C UNK Y 250 -98.39 37.28 -89.21
N UNK Y 251 -98.15 36.39 -90.18
CA UNK Y 251 -98.69 36.56 -91.53
C UNK Y 251 -100.23 36.73 -91.53
N UNK Y 252 -100.91 36.09 -90.58
CA UNK Y 252 -102.38 36.11 -90.52
C UNK Y 252 -102.96 37.48 -90.12
N UNK Y 253 -102.52 37.99 -88.98
CA UNK Y 253 -102.97 39.29 -88.47
C UNK Y 253 -102.41 40.45 -89.29
N UNK Y 254 -101.25 40.24 -89.93
CA UNK Y 254 -100.72 41.27 -90.84
C UNK Y 254 -101.50 41.30 -92.17
N UNK Y 255 -101.92 40.13 -92.68
CA UNK Y 255 -102.74 40.08 -93.90
C UNK Y 255 -104.18 40.59 -93.63
N UNK Y 256 -104.64 40.43 -92.38
CA UNK Y 256 -105.95 40.96 -91.99
C UNK Y 256 -105.91 42.50 -91.80
N UNK Y 257 -104.88 43.02 -91.14
CA UNK Y 257 -104.73 44.47 -90.99
C UNK Y 257 -104.41 45.14 -92.35
N UNK Y 258 -103.81 44.38 -93.27
CA UNK Y 258 -103.54 44.88 -94.63
C UNK Y 258 -104.79 44.87 -95.54
N UNK Y 259 -105.60 43.81 -95.44
CA UNK Y 259 -106.86 43.76 -96.19
C UNK Y 259 -107.85 44.81 -95.67
N UNK Y 260 -107.78 45.09 -94.36
CA UNK Y 260 -108.61 46.14 -93.75
C UNK Y 260 -108.09 47.55 -94.09
N UNK Y 261 -106.76 47.71 -94.15
CA UNK Y 261 -106.18 49.00 -94.55
C UNK Y 261 -106.42 49.27 -96.03
N UNK Y 262 -106.59 48.20 -96.83
CA UNK Y 262 -106.96 48.33 -98.24
C UNK Y 262 -108.48 48.52 -98.41
N UNK Y 263 -109.23 48.13 -97.38
CA UNK Y 263 -110.68 48.33 -97.36
C UNK Y 263 -111.09 49.68 -96.75
N UNK Y 264 -110.14 50.38 -96.13
CA UNK Y 264 -110.40 51.74 -95.61
C UNK Y 264 -109.95 52.84 -96.59
N UNK Y 265 -109.36 52.44 -97.72
CA UNK Y 265 -108.88 53.39 -98.74
C UNK Y 265 -110.02 53.85 -99.66
N UNK Y 266 -98.44 56.90 -102.86
CA UNK Y 266 -99.02 56.19 -101.74
C UNK Y 266 -99.69 54.88 -102.19
N UNK Y 267 -99.87 54.74 -103.51
CA UNK Y 267 -100.44 53.53 -104.11
C UNK Y 267 -99.42 52.40 -104.31
N UNK Y 268 -98.23 52.80 -104.75
CA UNK Y 268 -97.17 51.88 -105.15
C UNK Y 268 -96.59 51.04 -104.00
N UNK Y 269 -96.49 51.63 -102.81
CA UNK Y 269 -95.98 50.93 -101.64
C UNK Y 269 -97.04 50.02 -101.02
N UNK Y 270 -98.31 50.31 -101.31
CA UNK Y 270 -99.42 49.46 -100.91
C UNK Y 270 -99.47 48.21 -101.81
N UNK Y 271 -99.34 48.43 -103.12
CA UNK Y 271 -99.27 47.32 -104.08
C UNK Y 271 -98.00 46.49 -103.88
N UNK Y 272 -96.91 47.14 -103.47
CA UNK Y 272 -95.64 46.44 -103.25
C UNK Y 272 -95.61 45.69 -101.91
N UNK Y 273 -96.20 46.26 -100.86
CA UNK Y 273 -96.28 45.56 -99.58
C UNK Y 273 -97.27 44.39 -99.68
N UNK Y 274 -98.32 44.55 -100.47
CA UNK Y 274 -99.27 43.47 -100.69
C UNK Y 274 -98.71 42.36 -101.60
N UNK Y 275 -97.95 42.74 -102.64
CA UNK Y 275 -97.33 41.74 -103.51
C UNK Y 275 -96.19 40.99 -102.80
N UNK Y 276 -95.45 41.72 -101.96
CA UNK Y 276 -94.36 41.13 -101.18
C UNK Y 276 -94.89 40.26 -100.03
N UNK Y 277 -95.99 40.66 -99.40
CA UNK Y 277 -96.61 39.83 -98.38
C UNK Y 277 -97.23 38.58 -98.99
N UNK Y 278 -97.84 38.73 -100.16
CA UNK Y 278 -98.45 37.60 -100.88
C UNK Y 278 -97.39 36.59 -101.37
N UNK Y 279 -96.24 37.09 -101.80
CA UNK Y 279 -95.15 36.21 -102.24
C UNK Y 279 -94.34 35.63 -101.06
N UNK Y 280 -94.35 36.31 -99.92
CA UNK Y 280 -93.66 35.84 -98.72
C UNK Y 280 -94.45 34.75 -97.99
N UNK Y 281 -95.79 34.89 -97.98
CA UNK Y 281 -96.64 33.91 -97.28
C UNK Y 281 -96.63 32.53 -97.97
N UNK Y 282 -96.02 32.43 -99.16
CA UNK Y 282 -95.96 31.16 -99.89
C UNK Y 282 -94.67 30.38 -99.63
N UNK Y 283 -96.57 59.11 -108.14
CA UNK Y 283 -95.94 59.61 -109.36
C UNK Y 283 -94.71 60.46 -109.06
N UNK Y 284 -93.63 60.21 -109.79
CA UNK Y 284 -92.36 60.90 -109.59
C UNK Y 284 -92.45 62.38 -109.96
N UNK Y 285 -93.29 62.68 -110.94
CA UNK Y 285 -93.45 64.03 -111.45
C UNK Y 285 -94.00 64.98 -110.39
N UNK Y 286 -95.12 64.62 -109.77
CA UNK Y 286 -95.76 65.43 -108.73
C UNK Y 286 -94.78 65.73 -107.62
N UNK Y 287 -94.06 64.71 -107.19
CA UNK Y 287 -93.04 64.86 -106.16
C UNK Y 287 -91.96 65.85 -106.58
N UNK Y 288 -91.30 65.58 -107.71
CA UNK Y 288 -90.17 66.39 -108.17
C UNK Y 288 -90.55 67.86 -108.37
N UNK Y 289 -91.72 68.09 -108.98
CA UNK Y 289 -92.17 69.45 -109.26
C UNK Y 289 -92.68 70.18 -108.02
N UNK Y 290 -93.40 69.48 -107.15
CA UNK Y 290 -93.94 70.11 -105.93
C UNK Y 290 -92.84 70.41 -104.90
N UNK Y 291 -91.79 69.59 -104.91
CA UNK Y 291 -90.64 69.85 -104.05
C UNK Y 291 -89.70 70.90 -104.64
N UNK Y 292 -89.48 70.87 -105.96
CA UNK Y 292 -88.64 71.89 -106.61
C UNK Y 292 -89.35 73.25 -106.62
N UNK Y 293 -90.64 73.23 -106.30
CA UNK Y 293 -91.45 74.44 -106.18
C UNK Y 293 -91.11 75.24 -104.93
N UNK Y 294 -90.39 74.63 -104.00
CA UNK Y 294 -89.91 75.40 -102.86
C UNK Y 294 -88.52 75.90 -103.23
N UNK Y 295 -88.43 77.20 -103.51
CA UNK Y 295 -87.16 77.85 -103.77
C UNK Y 295 -86.69 78.51 -102.48
N UNK Y 296 -87.52 78.40 -101.44
CA UNK Y 296 -87.12 78.79 -100.10
C UNK Y 296 -85.84 78.04 -99.73
N UNK Y 297 -85.83 76.75 -100.07
CA UNK Y 297 -84.63 75.93 -99.97
C UNK Y 297 -83.46 76.59 -100.71
N UNK Y 298 -83.69 76.94 -101.97
CA UNK Y 298 -82.68 77.62 -102.80
C UNK Y 298 -82.27 78.98 -102.22
N UNK Y 299 -83.09 79.55 -101.32
CA UNK Y 299 -82.69 80.76 -100.58
C UNK Y 299 -81.85 80.41 -99.34
N UNK Y 300 -82.24 79.36 -98.60
CA UNK Y 300 -81.53 78.95 -97.38
C UNK Y 300 -80.07 78.65 -97.70
N UNK Y 301 -79.87 77.86 -98.76
CA UNK Y 301 -78.54 77.60 -99.31
C UNK Y 301 -77.77 78.91 -99.54
N UNK Y 302 -78.40 79.88 -100.22
CA UNK Y 302 -77.77 81.17 -100.51
C UNK Y 302 -77.32 81.87 -99.23
N UNK Y 303 -78.05 81.65 -98.14
CA UNK Y 303 -77.63 82.16 -96.83
C UNK Y 303 -76.55 81.26 -96.24
N UNK Y 304 -76.81 79.96 -96.25
CA UNK Y 304 -75.95 78.98 -95.61
C UNK Y 304 -74.52 79.06 -96.16
N UNK Y 305 -74.40 79.06 -97.50
CA UNK Y 305 -73.12 79.21 -98.16
C UNK Y 305 -72.36 80.40 -97.59
N UNK Y 306 -73.03 81.56 -97.51
CA UNK Y 306 -72.41 82.77 -96.95
C UNK Y 306 -71.92 82.50 -95.52
N UNK Y 307 -72.81 81.94 -94.71
CA UNK Y 307 -72.50 81.66 -93.31
C UNK Y 307 -71.46 80.53 -93.18
N UNK Y 308 -71.29 79.73 -94.24
CA UNK Y 308 -70.22 78.73 -94.28
C UNK Y 308 -68.89 79.34 -94.73
N UNK Y 309 -68.94 80.44 -95.48
CA UNK Y 309 -67.74 81.14 -95.91
C UNK Y 309 -67.17 82.03 -94.78
N UNK Y 310 -68.04 82.85 -94.18
CA UNK Y 310 -67.62 83.79 -93.14
C UNK Y 310 -67.24 83.10 -91.83
N UNK Y 311 -67.70 81.86 -91.65
CA UNK Y 311 -67.27 81.00 -90.55
C UNK Y 311 -65.93 80.32 -90.84
N UNK Y 312 -65.65 80.11 -92.13
CA UNK Y 312 -64.45 79.37 -92.55
C UNK Y 312 -63.26 80.31 -92.72
N UNK Y 313 -63.39 81.28 -93.63
CA UNK Y 313 -62.33 82.26 -93.93
C UNK Y 313 -61.70 82.84 -92.66
N UNK Y 314 -62.55 83.30 -91.73
CA UNK Y 314 -62.11 83.86 -90.45
C UNK Y 314 -61.10 82.96 -89.76
N UNK Y 315 -61.44 81.68 -89.66
CA UNK Y 315 -60.57 80.68 -89.04
C UNK Y 315 -59.17 80.73 -89.65
N UNK Y 316 -59.08 80.73 -90.98
CA UNK Y 316 -57.80 80.78 -91.69
C UNK Y 316 -56.97 81.96 -91.18
N UNK Y 317 -57.61 83.13 -91.08
CA UNK Y 317 -56.92 84.36 -90.70
C UNK Y 317 -56.38 84.28 -89.27
N UNK Y 318 -57.02 83.48 -88.42
CA UNK Y 318 -56.45 83.21 -87.10
C UNK Y 318 -55.38 82.12 -87.21
N UNK Y 319 -55.68 81.05 -87.97
CA UNK Y 319 -54.81 79.87 -88.00
C UNK Y 319 -53.44 80.19 -88.58
N UNK Y 320 -53.42 80.77 -89.78
CA UNK Y 320 -52.18 81.25 -90.39
C UNK Y 320 -51.47 82.18 -89.42
N UNK Y 321 -52.23 83.05 -88.73
CA UNK Y 321 -51.62 83.96 -87.76
C UNK Y 321 -51.03 83.11 -86.63
N UNK Y 322 -51.80 82.15 -86.13
CA UNK Y 322 -51.33 81.24 -85.09
C UNK Y 322 -50.14 80.41 -85.58
N UNK Y 323 -49.96 80.29 -86.89
CA UNK Y 323 -48.73 79.67 -87.40
C UNK Y 323 -47.57 80.65 -87.21
N UNK Y 324 -47.71 81.86 -87.74
CA UNK Y 324 -46.62 82.83 -87.75
C UNK Y 324 -46.21 83.20 -86.33
N UNK Y 325 -47.20 83.53 -85.50
CA UNK Y 325 -46.97 83.87 -84.10
C UNK Y 325 -46.17 82.78 -83.39
N UNK Y 326 -46.41 81.52 -83.78
CA UNK Y 326 -45.58 80.43 -83.27
C UNK Y 326 -44.20 80.44 -83.95
N UNK Y 327 -44.19 80.41 -85.29
CA UNK Y 327 -42.94 80.23 -86.04
C UNK Y 327 -41.94 81.35 -85.74
N UNK Y 328 -42.42 82.59 -85.79
CA UNK Y 328 -41.63 83.75 -85.41
C UNK Y 328 -40.98 83.54 -84.05
N UNK Y 329 -41.80 83.17 -83.06
CA UNK Y 329 -41.31 82.99 -81.69
C UNK Y 329 -40.24 81.90 -81.66
N UNK Y 330 -40.41 80.87 -82.48
CA UNK Y 330 -39.43 79.78 -82.57
C UNK Y 330 -38.09 80.32 -83.07
N UNK Y 331 -38.13 81.20 -84.08
CA UNK Y 331 -36.90 81.77 -84.62
C UNK Y 331 -36.26 82.76 -83.63
N UNK Y 332 -36.99 83.11 -82.56
CA UNK Y 332 -36.40 83.89 -81.46
C UNK Y 332 -35.70 83.00 -80.40
N UNK Y 333 -36.08 81.72 -80.35
CA UNK Y 333 -35.46 80.75 -79.42
C UNK Y 333 -34.15 80.13 -79.94
N UNK Y 334 -34.10 79.84 -81.24
CA UNK Y 334 -32.93 79.20 -81.86
C UNK Y 334 -31.80 80.19 -82.13
N UNK Y 335 -32.17 81.47 -82.35
CA UNK Y 335 -31.19 82.54 -82.54
C UNK Y 335 -30.86 83.21 -81.19
N UNK Y 336 -31.45 82.69 -80.12
CA UNK Y 336 -31.24 83.15 -78.74
C UNK Y 336 -31.26 84.67 -78.59
N VAL Z 78 -12.90 39.48 54.42
CA VAL Z 78 -12.22 38.67 53.42
C VAL Z 78 -11.16 39.50 52.70
N GLU Z 79 -10.03 38.86 52.39
CA GLU Z 79 -9.01 39.50 51.56
C GLU Z 79 -9.18 39.13 50.09
N SER Z 80 -9.10 40.14 49.22
CA SER Z 80 -9.06 39.87 47.79
C SER Z 80 -7.67 39.40 47.40
N PHE Z 81 -7.62 38.53 46.40
CA PHE Z 81 -6.35 37.98 45.97
C PHE Z 81 -5.39 39.10 45.62
N ALA Z 82 -5.88 40.08 44.88
CA ALA Z 82 -5.07 41.20 44.45
C ALA Z 82 -4.37 41.87 45.63
N SER Z 83 -5.03 41.89 46.78
CA SER Z 83 -4.48 42.51 47.98
C SER Z 83 -3.32 41.67 48.53
N MET Z 84 -3.56 40.36 48.58
CA MET Z 84 -2.54 39.42 49.01
C MET Z 84 -1.29 39.56 48.14
N LEU Z 85 -1.52 39.80 46.85
CA LEU Z 85 -0.42 39.98 45.91
C LEU Z 85 0.33 41.27 46.19
N ARG Z 86 -0.40 42.37 46.26
CA ARG Z 86 0.18 43.69 46.48
C ARG Z 86 1.05 43.77 47.74
N HIS Z 87 0.68 43.07 48.80
CA HIS Z 87 1.44 43.19 50.05
C HIS Z 87 2.47 42.09 50.30
N SER Z 88 2.60 41.14 49.38
CA SER Z 88 3.53 40.02 49.55
C SER Z 88 5.01 40.43 49.46
N PRO Z 89 5.90 39.69 50.13
CA PRO Z 89 7.35 39.95 50.07
C PRO Z 89 7.94 39.74 48.68
N LEU Z 90 7.43 38.76 47.95
CA LEU Z 90 7.90 38.46 46.61
C LEU Z 90 7.62 39.60 45.65
N THR Z 91 6.57 40.35 45.94
CA THR Z 91 6.30 41.57 45.21
C THR Z 91 7.20 42.70 45.69
N GLN Z 92 7.27 42.87 47.00
CA GLN Z 92 8.01 43.96 47.61
C GLN Z 92 9.47 43.97 47.18
N MET Z 93 10.03 42.79 46.96
CA MET Z 93 11.42 42.66 46.56
C MET Z 93 11.71 43.34 45.23
N GLY Z 94 10.74 43.30 44.32
CA GLY Z 94 10.89 43.88 43.01
C GLY Z 94 11.81 43.06 42.10
N PRO Z 95 12.70 43.74 41.37
CA PRO Z 95 13.65 43.04 40.50
C PRO Z 95 14.54 42.09 41.28
N ALA Z 96 14.89 40.97 40.65
CA ALA Z 96 15.58 39.89 41.33
C ALA Z 96 17.08 40.11 41.52
N LYS Z 97 17.70 40.87 40.63
CA LYS Z 97 19.17 41.00 40.64
C LYS Z 97 19.73 41.57 41.92
N ASN Z 98 20.81 40.97 42.40
CA ASN Z 98 21.59 41.45 43.54
C ASN Z 98 20.79 41.62 44.82
N LYS Z 99 19.68 40.90 44.95
CA LYS Z 99 18.89 40.92 46.17
C LYS Z 99 19.57 40.07 47.25
N LEU Z 100 19.42 40.46 48.51
CA LEU Z 100 19.96 39.67 49.60
C LEU Z 100 18.86 38.84 50.22
N VAL Z 101 18.95 37.53 50.08
CA VAL Z 101 17.84 36.67 50.46
C VAL Z 101 18.22 35.65 51.53
N ILE Z 102 17.22 35.14 52.23
CA ILE Z 102 17.42 34.08 53.21
C ILE Z 102 16.77 32.81 52.71
N GLY Z 103 17.46 31.70 52.90
CA GLY Z 103 17.09 30.45 52.28
C GLY Z 103 17.38 29.29 53.21
N GLN Z 104 16.99 28.10 52.80
CA GLN Z 104 17.03 26.95 53.67
C GLN Z 104 17.48 25.73 52.88
N ILE Z 105 18.32 24.90 53.48
CA ILE Z 105 18.84 23.75 52.74
C ILE Z 105 17.98 22.51 53.01
N PHE Z 106 17.24 22.08 52.00
CA PHE Z 106 16.41 20.89 52.17
C PHE Z 106 16.96 19.59 51.60
N HIS Z 107 18.06 19.63 50.85
CA HIS Z 107 18.61 18.39 50.33
C HIS Z 107 20.10 18.51 50.02
N ILE Z 108 20.82 17.40 50.19
CA ILE Z 108 22.26 17.40 50.01
C ILE Z 108 22.76 16.26 49.15
N VAL Z 109 23.59 16.59 48.17
CA VAL Z 109 24.47 15.64 47.51
C VAL Z 109 25.84 16.20 47.85
N GLU Z 110 26.89 15.39 47.73
CA GLU Z 110 28.16 15.66 48.41
C GLU Z 110 28.66 17.11 48.40
N ASP Z 111 28.96 17.64 47.23
CA ASP Z 111 29.39 19.02 47.17
C ASP Z 111 28.23 19.98 46.99
N ASP Z 112 27.06 19.45 46.65
CA ASP Z 112 25.98 20.31 46.20
C ASP Z 112 24.80 20.39 47.17
N LEU Z 113 24.41 21.63 47.48
CA LEU Z 113 23.38 21.90 48.47
C LEU Z 113 22.19 22.58 47.84
N TYR Z 114 21.03 21.93 47.94
CA TYR Z 114 19.85 22.39 47.21
C TYR Z 114 19.01 23.31 48.06
N ILE Z 115 18.94 24.57 47.66
CA ILE Z 115 18.40 25.59 48.55
C ILE Z 115 17.10 26.19 48.09
N ASP Z 116 16.10 26.01 48.92
CA ASP Z 116 14.82 26.68 48.77
C ASP Z 116 14.90 28.01 49.53
N PHE Z 117 14.84 29.11 48.80
CA PHE Z 117 14.75 30.42 49.42
C PHE Z 117 13.29 30.83 49.42
N GLY Z 118 12.48 29.95 48.85
CA GLY Z 118 11.05 30.10 48.89
C GLY Z 118 10.42 30.66 47.63
N GLY Z 119 11.24 30.96 46.62
CA GLY Z 119 10.68 31.70 45.51
C GLY Z 119 9.73 30.97 44.56
N LYS Z 120 10.22 30.09 43.71
CA LYS Z 120 9.39 29.09 43.05
C LYS Z 120 10.22 27.83 43.01
N PHE Z 121 11.33 27.95 42.28
CA PHE Z 121 12.32 26.91 42.15
C PHE Z 121 13.45 27.09 43.13
N HIS Z 122 14.01 25.98 43.57
CA HIS Z 122 15.21 26.01 44.36
C HIS Z 122 16.39 26.37 43.51
N CYS Z 123 17.40 26.95 44.14
CA CYS Z 123 18.67 27.12 43.47
C CYS Z 123 19.58 25.98 43.92
N VAL Z 124 20.79 25.91 43.34
CA VAL Z 124 21.81 24.96 43.80
C VAL Z 124 23.04 25.71 44.26
N CYS Z 125 23.80 25.13 45.19
CA CYS Z 125 25.05 25.75 45.61
C CYS Z 125 26.15 24.73 45.80
N LYS Z 126 27.38 25.20 45.92
CA LYS Z 126 28.49 24.34 46.29
C LYS Z 126 29.01 24.72 47.65
N ARG Z 127 29.13 23.71 48.50
CA ARG Z 127 29.58 23.89 49.86
C ARG Z 127 30.98 24.51 49.85
N PRO Z 128 31.09 25.71 50.43
CA PRO Z 128 32.35 26.46 50.56
C PRO Z 128 33.39 25.76 51.44
N GLU Z 129 34.63 26.21 51.30
CA GLU Z 129 35.75 25.64 52.04
C GLU Z 129 35.71 25.96 53.53
N VAL Z 130 35.22 27.14 53.86
CA VAL Z 130 35.10 27.54 55.26
C VAL Z 130 34.00 26.74 55.93
N ASP Z 131 34.35 26.04 57.00
CA ASP Z 131 33.38 25.26 57.80
C ASP Z 131 32.51 24.37 56.94
N GLY Z 132 33.12 23.37 56.29
CA GLY Z 132 32.40 22.52 55.37
C GLY Z 132 31.23 21.81 56.01
N GLU Z 133 31.47 21.23 57.17
CA GLU Z 133 30.49 20.38 57.83
C GLU Z 133 29.36 21.16 58.52
N LYS Z 134 29.45 22.48 58.52
CA LYS Z 134 28.43 23.33 59.15
C LYS Z 134 27.12 23.40 58.36
N TYR Z 135 27.19 23.20 57.05
CA TYR Z 135 26.01 23.29 56.19
C TYR Z 135 25.37 21.92 56.05
N GLN Z 136 24.20 21.72 56.66
CA GLN Z 136 23.54 20.42 56.56
C GLN Z 136 22.09 20.56 56.17
N LYS Z 137 21.44 19.43 55.96
CA LYS Z 137 20.01 19.42 55.65
C LYS Z 137 19.28 20.06 56.83
N GLY Z 138 18.45 21.05 56.54
CA GLY Z 138 17.77 21.80 57.59
C GLY Z 138 18.45 23.11 57.95
N THR Z 139 19.73 23.24 57.61
CA THR Z 139 20.48 24.47 57.88
C THR Z 139 19.83 25.65 57.16
N ARG Z 140 19.97 26.85 57.70
CA ARG Z 140 19.51 28.04 56.99
C ARG Z 140 20.72 28.81 56.43
N VAL Z 141 20.52 29.51 55.30
CA VAL Z 141 21.63 30.16 54.57
C VAL Z 141 21.37 31.58 54.02
N ARG Z 142 22.46 32.32 53.81
CA ARG Z 142 22.43 33.62 53.13
C ARG Z 142 22.68 33.45 51.64
N LEU Z 143 21.88 34.13 50.82
CA LEU Z 143 22.02 34.04 49.37
C LEU Z 143 22.04 35.42 48.70
N ARG Z 144 22.86 35.55 47.66
CA ARG Z 144 22.71 36.72 46.82
C ARG Z 144 22.01 36.25 45.57
N LEU Z 145 20.76 36.67 45.41
CA LEU Z 145 19.95 36.19 44.31
C LEU Z 145 20.30 36.92 43.02
N LEU Z 146 20.74 36.14 42.03
CA LEU Z 146 21.07 36.65 40.72
C LEU Z 146 19.82 36.69 39.86
N ASP Z 147 19.25 35.52 39.61
CA ASP Z 147 18.04 35.42 38.79
C ASP Z 147 17.00 34.49 39.37
N LEU Z 148 15.76 34.95 39.34
CA LEU Z 148 14.64 34.23 39.93
C LEU Z 148 14.38 32.90 39.25
N GLU Z 149 14.73 32.82 37.97
CA GLU Z 149 14.86 31.52 37.30
C GLU Z 149 15.71 31.60 36.04
N LEU Z 150 16.23 30.45 35.63
CA LEU Z 150 17.12 30.38 34.51
C LEU Z 150 16.40 29.97 33.23
N THR Z 151 16.40 30.86 32.26
CA THR Z 151 15.65 30.65 31.05
C THR Z 151 16.28 31.38 29.88
N SER Z 152 16.23 30.78 28.69
CA SER Z 152 16.45 31.53 27.46
C SER Z 152 15.84 30.82 26.27
N ARG Z 153 15.62 31.61 25.23
CA ARG Z 153 15.15 31.09 23.96
C ARG Z 153 16.38 30.82 23.11
N PHE Z 154 16.31 29.79 22.28
CA PHE Z 154 17.46 29.36 21.50
C PHE Z 154 17.08 29.20 20.05
N LEU Z 155 18.08 28.97 19.21
CA LEU Z 155 17.89 28.97 17.77
C LEU Z 155 16.77 28.04 17.31
N GLY Z 156 15.82 28.61 16.58
CA GLY Z 156 14.69 27.85 16.10
C GLY Z 156 13.87 27.25 17.21
N ALA Z 157 13.61 28.04 18.25
CA ALA Z 157 12.75 27.58 19.31
C ALA Z 157 11.47 28.41 19.39
N THR Z 158 10.36 27.74 19.63
CA THR Z 158 9.08 28.38 19.85
C THR Z 158 9.03 28.98 21.25
N THR Z 159 9.15 28.11 22.25
CA THR Z 159 9.15 28.50 23.65
C THR Z 159 10.57 28.49 24.19
N ASP Z 160 10.84 29.32 25.19
CA ASP Z 160 12.17 29.36 25.78
C ASP Z 160 12.43 28.09 26.61
N THR Z 161 13.65 27.91 27.10
CA THR Z 161 14.00 26.65 27.76
C THR Z 161 14.26 26.87 29.25
N THR Z 162 13.61 26.07 30.08
CA THR Z 162 13.75 26.20 31.52
C THR Z 162 14.69 25.17 32.12
N ILE Z 163 15.51 25.64 33.03
CA ILE Z 163 16.38 24.78 33.82
C ILE Z 163 15.66 24.22 35.04
N LEU Z 164 14.57 24.90 35.41
CA LEU Z 164 13.79 24.59 36.61
C LEU Z 164 14.59 24.87 37.88
N GLU Z 165 15.52 25.83 37.79
CA GLU Z 165 16.28 26.33 38.94
C GLU Z 165 16.45 27.84 38.86
N ALA Z 166 16.85 28.47 39.95
CA ALA Z 166 17.16 29.89 39.92
C ALA Z 166 18.62 30.09 40.23
N ASP Z 167 19.17 31.22 39.81
CA ASP Z 167 20.60 31.44 39.99
C ASP Z 167 20.89 32.22 41.24
N ALA Z 168 21.72 31.67 42.12
CA ALA Z 168 22.05 32.35 43.35
C ALA Z 168 23.47 32.08 43.78
N VAL Z 169 23.99 32.96 44.62
CA VAL Z 169 25.33 32.79 45.17
C VAL Z 169 25.29 32.63 46.68
N LEU Z 170 26.32 32.01 47.21
CA LEU Z 170 26.41 31.75 48.63
C LEU Z 170 27.29 32.79 49.32
N LEU Z 171 26.79 33.34 50.42
CA LEU Z 171 27.51 34.39 51.11
C LEU Z 171 28.06 33.84 52.42
N GLY Z 172 27.16 33.56 53.36
CA GLY Z 172 27.50 33.01 54.66
C GLY Z 172 26.30 32.18 55.08
N LEU Z 173 26.40 31.51 56.21
CA LEU Z 173 25.31 30.64 56.62
C LEU Z 173 24.46 31.26 57.72
N GLN Z 174 23.28 31.75 57.34
CA GLN Z 174 22.24 32.26 58.26
C GLN Z 174 22.85 33.04 59.40
N GLU Z 175 23.69 34.01 59.03
CA GLU Z 175 24.47 34.71 60.04
C GLU Z 175 23.51 35.30 61.07
N SER Z 176 23.72 34.92 62.33
CA SER Z 176 22.72 35.14 63.37
C SER Z 176 23.26 36.02 64.51
N UNK AA 52 95.95 -33.07 37.38
CA UNK AA 52 96.35 -34.32 38.00
C UNK AA 52 97.72 -34.81 37.47
N UNK AA 53 98.54 -35.36 38.36
CA UNK AA 53 99.96 -35.62 38.05
C UNK AA 53 100.25 -37.01 37.52
N UNK AA 54 101.16 -37.08 36.56
CA UNK AA 54 101.53 -38.34 35.92
C UNK AA 54 102.92 -38.29 35.28
N UNK AA 55 103.41 -39.47 34.96
CA UNK AA 55 104.71 -39.63 34.30
C UNK AA 55 104.60 -40.56 33.09
N UNK AA 56 104.33 -41.84 33.36
CA UNK AA 56 104.06 -42.83 32.32
C UNK AA 56 102.80 -43.63 32.69
N UNK AA 57 102.31 -44.42 31.73
CA UNK AA 57 101.02 -45.13 31.85
C UNK AA 57 100.79 -45.95 33.12
N UNK AA 58 101.81 -46.67 33.59
CA UNK AA 58 101.57 -47.60 34.67
C UNK AA 58 101.81 -46.97 36.04
N UNK AA 59 100.72 -46.67 36.74
CA UNK AA 59 100.70 -46.37 38.18
C UNK AA 59 99.29 -46.67 38.73
N UNK AA 60 99.21 -47.26 39.93
CA UNK AA 60 97.91 -47.67 40.49
C UNK AA 60 97.15 -46.56 41.23
N UNK AA 61 97.89 -45.73 41.96
CA UNK AA 61 97.31 -44.68 42.79
C UNK AA 61 96.93 -43.47 41.96
N UNK AA 62 97.33 -43.50 40.69
CA UNK AA 62 97.10 -42.39 39.78
C UNK AA 62 95.75 -42.52 39.10
N UNK AA 63 94.93 -43.46 39.55
CA UNK AA 63 93.57 -43.65 39.01
C UNK AA 63 92.80 -42.32 39.00
N UNK AA 64 92.25 -41.97 37.83
CA UNK AA 64 91.68 -40.66 37.50
C UNK AA 64 92.70 -39.50 37.54
N UNK AA 65 93.84 -39.71 36.90
CA UNK AA 65 94.82 -38.64 36.69
C UNK AA 65 95.15 -38.47 35.21
N UNK AA 66 95.74 -37.33 34.86
CA UNK AA 66 95.96 -37.00 33.45
C UNK AA 66 97.34 -37.42 32.92
N UNK AA 67 97.35 -38.46 32.08
CA UNK AA 67 98.57 -38.89 31.38
C UNK AA 67 98.69 -38.10 30.06
N UNK AA 68 99.90 -37.72 29.68
CA UNK AA 68 100.10 -37.00 28.43
C UNK AA 68 101.04 -37.78 27.52
N UNK AA 69 101.03 -37.45 26.23
CA UNK AA 69 102.00 -37.99 25.28
C UNK AA 69 102.42 -36.87 24.33
N SER AA 70 103.47 -37.08 23.53
CA SER AA 70 103.91 -36.07 22.58
C SER AA 70 103.21 -36.22 21.23
N LEU AA 71 103.49 -35.30 20.31
CA LEU AA 71 102.90 -35.36 18.97
C LEU AA 71 103.64 -36.40 18.14
N GLN AA 72 104.94 -36.50 18.36
CA GLN AA 72 105.73 -37.53 17.70
C GLN AA 72 105.44 -38.89 18.31
N GLU AA 73 105.19 -38.91 19.62
CA GLU AA 73 104.71 -40.12 20.30
C GLU AA 73 103.38 -40.56 19.73
N LEU AA 74 102.58 -39.58 19.32
CA LEU AA 74 101.25 -39.84 18.78
C LEU AA 74 101.29 -40.34 17.33
N LYS AA 75 102.14 -39.73 16.50
CA LYS AA 75 102.33 -40.18 15.12
C LYS AA 75 103.00 -41.55 15.10
N THR AA 76 103.80 -41.84 16.13
CA THR AA 76 104.49 -43.12 16.24
C THR AA 76 103.57 -44.24 16.73
N VAL AA 77 102.82 -43.97 17.80
CA VAL AA 77 102.00 -45.00 18.43
C VAL AA 77 100.66 -45.25 17.71
N PHE AA 78 100.01 -44.18 17.24
CA PHE AA 78 98.74 -44.34 16.53
C PHE AA 78 98.80 -43.81 15.10
N PRO AA 79 99.56 -44.48 14.23
CA PRO AA 79 99.58 -44.06 12.82
C PRO AA 79 98.21 -44.31 12.22
N HIS AA 80 97.58 -45.34 12.76
CA HIS AA 80 96.19 -45.62 12.47
C HIS AA 80 95.34 -44.56 13.13
N GLY AA 81 94.03 -44.68 12.97
CA GLY AA 81 93.11 -43.74 13.57
C GLY AA 81 93.22 -43.66 15.08
N LEU AA 82 92.94 -42.47 15.59
CA LEU AA 82 92.69 -42.23 17.01
C LEU AA 82 91.22 -41.84 17.01
N PRO AA 83 90.47 -42.12 18.11
CA PRO AA 83 89.04 -41.84 17.98
C PRO AA 83 88.80 -40.37 17.60
N PRO AA 84 88.04 -40.14 16.51
CA PRO AA 84 87.87 -38.83 15.87
C PRO AA 84 87.49 -37.70 16.83
N ARG AA 85 86.60 -37.96 17.77
CA ARG AA 85 86.29 -36.98 18.82
C ARG AA 85 87.54 -36.54 19.58
N PHE AA 86 88.41 -37.50 19.86
CA PHE AA 86 89.64 -37.27 20.61
C PHE AA 86 90.74 -36.67 19.72
N ALA AA 87 90.75 -36.99 18.43
CA ALA AA 87 91.63 -36.31 17.50
C ALA AA 87 91.26 -34.83 17.44
N MET AA 88 89.96 -34.55 17.59
CA MET AA 88 89.48 -33.19 17.71
C MET AA 88 90.04 -32.57 18.98
N GLN AA 89 89.84 -33.26 20.10
CA GLN AA 89 90.38 -32.81 21.39
C GLN AA 89 91.85 -32.40 21.28
N VAL AA 90 92.64 -33.27 20.64
CA VAL AA 90 94.08 -33.06 20.54
C VAL AA 90 94.44 -31.91 19.60
N LYS AA 91 93.88 -31.91 18.39
CA LYS AA 91 94.21 -30.82 17.47
C LYS AA 91 93.74 -29.47 18.02
N THR AA 92 92.72 -29.48 18.88
CA THR AA 92 92.23 -28.26 19.54
C THR AA 92 93.15 -27.76 20.62
N PHE AA 93 93.50 -28.64 21.55
CA PHE AA 93 94.19 -28.20 22.76
C PHE AA 93 95.71 -28.18 22.66
N ASN AA 94 96.23 -28.60 21.52
CA ASN AA 94 97.68 -28.68 21.27
C ASN AA 94 98.34 -29.73 22.14
N GLU AA 95 97.60 -30.22 23.15
CA GLU AA 95 98.13 -31.16 24.12
C GLU AA 95 97.35 -32.46 24.05
N ALA AA 96 98.08 -33.58 24.00
CA ALA AA 96 97.45 -34.89 24.07
C ALA AA 96 97.35 -35.30 25.52
N CYS AA 97 96.12 -35.43 26.00
CA CYS AA 97 95.88 -35.67 27.41
C CYS AA 97 94.83 -36.75 27.59
N LEU AA 98 94.91 -37.46 28.71
CA LEU AA 98 94.07 -38.62 28.95
C LEU AA 98 93.91 -38.80 30.45
N MET AA 99 92.93 -39.57 30.87
CA MET AA 99 92.83 -39.92 32.28
C MET AA 99 92.88 -41.42 32.41
N VAL AA 100 93.18 -41.91 33.59
CA VAL AA 100 93.31 -43.34 33.78
C VAL AA 100 92.16 -43.93 34.58
N ARG AA 101 91.64 -45.05 34.11
CA ARG AA 101 90.44 -45.65 34.66
C ARG AA 101 90.74 -47.01 35.29
N LYS AA 102 89.85 -47.42 36.20
CA LYS AA 102 89.97 -48.69 36.90
C LYS AA 102 90.07 -49.91 35.97
N PRO AA 103 89.25 -49.96 34.89
CA PRO AA 103 89.44 -51.06 33.94
C PRO AA 103 90.78 -51.02 33.20
N ALA AA 104 91.25 -49.82 32.88
CA ALA AA 104 92.55 -49.66 32.24
C ALA AA 104 93.68 -50.16 33.15
N LEU AA 105 93.61 -49.76 34.43
CA LEU AA 105 94.52 -50.23 35.46
C LEU AA 105 94.53 -51.75 35.57
N GLU AA 106 93.34 -52.31 35.70
CA GLU AA 106 93.13 -53.75 35.77
C GLU AA 106 93.80 -54.47 34.60
N LEU AA 107 93.43 -54.06 33.38
CA LEU AA 107 93.95 -54.65 32.16
C LEU AA 107 95.48 -54.57 32.14
N LEU AA 108 96.02 -53.41 32.51
CA LEU AA 108 97.47 -53.23 32.45
C LEU AA 108 98.19 -54.12 33.45
N HIS AA 109 97.58 -54.32 34.62
CA HIS AA 109 98.17 -55.18 35.62
C HIS AA 109 98.11 -56.65 35.20
N TYR AA 110 97.09 -57.01 34.44
CA TYR AA 110 97.06 -58.36 33.86
C TYR AA 110 98.17 -58.50 32.82
N LEU AA 111 98.41 -57.44 32.08
CA LEU AA 111 99.47 -57.43 31.07
C LEU AA 111 100.88 -57.38 31.67
N LYS AA 112 100.99 -56.98 32.93
CA LYS AA 112 102.28 -56.99 33.63
C LYS AA 112 102.69 -58.41 34.05
N ASN AA 113 101.69 -59.23 34.35
CA ASN AA 113 101.93 -60.57 34.89
C ASN AA 113 102.06 -61.63 33.82
N THR AA 114 102.05 -61.19 32.55
CA THR AA 114 101.99 -62.11 31.41
C THR AA 114 103.14 -63.09 31.28
N ASN AA 115 102.79 -64.33 30.95
CA ASN AA 115 103.77 -65.35 30.59
C ASN AA 115 103.73 -65.62 29.09
N PHE AA 116 104.86 -65.43 28.42
CA PHE AA 116 104.92 -65.55 26.97
C PHE AA 116 105.10 -67.02 26.54
N ALA AA 117 105.31 -67.88 27.53
CA ALA AA 117 105.35 -69.32 27.28
C ALA AA 117 103.92 -69.84 27.11
N HIS AA 118 102.99 -69.24 27.85
CA HIS AA 118 101.58 -69.63 27.78
C HIS AA 118 100.96 -69.22 26.45
N PRO AA 119 99.90 -69.94 26.03
CA PRO AA 119 99.15 -69.68 24.79
C PRO AA 119 98.53 -68.28 24.75
N ALA AA 120 98.14 -67.82 23.56
CA ALA AA 120 97.60 -66.46 23.42
C ALA AA 120 96.32 -66.21 24.23
N VAL AA 121 96.34 -65.15 25.04
CA VAL AA 121 95.23 -64.80 25.94
C VAL AA 121 94.33 -63.68 25.37
N ARG AA 122 93.03 -63.93 25.41
CA ARG AA 122 92.03 -63.00 24.89
C ARG AA 122 91.40 -62.14 25.98
N TYR AA 123 91.22 -60.86 25.66
CA TYR AA 123 90.59 -59.91 26.58
C TYR AA 123 89.42 -59.24 25.86
N VAL AA 124 88.45 -58.74 26.62
CA VAL AA 124 87.32 -58.05 26.00
C VAL AA 124 86.91 -56.80 26.79
N LEU AA 125 86.73 -55.69 26.06
CA LEU AA 125 86.22 -54.44 26.62
C LEU AA 125 84.80 -54.21 26.14
N TYR AA 126 83.82 -54.33 27.03
CA TYR AA 126 82.43 -54.13 26.61
C TYR AA 126 81.78 -53.03 27.43
N GLY AA 127 80.75 -52.41 26.87
CA GLY AA 127 80.04 -51.36 27.57
C GLY AA 127 79.10 -50.52 26.72
N GLU AA 128 78.42 -49.59 27.38
CA GLU AA 128 77.39 -48.77 26.74
C GLU AA 128 77.98 -47.86 25.67
N LYS AA 129 77.12 -47.33 24.81
CA LYS AA 129 77.58 -46.47 23.74
C LYS AA 129 78.36 -45.27 24.29
N GLY AA 130 79.49 -44.95 23.66
CA GLY AA 130 80.29 -43.82 24.06
C GLY AA 130 80.78 -43.91 25.49
N THR AA 131 80.90 -45.13 26.01
CA THR AA 131 81.28 -45.34 27.40
C THR AA 131 82.79 -45.36 27.57
N GLY AA 132 83.52 -45.17 26.47
CA GLY AA 132 84.96 -44.95 26.54
C GLY AA 132 85.84 -46.15 26.33
N LYS AA 133 85.29 -47.18 25.68
CA LYS AA 133 86.00 -48.45 25.58
C LYS AA 133 87.06 -48.50 24.48
N THR AA 134 87.00 -47.62 23.49
CA THR AA 134 88.02 -47.63 22.43
C THR AA 134 89.34 -46.95 22.88
N LEU AA 135 89.26 -45.98 23.79
CA LEU AA 135 90.46 -45.28 24.29
C LEU AA 135 91.18 -46.09 25.37
N SER AA 136 90.38 -46.89 26.06
CA SER AA 136 90.91 -47.82 27.04
C SER AA 136 91.62 -48.98 26.34
N LEU AA 137 91.53 -49.00 25.01
CA LEU AA 137 92.40 -49.82 24.16
C LEU AA 137 93.75 -49.14 23.88
N CYS AA 138 93.72 -47.83 23.68
CA CYS AA 138 94.91 -47.07 23.32
C CYS AA 138 95.86 -46.92 24.50
N HIS AA 139 95.31 -46.80 25.70
CA HIS AA 139 96.14 -46.83 26.91
C HIS AA 139 97.12 -47.99 26.83
N ILE AA 140 96.55 -49.18 26.73
CA ILE AA 140 97.30 -50.40 26.44
C ILE AA 140 98.28 -50.22 25.29
N LEU AA 141 97.76 -49.74 24.16
CA LEU AA 141 98.56 -49.58 22.94
C LEU AA 141 99.90 -48.87 23.19
N HIS AA 142 99.87 -47.62 23.67
CA HIS AA 142 101.11 -46.87 23.87
C HIS AA 142 101.91 -47.34 25.07
N PHE AA 143 101.26 -47.95 26.06
CA PHE AA 143 102.05 -48.60 27.12
C PHE AA 143 102.97 -49.63 26.50
N CYS AA 144 102.38 -50.69 25.95
CA CYS AA 144 103.18 -51.81 25.48
C CYS AA 144 103.92 -51.51 24.17
N ALA AA 145 103.61 -50.38 23.54
CA ALA AA 145 104.44 -49.91 22.43
C ALA AA 145 105.68 -49.17 22.94
N LYS AA 146 105.55 -48.51 24.10
CA LYS AA 146 106.72 -47.90 24.76
C LYS AA 146 107.57 -48.98 25.44
N GLN AA 147 106.98 -50.16 25.63
CA GLN AA 147 107.70 -51.33 26.12
C GLN AA 147 108.40 -52.04 24.96
N ASN AA 148 108.31 -51.43 23.78
CA ASN AA 148 108.90 -51.94 22.53
C ASN AA 148 108.35 -53.30 22.12
N TRP AA 149 107.06 -53.32 21.83
CA TRP AA 149 106.40 -54.53 21.33
C TRP AA 149 105.93 -54.33 19.90
N LEU AA 150 105.38 -55.40 19.36
CA LEU AA 150 104.73 -55.36 18.07
C LEU AA 150 103.28 -54.96 18.26
N ILE AA 151 102.91 -53.84 17.66
CA ILE AA 151 101.55 -53.35 17.80
C ILE AA 151 100.77 -53.50 16.50
N LEU AA 152 99.86 -54.48 16.49
CA LEU AA 152 98.95 -54.68 15.37
C LEU AA 152 97.58 -54.12 15.74
N HIS AA 153 97.24 -52.97 15.18
CA HIS AA 153 96.04 -52.26 15.60
C HIS AA 153 95.09 -52.08 14.43
N ILE AA 154 93.89 -52.63 14.57
CA ILE AA 154 92.83 -52.36 13.61
C ILE AA 154 91.76 -51.56 14.37
N PRO AA 155 91.65 -50.26 14.06
CA PRO AA 155 90.80 -49.33 14.79
C PRO AA 155 89.30 -49.66 14.68
N ASP AA 156 88.83 -49.90 13.46
CA ASP AA 156 87.45 -50.34 13.26
C ASP AA 156 87.42 -51.48 12.27
N ALA AA 157 87.04 -52.65 12.75
CA ALA AA 157 86.93 -53.80 11.87
C ALA AA 157 85.78 -53.55 10.91
N HIS AA 158 84.85 -52.72 11.35
CA HIS AA 158 83.60 -52.51 10.64
C HIS AA 158 83.82 -51.90 9.26
N ILE AA 159 84.89 -51.11 9.13
CA ILE AA 159 85.17 -50.48 7.86
C ILE AA 159 85.51 -51.53 6.83
N TRP AA 160 85.87 -52.72 7.29
CA TRP AA 160 86.17 -53.82 6.40
C TRP AA 160 84.85 -54.39 5.89
N VAL AA 161 84.02 -54.84 6.83
CA VAL AA 161 82.74 -55.45 6.50
C VAL AA 161 81.76 -54.54 5.76
N LYS AA 162 81.87 -53.22 5.92
CA LYS AA 162 80.92 -52.30 5.30
C LYS AA 162 81.57 -51.24 4.42
N ASN AA 163 80.83 -50.77 3.41
CA ASN AA 163 81.27 -49.65 2.58
C ASN AA 163 82.56 -49.86 1.81
N CYS AA 164 82.65 -50.96 1.06
CA CYS AA 164 83.83 -51.18 0.24
C CYS AA 164 83.52 -50.96 -1.23
N ARG AA 165 84.09 -49.87 -1.75
CA ARG AA 165 83.91 -49.49 -3.15
C ARG AA 165 84.28 -50.65 -4.06
N ASP AA 166 85.48 -51.17 -3.86
CA ASP AA 166 86.05 -52.18 -4.74
C ASP AA 166 86.14 -53.55 -4.10
N LEU AA 167 85.29 -54.47 -4.55
CA LEU AA 167 85.37 -55.85 -4.09
C LEU AA 167 86.06 -56.67 -5.16
N LEU AA 168 87.26 -57.13 -4.88
CA LEU AA 168 87.98 -57.90 -5.88
C LEU AA 168 87.81 -59.38 -5.63
N GLN AA 169 87.69 -60.14 -6.70
CA GLN AA 169 87.51 -61.59 -6.61
C GLN AA 169 88.84 -62.31 -6.73
N SER AA 170 89.14 -63.14 -5.73
CA SER AA 170 90.36 -63.91 -5.73
C SER AA 170 90.05 -65.39 -5.47
N ASN AA 171 90.35 -66.24 -6.44
CA ASN AA 171 90.11 -67.68 -6.33
C ASN AA 171 91.37 -68.46 -5.93
N TYR AA 172 92.47 -67.74 -5.70
CA TYR AA 172 93.69 -68.31 -5.15
C TYR AA 172 93.37 -68.95 -3.80
N ASN AA 173 92.51 -68.26 -3.07
CA ASN AA 173 92.02 -68.68 -1.76
C ASN AA 173 90.69 -69.44 -1.82
N LYS AA 174 90.25 -69.79 -3.02
CA LYS AA 174 88.99 -70.50 -3.25
C LYS AA 174 87.79 -69.66 -2.82
N GLN AA 175 87.47 -68.68 -3.66
CA GLN AA 175 86.36 -67.74 -3.47
C GLN AA 175 86.53 -66.90 -2.21
N ARG AA 176 87.54 -66.05 -2.22
CA ARG AA 176 87.68 -65.03 -1.19
C ARG AA 176 87.80 -63.68 -1.85
N PHE AA 177 87.24 -62.66 -1.24
CA PHE AA 177 87.31 -61.33 -1.83
C PHE AA 177 88.30 -60.45 -1.11
N ASP AA 178 89.09 -59.72 -1.90
CA ASP AA 178 90.09 -58.81 -1.36
C ASP AA 178 89.66 -57.35 -1.50
N GLN AA 179 90.01 -56.57 -0.48
CA GLN AA 179 89.63 -55.15 -0.39
C GLN AA 179 90.87 -54.26 -0.35
N PRO AA 180 91.43 -53.95 -1.52
CA PRO AA 180 92.68 -53.21 -1.68
C PRO AA 180 92.71 -51.89 -0.93
N LEU AA 181 91.61 -51.14 -1.01
CA LEU AA 181 91.47 -49.83 -0.37
C LEU AA 181 91.85 -49.87 1.09
N GLU AA 182 91.28 -50.86 1.78
CA GLU AA 182 91.49 -51.03 3.21
C GLU AA 182 92.90 -51.54 3.49
N ALA AA 183 93.29 -52.57 2.74
CA ALA AA 183 94.59 -53.21 2.90
C ALA AA 183 95.70 -52.18 2.87
N SER AA 184 95.70 -51.38 1.81
CA SER AA 184 96.74 -50.40 1.57
C SER AA 184 96.83 -49.37 2.68
N THR AA 185 95.69 -48.83 3.10
CA THR AA 185 95.66 -47.87 4.19
C THR AA 185 96.24 -48.49 5.46
N TRP AA 186 95.77 -49.68 5.78
CA TRP AA 186 96.20 -50.39 6.98
C TRP AA 186 97.71 -50.62 6.99
N LEU AA 187 98.24 -51.07 5.86
CA LEU AA 187 99.68 -51.27 5.70
C LEU AA 187 100.46 -49.97 5.84
N LYS AA 188 99.99 -48.90 5.19
CA LYS AA 188 100.65 -47.60 5.23
C LYS AA 188 100.75 -47.07 6.66
N ASN AA 189 99.73 -47.32 7.49
CA ASN AA 189 99.86 -46.97 8.90
C ASN AA 189 100.82 -47.91 9.65
N PHE AA 190 100.73 -49.20 9.34
CA PHE AA 190 101.52 -50.23 10.03
C PHE AA 190 103.01 -50.06 9.79
N LYS AA 191 103.35 -49.42 8.67
CA LYS AA 191 104.74 -49.11 8.37
C LYS AA 191 105.33 -48.21 9.44
N THR AA 192 104.67 -47.08 9.68
CA THR AA 192 105.16 -46.12 10.66
C THR AA 192 104.95 -46.65 12.06
N ALA AA 193 104.07 -47.64 12.20
CA ALA AA 193 103.81 -48.23 13.51
C ALA AA 193 105.08 -48.75 14.19
N ASN AA 194 105.61 -49.87 13.69
CA ASN AA 194 106.88 -50.40 14.21
C ASN AA 194 107.97 -50.42 13.12
N GLU AA 195 108.93 -49.51 13.20
CA GLU AA 195 110.01 -49.43 12.22
C GLU AA 195 111.21 -50.35 12.50
N HIS AA 196 111.62 -50.40 13.76
CA HIS AA 196 112.82 -51.15 14.18
C HIS AA 196 112.68 -52.62 13.88
N PHE AA 197 111.47 -53.11 14.11
CA PHE AA 197 111.18 -54.52 14.05
C PHE AA 197 111.09 -54.99 12.61
N LEU AA 198 110.82 -54.05 11.70
CA LEU AA 198 110.59 -54.40 10.30
C LEU AA 198 111.84 -54.88 9.55
N SER AA 199 112.99 -54.28 9.88
CA SER AA 199 114.25 -54.68 9.24
C SER AA 199 114.81 -55.96 9.88
N GLN AA 200 114.43 -56.17 11.14
CA GLN AA 200 114.91 -57.31 11.93
C GLN AA 200 114.31 -58.65 11.47
N ILE AA 201 113.00 -58.69 11.30
CA ILE AA 201 112.30 -59.94 10.94
C ILE AA 201 112.81 -60.53 9.64
N LYS AA 202 113.23 -61.79 9.68
CA LYS AA 202 113.61 -62.49 8.45
C LYS AA 202 112.61 -63.60 8.18
N VAL AA 203 111.83 -63.39 7.13
CA VAL AA 203 110.77 -64.32 6.75
C VAL AA 203 111.35 -65.54 6.06
N GLN AA 204 111.05 -66.73 6.57
CA GLN AA 204 111.49 -67.93 5.88
C GLN AA 204 110.34 -68.56 5.10
N GLU AA 205 110.28 -68.20 3.81
CA GLU AA 205 109.21 -68.59 2.88
C GLU AA 205 109.63 -68.33 1.43
N LYS AA 206 108.90 -68.90 0.48
CA LYS AA 206 108.89 -68.36 -0.89
C LYS AA 206 107.54 -67.71 -1.20
N TYR AA 207 107.56 -66.49 -1.76
CA TYR AA 207 106.32 -65.78 -2.07
C TYR AA 207 106.27 -65.20 -3.48
N VAL AA 208 105.13 -65.40 -4.13
CA VAL AA 208 104.95 -64.98 -5.51
C VAL AA 208 103.91 -63.87 -5.59
N TRP AA 209 104.35 -62.65 -5.93
CA TRP AA 209 103.40 -61.56 -6.23
C TRP AA 209 102.82 -61.73 -7.63
N ASN AA 210 103.70 -61.91 -8.61
CA ASN AA 210 103.33 -61.98 -10.03
C ASN AA 210 104.14 -63.05 -10.74
N LYS AA 211 103.80 -63.33 -12.00
CA LYS AA 211 104.64 -64.19 -12.83
C LYS AA 211 106.05 -63.60 -12.95
N ARG AA 212 106.14 -62.27 -12.98
CA ARG AA 212 107.41 -61.58 -13.13
C ARG AA 212 108.01 -61.11 -11.81
N GLU AA 213 107.30 -61.34 -10.70
CA GLU AA 213 107.73 -60.85 -9.40
C GLU AA 213 107.70 -61.92 -8.31
N SER AA 214 108.75 -61.94 -7.49
CA SER AA 214 108.79 -62.86 -6.36
C SER AA 214 109.74 -62.34 -5.28
N THR AA 215 109.59 -62.90 -4.09
CA THR AA 215 110.54 -62.66 -3.01
C THR AA 215 110.84 -63.99 -2.33
N GLU AA 216 112.13 -64.25 -2.10
CA GLU AA 216 112.60 -65.51 -1.56
C GLU AA 216 113.18 -65.28 -0.18
N LYS AA 217 113.22 -66.35 0.61
CA LYS AA 217 113.44 -66.24 2.05
C LYS AA 217 114.75 -65.55 2.42
N GLY AA 218 114.74 -64.94 3.60
CA GLY AA 218 115.88 -64.18 4.09
C GLY AA 218 115.64 -62.69 3.98
N ARG AA 219 114.42 -62.32 3.64
CA ARG AA 219 114.07 -60.90 3.46
C ARG AA 219 113.51 -60.25 4.73
N PRO AA 220 113.92 -58.99 5.00
CA PRO AA 220 113.34 -58.23 6.11
C PRO AA 220 111.84 -57.99 5.88
N LEU AA 221 111.02 -57.95 6.93
CA LEU AA 221 109.56 -57.89 6.73
C LEU AA 221 109.11 -56.56 6.12
N GLY AA 222 109.74 -55.46 6.53
CA GLY AA 222 109.40 -54.14 6.01
C GLY AA 222 109.40 -54.10 4.50
N GLU AA 223 110.30 -54.88 3.90
CA GLU AA 223 110.37 -55.05 2.46
C GLU AA 223 109.05 -55.58 1.92
N VAL AA 224 108.59 -56.68 2.49
CA VAL AA 224 107.31 -57.28 2.12
C VAL AA 224 106.17 -56.26 2.18
N VAL AA 225 106.08 -55.59 3.32
CA VAL AA 225 105.04 -54.58 3.57
C VAL AA 225 105.01 -53.48 2.52
N GLU AA 226 106.15 -52.81 2.34
CA GLU AA 226 106.22 -51.68 1.41
C GLU AA 226 106.08 -52.13 -0.06
N GLN AA 227 106.42 -53.38 -0.32
CA GLN AA 227 106.23 -53.96 -1.66
C GLN AA 227 104.78 -54.34 -1.89
N GLY AA 228 104.02 -54.46 -0.80
CA GLY AA 228 102.60 -54.68 -0.89
C GLY AA 228 101.85 -53.37 -1.07
N ILE AA 229 102.46 -52.28 -0.62
CA ILE AA 229 101.88 -50.94 -0.75
C ILE AA 229 102.08 -50.37 -2.15
N MET AA 230 103.28 -50.57 -2.70
CA MET AA 230 103.63 -50.05 -4.01
C MET AA 230 102.68 -50.59 -5.08
N ARG AA 231 102.52 -51.91 -5.10
CA ARG AA 231 101.54 -52.54 -5.98
C ARG AA 231 100.32 -52.84 -5.14
N VAL AA 232 99.26 -52.08 -5.39
CA VAL AA 232 98.11 -52.04 -4.50
C VAL AA 232 97.14 -53.23 -4.70
N ARG AA 233 97.04 -53.69 -5.94
CA ARG AA 233 96.14 -54.78 -6.30
C ARG AA 233 96.33 -56.05 -5.45
N ASN AA 234 97.59 -56.37 -5.14
CA ASN AA 234 97.92 -57.52 -4.32
C ASN AA 234 98.18 -57.20 -2.84
N ALA AA 235 97.98 -55.95 -2.43
CA ALA AA 235 98.23 -55.49 -1.06
C ALA AA 235 97.62 -56.41 0.01
N THR AA 236 96.38 -56.85 -0.22
CA THR AA 236 95.65 -57.73 0.69
C THR AA 236 96.35 -59.07 0.93
N ASP AA 237 96.79 -59.69 -0.16
CA ASP AA 237 97.53 -60.95 -0.12
C ASP AA 237 98.73 -60.80 0.80
N ALA AA 238 99.43 -59.69 0.63
CA ALA AA 238 100.62 -59.36 1.42
C ALA AA 238 100.26 -59.13 2.88
N VAL AA 239 99.06 -58.62 3.12
CA VAL AA 239 98.57 -58.43 4.48
C VAL AA 239 98.40 -59.78 5.17
N GLY AA 240 97.68 -60.69 4.52
CA GLY AA 240 97.50 -62.03 5.04
C GLY AA 240 98.82 -62.74 5.26
N ILE AA 241 99.75 -62.55 4.32
CA ILE AA 241 101.07 -63.17 4.39
C ILE AA 241 101.87 -62.67 5.59
N VAL AA 242 101.93 -61.34 5.72
CA VAL AA 242 102.53 -60.70 6.88
C VAL AA 242 101.94 -61.26 8.16
N LEU AA 243 100.63 -61.48 8.13
CA LEU AA 243 99.92 -62.00 9.29
C LEU AA 243 100.35 -63.42 9.67
N LYS AA 244 100.27 -64.36 8.72
CA LYS AA 244 100.58 -65.77 9.02
C LYS AA 244 102.04 -65.92 9.42
N GLU AA 245 102.93 -65.17 8.78
CA GLU AA 245 104.34 -65.26 9.13
C GLU AA 245 104.62 -64.54 10.45
N LEU AA 246 103.80 -63.55 10.80
CA LEU AA 246 103.89 -62.90 12.10
C LEU AA 246 103.59 -63.92 13.19
N LYS AA 247 102.51 -64.66 12.99
CA LYS AA 247 102.10 -65.69 13.94
C LYS AA 247 103.11 -66.85 14.01
N ARG AA 248 103.74 -67.16 12.88
CA ARG AA 248 104.78 -68.20 12.86
C ARG AA 248 106.04 -67.77 13.60
N GLN AA 249 106.44 -66.52 13.41
CA GLN AA 249 107.65 -66.00 14.05
C GLN AA 249 107.40 -65.59 15.51
N SER AA 250 106.13 -65.58 15.94
CA SER AA 250 105.81 -65.25 17.33
C SER AA 250 106.34 -66.32 18.31
N SER AA 251 106.71 -67.47 17.77
CA SER AA 251 107.30 -68.55 18.57
C SER AA 251 108.65 -68.12 19.16
N LEU AA 252 109.37 -67.31 18.41
CA LEU AA 252 110.67 -66.77 18.85
C LEU AA 252 110.50 -65.65 19.86
N GLY AA 253 111.54 -65.43 20.66
CA GLY AA 253 111.52 -64.40 21.68
C GLY AA 253 111.65 -62.99 21.14
N ILE AA 254 111.87 -62.87 19.84
CA ILE AA 254 112.00 -61.55 19.21
C ILE AA 254 110.64 -60.86 19.08
N PHE AA 255 109.58 -61.65 18.90
CA PHE AA 255 108.23 -61.12 18.76
C PHE AA 255 107.46 -61.08 20.06
N HIS AA 256 107.19 -59.89 20.55
CA HIS AA 256 106.18 -59.72 21.58
C HIS AA 256 105.00 -59.03 20.94
N LEU AA 257 103.92 -59.78 20.74
CA LEU AA 257 102.83 -59.35 19.88
C LEU AA 257 101.58 -58.96 20.68
N LEU AA 258 101.20 -57.70 20.56
CA LEU AA 258 99.90 -57.25 21.03
C LEU AA 258 98.98 -57.10 19.83
N VAL AA 259 97.98 -57.97 19.71
CA VAL AA 259 97.03 -57.86 18.61
C VAL AA 259 95.74 -57.23 19.13
N ALA AA 260 95.51 -55.99 18.70
CA ALA AA 260 94.36 -55.21 19.13
C ALA AA 260 93.39 -55.02 17.98
N VAL AA 261 92.24 -55.68 18.06
CA VAL AA 261 91.19 -55.49 17.08
C VAL AA 261 89.93 -54.96 17.75
N ASP AA 262 89.61 -53.72 17.43
CA ASP AA 262 88.43 -53.06 17.95
C ASP AA 262 87.27 -53.35 17.01
N GLY AA 263 86.11 -53.70 17.57
CA GLY AA 263 84.97 -54.05 16.76
C GLY AA 263 85.03 -55.46 16.22
N VAL AA 264 85.41 -56.37 17.11
CA VAL AA 264 85.51 -57.79 16.80
C VAL AA 264 84.20 -58.37 16.27
N ASN AA 265 83.09 -57.78 16.69
CA ASN AA 265 81.75 -58.20 16.26
C ASN AA 265 81.66 -58.26 14.76
N ALA AA 266 82.46 -57.42 14.12
CA ALA AA 266 82.50 -57.39 12.67
C ALA AA 266 82.95 -58.72 12.10
N LEU AA 267 83.76 -59.46 12.85
CA LEU AA 267 84.36 -60.67 12.31
C LEU AA 267 83.32 -61.76 11.98
N TRP AA 268 82.42 -62.07 12.91
CA TRP AA 268 81.37 -63.08 12.64
C TRP AA 268 80.01 -62.48 12.28
N GLY AA 269 79.91 -61.16 12.30
CA GLY AA 269 78.65 -60.49 12.04
C GLY AA 269 78.15 -60.70 10.63
N ARG AA 270 76.93 -60.23 10.37
CA ARG AA 270 76.34 -60.29 9.04
C ARG AA 270 76.81 -59.08 8.21
N THR AA 271 77.09 -59.31 6.94
CA THR AA 271 77.82 -58.32 6.13
C THR AA 271 76.91 -57.53 5.18
N THR AA 272 77.23 -56.25 5.01
CA THR AA 272 76.52 -55.36 4.07
C THR AA 272 76.90 -55.59 2.60
N LEU AA 273 78.18 -55.85 2.35
CA LEU AA 273 78.71 -55.95 0.97
C LEU AA 273 78.06 -57.04 0.14
N LYS AA 274 78.03 -56.85 -1.18
CA LYS AA 274 77.25 -57.71 -2.08
C LYS AA 274 77.90 -57.94 -3.45
N ARG AA 275 77.66 -59.12 -4.00
CA ARG AA 275 78.02 -59.44 -5.39
C ARG AA 275 77.08 -58.76 -6.38
N GLU AA 276 77.49 -58.67 -7.64
CA GLU AA 276 76.70 -58.00 -8.69
C GLU AA 276 75.40 -58.74 -8.98
N ASP AA 277 75.29 -59.95 -8.44
CA ASP AA 277 74.07 -60.75 -8.52
C ASP AA 277 73.12 -60.31 -7.42
N LYS AA 278 73.56 -59.30 -6.65
CA LYS AA 278 72.87 -58.75 -5.49
C LYS AA 278 72.99 -59.68 -4.28
N SER AA 279 73.60 -60.84 -4.48
CA SER AA 279 73.78 -61.83 -3.40
C SER AA 279 74.74 -61.30 -2.35
N PRO AA 280 74.29 -61.27 -1.08
CA PRO AA 280 75.15 -60.79 0.00
C PRO AA 280 76.32 -61.76 0.22
N ILE AA 281 77.46 -61.24 0.66
CA ILE AA 281 78.64 -62.07 0.85
C ILE AA 281 78.96 -62.25 2.33
N ALA AA 282 79.36 -63.46 2.71
CA ALA AA 282 79.63 -63.79 4.10
C ALA AA 282 80.86 -63.06 4.61
N PRO AA 283 81.01 -62.97 5.94
CA PRO AA 283 82.31 -62.52 6.47
C PRO AA 283 83.39 -63.53 6.13
N GLU AA 284 82.95 -64.75 5.83
CA GLU AA 284 83.84 -65.81 5.39
C GLU AA 284 84.53 -65.47 4.08
N GLU AA 285 83.76 -64.88 3.16
CA GLU AA 285 84.21 -64.65 1.80
C GLU AA 285 85.26 -63.54 1.69
N LEU AA 286 85.50 -62.85 2.80
CA LEU AA 286 86.48 -61.75 2.81
C LEU AA 286 87.86 -62.25 3.18
N ALA AA 287 88.83 -61.97 2.31
CA ALA AA 287 90.22 -62.39 2.52
C ALA AA 287 90.74 -61.85 3.84
N LEU AA 288 90.62 -60.53 3.98
CA LEU AA 288 91.04 -59.82 5.19
C LEU AA 288 90.51 -60.43 6.49
N ILE AA 289 89.21 -60.71 6.52
CA ILE AA 289 88.58 -61.25 7.73
C ILE AA 289 89.01 -62.69 7.99
N HIS AA 290 88.89 -63.55 6.98
CA HIS AA 290 89.30 -64.93 7.10
C HIS AA 290 90.70 -65.04 7.66
N ASN AA 291 91.58 -64.16 7.20
CA ASN AA 291 92.95 -64.14 7.71
C ASN AA 291 93.02 -63.56 9.11
N LEU AA 292 92.12 -62.63 9.41
CA LEU AA 292 92.18 -61.95 10.71
C LEU AA 292 91.64 -62.80 11.87
N ARG AA 293 90.68 -63.68 11.58
CA ARG AA 293 90.16 -64.63 12.56
C ARG AA 293 91.28 -65.54 13.04
N LYS AA 294 92.17 -65.88 12.10
CA LYS AA 294 93.35 -66.70 12.37
C LYS AA 294 94.25 -66.06 13.41
N MET AA 295 94.11 -64.76 13.60
CA MET AA 295 94.96 -64.01 14.52
C MET AA 295 94.35 -63.91 15.93
N VAL AA 296 93.11 -64.32 16.07
CA VAL AA 296 92.48 -64.39 17.40
C VAL AA 296 92.48 -65.82 17.95
N LYS AA 297 92.97 -66.78 17.17
CA LYS AA 297 92.73 -68.21 17.41
C LYS AA 297 93.33 -68.85 18.68
N ASN AA 298 94.17 -68.09 19.38
CA ASN AA 298 94.92 -68.52 20.60
C ASN AA 298 95.86 -69.73 20.40
N ASP AA 299 96.25 -69.99 19.16
CA ASP AA 299 97.10 -71.13 18.85
C ASP AA 299 98.57 -70.89 19.22
N TRP AA 300 98.91 -69.65 19.51
CA TRP AA 300 100.32 -69.26 19.49
C TRP AA 300 100.82 -68.67 20.81
N GLN AA 301 102.14 -68.57 20.92
CA GLN AA 301 102.82 -68.11 22.13
C GLN AA 301 103.45 -66.73 21.95
N GLY AA 302 103.57 -66.00 23.05
CA GLY AA 302 104.26 -64.73 23.05
C GLY AA 302 103.35 -63.55 22.81
N GLY AA 303 102.13 -63.82 22.35
CA GLY AA 303 101.18 -62.77 22.02
C GLY AA 303 100.11 -62.48 23.07
N ALA AA 304 99.46 -61.34 22.91
CA ALA AA 304 98.33 -60.96 23.75
C ALA AA 304 97.27 -60.30 22.89
N ILE AA 305 96.03 -60.77 22.94
CA ILE AA 305 94.98 -60.14 22.14
C ILE AA 305 93.95 -59.41 23.00
N VAL AA 306 93.96 -58.09 22.92
CA VAL AA 306 92.92 -57.27 23.54
C VAL AA 306 91.84 -57.02 22.47
N LEU AA 307 90.58 -57.26 22.84
CA LEU AA 307 89.47 -57.13 21.90
C LEU AA 307 88.36 -56.22 22.44
N THR AA 308 87.50 -55.77 21.54
CA THR AA 308 86.42 -54.85 21.90
C THR AA 308 85.14 -55.09 21.11
N VAL AA 309 84.00 -55.08 21.80
CA VAL AA 309 82.71 -55.22 21.14
C VAL AA 309 81.98 -53.87 21.04
N SER AA 310 81.94 -53.34 19.81
CA SER AA 310 81.24 -52.09 19.49
C SER AA 310 79.75 -52.26 19.16
N GLN AA 311 78.99 -51.18 19.39
CA GLN AA 311 77.59 -51.04 18.96
C GLN AA 311 77.57 -50.12 17.76
N THR AA 312 78.19 -48.95 17.94
CA THR AA 312 78.26 -47.86 16.96
C THR AA 312 78.57 -48.23 15.52
N GLY AA 313 79.63 -49.00 15.30
CA GLY AA 313 80.05 -49.30 13.94
C GLY AA 313 79.37 -50.52 13.35
N SER AA 314 78.56 -51.18 14.17
CA SER AA 314 78.06 -52.50 13.83
C SER AA 314 77.00 -52.50 12.73
N LEU AA 315 76.58 -53.71 12.37
CA LEU AA 315 75.49 -53.90 11.42
C LEU AA 315 74.45 -54.86 11.99
N PHE AA 316 73.19 -54.51 11.78
CA PHE AA 316 72.05 -55.38 12.08
C PHE AA 316 71.79 -55.55 13.57
N LYS AA 317 72.63 -54.95 14.40
CA LYS AA 317 72.39 -54.98 15.83
C LYS AA 317 71.56 -53.77 16.26
N PRO AA 318 70.68 -53.95 17.27
CA PRO AA 318 69.94 -52.83 17.86
C PRO AA 318 70.87 -51.84 18.57
N ARG AA 319 70.37 -50.65 18.84
CA ARG AA 319 71.22 -49.55 19.30
C ARG AA 319 71.71 -49.72 20.74
N ASN AA 320 70.92 -50.43 21.55
CA ASN AA 320 71.18 -50.48 22.98
C ASN AA 320 71.99 -51.68 23.50
N ALA AA 321 72.44 -52.59 22.62
CA ALA AA 321 73.04 -53.83 23.11
C ALA AA 321 74.55 -53.72 23.29
N TYR AA 322 74.96 -53.63 24.56
CA TYR AA 322 76.37 -53.53 24.96
C TYR AA 322 76.95 -54.85 25.47
N LEU AA 323 76.14 -55.92 25.47
CA LEU AA 323 76.54 -57.21 26.06
C LEU AA 323 77.18 -58.17 25.04
N PRO AA 324 78.30 -58.81 25.43
CA PRO AA 324 79.22 -59.50 24.52
C PRO AA 324 78.56 -60.58 23.68
N GLN AA 325 77.74 -61.41 24.33
CA GLN AA 325 77.11 -62.54 23.68
C GLN AA 325 76.15 -62.12 22.57
N GLU AA 326 75.52 -60.95 22.75
CA GLU AA 326 74.63 -60.39 21.73
C GLU AA 326 75.42 -59.98 20.52
N LEU AA 327 76.38 -59.11 20.76
CA LEU AA 327 77.14 -58.46 19.70
C LEU AA 327 77.93 -59.49 18.90
N LEU AA 328 78.49 -60.47 19.60
CA LEU AA 328 79.25 -61.53 18.94
C LEU AA 328 78.34 -62.58 18.33
N GLY AA 329 77.25 -62.87 19.03
CA GLY AA 329 76.34 -63.94 18.63
C GLY AA 329 76.94 -65.30 18.92
N LYS AA 330 76.25 -66.35 18.50
CA LYS AA 330 76.67 -67.73 18.77
C LYS AA 330 78.03 -68.06 18.17
N GLU AA 331 78.16 -67.88 16.86
CA GLU AA 331 79.42 -68.16 16.16
C GLU AA 331 80.59 -67.42 16.77
N GLY AA 332 80.37 -66.14 17.01
CA GLY AA 332 81.39 -65.29 17.59
C GLY AA 332 81.82 -65.72 18.98
N PHE AA 333 80.86 -65.85 19.90
CA PHE AA 333 81.18 -66.22 21.27
C PHE AA 333 81.87 -67.57 21.31
N ASP AA 334 81.27 -68.53 20.63
CA ASP AA 334 81.77 -69.90 20.58
C ASP AA 334 83.20 -69.97 20.04
N ALA AA 335 83.43 -69.35 18.88
CA ALA AA 335 84.75 -69.37 18.26
C ALA AA 335 85.75 -68.48 19.02
N LEU AA 336 85.25 -67.77 20.03
CA LEU AA 336 86.12 -66.89 20.82
C LEU AA 336 86.70 -67.45 22.11
N ASP AA 337 86.22 -68.60 22.57
CA ASP AA 337 86.94 -69.38 23.61
C ASP AA 337 86.99 -68.60 24.94
N PRO AA 338 87.44 -69.22 26.05
CA PRO AA 338 87.58 -68.38 27.26
C PRO AA 338 88.41 -67.10 27.05
N PHE AA 339 87.84 -66.00 27.50
CA PHE AA 339 88.43 -64.68 27.37
C PHE AA 339 88.18 -63.93 28.68
N ILE AA 340 88.82 -62.78 28.86
CA ILE AA 340 88.52 -61.98 30.05
C ILE AA 340 87.58 -60.83 29.70
N PRO AA 341 86.33 -60.95 30.17
CA PRO AA 341 85.22 -60.02 29.97
C PRO AA 341 85.34 -58.79 30.87
N ILE AA 342 86.07 -57.78 30.41
CA ILE AA 342 86.24 -56.56 31.20
C ILE AA 342 85.16 -55.51 30.96
N LEU AA 343 84.35 -55.26 31.97
CA LEU AA 343 83.29 -54.27 31.84
C LEU AA 343 83.88 -52.87 31.83
N VAL AA 344 83.32 -52.02 30.97
CA VAL AA 344 83.64 -50.61 30.94
C VAL AA 344 82.36 -49.82 31.26
N SER AA 345 82.44 -48.82 32.14
CA SER AA 345 81.23 -48.11 32.57
C SER AA 345 81.42 -46.61 32.63
N ASN AA 346 80.40 -45.92 33.13
CA ASN AA 346 80.40 -44.46 33.25
C ASN AA 346 81.51 -43.97 34.21
N TYR AA 347 81.90 -42.70 34.07
CA TYR AA 347 82.75 -42.06 35.07
C TYR AA 347 82.09 -42.14 36.45
N ASN AA 348 82.86 -42.45 37.48
CA ASN AA 348 82.35 -42.32 38.85
C ASN AA 348 82.45 -40.84 39.25
N PRO AA 349 81.96 -40.45 40.45
CA PRO AA 349 82.04 -39.02 40.77
C PRO AA 349 83.45 -38.42 40.70
N LYS AA 350 84.45 -39.17 41.14
CA LYS AA 350 85.81 -38.66 41.18
C LYS AA 350 86.37 -38.44 39.78
N GLU AA 351 86.24 -39.45 38.93
CA GLU AA 351 86.66 -39.33 37.54
C GLU AA 351 85.95 -38.16 36.90
N PHE AA 352 84.72 -37.91 37.34
CA PHE AA 352 83.86 -36.88 36.75
C PHE AA 352 84.32 -35.47 37.10
N GLU AA 353 84.49 -35.20 38.39
CA GLU AA 353 84.98 -33.89 38.81
C GLU AA 353 86.42 -33.73 38.32
N SER AA 354 87.06 -34.85 38.00
CA SER AA 354 88.39 -34.84 37.38
C SER AA 354 88.31 -34.37 35.93
N CYS AA 355 87.31 -34.88 35.20
CA CYS AA 355 87.11 -34.51 33.81
C CYS AA 355 86.76 -33.03 33.72
N ILE AA 356 85.89 -32.58 34.62
CA ILE AA 356 85.52 -31.17 34.72
C ILE AA 356 86.73 -30.29 35.10
N GLN AA 357 87.51 -30.76 36.07
CA GLN AA 357 88.76 -30.10 36.47
C GLN AA 357 89.55 -29.84 35.19
N TYR AA 358 89.78 -30.92 34.47
CA TYR AA 358 90.59 -30.87 33.26
C TYR AA 358 90.03 -29.92 32.21
N TYR AA 359 88.72 -29.92 32.02
CA TYR AA 359 88.12 -29.06 31.00
C TYR AA 359 88.21 -27.58 31.41
N LEU AA 360 88.07 -27.30 32.70
CA LEU AA 360 88.25 -25.94 33.22
C LEU AA 360 89.67 -25.47 33.01
N GLU AA 361 90.61 -26.39 33.20
CA GLU AA 361 92.03 -26.09 33.09
C GLU AA 361 92.40 -25.56 31.71
N ASN AA 362 91.68 -26.02 30.69
CA ASN AA 362 91.95 -25.62 29.33
C ASN AA 362 91.10 -24.45 28.88
N ASN AA 363 90.33 -23.88 29.81
CA ASN AA 363 89.34 -22.84 29.52
C ASN AA 363 88.42 -23.20 28.33
N TRP AA 364 88.13 -24.50 28.18
CA TRP AA 364 87.28 -25.01 27.10
C TRP AA 364 85.81 -24.86 27.42
N LEU AA 365 85.49 -24.63 28.68
CA LEU AA 365 84.15 -24.28 29.04
C LEU AA 365 84.07 -22.78 28.99
N GLN AA 366 83.38 -22.26 27.98
CA GLN AA 366 83.32 -20.82 27.78
C GLN AA 366 82.06 -20.16 28.32
N HIS AA 367 81.13 -20.98 28.82
CA HIS AA 367 79.92 -20.43 29.38
C HIS AA 367 80.24 -19.81 30.73
N GLU AA 368 79.55 -18.72 31.02
CA GLU AA 368 79.80 -17.97 32.24
C GLU AA 368 79.55 -18.81 33.48
N LYS AA 369 78.38 -19.44 33.54
CA LYS AA 369 77.90 -20.11 34.76
C LYS AA 369 78.40 -21.54 34.90
N ALA AA 370 79.28 -21.95 33.98
CA ALA AA 370 79.84 -23.29 33.99
C ALA AA 370 80.68 -23.61 35.24
N HIS AA 371 81.14 -22.57 35.95
CA HIS AA 371 82.03 -22.74 37.10
C HIS AA 371 81.32 -23.06 38.41
N THR AA 372 80.02 -22.84 38.44
CA THR AA 372 79.27 -23.02 39.68
C THR AA 372 79.12 -24.52 39.96
N GLU AA 373 78.55 -24.85 41.11
CA GLU AA 373 78.19 -26.24 41.40
C GLU AA 373 76.91 -26.54 40.62
N GLU AA 374 76.23 -25.45 40.25
CA GLU AA 374 75.08 -25.54 39.39
C GLU AA 374 75.46 -26.20 38.05
N GLY AA 375 76.49 -25.66 37.39
CA GLY AA 375 76.97 -26.19 36.13
C GLY AA 375 77.36 -27.65 36.20
N LYS AA 376 77.99 -28.03 37.32
CA LYS AA 376 78.39 -29.42 37.55
C LYS AA 376 77.17 -30.33 37.67
N LYS AA 377 76.15 -29.87 38.38
CA LYS AA 377 74.94 -30.67 38.57
C LYS AA 377 74.16 -30.83 37.26
N GLU AA 378 74.14 -29.77 36.46
CA GLU AA 378 73.53 -29.83 35.13
C GLU AA 378 74.27 -30.83 34.24
N LEU AA 379 75.57 -30.65 34.07
CA LEU AA 379 76.32 -31.53 33.19
C LEU AA 379 76.34 -32.97 33.69
N LEU AA 380 76.23 -33.13 35.00
CA LEU AA 380 76.17 -34.45 35.58
C LEU AA 380 74.86 -35.11 35.20
N PHE AA 381 73.76 -34.36 35.33
CA PHE AA 381 72.45 -34.92 35.08
C PHE AA 381 72.09 -35.10 33.60
N LEU AA 382 72.65 -34.26 32.74
CA LEU AA 382 72.39 -34.37 31.30
C LEU AA 382 73.20 -35.49 30.66
N SER AA 383 74.39 -35.72 31.19
CA SER AA 383 75.30 -36.71 30.62
C SER AA 383 75.11 -38.09 31.22
N ASN AA 384 74.41 -38.15 32.35
CA ASN AA 384 74.47 -39.29 33.27
C ASN AA 384 75.94 -39.67 33.48
N ARG AA 385 76.77 -38.64 33.58
CA ARG AA 385 78.22 -38.72 33.73
C ARG AA 385 78.84 -39.80 32.82
N ASN AA 386 78.42 -39.82 31.56
CA ASN AA 386 78.98 -40.71 30.54
C ASN AA 386 79.98 -39.98 29.65
N PRO AA 387 81.19 -40.54 29.52
CA PRO AA 387 82.34 -39.89 28.87
C PRO AA 387 82.06 -39.29 27.50
N GLY AA 388 81.41 -40.09 26.65
CA GLY AA 388 81.07 -39.66 25.32
C GLY AA 388 80.00 -38.58 25.32
N GLN AA 389 79.10 -38.63 26.28
CA GLN AA 389 78.01 -37.66 26.37
C GLN AA 389 78.55 -36.32 26.84
N LEU AA 390 79.35 -36.36 27.90
CA LEU AA 390 79.95 -35.15 28.44
C LEU AA 390 80.83 -34.47 27.41
N GLU AA 391 81.55 -35.28 26.65
CA GLU AA 391 82.32 -34.75 25.54
C GLU AA 391 81.44 -33.83 24.71
N ARG AA 392 80.25 -34.29 24.33
CA ARG AA 392 79.40 -33.52 23.44
C ARG AA 392 78.75 -32.34 24.15
N LEU AA 393 78.39 -32.50 25.42
CA LEU AA 393 77.76 -31.41 26.17
C LEU AA 393 78.72 -30.25 26.35
N CYS AA 394 80.01 -30.55 26.42
CA CYS AA 394 81.00 -29.50 26.57
C CYS AA 394 81.32 -28.80 25.24
N ALA AA 395 81.23 -29.55 24.16
CA ALA AA 395 81.62 -29.05 22.84
C ALA AA 395 80.89 -27.77 22.46
N TYR AA 396 79.60 -27.69 22.76
CA TYR AA 396 78.84 -26.50 22.43
C TYR AA 396 78.70 -25.54 23.61
N LEU AA 397 79.25 -25.91 24.77
CA LEU AA 397 79.08 -25.10 25.96
C LEU AA 397 80.17 -24.04 26.13
N PRO BA 285 -8.15 -69.66 26.33
CA PRO BA 285 -7.69 -68.27 26.46
C PRO BA 285 -6.35 -68.19 27.18
N PHE BA 286 -5.69 -67.04 27.13
CA PHE BA 286 -4.41 -66.90 27.81
C PHE BA 286 -4.58 -66.17 29.14
N GLN BA 287 -4.24 -66.86 30.22
CA GLN BA 287 -4.46 -66.31 31.54
C GLN BA 287 -3.42 -65.25 31.90
N ASN BA 288 -2.21 -65.37 31.34
CA ASN BA 288 -1.14 -64.45 31.65
C ASN BA 288 -0.12 -64.38 30.53
N GLY BA 289 0.74 -63.37 30.56
CA GLY BA 289 1.81 -63.24 29.58
C GLY BA 289 2.78 -64.41 29.63
N PHE BA 290 3.09 -64.85 30.84
CA PHE BA 290 3.91 -66.03 31.01
C PHE BA 290 3.27 -67.24 30.33
N GLU BA 291 1.96 -67.36 30.49
CA GLU BA 291 1.19 -68.39 29.80
C GLU BA 291 1.44 -68.30 28.29
N GLU BA 292 1.30 -67.09 27.77
CA GLU BA 292 1.54 -66.77 26.36
C GLU BA 292 2.88 -67.30 25.86
N MET BA 293 3.97 -66.77 26.44
CA MET BA 293 5.32 -67.21 26.08
C MET BA 293 5.45 -68.74 26.16
N ILE BA 294 4.89 -69.32 27.22
CA ILE BA 294 4.93 -70.77 27.42
C ILE BA 294 4.35 -71.53 26.23
N GLN BA 295 3.18 -71.10 25.78
CA GLN BA 295 2.55 -71.77 24.67
C GLN BA 295 3.32 -71.56 23.38
N TRP BA 296 3.80 -70.33 23.17
CA TRP BA 296 4.70 -70.07 22.04
C TRP BA 296 5.84 -71.08 21.98
N THR BA 297 6.51 -71.28 23.12
CA THR BA 297 7.74 -72.08 23.18
C THR BA 297 7.48 -73.56 22.98
N LYS BA 298 6.46 -74.10 23.66
CA LYS BA 298 6.06 -75.48 23.38
C LYS BA 298 5.81 -75.61 21.89
N GLU BA 299 5.12 -74.62 21.33
CA GLU BA 299 4.80 -74.61 19.92
C GLU BA 299 6.02 -74.56 19.01
N GLY BA 300 7.07 -73.89 19.48
CA GLY BA 300 8.29 -73.77 18.69
C GLY BA 300 8.49 -72.39 18.09
N LYS BA 301 7.56 -71.47 18.39
CA LYS BA 301 7.63 -70.12 17.85
C LYS BA 301 8.63 -69.26 18.61
N LEU BA 302 8.63 -69.34 19.93
CA LEU BA 302 9.67 -68.70 20.72
C LEU BA 302 10.95 -69.54 20.66
N TRP BA 303 12.07 -68.93 21.00
CA TRP BA 303 13.33 -69.63 21.17
C TRP BA 303 13.46 -70.41 22.49
N GLU BA 304 14.39 -71.36 22.51
CA GLU BA 304 14.79 -72.00 23.75
C GLU BA 304 15.79 -71.15 24.52
N PHE BA 305 15.78 -71.26 25.84
CA PHE BA 305 16.78 -70.58 26.66
C PHE BA 305 17.43 -71.54 27.63
N PRO BA 306 18.70 -71.27 28.02
CA PRO BA 306 19.58 -70.25 27.43
C PRO BA 306 20.01 -70.68 26.03
N ILE BA 307 20.32 -69.70 25.19
CA ILE BA 307 20.51 -69.98 23.78
C ILE BA 307 21.79 -70.73 23.48
N ASN BA 308 21.66 -71.79 22.70
CA ASN BA 308 22.79 -72.38 22.00
C ASN BA 308 22.49 -72.22 20.51
N ASN BA 309 23.40 -71.55 19.79
CA ASN BA 309 23.11 -71.11 18.43
C ASN BA 309 23.02 -72.27 17.44
N GLU BA 310 23.36 -73.47 17.91
CA GLU BA 310 23.33 -74.64 17.07
C GLU BA 310 22.02 -75.39 17.20
N ALA BA 311 21.10 -74.82 17.98
CA ALA BA 311 19.80 -75.44 18.21
C ALA BA 311 19.00 -75.51 16.91
N GLY BA 312 18.53 -76.70 16.57
CA GLY BA 312 17.72 -76.88 15.37
C GLY BA 312 18.55 -77.32 14.20
N PHE BA 313 19.87 -77.29 14.37
CA PHE BA 313 20.78 -77.79 13.36
C PHE BA 313 21.62 -78.94 13.93
N ASP BA 314 21.33 -80.15 13.48
CA ASP BA 314 21.97 -81.34 14.05
C ASP BA 314 23.19 -81.79 13.30
N ASP BA 315 23.36 -81.22 12.11
CA ASP BA 315 24.44 -81.59 11.19
C ASP BA 315 24.53 -83.11 11.03
N ASP BA 316 23.39 -83.74 10.71
CA ASP BA 316 23.37 -85.12 10.23
C ASP BA 316 23.82 -86.16 11.25
N GLY BA 317 24.22 -85.71 12.44
CA GLY BA 317 24.72 -86.61 13.46
C GLY BA 317 26.14 -87.04 13.16
N SER BA 318 26.81 -86.22 12.35
CA SER BA 318 28.20 -86.45 11.99
C SER BA 318 29.13 -86.13 13.16
N GLU BA 319 30.35 -86.65 13.10
CA GLU BA 319 31.37 -86.36 14.10
C GLU BA 319 32.64 -85.89 13.43
N PHE BA 320 33.55 -85.33 14.21
CA PHE BA 320 34.73 -84.66 13.68
C PHE BA 320 35.58 -85.51 12.72
N HIS BA 321 35.69 -86.80 12.97
CA HIS BA 321 36.54 -87.63 12.11
C HIS BA 321 35.85 -87.96 10.79
N GLU BA 322 34.59 -87.57 10.66
CA GLU BA 322 33.87 -87.71 9.40
C GLU BA 322 33.97 -86.44 8.57
N HIS BA 323 34.67 -85.45 9.12
CA HIS BA 323 34.96 -84.22 8.41
C HIS BA 323 36.44 -84.17 8.10
N ILE BA 324 37.24 -84.12 9.17
CA ILE BA 324 38.69 -83.88 9.07
C ILE BA 324 39.45 -84.95 8.26
N PHE BA 325 39.14 -86.22 8.48
CA PHE BA 325 39.95 -87.28 7.89
C PHE BA 325 39.29 -87.88 6.67
N LEU BA 326 39.86 -87.55 5.53
CA LEU BA 326 39.30 -87.79 4.20
C LEU BA 326 39.86 -88.99 3.43
N ASP BA 327 40.70 -89.79 4.08
CA ASP BA 327 41.25 -91.00 3.49
C ASP BA 327 40.22 -91.85 2.73
N LYS BA 328 39.02 -91.96 3.28
CA LYS BA 328 37.95 -92.78 2.70
C LYS BA 328 37.78 -92.60 1.21
N TYR BA 329 37.84 -91.35 0.79
CA TYR BA 329 37.42 -90.98 -0.56
C TYR BA 329 38.60 -90.86 -1.52
N LEU BA 330 39.80 -91.04 -1.00
CA LEU BA 330 40.98 -91.02 -1.84
C LEU BA 330 41.48 -92.40 -2.24
N GLN BA 331 40.75 -93.44 -1.81
CA GLN BA 331 41.18 -94.82 -2.04
C GLN BA 331 41.29 -95.18 -3.52
N ASP BA 332 40.42 -94.62 -4.34
CA ASP BA 332 40.52 -94.83 -5.77
C ASP BA 332 41.15 -93.60 -6.44
N PHE BA 333 42.44 -93.72 -6.79
CA PHE BA 333 43.28 -92.64 -7.30
C PHE BA 333 44.71 -93.15 -7.39
N PRO BA 334 45.49 -92.68 -8.38
CA PRO BA 334 46.92 -93.05 -8.42
C PRO BA 334 47.64 -92.50 -7.20
N LYS BA 335 48.35 -93.37 -6.48
CA LYS BA 335 48.85 -93.03 -5.16
C LYS BA 335 50.16 -92.22 -5.20
N GLN BA 336 50.98 -92.41 -6.22
CA GLN BA 336 52.22 -91.65 -6.34
C GLN BA 336 52.20 -90.48 -7.34
N GLY BA 337 51.07 -90.29 -8.04
CA GLY BA 337 51.00 -89.24 -9.04
C GLY BA 337 50.76 -87.85 -8.47
N PRO BA 338 51.06 -86.80 -9.27
CA PRO BA 338 50.67 -85.41 -8.99
C PRO BA 338 49.18 -85.28 -8.73
N ILE BA 339 48.40 -86.24 -9.23
CA ILE BA 339 47.00 -86.34 -8.90
C ILE BA 339 46.83 -86.40 -7.37
N ARG BA 340 47.74 -87.09 -6.70
CA ARG BA 340 47.73 -87.13 -5.23
C ARG BA 340 48.06 -85.78 -4.64
N HIS BA 341 48.97 -85.05 -5.27
CA HIS BA 341 49.30 -83.72 -4.81
C HIS BA 341 48.02 -82.90 -4.77
N PHE BA 342 47.40 -82.81 -5.94
CA PHE BA 342 46.17 -82.07 -6.14
C PHE BA 342 45.07 -82.46 -5.15
N MET BA 343 44.78 -83.76 -5.09
CA MET BA 343 43.66 -84.24 -4.29
C MET BA 343 43.95 -84.23 -2.79
N GLU BA 344 45.21 -84.21 -2.42
CA GLU BA 344 45.60 -83.97 -1.04
C GLU BA 344 45.34 -82.52 -0.71
N LEU BA 345 45.57 -81.64 -1.68
CA LEU BA 345 45.21 -80.24 -1.49
C LEU BA 345 43.70 -80.10 -1.27
N VAL BA 346 42.89 -80.60 -2.20
CA VAL BA 346 41.44 -80.57 -2.05
C VAL BA 346 40.97 -81.17 -0.73
N THR BA 347 41.61 -82.27 -0.34
CA THR BA 347 41.43 -82.87 0.97
C THR BA 347 41.59 -81.85 2.08
N CYS BA 348 42.72 -81.16 2.06
CA CYS BA 348 43.01 -80.20 3.12
C CYS BA 348 42.00 -79.08 3.11
N GLY BA 349 41.60 -78.67 1.91
CA GLY BA 349 40.61 -77.62 1.76
C GLY BA 349 39.30 -77.99 2.41
N LEU BA 350 38.80 -79.18 2.08
CA LEU BA 350 37.51 -79.59 2.58
C LEU BA 350 37.57 -80.04 4.02
N SER BA 351 38.78 -80.27 4.53
CA SER BA 351 38.95 -80.59 5.94
C SER BA 351 38.79 -79.36 6.80
N LYS BA 352 39.13 -78.21 6.21
CA LYS BA 352 39.09 -76.94 6.92
C LYS BA 352 37.77 -76.19 6.69
N ASN BA 353 36.84 -76.80 5.98
CA ASN BA 353 35.64 -76.10 5.56
C ASN BA 353 34.42 -76.35 6.44
N PRO BA 354 34.04 -75.37 7.27
CA PRO BA 354 32.88 -75.40 8.17
C PRO BA 354 31.52 -75.28 7.49
N TYR BA 355 31.49 -74.72 6.28
CA TYR BA 355 30.23 -74.30 5.68
C TYR BA 355 29.58 -75.37 4.84
N LEU BA 356 30.16 -76.57 4.89
CA LEU BA 356 29.64 -77.68 4.09
C LEU BA 356 29.34 -78.94 4.91
N SER BA 357 28.31 -79.67 4.48
CA SER BA 357 27.97 -80.96 5.08
C SER BA 357 28.94 -82.02 4.60
N VAL BA 358 28.81 -83.24 5.08
CA VAL BA 358 29.66 -84.32 4.59
C VAL BA 358 29.26 -84.70 3.18
N LYS BA 359 27.96 -84.70 2.92
CA LYS BA 359 27.45 -85.08 1.62
C LYS BA 359 27.96 -84.21 0.49
N GLN BA 360 28.22 -82.93 0.76
CA GLN BA 360 28.73 -82.03 -0.28
C GLN BA 360 30.23 -82.22 -0.53
N LYS BA 361 30.98 -82.33 0.56
CA LYS BA 361 32.39 -82.61 0.50
C LYS BA 361 32.62 -83.85 -0.35
N VAL BA 362 31.85 -84.89 -0.05
CA VAL BA 362 31.88 -86.11 -0.85
C VAL BA 362 31.66 -85.82 -2.33
N GLU BA 363 30.61 -85.07 -2.62
CA GLU BA 363 30.23 -84.75 -4.00
C GLU BA 363 31.36 -84.11 -4.78
N HIS BA 364 32.11 -83.22 -4.12
CA HIS BA 364 33.27 -82.60 -4.76
C HIS BA 364 34.28 -83.64 -5.23
N ILE BA 365 34.66 -84.51 -4.29
CA ILE BA 365 35.61 -85.56 -4.60
C ILE BA 365 35.13 -86.44 -5.74
N GLU BA 366 33.88 -86.89 -5.65
CA GLU BA 366 33.33 -87.78 -6.65
C GLU BA 366 33.29 -87.11 -8.01
N TRP BA 367 33.08 -85.80 -7.99
CA TRP BA 367 33.14 -85.02 -9.22
C TRP BA 367 34.55 -85.03 -9.80
N PHE BA 368 35.56 -85.06 -8.93
CA PHE BA 368 36.92 -85.14 -9.42
C PHE BA 368 37.30 -86.53 -9.96
N ARG BA 369 36.82 -87.57 -9.30
CA ARG BA 369 36.95 -88.93 -9.82
C ARG BA 369 36.35 -89.00 -11.21
N ASN BA 370 35.09 -88.64 -11.31
CA ASN BA 370 34.40 -88.58 -12.60
C ASN BA 370 35.17 -87.75 -13.62
N TYR BA 371 35.73 -86.61 -13.20
CA TYR BA 371 36.39 -85.72 -14.15
C TYR BA 371 37.68 -86.32 -14.69
N PHE BA 372 38.58 -86.70 -13.79
CA PHE BA 372 39.85 -87.27 -14.22
C PHE BA 372 39.64 -88.56 -14.99
N ASN BA 373 38.67 -89.37 -14.54
CA ASN BA 373 38.39 -90.64 -15.19
C ASN BA 373 37.78 -90.43 -16.57
N GLU BA 374 37.09 -89.30 -16.75
CA GLU BA 374 36.52 -88.99 -18.05
C GLU BA 374 37.59 -88.63 -19.07
N LYS BA 375 38.66 -87.96 -18.63
CA LYS BA 375 39.76 -87.74 -19.54
C LYS BA 375 40.91 -88.64 -19.18
N ARG BA 376 41.01 -89.76 -19.89
CA ARG BA 376 42.15 -90.67 -19.79
C ARG BA 376 43.24 -90.22 -20.75
N VAL BA 377 42.75 -89.73 -21.90
CA VAL BA 377 43.55 -89.24 -23.00
C VAL BA 377 44.59 -88.20 -22.54
N ILE BA 378 44.12 -87.15 -21.88
CA ILE BA 378 44.99 -86.03 -21.48
C ILE BA 378 45.99 -86.44 -20.39
N LEU BA 379 45.58 -87.39 -19.55
CA LEU BA 379 46.48 -87.94 -18.53
C LEU BA 379 47.65 -88.67 -19.20
N LYS BA 380 47.33 -89.55 -20.15
CA LYS BA 380 48.37 -90.26 -20.90
C LYS BA 380 49.29 -89.33 -21.69
N GLU BA 381 48.73 -88.26 -22.25
CA GLU BA 381 49.47 -87.40 -23.18
C GLU BA 381 50.44 -86.39 -22.56
N SER BA 382 50.41 -86.23 -21.25
CA SER BA 382 51.20 -85.18 -20.62
C SER BA 382 52.57 -85.61 -20.08
N GLY BA 383 52.94 -86.87 -20.29
CA GLY BA 383 54.24 -87.33 -19.87
C GLY BA 383 54.17 -88.13 -18.59
N ILE BA 384 52.95 -88.38 -18.11
CA ILE BA 384 52.76 -89.28 -16.99
C ILE BA 384 51.66 -90.30 -17.31
N GLN BA 385 51.87 -91.54 -16.89
CA GLN BA 385 50.87 -92.59 -17.02
C GLN BA 385 49.95 -92.58 -15.79
N LEU BA 386 48.65 -92.43 -16.03
CA LEU BA 386 47.70 -92.19 -14.94
C LEU BA 386 46.52 -93.16 -14.94
N ASN BA 387 46.12 -93.61 -13.74
CA ASN BA 387 45.14 -94.67 -13.59
C ASN BA 387 43.78 -94.17 -13.10
N LEU CA 4 69.10 -74.22 9.03
CA LEU CA 4 68.08 -75.20 8.71
C LEU CA 4 68.63 -76.62 8.80
N SER CA 5 67.85 -77.53 9.38
CA SER CA 5 68.29 -78.91 9.57
C SER CA 5 67.29 -79.91 8.98
N GLU CA 6 67.63 -81.21 9.05
CA GLU CA 6 66.67 -82.25 8.68
C GLU CA 6 65.70 -82.52 9.83
N TYR CA 7 66.24 -82.50 11.06
CA TYR CA 7 65.42 -82.67 12.26
C TYR CA 7 64.29 -81.65 12.25
N ALA CA 8 64.66 -80.40 12.00
CA ALA CA 8 63.71 -79.32 11.82
C ALA CA 8 62.62 -79.70 10.80
N VAL CA 9 63.04 -80.21 9.65
CA VAL CA 9 62.12 -80.52 8.56
C VAL CA 9 61.13 -81.61 8.94
N ARG CA 10 61.65 -82.71 9.47
CA ARG CA 10 60.83 -83.83 9.94
C ARG CA 10 59.85 -83.40 11.04
N MET CA 11 60.29 -82.52 11.94
CA MET CA 11 59.38 -82.00 12.96
C MET CA 11 58.27 -81.23 12.28
N SER CA 12 58.62 -80.41 11.30
CA SER CA 12 57.64 -79.62 10.55
C SER CA 12 56.56 -80.51 9.94
N ARG CA 13 57.00 -81.47 9.12
CA ARG CA 13 56.10 -82.46 8.54
C ARG CA 13 55.22 -83.10 9.60
N LEU CA 14 55.84 -83.52 10.69
CA LEU CA 14 55.11 -84.22 11.72
C LEU CA 14 53.99 -83.33 12.23
N SER CA 15 54.34 -82.13 12.66
CA SER CA 15 53.38 -81.17 13.17
C SER CA 15 52.23 -80.97 12.21
N ALA CA 16 52.53 -80.61 10.97
CA ALA CA 16 51.47 -80.29 10.01
C ALA CA 16 50.55 -81.49 9.78
N ARG CA 17 51.13 -82.67 9.59
CA ARG CA 17 50.33 -83.85 9.30
C ARG CA 17 49.51 -84.22 10.52
N LEU CA 18 49.95 -83.77 11.68
CA LEU CA 18 49.20 -83.95 12.90
C LEU CA 18 48.01 -83.01 12.93
N PHE CA 19 48.27 -81.71 12.91
CA PHE CA 19 47.20 -80.71 12.96
C PHE CA 19 46.28 -80.72 11.74
N GLY CA 20 46.66 -81.44 10.68
CA GLY CA 20 45.77 -81.63 9.54
C GLY CA 20 45.92 -80.62 8.44
N GLU CA 21 46.98 -79.82 8.50
CA GLU CA 21 47.32 -78.85 7.46
C GLU CA 21 48.09 -79.52 6.31
N VAL CA 22 48.63 -78.73 5.38
CA VAL CA 22 49.26 -79.27 4.17
C VAL CA 22 50.38 -80.26 4.46
N ALA CA 23 50.39 -81.36 3.72
CA ALA CA 23 51.34 -82.44 3.96
C ALA CA 23 52.70 -82.19 3.31
N ARG CA 24 52.75 -82.38 1.99
CA ARG CA 24 54.01 -82.27 1.27
C ARG CA 24 54.25 -80.85 0.75
N PRO CA 25 55.54 -80.46 0.61
CA PRO CA 25 55.91 -79.10 0.19
C PRO CA 25 55.26 -78.69 -1.13
N THR CA 26 54.69 -77.48 -1.13
CA THR CA 26 53.82 -77.06 -2.21
C THR CA 26 53.98 -75.54 -2.45
N ASP CA 27 53.83 -75.11 -3.70
CA ASP CA 27 54.07 -73.73 -4.09
C ASP CA 27 53.09 -72.77 -3.45
N SER CA 28 53.50 -71.51 -3.36
CA SER CA 28 52.61 -70.45 -2.94
C SER CA 28 51.39 -70.42 -3.86
N LYS CA 29 51.62 -70.74 -5.13
CA LYS CA 29 50.57 -70.76 -6.13
C LYS CA 29 49.49 -71.79 -5.84
N SER CA 30 49.90 -73.04 -5.74
CA SER CA 30 48.97 -74.14 -5.61
C SER CA 30 48.15 -74.09 -4.33
N MET CA 31 48.69 -73.44 -3.30
CA MET CA 31 48.02 -73.32 -2.00
C MET CA 31 46.67 -72.63 -2.11
N LYS CA 32 46.52 -71.84 -3.16
CA LYS CA 32 45.26 -71.17 -3.44
C LYS CA 32 44.12 -72.17 -3.57
N VAL CA 33 44.41 -73.39 -4.01
CA VAL CA 33 43.38 -74.43 -4.12
C VAL CA 33 42.84 -74.79 -2.73
N VAL CA 34 43.77 -74.99 -1.81
CA VAL CA 34 43.46 -75.23 -0.41
C VAL CA 34 42.61 -74.09 0.12
N LYS CA 35 43.12 -72.87 -0.03
CA LYS CA 35 42.39 -71.69 0.42
C LYS CA 35 40.98 -71.61 -0.18
N LEU CA 36 40.87 -72.15 -1.40
CA LEU CA 36 39.69 -72.04 -2.27
C LEU CA 36 38.55 -72.94 -1.85
N PHE CA 37 38.88 -74.17 -1.50
CA PHE CA 37 37.84 -75.03 -0.95
C PHE CA 37 37.62 -74.75 0.52
N SER CA 38 38.65 -74.26 1.20
CA SER CA 38 38.59 -73.98 2.63
C SER CA 38 37.61 -72.85 2.95
N GLU CA 39 37.15 -72.16 1.91
CA GLU CA 39 36.27 -71.02 2.08
C GLU CA 39 34.87 -71.30 1.58
N GLN CA 40 34.04 -70.28 1.65
CA GLN CA 40 32.74 -70.29 0.99
C GLN CA 40 32.88 -69.42 -0.24
N PRO CA 41 32.67 -69.99 -1.43
CA PRO CA 41 32.82 -69.25 -2.70
C PRO CA 41 31.95 -67.99 -2.72
N LEU CA 42 32.49 -66.88 -3.23
CA LEU CA 42 31.85 -65.57 -3.09
C LEU CA 42 30.38 -65.53 -3.50
N ALA CA 43 30.05 -66.21 -4.60
CA ALA CA 43 28.69 -66.20 -5.12
C ALA CA 43 27.70 -66.91 -4.21
N LYS CA 44 28.19 -67.81 -3.36
CA LYS CA 44 27.33 -68.60 -2.48
C LYS CA 44 26.92 -67.91 -1.17
N ARG CA 45 27.72 -66.93 -0.74
CA ARG CA 45 27.47 -66.24 0.53
C ARG CA 45 26.08 -65.62 0.59
N LYS CA 46 25.37 -65.84 1.69
CA LYS CA 46 24.02 -65.32 1.84
C LYS CA 46 24.00 -63.80 1.71
N GLU CA 47 25.14 -63.19 1.98
CA GLU CA 47 25.30 -61.76 1.89
C GLU CA 47 25.38 -61.28 0.44
N THR CA 48 25.39 -62.24 -0.49
CA THR CA 48 25.44 -61.94 -1.92
C THR CA 48 24.15 -62.33 -2.67
N TYR CA 49 23.82 -63.62 -2.68
CA TYR CA 49 22.72 -64.10 -3.51
C TYR CA 49 21.36 -63.63 -3.02
N ASP CA 50 21.23 -63.47 -1.69
CA ASP CA 50 19.99 -63.02 -1.07
C ASP CA 50 19.95 -61.50 -0.86
N TRP CA 51 20.87 -60.79 -1.49
CA TRP CA 51 20.99 -59.34 -1.43
C TRP CA 51 19.66 -58.61 -1.49
N TYR CA 52 18.96 -58.73 -2.61
CA TYR CA 52 17.66 -58.09 -2.72
C TYR CA 52 16.55 -58.92 -2.08
N PRO CA 53 15.68 -58.26 -1.30
CA PRO CA 53 14.37 -58.77 -0.90
C PRO CA 53 13.58 -59.12 -2.14
N ASN CA 54 12.81 -60.21 -2.16
CA ASN CA 54 11.97 -60.41 -3.33
C ASN CA 54 11.03 -59.23 -3.38
N HIS CA 55 11.08 -58.49 -4.48
CA HIS CA 55 10.22 -57.32 -4.60
C HIS CA 55 8.82 -57.68 -5.07
N ASN CA 56 8.72 -58.64 -5.98
CA ASN CA 56 7.42 -59.06 -6.48
C ASN CA 56 6.55 -59.51 -5.33
N THR CA 57 7.16 -60.14 -4.32
CA THR CA 57 6.40 -60.62 -3.17
C THR CA 57 5.74 -59.46 -2.46
N TYR CA 58 6.51 -58.46 -2.03
CA TYR CA 58 5.94 -57.32 -1.33
C TYR CA 58 4.90 -56.58 -2.18
N PHE CA 59 5.27 -56.32 -3.44
CA PHE CA 59 4.40 -55.58 -4.35
C PHE CA 59 3.06 -56.29 -4.57
N ALA CA 60 3.12 -57.56 -4.99
CA ALA CA 60 1.91 -58.33 -5.25
C ALA CA 60 1.07 -58.60 -4.00
N LEU CA 61 1.72 -58.93 -2.89
CA LEU CA 61 1.01 -59.17 -1.63
C LEU CA 61 0.22 -57.95 -1.18
N MET CA 62 0.86 -56.78 -1.17
CA MET CA 62 0.14 -55.59 -0.78
C MET CA 62 -0.90 -55.17 -1.81
N GLY CA 63 -0.64 -55.50 -3.07
CA GLY CA 63 -1.62 -55.29 -4.13
C GLY CA 63 -2.92 -56.05 -3.93
N THR CA 64 -2.83 -57.36 -3.75
CA THR CA 64 -4.02 -58.15 -3.47
C THR CA 64 -4.67 -57.63 -2.22
N LEU CA 65 -3.86 -57.44 -1.19
CA LEU CA 65 -4.35 -57.00 0.11
C LEU CA 65 -5.05 -55.66 0.03
N ARG CA 66 -4.81 -54.94 -1.07
CA ARG CA 66 -5.56 -53.73 -1.35
C ARG CA 66 -6.97 -54.08 -1.83
N PHE CA 67 -7.06 -55.01 -2.76
CA PHE CA 67 -8.35 -55.34 -3.33
C PHE CA 67 -9.19 -56.26 -2.45
N LEU CA 68 -8.53 -56.97 -1.55
CA LEU CA 68 -9.28 -57.72 -0.54
C LEU CA 68 -9.80 -56.72 0.47
N GLY CA 69 -9.41 -55.46 0.28
CA GLY CA 69 -10.04 -54.35 0.96
C GLY CA 69 -9.27 -53.95 2.19
N LEU CA 70 -8.30 -54.76 2.55
CA LEU CA 70 -7.60 -54.58 3.82
C LEU CA 70 -6.56 -53.47 3.73
N TYR CA 71 -5.55 -53.66 2.89
CA TYR CA 71 -4.54 -52.63 2.71
C TYR CA 71 -5.12 -51.43 1.96
N ARG CA 72 -4.51 -50.27 2.18
CA ARG CA 72 -4.92 -49.08 1.46
C ARG CA 72 -3.71 -48.31 0.94
N ASP CA 73 -3.59 -48.23 -0.38
CA ASP CA 73 -2.42 -47.62 -1.04
C ASP CA 73 -2.75 -46.22 -1.54
N GLU CA 74 -2.20 -45.21 -0.87
CA GLU CA 74 -2.54 -43.82 -1.18
C GLU CA 74 -1.87 -43.41 -2.48
N HIS CA 75 -0.72 -44.03 -2.72
CA HIS CA 75 0.08 -43.75 -3.90
C HIS CA 75 -0.59 -44.24 -5.17
N GLN CA 76 -1.07 -45.47 -5.13
CA GLN CA 76 -1.74 -46.04 -6.28
C GLN CA 76 -3.13 -45.43 -6.44
N ASP CA 77 -3.68 -44.87 -5.36
CA ASP CA 77 -4.97 -44.20 -5.45
C ASP CA 77 -4.82 -42.86 -6.14
N PHE CA 78 -3.73 -42.18 -5.80
CA PHE CA 78 -3.34 -40.94 -6.46
C PHE CA 78 -3.08 -41.20 -7.93
N ARG CA 79 -2.28 -42.23 -8.19
CA ARG CA 79 -2.04 -42.74 -9.54
C ARG CA 79 -3.36 -42.93 -10.27
N ASP CA 80 -4.21 -43.76 -9.70
CA ASP CA 80 -5.54 -44.04 -10.22
C ASP CA 80 -6.29 -42.80 -10.62
N GLU CA 81 -6.66 -41.99 -9.63
CA GLU CA 81 -7.44 -40.76 -9.86
C GLU CA 81 -6.85 -39.92 -10.98
N GLN CA 82 -5.53 -39.75 -10.96
CA GLN CA 82 -4.86 -39.02 -12.03
C GLN CA 82 -5.07 -39.68 -13.40
N LEU CA 83 -4.92 -41.01 -13.47
CA LEU CA 83 -5.07 -41.73 -14.74
C LEU CA 83 -6.50 -41.58 -15.28
N ARG CA 84 -7.47 -41.68 -14.38
CA ARG CA 84 -8.86 -41.42 -14.71
C ARG CA 84 -9.06 -40.02 -15.31
N LEU CA 85 -8.43 -39.01 -14.72
CA LEU CA 85 -8.61 -37.63 -15.19
C LEU CA 85 -7.84 -37.34 -16.47
N LYS CA 86 -6.85 -38.17 -16.76
CA LYS CA 86 -6.10 -38.08 -18.03
C LYS CA 86 -6.85 -38.77 -19.18
N LYS CA 87 -7.48 -39.91 -18.90
CA LYS CA 87 -8.33 -40.58 -19.90
C LYS CA 87 -9.61 -39.78 -20.17
N LEU CA 88 -10.12 -39.12 -19.14
CA LEU CA 88 -11.33 -38.30 -19.23
C LEU CA 88 -11.20 -37.12 -20.21
N ARG CA 89 -10.05 -36.43 -20.16
CA ARG CA 89 -9.83 -35.27 -21.03
C ARG CA 89 -9.57 -35.69 -22.48
N GLY CA 90 -9.40 -37.00 -22.69
CA GLY CA 90 -9.20 -37.53 -24.02
C GLY CA 90 -7.81 -38.05 -24.38
N LYS CA 91 -6.86 -38.02 -23.45
CA LYS CA 91 -5.59 -38.70 -23.70
C LYS CA 91 -5.37 -39.87 -22.73
N GLY CA 92 -5.52 -41.08 -23.27
CA GLY CA 92 -5.26 -42.32 -22.54
C GLY CA 92 -4.05 -43.06 -23.08
N LYS CA 93 -3.95 -44.32 -22.73
CA LYS CA 93 -2.88 -45.17 -23.25
C LYS CA 93 -3.40 -45.99 -24.42
N PRO CA 94 -2.88 -45.74 -25.64
CA PRO CA 94 -3.29 -46.40 -26.88
C PRO CA 94 -3.33 -47.93 -26.81
N ARG CA 95 -4.41 -48.48 -27.37
CA ARG CA 95 -4.52 -49.91 -27.60
C ARG CA 95 -3.29 -50.32 -28.38
N LYS CA 96 -2.60 -51.34 -27.90
CA LYS CA 96 -1.31 -51.68 -28.47
C LYS CA 96 -1.38 -51.94 -29.98
N GLY CA 97 -0.57 -51.20 -30.73
CA GLY CA 97 -0.54 -51.33 -32.17
C GLY CA 97 -1.32 -50.26 -32.92
N GLU CA 98 -2.26 -49.62 -32.23
CA GLU CA 98 -3.16 -48.65 -32.88
C GLU CA 98 -2.55 -47.25 -33.09
N GLY CA 99 -1.82 -46.75 -32.09
CA GLY CA 99 -1.41 -45.35 -32.04
C GLY CA 99 -0.61 -44.76 -33.20
N LYS CA 100 0.50 -45.40 -33.54
CA LYS CA 100 1.44 -44.90 -34.56
C LYS CA 100 0.83 -44.73 -35.95
N ARG CA 101 0.48 -45.85 -36.58
CA ARG CA 101 0.15 -45.91 -38.01
C ARG CA 101 -1.05 -45.03 -38.41
N ALA CA 102 -1.96 -44.81 -37.46
CA ALA CA 102 -3.14 -44.00 -37.71
C ALA CA 102 -2.78 -42.52 -37.82
N ALA DA 2 -20.89 46.49 -34.38
CA ALA DA 2 -21.47 47.25 -35.48
C ALA DA 2 -22.04 46.36 -36.60
N ARG DA 3 -23.17 46.77 -37.16
CA ARG DA 3 -23.66 46.23 -38.43
C ARG DA 3 -23.36 47.24 -39.53
N LYS DA 4 -22.38 46.90 -40.38
CA LYS DA 4 -21.98 47.79 -41.49
C LYS DA 4 -21.86 47.02 -42.79
N LYS DA 5 -22.72 47.37 -43.76
CA LYS DA 5 -22.63 46.78 -45.08
C LYS DA 5 -22.51 47.87 -46.15
N VAL DA 6 -21.36 47.87 -46.82
CA VAL DA 6 -21.05 48.85 -47.85
C VAL DA 6 -20.75 48.15 -49.17
N ARG DA 7 -21.50 48.52 -50.21
CA ARG DA 7 -21.41 47.93 -51.54
C ARG DA 7 -22.18 48.81 -52.52
N PRO DA 8 -21.56 49.10 -53.67
CA PRO DA 8 -22.21 49.76 -54.81
C PRO DA 8 -23.03 48.77 -55.63
N ARG DA 9 -24.20 49.17 -56.11
CA ARG DA 9 -24.78 48.45 -57.25
C ARG DA 9 -25.21 49.46 -58.31
N LEU DA 10 -24.44 49.49 -59.39
CA LEU DA 10 -24.64 50.44 -60.47
C LEU DA 10 -25.63 49.95 -61.54
N ILE DA 11 -25.51 48.68 -61.90
CA ILE DA 11 -26.36 48.11 -62.95
C ILE DA 11 -27.77 47.90 -62.41
N ALA DA 12 -27.91 48.11 -61.11
CA ALA DA 12 -29.22 48.22 -60.48
C ALA DA 12 -30.02 49.36 -61.10
N GLU DA 13 -29.34 50.47 -61.39
CA GLU DA 13 -29.97 51.62 -62.05
C GLU DA 13 -30.04 51.50 -63.55
N LEU DA 14 -28.94 51.05 -64.16
CA LEU DA 14 -28.79 51.01 -65.61
C LEU DA 14 -29.96 50.34 -66.30
N ALA DA 15 -30.20 49.08 -65.94
CA ALA DA 15 -31.31 48.31 -66.50
C ALA DA 15 -32.64 49.08 -66.37
N ARG DA 16 -32.88 49.67 -65.21
CA ARG DA 16 -34.11 50.43 -64.97
C ARG DA 16 -34.36 51.46 -66.06
N ARG DA 17 -33.31 52.19 -66.42
CA ARG DA 17 -33.40 53.24 -67.42
C ARG DA 17 -33.52 52.64 -68.80
N VAL DA 18 -32.81 51.53 -69.00
CA VAL DA 18 -32.71 50.92 -70.31
C VAL DA 18 -34.03 50.26 -70.70
N ARG DA 19 -34.68 49.59 -69.75
CA ARG DA 19 -35.99 49.02 -70.02
C ARG DA 19 -37.00 50.14 -70.28
N ALA DA 20 -37.14 51.04 -69.31
CA ALA DA 20 -38.12 52.13 -69.35
C ALA DA 20 -38.14 52.80 -70.74
N LEU DA 21 -37.01 53.40 -71.11
CA LEU DA 21 -36.82 53.97 -72.44
C LEU DA 21 -37.33 53.02 -73.53
N ARG DA 22 -36.68 51.86 -73.66
CA ARG DA 22 -37.03 50.88 -74.69
C ARG DA 22 -38.51 50.60 -74.66
N GLU DA 23 -39.06 50.48 -73.45
CA GLU DA 23 -40.48 50.14 -73.26
C GLU DA 23 -41.36 51.07 -74.10
N GLN DA 24 -41.12 52.38 -74.02
CA GLN DA 24 -41.98 53.32 -74.72
C GLN DA 24 -41.76 53.31 -76.24
N ARG DA 25 -40.58 52.88 -76.68
CA ARG DA 25 -40.36 52.63 -78.11
C ARG DA 25 -40.96 51.30 -78.51
N GLU DA 26 -40.98 50.38 -77.55
CA GLU DA 26 -41.51 49.04 -77.81
C GLU DA 26 -43.03 49.03 -77.55
N ARG DA 27 -43.55 50.15 -77.05
CA ARG DA 27 -44.97 50.24 -76.66
C ARG DA 27 -45.83 49.92 -77.88
N PRO DA 28 -46.55 48.78 -77.82
CA PRO DA 28 -47.31 48.33 -78.98
C PRO DA 28 -48.49 49.23 -79.28
N ARG DA 29 -48.61 49.64 -80.53
CA ARG DA 29 -49.78 50.39 -80.93
C ARG DA 29 -50.93 49.38 -81.03
N ASP DA 30 -52.13 49.82 -80.68
CA ASP DA 30 -53.27 48.92 -80.56
C ASP DA 30 -53.72 48.29 -81.89
N SER DA 31 -53.26 48.82 -83.01
CA SER DA 31 -53.60 48.28 -84.31
C SER DA 31 -53.11 46.85 -84.51
N GLN DA 32 -51.80 46.67 -84.34
CA GLN DA 32 -51.19 45.37 -84.49
C GLN DA 32 -51.54 44.47 -83.30
N ARG DA 33 -51.72 45.10 -82.13
CA ARG DA 33 -51.97 44.40 -80.87
C ARG DA 33 -53.25 43.54 -80.85
N TYR DA 34 -54.40 44.18 -80.86
CA TYR DA 34 -55.69 43.51 -80.70
C TYR DA 34 -56.18 42.79 -81.96
N ALA DA 35 -55.46 42.98 -83.07
CA ALA DA 35 -55.81 42.38 -84.34
C ALA DA 35 -55.99 40.89 -84.19
N LEU DA 36 -57.02 40.36 -84.84
CA LEU DA 36 -57.40 38.97 -84.64
C LEU DA 36 -57.37 38.15 -85.93
N ASP DA 37 -57.03 36.87 -85.78
CA ASP DA 37 -57.15 35.89 -86.85
C ASP DA 37 -58.42 35.08 -86.63
N TYR DA 38 -59.35 35.18 -87.57
CA TYR DA 38 -60.73 34.75 -87.37
C TYR DA 38 -60.95 33.23 -87.50
N GLU DA 39 -60.27 32.59 -88.47
CA GLU DA 39 -60.40 31.15 -88.69
C GLU DA 39 -59.80 30.35 -87.53
N THR DA 40 -58.94 31.02 -86.78
CA THR DA 40 -58.20 30.47 -85.66
C THR DA 40 -58.86 30.86 -84.33
N MET DA 41 -59.14 32.16 -84.20
CA MET DA 41 -59.42 32.86 -82.93
C MET DA 41 -58.14 33.02 -82.11
N MET DA 42 -57.09 33.46 -82.80
CA MET DA 42 -55.77 33.67 -82.19
C MET DA 42 -55.32 35.11 -82.24
N ARG DA 43 -54.74 35.59 -81.13
CA ARG DA 43 -54.12 36.91 -81.06
C ARG DA 43 -52.65 36.80 -81.46
N PRO DA 44 -52.29 37.31 -82.64
CA PRO DA 44 -50.90 37.19 -83.07
C PRO DA 44 -49.91 37.86 -82.12
N HIS DA 45 -50.24 39.06 -81.68
CA HIS DA 45 -49.32 39.80 -80.83
C HIS DA 45 -49.18 39.13 -79.47
N SER DA 46 -50.32 38.87 -78.84
CA SER DA 46 -50.36 38.36 -77.49
C SER DA 46 -50.20 36.85 -77.38
N GLY DA 47 -50.42 36.14 -78.49
CA GLY DA 47 -50.34 34.69 -78.48
C GLY DA 47 -51.44 34.01 -77.68
N ASN DA 48 -52.49 34.76 -77.34
CA ASN DA 48 -53.62 34.24 -76.57
C ASN DA 48 -54.77 33.81 -77.47
N ARG DA 49 -55.46 32.72 -77.12
CA ARG DA 49 -56.62 32.26 -77.88
C ARG DA 49 -57.91 32.57 -77.12
N LEU DA 50 -58.81 33.31 -77.77
CA LEU DA 50 -60.00 33.85 -77.10
C LEU DA 50 -60.96 32.78 -76.58
N PRO DA 51 -61.73 33.13 -75.54
CA PRO DA 51 -62.66 32.22 -74.86
C PRO DA 51 -63.75 31.65 -75.76
N MET DA 52 -64.38 30.57 -75.31
CA MET DA 52 -65.35 29.83 -76.12
C MET DA 52 -66.75 30.43 -76.14
N ARG DA 53 -67.08 31.29 -75.18
CA ARG DA 53 -68.36 31.98 -75.21
C ARG DA 53 -68.28 33.20 -76.12
N ALA DA 54 -67.06 33.52 -76.54
CA ALA DA 54 -66.77 34.73 -77.29
C ALA DA 54 -66.66 34.59 -78.83
N TRP DA 55 -66.73 33.37 -79.34
CA TRP DA 55 -66.58 33.12 -80.78
C TRP DA 55 -67.61 33.85 -81.65
N ALA DA 56 -68.86 33.46 -81.47
CA ALA DA 56 -69.98 33.95 -82.28
C ALA DA 56 -70.04 35.48 -82.38
N ASP DA 57 -69.97 36.15 -81.24
CA ASP DA 57 -70.08 37.61 -81.18
C ASP DA 57 -69.00 38.28 -82.03
N VAL DA 58 -67.82 37.68 -82.01
CA VAL DA 58 -66.73 38.13 -82.85
C VAL DA 58 -67.06 37.95 -84.32
N ARG DA 59 -67.58 36.77 -84.65
CA ARG DA 59 -67.82 36.46 -86.07
C ARG DA 59 -68.91 37.34 -86.69
N HIS DA 60 -69.97 37.60 -85.93
CA HIS DA 60 -71.14 38.26 -86.50
C HIS DA 60 -71.34 39.76 -86.27
N GLU DA 61 -70.46 40.42 -85.52
CA GLU DA 61 -70.66 41.84 -85.25
C GLU DA 61 -69.32 42.58 -85.09
N SER DA 62 -69.35 43.90 -85.23
CA SER DA 62 -68.14 44.70 -85.34
C SER DA 62 -67.92 45.68 -84.18
N ARG DA 63 -66.64 45.91 -83.87
CA ARG DA 63 -66.21 46.71 -82.71
C ARG DA 63 -66.48 48.20 -82.92
N LEU DA 64 -66.49 48.95 -81.81
CA LEU DA 64 -66.95 50.34 -81.78
C LEU DA 64 -66.32 51.24 -82.82
N LEU DA 65 -65.02 51.09 -83.05
CA LEU DA 65 -64.33 52.03 -83.93
C LEU DA 65 -64.30 51.60 -85.40
N GLN DA 66 -64.99 50.53 -85.75
CA GLN DA 66 -65.29 50.26 -87.16
C GLN DA 66 -66.48 51.11 -87.58
N LEU DA 67 -67.44 51.20 -86.66
CA LEU DA 67 -68.72 51.87 -86.88
C LEU DA 67 -68.69 53.31 -86.33
N LEU DA 68 -67.57 53.67 -85.73
CA LEU DA 68 -67.29 55.05 -85.38
C LEU DA 68 -66.56 55.69 -86.53
N ASN DA 69 -66.08 54.84 -87.46
CA ASN DA 69 -65.31 55.28 -88.62
C ASN DA 69 -66.13 55.47 -89.90
N ARG DA 70 -67.38 55.03 -89.90
CA ARG DA 70 -68.29 55.39 -90.98
C ARG DA 70 -68.68 56.86 -90.79
N LEU DA 71 -68.43 57.38 -89.59
CA LEU DA 71 -68.83 58.74 -89.21
C LEU DA 71 -68.10 59.85 -89.95
N PRO DA 72 -68.84 60.87 -90.38
CA PRO DA 72 -68.24 62.10 -90.93
C PRO DA 72 -67.40 62.81 -89.88
N LEU DA 73 -68.01 63.00 -88.72
CA LEU DA 73 -67.38 63.62 -87.56
C LEU DA 73 -67.18 62.54 -86.52
N PHE DA 74 -66.04 62.53 -85.84
CA PHE DA 74 -65.85 61.51 -84.82
C PHE DA 74 -66.48 61.89 -83.49
N GLY DA 75 -66.74 63.17 -83.29
CA GLY DA 75 -67.23 63.66 -82.01
C GLY DA 75 -68.74 63.61 -81.90
N LEU DA 76 -69.34 62.73 -82.71
CA LEU DA 76 -70.79 62.61 -82.77
C LEU DA 76 -71.38 62.34 -81.39
N GLY DA 77 -72.45 63.07 -81.06
CA GLY DA 77 -73.19 62.84 -79.83
C GLY DA 77 -74.14 61.67 -79.97
N ARG DA 78 -73.97 60.90 -81.05
CA ARG DA 78 -74.77 59.70 -81.27
C ARG DA 78 -74.59 58.69 -80.14
N LEU DA 79 -75.70 58.22 -79.62
CA LEU DA 79 -75.67 57.25 -78.54
C LEU DA 79 -75.19 55.91 -79.07
N VAL DA 80 -74.31 55.26 -78.31
CA VAL DA 80 -73.85 53.92 -78.64
C VAL DA 80 -74.39 52.93 -77.61
N THR DA 81 -74.68 51.70 -78.04
CA THR DA 81 -75.17 50.70 -77.10
C THR DA 81 -74.53 49.34 -77.38
N ARG DA 82 -74.24 48.61 -76.32
CA ARG DA 82 -73.62 47.30 -76.44
C ARG DA 82 -74.69 46.21 -76.41
N LYS DA 83 -74.49 45.19 -77.24
CA LYS DA 83 -75.45 44.09 -77.42
C LYS DA 83 -75.83 43.39 -76.10
N SER DA 84 -74.82 43.20 -75.23
CA SER DA 84 -75.01 42.51 -73.97
C SER DA 84 -75.91 43.32 -73.02
N TRP DA 85 -75.69 44.63 -72.99
CA TRP DA 85 -76.51 45.54 -72.19
C TRP DA 85 -77.96 45.46 -72.62
N LEU DA 86 -78.16 45.38 -73.94
CA LEU DA 86 -79.48 45.12 -74.52
C LEU DA 86 -80.11 43.88 -73.93
N TRP DA 87 -79.47 42.74 -74.16
CA TRP DA 87 -80.06 41.47 -73.76
C TRP DA 87 -80.29 41.32 -72.26
N GLN DA 88 -79.46 41.96 -71.44
CA GLN DA 88 -79.63 41.86 -70.00
C GLN DA 88 -80.71 42.79 -69.47
N HIS DA 89 -80.74 44.01 -69.98
CA HIS DA 89 -81.67 45.01 -69.47
C HIS DA 89 -82.67 45.45 -70.52
N ASP DA 90 -83.94 45.42 -70.14
CA ASP DA 90 -85.02 45.89 -71.01
C ASP DA 90 -85.08 47.40 -71.04
N GLU DA 91 -84.83 48.02 -69.88
CA GLU DA 91 -84.71 49.46 -69.80
C GLU DA 91 -83.47 49.87 -70.58
N PRO DA 92 -83.52 50.99 -71.32
CA PRO DA 92 -82.42 51.36 -72.21
C PRO DA 92 -81.08 51.63 -71.51
N CYS DA 93 -80.03 50.96 -71.99
CA CYS DA 93 -78.66 51.30 -71.62
C CYS DA 93 -78.05 52.00 -72.81
N TYR DA 94 -77.83 53.29 -72.70
CA TYR DA 94 -77.20 53.97 -73.81
C TYR DA 94 -75.95 54.68 -73.35
N TRP DA 95 -75.00 54.76 -74.27
CA TRP DA 95 -73.67 55.23 -73.98
C TRP DA 95 -73.30 56.24 -75.09
N ARG DA 96 -73.13 57.50 -74.69
CA ARG DA 96 -73.05 58.62 -75.63
C ARG DA 96 -71.65 59.25 -75.60
N LEU DA 97 -71.26 59.90 -76.68
CA LEU DA 97 -69.86 60.27 -76.90
C LEU DA 97 -69.50 61.72 -76.58
N THR DA 98 -68.26 61.92 -76.15
CA THR DA 98 -67.69 63.25 -75.96
C THR DA 98 -66.42 63.43 -76.81
N ARG DA 99 -65.35 62.70 -76.48
CA ARG DA 99 -64.05 62.87 -77.18
C ARG DA 99 -63.46 61.58 -77.73
N VAL DA 100 -63.37 61.47 -79.06
CA VAL DA 100 -62.89 60.25 -79.70
C VAL DA 100 -61.49 60.41 -80.28
N ARG DA 101 -60.57 59.53 -79.90
CA ARG DA 101 -59.25 59.48 -80.53
C ARG DA 101 -59.03 58.16 -81.26
N PRO DA 102 -59.18 58.16 -82.59
CA PRO DA 102 -58.84 56.94 -83.32
C PRO DA 102 -57.33 56.77 -83.41
N ASP DA 103 -56.86 55.57 -83.12
CA ASP DA 103 -55.47 55.23 -83.30
C ASP DA 103 -55.40 54.52 -84.63
N TYR DA 104 -54.48 54.93 -85.48
CA TYR DA 104 -54.59 54.59 -86.87
C TYR DA 104 -53.89 53.29 -87.24
N ALA DA 105 -54.71 52.28 -87.50
CA ALA DA 105 -54.26 51.13 -88.24
C ALA DA 105 -54.17 51.64 -89.64
N ALA DA 106 -52.99 51.54 -90.24
CA ALA DA 106 -52.79 52.04 -91.58
C ALA DA 106 -53.80 51.39 -92.53
N GLU DA 107 -54.35 50.26 -92.12
CA GLU DA 107 -55.26 49.51 -92.98
C GLU DA 107 -56.73 49.90 -92.79
N ASN DA 108 -57.37 49.42 -91.72
CA ASN DA 108 -58.80 49.65 -91.57
C ASN DA 108 -59.21 50.76 -90.59
N LEU DA 109 -58.26 51.35 -89.89
CA LEU DA 109 -58.55 52.39 -88.88
C LEU DA 109 -59.67 51.95 -87.92
N ASP DA 110 -59.55 50.75 -87.35
CA ASP DA 110 -60.60 50.18 -86.50
C ASP DA 110 -60.37 50.29 -84.96
N HIS DA 111 -59.29 50.93 -84.54
CA HIS DA 111 -58.98 50.96 -83.11
C HIS DA 111 -58.92 52.37 -82.56
N GLY DA 112 -59.15 52.50 -81.25
CA GLY DA 112 -59.04 53.81 -80.63
C GLY DA 112 -59.54 53.93 -79.21
N LYS DA 113 -59.24 55.08 -78.62
CA LYS DA 113 -59.66 55.40 -77.27
C LYS DA 113 -60.73 56.48 -77.31
N ALA DA 114 -61.95 56.14 -76.93
CA ALA DA 114 -63.04 57.09 -77.00
C ALA DA 114 -63.56 57.40 -75.61
N TRP DA 115 -64.18 58.56 -75.46
CA TRP DA 115 -64.60 59.04 -74.14
C TRP DA 115 -66.06 59.50 -74.11
N GLY DA 116 -66.89 58.77 -73.36
CA GLY DA 116 -68.32 59.06 -73.30
C GLY DA 116 -68.98 59.59 -72.03
N ILE DA 117 -70.32 59.57 -72.05
CA ILE DA 117 -71.20 59.89 -70.92
C ILE DA 117 -72.19 58.71 -70.82
N LEU DA 118 -72.95 58.58 -69.74
CA LEU DA 118 -73.69 57.30 -69.62
C LEU DA 118 -75.15 57.40 -69.22
N THR DA 119 -75.91 56.39 -69.65
CA THR DA 119 -77.13 56.00 -68.96
C THR DA 119 -77.24 54.47 -68.92
N PHE DA 120 -77.38 53.92 -67.71
CA PHE DA 120 -77.43 52.48 -67.53
C PHE DA 120 -78.79 52.02 -67.03
N LYS DA 121 -79.44 51.17 -67.83
CA LYS DA 121 -80.79 50.63 -67.57
C LYS DA 121 -81.73 51.73 -67.06
N GLY DA 122 -81.65 52.90 -67.67
CA GLY DA 122 -82.55 54.01 -67.38
C GLY DA 122 -82.04 55.02 -66.37
N LYS DA 123 -81.07 54.63 -65.55
CA LYS DA 123 -80.49 55.52 -64.55
C LYS DA 123 -79.39 56.33 -65.20
N THR DA 124 -79.52 57.65 -65.16
CA THR DA 124 -78.67 58.51 -65.95
C THR DA 124 -77.43 59.00 -65.19
N GLU DA 125 -76.29 58.96 -65.87
CA GLU DA 125 -75.04 59.49 -65.35
C GLU DA 125 -74.45 60.54 -66.28
N SER DA 126 -74.30 61.73 -65.72
CA SER DA 126 -74.09 62.96 -66.48
C SER DA 126 -72.64 63.35 -66.78
N GLU DA 127 -71.67 62.66 -66.17
CA GLU DA 127 -70.28 63.08 -66.28
C GLU DA 127 -69.48 62.26 -67.30
N ALA DA 128 -68.53 62.91 -67.96
CA ALA DA 128 -67.75 62.25 -69.01
C ALA DA 128 -66.65 61.38 -68.44
N ARG DA 129 -66.66 60.11 -68.84
CA ARG DA 129 -65.61 59.15 -68.51
C ARG DA 129 -64.86 58.80 -69.78
N GLU DA 130 -63.96 57.84 -69.66
CA GLU DA 130 -63.41 57.20 -70.83
C GLU DA 130 -64.17 55.90 -71.06
N ILE DA 131 -64.43 55.57 -72.33
CA ILE DA 131 -65.07 54.31 -72.65
C ILE DA 131 -64.15 53.16 -72.35
N GLU DA 132 -64.67 52.14 -71.70
CA GLU DA 132 -63.91 50.93 -71.50
C GLU DA 132 -64.39 49.87 -72.49
N GLN DA 133 -63.47 49.02 -72.93
CA GLN DA 133 -63.80 47.85 -73.74
C GLN DA 133 -64.33 48.22 -75.12
N VAL DA 134 -63.81 49.31 -75.67
CA VAL DA 134 -64.02 49.70 -77.06
C VAL DA 134 -63.57 48.55 -77.97
N MET DA 135 -62.76 47.68 -77.39
CA MET DA 135 -62.10 46.61 -78.10
C MET DA 135 -63.03 45.50 -78.54
N TYR DA 136 -64.22 45.41 -77.95
CA TYR DA 136 -65.01 44.23 -78.28
C TYR DA 136 -66.15 44.47 -79.27
N HIS DA 137 -66.42 43.40 -80.01
CA HIS DA 137 -67.32 43.33 -81.14
C HIS DA 137 -68.81 43.41 -80.82
N ASP DA 138 -69.16 43.54 -79.55
CA ASP DA 138 -70.58 43.59 -79.18
C ASP DA 138 -71.21 44.98 -79.39
N TRP DA 139 -70.42 45.93 -79.89
CA TRP DA 139 -70.87 47.31 -80.13
C TRP DA 139 -71.87 47.50 -81.26
N ARG DA 140 -72.89 48.32 -81.00
CA ARG DA 140 -73.87 48.71 -82.00
C ARG DA 140 -74.22 50.21 -81.87
N LEU DA 141 -74.55 50.83 -82.99
CA LEU DA 141 -74.87 52.26 -83.01
C LEU DA 141 -76.33 52.50 -83.40
N VAL DA 142 -76.98 53.45 -82.72
CA VAL DA 142 -78.37 53.81 -83.01
C VAL DA 142 -78.48 54.96 -84.01
N PRO DA 143 -79.43 54.86 -84.96
CA PRO DA 143 -79.68 55.94 -85.92
C PRO DA 143 -80.39 57.12 -85.27
N LYS DA 144 -80.39 58.27 -85.94
CA LYS DA 144 -80.91 59.52 -85.36
C LYS DA 144 -82.42 59.49 -85.07
N HIS DA 145 -83.16 58.67 -85.80
CA HIS DA 145 -84.60 58.63 -85.60
C HIS DA 145 -84.99 57.81 -84.39
N GLU DA 146 -84.23 56.76 -84.10
CA GLU DA 146 -84.58 55.84 -83.01
C GLU DA 146 -84.17 56.36 -81.63
N GLU DA 147 -83.19 57.26 -81.59
CA GLU DA 147 -82.66 57.78 -80.33
C GLU DA 147 -83.73 58.50 -79.52
N GLU DA 148 -84.77 58.97 -80.22
CA GLU DA 148 -85.92 59.60 -79.62
C GLU DA 148 -86.91 58.57 -79.07
N ALA DA 149 -86.83 57.34 -79.62
CA ALA DA 149 -87.59 56.20 -79.11
C ALA DA 149 -86.91 55.54 -77.91
N PHE DA 150 -85.58 55.64 -77.83
CA PHE DA 150 -84.80 55.03 -76.74
C PHE DA 150 -84.77 55.83 -75.43
N THR DA 151 -84.77 57.14 -75.54
CA THR DA 151 -84.64 58.01 -74.37
C THR DA 151 -85.96 58.14 -73.57
N UNK DA 152 -87.09 57.92 -74.25
CA UNK DA 152 -88.41 58.11 -73.64
C UNK DA 152 -88.91 56.86 -72.91
N UNK DA 153 -88.22 55.74 -73.10
CA UNK DA 153 -88.58 54.50 -72.44
C UNK DA 153 -88.03 54.49 -71.00
N UNK DA 154 -87.27 55.52 -70.66
CA UNK DA 154 -86.80 55.72 -69.29
C UNK DA 154 -87.98 55.95 -68.37
N UNK DA 155 -88.07 55.12 -67.33
CA UNK DA 155 -89.16 55.24 -66.37
C UNK DA 155 -88.59 55.32 -64.95
N UNK DA 156 -89.47 55.46 -63.96
CA UNK DA 156 -89.03 55.50 -62.57
C UNK DA 156 -89.91 54.61 -61.71
N UNK DA 157 -89.29 53.88 -60.78
CA UNK DA 157 -90.02 53.00 -59.89
C UNK DA 157 -89.33 52.92 -58.52
N UNK DA 158 -90.11 52.65 -57.48
CA UNK DA 158 -89.58 52.55 -56.12
C UNK DA 158 -88.89 51.20 -55.89
N ASP DA 159 -87.69 51.26 -55.31
CA ASP DA 159 -86.83 50.09 -55.11
C ASP DA 159 -87.32 49.17 -53.97
N THR DA 160 -86.82 47.93 -53.96
CA THR DA 160 -87.24 46.91 -53.00
C THR DA 160 -86.78 47.29 -51.55
N PRO DA 161 -87.21 46.53 -50.50
CA PRO DA 161 -87.06 47.06 -49.12
C PRO DA 161 -85.67 47.56 -48.71
N LEU DA 162 -85.68 48.64 -47.91
CA LEU DA 162 -84.47 49.26 -47.41
C LEU DA 162 -84.12 48.75 -46.01
N SER DA 163 -84.89 47.80 -45.51
CA SER DA 163 -84.70 47.34 -44.14
C SER DA 163 -84.49 45.84 -44.05
N VAL DA 164 -83.77 45.41 -43.02
CA VAL DA 164 -83.49 43.99 -42.84
C VAL DA 164 -83.38 43.57 -41.36
N PRO DA 165 -83.75 42.31 -41.08
CA PRO DA 165 -83.55 41.52 -39.86
C PRO DA 165 -82.11 41.01 -39.69
N TYR DA 166 -81.28 41.68 -38.88
CA TYR DA 166 -79.94 41.16 -38.53
C TYR DA 166 -79.99 39.66 -38.27
N PRO DA 167 -79.09 38.90 -38.90
CA PRO DA 167 -79.04 37.43 -38.86
C PRO DA 167 -79.11 36.88 -37.43
N PRO DA 168 -79.69 35.67 -37.25
CA PRO DA 168 -80.20 35.19 -35.95
C PRO DA 168 -79.26 35.31 -34.74
N LEU DA 169 -78.01 34.91 -34.87
CA LEU DA 169 -77.07 34.97 -33.77
C LEU DA 169 -76.70 36.43 -33.43
N LEU DA 170 -76.45 37.23 -34.47
CA LEU DA 170 -76.12 38.64 -34.29
C LEU DA 170 -77.24 39.42 -33.59
N ARG DA 171 -78.45 39.34 -34.11
CA ARG DA 171 -79.62 39.92 -33.44
C ARG DA 171 -79.66 39.46 -31.99
N ALA DA 172 -79.53 38.15 -31.78
CA ALA DA 172 -79.52 37.59 -30.43
C ALA DA 172 -78.56 38.36 -29.54
N MET DA 173 -77.37 38.64 -30.07
CA MET DA 173 -76.31 39.31 -29.30
C MET DA 173 -76.63 40.79 -28.99
N ILE DA 174 -77.15 41.52 -29.98
CA ILE DA 174 -77.55 42.91 -29.76
C ILE DA 174 -78.64 43.00 -28.70
N LEU DA 175 -79.65 42.15 -28.84
CA LEU DA 175 -80.74 42.07 -27.87
C LEU DA 175 -80.23 41.79 -26.48
N ALA DA 176 -79.31 40.83 -26.40
CA ALA DA 176 -78.69 40.50 -25.13
C ALA DA 176 -77.96 41.69 -24.55
N GLN DA 177 -77.35 42.51 -25.40
CA GLN DA 177 -76.55 43.64 -24.93
C GLN DA 177 -77.37 44.86 -24.53
N ARG DA 178 -78.53 45.04 -25.15
CA ARG DA 178 -79.45 46.09 -24.72
C ARG DA 178 -80.23 45.65 -23.47
N GLN DA 179 -80.46 44.34 -23.32
CA GLN DA 179 -81.15 43.84 -22.14
C GLN DA 179 -80.21 43.82 -20.93
N LYS DA 180 -78.93 43.59 -21.19
CA LYS DA 180 -77.92 43.68 -20.13
C LYS DA 180 -77.51 45.11 -19.84
N TYR DA 181 -77.64 45.99 -20.83
CA TYR DA 181 -77.29 47.39 -20.58
C TYR DA 181 -78.42 48.11 -19.85
N GLY DA 182 -79.62 47.54 -19.89
CA GLY DA 182 -80.76 48.11 -19.16
C GLY DA 182 -81.79 48.85 -20.00
N ASP DA 183 -81.65 48.81 -21.32
CA ASP DA 183 -82.70 49.32 -22.20
C ASP DA 183 -83.61 48.16 -22.59
N THR DA 184 -84.85 48.19 -22.11
CA THR DA 184 -85.74 47.05 -22.28
C THR DA 184 -86.64 47.21 -23.50
N SER DA 185 -86.42 48.25 -24.29
CA SER DA 185 -87.22 48.49 -25.49
C SER DA 185 -87.22 47.27 -26.39
N THR DA 186 -88.43 46.81 -26.73
CA THR DA 186 -88.63 45.56 -27.43
C THR DA 186 -88.70 45.80 -28.94
N GLU DA 187 -88.41 47.03 -29.34
CA GLU DA 187 -88.34 47.41 -30.74
C GLU DA 187 -87.45 46.45 -31.52
N GLU DA 188 -87.95 45.98 -32.66
CA GLU DA 188 -87.21 45.03 -33.48
C GLU DA 188 -85.85 45.59 -33.90
N PRO DA 189 -84.90 44.71 -34.18
CA PRO DA 189 -83.55 45.01 -34.67
C PRO DA 189 -83.49 45.33 -36.19
N MET DA 190 -83.73 46.59 -36.57
CA MET DA 190 -83.72 47.00 -37.97
C MET DA 190 -82.31 47.29 -38.52
N LEU DA 191 -82.13 47.01 -39.81
CA LEU DA 191 -80.85 47.17 -40.50
C LEU DA 191 -81.01 47.89 -41.85
N ASN DA 192 -80.19 48.92 -42.08
CA ASN DA 192 -80.31 49.76 -43.27
C ASN DA 192 -79.52 49.25 -44.48
N LEU DA 193 -80.24 48.95 -45.56
CA LEU DA 193 -79.65 48.52 -46.82
C LEU DA 193 -79.35 49.72 -47.70
N GLU DA 194 -79.52 50.90 -47.12
CA GLU DA 194 -79.44 52.16 -47.85
C GLU DA 194 -78.18 52.27 -48.71
N ARG DA 195 -77.02 52.09 -48.08
CA ARG DA 195 -75.74 52.30 -48.75
C ARG DA 195 -75.20 51.03 -49.41
N ALA DA 196 -76.02 49.98 -49.44
CA ALA DA 196 -75.56 48.66 -49.88
C ALA DA 196 -75.68 48.45 -51.39
N ARG DA 197 -76.02 49.50 -52.12
CA ARG DA 197 -76.25 49.37 -53.55
C ARG DA 197 -75.00 48.99 -54.34
N ILE DA 198 -75.10 47.88 -55.08
CA ILE DA 198 -74.06 47.48 -56.02
C ILE DA 198 -74.63 47.53 -57.44
N ASP DA 199 -73.85 48.08 -58.37
CA ASP DA 199 -74.26 48.11 -59.75
C ASP DA 199 -74.21 46.70 -60.31
N PRO DA 200 -75.09 46.39 -61.28
CA PRO DA 200 -75.00 45.08 -61.95
C PRO DA 200 -73.65 44.96 -62.64
N TRP DA 201 -73.13 43.73 -62.75
CA TRP DA 201 -71.73 43.54 -63.13
C TRP DA 201 -71.43 44.07 -64.53
N ASP DA 202 -72.47 44.47 -65.24
CA ASP DA 202 -72.31 44.97 -66.60
C ASP DA 202 -71.90 46.45 -66.62
N TYR DA 203 -72.02 47.10 -65.47
CA TYR DA 203 -71.64 48.51 -65.35
C TYR DA 203 -70.14 48.69 -65.61
N PRO DA 204 -69.78 49.41 -66.69
CA PRO DA 204 -68.36 49.61 -67.06
C PRO DA 204 -67.58 50.36 -66.00
N ALA DA 205 -66.43 49.83 -65.62
CA ALA DA 205 -65.64 50.41 -64.54
C ALA DA 205 -64.87 51.64 -65.00
N LYS DA 206 -65.06 52.76 -64.32
CA LYS DA 206 -64.32 53.98 -64.65
C LYS DA 206 -62.82 53.75 -64.46
N LEU DA 207 -62.04 54.03 -65.51
CA LEU DA 207 -60.59 53.96 -65.35
C LEU DA 207 -59.94 55.30 -65.54
N GLU DA 208 -59.49 55.89 -64.43
CA GLU DA 208 -58.61 57.04 -64.45
C GLU DA 208 -57.49 56.83 -63.44
N ALA DA 209 -57.90 56.86 -62.17
CA ALA DA 209 -57.01 56.76 -61.03
C ALA DA 209 -57.84 56.56 -59.75
N LYS DA 210 -57.16 56.60 -58.60
CA LYS DA 210 -57.82 56.57 -57.30
C LYS DA 210 -58.27 57.97 -56.88
N THR DA 211 -59.55 58.11 -56.50
CA THR DA 211 -60.11 59.40 -56.09
C THR DA 211 -59.64 59.77 -54.68
N LYS DA 212 -59.25 61.04 -54.50
CA LYS DA 212 -58.74 61.50 -53.21
C LYS DA 212 -59.64 62.56 -52.56
N THR DA 213 -60.30 62.17 -51.46
CA THR DA 213 -61.18 63.05 -50.70
C THR DA 213 -60.41 63.72 -49.56
N LYS DA 214 -60.21 65.04 -49.66
CA LYS DA 214 -59.33 65.77 -48.74
C LYS DA 214 -60.11 66.59 -47.71
N ARG EA 51 -20.55 -43.11 18.68
CA ARG EA 51 -20.60 -43.40 20.11
C ARG EA 51 -19.19 -43.41 20.71
N ARG EA 52 -18.88 -42.36 21.48
CA ARG EA 52 -17.52 -42.14 21.96
C ARG EA 52 -17.28 -42.71 23.37
N LYS EA 53 -16.16 -43.40 23.53
CA LYS EA 53 -15.87 -44.14 24.76
C LYS EA 53 -14.68 -43.61 25.56
N ALA EA 54 -14.95 -43.03 26.72
CA ALA EA 54 -13.90 -42.65 27.67
C ALA EA 54 -14.01 -43.41 28.98
N LEU EA 55 -13.10 -44.35 29.22
CA LEU EA 55 -12.99 -45.04 30.51
C LEU EA 55 -11.75 -44.60 31.27
N PRO EA 56 -11.91 -44.19 32.53
CA PRO EA 56 -10.76 -43.78 33.35
C PRO EA 56 -9.73 -44.90 33.50
N PRO EA 57 -8.45 -44.52 33.65
CA PRO EA 57 -7.34 -45.48 33.73
C PRO EA 57 -7.41 -46.42 34.95
N ARG EA 58 -6.65 -47.51 34.90
CA ARG EA 58 -6.54 -48.44 36.02
C ARG EA 58 -5.94 -47.79 37.27
N THR EA 59 -5.18 -46.73 37.07
CA THR EA 59 -4.54 -46.00 38.16
C THR EA 59 -5.61 -45.47 39.13
N GLU EA 60 -6.84 -45.35 38.64
CA GLU EA 60 -7.97 -44.90 39.44
C GLU EA 60 -8.44 -45.98 40.43
N LYS EA 61 -8.50 -47.24 39.98
CA LYS EA 61 -8.90 -48.36 40.82
C LYS EA 61 -7.72 -48.95 41.62
N MET EA 62 -6.52 -48.42 41.40
CA MET EA 62 -5.31 -49.03 41.96
C MET EA 62 -5.24 -48.90 43.48
N ALA EA 63 -5.02 -50.04 44.13
CA ALA EA 63 -4.78 -50.07 45.58
C ALA EA 63 -3.38 -49.56 45.87
N VAL EA 64 -3.28 -48.63 46.82
CA VAL EA 64 -2.02 -47.97 47.14
C VAL EA 64 -0.92 -48.97 47.53
N ASP EA 65 -1.29 -50.07 48.18
CA ASP EA 65 -0.34 -51.12 48.56
C ASP EA 65 -0.29 -52.33 47.65
N GLN EA 66 -1.14 -52.36 46.62
CA GLN EA 66 -1.17 -53.49 45.70
C GLN EA 66 0.21 -53.75 45.12
N ASP EA 67 0.64 -55.01 45.18
CA ASP EA 67 1.97 -55.43 44.72
C ASP EA 67 2.11 -55.25 43.23
N TRP EA 68 3.25 -54.71 42.83
CA TRP EA 68 3.48 -54.33 41.45
C TRP EA 68 3.59 -55.50 40.45
N PRO EA 69 4.41 -56.54 40.75
CA PRO EA 69 4.61 -57.57 39.73
C PRO EA 69 3.33 -58.25 39.28
N SER EA 70 2.26 -58.11 40.08
CA SER EA 70 0.94 -58.52 39.64
C SER EA 70 0.58 -57.78 38.36
N VAL EA 71 0.83 -56.47 38.38
CA VAL EA 71 0.38 -55.58 37.33
C VAL EA 71 1.23 -55.73 36.07
N TYR EA 72 2.52 -55.89 36.26
CA TYR EA 72 3.49 -55.86 35.16
C TYR EA 72 4.40 -57.07 35.15
N PRO EA 73 3.86 -58.26 34.87
CA PRO EA 73 4.64 -59.48 35.08
C PRO EA 73 5.80 -59.65 34.11
N VAL EA 74 5.60 -59.31 32.83
CA VAL EA 74 6.60 -59.59 31.81
C VAL EA 74 6.96 -58.33 31.03
N ALA EA 75 7.75 -58.51 29.98
CA ALA EA 75 8.21 -57.40 29.15
C ALA EA 75 7.04 -56.67 28.49
N ALA EA 76 6.99 -55.36 28.68
CA ALA EA 76 5.83 -54.60 28.27
C ALA EA 76 6.16 -53.25 27.66
N PRO EA 77 5.31 -52.80 26.77
CA PRO EA 77 5.33 -51.52 26.05
C PRO EA 77 5.32 -50.25 26.91
N PHE EA 78 5.05 -50.30 28.21
CA PHE EA 78 4.70 -49.09 28.99
C PHE EA 78 3.37 -48.45 28.54
N LYS EA 79 2.27 -49.07 28.94
CA LYS EA 79 0.97 -48.43 28.90
C LYS EA 79 0.90 -47.34 29.98
N PRO EA 80 0.65 -46.10 29.57
CA PRO EA 80 0.51 -44.97 30.51
C PRO EA 80 -0.75 -45.10 31.35
N SER EA 81 -1.71 -45.84 30.81
CA SER EA 81 -2.99 -46.04 31.49
C SER EA 81 -2.86 -46.94 32.71
N ALA EA 82 -2.15 -48.06 32.55
CA ALA EA 82 -2.03 -49.05 33.63
C ALA EA 82 -0.85 -48.78 34.56
N VAL EA 83 -0.13 -47.69 34.32
CA VAL EA 83 0.96 -47.31 35.22
C VAL EA 83 0.54 -46.17 36.14
N PRO EA 84 0.63 -46.41 37.45
CA PRO EA 84 0.18 -45.51 38.52
C PRO EA 84 1.04 -44.25 38.67
N LEU EA 85 2.31 -44.37 38.32
CA LEU EA 85 3.32 -43.34 38.60
C LEU EA 85 3.30 -42.22 37.57
N PRO EA 86 2.94 -40.99 37.99
CA PRO EA 86 3.02 -39.85 37.08
C PRO EA 86 4.46 -39.50 36.74
N VAL EA 87 4.74 -39.35 35.46
CA VAL EA 87 6.09 -39.13 34.99
C VAL EA 87 6.07 -38.19 33.80
N ARG EA 88 6.97 -37.23 33.78
CA ARG EA 88 7.07 -36.30 32.66
C ARG EA 88 8.42 -36.42 31.99
N MET EA 89 8.37 -36.78 30.72
CA MET EA 89 9.57 -36.77 29.91
C MET EA 89 9.37 -35.90 28.68
N GLY EA 90 10.43 -35.78 27.90
CA GLY EA 90 10.46 -34.83 26.80
C GLY EA 90 11.27 -33.61 27.18
N TYR EA 91 11.84 -32.97 26.18
CA TYR EA 91 12.49 -31.71 26.43
C TYR EA 91 11.39 -30.67 26.51
N PRO EA 92 11.47 -29.78 27.52
CA PRO EA 92 10.43 -28.80 27.82
C PRO EA 92 10.34 -27.70 26.79
N VAL EA 93 9.17 -27.08 26.64
CA VAL EA 93 9.09 -25.81 25.92
C VAL EA 93 9.50 -24.74 26.93
N LYS EA 94 9.48 -23.47 26.52
CA LYS EA 94 9.89 -22.40 27.44
C LYS EA 94 8.81 -22.09 28.48
N ARG EA 95 7.66 -22.75 28.33
CA ARG EA 95 6.73 -22.91 29.43
C ARG EA 95 7.51 -23.44 30.61
N GLY EA 96 8.26 -24.50 30.34
CA GLY EA 96 9.02 -25.21 31.35
C GLY EA 96 8.38 -26.54 31.76
N VAL EA 97 7.44 -27.02 30.95
CA VAL EA 97 6.75 -28.25 31.29
C VAL EA 97 7.27 -29.44 30.43
N PRO EA 98 7.95 -30.40 31.09
CA PRO EA 98 8.26 -31.68 30.43
C PRO EA 98 6.98 -32.43 30.19
N MET EA 99 6.78 -32.92 28.98
CA MET EA 99 5.45 -33.31 28.54
C MET EA 99 4.88 -34.44 29.40
N ALA EA 100 3.55 -34.58 29.39
CA ALA EA 100 2.88 -35.52 30.30
C ALA EA 100 3.06 -36.99 29.89
N LYS EA 101 2.58 -37.89 30.74
CA LYS EA 101 2.91 -39.29 30.58
C LYS EA 101 1.99 -39.97 29.59
N GLU EA 102 0.95 -39.27 29.18
CA GLU EA 102 0.02 -39.86 28.23
C GLU EA 102 0.39 -39.45 26.81
N GLY EA 103 0.33 -40.42 25.90
CA GLY EA 103 0.67 -40.21 24.51
C GLY EA 103 2.06 -39.66 24.32
N ASN EA 104 2.97 -40.01 25.23
CA ASN EA 104 4.34 -39.52 25.17
C ASN EA 104 5.18 -40.51 24.40
N LEU EA 105 5.54 -40.14 23.17
CA LEU EA 105 6.13 -41.10 22.24
C LEU EA 105 7.44 -41.56 22.81
N GLU EA 106 8.13 -40.62 23.44
CA GLU EA 106 9.50 -40.87 23.75
C GLU EA 106 9.69 -41.62 25.08
N LEU EA 107 8.61 -41.76 25.86
CA LEU EA 107 8.63 -42.71 26.98
C LEU EA 107 8.25 -44.10 26.50
N LEU EA 108 7.53 -44.13 25.38
CA LEU EA 108 7.13 -45.37 24.75
C LEU EA 108 8.32 -46.01 24.02
N LYS EA 109 9.31 -45.19 23.68
CA LYS EA 109 10.57 -45.71 23.13
C LYS EA 109 11.48 -46.35 24.17
N ILE EA 110 11.43 -45.83 25.39
CA ILE EA 110 12.34 -46.26 26.45
C ILE EA 110 12.06 -47.69 26.90
N PRO EA 111 13.05 -48.60 26.78
CA PRO EA 111 12.90 -49.93 27.37
C PRO EA 111 12.68 -49.78 28.86
N ASN EA 112 11.64 -50.40 29.40
CA ASN EA 112 11.31 -50.23 30.81
C ASN EA 112 11.65 -51.47 31.60
N PHE EA 113 12.28 -51.26 32.76
CA PHE EA 113 12.72 -52.33 33.63
C PHE EA 113 11.63 -52.67 34.64
N LEU EA 114 10.42 -52.17 34.38
CA LEU EA 114 9.24 -52.38 35.21
C LEU EA 114 9.00 -53.82 35.66
N HIS EA 115 9.01 -54.77 34.73
CA HIS EA 115 8.84 -56.18 35.09
C HIS EA 115 9.94 -56.66 36.03
N LEU EA 116 11.06 -55.96 35.98
CA LEU EA 116 12.28 -56.25 36.73
C LEU EA 116 12.51 -55.47 38.04
N THR EA 117 11.50 -54.74 38.51
CA THR EA 117 11.52 -54.09 39.84
C THR EA 117 11.92 -55.02 40.99
N PRO EA 118 12.90 -54.62 41.83
CA PRO EA 118 13.63 -55.52 42.73
C PRO EA 118 12.79 -56.54 43.49
N VAL EA 119 11.59 -56.17 43.93
CA VAL EA 119 10.69 -57.12 44.58
C VAL EA 119 10.51 -58.37 43.72
N ALA EA 120 10.12 -58.13 42.47
CA ALA EA 120 9.95 -59.17 41.48
C ALA EA 120 11.20 -60.05 41.33
N ILE EA 121 12.37 -59.42 41.35
CA ILE EA 121 13.61 -60.18 41.27
C ILE EA 121 13.74 -61.11 42.46
N LYS EA 122 13.53 -60.58 43.67
CA LYS EA 122 13.67 -61.40 44.89
C LYS EA 122 12.79 -62.64 44.80
N ARG EA 123 11.52 -62.41 44.51
CA ARG EA 123 10.57 -63.50 44.32
C ARG EA 123 11.05 -64.52 43.29
N HIS EA 124 11.41 -64.00 42.13
CA HIS EA 124 11.90 -64.81 41.03
C HIS EA 124 13.04 -65.73 41.45
N CYS EA 125 14.05 -65.13 42.05
CA CYS EA 125 15.25 -65.86 42.42
C CYS EA 125 14.95 -66.90 43.50
N GLU EA 126 14.01 -66.60 44.39
CA GLU EA 126 13.60 -67.61 45.38
C GLU EA 126 12.88 -68.77 44.70
N ALA EA 127 12.18 -68.49 43.61
CA ALA EA 127 11.52 -69.55 42.84
C ALA EA 127 12.55 -70.36 42.06
N LEU EA 128 13.68 -69.73 41.72
CA LEU EA 128 14.73 -70.38 40.95
C LEU EA 128 15.74 -71.16 41.79
N LYS EA 129 15.74 -70.89 43.08
CA LYS EA 129 16.64 -71.55 44.02
C LYS EA 129 16.56 -73.07 43.93
N ASP EA 130 15.39 -73.56 43.54
CA ASP EA 130 15.10 -74.99 43.48
C ASP EA 130 15.92 -75.65 42.37
N PHE EA 131 16.16 -74.90 41.30
CA PHE EA 131 16.87 -75.41 40.14
C PHE EA 131 18.37 -75.46 40.33
N CYS EA 132 18.92 -74.45 41.00
CA CYS EA 132 20.37 -74.31 41.14
C CYS EA 132 20.96 -75.43 42.00
N THR EA 133 22.12 -75.94 41.60
CA THR EA 133 22.76 -77.01 42.35
C THR EA 133 24.07 -76.54 42.96
N GLU EA 134 24.44 -77.16 44.07
CA GLU EA 134 25.53 -76.69 44.93
C GLU EA 134 26.90 -76.74 44.27
N TRP EA 135 27.78 -75.86 44.72
CA TRP EA 135 29.17 -75.87 44.27
C TRP EA 135 30.01 -76.64 45.30
N PRO EA 136 30.83 -77.59 44.83
CA PRO EA 136 31.75 -78.39 45.67
C PRO EA 136 32.64 -77.54 46.58
N ALA EA 137 32.78 -77.99 47.82
CA ALA EA 137 33.41 -77.18 48.85
C ALA EA 137 34.87 -76.87 48.53
N ALA EA 138 35.69 -77.90 48.35
CA ALA EA 138 37.14 -77.73 48.24
C ALA EA 138 37.58 -76.77 47.14
N LEU EA 139 36.74 -76.57 46.13
CA LEU EA 139 37.16 -75.88 44.92
C LEU EA 139 37.41 -74.37 45.10
N ASP EA 140 37.19 -73.87 46.31
CA ASP EA 140 37.33 -72.45 46.62
C ASP EA 140 38.65 -71.80 46.17
N SER EA 141 39.72 -72.58 46.11
CA SER EA 141 41.02 -72.03 45.72
C SER EA 141 41.51 -72.62 44.40
N ASP EA 142 42.13 -71.77 43.58
CA ASP EA 142 42.59 -72.15 42.25
C ASP EA 142 43.62 -73.27 42.28
N GLU EA 143 44.42 -73.31 43.34
CA GLU EA 143 45.40 -74.37 43.52
C GLU EA 143 44.72 -75.73 43.43
N LYS EA 144 43.61 -75.87 44.15
CA LYS EA 144 42.87 -77.13 44.20
C LYS EA 144 42.19 -77.42 42.85
N CYS EA 145 41.76 -76.39 42.13
CA CYS EA 145 41.20 -76.56 40.79
C CYS EA 145 42.24 -77.20 39.87
N GLU EA 146 43.41 -76.57 39.81
CA GLU EA 146 44.51 -77.00 38.95
C GLU EA 146 44.99 -78.41 39.30
N LYS EA 147 45.22 -78.65 40.59
CA LYS EA 147 45.66 -79.96 41.07
C LYS EA 147 44.62 -81.05 40.78
N HIS EA 148 43.35 -80.66 40.76
CA HIS EA 148 42.28 -81.61 40.45
C HIS EA 148 41.90 -81.57 38.97
N PHE EA 149 41.45 -80.41 38.50
CA PHE EA 149 41.10 -80.25 37.10
C PHE EA 149 42.13 -79.36 36.37
N PRO EA 150 43.00 -79.99 35.57
CA PRO EA 150 44.03 -79.32 34.75
C PRO EA 150 43.51 -78.57 33.51
N ILE EA 151 42.42 -79.04 32.91
CA ILE EA 151 42.03 -78.52 31.59
C ILE EA 151 40.87 -77.54 31.63
N GLU EA 152 41.05 -76.40 30.95
CA GLU EA 152 39.96 -75.44 30.75
C GLU EA 152 39.47 -75.56 29.32
N ILE EA 153 38.16 -75.67 29.14
CA ILE EA 153 37.60 -75.64 27.80
C ILE EA 153 36.76 -74.38 27.61
N ASP EA 154 37.28 -73.43 26.83
CA ASP EA 154 36.61 -72.15 26.64
C ASP EA 154 35.63 -72.25 25.48
N THR EA 155 34.40 -71.88 25.77
CA THR EA 155 33.29 -72.04 24.83
C THR EA 155 32.41 -70.79 24.86
N ALA EA 156 32.14 -70.22 23.70
CA ALA EA 156 31.41 -68.96 23.64
C ALA EA 156 30.01 -69.12 23.04
N ASP EA 157 29.07 -68.29 23.49
CA ASP EA 157 27.72 -68.27 22.92
C ASP EA 157 27.10 -66.86 22.90
N TYR EA 158 26.42 -66.55 21.80
CA TYR EA 158 25.96 -65.18 21.53
C TYR EA 158 24.43 -65.07 21.35
N VAL EA 159 23.88 -63.97 21.83
CA VAL EA 159 22.46 -63.69 21.60
C VAL EA 159 22.28 -62.32 20.98
N SER EA 160 21.62 -62.31 19.83
CA SER EA 160 21.22 -61.08 19.16
C SER EA 160 19.82 -61.25 18.64
N ALA EA 161 19.01 -60.20 18.72
CA ALA EA 161 17.63 -60.32 18.32
C ALA EA 161 17.45 -60.33 16.81
N GLY EA 162 16.74 -61.35 16.33
CA GLY EA 162 16.32 -61.46 14.95
C GLY EA 162 15.88 -62.88 14.67
N PRO EA 163 15.14 -63.09 13.57
CA PRO EA 163 14.61 -64.39 13.17
C PRO EA 163 15.56 -65.59 13.24
N SER EA 164 16.82 -65.41 12.88
CA SER EA 164 17.77 -66.51 12.93
C SER EA 164 18.55 -66.52 14.25
N ILE EA 165 18.74 -67.72 14.79
CA ILE EA 165 19.62 -67.89 15.94
C ILE EA 165 20.99 -68.35 15.49
N ARG EA 166 21.20 -68.39 14.19
CA ARG EA 166 22.49 -68.82 13.69
C ARG EA 166 23.52 -67.72 13.84
N ASN EA 167 24.53 -67.97 14.66
CA ASN EA 167 25.74 -67.14 14.70
C ASN EA 167 26.98 -67.99 14.37
N PRO EA 168 27.68 -67.67 13.28
CA PRO EA 168 28.86 -68.45 12.89
C PRO EA 168 29.95 -68.50 13.96
N LYS EA 169 30.12 -67.42 14.71
CA LYS EA 169 31.21 -67.30 15.66
C LYS EA 169 31.20 -68.33 16.79
N ALA EA 170 30.08 -69.02 16.97
CA ALA EA 170 29.88 -69.87 18.13
C ALA EA 170 30.70 -71.15 18.10
N ARG EA 171 30.98 -71.65 16.89
CA ARG EA 171 31.68 -72.91 16.68
C ARG EA 171 32.93 -73.05 17.54
N VAL EA 172 33.69 -71.98 17.60
CA VAL EA 172 35.06 -72.00 18.07
C VAL EA 172 35.23 -72.53 19.48
N VAL EA 173 36.19 -73.45 19.64
CA VAL EA 173 36.51 -74.03 20.95
C VAL EA 173 37.96 -73.81 21.33
N THR EA 174 38.23 -73.53 22.59
CA THR EA 174 39.61 -73.41 23.06
C THR EA 174 39.95 -74.42 24.16
N LEU EA 175 41.19 -74.94 24.11
CA LEU EA 175 41.75 -75.73 25.20
C LEU EA 175 42.89 -74.98 25.82
N ARG EA 176 42.81 -74.73 27.12
CA ARG EA 176 43.99 -74.34 27.88
C ARG EA 176 44.41 -75.52 28.75
N VAL EA 177 45.67 -75.94 28.64
CA VAL EA 177 46.20 -77.03 29.45
C VAL EA 177 47.62 -76.74 29.95
N LYS EA 178 47.83 -76.84 31.25
CA LYS EA 178 49.16 -76.55 31.81
C LYS EA 178 50.07 -77.76 31.68
N LEU EA 179 51.20 -77.58 30.99
CA LEU EA 179 52.13 -78.68 30.73
C LEU EA 179 52.71 -79.28 32.01
N SER EA 180 52.87 -78.43 33.02
CA SER EA 180 53.43 -78.85 34.29
C SER EA 180 52.58 -79.91 35.01
N SER EA 181 51.31 -80.00 34.60
CA SER EA 181 50.37 -80.95 35.17
C SER EA 181 50.40 -82.26 34.41
N LEU EA 182 51.34 -82.38 33.49
CA LEU EA 182 51.36 -83.50 32.58
C LEU EA 182 52.45 -84.53 32.92
N ASN EA 183 52.19 -85.78 32.56
CA ASN EA 183 52.96 -86.95 32.99
C ASN EA 183 54.22 -87.15 32.16
N LEU EA 184 54.52 -86.14 31.34
CA LEU EA 184 55.61 -86.16 30.38
C LEU EA 184 57.00 -86.60 30.84
N ASP EA 185 57.64 -87.37 29.97
CA ASP EA 185 59.08 -87.61 29.98
C ASP EA 185 59.81 -86.31 29.66
N ASP EA 186 61.10 -86.24 30.00
CA ASP EA 186 61.94 -85.12 29.57
C ASP EA 186 61.91 -84.99 28.04
N HIS EA 187 62.33 -86.07 27.38
CA HIS EA 187 62.30 -86.18 25.94
C HIS EA 187 60.92 -85.87 25.36
N ALA EA 188 59.87 -86.42 25.98
CA ALA EA 188 58.50 -86.23 25.51
C ALA EA 188 58.07 -84.76 25.58
N LYS EA 189 58.40 -84.09 26.69
CA LYS EA 189 58.08 -82.67 26.87
C LYS EA 189 58.75 -81.83 25.80
N LYS EA 190 60.06 -81.99 25.67
CA LYS EA 190 60.79 -81.16 24.71
C LYS EA 190 60.30 -81.40 23.27
N LYS EA 191 60.11 -82.66 22.91
CA LYS EA 191 59.57 -82.98 21.58
C LYS EA 191 58.19 -82.38 21.35
N LEU EA 192 57.33 -82.41 22.36
CA LEU EA 192 56.01 -81.79 22.24
C LEU EA 192 56.10 -80.27 22.08
N ILE EA 193 57.03 -79.62 22.77
CA ILE EA 193 57.23 -78.17 22.61
C ILE EA 193 57.57 -77.85 21.17
N LYS EA 194 58.64 -78.46 20.67
CA LYS EA 194 59.04 -78.23 19.29
C LYS EA 194 57.90 -78.58 18.34
N LEU EA 195 57.17 -79.62 18.69
CA LEU EA 195 56.09 -80.11 17.85
C LEU EA 195 54.99 -79.08 17.70
N VAL EA 196 54.50 -78.57 18.82
CA VAL EA 196 53.34 -77.69 18.86
C VAL EA 196 53.66 -76.27 18.41
N GLY EA 197 54.81 -75.75 18.84
CA GLY EA 197 55.20 -74.40 18.47
C GLY EA 197 54.43 -73.30 19.17
N ASP EA 198 53.96 -72.32 18.40
CA ASP EA 198 53.39 -71.08 18.94
C ASP EA 198 52.26 -71.27 19.95
N ARG EA 199 51.49 -72.35 19.80
CA ARG EA 199 50.37 -72.63 20.69
C ARG EA 199 50.84 -72.87 22.12
N TYR EA 200 52.14 -73.11 22.27
CA TYR EA 200 52.75 -73.19 23.59
C TYR EA 200 53.31 -71.83 24.02
N CYS EA 201 52.93 -71.41 25.21
CA CYS EA 201 53.52 -70.23 25.84
C CYS EA 201 54.59 -70.70 26.82
N LYS EA 202 55.83 -70.31 26.56
CA LYS EA 202 56.96 -70.83 27.32
C LYS EA 202 57.09 -70.17 28.70
N SER EA 203 56.50 -68.99 28.82
CA SER EA 203 56.46 -68.31 30.12
C SER EA 203 55.40 -68.90 31.06
N THR EA 204 54.16 -69.04 30.59
CA THR EA 204 53.05 -69.46 31.45
C THR EA 204 52.70 -70.95 31.37
N ASP EA 205 53.39 -71.70 30.49
CA ASP EA 205 53.16 -73.13 30.29
C ASP EA 205 51.74 -73.47 29.89
N VAL EA 206 51.08 -72.57 29.17
CA VAL EA 206 49.72 -72.83 28.76
C VAL EA 206 49.68 -73.29 27.32
N LEU EA 207 49.43 -74.57 27.13
CA LEU EA 207 49.22 -75.08 25.80
C LEU EA 207 47.80 -74.76 25.40
N THR EA 208 47.66 -74.07 24.28
CA THR EA 208 46.35 -73.68 23.77
C THR EA 208 46.02 -74.42 22.47
N ILE EA 209 44.77 -74.83 22.32
CA ILE EA 209 44.32 -75.29 21.02
C ILE EA 209 43.02 -74.63 20.62
N LYS EA 210 43.03 -73.89 19.53
CA LYS EA 210 41.77 -73.37 19.00
C LYS EA 210 41.30 -74.27 17.90
N THR EA 211 40.01 -74.56 17.91
CA THR EA 211 39.44 -75.36 16.86
C THR EA 211 38.27 -74.62 16.27
N ASP EA 212 38.24 -74.70 14.95
CA ASP EA 212 37.35 -73.96 14.07
C ASP EA 212 36.64 -74.93 13.15
N ARG EA 213 37.44 -75.78 12.52
CA ARG EA 213 37.13 -76.46 11.27
C ARG EA 213 35.74 -77.04 11.10
N CYS EA 214 35.06 -77.39 12.18
CA CYS EA 214 33.85 -78.18 12.04
C CYS EA 214 32.60 -77.38 12.38
N PRO EA 215 31.51 -77.62 11.66
CA PRO EA 215 30.29 -76.83 11.76
C PRO EA 215 29.71 -76.76 13.17
N LEU EA 216 29.84 -77.83 13.95
CA LEU EA 216 29.23 -77.86 15.28
C LEU EA 216 30.23 -77.77 16.43
N LYS EA 217 29.79 -77.17 17.52
CA LYS EA 217 30.62 -76.97 18.71
C LYS EA 217 31.11 -78.28 19.30
N ARG EA 218 30.20 -79.24 19.46
CA ARG EA 218 30.53 -80.56 20.00
C ARG EA 218 31.68 -81.17 19.20
N GLN EA 219 31.59 -81.05 17.88
CA GLN EA 219 32.61 -81.57 16.99
C GLN EA 219 33.97 -80.97 17.29
N ASN EA 220 34.02 -79.65 17.37
CA ASN EA 220 35.27 -78.97 17.68
C ASN EA 220 35.83 -79.41 19.02
N TYR EA 221 34.93 -79.70 19.95
CA TYR EA 221 35.34 -80.22 21.24
C TYR EA 221 36.07 -81.54 21.05
N ASP EA 222 35.37 -82.48 20.40
CA ASP EA 222 35.92 -83.80 20.07
C ASP EA 222 37.30 -83.72 19.41
N TYR EA 223 37.45 -82.79 18.48
CA TYR EA 223 38.69 -82.67 17.70
C TYR EA 223 39.79 -82.08 18.54
N ALA EA 224 39.44 -81.16 19.44
CA ALA EA 224 40.46 -80.54 20.28
C ALA EA 224 40.98 -81.58 21.26
N VAL EA 225 40.06 -82.39 21.76
CA VAL EA 225 40.42 -83.52 22.59
C VAL EA 225 41.32 -84.48 21.81
N TYR EA 226 40.93 -84.75 20.57
CA TYR EA 226 41.70 -85.60 19.67
C TYR EA 226 43.14 -85.12 19.54
N LEU EA 227 43.30 -83.82 19.32
CA LEU EA 227 44.62 -83.19 19.17
C LEU EA 227 45.45 -83.32 20.43
N LEU EA 228 44.82 -83.06 21.57
CA LEU EA 228 45.51 -83.26 22.83
C LEU EA 228 46.04 -84.68 22.96
N THR EA 229 45.12 -85.63 22.81
CA THR EA 229 45.41 -87.07 22.87
C THR EA 229 46.60 -87.40 21.99
N VAL EA 230 46.48 -87.02 20.72
CA VAL EA 230 47.45 -87.32 19.69
C VAL EA 230 48.81 -86.75 20.04
N LEU EA 231 48.85 -85.49 20.42
CA LEU EA 231 50.11 -84.83 20.71
C LEU EA 231 50.80 -85.56 21.85
N TYR EA 232 50.04 -85.94 22.88
CA TYR EA 232 50.65 -86.69 23.97
C TYR EA 232 51.18 -88.05 23.49
N HIS EA 233 50.40 -88.78 22.69
CA HIS EA 233 50.83 -90.10 22.23
C HIS EA 233 52.07 -90.03 21.35
N GLU EA 234 52.16 -88.97 20.57
CA GLU EA 234 53.27 -88.79 19.66
C GLU EA 234 54.52 -88.24 20.33
N SER EA 235 54.37 -87.51 21.44
CA SER EA 235 55.56 -86.91 22.06
C SER EA 235 56.46 -87.96 22.71
N TRP EA 236 55.88 -89.08 23.11
CA TRP EA 236 56.67 -90.15 23.73
C TRP EA 236 57.40 -91.07 22.75
N LYS EA 237 57.06 -90.99 21.47
CA LYS EA 237 57.63 -91.92 20.50
C LYS EA 237 58.93 -91.41 19.89
N THR EA 238 60.03 -92.08 20.21
CA THR EA 238 61.32 -91.77 19.62
C THR EA 238 61.45 -92.49 18.27
N GLU EA 239 62.14 -91.87 17.34
CA GLU EA 239 62.32 -92.44 16.01
C GLU EA 239 63.75 -92.22 15.51
N GLU EA 240 64.03 -92.67 14.29
CA GLU EA 240 65.35 -92.61 13.69
C GLU EA 240 65.92 -91.19 13.53
N TRP EA 241 65.16 -90.36 12.80
CA TRP EA 241 65.59 -89.01 12.47
C TRP EA 241 65.81 -88.19 13.75
N GLU EA 242 65.15 -88.61 14.82
CA GLU EA 242 65.35 -88.00 16.12
C GLU EA 242 66.77 -88.22 16.60
N LYS EA 243 67.27 -89.43 16.35
CA LYS EA 243 68.65 -89.74 16.67
C LYS EA 243 69.59 -89.13 15.62
N LYS EA 244 69.02 -88.64 14.52
CA LYS EA 244 69.81 -87.91 13.53
C LYS EA 244 69.92 -86.40 13.84
N LYS EA 245 69.42 -86.01 15.00
CA LYS EA 245 69.24 -84.61 15.38
C LYS EA 245 70.49 -83.73 15.26
N THR EA 246 70.26 -82.49 14.81
CA THR EA 246 71.28 -81.45 14.75
C THR EA 246 71.51 -80.86 16.15
N GLU EA 247 72.74 -80.50 16.44
CA GLU EA 247 73.10 -79.99 17.75
C GLU EA 247 72.85 -78.48 17.88
N ALA EA 248 72.48 -77.83 16.77
CA ALA EA 248 72.08 -76.42 16.82
C ALA EA 248 70.58 -76.33 17.05
N ASP EA 249 69.94 -77.50 17.06
CA ASP EA 249 68.51 -77.62 17.20
C ASP EA 249 68.05 -77.56 18.67
N MET EA 250 68.99 -77.83 19.57
CA MET EA 250 68.67 -78.06 20.96
C MET EA 250 68.15 -76.82 21.68
N GLU EA 251 67.49 -77.06 22.80
CA GLU EA 251 67.00 -75.99 23.66
C GLU EA 251 67.94 -75.71 24.82
N GLU EA 252 69.02 -76.50 24.90
CA GLU EA 252 70.03 -76.30 25.93
C GLU EA 252 71.40 -76.16 25.30
N TYR EA 253 72.34 -75.62 26.07
CA TYR EA 253 73.74 -75.78 25.69
C TYR EA 253 74.31 -76.87 26.58
N ILE EA 254 74.55 -78.03 25.97
CA ILE EA 254 75.14 -79.14 26.68
C ILE EA 254 76.65 -79.07 26.53
N TRP EA 255 77.36 -79.12 27.66
CA TRP EA 255 78.80 -79.05 27.64
C TRP EA 255 79.44 -80.17 26.82
N GLU EA 256 78.71 -81.28 26.68
CA GLU EA 256 79.22 -82.46 25.99
C GLU EA 256 79.32 -82.23 24.49
N ASN EA 257 80.49 -82.53 23.93
CA ASN EA 257 80.78 -82.31 22.52
C ASN EA 257 80.65 -80.85 22.10
N SER EA 258 80.84 -79.93 23.05
CA SER EA 258 80.75 -78.53 22.71
C SER EA 258 82.00 -78.11 21.98
N THR EA 259 81.98 -76.90 21.45
CA THR EA 259 83.16 -76.34 20.84
C THR EA 259 84.00 -75.72 21.95
N SER EA 260 83.32 -75.29 23.00
CA SER EA 260 84.00 -74.70 24.15
C SER EA 260 84.89 -75.77 24.79
N GLU EA 261 84.42 -77.01 24.71
CA GLU EA 261 85.16 -78.16 25.21
C GLU EA 261 86.44 -78.37 24.41
N LYS EA 262 86.34 -78.35 23.07
CA LYS EA 262 87.53 -78.47 22.23
C LYS EA 262 88.52 -77.34 22.51
N ASN EA 263 88.00 -76.13 22.63
CA ASN EA 263 88.84 -74.94 22.84
C ASN EA 263 89.61 -75.00 24.15
N ILE EA 264 88.94 -75.43 25.22
CA ILE EA 264 89.65 -75.65 26.48
C ILE EA 264 90.66 -76.78 26.36
N LEU EA 265 90.30 -77.83 25.63
CA LEU EA 265 91.20 -78.97 25.44
C LEU EA 265 92.52 -78.51 24.81
N GLU EA 266 92.42 -77.78 23.70
CA GLU EA 266 93.62 -77.21 23.07
C GLU EA 266 94.35 -76.25 24.02
N THR EA 267 93.57 -75.44 24.74
CA THR EA 267 94.14 -74.47 25.69
C THR EA 267 95.06 -75.14 26.71
N LEU EA 268 94.56 -76.22 27.32
CA LEU EA 268 95.33 -76.95 28.32
C LEU EA 268 96.41 -77.82 27.67
N LEU EA 269 96.23 -78.15 26.39
CA LEU EA 269 97.30 -78.77 25.61
C LEU EA 269 98.52 -77.87 25.59
N GLN EA 270 98.31 -76.63 25.16
CA GLN EA 270 99.39 -75.66 25.05
C GLN EA 270 99.90 -75.27 26.45
N ILE EA 271 99.01 -75.28 27.43
CA ILE EA 271 99.38 -75.01 28.81
C ILE EA 271 100.33 -76.08 29.37
N LYS EA 272 100.07 -77.34 29.05
CA LYS EA 272 100.96 -78.43 29.49
C LYS EA 272 102.27 -78.40 28.71
N ALA EA 273 102.19 -78.19 27.40
CA ALA EA 273 103.38 -78.16 26.53
C ALA EA 273 104.33 -77.01 26.90
N ALA EA 274 103.77 -75.93 27.43
CA ALA EA 274 104.56 -74.79 27.88
C ALA EA 274 105.22 -75.05 29.24
N GLU EA 275 104.50 -75.76 30.12
CA GLU EA 275 104.96 -76.00 31.49
C GLU EA 275 105.93 -77.19 31.60
N LYS EA 276 106.18 -77.86 30.48
CA LYS EA 276 107.01 -79.06 30.42
C LYS EA 276 106.47 -80.17 31.33
N ASN EA 277 105.17 -80.12 31.59
CA ASN EA 277 104.47 -81.21 32.28
C ASN EA 277 103.96 -82.21 31.25
N LEU EA 278 104.46 -83.43 31.30
CA LEU EA 278 104.17 -84.41 30.26
C LEU EA 278 102.91 -85.23 30.55
N GLU EA 279 102.17 -84.85 31.60
CA GLU EA 279 100.95 -85.57 31.96
C GLU EA 279 99.80 -85.16 31.03
N LEU EA 280 99.31 -86.13 30.24
CA LEU EA 280 98.25 -85.86 29.28
C LEU EA 280 97.12 -86.88 29.41
N SER EA 281 95.97 -86.41 29.89
CA SER EA 281 94.74 -87.22 29.87
C SER EA 281 93.56 -86.28 29.68
N LYS EA 282 92.61 -86.64 28.81
CA LYS EA 282 91.37 -85.89 28.76
C LYS EA 282 90.59 -86.14 30.04
N GLU EA 283 90.85 -87.30 30.66
CA GLU EA 283 90.26 -87.64 31.94
C GLU EA 283 90.75 -86.68 33.04
N GLU EA 284 92.08 -86.57 33.13
CA GLU EA 284 92.75 -85.70 34.10
C GLU EA 284 92.28 -84.24 33.95
N LEU EA 285 92.29 -83.75 32.71
CA LEU EA 285 91.84 -82.39 32.40
C LEU EA 285 90.37 -82.17 32.73
N LEU EA 286 89.49 -82.98 32.12
CA LEU EA 286 88.04 -82.80 32.27
C LEU EA 286 87.57 -83.02 33.72
N GLY EA 287 88.36 -83.72 34.52
CA GLY EA 287 87.99 -83.97 35.90
C GLY EA 287 88.11 -82.77 36.84
N THR EA 288 89.10 -81.92 36.60
CA THR EA 288 89.50 -80.88 37.55
C THR EA 288 88.37 -79.90 37.91
N LYS EA 289 88.43 -79.38 39.14
CA LYS EA 289 87.50 -78.36 39.63
C LYS EA 289 87.38 -77.16 38.68
N GLU EA 290 88.49 -76.82 38.00
CA GLU EA 290 88.53 -75.65 37.11
C GLU EA 290 87.64 -75.81 35.89
N VAL EA 291 87.85 -76.91 35.18
CA VAL EA 291 87.05 -77.26 34.02
C VAL EA 291 85.57 -77.35 34.40
N GLU EA 292 85.31 -77.64 35.66
CA GLU EA 292 83.96 -77.68 36.21
C GLU EA 292 83.36 -76.28 36.42
N ASP EA 293 84.16 -75.38 36.99
CA ASP EA 293 83.79 -73.96 37.09
C ASP EA 293 83.39 -73.42 35.71
N TYR EA 294 84.18 -73.79 34.70
CA TYR EA 294 83.89 -73.40 33.33
C TYR EA 294 82.62 -74.10 32.78
N ARG EA 295 82.40 -75.38 33.12
CA ARG EA 295 81.17 -76.08 32.74
C ARG EA 295 79.96 -75.27 33.17
N LYS EA 296 79.90 -75.01 34.48
CA LYS EA 296 78.81 -74.29 35.08
C LYS EA 296 78.66 -72.88 34.52
N SER EA 297 79.79 -72.17 34.41
CA SER EA 297 79.77 -70.78 33.94
C SER EA 297 79.28 -70.63 32.50
N VAL EA 298 79.73 -71.50 31.60
CA VAL EA 298 79.34 -71.39 30.19
C VAL EA 298 77.95 -71.98 29.94
N VAL EA 299 77.59 -73.04 30.65
CA VAL EA 299 76.22 -73.55 30.58
C VAL EA 299 75.25 -72.45 31.01
N SER EA 300 75.57 -71.80 32.13
CA SER EA 300 74.75 -70.69 32.63
C SER EA 300 74.80 -69.47 31.69
N LEU EA 301 75.91 -69.28 30.98
CA LEU EA 301 76.04 -68.11 30.10
C LEU EA 301 75.24 -68.30 28.80
N LYS EA 302 75.20 -69.52 28.29
CA LYS EA 302 74.40 -69.78 27.11
C LYS EA 302 72.91 -69.82 27.46
N ASN EA 303 72.57 -70.59 28.50
CA ASN EA 303 71.16 -70.80 28.83
C ASN EA 303 70.50 -69.61 29.51
N GLU EA 304 71.15 -69.03 30.52
CA GLU EA 304 70.59 -67.87 31.20
C GLU EA 304 70.77 -66.62 30.35
N GLY EA 305 71.88 -66.56 29.62
CA GLY EA 305 72.18 -65.41 28.79
C GLY EA 305 73.16 -64.45 29.45
N ASP EA 306 73.22 -63.24 28.91
CA ASP EA 306 74.16 -62.21 29.37
C ASP EA 306 73.71 -61.61 30.71
N ASN EA 307 74.61 -61.64 31.69
CA ASN EA 307 74.30 -61.14 33.02
C ASN EA 307 75.58 -60.72 33.73
N GLU EA 308 75.44 -59.93 34.80
CA GLU EA 308 76.60 -59.48 35.57
C GLU EA 308 77.24 -60.63 36.34
N ASN EA 309 76.40 -61.31 37.11
CA ASN EA 309 76.78 -62.53 37.82
C ASN EA 309 77.49 -63.50 36.90
N THR EA 310 76.80 -63.87 35.83
CA THR EA 310 77.31 -64.83 34.86
C THR EA 310 78.72 -64.49 34.34
N LEU EA 311 78.99 -63.21 34.11
CA LEU EA 311 80.31 -62.80 33.63
C LEU EA 311 81.31 -62.65 34.77
N SER EA 312 80.81 -62.63 36.01
CA SER EA 312 81.70 -62.70 37.17
C SER EA 312 82.17 -64.14 37.38
N GLN EA 313 81.29 -65.08 37.07
CA GLN EA 313 81.61 -66.51 37.08
C GLN EA 313 82.57 -66.86 35.94
N TYR EA 314 82.29 -66.31 34.77
CA TYR EA 314 83.20 -66.43 33.63
C TYR EA 314 84.57 -65.82 34.01
N LYS EA 315 84.51 -64.67 34.67
CA LYS EA 315 85.70 -63.95 35.15
C LYS EA 315 86.57 -64.83 36.04
N GLU EA 316 85.96 -65.38 37.08
CA GLU EA 316 86.67 -66.22 38.03
C GLU EA 316 87.18 -67.53 37.40
N SER EA 317 86.32 -68.20 36.62
CA SER EA 317 86.69 -69.49 36.02
C SER EA 317 87.86 -69.35 35.06
N VAL EA 318 87.82 -68.35 34.18
CA VAL EA 318 88.93 -68.10 33.27
C VAL EA 318 90.15 -67.58 34.04
N LYS EA 319 89.91 -66.85 35.13
CA LYS EA 319 90.99 -66.37 36.01
C LYS EA 319 91.83 -67.54 36.52
N ARG EA 320 91.19 -68.48 37.21
CA ARG EA 320 91.89 -69.64 37.73
C ARG EA 320 92.44 -70.52 36.62
N LEU EA 321 91.68 -70.63 35.54
CA LEU EA 321 92.08 -71.45 34.40
C LEU EA 321 93.41 -71.01 33.77
N LEU EA 322 93.55 -69.71 33.52
CA LEU EA 322 94.72 -69.18 32.83
C LEU EA 322 95.84 -68.66 33.78
N ASN EA 323 95.65 -68.87 35.08
CA ASN EA 323 96.64 -68.55 36.13
C ASN EA 323 96.67 -67.08 36.54
N LEU EA 324 95.82 -66.27 35.92
CA LEU EA 324 95.65 -64.87 36.34
C LEU EA 324 94.81 -64.78 37.61
N ALA EA 325 95.34 -64.12 38.64
CA ALA EA 325 94.66 -63.99 39.92
C ALA EA 325 93.89 -62.68 40.04
N ALA FA 2 28.78 37.59 21.54
CA ALA FA 2 27.42 37.85 21.07
C ALA FA 2 27.13 37.12 19.75
N THR FA 3 25.86 36.79 19.55
CA THR FA 3 25.41 36.05 18.38
C THR FA 3 25.01 36.99 17.25
N PRO FA 4 25.52 36.74 16.03
CA PRO FA 4 25.21 37.53 14.83
C PRO FA 4 23.70 37.70 14.57
N SER FA 5 23.26 38.94 14.32
CA SER FA 5 21.83 39.22 14.19
C SER FA 5 21.18 38.47 13.04
N LEU FA 6 20.09 37.81 13.37
CA LEU FA 6 19.38 37.05 12.38
C LEU FA 6 18.21 37.85 11.81
N ARG FA 7 18.00 39.06 12.33
CA ARG FA 7 16.88 39.89 11.90
C ARG FA 7 17.05 40.39 10.48
N GLY FA 8 16.07 40.11 9.62
CA GLY FA 8 16.10 40.56 8.23
C GLY FA 8 16.99 39.74 7.31
N ARG FA 9 17.74 38.81 7.87
CA ARG FA 9 18.68 38.03 7.10
C ARG FA 9 18.00 37.07 6.14
N LEU FA 10 17.07 36.28 6.66
CA LEU FA 10 16.49 35.20 5.89
C LEU FA 10 15.38 35.63 4.93
N ALA FA 11 15.33 34.97 3.77
CA ALA FA 11 14.30 35.28 2.78
C ALA FA 11 12.96 34.79 3.28
N ARG FA 12 12.02 35.72 3.41
CA ARG FA 12 10.75 35.42 4.04
C ARG FA 12 9.70 36.29 3.39
N LEU FA 13 8.42 35.97 3.62
CA LEU FA 13 7.37 36.72 2.94
C LEU FA 13 7.27 38.16 3.43
N GLY FA 14 7.41 38.34 4.74
CA GLY FA 14 7.31 39.66 5.34
C GLY FA 14 8.43 40.59 4.89
N ASN FA 15 9.64 40.07 4.93
CA ASN FA 15 10.86 40.88 4.78
C ASN FA 15 10.94 41.74 3.51
N PRO FA 16 11.01 43.08 3.71
CA PRO FA 16 11.13 44.13 2.68
C PRO FA 16 12.52 44.21 2.10
N ARG FA 17 13.48 43.73 2.86
CA ARG FA 17 14.88 43.70 2.49
C ARG FA 17 15.11 42.60 1.44
N ARG FA 18 16.36 42.39 1.03
CA ARG FA 18 16.67 41.22 0.21
C ARG FA 18 17.61 40.31 1.02
N PRO FA 19 17.62 38.99 0.74
CA PRO FA 19 18.28 37.99 1.58
C PRO FA 19 19.76 38.20 1.88
N ILE FA 20 20.19 37.71 3.03
CA ILE FA 20 21.60 37.76 3.44
C ILE FA 20 22.14 36.34 3.53
N LEU FA 21 21.57 35.57 4.45
CA LEU FA 21 21.94 34.19 4.62
C LEU FA 21 21.02 33.30 3.80
N LYS FA 22 21.60 32.39 3.05
CA LYS FA 22 20.85 31.30 2.51
C LYS FA 22 21.43 30.07 3.19
N PRO FA 23 20.70 29.54 4.15
CA PRO FA 23 21.12 28.35 4.88
C PRO FA 23 20.99 27.13 4.03
N ASN FA 24 21.92 26.21 4.15
CA ASN FA 24 21.72 24.98 3.46
C ASN FA 24 20.76 24.10 4.24
N LYS FA 25 20.96 24.03 5.55
CA LYS FA 25 20.08 23.29 6.46
C LYS FA 25 19.45 24.27 7.44
N PRO FA 26 18.17 24.05 7.79
CA PRO FA 26 17.40 25.01 8.58
C PRO FA 26 18.12 25.42 9.85
N LEU FA 27 17.92 26.66 10.29
CA LEU FA 27 18.67 27.11 11.45
C LEU FA 27 17.85 26.79 12.67
N ILE FA 28 18.25 25.70 13.32
CA ILE FA 28 17.61 25.15 14.51
C ILE FA 28 18.70 24.49 15.31
N LEU FA 29 18.70 24.66 16.61
CA LEU FA 29 19.63 23.87 17.38
C LEU FA 29 19.17 22.42 17.27
N ALA FA 30 20.05 21.54 16.89
CA ALA FA 30 19.74 20.10 16.94
C ALA FA 30 19.83 19.60 18.38
N ASN FA 31 19.19 18.47 18.66
CA ASN FA 31 19.29 17.84 19.97
C ASN FA 31 20.68 17.29 20.24
N HIS FA 32 21.16 16.43 19.33
CA HIS FA 32 22.48 15.83 19.47
C HIS FA 32 23.59 16.84 19.16
N VAL FA 33 24.83 16.45 19.38
CA VAL FA 33 25.96 17.32 19.07
C VAL FA 33 26.92 16.56 18.16
N GLY FA 34 27.69 17.30 17.36
CA GLY FA 34 28.62 16.67 16.45
C GLY FA 34 29.59 15.76 17.17
N GLU FA 35 29.81 14.57 16.62
CA GLU FA 35 30.76 13.63 17.22
C GLU FA 35 32.18 14.16 17.12
N ARG FA 36 33.04 13.71 18.03
CA ARG FA 36 34.42 14.17 18.09
C ARG FA 36 35.14 13.98 16.76
N ARG FA 37 36.01 14.94 16.43
CA ARG FA 37 36.81 14.85 15.22
C ARG FA 37 38.18 14.23 15.52
N ARG FA 38 38.42 13.04 14.98
CA ARG FA 38 39.71 12.40 15.17
C ARG FA 38 40.80 13.15 14.43
N GLU FA 39 41.87 13.48 15.15
CA GLU FA 39 43.00 14.19 14.57
C GLU FA 39 43.93 13.23 13.81
N LYS FA 40 44.56 13.71 12.75
CA LYS FA 40 45.47 12.86 11.98
C LYS FA 40 46.89 13.00 12.50
N GLY FA 41 47.77 12.15 11.96
CA GLY FA 41 49.17 12.18 12.35
C GLY FA 41 50.07 12.90 11.38
N GLU FA 42 51.25 13.29 11.85
CA GLU FA 42 52.33 13.72 10.97
C GLU FA 42 53.38 12.62 10.94
N ALA FA 43 54.43 12.83 10.16
CA ALA FA 43 55.58 11.93 10.21
C ALA FA 43 56.28 12.10 11.54
N THR FA 44 56.44 11.01 12.26
CA THR FA 44 57.04 11.09 13.58
C THR FA 44 58.55 10.95 13.46
N CYS FA 45 59.27 11.68 14.32
CA CYS FA 45 60.72 11.52 14.53
C CYS FA 45 61.62 12.17 13.50
N ILE FA 46 61.04 12.82 12.50
CA ILE FA 46 61.77 13.21 11.29
C ILE FA 46 63.14 13.86 11.56
N THR FA 47 63.22 14.67 12.62
CA THR FA 47 64.47 15.34 12.96
C THR FA 47 65.66 14.41 13.12
N GLU FA 48 65.53 13.47 14.07
CA GLU FA 48 66.61 12.56 14.40
C GLU FA 48 66.99 11.71 13.19
N MET FA 49 65.97 11.34 12.41
CA MET FA 49 66.19 10.66 11.14
C MET FA 49 67.16 11.45 10.28
N SER FA 50 66.88 12.74 10.08
CA SER FA 50 67.73 13.60 9.24
C SER FA 50 69.16 13.73 9.78
N VAL FA 51 69.28 14.02 11.07
CA VAL FA 51 70.59 14.14 11.71
C VAL FA 51 71.45 12.89 11.52
N MET FA 52 70.83 11.74 11.78
CA MET FA 52 71.52 10.47 11.61
C MET FA 52 71.86 10.18 10.14
N MET FA 53 71.05 10.67 9.22
CA MET FA 53 71.41 10.57 7.81
C MET FA 53 72.71 11.33 7.54
N ALA FA 54 72.73 12.61 7.89
CA ALA FA 54 73.93 13.43 7.72
C ALA FA 54 75.16 12.72 8.29
N CYS FA 55 75.03 12.21 9.52
CA CYS FA 55 76.14 11.49 10.17
C CYS FA 55 76.72 10.38 9.26
N TRP FA 56 75.87 9.50 8.76
CA TRP FA 56 76.36 8.41 7.93
C TRP FA 56 76.92 8.91 6.63
N LYS FA 57 76.40 10.03 6.13
CA LYS FA 57 76.94 10.58 4.90
C LYS FA 57 78.39 10.99 5.09
N GLN FA 58 78.66 11.72 6.17
CA GLN FA 58 80.03 12.17 6.42
C GLN FA 58 80.96 11.03 6.83
N ASN FA 59 80.41 10.03 7.51
CA ASN FA 59 81.22 8.96 8.07
C ASN FA 59 81.35 7.70 7.22
N GLU FA 60 80.88 7.76 5.96
CA GLU FA 60 80.98 6.67 4.99
C GLU FA 60 80.22 5.40 5.45
N PHE FA 61 79.20 5.62 6.27
CA PHE FA 61 78.28 4.55 6.72
C PHE FA 61 78.90 3.52 7.64
N ARG FA 62 79.80 3.93 8.53
CA ARG FA 62 80.21 3.01 9.58
C ARG FA 62 79.41 3.38 10.82
N ASP FA 63 78.58 2.44 11.27
CA ASP FA 63 77.64 2.70 12.35
C ASP FA 63 78.36 2.89 13.68
N GLU FA 64 79.56 2.31 13.76
CA GLU FA 64 80.40 2.38 14.94
C GLU FA 64 80.96 3.79 15.20
N ALA FA 65 81.01 4.60 14.15
CA ALA FA 65 81.59 5.93 14.25
C ALA FA 65 80.69 6.87 15.05
N CYS FA 66 79.37 6.74 14.89
CA CYS FA 66 78.47 7.57 15.70
C CYS FA 66 77.43 6.74 16.43
N ARG FA 67 77.59 6.65 17.74
CA ARG FA 67 76.60 6.02 18.60
C ARG FA 67 75.49 7.01 18.98
N LYS FA 68 75.85 8.28 19.03
CA LYS FA 68 75.00 9.30 19.61
C LYS FA 68 73.71 9.52 18.82
N GLU FA 69 73.86 9.83 17.53
CA GLU FA 69 72.72 10.10 16.65
C GLU FA 69 71.74 8.91 16.64
N ILE FA 70 72.32 7.72 16.70
CA ILE FA 70 71.57 6.46 16.66
C ILE FA 70 70.75 6.22 17.94
N GLN FA 71 71.40 6.32 19.10
CA GLN FA 71 70.70 6.16 20.35
C GLN FA 71 69.62 7.22 20.52
N ASP FA 72 69.89 8.45 20.10
CA ASP FA 72 68.85 9.51 20.14
C ASP FA 72 67.69 9.20 19.20
N PHE FA 73 68.02 8.54 18.09
CA PHE FA 73 67.02 8.09 17.14
C PHE FA 73 66.07 7.09 17.78
N PHE FA 74 66.63 6.11 18.48
CA PHE FA 74 65.78 5.16 19.16
C PHE FA 74 65.02 5.75 20.34
N ASP FA 75 65.63 6.75 20.97
CA ASP FA 75 64.95 7.52 22.02
C ASP FA 75 63.67 8.09 21.45
N CYS FA 76 63.80 8.76 20.32
CA CYS FA 76 62.62 9.24 19.62
C CYS FA 76 61.64 8.12 19.28
N ALA FA 77 62.12 6.96 18.82
CA ALA FA 77 61.20 5.87 18.45
C ALA FA 77 60.36 5.38 19.62
N SER FA 78 60.98 5.29 20.81
CA SER FA 78 60.25 4.87 22.01
C SER FA 78 59.30 5.97 22.52
N ARG FA 79 59.73 7.23 22.44
CA ARG FA 79 58.87 8.37 22.76
C ARG FA 79 57.63 8.37 21.86
N ALA FA 80 57.84 8.00 20.60
CA ALA FA 80 56.78 7.95 19.60
C ALA FA 80 55.80 6.83 19.86
N GLU FA 81 56.31 5.62 20.04
CA GLU FA 81 55.46 4.46 20.31
C GLU FA 81 54.64 4.62 21.61
N ALA FA 82 55.29 5.08 22.69
CA ALA FA 82 54.58 5.31 23.95
C ALA FA 82 53.62 6.50 23.84
N ALA FA 83 53.92 7.45 22.96
CA ALA FA 83 52.99 8.55 22.69
C ALA FA 83 51.73 8.05 22.00
N ARG FA 84 51.89 7.02 21.16
CA ARG FA 84 50.74 6.38 20.51
C ARG FA 84 49.93 5.52 21.48
N LYS FA 85 50.60 4.76 22.34
CA LYS FA 85 49.91 4.00 23.37
C LYS FA 85 49.12 4.92 24.30
N MET FA 86 49.79 5.99 24.74
CA MET FA 86 49.17 6.99 25.62
C MET FA 86 48.02 7.74 24.94
N ARG FA 87 48.14 8.05 23.66
CA ARG FA 87 47.03 8.72 22.96
C ARG FA 87 45.90 7.74 22.64
N SER FA 88 46.20 6.44 22.74
CA SER FA 88 45.16 5.41 22.65
C SER FA 88 44.36 5.29 23.95
N ILE FA 89 45.03 5.24 25.10
CA ILE FA 89 44.32 5.17 26.39
C ILE FA 89 43.77 6.54 26.83
N GLN FA 90 44.17 7.59 26.13
CA GLN FA 90 43.87 8.97 26.53
C GLN FA 90 42.42 9.40 26.34
N GLU FA 91 41.56 8.51 25.86
CA GLU FA 91 40.20 8.90 25.48
C GLU FA 91 39.39 9.62 26.59
N ASN FA 92 39.90 9.59 27.83
CA ASN FA 92 39.39 10.44 28.91
C ASN FA 92 39.76 11.92 28.70
N LEU FA 93 40.56 12.19 27.67
CA LEU FA 93 40.97 13.53 27.31
C LEU FA 93 39.75 14.45 27.17
N GLY FA 94 38.85 14.08 26.27
CA GLY FA 94 37.70 14.93 25.93
C GLY FA 94 38.16 16.23 25.30
N GLU FA 95 37.66 17.35 25.81
CA GLU FA 95 38.16 18.68 25.45
C GLU FA 95 39.15 19.23 26.49
N LEU FA 96 39.33 18.49 27.59
CA LEU FA 96 40.14 18.97 28.71
C LEU FA 96 39.59 20.30 29.26
N GLY FA 97 38.50 20.20 30.01
CA GLY FA 97 37.72 21.35 30.43
C GLY FA 97 36.31 21.45 29.87
N SER FA 98 35.97 20.55 28.93
CA SER FA 98 34.57 20.30 28.56
C SER FA 98 34.30 18.80 28.70
N LEU FA 99 33.12 18.36 28.23
CA LEU FA 99 32.69 16.97 28.42
C LEU FA 99 32.60 16.23 27.10
N PRO FA 100 32.89 14.92 27.11
CA PRO FA 100 32.84 14.07 25.91
C PRO FA 100 31.46 14.10 25.29
N PRO FA 101 31.37 14.01 23.95
CA PRO FA 101 30.11 14.20 23.23
C PRO FA 101 28.96 13.26 23.62
N LYS FA 102 29.23 12.16 24.34
CA LYS FA 102 28.13 11.38 24.92
C LYS FA 102 27.35 12.18 25.95
N LYS FA 103 28.09 12.74 26.90
CA LYS FA 103 27.55 13.56 27.98
C LYS FA 103 26.76 14.75 27.47
N LEU FA 104 27.35 15.47 26.53
CA LEU FA 104 26.66 16.57 25.89
C LEU FA 104 25.33 16.13 25.29
N ASN FA 105 25.28 14.91 24.75
CA ASN FA 105 24.10 14.46 24.01
C ASN FA 105 22.97 13.99 24.91
N LYS FA 106 23.33 13.28 25.97
CA LYS FA 106 22.35 13.01 27.00
C LYS FA 106 21.79 14.33 27.52
N LEU FA 107 22.71 15.17 27.99
CA LEU FA 107 22.36 16.46 28.60
C LEU FA 107 21.46 17.30 27.73
N LEU FA 108 21.69 17.19 26.43
CA LEU FA 108 20.92 17.93 25.45
C LEU FA 108 19.60 17.28 25.16
N HIS FA 109 19.50 15.99 25.45
CA HIS FA 109 18.21 15.34 25.29
C HIS FA 109 17.35 15.62 26.52
N ARG FA 110 18.01 15.98 27.62
CA ARG FA 110 17.29 16.32 28.85
C ARG FA 110 16.65 17.70 28.81
N PHE FA 111 17.20 18.60 28.02
CA PHE FA 111 16.57 19.89 27.85
C PHE FA 111 16.48 20.20 26.39
N PRO FA 112 15.68 19.43 25.68
CA PRO FA 112 15.66 19.48 24.22
C PRO FA 112 15.27 20.85 23.69
N ASN FA 113 15.53 21.05 22.41
CA ASN FA 113 15.03 22.21 21.71
C ASN FA 113 13.68 21.93 21.06
N LYS FA 114 12.81 22.93 21.12
CA LYS FA 114 11.44 22.80 20.64
C LYS FA 114 11.23 23.55 19.33
N PRO FA 115 11.11 22.81 18.22
CA PRO FA 115 10.49 23.42 17.04
C PRO FA 115 8.95 23.49 17.11
N HIS FA 116 8.31 22.38 17.48
CA HIS FA 116 6.86 22.21 17.34
C HIS FA 116 6.01 22.75 18.47
N VAL FA 117 4.74 22.99 18.13
CA VAL FA 117 3.65 23.46 19.03
C VAL FA 117 3.73 24.96 19.25
N LYS GA 128 14.78 15.56 -11.62
CA LYS GA 128 14.05 16.75 -11.18
C LYS GA 128 14.02 17.76 -12.31
N ASN GA 129 13.61 18.99 -11.99
CA ASN GA 129 13.36 20.03 -13.01
C ASN GA 129 14.56 20.21 -13.97
N ILE GA 130 15.74 19.76 -13.53
CA ILE GA 130 16.89 19.69 -14.41
C ILE GA 130 16.53 18.93 -15.64
N LEU GA 131 15.76 17.86 -15.46
CA LEU GA 131 15.36 17.04 -16.59
C LEU GA 131 14.51 17.78 -17.64
N LYS GA 132 13.91 18.90 -17.28
CA LYS GA 132 13.30 19.73 -18.31
C LYS GA 132 14.38 20.55 -18.97
N ILE GA 133 15.21 21.20 -18.16
CA ILE GA 133 16.33 21.99 -18.65
C ILE GA 133 17.26 21.22 -19.56
N ARG GA 134 17.58 19.98 -19.21
CA ARG GA 134 18.37 19.15 -20.11
C ARG GA 134 17.79 19.21 -21.51
N ARG GA 135 16.50 18.90 -21.66
CA ARG GA 135 15.92 18.97 -22.98
C ARG GA 135 16.23 20.30 -23.65
N ARG GA 136 15.87 21.41 -22.99
CA ARG GA 136 16.13 22.73 -23.55
C ARG GA 136 17.58 22.84 -23.93
N LYS GA 137 18.46 22.55 -22.98
CA LYS GA 137 19.89 22.69 -23.21
C LYS GA 137 20.20 21.98 -24.50
N MET GA 138 19.82 20.72 -24.61
CA MET GA 138 20.12 20.00 -25.85
C MET GA 138 19.51 20.67 -27.07
N ASN GA 139 18.21 20.94 -27.03
CA ASN GA 139 17.56 21.51 -28.19
C ASN GA 139 18.24 22.79 -28.63
N HIS GA 140 18.84 23.51 -27.69
CA HIS GA 140 19.47 24.77 -28.06
C HIS GA 140 20.77 24.49 -28.73
N HIS GA 141 21.54 23.63 -28.10
CA HIS GA 141 22.81 23.29 -28.63
C HIS GA 141 22.65 22.75 -30.01
N LYS GA 142 21.81 21.73 -30.15
CA LYS GA 142 21.54 21.13 -31.47
C LYS GA 142 21.05 22.12 -32.52
N TYR GA 143 20.50 23.25 -32.08
CA TYR GA 143 20.06 24.32 -32.98
C TYR GA 143 21.23 25.18 -33.41
N ARG GA 144 22.06 25.58 -32.45
CA ARG GA 144 23.19 26.44 -32.77
C ARG GA 144 24.10 25.76 -33.75
N LYS GA 145 24.46 24.53 -33.45
CA LYS GA 145 25.22 23.73 -34.39
C LYS GA 145 24.59 23.84 -35.78
N LEU GA 146 23.28 23.59 -35.88
CA LEU GA 146 22.61 23.66 -37.16
C LEU GA 146 22.85 25.01 -37.83
N VAL GA 147 22.56 26.08 -37.10
CA VAL GA 147 22.61 27.40 -37.71
C VAL GA 147 24.06 27.75 -38.12
N LYS GA 148 25.04 27.02 -37.61
CA LYS GA 148 26.37 27.25 -38.12
C LYS GA 148 26.56 26.62 -39.48
N ARG GA 149 26.18 25.35 -39.65
CA ARG GA 149 26.37 24.67 -40.93
C ARG GA 149 25.55 25.37 -42.00
N THR GA 150 24.36 25.79 -41.61
CA THR GA 150 23.34 26.21 -42.57
C THR GA 150 23.49 27.71 -42.86
N ARG GA 151 24.50 28.32 -42.26
CA ARG GA 151 24.54 29.77 -42.15
C ARG GA 151 24.21 30.47 -43.44
N PHE GA 152 24.94 30.13 -44.50
CA PHE GA 152 24.81 30.88 -45.72
C PHE GA 152 23.56 30.55 -46.50
N LEU GA 153 23.13 29.29 -46.44
CA LEU GA 153 21.80 29.00 -46.93
C LEU GA 153 20.82 29.98 -46.25
N ARG GA 154 20.87 30.07 -44.92
CA ARG GA 154 20.00 31.00 -44.18
C ARG GA 154 20.11 32.41 -44.72
N ARG GA 155 21.35 32.85 -44.91
CA ARG GA 155 21.60 34.24 -45.27
C ARG GA 155 20.91 34.57 -46.58
N LYS GA 156 20.86 33.60 -47.48
CA LYS GA 156 20.18 33.81 -48.75
C LYS GA 156 18.74 34.12 -48.46
N VAL GA 157 18.10 33.18 -47.79
CA VAL GA 157 16.66 33.16 -47.73
C VAL GA 157 16.16 34.36 -46.93
N ARG GA 158 16.99 34.88 -46.02
CA ARG GA 158 16.66 36.13 -45.34
C ARG GA 158 16.58 37.27 -46.34
N GLU GA 159 17.69 37.51 -47.05
CA GLU GA 159 17.74 38.64 -47.98
C GLU GA 159 16.69 38.45 -49.05
N GLY GA 160 16.52 37.20 -49.49
CA GLY GA 160 15.49 36.84 -50.45
C GLY GA 160 14.12 37.38 -50.06
N ARG GA 161 13.78 37.27 -48.78
CA ARG GA 161 12.48 37.74 -48.34
C ARG GA 161 12.47 39.27 -48.15
N LEU GA 162 13.63 39.85 -47.81
CA LEU GA 162 13.72 41.30 -47.73
C LEU GA 162 13.47 41.96 -49.09
N ARG GA 163 13.83 41.25 -50.15
CA ARG GA 163 13.57 41.75 -51.49
C ARG GA 163 12.15 41.50 -51.88
N GLN GA 164 11.47 40.60 -51.19
CA GLN GA 164 10.05 40.51 -51.40
C GLN GA 164 9.33 41.60 -50.62
N LYS GA 165 9.73 41.76 -49.35
CA LYS GA 165 9.19 42.78 -48.46
C LYS GA 165 9.16 44.14 -49.15
N GLN GA 166 10.34 44.66 -49.46
CA GLN GA 166 10.50 45.94 -50.14
C GLN GA 166 9.63 46.04 -51.38
N VAL GA 167 9.46 44.92 -52.06
CA VAL GA 167 8.63 44.92 -53.26
C VAL GA 167 7.16 45.03 -52.87
N LYS GA 168 6.70 44.18 -51.95
CA LYS GA 168 5.30 44.22 -51.54
C LYS GA 168 4.97 45.60 -51.02
N PHE GA 169 5.86 46.13 -50.20
CA PHE GA 169 5.80 47.50 -49.73
C PHE GA 169 5.56 48.45 -50.87
N GLU GA 170 6.42 48.38 -51.88
CA GLU GA 170 6.25 49.22 -53.05
C GLU GA 170 4.86 49.08 -53.64
N ARG GA 171 4.45 47.84 -53.89
CA ARG GA 171 3.16 47.62 -54.53
C ARG GA 171 2.06 48.23 -53.68
N ASP GA 172 2.23 48.14 -52.37
CA ASP GA 172 1.28 48.69 -51.42
C ASP GA 172 0.99 50.16 -51.75
N LEU GA 173 2.05 50.91 -52.00
CA LEU GA 173 1.89 52.30 -52.32
C LEU GA 173 1.42 52.51 -53.75
N LYS GA 174 1.90 51.67 -54.67
CA LYS GA 174 1.55 51.81 -56.09
C LYS GA 174 0.05 51.72 -56.19
N ARG GA 175 -0.48 50.71 -55.49
CA ARG GA 175 -1.90 50.47 -55.38
C ARG GA 175 -2.66 51.76 -55.10
N ILE GA 176 -2.09 52.59 -54.24
CA ILE GA 176 -2.75 53.81 -53.84
C ILE GA 176 -2.86 54.84 -54.97
N TRP GA 177 -1.78 55.09 -55.71
CA TRP GA 177 -1.88 56.03 -56.84
C TRP GA 177 -3.00 55.59 -57.72
N GLN GA 178 -2.90 54.35 -58.15
CA GLN GA 178 -3.85 53.76 -59.05
C GLN GA 178 -5.26 53.72 -58.44
N LYS GA 179 -5.34 53.64 -57.11
CA LYS GA 179 -6.65 53.68 -56.48
C LYS GA 179 -7.16 55.12 -56.32
N ALA GA 180 -6.25 56.06 -56.12
CA ALA GA 180 -6.64 57.45 -55.91
C ALA GA 180 -6.77 58.20 -57.24
N GLY GA 181 -6.56 57.49 -58.34
CA GLY GA 181 -6.78 58.04 -59.66
C GLY GA 181 -5.59 58.71 -60.33
N LEU GA 182 -4.55 59.01 -59.57
CA LEU GA 182 -3.34 59.60 -60.14
C LEU GA 182 -2.70 58.63 -61.12
N LYS GA 183 -2.07 59.16 -62.17
CA LYS GA 183 -1.35 58.29 -63.09
C LYS GA 183 0.04 58.01 -62.55
N GLU GA 184 0.85 59.05 -62.45
CA GLU GA 184 2.17 58.92 -61.86
C GLU GA 184 2.12 58.86 -60.33
N ALA GA 185 3.16 58.31 -59.75
CA ALA GA 185 3.47 58.57 -58.36
C ALA GA 185 3.62 60.08 -58.19
N PRO GA 186 3.07 60.62 -57.10
CA PRO GA 186 3.11 62.04 -56.76
C PRO GA 186 4.51 62.63 -56.76
N ALA GA 187 4.56 63.95 -56.95
CA ALA GA 187 5.81 64.69 -57.09
C ALA GA 187 6.80 64.44 -55.95
N GLY GA 188 8.06 64.26 -56.33
CA GLY GA 188 9.13 64.06 -55.37
C GLY GA 188 9.00 62.79 -54.54
N TRP GA 189 8.62 61.69 -55.18
CA TRP GA 189 8.53 60.43 -54.46
C TRP GA 189 9.50 59.37 -54.97
N GLN GA 190 10.54 59.10 -54.20
CA GLN GA 190 11.47 58.05 -54.56
C GLN GA 190 11.15 56.72 -53.88
N THR GA 191 10.27 56.75 -52.87
CA THR GA 191 9.87 55.57 -52.11
C THR GA 191 11.03 54.75 -51.54
N PRO GA 192 11.66 55.25 -50.49
CA PRO GA 192 12.97 54.78 -50.00
C PRO GA 192 12.92 53.32 -49.61
N LYS GA 193 14.09 52.68 -49.59
CA LYS GA 193 14.16 51.28 -49.17
C LYS GA 193 14.51 51.19 -47.70
N ILE GA 194 13.52 50.79 -46.91
CA ILE GA 194 13.69 50.63 -45.49
C ILE GA 194 14.28 49.29 -45.11
N TYR GA 195 13.77 48.23 -45.71
CA TYR GA 195 14.09 46.89 -45.27
C TYR GA 195 15.53 46.50 -45.60
N LEU GA 196 16.03 47.04 -46.69
CA LEU GA 196 17.35 46.67 -47.19
C LEU GA 196 18.43 47.58 -46.60
N LYS GA 197 18.02 48.42 -45.65
CA LYS GA 197 18.95 49.34 -45.01
C LYS GA 197 20.12 48.62 -44.36
N ASN GA 198 21.33 49.09 -44.65
CA ASN GA 198 22.54 48.46 -44.16
C ASN GA 198 23.60 49.50 -43.78
N GLN GA 199 24.74 49.02 -43.27
CA GLN GA 199 25.86 49.84 -42.81
C GLN GA 199 25.40 50.98 -41.89
N GLU HA 55 39.77 -87.43 46.27
CA GLU HA 55 38.94 -87.55 47.46
C GLU HA 55 38.31 -86.23 47.87
N GLU HA 56 39.11 -85.16 47.86
CA GLU HA 56 38.61 -83.81 48.16
C GLU HA 56 37.75 -83.31 47.00
N VAL HA 57 37.70 -84.09 45.92
CA VAL HA 57 36.82 -83.79 44.80
C VAL HA 57 35.41 -84.31 45.10
N VAL HA 58 34.49 -83.37 45.20
CA VAL HA 58 33.10 -83.67 45.47
C VAL HA 58 32.31 -83.16 44.27
N ILE HA 59 31.52 -84.01 43.63
CA ILE HA 59 30.75 -83.51 42.51
C ILE HA 59 29.28 -83.75 42.79
N PRO HA 60 28.45 -82.75 42.49
CA PRO HA 60 27.00 -82.91 42.58
C PRO HA 60 26.49 -83.63 41.35
N LYS HA 61 25.18 -83.73 41.21
CA LYS HA 61 24.62 -84.33 40.01
C LYS HA 61 24.06 -83.23 39.14
N LYS HA 62 23.48 -83.61 38.01
CA LYS HA 62 22.85 -82.63 37.15
C LYS HA 62 21.33 -82.64 37.33
N LYS HA 63 20.74 -81.46 37.33
CA LYS HA 63 19.29 -81.36 37.43
C LYS HA 63 18.69 -81.05 36.07
N THR HA 64 18.02 -82.06 35.51
CA THR HA 64 17.36 -81.90 34.22
C THR HA 64 15.93 -81.46 34.42
N TRP HA 65 15.52 -80.42 33.72
CA TRP HA 65 14.12 -80.03 33.71
C TRP HA 65 13.63 -79.91 32.28
N ASP HA 66 12.31 -79.90 32.12
CA ASP HA 66 11.70 -79.61 30.83
C ASP HA 66 12.10 -78.20 30.46
N LYS HA 67 12.16 -77.90 29.17
CA LYS HA 67 12.63 -76.59 28.74
C LYS HA 67 11.83 -75.44 29.35
N VAL HA 68 10.52 -75.42 29.11
CA VAL HA 68 9.64 -74.32 29.51
C VAL HA 68 9.51 -74.14 31.02
N ALA HA 69 10.08 -75.07 31.78
CA ALA HA 69 9.85 -75.15 33.22
C ALA HA 69 10.26 -73.88 33.94
N ILE HA 70 11.40 -73.32 33.57
CA ILE HA 70 11.93 -72.16 34.28
C ILE HA 70 10.99 -70.96 34.10
N LEU HA 71 10.21 -70.99 33.03
CA LEU HA 71 9.18 -70.00 32.78
C LEU HA 71 8.00 -70.17 33.75
N GLN HA 72 7.49 -71.39 33.85
CA GLN HA 72 6.39 -71.73 34.77
C GLN HA 72 6.74 -71.38 36.20
N ALA HA 73 7.99 -71.62 36.54
CA ALA HA 73 8.54 -71.34 37.85
C ALA HA 73 8.29 -69.89 38.24
N LEU HA 74 8.52 -69.00 37.30
CA LEU HA 74 8.33 -67.57 37.55
C LEU HA 74 6.87 -67.19 37.33
N ALA HA 75 6.13 -68.07 36.66
CA ALA HA 75 4.71 -67.88 36.42
C ALA HA 75 3.92 -68.06 37.72
N SER HA 76 4.40 -68.95 38.58
CA SER HA 76 3.77 -69.21 39.87
C SER HA 76 3.79 -67.97 40.77
N THR HA 77 4.75 -67.09 40.54
CA THR HA 77 5.02 -66.02 41.48
C THR HA 77 4.09 -64.84 41.26
N VAL HA 78 3.19 -64.97 40.29
CA VAL HA 78 2.27 -63.89 39.94
C VAL HA 78 0.81 -64.34 39.82
N HIS HA 79 -0.05 -63.70 40.60
CA HIS HA 79 -1.49 -63.94 40.58
C HIS HA 79 -2.20 -63.07 39.55
N ARG HA 80 -3.52 -63.02 39.61
CA ARG HA 80 -4.31 -62.17 38.71
C ARG HA 80 -4.54 -60.78 39.30
N ASP HA 81 -4.32 -59.74 38.50
CA ASP HA 81 -4.57 -58.36 38.91
C ASP HA 81 -6.07 -58.07 38.90
N SER HA 82 -6.58 -57.55 40.00
CA SER HA 82 -8.02 -57.29 40.13
C SER HA 82 -8.46 -56.17 39.19
N THR HA 83 -7.71 -55.07 39.18
CA THR HA 83 -8.07 -53.91 38.37
C THR HA 83 -7.84 -54.14 36.87
N ALA HA 84 -7.20 -55.27 36.53
CA ALA HA 84 -6.81 -55.57 35.15
C ALA HA 84 -7.85 -56.35 34.35
N ALA HA 85 -8.33 -55.75 33.26
CA ALA HA 85 -9.18 -56.43 32.30
C ALA HA 85 -8.40 -57.60 31.71
N PRO HA 86 -9.11 -58.56 31.10
CA PRO HA 86 -8.48 -59.77 30.56
C PRO HA 86 -7.25 -59.48 29.70
N TYR HA 87 -6.19 -60.24 29.95
CA TYR HA 87 -4.93 -60.10 29.25
C TYR HA 87 -5.11 -60.16 27.74
N VAL HA 88 -6.11 -60.91 27.30
CA VAL HA 88 -6.37 -61.09 25.88
C VAL HA 88 -6.54 -59.76 25.16
N PHE HA 89 -7.38 -58.89 25.71
CA PHE HA 89 -7.71 -57.61 25.09
C PHE HA 89 -6.62 -56.56 25.32
N GLN HA 90 -6.57 -55.56 24.44
CA GLN HA 90 -5.56 -54.51 24.54
C GLN HA 90 -5.79 -53.65 25.80
N ASP HA 91 -4.72 -53.02 26.29
CA ASP HA 91 -4.71 -52.41 27.62
C ASP HA 91 -5.27 -50.98 27.72
N ASP HA 92 -5.69 -50.40 26.59
CA ASP HA 92 -6.14 -49.02 26.60
C ASP HA 92 -7.58 -48.86 27.04
N PRO HA 93 -7.87 -47.74 27.70
CA PRO HA 93 -9.19 -47.25 28.12
C PRO HA 93 -10.24 -47.28 27.02
N TYR HA 94 -9.86 -46.88 25.81
CA TYR HA 94 -10.78 -46.94 24.69
C TYR HA 94 -11.14 -48.39 24.33
N LEU HA 95 -10.16 -49.28 24.43
CA LEU HA 95 -10.38 -50.67 24.00
C LEU HA 95 -10.65 -51.70 25.10
N ILE HA 96 -10.70 -51.28 26.36
CA ILE HA 96 -11.10 -52.22 27.41
C ILE HA 96 -12.59 -52.56 27.24
N PRO HA 97 -12.92 -53.85 27.35
CA PRO HA 97 -14.33 -54.25 27.32
C PRO HA 97 -15.09 -53.75 28.56
N THR HA 98 -16.24 -53.11 28.33
CA THR HA 98 -17.08 -52.62 29.43
C THR HA 98 -18.00 -53.71 30.03
N SER HA 99 -18.71 -54.44 29.17
CA SER HA 99 -19.71 -55.43 29.61
C SER HA 99 -19.34 -56.84 29.16
N SER HA 100 -20.22 -57.81 29.42
CA SER HA 100 -20.00 -59.15 28.91
C SER HA 100 -20.30 -59.18 27.41
N VAL HA 101 -21.31 -58.42 27.01
CA VAL HA 101 -21.68 -58.29 25.59
C VAL HA 101 -20.54 -57.68 24.78
N GLU HA 102 -19.99 -56.60 25.30
CA GLU HA 102 -18.86 -55.93 24.66
C GLU HA 102 -17.68 -56.89 24.55
N SER HA 103 -17.34 -57.54 25.65
CA SER HA 103 -16.25 -58.53 25.68
C SER HA 103 -16.43 -59.56 24.56
N HIS HA 104 -17.65 -60.08 24.47
CA HIS HA 104 -18.02 -61.04 23.44
C HIS HA 104 -17.73 -60.50 22.04
N SER HA 105 -18.30 -59.33 21.74
CA SER HA 105 -18.09 -58.69 20.43
C SER HA 105 -16.60 -58.47 20.10
N PHE HA 106 -15.84 -58.01 21.09
CA PHE HA 106 -14.41 -57.75 20.93
C PHE HA 106 -13.61 -59.00 20.59
N LEU HA 107 -13.72 -60.03 21.43
CA LEU HA 107 -13.00 -61.26 21.20
C LEU HA 107 -13.40 -61.86 19.87
N LEU HA 108 -14.71 -61.86 19.61
CA LEU HA 108 -15.23 -62.27 18.33
C LEU HA 108 -14.50 -61.59 17.18
N ALA HA 109 -14.39 -60.26 17.27
CA ALA HA 109 -13.70 -59.48 16.27
C ALA HA 109 -12.29 -60.03 16.05
N LYS HA 110 -11.53 -60.12 17.14
CA LYS HA 110 -10.16 -60.60 17.05
C LYS HA 110 -10.09 -61.88 16.26
N LYS HA 111 -10.91 -62.85 16.65
CA LYS HA 111 -10.87 -64.14 15.98
C LYS HA 111 -11.23 -64.02 14.51
N SER HA 112 -12.15 -63.11 14.19
CA SER HA 112 -12.50 -62.88 12.80
C SER HA 112 -11.30 -62.34 12.04
N GLY HA 113 -10.46 -61.57 12.73
CA GLY HA 113 -9.23 -61.06 12.16
C GLY HA 113 -8.24 -62.16 11.84
N GLU HA 114 -7.90 -62.95 12.85
CA GLU HA 114 -6.98 -64.08 12.63
C GLU HA 114 -7.47 -64.93 11.48
N ASN HA 115 -8.79 -65.07 11.40
CA ASN HA 115 -9.38 -65.89 10.36
C ASN HA 115 -9.27 -65.27 8.97
N ALA HA 116 -9.49 -63.97 8.88
CA ALA HA 116 -9.34 -63.28 7.60
C ALA HA 116 -7.93 -63.50 7.10
N ALA HA 117 -6.96 -63.26 7.98
CA ALA HA 117 -5.57 -63.44 7.63
C ALA HA 117 -5.30 -64.87 7.15
N LYS HA 118 -5.67 -65.87 7.97
CA LYS HA 118 -5.45 -67.27 7.60
C LYS HA 118 -6.02 -67.57 6.23
N PHE HA 119 -7.17 -66.97 5.96
CA PHE HA 119 -7.78 -67.07 4.66
C PHE HA 119 -6.78 -66.59 3.62
N ILE HA 120 -6.24 -65.38 3.80
CA ILE HA 120 -5.27 -64.85 2.85
C ILE HA 120 -4.09 -65.79 2.69
N ILE HA 121 -3.51 -66.16 3.83
CA ILE HA 121 -2.32 -66.98 3.86
C ILE HA 121 -2.49 -68.23 3.03
N ASN HA 122 -3.54 -68.98 3.33
CA ASN HA 122 -3.77 -70.26 2.67
C ASN HA 122 -4.13 -70.08 1.20
N SER HA 123 -4.75 -68.95 0.89
CA SER HA 123 -5.17 -68.69 -0.49
C SER HA 123 -4.00 -68.30 -1.41
N TYR HA 124 -2.93 -67.73 -0.85
CA TYR HA 124 -1.78 -67.29 -1.65
C TYR HA 124 -0.49 -67.86 -1.10
N PRO HA 125 -0.23 -69.12 -1.44
CA PRO HA 125 0.84 -69.94 -0.87
C PRO HA 125 2.26 -69.53 -1.27
N LYS HA 126 2.40 -68.74 -2.35
CA LYS HA 126 3.72 -68.32 -2.77
C LYS HA 126 4.35 -67.40 -1.74
N TYR HA 127 3.55 -66.46 -1.29
CA TYR HA 127 4.03 -65.24 -0.67
C TYR HA 127 4.58 -65.48 0.70
N PHE HA 128 4.06 -66.49 1.38
CA PHE HA 128 4.48 -66.71 2.74
C PHE HA 128 5.54 -67.79 2.79
N GLN HA 129 5.94 -68.25 1.62
CA GLN HA 129 6.84 -69.39 1.51
C GLN HA 129 8.28 -69.10 1.89
N LYS HA 130 8.79 -67.89 1.59
CA LYS HA 130 10.20 -67.58 1.87
C LYS HA 130 10.52 -67.65 3.35
N ASP HA 131 11.59 -68.36 3.69
CA ASP HA 131 11.90 -68.65 5.07
C ASP HA 131 12.99 -67.75 5.62
N ILE HA 132 12.86 -67.43 6.90
CA ILE HA 132 13.86 -66.64 7.61
C ILE HA 132 14.33 -67.37 8.86
N ALA HA 133 13.38 -67.59 9.79
CA ALA HA 133 13.67 -68.09 11.14
C ALA HA 133 14.52 -69.37 11.15
N GLU HA 134 15.60 -69.34 11.93
CA GLU HA 134 16.56 -70.43 11.89
C GLU HA 134 16.08 -71.78 12.45
N PRO HA 135 15.53 -71.80 13.67
CA PRO HA 135 15.07 -73.10 14.16
C PRO HA 135 13.91 -73.66 13.28
N HIS HA 136 13.36 -72.82 12.40
CA HIS HA 136 12.30 -73.20 11.46
C HIS HA 136 11.01 -73.65 12.13
N ILE HA 137 10.25 -72.69 12.62
CA ILE HA 137 8.91 -72.93 13.04
C ILE HA 137 8.08 -73.43 11.86
N PRO HA 138 7.63 -74.70 11.94
CA PRO HA 138 6.77 -75.31 10.92
C PRO HA 138 5.34 -74.76 10.96
N CYS HA 139 4.99 -74.12 12.07
CA CYS HA 139 3.62 -73.67 12.35
C CYS HA 139 3.25 -72.38 11.61
N LEU HA 140 4.25 -71.70 11.09
CA LEU HA 140 4.03 -70.43 10.41
C LEU HA 140 3.98 -70.56 8.89
N MET HA 141 4.08 -71.80 8.40
CA MET HA 141 4.01 -72.05 6.96
C MET HA 141 2.58 -72.29 6.50
N PRO HA 142 2.26 -71.84 5.27
CA PRO HA 142 0.91 -71.87 4.67
C PRO HA 142 0.49 -73.28 4.24
N GLU HA 143 -0.79 -73.51 3.95
CA GLU HA 143 -1.26 -74.83 3.52
C GLU HA 143 -1.91 -74.83 2.13
N UNK HA 153 -2.42 -96.92 -8.99
CA UNK HA 153 -3.07 -95.66 -9.28
C UNK HA 153 -4.33 -95.46 -8.44
N UNK HA 154 -4.76 -96.53 -7.75
CA UNK HA 154 -5.87 -96.46 -6.81
C UNK HA 154 -5.42 -95.94 -5.43
N UNK HA 155 -4.18 -96.27 -5.06
CA UNK HA 155 -3.62 -95.90 -3.75
C UNK HA 155 -3.31 -94.40 -3.62
N UNK HA 156 -2.95 -93.77 -4.74
CA UNK HA 156 -2.66 -92.33 -4.76
C UNK HA 156 -3.94 -91.47 -4.78
N UNK HA 157 -5.01 -91.97 -5.40
CA UNK HA 157 -6.31 -91.29 -5.40
C UNK HA 157 -7.06 -91.54 -4.08
N UNK HA 158 -6.79 -92.68 -3.42
CA UNK HA 158 -7.35 -92.95 -2.09
C UNK HA 158 -6.58 -92.22 -0.97
N UNK HA 159 -5.27 -92.01 -1.17
CA UNK HA 159 -4.47 -91.20 -0.24
C UNK HA 159 -4.70 -89.69 -0.45
N UNK HA 160 -5.00 -89.28 -1.69
CA UNK HA 160 -5.41 -87.90 -1.97
C UNK HA 160 -6.86 -87.64 -1.48
N UNK HA 161 -7.67 -88.72 -1.49
CA UNK HA 161 -9.03 -88.66 -0.94
C UNK HA 161 -9.06 -88.62 0.59
N UNK HA 162 -8.14 -89.33 1.24
CA UNK HA 162 -8.04 -89.30 2.71
C UNK HA 162 -7.24 -88.10 3.23
N UNK HA 163 -6.37 -87.52 2.39
CA UNK HA 163 -5.65 -86.29 2.75
C UNK HA 163 -6.47 -85.01 2.53
N UNK HA 164 -7.20 -84.93 1.40
CA UNK HA 164 -8.01 -83.75 1.10
C UNK HA 164 -9.24 -83.64 2.01
N UNK HA 165 -9.46 -84.68 2.82
CA UNK HA 165 -10.53 -84.68 3.83
C UNK HA 165 -9.93 -84.78 5.24
N UNK HA 166 -15.44 -83.84 -0.38
CA UNK HA 166 -15.69 -85.18 0.16
C UNK HA 166 -16.32 -86.09 -0.90
N UNK HA 167 -17.24 -85.53 -1.68
CA UNK HA 167 -17.92 -86.29 -2.73
C UNK HA 167 -16.99 -86.54 -3.92
N UNK HA 168 -16.10 -85.58 -4.18
CA UNK HA 168 -15.08 -85.73 -5.22
C UNK HA 168 -14.07 -86.83 -4.86
N UNK HA 169 -13.81 -86.97 -3.56
CA UNK HA 169 -12.95 -88.02 -3.05
C UNK HA 169 -13.57 -89.42 -3.25
N UNK HA 170 -14.89 -89.52 -3.08
CA UNK HA 170 -15.62 -90.79 -3.24
C UNK HA 170 -15.86 -91.16 -4.71
N UNK HA 171 -16.03 -90.16 -5.58
CA UNK HA 171 -16.17 -90.43 -7.01
C UNK HA 171 -14.81 -90.72 -7.68
N UNK HA 172 -13.73 -90.15 -7.13
CA UNK HA 172 -12.38 -90.47 -7.60
C UNK HA 172 -11.91 -91.84 -7.07
N UNK HA 173 -12.34 -92.21 -5.87
CA UNK HA 173 -12.07 -93.56 -5.35
C UNK HA 173 -13.00 -94.60 -6.02
N UNK HA 174 -14.14 -94.15 -6.53
CA UNK HA 174 -15.06 -95.00 -7.30
C UNK HA 174 -14.54 -95.26 -8.71
N UNK HA 175 -13.97 -94.22 -9.33
CA UNK HA 175 -13.35 -94.35 -10.66
C UNK HA 175 -12.00 -95.08 -10.58
N UNK HA 176 -11.29 -94.95 -9.45
CA UNK HA 176 -10.03 -95.69 -9.25
C UNK HA 176 -10.26 -97.15 -8.81
N UNK HA 177 -11.39 -97.43 -8.16
CA UNK HA 177 -11.77 -98.83 -7.84
C UNK HA 177 -12.41 -99.54 -9.05
N UNK HA 178 -13.06 -98.78 -9.92
CA UNK HA 178 -13.62 -99.34 -11.17
C UNK HA 178 -12.56 -99.48 -12.29
N UNK HA 179 -11.54 -98.61 -12.30
CA UNK HA 179 -10.47 -98.71 -13.31
C UNK HA 179 -9.42 -99.76 -12.94
N UNK HA 180 -9.43 -100.20 -11.68
CA UNK HA 180 -8.49 -101.22 -11.22
C UNK HA 180 -9.12 -102.62 -11.24
N UNK HA 181 -7.96 -101.44 3.12
CA UNK HA 181 -8.81 -100.56 2.33
C UNK HA 181 -10.19 -100.38 2.97
N UNK HA 182 -10.50 -101.21 3.95
CA UNK HA 182 -11.78 -101.13 4.68
C UNK HA 182 -11.76 -100.04 5.76
N UNK HA 183 -10.60 -99.83 6.37
CA UNK HA 183 -10.45 -98.80 7.40
C UNK HA 183 -10.58 -97.38 6.80
N UNK HA 184 -10.11 -97.20 5.57
CA UNK HA 184 -10.16 -95.91 4.88
C UNK HA 184 -11.60 -95.52 4.45
N UNK HA 185 -12.33 -96.49 3.89
CA UNK HA 185 -13.71 -96.23 3.46
C UNK HA 185 -14.70 -96.24 4.63
N UNK HA 186 -14.36 -96.94 5.73
CA UNK HA 186 -15.19 -96.91 6.94
C UNK HA 186 -14.96 -95.65 7.78
N UNK HA 187 -13.73 -95.13 7.74
CA UNK HA 187 -13.44 -93.85 8.40
C UNK HA 187 -13.97 -92.67 7.58
N UNK HA 188 -13.88 -92.78 6.25
CA UNK HA 188 -14.41 -91.72 5.39
C UNK HA 188 -15.96 -91.77 5.33
N UNK HA 189 -16.56 -92.95 5.51
CA UNK HA 189 -18.02 -93.04 5.60
C UNK HA 189 -18.51 -92.64 7.00
N UNK HA 190 -17.74 -92.97 8.04
CA UNK HA 190 -18.09 -92.56 9.40
C UNK HA 190 -17.88 -91.05 9.60
N UNK HA 191 -17.04 -90.44 8.75
CA UNK HA 191 -16.91 -88.99 8.68
C UNK HA 191 -17.99 -88.32 7.80
N UNK HA 192 -18.36 -88.97 6.69
CA UNK HA 192 -19.39 -88.44 5.79
C UNK HA 192 -20.77 -88.52 6.43
N UNK HA 193 -20.91 -89.44 7.39
CA UNK HA 193 -22.15 -89.59 8.16
C UNK HA 193 -22.29 -88.57 9.32
N UNK HA 194 -21.17 -88.20 9.93
CA UNK HA 194 -21.17 -87.24 11.04
C UNK HA 194 -21.10 -85.81 10.53
N UNK HA 195 -29.96 -89.11 7.94
CA UNK HA 195 -29.67 -90.50 8.30
C UNK HA 195 -29.88 -91.44 7.11
N UNK HA 196 -30.34 -90.89 5.99
CA UNK HA 196 -30.52 -91.67 4.76
C UNK HA 196 -29.21 -91.83 3.97
N UNK HA 197 -28.44 -90.75 3.85
CA UNK HA 197 -27.17 -90.78 3.10
C UNK HA 197 -26.03 -91.37 3.94
N UNK HA 198 -26.25 -91.50 5.25
CA UNK HA 198 -25.28 -92.13 6.17
C UNK HA 198 -25.31 -93.67 6.04
N UNK HA 199 -26.51 -94.22 5.94
CA UNK HA 199 -26.69 -95.65 5.66
C UNK HA 199 -26.50 -95.95 4.16
N UNK HA 200 -26.72 -94.97 3.28
CA UNK HA 200 -26.45 -95.15 1.85
C UNK HA 200 -24.95 -95.12 1.54
N UNK HA 201 -24.19 -94.32 2.29
CA UNK HA 201 -22.72 -94.33 2.18
C UNK HA 201 -22.08 -95.48 2.96
N UNK HA 202 -22.69 -95.89 4.09
CA UNK HA 202 -22.20 -97.06 4.82
C UNK HA 202 -22.46 -98.35 4.04
N UNK HA 203 -23.57 -98.38 3.30
CA UNK HA 203 -23.87 -99.52 2.41
C UNK HA 203 -23.13 -99.46 1.06
N UNK HA 204 -22.84 -98.26 0.54
CA UNK HA 204 -22.05 -98.15 -0.68
C UNK HA 204 -20.56 -98.49 -0.40
N UNK HA 205 -20.09 -98.19 0.82
CA UNK HA 205 -18.74 -98.55 1.24
C UNK HA 205 -18.61 -100.03 1.69
N UNK HA 206 -19.66 -100.59 2.32
CA UNK HA 206 -19.66 -102.02 2.68
C UNK HA 206 -19.92 -102.92 1.46
N UNK HA 207 -20.54 -102.36 0.42
CA UNK HA 207 -20.66 -103.04 -0.88
C UNK HA 207 -19.42 -102.88 -1.75
N UNK HA 208 -18.71 -101.76 -1.61
CA UNK HA 208 -17.47 -101.53 -2.39
C UNK HA 208 -16.25 -102.27 -1.82
N UNK HA 209 -16.16 -102.39 -0.49
CA UNK HA 209 -15.01 -103.03 0.14
C UNK HA 209 -14.97 -104.56 -0.07
N UNK HA 210 -16.15 -105.18 -0.16
CA UNK HA 210 -16.24 -106.63 -0.33
C UNK HA 210 -16.01 -107.02 -1.80
N UNK HA 211 -11.89 -106.02 9.04
CA UNK HA 211 -12.94 -105.23 8.41
C UNK HA 211 -14.28 -105.37 9.15
N UNK HA 212 -14.28 -106.10 10.26
CA UNK HA 212 -15.46 -106.24 11.12
C UNK HA 212 -15.66 -105.07 12.10
N UNK HA 213 -14.57 -104.64 12.74
CA UNK HA 213 -14.61 -103.55 13.71
C UNK HA 213 -14.81 -102.18 13.04
N UNK HA 214 -14.40 -102.08 11.77
CA UNK HA 214 -14.54 -100.84 10.99
C UNK HA 214 -15.97 -100.62 10.44
N UNK HA 215 -16.65 -101.71 10.07
CA UNK HA 215 -18.05 -101.62 9.66
C UNK HA 215 -18.97 -101.52 10.88
N UNK HA 216 -18.57 -102.14 11.99
CA UNK HA 216 -19.29 -101.97 13.27
C UNK HA 216 -19.15 -100.54 13.83
N UNK HA 217 -17.99 -99.93 13.57
CA UNK HA 217 -17.76 -98.52 13.96
C UNK HA 217 -18.37 -97.50 12.97
N UNK HA 218 -18.52 -97.89 11.69
CA UNK HA 218 -19.27 -97.07 10.74
C UNK HA 218 -20.78 -97.16 11.06
N UNK HA 219 -21.19 -98.29 11.65
CA UNK HA 219 -22.54 -98.44 12.20
C UNK HA 219 -22.70 -97.66 13.52
N UNK HA 220 -21.61 -97.53 14.28
CA UNK HA 220 -21.56 -96.64 15.44
C UNK HA 220 -21.75 -95.17 15.08
N UNK HA 221 -21.07 -94.74 14.02
CA UNK HA 221 -21.18 -93.36 13.53
C UNK HA 221 -22.56 -93.07 12.92
N UNK HA 222 -23.07 -93.99 12.09
CA UNK HA 222 -24.41 -93.80 11.52
C UNK HA 222 -25.54 -94.01 12.57
N UNK HA 223 -25.19 -94.58 13.72
CA UNK HA 223 -26.10 -94.64 14.88
C UNK HA 223 -26.11 -93.37 15.74
N UNK HA 224 -24.92 -92.83 16.02
CA UNK HA 224 -24.77 -91.67 16.91
C UNK HA 224 -25.05 -90.32 16.23
N UNK HA 225 -24.79 -90.23 14.93
CA UNK HA 225 -25.05 -88.98 14.20
C UNK HA 225 -26.51 -88.83 13.73
N UNK HA 226 -27.25 -89.95 13.70
CA UNK HA 226 -28.63 -89.96 13.20
C UNK HA 226 -29.66 -89.67 14.30
N UNK HA 227 -32.64 -96.08 12.72
CA UNK HA 227 -31.19 -95.90 12.68
C UNK HA 227 -30.52 -96.45 13.94
N UNK HA 228 -31.30 -96.61 15.00
CA UNK HA 228 -30.84 -97.26 16.24
C UNK HA 228 -30.91 -98.80 16.20
N UNK HA 229 -32.02 -99.33 15.68
CA UNK HA 229 -32.22 -100.77 15.59
C UNK HA 229 -31.46 -101.38 14.40
N UNK HA 230 -31.22 -100.57 13.37
CA UNK HA 230 -30.42 -101.00 12.21
C UNK HA 230 -28.93 -101.05 12.58
N UNK HA 231 -28.53 -100.23 13.55
CA UNK HA 231 -27.17 -100.26 14.11
C UNK HA 231 -26.98 -101.36 15.15
N UNK HA 232 -28.02 -101.65 15.94
CA UNK HA 232 -27.97 -102.81 16.85
C UNK HA 232 -27.95 -104.12 16.04
N UNK HA 233 -28.68 -104.15 14.93
CA UNK HA 233 -28.72 -105.34 14.07
C UNK HA 233 -27.49 -105.45 13.13
N UNK HA 234 -26.88 -104.33 12.75
CA UNK HA 234 -25.63 -104.38 11.98
C UNK HA 234 -24.43 -104.61 12.89
N UNK HA 235 -24.59 -104.33 14.19
CA UNK HA 235 -23.60 -104.70 15.19
C UNK HA 235 -23.72 -106.19 15.55
N UNK HA 236 -24.95 -106.71 15.53
CA UNK HA 236 -25.15 -108.16 15.70
C UNK HA 236 -24.82 -108.92 14.41
N UNK HA 237 -24.76 -108.19 13.29
CA UNK HA 237 -24.28 -108.75 12.01
C UNK HA 237 -22.75 -108.75 11.95
N UNK HA 238 -22.12 -107.72 12.48
CA UNK HA 238 -20.65 -107.58 12.48
C UNK HA 238 -19.95 -108.40 13.59
N UNK HA 239 -20.62 -108.60 14.73
CA UNK HA 239 -20.04 -109.40 15.82
C UNK HA 239 -20.16 -110.92 15.56
N UNK HA 240 -21.13 -111.32 14.75
CA UNK HA 240 -21.34 -112.73 14.42
C UNK HA 240 -20.41 -113.17 13.29
N UNK HA 241 -12.15 -103.77 18.62
CA UNK HA 241 -13.20 -104.66 19.10
C UNK HA 241 -13.98 -104.04 20.25
N UNK HA 242 -13.34 -103.15 21.00
CA UNK HA 242 -14.01 -102.39 22.05
C UNK HA 242 -14.78 -101.20 21.45
N UNK HA 243 -14.33 -100.77 20.26
CA UNK HA 243 -14.99 -99.70 19.51
C UNK HA 243 -16.40 -100.11 19.10
N UNK HA 244 -16.58 -101.42 18.91
CA UNK HA 244 -17.87 -102.03 18.58
C UNK HA 244 -18.80 -102.30 19.79
N UNK HA 245 -18.23 -102.48 20.98
CA UNK HA 245 -19.03 -102.64 22.21
C UNK HA 245 -19.51 -101.27 22.72
N UNK HA 246 -18.64 -100.26 22.64
CA UNK HA 246 -19.07 -98.88 22.91
C UNK HA 246 -19.96 -98.36 21.77
N UNK HA 247 -19.73 -98.88 20.55
CA UNK HA 247 -20.64 -98.67 19.41
C UNK HA 247 -22.07 -99.12 19.67
N UNK HA 248 -22.23 -100.42 19.88
CA UNK HA 248 -23.54 -101.03 20.09
C UNK HA 248 -24.18 -100.63 21.42
N UNK HA 249 -23.37 -100.25 22.41
CA UNK HA 249 -23.92 -99.70 23.66
C UNK HA 249 -24.41 -98.26 23.44
N UNK HA 250 -23.72 -97.50 22.58
CA UNK HA 250 -24.18 -96.15 22.19
C UNK HA 250 -25.50 -96.21 21.42
N UNK HA 251 -25.57 -97.11 20.44
CA UNK HA 251 -26.77 -97.28 19.61
C UNK HA 251 -27.96 -97.88 20.37
N UNK HA 252 -27.70 -98.83 21.26
CA UNK HA 252 -28.76 -99.45 22.07
C UNK HA 252 -29.17 -98.55 23.25
N UNK HA 253 -28.32 -97.59 23.62
CA UNK HA 253 -28.71 -96.55 24.58
C UNK HA 253 -29.50 -95.43 23.88
N UNK HA 254 -29.29 -95.27 22.57
CA UNK HA 254 -30.10 -94.33 21.77
C UNK HA 254 -31.46 -94.92 21.40
N UNK HA 255 -31.54 -96.25 21.33
CA UNK HA 255 -32.80 -96.93 20.99
C UNK HA 255 -33.85 -96.86 22.10
N UNK HA 256 -33.49 -97.31 23.30
CA UNK HA 256 -34.42 -97.37 24.43
C UNK HA 256 -34.57 -96.02 25.11
N UNK HA 257 -37.72 -101.87 32.78
CA UNK HA 257 -37.35 -103.23 32.41
C UNK HA 257 -36.47 -103.29 31.16
N UNK HA 258 -36.39 -102.17 30.42
CA UNK HA 258 -35.45 -102.04 29.31
C UNK HA 258 -34.07 -101.64 29.85
N UNK HA 259 -34.06 -101.17 31.09
CA UNK HA 259 -32.84 -100.77 31.80
C UNK HA 259 -31.99 -101.96 32.30
N UNK HA 260 -32.66 -102.97 32.86
CA UNK HA 260 -31.99 -104.19 33.32
C UNK HA 260 -31.55 -105.09 32.14
N UNK HA 261 -32.30 -105.02 31.04
CA UNK HA 261 -31.97 -105.77 29.82
C UNK HA 261 -30.85 -105.09 29.01
N UNK HA 262 -30.83 -103.75 28.97
CA UNK HA 262 -29.71 -103.05 28.34
C UNK HA 262 -28.46 -103.06 29.25
N UNK HA 263 -28.65 -103.24 30.56
CA UNK HA 263 -27.54 -103.40 31.51
C UNK HA 263 -26.95 -104.81 31.50
N UNK HA 264 -27.78 -105.83 31.26
CA UNK HA 264 -27.29 -107.20 31.09
C UNK HA 264 -26.70 -107.43 29.69
N UNK HA 265 -27.19 -106.68 28.69
CA UNK HA 265 -26.63 -106.72 27.33
C UNK HA 265 -25.30 -105.94 27.23
N UNK HA 266 -25.19 -104.83 27.97
CA UNK HA 266 -23.93 -104.07 28.02
C UNK HA 266 -22.89 -104.73 28.97
N UNK HA 267 -23.34 -105.43 30.01
CA UNK HA 267 -22.41 -106.19 30.87
C UNK HA 267 -21.96 -107.51 30.21
N UNK HA 268 -22.84 -108.11 29.40
CA UNK HA 268 -22.47 -109.30 28.61
C UNK HA 268 -21.66 -108.94 27.35
N UNK HA 269 -21.79 -107.71 26.85
CA UNK HA 269 -20.91 -107.22 25.79
C UNK HA 269 -19.58 -106.70 26.33
N UNK HA 270 -19.56 -106.34 27.62
CA UNK HA 270 -18.33 -105.91 28.28
C UNK HA 270 -17.45 -107.07 28.78
N UNK HA 271 -18.05 -108.11 29.36
CA UNK HA 271 -17.26 -109.21 29.95
C UNK HA 271 -16.58 -110.12 28.91
N UNK HA 272 -17.07 -110.09 27.67
CA UNK HA 272 -16.50 -110.91 26.59
C UNK HA 272 -15.43 -110.13 25.80
N UNK HA 273 -12.32 -98.61 30.69
CA UNK HA 273 -13.40 -98.69 31.67
C UNK HA 273 -13.74 -97.32 32.26
N UNK HA 274 -12.96 -96.29 31.90
CA UNK HA 274 -13.26 -94.91 32.28
C UNK HA 274 -14.31 -94.30 31.33
N UNK HA 275 -14.20 -94.61 30.04
CA UNK HA 275 -15.16 -94.13 29.04
C UNK HA 275 -16.51 -94.86 29.13
N UNK HA 276 -16.48 -96.11 29.63
CA UNK HA 276 -17.70 -96.89 29.85
C UNK HA 276 -18.41 -96.47 31.15
N UNK HA 277 -17.64 -96.14 32.20
CA UNK HA 277 -18.20 -95.62 33.44
C UNK HA 277 -18.74 -94.19 33.24
N UNK HA 278 -18.05 -93.40 32.41
CA UNK HA 278 -18.51 -92.04 32.10
C UNK HA 278 -19.69 -92.03 31.11
N UNK HA 279 -19.78 -93.05 30.25
CA UNK HA 279 -20.94 -93.18 29.35
C UNK HA 279 -22.17 -93.71 30.09
N UNK HA 280 -21.94 -94.61 31.06
CA UNK HA 280 -23.04 -95.13 31.89
C UNK HA 280 -23.51 -94.05 32.88
N UNK HA 281 -22.59 -93.17 33.31
CA UNK HA 281 -22.96 -92.05 34.16
C UNK HA 281 -23.51 -90.88 33.33
N UNK HA 282 -23.28 -90.91 32.01
CA UNK HA 282 -23.90 -89.96 31.07
C UNK HA 282 -25.34 -90.37 30.76
N UNK HA 283 -25.57 -91.68 30.64
CA UNK HA 283 -26.93 -92.21 30.47
C UNK HA 283 -27.71 -92.12 31.80
N UNK HA 284 -27.00 -92.21 32.93
CA UNK HA 284 -27.62 -92.04 34.24
C UNK HA 284 -27.77 -90.55 34.66
N UNK HA 285 -27.03 -89.65 33.99
CA UNK HA 285 -27.25 -88.20 34.12
C UNK HA 285 -28.39 -87.69 33.20
N UNK HA 286 -28.55 -88.33 32.04
CA UNK HA 286 -29.62 -87.99 31.11
C UNK HA 286 -30.97 -88.65 31.47
N UNK HA 287 -30.94 -89.80 32.14
CA UNK HA 287 -32.19 -90.53 32.46
C UNK HA 287 -32.98 -90.00 33.67
N UNK HA 288 -32.31 -89.37 34.62
CA UNK HA 288 -32.97 -88.91 35.85
C UNK HA 288 -33.56 -87.50 35.69
N UNK HA 289 -35.48 -97.53 41.60
CA UNK HA 289 -34.50 -98.57 41.28
C UNK HA 289 -33.51 -98.11 40.20
N UNK HA 290 -33.82 -96.99 39.54
CA UNK HA 290 -32.89 -96.37 38.59
C UNK HA 290 -31.84 -95.53 39.31
N UNK HA 291 -32.26 -94.88 40.39
CA UNK HA 291 -31.39 -94.06 41.23
C UNK HA 291 -30.39 -94.91 42.01
N UNK HA 292 -30.82 -96.10 42.46
CA UNK HA 292 -29.95 -97.05 43.15
C UNK HA 292 -29.05 -97.86 42.20
N UNK HA 293 -29.46 -97.97 40.93
CA UNK HA 293 -28.63 -98.58 39.89
C UNK HA 293 -27.54 -97.61 39.43
N UNK HA 294 -27.89 -96.34 39.28
CA UNK HA 294 -26.90 -95.30 38.97
C UNK HA 294 -25.98 -95.02 40.16
N UNK HA 295 -26.50 -95.18 41.38
CA UNK HA 295 -25.70 -94.98 42.60
C UNK HA 295 -24.79 -96.17 42.94
N UNK HA 296 -25.26 -97.39 42.68
CA UNK HA 296 -24.40 -98.57 42.87
C UNK HA 296 -23.41 -98.70 41.70
N UNK HA 297 -23.76 -98.13 40.54
CA UNK HA 297 -22.81 -98.07 39.40
C UNK HA 297 -21.75 -96.97 39.59
N UNK HA 298 -22.15 -95.86 40.22
CA UNK HA 298 -21.21 -94.78 40.54
C UNK HA 298 -20.34 -95.11 41.76
N UNK HA 299 -20.86 -95.90 42.70
CA UNK HA 299 -20.05 -96.38 43.84
C UNK HA 299 -19.15 -97.57 43.45
N UNK HA 300 -19.60 -98.42 42.51
CA UNK HA 300 -18.76 -99.51 41.99
C UNK HA 300 -17.69 -99.01 41.00
N UNK HA 301 -17.99 -97.92 40.29
CA UNK HA 301 -16.97 -97.26 39.46
C UNK HA 301 -16.05 -96.31 40.27
N UNK HA 302 -16.53 -95.80 41.42
CA UNK HA 302 -15.69 -94.99 42.30
C UNK HA 302 -14.76 -95.84 43.18
N UNK HA 303 -15.19 -97.05 43.53
CA UNK HA 303 -14.35 -97.96 44.31
C UNK HA 303 -13.25 -98.62 43.48
N UNK HA 304 -13.28 -98.40 42.16
CA UNK HA 304 -12.26 -98.92 41.26
C UNK HA 304 -11.32 -97.82 40.78
N UNK HA 305 -11.33 -87.90 36.67
CA UNK HA 305 -11.79 -86.57 37.08
C UNK HA 305 -13.11 -86.22 36.41
N UNK HA 306 -13.27 -86.63 35.16
CA UNK HA 306 -14.49 -86.39 34.39
C UNK HA 306 -15.60 -87.41 34.70
N UNK HA 307 -15.20 -88.56 35.24
CA UNK HA 307 -16.15 -89.60 35.66
C UNK HA 307 -16.92 -89.14 36.89
N UNK HA 308 -16.19 -88.67 37.91
CA UNK HA 308 -16.80 -88.10 39.10
C UNK HA 308 -17.48 -86.75 38.80
N UNK HA 309 -17.11 -86.15 37.65
CA UNK HA 309 -17.69 -84.88 37.19
C UNK HA 309 -19.07 -85.03 36.55
N UNK HA 310 -19.20 -85.99 35.63
CA UNK HA 310 -20.51 -86.28 35.04
C UNK HA 310 -21.38 -87.12 35.98
N UNK HA 311 -20.75 -87.78 36.97
CA UNK HA 311 -21.50 -88.48 38.04
C UNK HA 311 -21.95 -87.51 39.15
N UNK HA 312 -21.22 -86.42 39.34
CA UNK HA 312 -21.68 -85.32 40.19
C UNK HA 312 -22.81 -84.56 39.47
N UNK HA 313 -22.68 -84.43 38.14
CA UNK HA 313 -23.75 -83.84 37.34
C UNK HA 313 -25.01 -84.73 37.35
N UNK HA 314 -24.81 -86.05 37.42
CA UNK HA 314 -25.92 -87.02 37.51
C UNK HA 314 -26.61 -87.03 38.89
N UNK HA 315 -25.82 -87.11 39.96
CA UNK HA 315 -26.37 -87.12 41.33
C UNK HA 315 -26.95 -85.77 41.74
N UNK HA 316 -26.50 -84.68 41.11
CA UNK HA 316 -27.11 -83.35 41.30
C UNK HA 316 -28.37 -83.12 40.45
N UNK HA 317 -28.34 -83.55 39.18
CA UNK HA 317 -29.50 -83.39 38.31
C UNK HA 317 -30.66 -84.29 38.76
N UNK HA 318 -30.33 -85.41 39.41
CA UNK HA 318 -31.34 -86.30 39.96
C UNK HA 318 -32.00 -85.69 41.20
N UNK HA 319 -31.20 -85.02 42.03
CA UNK HA 319 -31.70 -84.40 43.26
C UNK HA 319 -32.23 -82.98 43.01
N UNK HA 320 -22.12 -84.15 51.40
CA UNK HA 320 -22.07 -83.25 50.26
C UNK HA 320 -20.73 -82.52 50.17
N UNK HA 321 -20.10 -82.32 51.32
CA UNK HA 321 -18.77 -81.71 51.37
C UNK HA 321 -17.67 -82.73 51.03
N UNK HA 322 -17.93 -84.00 51.33
CA UNK HA 322 -17.01 -85.09 51.00
C UNK HA 322 -17.04 -85.38 49.50
N UNK HA 323 -18.18 -85.15 48.86
CA UNK HA 323 -18.34 -85.32 47.40
C UNK HA 323 -17.68 -84.16 46.62
N UNK HA 324 -17.78 -82.94 47.16
CA UNK HA 324 -17.15 -81.76 46.53
C UNK HA 324 -15.64 -81.69 46.83
N UNK HA 325 -15.20 -82.23 47.96
CA UNK HA 325 -13.77 -82.33 48.28
C UNK HA 325 -13.10 -83.52 47.55
N UNK HA 326 -13.84 -84.61 47.35
CA UNK HA 326 -13.31 -85.75 46.59
C UNK HA 326 -13.31 -85.47 45.08
N UNK HA 327 -14.34 -84.75 44.59
CA UNK HA 327 -14.33 -84.29 43.20
C UNK HA 327 -13.41 -83.07 43.04
N UNK HA 328 -13.01 -82.45 44.17
CA UNK HA 328 -11.96 -81.42 44.16
C UNK HA 328 -10.57 -82.05 43.98
N UNK HA 329 -10.31 -83.09 44.76
CA UNK HA 329 -9.07 -83.85 44.64
C UNK HA 329 -9.02 -84.67 43.34
N UNK HA 330 -10.18 -84.88 42.71
CA UNK HA 330 -10.23 -85.47 41.35
C UNK HA 330 -9.99 -84.43 40.23
N UNK HA 331 -10.60 -83.24 40.34
CA UNK HA 331 -10.46 -82.20 39.30
C UNK HA 331 -9.08 -81.51 39.34
N UNK HA 332 -8.40 -81.59 40.47
CA UNK HA 332 -7.05 -81.01 40.57
C UNK HA 332 -5.98 -81.88 39.88
N UNK HA 333 -6.05 -83.19 40.10
CA UNK HA 333 -5.09 -84.13 39.53
C UNK HA 333 -5.39 -84.41 38.06
N UNK HA 334 -16.73 -80.62 27.78
CA UNK HA 334 -17.89 -81.49 27.87
C UNK HA 334 -18.23 -81.84 29.32
N UNK HA 335 -17.29 -82.47 30.01
CA UNK HA 335 -17.47 -82.91 31.40
C UNK HA 335 -17.27 -81.80 32.44
N UNK HA 336 -16.25 -80.96 32.20
CA UNK HA 336 -15.90 -79.87 33.13
C UNK HA 336 -17.00 -78.81 33.23
N UNK HA 337 -17.58 -78.45 32.09
CA UNK HA 337 -18.67 -77.48 32.03
C UNK HA 337 -19.94 -77.99 32.76
N UNK HA 338 -20.27 -79.27 32.57
CA UNK HA 338 -21.45 -79.86 33.21
C UNK HA 338 -21.24 -80.02 34.72
N UNK HA 339 -20.02 -80.38 35.15
CA UNK HA 339 -19.72 -80.51 36.58
C UNK HA 339 -19.69 -79.16 37.31
N UNK HA 340 -19.18 -78.13 36.62
CA UNK HA 340 -19.15 -76.79 37.20
C UNK HA 340 -20.54 -76.14 37.27
N UNK HA 341 -21.30 -76.21 36.17
CA UNK HA 341 -22.63 -75.59 36.16
C UNK HA 341 -23.66 -76.40 36.98
N UNK HA 342 -23.43 -77.71 37.12
CA UNK HA 342 -24.28 -78.51 38.01
C UNK HA 342 -23.86 -78.39 39.50
N UNK HA 343 -22.58 -78.13 39.78
CA UNK HA 343 -22.17 -77.86 41.16
C UNK HA 343 -22.62 -76.45 41.59
N UNK HA 344 -22.74 -75.54 40.61
CA UNK HA 344 -23.29 -74.20 40.87
C UNK HA 344 -24.82 -74.19 40.92
N UNK HA 345 -25.46 -75.13 40.22
CA UNK HA 345 -26.92 -75.30 40.32
C UNK HA 345 -27.32 -76.08 41.58
N UNK HA 346 -26.40 -76.91 42.09
CA UNK HA 346 -26.63 -77.63 43.36
C UNK HA 346 -26.32 -76.74 44.58
N UNK HA 347 -25.25 -75.95 44.50
CA UNK HA 347 -24.87 -75.06 45.60
C UNK HA 347 -26.01 -74.11 45.94
N UNK HA 348 -26.66 -73.56 44.92
CA UNK HA 348 -27.81 -72.68 45.12
C UNK HA 348 -29.02 -73.46 45.65
N UNK HA 349 -24.14 -73.59 51.38
CA UNK HA 349 -24.08 -73.19 49.97
C UNK HA 349 -22.78 -72.43 49.68
N UNK HA 350 -22.28 -71.68 50.66
CA UNK HA 350 -21.04 -70.93 50.51
C UNK HA 350 -19.77 -71.78 50.76
N UNK HA 351 -19.86 -72.80 51.62
CA UNK HA 351 -18.71 -73.67 51.94
C UNK HA 351 -18.31 -74.55 50.74
N UNK HA 352 -19.31 -75.14 50.07
CA UNK HA 352 -19.08 -75.98 48.90
C UNK HA 352 -18.63 -75.19 47.66
N UNK HA 353 -19.04 -73.93 47.57
CA UNK HA 353 -18.57 -73.06 46.49
C UNK HA 353 -17.16 -72.54 46.79
N UNK HA 354 -16.84 -72.40 48.08
CA UNK HA 354 -15.47 -72.06 48.48
C UNK HA 354 -14.53 -73.22 48.16
N UNK HA 355 -14.97 -74.46 48.40
CA UNK HA 355 -14.17 -75.64 48.09
C UNK HA 355 -14.13 -75.98 46.58
N UNK HA 356 -15.16 -75.57 45.84
CA UNK HA 356 -15.18 -75.76 44.38
C UNK HA 356 -14.33 -74.71 43.63
N UNK HA 357 -14.30 -73.47 44.13
CA UNK HA 357 -13.40 -72.45 43.59
C UNK HA 357 -11.96 -72.73 44.06
N UNK HA 358 -11.82 -73.47 45.17
CA UNK HA 358 -10.51 -73.97 45.61
C UNK HA 358 -9.99 -75.11 44.73
N UNK HA 359 -10.88 -76.01 44.31
CA UNK HA 359 -10.54 -77.03 43.31
C UNK HA 359 -10.16 -76.39 41.97
N UNK HA 360 -10.97 -75.41 41.57
CA UNK HA 360 -10.76 -74.72 40.30
C UNK HA 360 -9.47 -73.90 40.28
N UNK HA 361 -9.10 -73.30 41.42
CA UNK HA 361 -7.85 -72.53 41.47
C UNK HA 361 -6.62 -73.37 41.85
N UNK HA 362 -6.82 -74.60 42.33
CA UNK HA 362 -5.70 -75.54 42.53
C UNK HA 362 -5.32 -76.26 41.23
N UNK HA 363 -6.33 -76.60 40.42
CA UNK HA 363 -6.09 -77.31 39.16
C UNK HA 363 -5.33 -76.47 38.13
N UNK HA 364 -5.88 -75.30 37.79
CA UNK HA 364 -5.28 -74.44 36.78
C UNK HA 364 -4.04 -73.72 37.33
N UNK HA 365 -20.92 -68.59 25.26
CA UNK HA 365 -22.03 -69.19 26.00
C UNK HA 365 -21.56 -69.85 27.29
N UNK HA 366 -20.28 -70.24 27.36
CA UNK HA 366 -19.68 -70.72 28.61
C UNK HA 366 -19.24 -69.52 29.46
N UNK HA 367 -19.10 -68.36 28.82
CA UNK HA 367 -18.76 -67.10 29.51
C UNK HA 367 -19.96 -66.57 30.30
N UNK HA 368 -21.14 -66.66 29.71
CA UNK HA 368 -22.40 -66.30 30.38
C UNK HA 368 -22.75 -67.30 31.49
N UNK HA 369 -22.36 -68.57 31.33
CA UNK HA 369 -22.59 -69.60 32.34
C UNK HA 369 -21.62 -69.46 33.53
N UNK HA 370 -20.35 -69.19 33.24
CA UNK HA 370 -19.36 -68.95 34.29
C UNK HA 370 -19.66 -67.65 35.05
N UNK HA 371 -20.16 -66.64 34.33
CA UNK HA 371 -20.57 -65.39 34.96
C UNK HA 371 -21.87 -65.58 35.77
N UNK HA 372 -22.73 -66.51 35.35
CA UNK HA 372 -23.93 -66.86 36.14
C UNK HA 372 -23.52 -67.58 37.42
N UNK HA 373 -22.44 -68.37 37.34
CA UNK HA 373 -21.91 -69.08 38.51
C UNK HA 373 -21.21 -68.15 39.51
N UNK HA 374 -20.47 -67.16 38.99
CA UNK HA 374 -19.78 -66.19 39.85
C UNK HA 374 -20.71 -65.11 40.41
N UNK HA 375 -21.81 -64.84 39.69
CA UNK HA 375 -22.85 -63.93 40.17
C UNK HA 375 -23.79 -64.60 41.18
N UNK HA 376 -23.98 -65.91 41.01
CA UNK HA 376 -24.70 -66.70 42.02
C UNK HA 376 -23.86 -66.87 43.28
N UNK HA 377 -22.57 -67.13 43.12
CA UNK HA 377 -21.65 -67.26 44.26
C UNK HA 377 -21.44 -65.92 44.98
N UNK HA 378 -21.39 -64.81 44.23
CA UNK HA 378 -21.24 -63.49 44.86
C UNK HA 378 -22.56 -62.93 45.44
N UNK HA 379 -23.71 -63.28 44.86
CA UNK HA 379 -25.00 -62.87 45.43
C UNK HA 379 -25.33 -63.68 46.69
N UNK HA 380 -24.97 -64.97 46.68
CA UNK HA 380 -25.14 -65.81 47.86
C UNK HA 380 -24.09 -65.47 48.94
N UNK HA 381 -22.92 -64.96 48.51
CA UNK HA 381 -21.90 -64.51 49.48
C UNK HA 381 -22.20 -63.12 50.06
N UNK HA 382 -22.93 -62.28 49.32
CA UNK HA 382 -23.39 -61.00 49.86
C UNK HA 382 -24.70 -61.13 50.67
N UNK HA 383 -25.47 -62.19 50.41
CA UNK HA 383 -26.64 -62.51 51.24
C UNK HA 383 -26.31 -63.31 52.52
N UNK HA 384 -25.26 -64.14 52.46
CA UNK HA 384 -24.85 -64.95 53.62
C UNK HA 384 -24.04 -64.15 54.63
N UNK HA 385 -23.48 -63.02 54.20
CA UNK HA 385 -22.65 -62.17 55.06
C UNK HA 385 -23.48 -61.54 56.19
N UNK HA 386 -16.88 -61.27 55.81
CA UNK HA 386 -17.89 -61.73 54.86
C UNK HA 386 -18.46 -60.57 54.04
N UNK HA 387 -18.41 -59.36 54.60
CA UNK HA 387 -18.68 -58.13 53.84
C UNK HA 387 -17.43 -57.74 53.05
N UNK HA 388 -16.27 -58.10 53.58
CA UNK HA 388 -14.98 -57.88 52.93
C UNK HA 388 -14.79 -58.79 51.72
N UNK HA 389 -15.30 -60.02 51.81
CA UNK HA 389 -15.23 -61.00 50.71
C UNK HA 389 -16.32 -60.77 49.64
N UNK HA 390 -17.47 -60.22 50.05
CA UNK HA 390 -18.53 -59.85 49.09
C UNK HA 390 -18.25 -58.50 48.41
N UNK HA 391 -17.49 -57.63 49.08
CA UNK HA 391 -16.99 -56.41 48.44
C UNK HA 391 -15.79 -56.74 47.53
N UNK HA 392 -14.94 -57.66 47.98
CA UNK HA 392 -13.82 -58.14 47.16
C UNK HA 392 -14.34 -58.88 45.93
N UNK HA 393 -15.47 -59.57 46.07
CA UNK HA 393 -16.12 -60.25 44.93
C UNK HA 393 -16.98 -59.32 44.05
N UNK HA 394 -17.50 -58.21 44.62
CA UNK HA 394 -18.10 -57.14 43.81
C UNK HA 394 -17.06 -56.51 42.91
N UNK HA 395 -15.90 -56.21 43.49
CA UNK HA 395 -14.76 -55.66 42.75
C UNK HA 395 -14.20 -56.68 41.73
N UNK HA 396 -14.06 -57.95 42.14
CA UNK HA 396 -13.50 -59.01 41.29
C UNK HA 396 -14.42 -59.46 40.13
N UNK HA 397 -15.74 -59.42 40.32
CA UNK HA 397 -16.66 -59.70 39.21
C UNK HA 397 -16.95 -58.46 38.33
N UNK HA 398 -16.86 -57.25 38.90
CA UNK HA 398 -17.06 -56.02 38.11
C UNK HA 398 -15.84 -55.67 37.26
N UNK HA 399 -14.67 -56.03 37.75
CA UNK HA 399 -13.43 -55.83 37.00
C UNK HA 399 -12.97 -57.11 36.25
N UNK HA 400 -13.78 -58.17 36.29
CA UNK HA 400 -13.51 -59.35 35.46
C UNK HA 400 -14.23 -59.26 34.12
N UNK HA 401 -26.28 -60.33 34.02
CA UNK HA 401 -25.19 -59.80 34.85
C UNK HA 401 -25.59 -58.52 35.55
N UNK HA 402 -26.72 -57.94 35.15
CA UNK HA 402 -27.26 -56.72 35.76
C UNK HA 402 -28.07 -56.97 37.05
N UNK HA 403 -28.93 -57.99 37.04
CA UNK HA 403 -29.86 -58.25 38.15
C UNK HA 403 -29.20 -58.85 39.40
N UNK HA 404 -28.08 -59.55 39.21
CA UNK HA 404 -27.29 -60.10 40.31
C UNK HA 404 -26.37 -59.06 40.96
N UNK HA 405 -25.96 -58.05 40.17
CA UNK HA 405 -25.23 -56.92 40.73
C UNK HA 405 -26.21 -55.99 41.43
N UNK HA 406 -27.46 -55.99 40.97
CA UNK HA 406 -28.54 -55.29 41.66
C UNK HA 406 -28.91 -55.99 42.97
N UNK HA 407 -28.86 -57.32 42.96
CA UNK HA 407 -29.15 -58.14 44.15
C UNK HA 407 -27.99 -58.08 45.18
N UNK HA 408 -26.76 -57.97 44.69
CA UNK HA 408 -25.59 -57.81 45.58
C UNK HA 408 -25.49 -56.37 46.12
N UNK HA 409 -25.94 -55.40 45.32
CA UNK HA 409 -26.00 -54.01 45.78
C UNK HA 409 -27.12 -53.79 46.80
N UNK HA 410 -28.25 -54.48 46.62
CA UNK HA 410 -29.37 -54.38 47.57
C UNK HA 410 -29.09 -55.18 48.86
N UNK HA 411 -28.45 -56.34 48.73
CA UNK HA 411 -28.08 -57.15 49.89
C UNK HA 411 -26.87 -56.56 50.65
N UNK HA 412 -26.06 -55.75 49.96
CA UNK HA 412 -25.03 -54.96 50.64
C UNK HA 412 -25.56 -53.65 51.25
N UNK HA 413 -26.61 -53.07 50.65
CA UNK HA 413 -27.20 -51.82 51.16
C UNK HA 413 -28.14 -52.05 52.35
N UNK HA 414 -28.80 -53.21 52.39
CA UNK HA 414 -29.73 -53.52 53.49
C UNK HA 414 -29.02 -53.94 54.78
N UNK HA 415 -27.69 -54.09 54.72
CA UNK HA 415 -26.91 -54.50 55.88
C UNK HA 415 -26.18 -53.32 56.53
N UNK HA 416 -25.71 -46.08 53.45
CA UNK HA 416 -26.72 -46.66 52.57
C UNK HA 416 -26.94 -45.82 51.31
N UNK HA 417 -26.66 -44.51 51.42
CA UNK HA 417 -26.68 -43.62 50.25
C UNK HA 417 -25.36 -43.68 49.47
N UNK HA 418 -24.25 -43.89 50.20
CA UNK HA 418 -22.92 -44.00 49.59
C UNK HA 418 -22.74 -45.33 48.84
N UNK HA 419 -23.40 -46.39 49.33
CA UNK HA 419 -23.37 -47.69 48.65
C UNK HA 419 -24.30 -47.71 47.42
N UNK HA 420 -25.35 -46.87 47.43
CA UNK HA 420 -26.24 -46.73 46.27
C UNK HA 420 -25.65 -45.83 45.18
N UNK HA 421 -24.90 -44.79 45.58
CA UNK HA 421 -24.20 -43.94 44.60
C UNK HA 421 -22.89 -44.59 44.10
N UNK HA 422 -22.27 -45.45 44.91
CA UNK HA 422 -21.10 -46.22 44.44
C UNK HA 422 -21.52 -47.43 43.58
N UNK HA 423 -22.68 -48.02 43.90
CA UNK HA 423 -23.25 -49.05 43.04
C UNK HA 423 -23.77 -48.43 41.73
N UNK HA 424 -24.21 -47.16 41.80
CA UNK HA 424 -24.59 -46.43 40.58
C UNK HA 424 -23.36 -46.02 39.76
N UNK HA 425 -22.25 -45.76 40.44
CA UNK HA 425 -20.99 -45.43 39.75
C UNK HA 425 -20.40 -46.68 39.05
N UNK HA 426 -20.41 -47.82 39.73
CA UNK HA 426 -19.92 -49.06 39.11
C UNK HA 426 -20.90 -49.62 38.07
N UNK HA 427 -22.20 -49.36 38.25
CA UNK HA 427 -23.22 -49.79 37.27
C UNK HA 427 -23.26 -48.89 36.03
N UNK HA 428 -22.85 -47.63 36.19
CA UNK HA 428 -22.71 -46.74 35.04
C UNK HA 428 -21.38 -46.96 34.31
N UNK HA 429 -20.30 -47.25 35.04
CA UNK HA 429 -19.00 -47.46 34.40
C UNK HA 429 -18.82 -48.88 33.84
N UNK HA 430 -19.60 -49.85 34.33
CA UNK HA 430 -19.56 -51.22 33.77
C UNK HA 430 -20.68 -51.54 32.76
N UNK HA 431 -21.58 -50.59 32.52
CA UNK HA 431 -22.64 -50.77 31.52
C UNK HA 431 -22.46 -49.80 30.36
N UNK HA 432 -32.64 -52.28 34.31
CA UNK HA 432 -31.79 -51.14 34.60
C UNK HA 432 -32.60 -49.95 35.13
N UNK HA 433 -33.90 -49.94 34.83
CA UNK HA 433 -34.81 -48.93 35.37
C UNK HA 433 -35.22 -49.27 36.81
N UNK HA 434 -35.31 -50.57 37.09
CA UNK HA 434 -35.70 -51.04 38.43
C UNK HA 434 -34.55 -50.96 39.45
N UNK HA 435 -33.33 -51.20 38.99
CA UNK HA 435 -32.14 -51.05 39.82
C UNK HA 435 -31.88 -49.56 40.16
N UNK HA 436 -32.09 -48.68 39.17
CA UNK HA 436 -31.91 -47.24 39.38
C UNK HA 436 -33.08 -46.58 40.14
N UNK HA 437 -34.28 -47.15 40.03
CA UNK HA 437 -35.45 -46.67 40.81
C UNK HA 437 -35.40 -47.16 42.26
N UNK HA 438 -34.86 -48.37 42.47
CA UNK HA 438 -34.65 -48.88 43.82
C UNK HA 438 -33.47 -48.16 44.50
N UNK HA 439 -32.45 -47.79 43.73
CA UNK HA 439 -31.35 -46.97 44.26
C UNK HA 439 -31.81 -45.52 44.51
N UNK HA 440 -32.78 -45.06 43.71
CA UNK HA 440 -33.36 -43.71 43.86
C UNK HA 440 -34.29 -43.58 45.07
N UNK HA 441 -35.11 -44.60 45.32
CA UNK HA 441 -35.98 -44.63 46.49
C UNK HA 441 -35.25 -45.07 47.79
N UNK HA 442 -34.16 -45.83 47.66
CA UNK HA 442 -33.30 -46.13 48.83
C UNK HA 442 -32.43 -44.90 49.19
N UNK HA 443 -32.08 -44.11 48.19
CA UNK HA 443 -31.43 -42.81 48.43
C UNK HA 443 -32.46 -41.71 48.76
N UNK HA 444 -33.76 -42.02 48.59
CA UNK HA 444 -34.84 -41.19 49.11
C UNK HA 444 -35.13 -41.44 50.59
N UNK HA 445 -35.08 -42.72 50.98
CA UNK HA 445 -35.31 -43.11 52.38
C UNK HA 445 -34.06 -42.98 53.26
N UNK HA 446 -32.87 -42.91 52.65
CA UNK HA 446 -31.64 -42.66 53.41
C UNK HA 446 -31.43 -41.16 53.70
N UNK HA 447 -32.16 -40.31 52.97
CA UNK HA 447 -32.06 -38.86 53.15
C UNK HA 447 -33.20 -38.34 54.04
N UNK HA 448 -26.40 -38.49 50.97
CA UNK HA 448 -27.83 -38.75 50.83
C UNK HA 448 -28.49 -37.79 49.84
N UNK HA 449 -27.94 -36.57 49.73
CA UNK HA 449 -28.37 -35.61 48.70
C UNK HA 449 -27.69 -35.89 47.36
N UNK HA 450 -26.48 -36.47 47.41
CA UNK HA 450 -25.69 -36.77 46.21
C UNK HA 450 -26.24 -37.98 45.43
N UNK HA 451 -26.63 -39.03 46.16
CA UNK HA 451 -27.23 -40.22 45.54
C UNK HA 451 -28.65 -39.95 45.04
N UNK HA 452 -29.37 -39.04 45.70
CA UNK HA 452 -30.73 -38.65 45.29
C UNK HA 452 -30.71 -37.63 44.13
N UNK HA 453 -29.65 -36.82 44.05
CA UNK HA 453 -29.48 -35.90 42.91
C UNK HA 453 -28.93 -36.63 41.68
N UNK HA 454 -28.10 -37.65 41.89
CA UNK HA 454 -27.65 -38.51 40.78
C UNK HA 454 -28.79 -39.45 40.35
N UNK HA 455 -29.69 -39.77 41.27
CA UNK HA 455 -30.87 -40.58 40.97
C UNK HA 455 -31.97 -39.79 40.23
N UNK HA 456 -32.16 -38.52 40.59
CA UNK HA 456 -33.10 -37.66 39.87
C UNK HA 456 -32.49 -37.12 38.55
N UNK HA 457 -31.17 -37.09 38.46
CA UNK HA 457 -30.50 -36.76 37.19
C UNK HA 457 -30.49 -37.97 36.24
N UNK HA 458 -30.44 -39.19 36.81
CA UNK HA 458 -30.57 -40.41 36.00
C UNK HA 458 -32.03 -40.66 35.55
N UNK HA 459 -32.99 -40.30 36.40
CA UNK HA 459 -34.41 -40.42 36.04
C UNK HA 459 -34.92 -39.23 35.20
N UNK HA 460 -34.19 -38.12 35.20
CA UNK HA 460 -34.44 -37.03 34.24
C UNK HA 460 -33.75 -37.28 32.89
N UNK HA 461 -32.60 -37.96 32.89
CA UNK HA 461 -31.89 -38.30 31.64
C UNK HA 461 -32.45 -39.54 30.93
N UNK HA 462 -33.10 -40.44 31.68
CA UNK HA 462 -33.72 -41.64 31.10
C UNK HA 462 -35.08 -41.38 30.44
N UNK HA 463 -35.79 -40.34 30.90
CA UNK HA 463 -37.10 -39.99 30.35
C UNK HA 463 -36.98 -39.02 29.17
N UNK HA 464 -39.85 -42.89 38.06
CA UNK HA 464 -39.12 -41.66 38.28
C UNK HA 464 -39.88 -40.68 39.18
N UNK HA 465 -40.99 -41.14 39.76
CA UNK HA 465 -41.73 -40.38 40.77
C UNK HA 465 -41.13 -40.54 42.17
N UNK HA 466 -40.59 -41.73 42.46
CA UNK HA 466 -39.92 -41.97 43.73
C UNK HA 466 -38.55 -41.27 43.76
N UNK HA 467 -37.99 -41.06 42.57
CA UNK HA 467 -36.72 -40.33 42.39
C UNK HA 467 -36.87 -38.79 42.38
N UNK HA 468 -37.98 -38.30 41.82
CA UNK HA 468 -38.28 -36.87 41.83
C UNK HA 468 -38.88 -36.45 43.19
N UNK HA 469 -39.52 -37.38 43.88
CA UNK HA 469 -39.91 -37.16 45.28
C UNK HA 469 -38.68 -37.30 46.17
N UNK HA 470 -37.74 -38.15 45.75
CA UNK HA 470 -36.43 -38.26 46.38
C UNK HA 470 -35.67 -36.93 46.32
N UNK HA 471 -35.70 -36.27 45.15
CA UNK HA 471 -35.02 -34.98 44.97
C UNK HA 471 -35.84 -33.77 45.39
N UNK HA 472 -37.15 -33.93 45.61
CA UNK HA 472 -37.96 -32.86 46.18
C UNK HA 472 -37.81 -32.84 47.70
N UNK HA 473 -37.71 -34.02 48.31
CA UNK HA 473 -37.50 -34.14 49.76
C UNK HA 473 -36.04 -33.97 50.20
N UNK HA 474 -35.09 -34.51 49.43
CA UNK HA 474 -33.67 -34.49 49.84
C UNK HA 474 -32.94 -33.20 49.42
N UNK HA 475 -33.60 -32.38 48.62
CA UNK HA 475 -33.05 -31.10 48.20
C UNK HA 475 -34.04 -29.97 48.48
N UNK HA 476 -33.85 -25.76 45.17
CA UNK HA 476 -33.77 -26.98 44.38
C UNK HA 476 -34.84 -28.00 44.78
N UNK HA 477 -35.62 -27.68 45.81
CA UNK HA 477 -36.76 -28.50 46.23
C UNK HA 477 -38.03 -28.22 45.38
N UNK HA 478 -38.25 -26.93 45.06
CA UNK HA 478 -39.42 -26.52 44.27
C UNK HA 478 -39.28 -26.88 42.78
N UNK HA 479 -38.05 -26.92 42.27
CA UNK HA 479 -37.81 -27.27 40.87
C UNK HA 479 -37.93 -28.79 40.63
N UNK HA 480 -37.48 -29.58 41.59
CA UNK HA 480 -37.62 -31.04 41.52
C UNK HA 480 -39.02 -31.55 41.94
N UNK HA 481 -39.74 -30.78 42.75
CA UNK HA 481 -41.15 -31.11 43.06
C UNK HA 481 -42.10 -30.65 41.93
N UNK HA 482 -41.76 -29.53 41.28
CA UNK HA 482 -42.51 -29.10 40.09
C UNK HA 482 -42.17 -30.01 38.89
N UNK HA 483 -40.95 -30.56 38.88
CA UNK HA 483 -40.60 -31.59 37.89
C UNK HA 483 -41.22 -32.95 38.26
N UNK HA 484 -41.56 -33.12 39.55
CA UNK HA 484 -42.29 -34.31 40.03
C UNK HA 484 -43.76 -34.30 39.56
N UNK HA 485 -44.45 -33.17 39.74
CA UNK HA 485 -45.83 -33.06 39.24
C UNK HA 485 -45.88 -32.88 37.70
N UNK HA 486 -44.80 -32.35 37.09
CA UNK HA 486 -44.72 -32.24 35.63
C UNK HA 486 -44.38 -33.56 34.92
N UNK HA 487 -43.58 -34.40 35.56
CA UNK HA 487 -43.32 -35.74 35.02
C UNK HA 487 -44.44 -36.73 35.38
N UNK HA 488 -45.17 -36.49 36.47
CA UNK HA 488 -46.29 -37.37 36.85
C UNK HA 488 -47.66 -36.92 36.29
N UNK HA 489 -47.75 -35.72 35.70
CA UNK HA 489 -48.96 -35.30 34.98
C UNK HA 489 -48.85 -35.49 33.46
N UNK HA 490 -47.73 -36.04 32.99
CA UNK HA 490 -47.52 -36.29 31.55
C UNK HA 490 -47.50 -37.78 31.25
N UNK HA 491 -48.82 -40.78 43.72
CA UNK HA 491 -47.83 -40.95 44.78
C UNK HA 491 -46.78 -39.83 44.76
N UNK HA 492 -46.82 -39.00 43.72
CA UNK HA 492 -45.97 -37.81 43.65
C UNK HA 492 -46.56 -36.61 44.43
N UNK HA 493 -47.88 -36.50 44.45
CA UNK HA 493 -48.57 -35.39 45.12
C UNK HA 493 -48.63 -35.53 46.65
N UNK HA 494 -48.73 -36.78 47.14
CA UNK HA 494 -48.74 -37.04 48.58
C UNK HA 494 -47.34 -36.94 49.20
N UNK HA 495 -46.31 -37.29 48.42
CA UNK HA 495 -44.92 -37.14 48.85
C UNK HA 495 -44.38 -35.70 48.70
N UNK HA 496 -44.88 -34.95 47.70
CA UNK HA 496 -44.51 -33.54 47.59
C UNK HA 496 -45.31 -32.66 48.59
N UNK HA 497 -46.52 -33.09 48.97
CA UNK HA 497 -47.29 -32.40 50.02
C UNK HA 497 -46.95 -32.92 51.45
N UNK HA 498 -46.25 -34.06 51.54
CA UNK HA 498 -45.60 -34.47 52.80
C UNK HA 498 -44.21 -33.83 52.98
N UNK HA 499 -43.55 -33.51 51.86
CA UNK HA 499 -42.27 -32.78 51.88
C UNK HA 499 -42.48 -31.25 51.98
N UNK HA 500 -43.66 -30.76 51.62
CA UNK HA 500 -43.98 -29.32 51.79
C UNK HA 500 -44.43 -28.96 53.22
N UNK HA 501 -45.19 -29.86 53.86
CA UNK HA 501 -45.70 -29.60 55.22
C UNK HA 501 -44.67 -29.97 56.28
N UNK HA 502 -45.71 -19.85 47.49
CA UNK HA 502 -45.36 -21.16 46.94
C UNK HA 502 -46.23 -22.29 47.51
N UNK HA 503 -47.09 -21.95 48.49
CA UNK HA 503 -48.07 -22.90 49.04
C UNK HA 503 -49.35 -23.01 48.18
N UNK HA 504 -49.74 -21.89 47.57
CA UNK HA 504 -50.95 -21.84 46.73
C UNK HA 504 -50.73 -22.49 45.36
N UNK HA 505 -49.51 -22.39 44.83
CA UNK HA 505 -49.16 -23.04 43.57
C UNK HA 505 -48.88 -24.54 43.74
N UNK HA 506 -48.48 -24.96 44.94
CA UNK HA 506 -48.32 -26.38 45.26
C UNK HA 506 -49.65 -27.07 45.64
N UNK HA 507 -50.57 -26.33 46.26
CA UNK HA 507 -51.92 -26.85 46.53
C UNK HA 507 -52.78 -26.84 45.26
N UNK HA 508 -52.53 -25.87 44.36
CA UNK HA 508 -53.18 -25.85 43.04
C UNK HA 508 -52.52 -26.84 42.05
N UNK HA 509 -51.24 -27.17 42.24
CA UNK HA 509 -50.59 -28.22 41.44
C UNK HA 509 -50.97 -29.63 41.95
N UNK HA 510 -51.23 -29.76 43.25
CA UNK HA 510 -51.73 -31.02 43.82
C UNK HA 510 -53.20 -31.26 43.42
N UNK HA 511 -54.04 -30.21 43.47
CA UNK HA 511 -55.44 -30.35 43.07
C UNK HA 511 -55.65 -30.40 41.53
N UNK HA 512 -54.77 -29.75 40.75
CA UNK HA 512 -54.81 -29.86 39.28
C UNK HA 512 -54.13 -31.13 38.71
N UNK HA 513 -53.18 -31.71 39.44
CA UNK HA 513 -52.66 -33.03 39.07
C UNK HA 513 -53.57 -34.15 39.59
N UNK HA 514 -54.39 -33.84 40.60
CA UNK HA 514 -55.42 -34.77 41.09
C UNK HA 514 -56.72 -34.82 40.26
N UNK HA 515 -57.19 -33.67 39.80
CA UNK HA 515 -58.45 -33.61 39.04
C UNK HA 515 -58.32 -34.14 37.60
N UNK HA 516 -57.10 -34.44 37.18
CA UNK HA 516 -56.84 -35.01 35.85
C UNK HA 516 -56.67 -36.52 35.90
N UNK HA 517 -57.07 -35.74 48.07
CA UNK HA 517 -56.27 -34.88 47.19
C UNK HA 517 -56.70 -33.42 47.29
N UNK HA 518 -57.99 -33.18 47.50
CA UNK HA 518 -58.49 -31.87 47.89
C UNK HA 518 -58.31 -31.66 49.40
N UNK HA 519 -58.42 -32.77 50.15
CA UNK HA 519 -58.21 -32.77 51.60
C UNK HA 519 -56.73 -32.72 51.98
N UNK HA 520 -55.85 -33.15 51.08
CA UNK HA 520 -54.40 -33.06 51.28
C UNK HA 520 -53.88 -31.64 50.96
N UNK HA 521 -54.53 -30.94 50.04
CA UNK HA 521 -54.21 -29.53 49.75
C UNK HA 521 -54.87 -28.59 50.79
N UNK HA 522 -56.00 -29.01 51.37
CA UNK HA 522 -56.62 -28.26 52.47
C UNK HA 522 -55.88 -28.46 53.81
N UNK HA 523 -55.37 -29.68 54.04
CA UNK HA 523 -54.56 -29.96 55.24
C UNK HA 523 -53.08 -29.54 55.08
N UNK HA 524 -52.59 -29.38 53.84
CA UNK HA 524 -51.28 -28.74 53.62
C UNK HA 524 -51.38 -27.20 53.57
N UNK HA 525 -52.57 -26.67 53.27
CA UNK HA 525 -52.81 -25.22 53.35
C UNK HA 525 -53.13 -24.70 54.77
N UNK HA 526 -53.85 -25.50 55.56
CA UNK HA 526 -54.25 -25.07 56.92
C UNK HA 526 -53.17 -25.30 57.99
N UNK HA 527 -52.18 -26.14 57.67
CA UNK HA 527 -51.09 -26.44 58.62
C UNK HA 527 -49.97 -25.40 58.53
N UNK HA 528 -54.59 -16.51 53.39
CA UNK HA 528 -54.41 -17.30 52.17
C UNK HA 528 -54.58 -18.81 52.42
N UNK HA 529 -54.75 -19.18 53.69
CA UNK HA 529 -55.07 -20.56 54.06
C UNK HA 529 -56.56 -20.89 53.92
N UNK HA 530 -57.41 -19.90 54.18
CA UNK HA 530 -58.87 -20.05 54.07
C UNK HA 530 -59.35 -20.06 52.61
N UNK HA 531 -58.64 -19.34 51.74
CA UNK HA 531 -58.98 -19.29 50.31
C UNK HA 531 -58.52 -20.55 49.54
N UNK HA 532 -57.39 -21.13 49.96
CA UNK HA 532 -56.92 -22.41 49.40
C UNK HA 532 -57.62 -23.63 50.04
N UNK HA 533 -58.11 -23.49 51.27
CA UNK HA 533 -58.95 -24.54 51.88
C UNK HA 533 -60.40 -24.52 51.36
N UNK HA 534 -60.89 -23.32 50.99
CA UNK HA 534 -62.20 -23.22 50.33
C UNK HA 534 -62.15 -23.55 48.83
N UNK HA 535 -61.01 -23.24 48.18
CA UNK HA 535 -60.82 -23.62 46.77
C UNK HA 535 -60.38 -25.08 46.61
N UNK HA 536 -59.90 -25.69 47.69
CA UNK HA 536 -59.74 -27.16 47.73
C UNK HA 536 -61.05 -27.88 48.12
N UNK HA 537 -61.85 -27.30 49.02
CA UNK HA 537 -63.13 -27.91 49.41
C UNK HA 537 -64.21 -27.74 48.32
N UNK HA 538 -64.04 -26.77 47.43
CA UNK HA 538 -64.92 -26.63 46.25
C UNK HA 538 -64.52 -27.58 45.10
N UNK HA 539 -63.24 -27.93 45.01
CA UNK HA 539 -62.74 -28.84 43.97
C UNK HA 539 -62.81 -30.30 44.42
N TYR IA 51 -53.40 -18.76 -8.80
CA TYR IA 51 -54.39 -17.72 -8.55
C TYR IA 51 -55.09 -17.27 -9.81
N LYS IA 52 -56.34 -16.86 -9.65
CA LYS IA 52 -57.08 -16.18 -10.70
C LYS IA 52 -56.89 -14.68 -10.56
N ASP IA 53 -57.74 -13.93 -11.25
CA ASP IA 53 -57.67 -12.47 -11.31
C ASP IA 53 -57.78 -11.80 -9.94
N GLU IA 54 -58.17 -12.55 -8.92
CA GLU IA 54 -58.41 -11.97 -7.61
C GLU IA 54 -57.09 -11.58 -6.94
N PRO IA 55 -56.86 -10.26 -6.87
CA PRO IA 55 -55.65 -9.51 -6.52
C PRO IA 55 -55.17 -9.58 -5.07
N TRP IA 56 -56.09 -9.32 -4.17
CA TRP IA 56 -55.79 -9.10 -2.76
C TRP IA 56 -55.11 -10.30 -2.15
N LYS IA 57 -55.45 -11.46 -2.70
CA LYS IA 57 -55.08 -12.73 -2.12
C LYS IA 57 -53.58 -12.93 -2.01
N TYR IA 58 -52.87 -12.79 -3.13
CA TYR IA 58 -51.45 -13.12 -3.14
C TYR IA 58 -50.62 -12.14 -2.34
N LEU IA 59 -51.17 -10.97 -2.08
CA LEU IA 59 -50.44 -10.00 -1.30
C LEU IA 59 -50.56 -10.27 0.20
N ASP IA 60 -51.60 -11.00 0.58
CA ASP IA 60 -51.77 -11.41 1.97
C ASP IA 60 -51.33 -12.86 2.24
N SER IA 61 -50.84 -13.53 1.20
CA SER IA 61 -50.44 -14.93 1.32
C SER IA 61 -49.28 -15.08 2.29
N GLU IA 62 -49.11 -16.30 2.81
CA GLU IA 62 -47.94 -16.61 3.61
C GLU IA 62 -46.73 -16.83 2.71
N GLU IA 63 -46.98 -17.23 1.47
CA GLU IA 63 -45.92 -17.40 0.49
C GLU IA 63 -45.26 -16.06 0.22
N TYR IA 64 -46.07 -15.08 -0.16
CA TYR IA 64 -45.60 -13.72 -0.39
C TYR IA 64 -44.90 -13.15 0.85
N GLN IA 65 -45.60 -13.21 1.98
CA GLN IA 65 -45.12 -12.64 3.22
C GLN IA 65 -43.77 -13.23 3.60
N ASN IA 66 -43.61 -14.51 3.25
CA ASN IA 66 -42.33 -15.18 3.39
C ASN IA 66 -41.28 -14.57 2.46
N ARG IA 67 -41.60 -14.55 1.17
CA ARG IA 67 -40.67 -14.16 0.11
C ARG IA 67 -40.23 -12.70 0.18
N TYR IA 68 -41.19 -11.81 0.13
CA TYR IA 68 -40.86 -10.40 0.04
C TYR IA 68 -40.72 -9.70 1.39
N GLY IA 69 -41.25 -10.30 2.44
CA GLY IA 69 -41.35 -9.60 3.71
C GLY IA 69 -42.19 -8.34 3.54
N SER IA 70 -41.94 -7.34 4.40
CA SER IA 70 -42.66 -6.05 4.32
C SER IA 70 -41.92 -5.02 3.47
N ARG IA 71 -40.70 -5.34 3.06
CA ARG IA 71 -40.01 -4.58 2.03
C ARG IA 71 -40.86 -4.59 0.77
N PRO IA 72 -40.71 -3.55 -0.05
CA PRO IA 72 -41.46 -3.62 -1.31
C PRO IA 72 -40.99 -4.76 -2.21
N VAL IA 73 -41.77 -5.03 -3.25
CA VAL IA 73 -41.31 -5.85 -4.37
C VAL IA 73 -40.13 -5.05 -4.94
N TRP IA 74 -39.29 -5.70 -5.74
CA TRP IA 74 -38.18 -5.04 -6.47
C TRP IA 74 -37.05 -4.54 -5.58
N ALA IA 75 -37.21 -4.63 -4.27
CA ALA IA 75 -36.20 -4.11 -3.38
C ALA IA 75 -34.84 -4.71 -3.70
N ASP IA 76 -34.77 -6.04 -3.66
CA ASP IA 76 -33.50 -6.72 -3.84
C ASP IA 76 -33.08 -6.82 -5.31
N TYR IA 77 -34.05 -6.73 -6.22
CA TYR IA 77 -33.78 -6.83 -7.65
C TYR IA 77 -32.71 -5.82 -8.07
N ARG IA 78 -31.82 -6.22 -8.98
CA ARG IA 78 -30.79 -5.31 -9.48
C ARG IA 78 -30.57 -5.56 -10.95
N ARG IA 79 -30.61 -4.49 -11.73
CA ARG IA 79 -30.56 -4.59 -13.19
C ARG IA 79 -29.12 -4.47 -13.67
N ASN IA 80 -28.60 -5.52 -14.30
CA ASN IA 80 -27.19 -5.51 -14.75
C ASN IA 80 -27.08 -4.70 -16.04
N HIS IA 81 -26.02 -3.89 -16.13
CA HIS IA 81 -25.85 -3.03 -17.29
C HIS IA 81 -24.41 -2.68 -17.50
N LYS IA 82 -24.15 -2.11 -18.67
CA LYS IA 82 -22.83 -2.04 -19.24
C LYS IA 82 -21.76 -1.20 -18.52
N GLY IA 83 -22.11 -0.45 -17.48
CA GLY IA 83 -21.22 0.58 -16.92
C GLY IA 83 -21.76 1.17 -15.64
N GLY IA 84 -21.31 2.37 -15.28
CA GLY IA 84 -21.81 3.04 -14.08
C GLY IA 84 -23.21 3.66 -14.19
N ILE IA 85 -23.61 4.01 -15.40
CA ILE IA 85 -24.91 4.59 -15.67
C ILE IA 85 -25.77 3.70 -16.57
N PRO IA 86 -26.90 3.22 -16.05
CA PRO IA 86 -27.74 2.33 -16.84
C PRO IA 86 -28.42 3.06 -17.96
N PRO IA 87 -28.67 2.38 -19.08
CA PRO IA 87 -29.38 2.93 -20.23
C PRO IA 87 -30.69 3.54 -19.79
N GLN IA 88 -31.04 4.66 -20.39
CA GLN IA 88 -32.04 5.52 -19.82
C GLN IA 88 -33.46 4.96 -19.84
N ARG IA 89 -33.66 3.84 -20.50
CA ARG IA 89 -34.90 3.10 -20.26
C ARG IA 89 -34.66 1.62 -20.40
N THR IA 90 -35.29 0.85 -19.52
CA THR IA 90 -35.05 -0.60 -19.41
C THR IA 90 -35.61 -1.36 -20.57
N ARG IA 91 -35.40 -2.67 -20.55
CA ARG IA 91 -35.69 -3.49 -21.72
C ARG IA 91 -37.16 -3.50 -22.09
N LYS IA 92 -37.42 -3.62 -23.40
CA LYS IA 92 -38.76 -3.48 -23.97
C LYS IA 92 -39.76 -4.45 -23.36
N MET IA 93 -39.40 -5.73 -23.33
CA MET IA 93 -40.20 -6.74 -22.66
C MET IA 93 -39.27 -7.84 -22.20
N CYS IA 94 -39.58 -8.44 -21.07
CA CYS IA 94 -38.80 -9.56 -20.58
C CYS IA 94 -39.45 -10.91 -20.93
N ILE IA 95 -40.62 -10.84 -21.56
CA ILE IA 95 -41.38 -12.02 -21.96
C ILE IA 95 -41.85 -11.96 -23.42
N ARG IA 96 -41.33 -12.87 -24.22
CA ARG IA 96 -41.82 -13.04 -25.58
C ARG IA 96 -42.14 -14.50 -25.82
N GLY IA 97 -43.43 -14.79 -25.96
CA GLY IA 97 -43.90 -16.15 -26.08
C GLY IA 97 -43.74 -16.92 -24.79
N ASN IA 98 -43.09 -18.07 -24.89
CA ASN IA 98 -42.90 -18.95 -23.73
C ASN IA 98 -41.58 -18.71 -23.02
N LYS IA 99 -40.81 -17.75 -23.53
CA LYS IA 99 -39.45 -17.54 -23.05
C LYS IA 99 -39.32 -16.37 -22.07
N VAL IA 100 -38.87 -16.68 -20.86
CA VAL IA 100 -38.47 -15.66 -19.91
C VAL IA 100 -37.00 -15.35 -20.10
N ALA IA 101 -36.68 -14.07 -20.26
CA ALA IA 101 -35.32 -13.69 -20.59
C ALA IA 101 -34.52 -13.30 -19.36
N GLY IA 102 -33.30 -13.81 -19.29
CA GLY IA 102 -32.30 -13.38 -18.33
C GLY IA 102 -32.82 -13.29 -16.92
N ASN IA 103 -32.36 -12.27 -16.20
CA ASN IA 103 -32.83 -11.98 -14.86
C ASN IA 103 -34.03 -11.04 -15.01
N PRO IA 104 -35.24 -11.56 -14.74
CA PRO IA 104 -36.51 -10.90 -14.97
C PRO IA 104 -36.82 -9.83 -13.94
N CYS IA 105 -37.81 -9.01 -14.27
CA CYS IA 105 -38.21 -7.85 -13.47
C CYS IA 105 -38.69 -8.28 -12.12
N PRO IA 106 -39.00 -7.31 -11.26
CA PRO IA 106 -39.68 -7.76 -10.05
C PRO IA 106 -41.01 -8.37 -10.42
N ILE IA 107 -41.75 -7.66 -11.27
CA ILE IA 107 -43.14 -7.98 -11.50
C ILE IA 107 -43.33 -9.29 -12.25
N CYS IA 108 -42.54 -9.51 -13.29
CA CYS IA 108 -42.76 -10.64 -14.17
C CYS IA 108 -41.95 -11.90 -13.85
N ARG IA 109 -40.96 -11.76 -12.97
CA ARG IA 109 -40.20 -12.92 -12.53
C ARG IA 109 -41.10 -13.75 -11.63
N ASP IA 110 -42.06 -13.07 -11.02
CA ASP IA 110 -43.07 -13.73 -10.20
C ASP IA 110 -44.42 -13.66 -10.90
N GLN IA 111 -44.85 -14.80 -11.43
CA GLN IA 111 -46.01 -14.82 -12.29
C GLN IA 111 -47.30 -14.64 -11.52
N LYS IA 112 -47.26 -15.02 -10.24
CA LYS IA 112 -48.43 -14.97 -9.39
C LYS IA 112 -48.83 -13.54 -9.05
N LEU IA 113 -47.98 -12.59 -9.40
CA LEU IA 113 -48.29 -11.18 -9.27
C LEU IA 113 -49.15 -10.73 -10.43
N HIS IA 114 -50.22 -10.00 -10.14
CA HIS IA 114 -51.10 -9.51 -11.18
C HIS IA 114 -51.21 -8.00 -11.16
N VAL IA 115 -50.91 -7.41 -12.31
CA VAL IA 115 -51.02 -5.98 -12.47
C VAL IA 115 -52.43 -5.62 -12.91
N ASP IA 116 -53.12 -4.88 -12.06
CA ASP IA 116 -54.50 -4.50 -12.30
C ASP IA 116 -54.67 -3.10 -11.78
N PHE IA 117 -55.89 -2.59 -11.83
CA PHE IA 117 -56.22 -1.38 -11.09
C PHE IA 117 -56.74 -1.78 -9.72
N ARG IA 118 -57.00 -3.06 -9.51
CA ARG IA 118 -57.66 -3.48 -8.29
C ARG IA 118 -56.74 -3.54 -7.08
N ASN IA 119 -55.59 -4.21 -7.17
CA ASN IA 119 -54.78 -4.39 -5.96
C ASN IA 119 -54.03 -3.12 -5.70
N VAL IA 120 -54.39 -2.49 -4.60
CA VAL IA 120 -53.77 -1.24 -4.23
C VAL IA 120 -52.46 -1.56 -3.52
N LYS IA 121 -52.38 -2.74 -2.94
CA LYS IA 121 -51.19 -3.09 -2.20
C LYS IA 121 -50.00 -3.32 -3.14
N LEU IA 122 -50.26 -3.75 -4.37
CA LEU IA 122 -49.18 -3.86 -5.36
C LEU IA 122 -48.85 -2.52 -5.99
N LEU IA 123 -49.88 -1.76 -6.33
CA LEU IA 123 -49.66 -0.52 -7.03
C LEU IA 123 -49.08 0.54 -6.13
N GLU IA 124 -49.30 0.39 -4.84
CA GLU IA 124 -48.81 1.36 -3.88
C GLU IA 124 -47.30 1.44 -3.93
N GLN IA 125 -46.64 0.29 -4.03
CA GLN IA 125 -45.20 0.26 -3.88
C GLN IA 125 -44.49 0.72 -5.15
N PHE IA 126 -45.26 0.99 -6.19
CA PHE IA 126 -44.71 1.64 -7.37
C PHE IA 126 -44.99 3.12 -7.45
N VAL IA 127 -45.62 3.67 -6.42
CA VAL IA 127 -45.81 5.11 -6.38
C VAL IA 127 -45.05 5.70 -5.21
N CYS IA 128 -44.48 6.87 -5.42
CA CYS IA 128 -43.75 7.56 -4.38
C CYS IA 128 -44.71 8.03 -3.29
N ALA IA 129 -44.45 7.60 -2.05
CA ALA IA 129 -45.39 7.80 -0.96
C ALA IA 129 -45.69 9.28 -0.74
N HIS IA 130 -44.64 10.08 -0.63
CA HIS IA 130 -44.77 11.50 -0.34
C HIS IA 130 -45.11 12.33 -1.56
N THR IA 131 -44.49 12.02 -2.68
CA THR IA 131 -44.65 12.83 -3.86
C THR IA 131 -45.88 12.43 -4.66
N GLY IA 132 -46.40 11.24 -4.41
CA GLY IA 132 -47.57 10.77 -5.14
C GLY IA 132 -47.40 10.71 -6.66
N ILE IA 133 -46.16 10.65 -7.12
CA ILE IA 133 -45.90 10.42 -8.54
C ILE IA 133 -45.26 9.07 -8.71
N ILE IA 134 -45.52 8.46 -9.85
CA ILE IA 134 -44.99 7.12 -10.12
C ILE IA 134 -43.50 7.17 -10.39
N PHE IA 135 -42.82 6.04 -10.23
CA PHE IA 135 -41.44 5.95 -10.66
C PHE IA 135 -41.35 5.56 -12.13
N HIS IA 136 -40.43 6.18 -12.84
CA HIS IA 136 -39.92 5.71 -14.12
C HIS IA 136 -39.29 4.37 -13.91
N ALA IA 137 -39.33 3.54 -14.93
CA ALA IA 137 -38.84 2.17 -14.82
C ALA IA 137 -37.46 2.01 -14.14
N PRO IA 138 -36.46 2.81 -14.54
CA PRO IA 138 -35.12 2.57 -13.98
C PRO IA 138 -35.03 2.66 -12.47
N TYR IA 139 -35.84 3.51 -11.84
CA TYR IA 139 -35.85 3.61 -10.40
C TYR IA 139 -36.14 2.26 -9.85
N THR IA 140 -37.26 1.72 -10.31
CA THR IA 140 -37.71 0.39 -9.95
C THR IA 140 -36.91 -0.75 -10.60
N GLY IA 141 -36.84 -0.76 -11.92
CA GLY IA 141 -36.25 -1.88 -12.64
C GLY IA 141 -37.22 -2.77 -13.40
N VAL IA 142 -38.51 -2.41 -13.42
CA VAL IA 142 -39.50 -3.13 -14.23
C VAL IA 142 -39.27 -2.96 -15.71
N CYS IA 143 -39.80 -3.87 -16.53
CA CYS IA 143 -39.66 -3.73 -17.98
C CYS IA 143 -40.67 -2.72 -18.52
N MET IA 144 -40.34 -2.14 -19.66
CA MET IA 144 -41.17 -1.17 -20.31
C MET IA 144 -42.62 -1.59 -20.45
N LYS IA 145 -42.87 -2.85 -20.77
CA LYS IA 145 -44.24 -3.29 -20.98
C LYS IA 145 -45.00 -3.24 -19.66
N GLN IA 146 -44.37 -3.77 -18.62
CA GLN IA 146 -45.02 -3.79 -17.33
C GLN IA 146 -45.07 -2.40 -16.73
N HIS IA 147 -44.21 -1.51 -17.19
CA HIS IA 147 -44.24 -0.14 -16.69
C HIS IA 147 -45.37 0.66 -17.33
N LYS IA 148 -45.57 0.49 -18.63
CA LYS IA 148 -46.71 1.12 -19.27
C LYS IA 148 -48.01 0.55 -18.66
N LYS IA 149 -48.05 -0.77 -18.48
CA LYS IA 149 -49.24 -1.40 -17.86
C LYS IA 149 -49.45 -0.92 -16.44
N LEU IA 150 -48.36 -0.61 -15.75
CA LEU IA 150 -48.46 -0.06 -14.41
C LEU IA 150 -48.97 1.39 -14.39
N THR IA 151 -48.51 2.23 -15.32
CA THR IA 151 -49.03 3.61 -15.37
C THR IA 151 -50.52 3.58 -15.64
N GLN IA 152 -50.89 2.91 -16.74
CA GLN IA 152 -52.30 2.76 -17.06
C GLN IA 152 -53.10 2.16 -15.91
N ALA IA 153 -52.46 1.30 -15.12
CA ALA IA 153 -53.15 0.72 -13.97
C ALA IA 153 -53.43 1.75 -12.89
N ILE IA 154 -52.39 2.45 -12.47
CA ILE IA 154 -52.53 3.45 -11.43
C ILE IA 154 -53.56 4.48 -11.85
N GLN IA 155 -53.68 4.74 -13.14
CA GLN IA 155 -54.69 5.68 -13.59
C GLN IA 155 -56.10 5.24 -13.22
N LYS IA 156 -56.51 4.05 -13.68
CA LYS IA 156 -57.87 3.59 -13.42
C LYS IA 156 -58.07 3.38 -11.93
N ALA IA 157 -56.97 3.10 -11.24
CA ALA IA 157 -56.99 3.05 -9.79
C ALA IA 157 -57.43 4.38 -9.19
N ARG IA 158 -56.86 5.48 -9.67
CA ARG IA 158 -57.19 6.79 -9.11
C ARG IA 158 -58.53 7.31 -9.62
N ASP IA 159 -58.98 6.73 -10.73
CA ASP IA 159 -60.28 7.06 -11.31
C ASP IA 159 -61.42 6.34 -10.58
N HIS IA 160 -61.09 5.23 -9.95
CA HIS IA 160 -62.02 4.56 -9.05
C HIS IA 160 -61.73 4.89 -7.58
N GLY IA 161 -60.74 5.75 -7.34
CA GLY IA 161 -60.45 6.25 -6.00
C GLY IA 161 -59.93 5.22 -5.00
N LEU IA 162 -59.63 4.02 -5.52
CA LEU IA 162 -59.05 2.96 -4.70
C LEU IA 162 -57.70 3.38 -4.15
N LEU IA 163 -57.16 4.46 -4.71
CA LEU IA 163 -55.85 4.96 -4.36
C LEU IA 163 -56.01 6.40 -3.90
N ARG IA 164 -54.98 6.92 -3.25
CA ARG IA 164 -54.97 8.35 -2.96
C ARG IA 164 -54.12 9.07 -3.98
N TYR IA 165 -54.57 10.24 -4.37
CA TYR IA 165 -53.69 11.23 -4.99
C TYR IA 165 -54.04 12.58 -4.39
N HIS IA 166 -53.31 13.61 -4.78
CA HIS IA 166 -53.58 14.93 -4.23
C HIS IA 166 -54.65 15.63 -5.02
N ILE IA 167 -55.66 16.12 -4.32
CA ILE IA 167 -56.70 16.90 -4.95
C ILE IA 167 -56.68 18.32 -4.39
N PRO IA 168 -56.37 19.31 -5.24
CA PRO IA 168 -56.23 20.71 -4.81
C PRO IA 168 -57.57 21.41 -4.64
N GLN IA 169 -57.55 22.48 -3.84
CA GLN IA 169 -58.73 23.29 -3.65
C GLN IA 169 -58.84 24.28 -4.80
N VAL IA 170 -59.91 24.14 -5.55
CA VAL IA 170 -60.15 24.98 -6.71
C VAL IA 170 -61.31 25.90 -6.38
N GLU IA 171 -61.22 27.15 -6.80
CA GLU IA 171 -62.35 28.06 -6.58
C GLU IA 171 -63.50 27.72 -7.54
N PRO IA 172 -64.64 28.41 -7.44
CA PRO IA 172 -65.64 28.13 -8.48
C PRO IA 172 -65.18 28.71 -9.82
N ARG IA 173 -65.67 28.12 -10.91
CA ARG IA 173 -65.30 28.59 -12.24
C ARG IA 173 -65.55 30.09 -12.35
N ASP IA 174 -66.82 30.46 -12.27
CA ASP IA 174 -67.24 31.86 -12.40
C ASP IA 174 -67.05 32.66 -11.11
N LEU IA 175 -66.95 33.97 -11.26
CA LEU IA 175 -66.89 34.88 -10.14
C LEU IA 175 -68.32 35.28 -9.75
N ASP IA 176 -69.00 35.97 -10.66
CA ASP IA 176 -70.39 36.38 -10.47
C ASP IA 176 -71.34 35.65 -11.42
N PHE IA 177 -72.19 34.78 -10.87
CA PHE IA 177 -73.05 33.95 -11.69
C PHE IA 177 -74.46 34.50 -11.75
N SER IA 178 -74.79 35.07 -12.90
CA SER IA 178 -76.11 35.60 -13.16
C SER IA 178 -76.72 34.87 -14.36
N THR IA 179 -77.74 34.09 -14.08
CA THR IA 179 -78.43 33.31 -15.09
C THR IA 179 -79.27 34.24 -15.99
N THR IA 180 -79.29 35.52 -15.63
CA THR IA 180 -80.17 36.52 -16.24
C THR IA 180 -79.91 36.78 -17.73
N HIS IA 181 -78.67 36.58 -18.18
CA HIS IA 181 -78.25 37.08 -19.48
C HIS IA 181 -79.01 36.48 -20.66
N GLY IA 182 -79.09 37.25 -21.75
CA GLY IA 182 -79.84 36.87 -22.93
C GLY IA 182 -79.34 35.64 -23.67
N ALA IA 183 -78.10 35.25 -23.40
CA ALA IA 183 -77.56 34.03 -23.97
C ALA IA 183 -78.13 32.84 -23.23
N VAL IA 184 -78.13 32.97 -21.92
CA VAL IA 184 -78.73 31.96 -21.07
C VAL IA 184 -80.27 31.97 -21.15
N SER IA 185 -80.87 33.13 -20.89
CA SER IA 185 -82.33 33.27 -20.87
C SER IA 185 -82.90 33.35 -22.28
N SER IA 186 -83.91 32.51 -22.53
CA SER IA 186 -84.52 32.39 -23.85
C SER IA 186 -85.02 33.75 -24.37
N THR IA 187 -84.58 34.12 -25.55
CA THR IA 187 -84.85 35.43 -26.13
C THR IA 187 -86.34 35.61 -26.50
N PRO IA 188 -86.70 36.78 -27.03
CA PRO IA 188 -87.97 37.01 -27.77
C PRO IA 188 -87.93 36.46 -29.20
N PRO IA 189 -88.28 35.17 -29.41
CA PRO IA 189 -88.11 34.48 -30.70
C PRO IA 189 -88.62 35.31 -31.87
N ALA IA 190 -87.91 35.24 -33.00
CA ALA IA 190 -88.05 36.21 -34.09
C ALA IA 190 -89.48 36.43 -34.57
N PRO IA 191 -89.81 37.69 -34.90
CA PRO IA 191 -91.07 38.02 -35.58
C PRO IA 191 -91.23 37.20 -36.87
N THR IA 192 -90.08 36.78 -37.41
CA THR IA 192 -90.04 35.97 -38.61
C THR IA 192 -90.35 34.51 -38.27
N LEU IA 193 -90.01 34.11 -37.05
CA LEU IA 193 -90.30 32.76 -36.55
C LEU IA 193 -91.79 32.54 -36.30
N VAL IA 194 -92.39 33.50 -35.60
CA VAL IA 194 -93.79 33.45 -35.19
C VAL IA 194 -94.71 33.12 -36.37
N SER IA 195 -94.41 33.70 -37.53
CA SER IA 195 -95.21 33.52 -38.73
C SER IA 195 -94.96 32.17 -39.43
N GLY IA 196 -93.82 31.55 -39.17
CA GLY IA 196 -93.43 30.33 -39.86
C GLY IA 196 -92.72 30.68 -41.15
N ASP IA 197 -92.21 31.91 -41.21
CA ASP IA 197 -91.48 32.44 -42.38
C ASP IA 197 -90.06 31.92 -42.45
N PRO IA 198 -89.56 31.69 -43.68
CA PRO IA 198 -88.11 31.55 -43.85
C PRO IA 198 -87.47 32.86 -43.42
N TRP IA 199 -86.31 32.78 -42.79
CA TRP IA 199 -85.70 33.96 -42.18
C TRP IA 199 -85.45 35.10 -43.16
N TYR IA 200 -85.31 34.74 -44.44
CA TYR IA 200 -85.15 35.70 -45.54
C TYR IA 200 -85.96 35.23 -46.75
N PRO IA 201 -86.39 36.18 -47.62
CA PRO IA 201 -87.20 35.80 -48.78
C PRO IA 201 -86.50 34.87 -49.77
N TRP IA 202 -85.18 34.78 -49.69
CA TRP IA 202 -84.42 34.04 -50.70
C TRP IA 202 -84.15 32.61 -50.29
N TYR IA 203 -84.56 32.23 -49.09
CA TYR IA 203 -84.53 30.81 -48.76
C TYR IA 203 -85.60 30.12 -49.61
N SER IA 204 -86.67 30.86 -49.91
CA SER IA 204 -87.79 30.35 -50.70
C SER IA 204 -87.51 30.36 -52.21
N TRP IA 205 -87.78 29.23 -52.86
CA TRP IA 205 -87.58 29.10 -54.29
C TRP IA 205 -88.72 29.76 -55.05
N LYS IA 206 -88.39 30.74 -55.87
CA LYS IA 206 -89.39 31.47 -56.62
C LYS IA 206 -89.28 31.19 -58.12
N GLN IA 207 -90.32 30.60 -58.69
CA GLN IA 207 -90.32 30.32 -60.12
C GLN IA 207 -90.35 31.62 -60.91
N PRO IA 208 -89.30 31.85 -61.70
CA PRO IA 208 -89.00 33.14 -62.35
C PRO IA 208 -89.93 33.46 -63.51
N PRO IA 209 -90.05 34.76 -63.86
CA PRO IA 209 -90.78 35.20 -65.05
C PRO IA 209 -90.33 34.44 -66.30
N GLU IA 210 -91.27 34.05 -67.17
CA GLU IA 210 -90.93 33.29 -68.36
C GLU IA 210 -90.05 34.11 -69.32
N ARG IA 211 -90.20 35.43 -69.25
CA ARG IA 211 -89.36 36.35 -70.03
C ARG IA 211 -87.88 36.17 -69.70
N GLU IA 212 -87.54 36.28 -68.42
CA GLU IA 212 -86.17 36.19 -67.96
C GLU IA 212 -85.54 34.85 -68.31
N LEU IA 213 -86.33 33.79 -68.16
CA LEU IA 213 -85.87 32.44 -68.44
C LEU IA 213 -85.62 32.19 -69.93
N SER IA 214 -86.53 32.66 -70.77
CA SER IA 214 -86.36 32.48 -72.21
C SER IA 214 -85.25 33.38 -72.79
N ARG IA 215 -85.06 34.56 -72.19
CA ARG IA 215 -83.95 35.42 -72.58
C ARG IA 215 -82.63 34.81 -72.10
N LEU IA 216 -82.72 34.06 -71.00
CA LEU IA 216 -81.56 33.36 -70.44
C LEU IA 216 -81.14 32.21 -71.37
N ARG IA 217 -82.14 31.48 -71.87
CA ARG IA 217 -81.91 30.46 -72.89
C ARG IA 217 -81.37 31.08 -74.17
N ARG IA 218 -81.89 32.27 -74.49
CA ARG IA 218 -81.47 33.06 -75.65
C ARG IA 218 -80.00 33.46 -75.55
N LEU IA 219 -79.53 33.63 -74.31
CA LEU IA 219 -78.13 33.97 -74.09
C LEU IA 219 -77.21 32.80 -74.41
N TYR IA 220 -77.50 31.66 -73.79
CA TYR IA 220 -76.62 30.49 -73.76
C TYR IA 220 -76.90 29.45 -74.84
N GLN IA 221 -77.65 29.83 -75.87
CA GLN IA 221 -78.43 28.91 -76.71
C GLN IA 221 -77.81 27.56 -77.09
N GLY IA 222 -76.53 27.54 -77.42
CA GLY IA 222 -75.90 26.29 -77.83
C GLY IA 222 -75.51 25.39 -76.66
N ARG IA 223 -75.21 26.03 -75.53
CA ARG IA 223 -74.71 25.32 -74.35
C ARG IA 223 -75.75 25.02 -73.27
N LEU IA 224 -76.98 25.48 -73.47
CA LEU IA 224 -77.99 25.41 -72.42
C LEU IA 224 -78.37 23.97 -72.08
N ARG IA 225 -78.32 23.66 -70.79
CA ARG IA 225 -78.83 22.41 -70.26
C ARG IA 225 -80.09 22.70 -69.44
N GLU IA 226 -81.27 22.37 -69.98
CA GLU IA 226 -82.52 22.80 -69.38
C GLU IA 226 -83.35 21.64 -68.83
N GLU IA 227 -83.42 21.56 -67.52
CA GLU IA 227 -84.23 20.56 -66.84
C GLU IA 227 -84.88 21.23 -65.63
N SER IA 228 -86.18 20.98 -65.46
CA SER IA 228 -86.99 21.69 -64.49
C SER IA 228 -86.43 21.63 -63.07
N GLY IA 229 -86.44 22.79 -62.41
CA GLY IA 229 -85.93 22.92 -61.06
C GLY IA 229 -86.86 23.10 -59.85
N PRO IA 230 -88.16 22.76 -59.95
CA PRO IA 230 -88.85 22.80 -58.65
C PRO IA 230 -88.29 21.81 -57.63
N PRO IA 231 -87.94 22.31 -56.43
CA PRO IA 231 -87.22 21.67 -55.32
C PRO IA 231 -88.06 20.80 -54.40
N PRO IA 232 -88.26 19.50 -54.71
CA PRO IA 232 -89.16 18.67 -53.88
C PRO IA 232 -88.85 18.83 -52.38
N GLU IA 233 -89.90 19.06 -51.59
CA GLU IA 233 -89.76 19.57 -50.22
C GLU IA 233 -89.37 18.54 -49.14
N LEU IA 234 -89.70 17.27 -49.34
CA LEU IA 234 -89.44 16.29 -48.30
C LEU IA 234 -88.37 15.25 -48.69
N MET IA 235 -87.36 15.13 -47.82
CA MET IA 235 -86.10 14.43 -48.08
C MET IA 235 -86.02 12.88 -48.18
N PRO IA 236 -86.54 12.14 -47.16
CA PRO IA 236 -86.10 10.76 -46.88
C PRO IA 236 -86.18 9.76 -48.04
N GLU IA 237 -85.31 8.74 -47.99
CA GLU IA 237 -85.26 7.72 -49.02
C GLU IA 237 -84.79 6.36 -48.45
N VAL IA 238 -85.05 5.31 -49.22
CA VAL IA 238 -84.60 3.94 -48.93
C VAL IA 238 -83.20 3.88 -48.30
N UNK JA 1 -13.28 -74.21 30.04
CA UNK JA 1 -13.99 -75.07 29.10
C UNK JA 1 -13.24 -75.22 27.76
N UNK JA 2 -12.02 -74.70 27.68
CA UNK JA 2 -11.16 -74.82 26.49
C UNK JA 2 -10.43 -76.17 26.41
N UNK JA 3 -9.90 -76.62 27.55
CA UNK JA 3 -9.13 -77.86 27.61
C UNK JA 3 -10.04 -79.09 27.43
N UNK JA 4 -11.30 -78.95 27.79
CA UNK JA 4 -12.29 -80.02 27.59
C UNK JA 4 -12.70 -80.12 26.12
N UNK JA 5 -12.71 -78.97 25.43
CA UNK JA 5 -12.99 -78.93 23.99
C UNK JA 5 -11.80 -79.45 23.18
N UNK JA 6 -10.59 -79.21 23.68
CA UNK JA 6 -9.38 -79.73 23.03
C UNK JA 6 -9.13 -81.23 23.34
N UNK JA 7 -9.58 -81.69 24.52
CA UNK JA 7 -9.50 -83.12 24.88
C UNK JA 7 -10.59 -83.93 24.17
N UNK JA 8 -11.74 -83.31 23.93
CA UNK JA 8 -12.79 -83.95 23.12
C UNK JA 8 -12.45 -83.89 21.63
N UNK JA 9 -11.75 -82.84 21.20
CA UNK JA 9 -11.25 -82.76 19.82
C UNK JA 9 -10.14 -83.79 19.58
N UNK JA 10 -9.26 -83.96 20.57
CA UNK JA 10 -8.15 -84.93 20.48
C UNK JA 10 -8.63 -86.40 20.61
N UNK JA 11 -9.61 -86.66 21.49
CA UNK JA 11 -10.14 -88.03 21.63
C UNK JA 11 -11.11 -88.42 20.50
N UNK JA 12 -11.88 -87.46 19.97
CA UNK JA 12 -12.75 -87.74 18.82
C UNK JA 12 -11.99 -87.75 17.47
N UNK JA 13 -10.85 -87.06 17.40
CA UNK JA 13 -9.97 -87.18 16.22
C UNK JA 13 -9.06 -88.42 16.31
N UNK JA 14 -8.78 -88.89 17.53
CA UNK JA 14 -8.03 -90.14 17.72
C UNK JA 14 -8.95 -91.38 17.57
N UNK JA 15 -10.25 -91.19 17.77
CA UNK JA 15 -11.23 -92.26 17.53
C UNK JA 15 -11.47 -92.47 16.03
N UNK JA 16 -10.93 -91.56 15.21
CA UNK JA 16 -11.04 -91.65 13.75
C UNK JA 16 -9.68 -91.94 13.11
N UNK KA 1 62.98 -86.56 2.19
CA UNK KA 1 62.95 -87.90 2.79
C UNK KA 1 61.60 -88.59 2.57
N UNK KA 2 61.27 -89.57 3.41
CA UNK KA 2 60.07 -90.38 3.22
C UNK KA 2 58.88 -89.82 4.00
N UNK KA 3 57.90 -89.31 3.25
CA UNK KA 3 56.68 -88.76 3.81
C UNK KA 3 55.51 -89.77 3.85
N UNK KA 4 55.81 -91.03 3.54
CA UNK KA 4 54.78 -92.08 3.42
C UNK KA 4 54.46 -92.78 4.75
N UNK KA 5 55.01 -92.26 5.85
CA UNK KA 5 54.95 -92.93 7.14
C UNK KA 5 53.72 -92.63 8.02
N UNK KA 6 52.71 -91.94 7.48
CA UNK KA 6 51.55 -91.49 8.26
C UNK KA 6 50.87 -92.61 9.08
N UNK KA 7 50.68 -92.33 10.37
CA UNK KA 7 50.16 -93.29 11.34
C UNK KA 7 48.64 -93.21 11.52
N UNK KA 8 48.00 -92.42 10.64
CA UNK KA 8 46.64 -91.89 10.85
C UNK KA 8 45.60 -92.88 11.37
N UNK KA 9 45.47 -94.01 10.69
CA UNK KA 9 44.48 -95.02 11.06
C UNK KA 9 44.59 -95.43 12.53
N UNK KA 10 45.83 -95.71 12.96
CA UNK KA 10 46.10 -96.19 14.31
C UNK KA 10 45.68 -95.18 15.40
N UNK KA 11 46.26 -93.99 15.35
CA UNK KA 11 45.98 -92.98 16.37
C UNK KA 11 44.51 -92.53 16.32
N UNK KA 12 43.88 -92.54 15.14
CA UNK KA 12 42.45 -92.17 15.03
C UNK KA 12 41.52 -93.21 15.64
N UNK KA 13 41.81 -94.49 15.43
CA UNK KA 13 41.03 -95.52 16.09
C UNK KA 13 41.24 -95.44 17.61
N UNK KA 14 42.48 -95.15 18.03
CA UNK KA 14 42.80 -95.03 19.45
C UNK KA 14 42.01 -93.94 20.14
N UNK KA 15 42.02 -92.76 19.53
CA UNK KA 15 41.39 -91.57 20.09
C UNK KA 15 39.86 -91.48 19.93
N UNK KA 16 39.37 -91.79 18.74
CA UNK KA 16 38.01 -91.41 18.32
C UNK KA 16 36.89 -91.87 19.27
N UNK KA 17 37.18 -92.87 20.10
CA UNK KA 17 36.19 -93.33 21.10
C UNK KA 17 36.07 -92.35 22.26
MG MG LA . 13.95 32.65 -32.75
MG MG MA . 26.26 27.61 -22.12
MG MG NA . 20.71 38.76 -9.65
MG MG OA . 23.74 45.38 -21.08
MG MG PA . 45.76 42.20 -24.30
MG MG QA . 2.41 32.33 -37.93
MG MG RA . 17.94 32.60 -25.46
MG MG SA . 30.59 -50.84 -21.00
MG MG TA . 23.73 -22.39 19.03
MG MG UA . -28.77 2.19 -45.47
MG MG VA . 29.78 10.93 -16.87
MG MG WA . -30.71 8.03 -46.81
MG MG XA . -17.83 -8.94 -14.14
MG MG YA . 25.86 -29.03 -19.34
MG MG ZA . 2.28 45.42 -11.33
MG MG AB . 39.50 23.93 -25.25
MG MG BB . 20.61 -3.70 -19.16
MG MG CB . 7.61 26.74 -13.13
MG MG DB . 30.95 15.73 -14.54
MG MG EB . 15.15 17.35 -27.94
MG MG FB . 53.12 -27.34 -12.84
MG MG GB . -21.62 27.31 -48.28
MG MG HB . 21.55 -26.87 -15.72
MG MG IB . 42.53 -48.99 -3.30
MG MG JB . 25.25 16.29 -8.31
MG MG KB . 49.34 -30.32 7.10
MG MG LB . 32.02 -54.61 -9.56
MG MG MB . 16.18 -24.10 -9.15
MG MG NB . 18.52 -22.25 -13.59
MG MG OB . 19.01 23.96 -0.29
MG MG PB . -10.48 -0.96 -33.94
MG MG QB . 3.13 -0.34 -13.10
MG MG RB . 55.88 -24.24 -8.36
MG MG SB . -36.22 17.01 -59.24
MG MG TB . -39.04 48.67 -42.71
MG MG UB . 13.46 36.60 -20.37
MG MG VB . 38.71 47.40 -29.11
MG MG WB . -29.33 24.58 -62.27
MG MG XB . 18.47 31.88 -6.73
MG MG YB . 16.64 2.73 -37.55
MG MG ZB . 32.53 22.72 13.99
MG MG AC . -12.65 -7.85 -23.57
MG MG BC . 27.19 -54.00 -23.73
MG MG CC . 2.04 53.72 -10.39
MG MG DC . 53.25 51.12 -5.06
MG MG EC . 3.51 -38.98 -13.94
MG MG FC . -27.90 36.75 -61.18
MG MG GC . -16.39 35.96 -46.85
MG MG HC . 5.28 10.30 -13.31
MG MG IC . 16.78 -45.86 -23.59
MG MG JC . 28.33 1.80 -14.95
MG MG KC . 32.02 -34.71 -19.95
MG MG LC . 6.71 46.47 -16.89
MG MG MC . 15.09 48.63 -0.57
MG MG NC . 29.63 0.13 -26.67
MG MG OC . -37.46 27.17 -63.33
MG MG PC . 31.85 -22.91 23.06
MG MG QC . 10.62 6.46 -8.94
MG MG RC . 30.99 25.12 -15.27
MG MG SC . 10.61 22.36 10.67
MG MG TC . 36.49 11.42 -16.39
MG MG UC . 63.69 20.31 -18.58
MG MG VC . -17.83 22.68 -14.51
MG MG WC . 20.46 17.50 -5.72
MG MG XC . 9.98 34.44 -14.23
MG MG YC . 11.24 -39.46 -13.25
MG MG ZC . 9.67 39.64 -9.71
MG MG AD . 31.84 44.89 -22.46
MG MG BD . -12.80 -15.52 -27.98
MG MG CD . -38.57 29.14 -49.00
MG MG DD . 5.52 -2.36 11.94
MG MG ED . 17.10 -51.66 -27.44
MG MG FD . -5.66 6.96 -23.33
MG MG GD . -26.73 8.40 -60.82
MG MG HD . -9.13 51.07 0.81
MG MG ID . 0.81 27.92 -2.45
MG MG JD . 53.80 49.28 -19.97
MG MG KD . -39.11 0.23 -35.50
MG MG LD . -34.67 0.14 -35.33
MG MG MD . 49.99 36.14 -18.55
MG MG ND . 1.29 24.49 -23.49
MG MG OD . -36.18 26.77 -45.93
MG MG PD . 50.58 -25.07 -18.31
MG MG QD . -8.57 37.73 8.79
MG MG RD . 5.23 52.46 -5.92
MG MG SD . 43.10 26.05 -21.28
MG MG TD . 34.30 -34.54 -30.28
MG MG UD . 38.89 -30.98 -4.55
MG MG VD . 40.59 14.98 -12.05
MG MG WD . 52.18 19.77 -5.52
MG MG XD . 29.23 -14.99 -36.71
MG MG YD . 18.81 -19.12 -33.72
MG MG ZD . 16.08 -20.86 -31.04
MG MG AE . 22.88 -18.20 -37.28
MG MG BE . 37.65 42.48 -1.18
MG MG CE . 11.91 16.68 -52.93
MG MG DE . 58.38 -46.96 -13.04
MG MG EE . 11.72 58.78 -3.25
MG MG FE . 29.80 -25.86 10.39
MG MG GE . 32.79 47.32 -16.25
MG MG HE . 21.59 68.83 -3.37
MG MG IE . 0.16 21.47 -26.37
MG MG JE . 17.25 39.98 -5.10
MG MG KE . 70.56 -30.79 -16.70
MG MG LE . 26.81 -22.69 -9.76
MG MG ME . 24.92 -20.60 -12.52
MG MG NE . 51.68 38.77 -21.76
MG MG OE . -4.24 -24.55 -24.55
MG MG PE . 12.02 33.45 -44.69
MG MG QE . 71.09 -41.09 -14.65
MG MG RE . 25.38 -8.11 -27.10
MG MG SE . 26.74 -25.76 6.01
MG MG TE . 25.43 42.64 1.56
MG MG UE . 33.77 59.18 -16.70
MG MG VE . 29.62 -31.63 29.27
MG MG WE . 2.32 13.01 4.62
MG MG XE . 37.28 -11.67 4.89
MG MG YE . -30.15 39.52 -73.21
MG MG ZE . 13.40 -27.67 -5.12
MG MG AF . -37.24 -15.55 -39.46
MG MG BF . 35.51 37.17 7.43
MG MG CF . 34.89 39.62 4.69
MG MG DF . -51.70 16.25 -62.11
MG MG EF . -15.76 39.87 -37.11
MG MG FF . 77.49 -39.14 9.23
MG MG GF . 17.63 -10.29 18.24
MG MG HF . 60.39 43.48 -10.24
MG MG IF . 59.78 44.24 -6.63
MG MG JF . 9.15 -16.89 -35.26
MG MG KF . 40.92 5.27 -19.52
MG MG LF . 48.62 -11.17 -4.49
MG MG MF . 54.93 -30.95 -2.31
MG MG NF . 34.65 -53.29 1.55
MG MG OF . -8.55 59.65 -14.30
MG MG PF . 26.34 2.23 3.60
MG MG QF . 44.05 -11.21 -24.71
MG MG RF . 60.86 46.63 -2.58
MG MG SF . -47.39 9.71 -47.63
MG MG TF . -14.24 71.55 -51.52
MG MG UF . 16.22 -25.67 -22.16
MG MG VF . 45.19 -14.65 3.27
MG MG WF . 47.04 20.52 -26.59
MG MG XF . 6.09 43.35 -32.05
ZN ZN YF . 27.03 54.44 21.31
ZN ZN ZF . -52.97 15.22 -34.29
PB GDP AG . 82.82 -45.73 22.39
O1B GDP AG . 81.79 -46.50 23.19
O2B GDP AG . 83.81 -46.72 21.84
O3B GDP AG . 82.12 -45.04 21.25
O3A GDP AG . 83.58 -44.68 23.38
PA GDP AG . 85.09 -44.11 23.16
O1A GDP AG . 86.08 -45.19 23.57
O2A GDP AG . 85.34 -43.68 21.73
O5' GDP AG . 85.23 -42.85 24.15
C5' GDP AG . 84.21 -41.84 24.25
C4' GDP AG . 84.80 -40.44 24.36
O4' GDP AG . 85.27 -40.18 25.68
C3' GDP AG . 85.96 -40.28 23.39
O3' GDP AG . 85.66 -39.29 22.41
C2' GDP AG . 87.14 -39.84 24.23
O2' GDP AG . 87.60 -38.55 23.80
C1' GDP AG . 86.64 -39.77 25.66
N9 GDP AG . 87.43 -40.73 26.48
C8 GDP AG . 87.47 -42.07 26.32
N7 GDP AG . 88.29 -42.66 27.24
C5 GDP AG . 88.78 -41.67 28.01
C6 GDP AG . 89.70 -41.58 29.16
O6 GDP AG . 90.21 -42.61 29.63
N1 GDP AG . 89.95 -40.37 29.66
C2 GDP AG . 89.40 -39.24 29.14
N2 GDP AG . 89.69 -38.04 29.71
N3 GDP AG . 88.55 -39.25 28.09
C4 GDP AG . 88.21 -40.41 27.50
MG MG BG . 83.97 -47.20 19.80
ZN ZN CG . -40.68 -7.82 -17.05
#